data_9E0M
#
_entry.id   9E0M
#
_cell.length_a   1.00
_cell.length_b   1.00
_cell.length_c   1.00
_cell.angle_alpha   90.00
_cell.angle_beta   90.00
_cell.angle_gamma   90.00
#
_symmetry.space_group_name_H-M   'P 1'
#
loop_
_entity.id
_entity.type
_entity.pdbx_description
1 polymer 'Lysine decarboxylase, inducible'
2 water water
#
_entity_poly.entity_id   1
_entity_poly.type   'polypeptide(L)'
_entity_poly.pdbx_seq_one_letter_code
;MNIIAILNHMGVYFKEEPIRELHKALEALDFQIVYPNDREDLLKLIDNNARLCGVIFDWDTYNLDLCEEISAMNEHLPVY
AFANTHSTLDVSLNDLRLNVEFFEYALGAAQDIAQKIRQSTDAYIDEILPPLTKALFNYVKEGKYTFCTPGHMGGTAFQK
SPVGSIFYDFFGANAMKSDISISVGELGSLLDHSGPHKEAEEYIARTFNAERSYMVTNGTSTANKIVGMYSAPAGSTVLI
DRNCHKSLTHLMMMSDITPIYFRPTRNAYGILGGIPKSEFQHDTIAERVAQTPNATWPVHAVVTNSTYDGLLYNTDYIKE
ALDVKSIHFDSAWVPYTNFSPIYKGLCGMSGGRVEGKVIYETQSTH(LLP)LLAAFSQASMIHVKGDINEETFNEAYMMH
TSTSPHYGIVASTETAAAMMKGNAGKRLINGSIERAIRFRKEIKRLNSESEGWFFDVWQPEGIDEAKCWPLDSKDNWHGF
KDIDNDHMYLDPIKVTLLTPGMQKDGSMADTGIPASIVSKYLDEHGIIVEKTGPYNMLFLFSIGIDKTKALSLLRALTDF
KRSYDLNLRVKNMLPSLYREDPEFYENMRIQELAQGIHALIQHHNLPDLMYRAFEVLPTMVMNPHAAFQMELRGQTEEVY
LEEMIGKVNANMILPYPPGVPLVMPGEMLTEESRPVLEFLQMLCEIGAHYPGFETDIHGAYRQDGARYTVKVIK
;
_entity_poly.pdbx_strand_id   A,B,C,D,E,F,G,H,I,J
#
# COMPACT_ATOMS: atom_id res chain seq x y z
N MET A 1 -17.77 9.41 26.58
CA MET A 1 -18.81 8.55 27.15
C MET A 1 -19.35 7.57 26.10
N ASN A 2 -18.43 6.90 25.41
CA ASN A 2 -18.77 6.06 24.28
C ASN A 2 -17.97 4.76 24.28
N ILE A 3 -17.56 4.30 25.46
CA ILE A 3 -16.77 3.08 25.58
C ILE A 3 -17.72 1.93 25.94
N ILE A 4 -17.73 0.90 25.10
CA ILE A 4 -18.51 -0.31 25.30
C ILE A 4 -17.54 -1.46 25.54
N ALA A 5 -17.77 -2.21 26.62
CA ALA A 5 -16.95 -3.36 26.95
C ALA A 5 -17.63 -4.62 26.44
N ILE A 6 -16.86 -5.44 25.72
CA ILE A 6 -17.31 -6.74 25.27
C ILE A 6 -16.49 -7.79 25.99
N LEU A 7 -17.15 -8.62 26.80
CA LEU A 7 -16.48 -9.64 27.58
C LEU A 7 -16.40 -10.93 26.78
N ASN A 8 -15.19 -11.51 26.73
CA ASN A 8 -14.92 -12.90 26.35
C ASN A 8 -14.86 -13.14 24.85
N HIS A 9 -14.20 -14.25 24.48
CA HIS A 9 -14.02 -14.67 23.09
C HIS A 9 -14.36 -16.17 23.05
N MET A 10 -15.54 -16.48 22.53
CA MET A 10 -16.10 -17.81 22.62
C MET A 10 -15.53 -18.70 21.51
N GLY A 11 -15.77 -20.00 21.63
CA GLY A 11 -15.21 -20.92 20.66
C GLY A 11 -16.11 -21.31 19.51
N VAL A 12 -17.24 -20.63 19.33
CA VAL A 12 -18.23 -21.01 18.33
C VAL A 12 -18.48 -19.85 17.38
N TYR A 13 -18.55 -20.17 16.08
CA TYR A 13 -18.72 -19.14 15.07
C TYR A 13 -20.06 -18.43 15.20
N PHE A 14 -21.12 -19.17 15.52
CA PHE A 14 -22.47 -18.59 15.56
C PHE A 14 -22.62 -17.54 16.65
N LYS A 15 -21.68 -17.45 17.58
CA LYS A 15 -21.63 -16.32 18.50
C LYS A 15 -20.57 -15.29 18.11
N GLU A 16 -19.40 -15.75 17.65
CA GLU A 16 -18.31 -14.82 17.36
C GLU A 16 -18.65 -13.90 16.20
N GLU A 17 -19.14 -14.46 15.10
CA GLU A 17 -19.43 -13.63 13.93
C GLU A 17 -20.48 -12.57 14.18
N PRO A 18 -21.61 -12.85 14.84
CA PRO A 18 -22.50 -11.74 15.24
C PRO A 18 -21.82 -10.72 16.13
N ILE A 19 -20.90 -11.15 17.01
CA ILE A 19 -20.22 -10.19 17.89
C ILE A 19 -19.29 -9.29 17.08
N ARG A 20 -18.55 -9.84 16.13
CA ARG A 20 -17.72 -8.99 15.26
C ARG A 20 -18.56 -8.04 14.43
N GLU A 21 -19.69 -8.53 13.89
CA GLU A 21 -20.56 -7.66 13.13
C GLU A 21 -21.11 -6.53 14.00
N LEU A 22 -21.49 -6.84 15.23
CA LEU A 22 -21.97 -5.82 16.15
C LEU A 22 -20.86 -4.84 16.50
N HIS A 23 -19.64 -5.32 16.64
CA HIS A 23 -18.51 -4.45 16.92
C HIS A 23 -18.33 -3.44 15.79
N LYS A 24 -18.40 -3.90 14.54
CA LYS A 24 -18.31 -2.98 13.41
C LYS A 24 -19.49 -2.01 13.39
N ALA A 25 -20.70 -2.50 13.65
CA ALA A 25 -21.87 -1.64 13.64
C ALA A 25 -21.78 -0.56 14.73
N LEU A 26 -21.27 -0.92 15.89
CA LEU A 26 -21.11 0.04 16.98
C LEU A 26 -20.01 1.05 16.67
N GLU A 27 -18.93 0.60 16.04
CA GLU A 27 -17.90 1.54 15.58
C GLU A 27 -18.49 2.53 14.59
N ALA A 28 -19.43 2.07 13.76
CA ALA A 28 -20.10 2.98 12.83
C ALA A 28 -20.94 4.02 13.55
N LEU A 29 -21.33 3.78 14.80
CA LEU A 29 -22.12 4.72 15.58
C LEU A 29 -21.26 5.51 16.58
N ASP A 30 -19.94 5.55 16.35
CA ASP A 30 -19.01 6.30 17.20
C ASP A 30 -18.97 5.76 18.62
N PHE A 31 -18.74 4.45 18.73
CA PHE A 31 -18.45 3.80 20.00
C PHE A 31 -17.03 3.27 19.97
N GLN A 32 -16.36 3.35 21.11
CA GLN A 32 -15.04 2.76 21.28
C GLN A 32 -15.19 1.42 21.99
N ILE A 33 -14.73 0.35 21.35
CA ILE A 33 -14.92 -1.00 21.88
C ILE A 33 -13.66 -1.41 22.63
N VAL A 34 -13.85 -1.92 23.85
CA VAL A 34 -12.76 -2.47 24.65
C VAL A 34 -13.10 -3.91 24.99
N TYR A 35 -12.06 -4.72 25.20
CA TYR A 35 -12.19 -6.17 25.37
C TYR A 35 -11.51 -6.60 26.66
N PRO A 36 -12.22 -6.59 27.78
CA PRO A 36 -11.65 -7.18 29.00
C PRO A 36 -11.45 -8.67 28.83
N ASN A 37 -10.38 -9.17 29.45
CA ASN A 37 -10.03 -10.58 29.31
C ASN A 37 -10.90 -11.50 30.16
N ASP A 38 -11.34 -11.04 31.33
CA ASP A 38 -12.14 -11.86 32.21
C ASP A 38 -13.01 -10.94 33.07
N ARG A 39 -13.76 -11.56 33.98
CA ARG A 39 -14.70 -10.82 34.81
C ARG A 39 -14.00 -9.80 35.71
N GLU A 40 -12.89 -10.21 36.33
CA GLU A 40 -12.15 -9.28 37.20
C GLU A 40 -11.60 -8.11 36.41
N ASP A 41 -11.10 -8.38 35.21
CA ASP A 41 -10.64 -7.30 34.33
C ASP A 41 -11.77 -6.33 34.03
N LEU A 42 -12.97 -6.85 33.75
CA LEU A 42 -14.12 -5.99 33.47
CA LEU A 42 -14.12 -5.99 33.47
C LEU A 42 -14.47 -5.14 34.69
N LEU A 43 -14.47 -5.74 35.88
CA LEU A 43 -14.82 -5.00 37.09
C LEU A 43 -13.83 -3.89 37.37
N LYS A 44 -12.53 -4.18 37.22
CA LYS A 44 -11.52 -3.14 37.40
C LYS A 44 -11.66 -2.04 36.36
N LEU A 45 -11.96 -2.41 35.11
CA LEU A 45 -12.17 -1.43 34.06
C LEU A 45 -13.34 -0.50 34.38
N ILE A 46 -14.44 -1.06 34.88
CA ILE A 46 -15.57 -0.23 35.29
C ILE A 46 -15.15 0.68 36.44
N ASP A 47 -14.37 0.14 37.38
CA ASP A 47 -13.96 0.91 38.55
C ASP A 47 -13.09 2.10 38.17
N ASN A 48 -12.16 1.91 37.24
CA ASN A 48 -11.19 2.95 36.93
C ASN A 48 -11.63 3.90 35.82
N ASN A 49 -12.77 3.66 35.18
CA ASN A 49 -13.13 4.43 33.99
C ASN A 49 -14.62 4.75 34.05
N ALA A 50 -14.93 5.98 34.47
CA ALA A 50 -16.31 6.40 34.57
C ALA A 50 -16.95 6.66 33.20
N ARG A 51 -16.16 6.66 32.12
CA ARG A 51 -16.68 6.92 30.79
CA ARG A 51 -16.68 6.92 30.79
C ARG A 51 -17.29 5.69 30.14
N LEU A 52 -17.23 4.53 30.78
CA LEU A 52 -17.88 3.34 30.24
C LEU A 52 -19.39 3.54 30.18
N CYS A 53 -20.00 3.18 29.05
CA CYS A 53 -21.42 3.39 28.86
C CYS A 53 -22.21 2.10 28.61
N GLY A 54 -21.56 0.95 28.59
CA GLY A 54 -22.28 -0.30 28.39
C GLY A 54 -21.35 -1.49 28.48
N VAL A 55 -21.95 -2.64 28.78
CA VAL A 55 -21.23 -3.91 28.89
C VAL A 55 -21.98 -4.98 28.11
N ILE A 56 -21.26 -5.70 27.24
CA ILE A 56 -21.80 -6.80 26.46
C ILE A 56 -21.15 -8.08 26.95
N PHE A 57 -21.94 -9.11 27.24
CA PHE A 57 -21.40 -10.38 27.67
C PHE A 57 -22.34 -11.52 27.27
N ASP A 58 -21.78 -12.72 27.29
CA ASP A 58 -22.50 -13.94 26.93
C ASP A 58 -23.17 -14.53 28.17
N TRP A 59 -24.49 -14.69 28.10
CA TRP A 59 -25.23 -15.21 29.25
C TRP A 59 -24.88 -16.66 29.55
N ASP A 60 -24.56 -17.45 28.53
CA ASP A 60 -24.15 -18.83 28.77
C ASP A 60 -22.88 -18.89 29.62
N THR A 61 -21.91 -18.02 29.33
CA THR A 61 -20.65 -18.04 30.06
C THR A 61 -20.81 -17.49 31.46
N TYR A 62 -21.54 -16.39 31.63
CA TYR A 62 -21.66 -15.70 32.90
C TYR A 62 -23.11 -15.61 33.33
N ASN A 63 -23.38 -15.96 34.58
CA ASN A 63 -24.71 -15.80 35.14
C ASN A 63 -24.99 -14.33 35.41
N LEU A 64 -26.24 -14.04 35.78
CA LEU A 64 -26.65 -12.65 35.96
C LEU A 64 -26.14 -12.04 37.28
N ASP A 65 -25.42 -12.80 38.12
CA ASP A 65 -24.79 -12.21 39.29
C ASP A 65 -23.68 -11.25 38.89
N LEU A 66 -23.09 -11.44 37.72
CA LEU A 66 -22.14 -10.46 37.19
C LEU A 66 -22.81 -9.11 37.01
N CYS A 67 -24.08 -9.11 36.59
CA CYS A 67 -24.84 -7.87 36.51
C CYS A 67 -25.02 -7.25 37.89
N GLU A 68 -25.22 -8.07 38.93
CA GLU A 68 -25.28 -7.54 40.28
C GLU A 68 -23.98 -6.88 40.68
N GLU A 69 -22.84 -7.51 40.35
CA GLU A 69 -21.55 -6.90 40.65
C GLU A 69 -21.38 -5.58 39.91
N ILE A 70 -21.79 -5.53 38.64
CA ILE A 70 -21.72 -4.27 37.90
C ILE A 70 -22.61 -3.22 38.53
N SER A 71 -23.83 -3.60 38.92
CA SER A 71 -24.80 -2.65 39.46
C SER A 71 -24.33 -2.09 40.80
N ALA A 72 -23.63 -2.90 41.60
CA ALA A 72 -23.12 -2.42 42.88
C ALA A 72 -22.16 -1.25 42.70
N MET A 73 -21.48 -1.19 41.55
CA MET A 73 -20.61 -0.06 41.22
C MET A 73 -21.39 1.07 40.57
N ASN A 74 -22.29 0.76 39.64
CA ASN A 74 -23.07 1.76 38.91
C ASN A 74 -24.39 1.11 38.53
N GLU A 75 -25.44 1.38 39.29
CA GLU A 75 -26.74 0.73 39.08
C GLU A 75 -27.44 1.20 37.82
N HIS A 76 -27.00 2.29 37.19
CA HIS A 76 -27.60 2.75 35.96
C HIS A 76 -26.85 2.30 34.72
N LEU A 77 -25.66 1.73 34.86
CA LEU A 77 -24.86 1.33 33.72
C LEU A 77 -25.58 0.25 32.92
N PRO A 78 -25.84 0.46 31.64
CA PRO A 78 -26.57 -0.55 30.86
C PRO A 78 -25.70 -1.78 30.58
N VAL A 79 -26.29 -2.95 30.78
CA VAL A 79 -25.63 -4.22 30.52
CA VAL A 79 -25.60 -4.20 30.49
C VAL A 79 -26.45 -4.98 29.49
N TYR A 80 -25.78 -5.51 28.47
CA TYR A 80 -26.44 -6.24 27.39
C TYR A 80 -26.02 -7.70 27.45
N ALA A 81 -26.98 -8.56 27.74
CA ALA A 81 -26.74 -10.00 27.87
C ALA A 81 -27.23 -10.70 26.62
N PHE A 82 -26.37 -11.53 26.04
CA PHE A 82 -26.71 -12.29 24.85
C PHE A 82 -27.17 -13.69 25.26
N ALA A 83 -28.42 -14.02 24.95
CA ALA A 83 -29.04 -15.26 25.37
C ALA A 83 -28.95 -16.31 24.27
N ASN A 84 -28.49 -17.50 24.63
CA ASN A 84 -28.51 -18.63 23.72
C ASN A 84 -29.26 -19.83 24.29
N THR A 85 -28.86 -20.33 25.45
CA THR A 85 -29.55 -21.46 26.06
C THR A 85 -30.54 -21.05 27.14
N HIS A 86 -30.31 -19.92 27.81
CA HIS A 86 -31.26 -19.45 28.82
C HIS A 86 -32.51 -18.90 28.15
N SER A 87 -33.64 -19.13 28.79
CA SER A 87 -34.95 -18.67 28.32
C SER A 87 -35.55 -17.70 29.34
N THR A 88 -36.80 -17.32 29.12
CA THR A 88 -37.52 -16.50 30.09
C THR A 88 -37.75 -17.24 31.40
N LEU A 89 -37.62 -18.58 31.41
CA LEU A 89 -37.75 -19.35 32.63
C LEU A 89 -36.55 -19.23 33.55
N ASP A 90 -35.46 -18.61 33.10
CA ASP A 90 -34.21 -18.58 33.84
C ASP A 90 -33.91 -17.23 34.47
N VAL A 91 -34.88 -16.33 34.54
CA VAL A 91 -34.71 -15.01 35.14
CA VAL A 91 -34.71 -15.01 35.14
C VAL A 91 -35.60 -14.92 36.37
N SER A 92 -35.04 -14.43 37.46
CA SER A 92 -35.81 -14.19 38.67
C SER A 92 -36.24 -12.72 38.71
N LEU A 93 -37.09 -12.40 39.68
CA LEU A 93 -37.53 -11.02 39.87
C LEU A 93 -36.35 -10.12 40.20
N ASN A 94 -35.46 -10.59 41.07
CA ASN A 94 -34.28 -9.81 41.42
C ASN A 94 -33.42 -9.55 40.19
N ASP A 95 -33.26 -10.55 39.32
CA ASP A 95 -32.51 -10.33 38.08
C ASP A 95 -33.19 -9.28 37.20
N LEU A 96 -34.51 -9.34 37.09
CA LEU A 96 -35.23 -8.38 36.27
C LEU A 96 -35.18 -6.97 36.84
N ARG A 97 -34.83 -6.84 38.12
CA ARG A 97 -34.64 -5.49 38.66
C ARG A 97 -33.43 -4.80 38.02
N LEU A 98 -32.41 -5.55 37.63
CA LEU A 98 -31.19 -4.97 37.10
C LEU A 98 -31.44 -4.32 35.74
N ASN A 99 -30.51 -3.43 35.35
CA ASN A 99 -30.59 -2.74 34.07
C ASN A 99 -29.93 -3.60 32.99
N VAL A 100 -30.60 -4.71 32.67
CA VAL A 100 -30.11 -5.66 31.69
CA VAL A 100 -30.12 -5.68 31.69
C VAL A 100 -31.06 -5.68 30.50
N GLU A 101 -30.49 -5.64 29.30
CA GLU A 101 -31.22 -5.77 28.05
C GLU A 101 -30.71 -7.03 27.35
N PHE A 102 -31.64 -7.87 26.91
CA PHE A 102 -31.29 -9.17 26.34
C PHE A 102 -31.32 -9.13 24.82
N PHE A 103 -30.36 -9.80 24.20
CA PHE A 103 -30.26 -9.91 22.75
C PHE A 103 -30.04 -11.37 22.37
N GLU A 104 -29.99 -11.63 21.07
CA GLU A 104 -29.79 -12.97 20.54
C GLU A 104 -28.72 -12.93 19.46
N TYR A 105 -28.06 -14.07 19.26
CA TYR A 105 -27.03 -14.20 18.23
C TYR A 105 -27.67 -14.52 16.89
N ALA A 106 -27.40 -13.70 15.89
CA ALA A 106 -27.91 -13.92 14.55
C ALA A 106 -27.12 -13.10 13.55
N LEU A 107 -26.79 -13.71 12.42
CA LEU A 107 -26.13 -12.98 11.35
C LEU A 107 -27.07 -11.94 10.76
N GLY A 108 -26.52 -10.76 10.46
CA GLY A 108 -27.29 -9.70 9.84
C GLY A 108 -28.15 -8.87 10.77
N ALA A 109 -28.11 -9.12 12.08
CA ALA A 109 -28.89 -8.37 13.04
C ALA A 109 -28.07 -7.31 13.78
N ALA A 110 -26.82 -7.10 13.37
CA ALA A 110 -25.95 -6.19 14.11
C ALA A 110 -26.44 -4.75 14.06
N GLN A 111 -27.08 -4.34 12.95
CA GLN A 111 -27.51 -2.95 12.81
C GLN A 111 -28.64 -2.62 13.81
N ASP A 112 -29.64 -3.49 13.90
CA ASP A 112 -30.74 -3.25 14.83
C ASP A 112 -30.27 -3.28 16.28
N ILE A 113 -29.38 -4.23 16.62
CA ILE A 113 -28.86 -4.30 17.97
C ILE A 113 -28.04 -3.05 18.29
N ALA A 114 -27.22 -2.60 17.35
CA ALA A 114 -26.43 -1.38 17.57
C ALA A 114 -27.34 -0.19 17.78
N GLN A 115 -28.43 -0.10 17.03
CA GLN A 115 -29.40 0.97 17.23
C GLN A 115 -30.03 0.90 18.62
N LYS A 116 -30.39 -0.30 19.07
CA LYS A 116 -30.93 -0.46 20.42
C LYS A 116 -29.91 -0.05 21.48
N ILE A 117 -28.63 -0.37 21.26
CA ILE A 117 -27.60 0.00 22.21
C ILE A 117 -27.40 1.52 22.21
N ARG A 118 -27.49 2.15 21.05
CA ARG A 118 -27.42 3.61 20.97
C ARG A 118 -28.54 4.26 21.76
N GLN A 119 -29.77 3.73 21.60
CA GLN A 119 -30.91 4.27 22.36
C GLN A 119 -30.74 4.05 23.85
N SER A 120 -30.26 2.87 24.25
CA SER A 120 -30.04 2.59 25.66
C SER A 120 -28.96 3.51 26.25
N THR A 121 -27.91 3.80 25.48
CA THR A 121 -26.89 4.73 25.92
C THR A 121 -27.46 6.13 26.10
N ASP A 122 -28.29 6.57 25.14
CA ASP A 122 -28.94 7.89 25.28
C ASP A 122 -29.82 7.93 26.52
N ALA A 123 -30.55 6.84 26.78
CA ALA A 123 -31.40 6.77 27.97
C ALA A 123 -30.57 6.84 29.24
N TYR A 124 -29.42 6.15 29.27
CA TYR A 124 -28.53 6.20 30.43
C TYR A 124 -28.04 7.62 30.68
N ILE A 125 -27.59 8.29 29.62
CA ILE A 125 -27.11 9.68 29.75
C ILE A 125 -28.23 10.58 30.26
N ASP A 126 -29.42 10.44 29.69
CA ASP A 126 -30.55 11.24 30.13
C ASP A 126 -30.91 10.95 31.58
N GLU A 127 -30.72 9.70 32.02
CA GLU A 127 -31.04 9.32 33.39
C GLU A 127 -30.09 9.98 34.38
N ILE A 128 -28.79 9.91 34.12
CA ILE A 128 -27.85 10.43 35.13
C ILE A 128 -27.71 11.94 35.08
N LEU A 129 -27.98 12.58 33.95
CA LEU A 129 -27.83 14.03 33.87
C LEU A 129 -28.94 14.73 34.65
N PRO A 130 -28.63 15.81 35.35
CA PRO A 130 -29.66 16.60 36.01
C PRO A 130 -30.41 17.46 35.00
N PRO A 131 -31.61 17.94 35.34
CA PRO A 131 -32.49 18.54 34.30
C PRO A 131 -31.98 19.83 33.66
N LEU A 132 -31.50 20.80 34.45
CA LEU A 132 -31.02 22.05 33.87
CA LEU A 132 -31.03 22.04 33.85
C LEU A 132 -29.79 21.83 32.99
N THR A 133 -28.85 21.00 33.46
CA THR A 133 -27.66 20.73 32.67
C THR A 133 -28.00 20.06 31.35
N LYS A 134 -28.93 19.09 31.39
CA LYS A 134 -29.37 18.43 30.16
C LYS A 134 -30.03 19.41 29.21
N ALA A 135 -30.87 20.30 29.75
CA ALA A 135 -31.49 21.33 28.91
C ALA A 135 -30.44 22.22 28.25
N LEU A 136 -29.43 22.63 29.02
CA LEU A 136 -28.38 23.49 28.50
C LEU A 136 -27.60 22.80 27.38
N PHE A 137 -27.23 21.53 27.61
CA PHE A 137 -26.51 20.77 26.58
C PHE A 137 -27.34 20.64 25.31
N ASN A 138 -28.64 20.34 25.47
CA ASN A 138 -29.52 20.23 24.31
C ASN A 138 -29.59 21.54 23.54
N TYR A 139 -29.78 22.65 24.27
CA TYR A 139 -29.90 23.93 23.58
C TYR A 139 -28.62 24.25 22.82
N VAL A 140 -27.47 23.94 23.42
CA VAL A 140 -26.21 24.16 22.72
C VAL A 140 -26.17 23.35 21.44
N LYS A 141 -26.69 22.12 21.47
CA LYS A 141 -26.79 21.35 20.23
C LYS A 141 -27.75 22.00 19.22
N GLU A 142 -28.71 22.81 19.69
CA GLU A 142 -29.66 23.42 18.77
C GLU A 142 -29.00 24.39 17.79
N GLY A 143 -28.06 25.19 18.28
CA GLY A 143 -27.30 26.10 17.42
C GLY A 143 -28.05 27.26 16.80
N LYS A 144 -28.80 28.02 17.60
CA LYS A 144 -29.59 29.13 17.09
C LYS A 144 -28.74 30.39 16.89
N TYR A 145 -29.28 31.32 16.10
CA TYR A 145 -28.66 32.62 15.89
C TYR A 145 -29.21 33.61 16.92
N THR A 146 -28.32 34.34 17.59
CA THR A 146 -28.72 35.26 18.64
C THR A 146 -28.40 36.69 18.25
N PHE A 147 -29.40 37.56 18.39
CA PHE A 147 -29.21 39.01 18.32
C PHE A 147 -29.37 39.64 19.70
N CYS A 148 -29.01 38.90 20.74
CA CYS A 148 -29.24 39.27 22.12
C CYS A 148 -27.97 39.06 22.93
N THR A 149 -27.99 39.53 24.18
CA THR A 149 -26.85 39.35 25.06
C THR A 149 -26.71 37.87 25.44
N PRO A 150 -25.48 37.42 25.74
CA PRO A 150 -24.21 38.17 25.75
C PRO A 150 -23.71 38.53 24.35
N GLY A 151 -22.88 39.56 24.25
CA GLY A 151 -22.52 40.14 22.97
C GLY A 151 -21.61 39.28 22.12
N HIS A 152 -20.91 38.33 22.72
CA HIS A 152 -20.04 37.48 21.92
C HIS A 152 -20.81 36.54 21.00
N MET A 153 -22.13 36.45 21.17
CA MET A 153 -23.02 35.71 20.26
C MET A 153 -22.58 34.26 20.10
N GLY A 154 -22.39 33.58 21.22
CA GLY A 154 -21.96 32.19 21.18
C GLY A 154 -20.54 31.97 20.72
N GLY A 155 -19.67 32.97 20.82
CA GLY A 155 -18.28 32.83 20.47
C GLY A 155 -17.87 33.39 19.11
N THR A 156 -18.81 33.95 18.34
CA THR A 156 -18.48 34.51 17.03
C THR A 156 -17.48 35.66 17.15
N ALA A 157 -17.75 36.60 18.06
CA ALA A 157 -16.90 37.77 18.21
C ALA A 157 -15.48 37.37 18.58
N PHE A 158 -15.33 36.36 19.44
CA PHE A 158 -14.00 35.85 19.77
C PHE A 158 -13.29 35.35 18.52
N GLN A 159 -14.00 34.60 17.68
CA GLN A 159 -13.40 34.03 16.48
C GLN A 159 -13.06 35.09 15.45
N LYS A 160 -13.63 36.29 15.56
CA LYS A 160 -13.30 37.37 14.65
CA LYS A 160 -13.30 37.37 14.65
C LYS A 160 -12.06 38.15 15.05
N SER A 161 -11.42 37.81 16.17
CA SER A 161 -10.27 38.54 16.68
C SER A 161 -9.10 37.60 16.94
N PRO A 162 -7.86 38.08 16.75
CA PRO A 162 -6.70 37.20 17.01
C PRO A 162 -6.57 36.77 18.47
N VAL A 163 -6.50 37.75 19.38
CA VAL A 163 -6.43 37.42 20.79
C VAL A 163 -7.72 36.74 21.23
N GLY A 164 -8.85 37.20 20.69
CA GLY A 164 -10.11 36.53 20.93
C GLY A 164 -10.11 35.08 20.46
N SER A 165 -9.48 34.82 19.31
CA SER A 165 -9.39 33.45 18.84
C SER A 165 -8.53 32.60 19.76
N ILE A 166 -7.45 33.17 20.32
CA ILE A 166 -6.67 32.41 21.31
C ILE A 166 -7.53 32.06 22.50
N PHE A 167 -8.29 33.04 23.01
CA PHE A 167 -9.17 32.81 24.15
C PHE A 167 -10.20 31.73 23.84
N TYR A 168 -10.81 31.80 22.64
CA TYR A 168 -11.82 30.85 22.22
C TYR A 168 -11.23 29.45 22.11
N ASP A 169 -10.03 29.32 21.55
CA ASP A 169 -9.40 28.02 21.41
C ASP A 169 -9.03 27.44 22.77
N PHE A 170 -8.63 28.28 23.72
CA PHE A 170 -8.36 27.81 25.07
C PHE A 170 -9.64 27.28 25.72
N PHE A 171 -10.70 28.07 25.72
CA PHE A 171 -11.87 27.69 26.50
C PHE A 171 -12.78 26.68 25.79
N GLY A 172 -12.65 26.54 24.48
CA GLY A 172 -13.43 25.55 23.76
C GLY A 172 -14.81 26.06 23.37
N ALA A 173 -15.32 25.53 22.27
CA ALA A 173 -16.54 26.05 21.66
C ALA A 173 -17.73 25.92 22.61
N ASN A 174 -17.85 24.80 23.32
CA ASN A 174 -19.02 24.55 24.14
C ASN A 174 -19.15 25.58 25.28
N ALA A 175 -18.03 25.99 25.87
CA ALA A 175 -18.08 26.93 26.97
C ALA A 175 -18.66 28.28 26.53
N MET A 176 -18.23 28.79 25.36
CA MET A 176 -18.82 30.03 24.87
C MET A 176 -20.23 29.82 24.35
N LYS A 177 -20.53 28.64 23.80
CA LYS A 177 -21.87 28.38 23.29
C LYS A 177 -22.89 28.27 24.42
N SER A 178 -22.46 27.84 25.60
CA SER A 178 -23.34 27.70 26.75
C SER A 178 -23.46 28.98 27.56
N ASP A 179 -22.75 30.03 27.17
CA ASP A 179 -22.84 31.34 27.82
C ASP A 179 -24.03 32.08 27.20
N ILE A 180 -25.19 31.94 27.83
CA ILE A 180 -26.44 32.47 27.30
C ILE A 180 -27.11 33.33 28.38
N SER A 181 -28.27 33.89 28.02
CA SER A 181 -29.03 34.72 28.94
C SER A 181 -30.49 34.30 28.98
N ILE A 182 -31.33 35.06 29.68
CA ILE A 182 -32.75 34.73 29.78
C ILE A 182 -33.51 35.01 28.49
N SER A 183 -32.88 35.64 27.51
CA SER A 183 -33.51 35.76 26.19
C SER A 183 -33.83 34.39 25.60
N VAL A 184 -33.09 33.36 26.02
CA VAL A 184 -33.41 31.97 25.67
C VAL A 184 -34.48 31.47 26.63
N GLY A 185 -35.75 31.58 26.22
CA GLY A 185 -36.86 31.34 27.12
C GLY A 185 -37.04 29.90 27.55
N GLU A 186 -36.58 28.94 26.74
CA GLU A 186 -36.83 27.54 27.06
C GLU A 186 -35.96 27.00 28.18
N LEU A 187 -34.90 27.72 28.57
CA LEU A 187 -34.14 27.36 29.76
C LEU A 187 -34.75 27.92 31.04
N GLY A 188 -35.77 28.76 30.94
CA GLY A 188 -36.31 29.36 32.14
C GLY A 188 -35.40 30.47 32.65
N SER A 189 -35.66 30.87 33.89
CA SER A 189 -34.92 31.95 34.51
C SER A 189 -34.53 31.57 35.93
N LEU A 190 -33.27 31.86 36.29
CA LEU A 190 -32.83 31.67 37.66
C LEU A 190 -33.53 32.61 38.62
N LEU A 191 -33.67 33.89 38.23
CA LEU A 191 -34.26 34.88 39.12
C LEU A 191 -35.72 34.58 39.42
N ASP A 192 -36.47 34.11 38.42
CA ASP A 192 -37.88 33.80 38.59
C ASP A 192 -38.14 32.34 38.97
N HIS A 193 -37.09 31.52 39.08
CA HIS A 193 -37.24 30.12 39.51
C HIS A 193 -38.23 29.38 38.62
N SER A 194 -38.04 29.52 37.31
CA SER A 194 -38.97 29.03 36.32
C SER A 194 -38.32 27.95 35.46
N GLY A 195 -39.17 27.12 34.87
CA GLY A 195 -38.73 26.11 33.93
C GLY A 195 -37.75 25.12 34.52
N PRO A 196 -36.72 24.79 33.75
CA PRO A 196 -35.70 23.85 34.25
C PRO A 196 -34.98 24.34 35.49
N HIS A 197 -34.96 25.65 35.76
CA HIS A 197 -34.35 26.16 36.97
C HIS A 197 -35.11 25.69 38.21
N LYS A 198 -36.44 25.72 38.16
CA LYS A 198 -37.24 25.26 39.28
C LYS A 198 -37.00 23.78 39.56
N GLU A 199 -36.97 22.96 38.51
CA GLU A 199 -36.69 21.54 38.69
C GLU A 199 -35.27 21.31 39.19
N ALA A 200 -34.32 22.14 38.75
CA ALA A 200 -32.96 22.04 39.29
C ALA A 200 -32.95 22.32 40.79
N GLU A 201 -33.69 23.36 41.22
CA GLU A 201 -33.75 23.69 42.64
C GLU A 201 -34.37 22.55 43.44
N GLU A 202 -35.48 21.98 42.93
CA GLU A 202 -36.12 20.87 43.63
C GLU A 202 -35.22 19.64 43.67
N TYR A 203 -34.51 19.39 42.57
CA TYR A 203 -33.56 18.29 42.50
C TYR A 203 -32.47 18.45 43.56
N ILE A 204 -31.93 19.66 43.68
CA ILE A 204 -30.89 19.92 44.67
C ILE A 204 -31.43 19.77 46.08
N ALA A 205 -32.63 20.30 46.34
CA ALA A 205 -33.22 20.19 47.67
C ALA A 205 -33.43 18.73 48.05
N ARG A 206 -33.88 17.90 47.10
CA ARG A 206 -34.03 16.47 47.37
C ARG A 206 -32.68 15.82 47.66
N THR A 207 -31.67 16.17 46.86
CA THR A 207 -30.35 15.55 47.01
C THR A 207 -29.67 15.94 48.33
N PHE A 208 -29.87 17.18 48.79
CA PHE A 208 -29.16 17.69 49.95
C PHE A 208 -30.00 17.70 51.21
N ASN A 209 -31.14 17.00 51.21
CA ASN A 209 -32.01 16.89 52.38
C ASN A 209 -32.46 18.26 52.89
N ALA A 210 -32.87 19.12 51.97
CA ALA A 210 -33.38 20.43 52.29
C ALA A 210 -34.84 20.54 51.86
N GLU A 211 -35.63 21.26 52.65
CA GLU A 211 -36.98 21.59 52.20
C GLU A 211 -36.94 22.49 50.97
N ARG A 212 -36.07 23.50 50.97
CA ARG A 212 -36.02 24.42 49.84
C ARG A 212 -34.55 24.76 49.59
N SER A 213 -34.16 24.80 48.31
CA SER A 213 -32.78 25.11 47.96
C SER A 213 -32.73 26.26 46.96
N TYR A 214 -31.67 27.07 47.07
CA TYR A 214 -31.43 28.18 46.17
C TYR A 214 -30.01 28.13 45.66
N MET A 215 -29.84 28.50 44.39
CA MET A 215 -28.57 28.51 43.70
C MET A 215 -28.03 29.93 43.67
N VAL A 216 -26.78 30.10 44.09
CA VAL A 216 -26.13 31.40 44.17
C VAL A 216 -24.89 31.36 43.29
N THR A 217 -24.73 32.39 42.46
CA THR A 217 -23.61 32.45 41.52
C THR A 217 -22.54 33.46 41.92
N ASN A 218 -22.60 34.00 43.14
CA ASN A 218 -21.54 34.87 43.64
C ASN A 218 -21.01 34.38 44.99
N GLY A 219 -21.05 33.07 45.22
CA GLY A 219 -20.35 32.48 46.34
C GLY A 219 -21.15 32.48 47.64
N THR A 220 -20.58 31.76 48.62
CA THR A 220 -21.18 31.73 49.94
C THR A 220 -21.13 33.09 50.62
N SER A 221 -20.23 33.98 50.20
CA SER A 221 -20.32 35.36 50.69
C SER A 221 -21.69 35.96 50.39
N THR A 222 -22.12 35.86 49.13
CA THR A 222 -23.43 36.36 48.74
C THR A 222 -24.55 35.55 49.40
N ALA A 223 -24.37 34.22 49.50
CA ALA A 223 -25.40 33.40 50.14
C ALA A 223 -25.60 33.82 51.60
N ASN A 224 -24.51 34.05 52.32
CA ASN A 224 -24.57 34.55 53.68
C ASN A 224 -25.29 35.89 53.74
N LYS A 225 -24.98 36.79 52.81
CA LYS A 225 -25.64 38.09 52.80
C LYS A 225 -27.15 37.94 52.59
N ILE A 226 -27.55 37.06 51.66
CA ILE A 226 -28.97 36.84 51.40
C ILE A 226 -29.67 36.34 52.66
N VAL A 227 -29.11 35.31 53.29
CA VAL A 227 -29.74 34.72 54.47
C VAL A 227 -29.82 35.76 55.59
N GLY A 228 -28.70 36.47 55.83
CA GLY A 228 -28.67 37.43 56.92
C GLY A 228 -29.62 38.59 56.72
N MET A 229 -29.71 39.12 55.50
CA MET A 229 -30.64 40.21 55.26
C MET A 229 -32.09 39.76 55.38
N TYR A 230 -32.40 38.55 54.91
CA TYR A 230 -33.76 38.07 55.13
C TYR A 230 -34.07 37.91 56.61
N SER A 231 -33.07 37.48 57.39
CA SER A 231 -33.31 37.08 58.78
C SER A 231 -33.13 38.20 59.79
N ALA A 232 -32.34 39.24 59.48
CA ALA A 232 -31.96 40.26 60.45
C ALA A 232 -32.39 41.64 59.98
N PRO A 233 -33.59 42.08 60.34
CA PRO A 233 -34.01 43.44 59.99
C PRO A 233 -33.18 44.49 60.72
N ALA A 234 -33.14 45.68 60.14
CA ALA A 234 -32.40 46.78 60.76
C ALA A 234 -32.95 47.04 62.16
N GLY A 235 -32.03 47.26 63.10
CA GLY A 235 -32.40 47.46 64.49
C GLY A 235 -32.45 46.21 65.34
N SER A 236 -32.33 45.04 64.74
CA SER A 236 -32.37 43.78 65.48
C SER A 236 -30.97 43.41 65.99
N THR A 237 -30.94 42.42 66.87
CA THR A 237 -29.72 41.88 67.45
C THR A 237 -29.43 40.51 66.87
N VAL A 238 -28.15 40.24 66.58
CA VAL A 238 -27.74 38.99 65.95
C VAL A 238 -26.64 38.33 66.77
N LEU A 239 -26.69 37.01 66.84
CA LEU A 239 -25.61 36.22 67.43
C LEU A 239 -24.67 35.77 66.31
N ILE A 240 -23.39 36.07 66.45
CA ILE A 240 -22.40 35.81 65.40
C ILE A 240 -21.27 35.00 66.00
N ASP A 241 -20.90 33.89 65.34
CA ASP A 241 -19.64 33.23 65.64
C ASP A 241 -18.49 34.20 65.46
N ARG A 242 -17.68 34.39 66.51
CA ARG A 242 -16.49 35.23 66.35
C ARG A 242 -15.53 34.65 65.33
N ASN A 243 -15.56 33.32 65.13
CA ASN A 243 -14.87 32.70 64.01
C ASN A 243 -15.85 32.72 62.82
N CYS A 244 -15.93 33.90 62.21
CA CYS A 244 -16.85 34.11 61.10
C CYS A 244 -16.08 34.58 59.88
N HIS A 245 -16.55 34.17 58.72
CA HIS A 245 -16.01 34.66 57.47
C HIS A 245 -16.32 36.14 57.32
N LYS A 246 -15.48 36.84 56.56
CA LYS A 246 -15.61 38.29 56.44
C LYS A 246 -16.93 38.70 55.78
N SER A 247 -17.62 37.77 55.13
CA SER A 247 -18.92 38.10 54.54
C SER A 247 -19.94 38.48 55.61
N LEU A 248 -19.90 37.81 56.77
CA LEU A 248 -20.79 38.20 57.87
C LEU A 248 -20.48 39.61 58.36
N THR A 249 -19.19 39.98 58.39
CA THR A 249 -18.83 41.35 58.72
C THR A 249 -19.35 42.33 57.67
N HIS A 250 -19.26 41.96 56.39
CA HIS A 250 -19.85 42.79 55.34
C HIS A 250 -21.34 42.97 55.57
N LEU A 251 -22.02 41.90 55.98
CA LEU A 251 -23.45 41.98 56.28
C LEU A 251 -23.71 42.93 57.45
N MET A 252 -22.90 42.84 58.51
CA MET A 252 -23.07 43.74 59.64
C MET A 252 -22.82 45.19 59.24
N MET A 253 -21.93 45.41 58.27
CA MET A 253 -21.68 46.74 57.74
C MET A 253 -22.83 47.23 56.85
N MET A 254 -23.55 46.28 56.24
CA MET A 254 -24.69 46.61 55.37
C MET A 254 -25.78 47.36 56.12
N SER A 255 -26.21 46.81 57.25
CA SER A 255 -27.39 47.31 57.94
C SER A 255 -27.14 47.45 59.43
N ASP A 256 -27.96 48.27 60.07
CA ASP A 256 -27.83 48.56 61.49
C ASP A 256 -28.38 47.37 62.26
N ILE A 257 -27.48 46.42 62.57
CA ILE A 257 -27.80 45.29 63.42
C ILE A 257 -26.75 45.21 64.51
N THR A 258 -27.19 45.01 65.73
CA THR A 258 -26.27 44.92 66.86
C THR A 258 -25.79 43.49 67.01
N PRO A 259 -24.49 43.22 66.91
CA PRO A 259 -24.00 41.85 67.07
C PRO A 259 -23.64 41.53 68.51
N ILE A 260 -23.90 40.28 68.89
CA ILE A 260 -23.35 39.67 70.09
C ILE A 260 -22.60 38.42 69.67
N TYR A 261 -21.37 38.27 70.16
CA TYR A 261 -20.43 37.31 69.60
C TYR A 261 -20.36 36.05 70.44
N PHE A 262 -20.56 34.90 69.79
CA PHE A 262 -20.11 33.63 70.36
C PHE A 262 -18.60 33.63 70.43
N ARG A 263 -18.05 33.21 71.56
CA ARG A 263 -16.60 33.20 71.72
C ARG A 263 -16.07 31.79 71.53
N PRO A 264 -15.29 31.52 70.50
CA PRO A 264 -14.76 30.17 70.28
C PRO A 264 -13.44 29.97 71.01
N THR A 265 -12.98 28.73 70.98
CA THR A 265 -11.75 28.34 71.64
C THR A 265 -10.63 28.19 70.61
N ARG A 266 -9.42 27.94 71.10
CA ARG A 266 -8.25 27.74 70.25
C ARG A 266 -7.22 26.93 71.04
N ASN A 267 -6.31 26.31 70.31
CA ASN A 267 -5.23 25.55 70.91
C ASN A 267 -3.90 26.25 70.66
N ALA A 268 -2.81 25.60 71.10
CA ALA A 268 -1.49 26.22 71.02
C ALA A 268 -1.07 26.47 69.57
N TYR A 269 -1.51 25.63 68.64
CA TYR A 269 -1.15 25.82 67.24
C TYR A 269 -1.92 26.97 66.59
N GLY A 270 -2.90 27.55 67.28
CA GLY A 270 -3.79 28.49 66.64
C GLY A 270 -4.95 27.86 65.90
N ILE A 271 -5.08 26.53 65.95
CA ILE A 271 -6.23 25.86 65.35
C ILE A 271 -7.49 26.31 66.08
N LEU A 272 -8.47 26.79 65.33
CA LEU A 272 -9.69 27.32 65.91
C LEU A 272 -10.58 26.18 66.39
N GLY A 273 -10.94 26.21 67.67
CA GLY A 273 -11.86 25.26 68.23
C GLY A 273 -13.30 25.73 68.11
N GLY A 274 -14.18 25.05 68.81
CA GLY A 274 -15.58 25.35 68.75
C GLY A 274 -16.07 26.24 69.88
N ILE A 275 -17.29 26.70 69.72
CA ILE A 275 -17.97 27.46 70.77
C ILE A 275 -18.31 26.51 71.91
N PRO A 276 -17.99 26.84 73.16
CA PRO A 276 -18.39 26.00 74.29
C PRO A 276 -19.90 25.91 74.42
N LYS A 277 -20.36 24.80 75.01
CA LYS A 277 -21.79 24.55 75.13
C LYS A 277 -22.49 25.61 75.99
N SER A 278 -21.77 26.24 76.91
CA SER A 278 -22.38 27.24 77.77
C SER A 278 -22.86 28.44 76.96
N GLU A 279 -22.11 28.81 75.91
CA GLU A 279 -22.40 30.04 75.21
C GLU A 279 -23.68 29.97 74.38
N PHE A 280 -24.26 28.78 74.22
CA PHE A 280 -25.55 28.62 73.59
C PHE A 280 -26.70 28.67 74.59
N GLN A 281 -26.42 28.79 75.87
CA GLN A 281 -27.45 28.72 76.89
C GLN A 281 -28.19 30.05 77.02
N HIS A 282 -29.43 29.96 77.50
CA HIS A 282 -30.28 31.15 77.59
C HIS A 282 -29.68 32.20 78.53
N ASP A 283 -29.12 31.75 79.66
CA ASP A 283 -28.64 32.69 80.67
C ASP A 283 -27.49 33.54 80.15
N THR A 284 -26.50 32.89 79.52
CA THR A 284 -25.36 33.65 79.02
C THR A 284 -25.78 34.63 77.93
N ILE A 285 -26.67 34.20 77.03
CA ILE A 285 -27.13 35.08 75.97
C ILE A 285 -27.89 36.26 76.55
N ALA A 286 -28.77 36.01 77.53
CA ALA A 286 -29.55 37.08 78.14
C ALA A 286 -28.65 38.06 78.87
N GLU A 287 -27.65 37.57 79.60
CA GLU A 287 -26.71 38.46 80.27
C GLU A 287 -25.95 39.30 79.25
N ARG A 288 -25.52 38.68 78.15
CA ARG A 288 -24.81 39.43 77.12
C ARG A 288 -25.70 40.48 76.50
N VAL A 289 -26.97 40.16 76.27
CA VAL A 289 -27.91 41.15 75.74
C VAL A 289 -28.04 42.32 76.70
N ALA A 290 -28.15 42.03 78.00
CA ALA A 290 -28.25 43.11 78.99
C ALA A 290 -26.98 43.94 79.05
N GLN A 291 -25.83 43.34 78.79
CA GLN A 291 -24.56 44.04 78.99
C GLN A 291 -24.14 44.90 77.80
N THR A 292 -24.93 44.95 76.73
CA THR A 292 -24.55 45.76 75.59
C THR A 292 -25.64 46.76 75.22
N PRO A 293 -25.27 47.95 74.77
CA PRO A 293 -26.27 48.98 74.48
C PRO A 293 -27.21 48.57 73.35
N ASN A 294 -28.44 49.10 73.42
CA ASN A 294 -29.52 48.98 72.44
C ASN A 294 -29.60 47.61 71.79
N ALA A 295 -29.43 46.56 72.58
CA ALA A 295 -29.55 45.19 72.10
C ALA A 295 -30.75 44.51 72.75
N THR A 296 -31.50 43.78 71.93
CA THR A 296 -32.66 43.03 72.35
C THR A 296 -32.35 41.54 72.24
N TRP A 297 -33.37 40.72 72.47
CA TRP A 297 -33.19 39.28 72.30
C TRP A 297 -32.86 38.98 70.85
N PRO A 298 -31.79 38.24 70.58
CA PRO A 298 -31.38 38.02 69.18
C PRO A 298 -32.47 37.31 68.38
N VAL A 299 -32.62 37.73 67.12
CA VAL A 299 -33.58 37.12 66.22
C VAL A 299 -32.92 36.18 65.22
N HIS A 300 -31.59 36.13 65.17
CA HIS A 300 -30.87 35.33 64.20
C HIS A 300 -29.51 34.98 64.77
N ALA A 301 -29.06 33.74 64.55
CA ALA A 301 -27.76 33.29 64.99
C ALA A 301 -27.02 32.65 63.81
N VAL A 302 -25.71 32.89 63.74
CA VAL A 302 -24.86 32.36 62.68
C VAL A 302 -23.71 31.61 63.34
N VAL A 303 -23.53 30.34 62.93
CA VAL A 303 -22.47 29.48 63.46
C VAL A 303 -21.70 28.88 62.29
N THR A 304 -20.38 28.91 62.37
CA THR A 304 -19.52 28.33 61.34
C THR A 304 -19.33 26.84 61.63
N ASN A 305 -19.88 25.98 60.77
CA ASN A 305 -19.82 24.53 60.95
C ASN A 305 -19.59 23.89 59.59
N SER A 306 -18.43 23.28 59.38
CA SER A 306 -17.40 23.14 60.40
C SER A 306 -16.44 24.32 60.42
N THR A 307 -15.44 24.25 61.27
CA THR A 307 -14.35 25.21 61.22
C THR A 307 -13.45 24.92 60.02
N TYR A 308 -12.59 25.89 59.72
CA TYR A 308 -11.62 25.72 58.64
C TYR A 308 -10.80 24.46 58.82
N ASP A 309 -10.48 24.10 60.07
CA ASP A 309 -9.64 22.97 60.38
C ASP A 309 -10.42 21.67 60.55
N GLY A 310 -11.72 21.68 60.28
CA GLY A 310 -12.50 20.46 60.25
C GLY A 310 -13.15 20.06 61.55
N LEU A 311 -13.44 21.02 62.44
CA LEU A 311 -14.15 20.73 63.67
C LEU A 311 -15.64 20.92 63.46
N LEU A 312 -16.40 19.84 63.57
CA LEU A 312 -17.85 19.84 63.40
C LEU A 312 -18.54 19.82 64.76
N TYR A 313 -19.59 20.63 64.89
CA TYR A 313 -20.39 20.66 66.10
C TYR A 313 -21.41 19.52 66.12
N ASN A 314 -21.89 19.21 67.31
CA ASN A 314 -23.10 18.41 67.48
C ASN A 314 -24.27 19.36 67.24
N THR A 315 -24.83 19.34 66.04
CA THR A 315 -25.84 20.33 65.67
C THR A 315 -27.19 20.08 66.33
N ASP A 316 -27.46 18.85 66.77
CA ASP A 316 -28.71 18.59 67.48
C ASP A 316 -28.78 19.39 68.77
N TYR A 317 -27.68 19.42 69.52
CA TYR A 317 -27.67 20.19 70.76
C TYR A 317 -27.82 21.68 70.48
N ILE A 318 -27.18 22.18 69.42
CA ILE A 318 -27.31 23.60 69.08
C ILE A 318 -28.75 23.92 68.72
N LYS A 319 -29.39 23.06 67.93
CA LYS A 319 -30.78 23.29 67.55
C LYS A 319 -31.70 23.28 68.76
N GLU A 320 -31.49 22.33 69.67
CA GLU A 320 -32.37 22.24 70.84
C GLU A 320 -32.13 23.39 71.82
N ALA A 321 -30.87 23.67 72.12
CA ALA A 321 -30.52 24.59 73.20
C ALA A 321 -30.69 26.05 72.79
N LEU A 322 -30.31 26.41 71.56
CA LEU A 322 -30.28 27.81 71.15
C LEU A 322 -31.71 28.33 71.00
N ASP A 323 -32.08 29.28 71.84
CA ASP A 323 -33.44 29.84 71.86
C ASP A 323 -33.57 31.03 70.91
N VAL A 324 -33.17 30.81 69.67
CA VAL A 324 -33.27 31.81 68.61
C VAL A 324 -34.05 31.18 67.47
N LYS A 325 -35.03 31.91 66.94
CA LYS A 325 -35.96 31.32 65.98
C LYS A 325 -35.34 31.13 64.60
N SER A 326 -34.18 31.72 64.32
CA SER A 326 -33.53 31.60 63.02
C SER A 326 -32.07 31.24 63.25
N ILE A 327 -31.66 30.07 62.78
CA ILE A 327 -30.30 29.57 62.98
C ILE A 327 -29.70 29.28 61.62
N HIS A 328 -28.50 29.82 61.38
CA HIS A 328 -27.83 29.71 60.08
C HIS A 328 -26.45 29.11 60.30
N PHE A 329 -26.23 27.94 59.72
CA PHE A 329 -24.93 27.30 59.72
C PHE A 329 -24.20 27.67 58.43
N ASP A 330 -23.14 28.45 58.58
CA ASP A 330 -22.19 28.67 57.50
C ASP A 330 -21.41 27.38 57.30
N SER A 331 -21.85 26.56 56.37
CA SER A 331 -21.28 25.24 56.11
C SER A 331 -20.51 25.23 54.79
N ALA A 332 -19.81 26.33 54.50
CA ALA A 332 -19.06 26.44 53.26
C ALA A 332 -18.04 25.31 53.10
N TRP A 333 -17.48 24.83 54.21
CA TRP A 333 -16.44 23.82 54.19
C TRP A 333 -16.98 22.38 54.16
N VAL A 334 -18.27 22.17 54.40
CA VAL A 334 -18.80 20.82 54.48
C VAL A 334 -20.06 20.67 53.64
N PRO A 335 -19.98 20.73 52.31
CA PRO A 335 -21.18 20.49 51.48
C PRO A 335 -21.51 19.02 51.29
N TYR A 336 -20.67 18.10 51.77
CA TYR A 336 -20.85 16.67 51.54
C TYR A 336 -21.50 15.94 52.70
N THR A 337 -21.95 16.64 53.75
CA THR A 337 -22.34 15.98 54.98
C THR A 337 -23.53 15.04 54.79
N ASN A 338 -24.41 15.34 53.83
CA ASN A 338 -25.59 14.51 53.63
C ASN A 338 -25.26 13.16 52.99
N PHE A 339 -24.04 12.96 52.51
CA PHE A 339 -23.73 11.83 51.64
C PHE A 339 -22.84 10.79 52.30
N SER A 340 -22.73 10.83 53.64
CA SER A 340 -22.02 9.81 54.39
C SER A 340 -22.63 9.72 55.77
N PRO A 341 -22.91 8.50 56.26
CA PRO A 341 -23.49 8.38 57.61
C PRO A 341 -22.58 8.84 58.73
N ILE A 342 -21.27 8.97 58.50
CA ILE A 342 -20.36 9.42 59.55
C ILE A 342 -20.66 10.85 60.00
N TYR A 343 -21.36 11.63 59.16
CA TYR A 343 -21.65 13.02 59.47
C TYR A 343 -23.03 13.23 60.06
N LYS A 344 -23.76 12.15 60.36
CA LYS A 344 -25.12 12.27 60.86
C LYS A 344 -25.15 13.03 62.17
N GLY A 345 -26.05 14.00 62.27
CA GLY A 345 -26.15 14.85 63.44
C GLY A 345 -25.08 15.91 63.55
N LEU A 346 -24.18 16.01 62.57
CA LEU A 346 -23.09 16.98 62.61
C LEU A 346 -23.27 18.10 61.59
N CYS A 347 -24.47 18.27 61.05
CA CYS A 347 -24.71 19.27 60.03
C CYS A 347 -26.11 19.88 60.23
N GLY A 348 -26.29 21.07 59.64
CA GLY A 348 -27.51 21.82 59.86
C GLY A 348 -28.75 21.16 59.30
N MET A 349 -28.63 20.48 58.17
CA MET A 349 -29.77 19.83 57.56
C MET A 349 -30.06 18.45 58.15
N SER A 350 -29.25 18.00 59.11
CA SER A 350 -29.46 16.68 59.69
C SER A 350 -30.79 16.61 60.41
N GLY A 351 -31.45 15.46 60.29
CA GLY A 351 -32.72 15.27 60.95
C GLY A 351 -33.85 16.00 60.25
N GLY A 352 -34.94 16.15 60.97
CA GLY A 352 -36.14 16.79 60.46
C GLY A 352 -36.18 18.27 60.75
N ARG A 353 -37.38 18.82 60.65
CA ARG A 353 -37.61 20.25 60.87
C ARG A 353 -37.81 20.54 62.35
N VAL A 354 -37.14 21.59 62.81
CA VAL A 354 -37.25 22.02 64.20
C VAL A 354 -38.49 22.90 64.35
N GLU A 355 -39.35 22.55 65.29
CA GLU A 355 -40.57 23.32 65.52
C GLU A 355 -40.24 24.70 66.03
N GLY A 356 -40.90 25.71 65.46
CA GLY A 356 -40.70 27.07 65.91
C GLY A 356 -39.39 27.71 65.49
N LYS A 357 -38.68 27.10 64.55
CA LYS A 357 -37.40 27.63 64.11
C LYS A 357 -37.23 27.37 62.63
N VAL A 358 -36.37 28.19 62.01
CA VAL A 358 -35.93 27.96 60.64
C VAL A 358 -34.43 27.74 60.66
N ILE A 359 -33.98 26.76 59.89
CA ILE A 359 -32.56 26.40 59.81
C ILE A 359 -32.08 26.66 58.40
N TYR A 360 -30.96 27.36 58.30
CA TYR A 360 -30.28 27.60 57.04
C TYR A 360 -28.93 26.91 57.04
N GLU A 361 -28.53 26.42 55.88
CA GLU A 361 -27.17 25.97 55.63
C GLU A 361 -26.66 26.68 54.39
N THR A 362 -25.53 27.36 54.50
CA THR A 362 -24.88 27.91 53.31
C THR A 362 -23.69 27.03 52.97
N GLN A 363 -23.66 26.55 51.74
CA GLN A 363 -22.61 25.63 51.30
C GLN A 363 -21.88 26.20 50.10
N SER A 364 -20.56 26.07 50.11
CA SER A 364 -19.72 26.41 48.96
CA SER A 364 -19.73 26.41 48.95
C SER A 364 -19.53 25.15 48.15
N THR A 365 -20.32 25.00 47.09
CA THR A 365 -20.23 23.80 46.26
C THR A 365 -18.89 23.70 45.55
N HIS A 366 -18.22 24.82 45.32
CA HIS A 366 -16.94 24.80 44.62
C HIS A 366 -15.78 24.41 45.52
N1 LLP A 367 -17.84 31.46 54.87
C2 LLP A 367 -16.92 30.52 55.07
C2' LLP A 367 -16.86 29.86 56.42
C3 LLP A 367 -16.05 30.13 54.05
O3 LLP A 367 -15.14 29.14 54.32
C4 LLP A 367 -16.12 30.78 52.81
C4' LLP A 367 -15.27 30.35 51.69
C5 LLP A 367 -17.10 31.75 52.60
C6 LLP A 367 -17.92 32.06 53.65
C5' LLP A 367 -17.26 32.49 51.30
OP4 LLP A 367 -17.52 31.58 50.19
P LLP A 367 -17.16 31.99 48.66
OP1 LLP A 367 -17.74 30.88 47.81
OP2 LLP A 367 -15.65 32.05 48.61
OP3 LLP A 367 -17.80 33.34 48.43
N LLP A 367 -15.91 24.65 46.82
CA LLP A 367 -14.76 24.41 47.76
CB LLP A 367 -14.98 25.14 49.09
CG LLP A 367 -14.54 26.59 49.11
CD LLP A 367 -14.73 27.27 50.46
CE LLP A 367 -14.12 28.66 50.53
NZ LLP A 367 -14.55 29.32 51.77
C LLP A 367 -14.54 22.91 47.96
O LLP A 367 -13.41 22.47 47.73
N LEU A 368 -15.55 22.14 48.37
CA LEU A 368 -15.27 20.73 48.68
C LEU A 368 -15.99 19.74 47.77
N LEU A 369 -16.96 20.20 47.00
CA LEU A 369 -17.56 19.38 45.96
C LEU A 369 -16.98 19.79 44.60
N ALA A 370 -17.56 19.28 43.52
CA ALA A 370 -17.09 19.55 42.17
C ALA A 370 -18.03 20.55 41.50
N ALA A 371 -17.63 21.81 41.53
CA ALA A 371 -18.38 22.87 40.87
C ALA A 371 -17.44 24.04 40.61
N PHE A 372 -17.82 24.88 39.66
CA PHE A 372 -17.01 26.06 39.32
C PHE A 372 -16.99 27.03 40.49
N SER A 373 -15.94 27.85 40.54
CA SER A 373 -15.84 28.92 41.52
C SER A 373 -17.06 29.83 41.44
N GLN A 374 -17.50 30.32 42.60
CA GLN A 374 -18.66 31.17 42.86
C GLN A 374 -19.97 30.37 42.91
N ALA A 375 -19.96 29.06 42.68
CA ALA A 375 -21.16 28.25 42.85
C ALA A 375 -21.43 28.04 44.33
N SER A 376 -22.67 28.30 44.74
CA SER A 376 -23.01 28.22 46.16
C SER A 376 -24.47 27.79 46.28
N MET A 377 -24.79 27.22 47.45
CA MET A 377 -26.12 26.70 47.72
C MET A 377 -26.63 27.27 49.04
N ILE A 378 -27.91 27.63 49.06
CA ILE A 378 -28.63 27.94 50.30
C ILE A 378 -29.65 26.84 50.51
N HIS A 379 -29.61 26.19 51.67
CA HIS A 379 -30.57 25.16 52.04
C HIS A 379 -31.41 25.66 53.21
N VAL A 380 -32.72 25.53 53.10
CA VAL A 380 -33.67 26.01 54.08
C VAL A 380 -34.51 24.84 54.55
N LYS A 381 -34.63 24.69 55.87
CA LYS A 381 -35.52 23.73 56.51
C LYS A 381 -36.36 24.51 57.52
N GLY A 382 -37.65 24.65 57.23
CA GLY A 382 -38.56 25.40 58.07
C GLY A 382 -39.36 26.40 57.27
N ASP A 383 -40.25 27.11 57.98
CA ASP A 383 -41.14 28.05 57.34
C ASP A 383 -40.42 29.38 57.08
N ILE A 384 -40.49 29.84 55.83
CA ILE A 384 -40.03 31.17 55.45
C ILE A 384 -41.09 31.82 54.59
N ASN A 385 -41.10 33.14 54.58
CA ASN A 385 -41.94 33.89 53.64
C ASN A 385 -41.26 33.84 52.29
N GLU A 386 -41.80 33.01 51.38
CA GLU A 386 -41.12 32.75 50.12
C GLU A 386 -40.96 34.00 49.28
N GLU A 387 -41.99 34.85 49.24
CA GLU A 387 -41.90 36.06 48.41
C GLU A 387 -40.83 37.01 48.92
N THR A 388 -40.81 37.25 50.24
CA THR A 388 -39.82 38.15 50.82
C THR A 388 -38.40 37.59 50.67
N PHE A 389 -38.25 36.28 50.87
CA PHE A 389 -36.95 35.65 50.67
C PHE A 389 -36.50 35.80 49.24
N ASN A 390 -37.43 35.67 48.27
CA ASN A 390 -37.06 35.87 46.89
C ASN A 390 -36.60 37.30 46.63
N GLU A 391 -37.19 38.26 47.35
CA GLU A 391 -36.73 39.64 47.24
C GLU A 391 -35.30 39.79 47.72
N ALA A 392 -34.98 39.24 48.90
CA ALA A 392 -33.60 39.25 49.37
C ALA A 392 -32.67 38.54 48.39
N TYR A 393 -33.15 37.45 47.81
CA TYR A 393 -32.35 36.68 46.87
C TYR A 393 -31.99 37.48 45.62
N MET A 394 -32.99 38.10 44.98
CA MET A 394 -32.72 38.83 43.76
C MET A 394 -32.01 40.15 44.04
N MET A 395 -32.05 40.63 45.29
CA MET A 395 -31.27 41.82 45.63
C MET A 395 -29.78 41.58 45.54
N HIS A 396 -29.32 40.34 45.56
CA HIS A 396 -27.89 40.04 45.52
C HIS A 396 -27.49 39.19 44.33
N THR A 397 -28.43 38.80 43.49
CA THR A 397 -28.14 37.98 42.32
C THR A 397 -28.11 38.87 41.08
N SER A 398 -27.10 38.66 40.25
CA SER A 398 -27.00 39.42 39.00
C SER A 398 -28.18 39.07 38.09
N THR A 399 -28.60 40.05 37.29
CA THR A 399 -29.62 39.81 36.29
C THR A 399 -29.11 38.98 35.12
N SER A 400 -27.81 38.71 35.06
CA SER A 400 -27.21 37.92 33.99
CA SER A 400 -27.21 37.93 33.98
C SER A 400 -26.35 36.82 34.59
N PRO A 401 -26.98 35.83 35.21
CA PRO A 401 -26.21 34.75 35.84
C PRO A 401 -25.44 33.93 34.81
N HIS A 402 -24.27 33.47 35.23
CA HIS A 402 -23.41 32.62 34.41
C HIS A 402 -23.99 31.20 34.41
N TYR A 403 -24.45 30.75 33.24
CA TYR A 403 -25.15 29.47 33.17
C TYR A 403 -24.21 28.29 33.43
N GLY A 404 -22.92 28.44 33.12
CA GLY A 404 -21.98 27.39 33.43
C GLY A 404 -21.86 27.14 34.93
N ILE A 405 -21.83 28.21 35.72
CA ILE A 405 -21.77 28.10 37.17
C ILE A 405 -23.02 27.39 37.70
N VAL A 406 -24.19 27.80 37.18
CA VAL A 406 -25.46 27.21 37.61
C VAL A 406 -25.50 25.72 37.29
N ALA A 407 -25.12 25.38 36.06
CA ALA A 407 -25.09 23.99 35.64
C ALA A 407 -24.10 23.18 36.45
N SER A 408 -22.96 23.79 36.82
CA SER A 408 -21.98 23.09 37.65
C SER A 408 -22.54 22.79 39.03
N THR A 409 -23.33 23.71 39.59
CA THR A 409 -23.99 23.44 40.87
C THR A 409 -24.94 22.24 40.75
N GLU A 410 -25.79 22.26 39.72
CA GLU A 410 -26.71 21.14 39.52
C GLU A 410 -25.97 19.83 39.29
N THR A 411 -24.87 19.89 38.53
CA THR A 411 -24.08 18.70 38.21
C THR A 411 -23.36 18.15 39.44
N ALA A 412 -22.91 19.03 40.35
CA ALA A 412 -22.35 18.53 41.61
C ALA A 412 -23.42 17.76 42.39
N ALA A 413 -24.63 18.31 42.45
CA ALA A 413 -25.73 17.57 43.06
C ALA A 413 -25.91 16.20 42.40
N ALA A 414 -25.87 16.16 41.07
CA ALA A 414 -26.07 14.91 40.35
C ALA A 414 -24.94 13.91 40.61
N MET A 415 -23.69 14.39 40.64
CA MET A 415 -22.58 13.50 40.93
C MET A 415 -22.71 12.90 42.32
N MET A 416 -23.36 13.61 43.24
CA MET A 416 -23.50 13.08 44.58
C MET A 416 -24.42 11.87 44.67
N LYS A 417 -25.19 11.55 43.63
CA LYS A 417 -26.26 10.57 43.72
C LYS A 417 -25.82 9.18 43.30
N GLY A 418 -26.49 8.17 43.84
CA GLY A 418 -26.31 6.79 43.40
C GLY A 418 -25.10 6.09 44.02
N ASN A 419 -24.91 4.86 43.56
CA ASN A 419 -23.77 4.06 44.01
C ASN A 419 -22.45 4.71 43.60
N ALA A 420 -22.40 5.32 42.42
CA ALA A 420 -21.18 5.99 41.98
C ALA A 420 -20.82 7.14 42.92
N GLY A 421 -21.79 7.97 43.29
CA GLY A 421 -21.51 9.05 44.21
C GLY A 421 -21.17 8.57 45.60
N LYS A 422 -21.87 7.53 46.07
CA LYS A 422 -21.56 6.97 47.37
C LYS A 422 -20.12 6.45 47.40
N ARG A 423 -19.70 5.79 46.33
CA ARG A 423 -18.32 5.33 46.21
C ARG A 423 -17.35 6.51 46.18
N LEU A 424 -17.73 7.60 45.52
CA LEU A 424 -16.88 8.79 45.49
C LEU A 424 -16.59 9.30 46.90
N ILE A 425 -17.64 9.53 47.68
CA ILE A 425 -17.45 10.07 49.04
C ILE A 425 -16.73 9.07 49.93
N ASN A 426 -17.17 7.81 49.90
CA ASN A 426 -16.55 6.80 50.76
C ASN A 426 -15.07 6.64 50.41
N GLY A 427 -14.74 6.66 49.12
CA GLY A 427 -13.36 6.56 48.71
C GLY A 427 -12.53 7.73 49.17
N SER A 428 -13.10 8.94 49.14
CA SER A 428 -12.37 10.09 49.67
C SER A 428 -12.08 9.91 51.16
N ILE A 429 -13.07 9.46 51.93
CA ILE A 429 -12.86 9.31 53.37
C ILE A 429 -11.83 8.22 53.64
N GLU A 430 -11.92 7.09 52.94
CA GLU A 430 -10.96 5.99 53.14
C GLU A 430 -9.56 6.41 52.72
N ARG A 431 -9.43 7.16 51.61
CA ARG A 431 -8.13 7.65 51.17
C ARG A 431 -7.52 8.57 52.21
N ALA A 432 -8.32 9.49 52.77
CA ALA A 432 -7.81 10.37 53.81
C ALA A 432 -7.35 9.59 55.04
N ILE A 433 -8.12 8.58 55.45
CA ILE A 433 -7.75 7.81 56.62
C ILE A 433 -6.48 6.99 56.36
N ARG A 434 -6.35 6.44 55.16
CA ARG A 434 -5.13 5.70 54.82
C ARG A 434 -3.92 6.62 54.86
N PHE A 435 -4.07 7.85 54.36
CA PHE A 435 -2.98 8.81 54.42
C PHE A 435 -2.62 9.16 55.87
N ARG A 436 -3.64 9.32 56.72
CA ARG A 436 -3.39 9.63 58.13
C ARG A 436 -2.60 8.50 58.80
N LYS A 437 -3.04 7.26 58.58
CA LYS A 437 -2.35 6.12 59.17
C LYS A 437 -0.92 6.03 58.65
N GLU A 438 -0.72 6.31 57.36
CA GLU A 438 0.63 6.25 56.80
C GLU A 438 1.52 7.34 57.39
N ILE A 439 0.98 8.53 57.62
CA ILE A 439 1.77 9.58 58.26
C ILE A 439 2.21 9.13 59.65
N LYS A 440 1.28 8.53 60.41
CA LYS A 440 1.63 8.01 61.73
C LYS A 440 2.73 6.96 61.64
N ARG A 441 2.59 6.03 60.69
CA ARG A 441 3.57 4.95 60.54
C ARG A 441 4.94 5.49 60.19
N LEU A 442 5.00 6.45 59.25
CA LEU A 442 6.28 7.05 58.88
C LEU A 442 6.90 7.80 60.04
N ASN A 443 6.06 8.49 60.83
CA ASN A 443 6.57 9.18 62.01
C ASN A 443 7.20 8.20 62.99
N SER A 444 6.56 7.04 63.17
CA SER A 444 7.13 6.01 64.03
C SER A 444 8.42 5.44 63.44
N GLU A 445 8.51 5.33 62.12
CA GLU A 445 9.69 4.75 61.48
C GLU A 445 10.89 5.69 61.50
N SER A 446 10.66 7.00 61.41
CA SER A 446 11.77 7.94 61.30
C SER A 446 12.59 7.97 62.58
N GLU A 447 13.92 7.98 62.41
CA GLU A 447 14.80 8.02 63.58
C GLU A 447 14.78 9.39 64.24
N GLY A 448 14.82 10.46 63.43
CA GLY A 448 14.71 11.80 63.91
C GLY A 448 13.30 12.35 63.80
N TRP A 449 13.20 13.65 63.63
CA TRP A 449 11.91 14.32 63.52
C TRP A 449 11.18 13.88 62.26
N PHE A 450 9.85 13.86 62.34
CA PHE A 450 9.02 13.67 61.16
C PHE A 450 7.72 14.42 61.35
N PHE A 451 7.03 14.66 60.23
CA PHE A 451 5.73 15.29 60.28
C PHE A 451 4.76 14.44 61.10
N ASP A 452 3.91 15.11 61.88
CA ASP A 452 2.84 14.47 62.61
C ASP A 452 1.51 14.94 62.07
N VAL A 453 0.47 14.19 62.37
CA VAL A 453 -0.89 14.52 61.94
C VAL A 453 -1.75 14.75 63.18
N TRP A 454 -2.47 15.86 63.18
CA TRP A 454 -3.29 16.29 64.31
C TRP A 454 -4.55 15.44 64.35
N GLN A 455 -4.56 14.40 65.19
CA GLN A 455 -5.64 13.42 65.22
C GLN A 455 -5.55 12.58 66.49
N PRO A 456 -6.57 11.79 66.81
CA PRO A 456 -6.45 10.86 67.95
C PRO A 456 -5.46 9.74 67.65
N GLU A 457 -5.16 8.98 68.70
CA GLU A 457 -4.10 7.96 68.61
C GLU A 457 -4.50 6.80 67.72
N GLY A 458 -5.55 6.08 68.08
CA GLY A 458 -5.82 4.79 67.48
C GLY A 458 -6.91 4.76 66.43
N ILE A 459 -6.91 5.72 65.50
CA ILE A 459 -7.96 5.78 64.49
C ILE A 459 -7.96 4.50 63.67
N ASP A 460 -9.11 3.83 63.63
CA ASP A 460 -9.25 2.61 62.84
C ASP A 460 -10.32 2.75 61.76
N GLU A 461 -11.57 3.00 62.15
CA GLU A 461 -12.68 2.97 61.21
C GLU A 461 -13.04 4.38 60.76
N ALA A 462 -13.75 4.45 59.65
CA ALA A 462 -14.16 5.74 59.10
C ALA A 462 -15.29 6.31 59.95
N LYS A 463 -15.00 7.44 60.61
CA LYS A 463 -15.98 8.16 61.40
C LYS A 463 -15.37 9.50 61.78
N CYS A 464 -16.22 10.38 62.29
CA CYS A 464 -15.77 11.65 62.84
C CYS A 464 -15.34 11.42 64.28
N TRP A 465 -14.09 11.73 64.59
CA TRP A 465 -13.52 11.39 65.89
C TRP A 465 -13.90 12.42 66.93
N PRO A 466 -14.56 12.03 68.01
CA PRO A 466 -14.93 13.01 69.05
C PRO A 466 -13.70 13.59 69.72
N LEU A 467 -13.84 14.82 70.18
CA LEU A 467 -12.79 15.49 70.95
C LEU A 467 -13.14 15.32 72.43
N ASP A 468 -12.37 14.48 73.12
CA ASP A 468 -12.64 14.14 74.50
C ASP A 468 -11.73 14.92 75.45
N SER A 469 -12.24 15.17 76.65
CA SER A 469 -11.46 15.88 77.66
C SER A 469 -10.23 15.06 78.08
N LYS A 470 -10.37 13.74 78.17
CA LYS A 470 -9.26 12.91 78.60
C LYS A 470 -8.12 12.93 77.59
N ASP A 471 -8.44 12.91 76.31
CA ASP A 471 -7.42 12.90 75.26
C ASP A 471 -6.89 14.31 75.03
N ASN A 472 -5.57 14.44 74.99
CA ASN A 472 -4.93 15.74 74.84
C ASN A 472 -4.37 15.98 73.44
N TRP A 473 -4.68 15.11 72.48
CA TRP A 473 -4.17 15.31 71.13
C TRP A 473 -4.67 16.63 70.54
N HIS A 474 -5.91 17.01 70.86
CA HIS A 474 -6.50 18.20 70.23
C HIS A 474 -5.93 19.49 70.81
N GLY A 475 -5.46 19.47 72.06
CA GLY A 475 -4.85 20.64 72.64
C GLY A 475 -5.81 21.68 73.17
N PHE A 476 -7.10 21.38 73.24
CA PHE A 476 -8.08 22.30 73.78
C PHE A 476 -8.31 21.96 75.25
N LYS A 477 -8.08 22.93 76.13
CA LYS A 477 -8.27 22.70 77.54
C LYS A 477 -9.76 22.66 77.89
N ASP A 478 -10.10 21.83 78.87
CA ASP A 478 -11.44 21.67 79.44
C ASP A 478 -12.54 21.73 78.37
N ILE A 479 -12.44 20.83 77.41
CA ILE A 479 -13.41 20.76 76.33
C ILE A 479 -14.63 19.97 76.78
N ASP A 480 -15.79 20.37 76.27
CA ASP A 480 -17.02 19.64 76.54
C ASP A 480 -17.04 18.32 75.79
N ASN A 481 -17.78 17.36 76.33
CA ASN A 481 -17.89 16.05 75.71
C ASN A 481 -19.04 16.00 74.71
N ASP A 482 -18.88 15.16 73.69
CA ASP A 482 -19.90 14.96 72.66
C ASP A 482 -20.27 16.28 71.99
N HIS A 483 -19.31 17.20 71.89
CA HIS A 483 -19.54 18.52 71.34
C HIS A 483 -18.87 18.70 69.98
N MET A 484 -17.55 18.52 69.91
CA MET A 484 -16.82 18.70 68.68
C MET A 484 -16.23 17.39 68.17
N TYR A 485 -16.18 17.28 66.85
CA TYR A 485 -15.70 16.09 66.17
C TYR A 485 -14.76 16.51 65.06
N LEU A 486 -13.84 15.62 64.70
CA LEU A 486 -12.86 15.90 63.65
C LEU A 486 -13.28 15.27 62.34
N ASP A 487 -13.32 16.06 61.29
CA ASP A 487 -13.63 15.57 59.95
C ASP A 487 -12.41 14.88 59.37
N PRO A 488 -12.49 13.59 59.02
CA PRO A 488 -11.31 12.90 58.46
C PRO A 488 -10.79 13.52 57.18
N ILE A 489 -11.63 14.22 56.43
CA ILE A 489 -11.24 14.79 55.14
C ILE A 489 -10.22 15.90 55.32
N LYS A 490 -10.29 16.66 56.42
CA LYS A 490 -9.40 17.81 56.63
C LYS A 490 -8.16 17.35 57.39
N VAL A 491 -7.05 17.14 56.67
CA VAL A 491 -5.85 16.56 57.24
C VAL A 491 -4.90 17.70 57.62
N THR A 492 -4.61 17.83 58.92
CA THR A 492 -3.67 18.83 59.40
C THR A 492 -2.36 18.15 59.78
N LEU A 493 -1.30 18.49 59.05
CA LEU A 493 0.04 18.04 59.38
C LEU A 493 0.72 19.04 60.28
N LEU A 494 1.46 18.54 61.26
CA LEU A 494 2.17 19.36 62.23
C LEU A 494 3.67 19.22 62.04
N THR A 495 4.35 20.34 61.94
CA THR A 495 5.81 20.37 61.93
C THR A 495 6.33 20.43 63.35
N PRO A 496 7.55 19.95 63.60
CA PRO A 496 8.14 20.09 64.93
C PRO A 496 8.38 21.54 65.29
N GLY A 497 8.29 21.83 66.60
CA GLY A 497 8.49 23.18 67.08
C GLY A 497 7.60 23.50 68.26
N MET A 498 6.66 22.60 68.56
CA MET A 498 5.71 22.80 69.64
C MET A 498 5.69 21.55 70.52
N GLN A 499 5.75 21.76 71.83
CA GLN A 499 5.71 20.64 72.76
C GLN A 499 4.27 20.19 72.97
N LYS A 500 4.12 19.00 73.57
CA LYS A 500 2.81 18.42 73.80
C LYS A 500 2.03 19.11 74.90
N ASP A 501 2.69 19.93 75.73
CA ASP A 501 2.02 20.64 76.81
C ASP A 501 1.56 22.03 76.41
N GLY A 502 1.77 22.43 75.16
CA GLY A 502 1.38 23.75 74.70
C GLY A 502 2.45 24.80 74.75
N SER A 503 3.70 24.43 74.95
CA SER A 503 4.82 25.36 75.00
C SER A 503 5.73 25.16 73.79
N MET A 504 6.47 26.20 73.45
CA MET A 504 7.39 26.14 72.33
C MET A 504 8.56 25.21 72.64
N ALA A 505 9.24 24.77 71.58
CA ALA A 505 10.39 23.89 71.69
C ALA A 505 11.65 24.61 71.25
N ASP A 506 12.79 24.07 71.66
CA ASP A 506 14.07 24.70 71.36
C ASP A 506 14.31 24.80 69.86
N THR A 507 14.02 23.73 69.13
CA THR A 507 14.18 23.68 67.69
C THR A 507 12.83 23.42 67.04
N GLY A 508 12.65 23.97 65.84
CA GLY A 508 11.41 23.77 65.12
C GLY A 508 11.52 24.25 63.69
N ILE A 509 10.65 23.71 62.85
CA ILE A 509 10.63 24.05 61.43
C ILE A 509 9.31 24.75 61.12
N PRO A 510 9.33 26.04 60.82
CA PRO A 510 8.07 26.75 60.51
C PRO A 510 7.42 26.18 59.26
N ALA A 511 6.10 26.00 59.32
CA ALA A 511 5.37 25.35 58.22
C ALA A 511 5.37 26.18 56.95
N SER A 512 5.67 27.47 57.03
CA SER A 512 5.76 28.29 55.83
C SER A 512 6.89 27.79 54.92
N ILE A 513 8.00 27.38 55.52
CA ILE A 513 9.12 26.87 54.73
C ILE A 513 8.72 25.59 54.01
N VAL A 514 8.05 24.67 54.71
CA VAL A 514 7.60 23.43 54.09
C VAL A 514 6.60 23.73 52.98
N SER A 515 5.71 24.69 53.20
CA SER A 515 4.74 25.08 52.18
C SER A 515 5.44 25.63 50.93
N LYS A 516 6.44 26.48 51.13
CA LYS A 516 7.20 26.99 50.00
C LYS A 516 7.89 25.86 49.25
N TYR A 517 8.47 24.91 49.97
CA TYR A 517 9.11 23.77 49.33
C TYR A 517 8.10 22.96 48.51
N LEU A 518 6.93 22.68 49.09
CA LEU A 518 5.93 21.92 48.38
C LEU A 518 5.46 22.65 47.13
N ASP A 519 5.31 23.97 47.23
CA ASP A 519 4.96 24.76 46.05
C ASP A 519 6.04 24.68 44.99
N GLU A 520 7.31 24.70 45.39
CA GLU A 520 8.40 24.54 44.43
C GLU A 520 8.26 23.22 43.68
N HIS A 521 7.76 22.17 44.33
CA HIS A 521 7.62 20.86 43.73
C HIS A 521 6.18 20.55 43.33
N GLY A 522 5.42 21.57 42.94
CA GLY A 522 4.14 21.36 42.29
C GLY A 522 3.02 20.89 43.19
N ILE A 523 3.08 21.18 44.49
CA ILE A 523 2.03 20.81 45.43
C ILE A 523 1.58 22.06 46.16
N ILE A 524 0.31 22.43 46.01
CA ILE A 524 -0.29 23.59 46.66
C ILE A 524 -1.06 23.11 47.88
N VAL A 525 -0.72 23.63 49.04
CA VAL A 525 -1.46 23.36 50.26
C VAL A 525 -2.61 24.36 50.35
N GLU A 526 -3.60 24.02 51.18
CA GLU A 526 -4.75 24.91 51.36
C GLU A 526 -4.43 26.06 52.31
N LYS A 527 -3.92 25.75 53.49
CA LYS A 527 -3.65 26.77 54.51
C LYS A 527 -2.39 26.40 55.27
N THR A 528 -1.58 27.42 55.59
CA THR A 528 -0.34 27.22 56.34
C THR A 528 -0.35 28.10 57.58
N GLY A 529 -0.41 27.48 58.74
CA GLY A 529 -0.24 28.18 60.00
C GLY A 529 1.22 28.22 60.41
N PRO A 530 1.50 28.68 61.63
CA PRO A 530 2.91 28.74 62.08
C PRO A 530 3.61 27.38 62.09
N TYR A 531 2.91 26.33 62.51
CA TYR A 531 3.50 25.00 62.55
C TYR A 531 2.54 23.92 62.09
N ASN A 532 1.51 24.30 61.33
CA ASN A 532 0.54 23.35 60.81
C ASN A 532 0.25 23.68 59.36
N MET A 533 -0.04 22.63 58.59
CA MET A 533 -0.44 22.73 57.20
C MET A 533 -1.73 21.96 57.02
N LEU A 534 -2.62 22.48 56.18
CA LEU A 534 -3.92 21.88 55.94
C LEU A 534 -3.99 21.34 54.52
N PHE A 535 -4.37 20.06 54.41
CA PHE A 535 -4.56 19.40 53.13
C PHE A 535 -6.00 18.92 53.05
N LEU A 536 -6.70 19.32 51.98
CA LEU A 536 -8.08 18.90 51.76
C LEU A 536 -8.06 17.62 50.93
N PHE A 537 -8.50 16.53 51.53
CA PHE A 537 -8.58 15.25 50.83
C PHE A 537 -9.98 15.08 50.24
N SER A 538 -10.27 15.95 49.27
CA SER A 538 -11.59 16.00 48.65
C SER A 538 -11.77 14.87 47.64
N ILE A 539 -12.91 14.87 46.96
CA ILE A 539 -13.18 13.88 45.91
C ILE A 539 -12.30 14.08 44.70
N GLY A 540 -11.59 15.20 44.61
CA GLY A 540 -10.62 15.41 43.56
C GLY A 540 -9.22 14.90 43.84
N ILE A 541 -9.00 14.32 45.03
CA ILE A 541 -7.70 13.78 45.40
C ILE A 541 -7.72 12.28 45.11
N ASP A 542 -6.77 11.82 44.31
CA ASP A 542 -6.64 10.41 44.00
C ASP A 542 -5.36 9.87 44.64
N LYS A 543 -5.14 8.55 44.46
CA LYS A 543 -4.00 7.91 45.07
C LYS A 543 -2.68 8.47 44.53
N THR A 544 -2.65 8.80 43.24
CA THR A 544 -1.46 9.40 42.63
C THR A 544 -1.02 10.65 43.39
N LYS A 545 -1.97 11.54 43.67
CA LYS A 545 -1.65 12.78 44.37
C LYS A 545 -1.21 12.53 45.80
N ALA A 546 -1.86 11.58 46.49
CA ALA A 546 -1.48 11.27 47.87
C ALA A 546 -0.06 10.72 47.94
N LEU A 547 0.28 9.80 47.03
CA LEU A 547 1.64 9.27 47.00
C LEU A 547 2.64 10.35 46.63
N SER A 548 2.28 11.23 45.70
CA SER A 548 3.15 12.35 45.35
C SER A 548 3.42 13.24 46.57
N LEU A 549 2.39 13.49 47.38
CA LEU A 549 2.55 14.28 48.59
C LEU A 549 3.47 13.59 49.60
N LEU A 550 3.32 12.27 49.78
CA LEU A 550 4.22 11.54 50.65
C LEU A 550 5.66 11.65 50.17
N ARG A 551 5.88 11.50 48.85
CA ARG A 551 7.21 11.61 48.30
C ARG A 551 7.79 13.00 48.51
N ALA A 552 6.97 14.04 48.32
CA ALA A 552 7.45 15.41 48.51
C ALA A 552 7.81 15.68 49.97
N LEU A 553 7.00 15.19 50.91
CA LEU A 553 7.33 15.39 52.32
C LEU A 553 8.63 14.68 52.69
N THR A 554 8.80 13.45 52.22
CA THR A 554 10.03 12.72 52.50
C THR A 554 11.24 13.43 51.87
N ASP A 555 11.06 13.96 50.66
CA ASP A 555 12.13 14.71 50.01
C ASP A 555 12.49 15.96 50.80
N PHE A 556 11.48 16.66 51.34
CA PHE A 556 11.79 17.81 52.16
C PHE A 556 12.58 17.40 53.39
N LYS A 557 12.20 16.30 54.04
CA LYS A 557 12.92 15.88 55.23
C LYS A 557 14.37 15.55 54.89
N ARG A 558 14.59 14.84 53.79
CA ARG A 558 15.95 14.49 53.39
C ARG A 558 16.77 15.75 53.09
N SER A 559 16.18 16.69 52.35
CA SER A 559 16.90 17.91 52.01
C SER A 559 17.22 18.73 53.26
N TYR A 560 16.27 18.81 54.20
CA TYR A 560 16.51 19.56 55.43
C TYR A 560 17.59 18.92 56.28
N ASP A 561 17.56 17.59 56.41
CA ASP A 561 18.62 16.91 57.14
C ASP A 561 19.97 17.04 56.45
N LEU A 562 19.99 17.36 55.16
CA LEU A 562 21.22 17.60 54.42
C LEU A 562 21.70 19.04 54.53
N ASN A 563 20.92 19.93 55.13
CA ASN A 563 21.30 21.33 55.33
C ASN A 563 21.65 22.00 54.01
N LEU A 564 20.81 21.80 53.00
CA LEU A 564 21.05 22.38 51.69
C LEU A 564 20.92 23.89 51.73
N ARG A 565 21.43 24.53 50.69
CA ARG A 565 21.34 25.98 50.57
C ARG A 565 19.93 26.39 50.15
N VAL A 566 19.54 27.60 50.58
CA VAL A 566 18.25 28.15 50.19
C VAL A 566 18.20 28.36 48.69
N LYS A 567 19.33 28.76 48.10
CA LYS A 567 19.39 28.96 46.64
C LYS A 567 19.04 27.69 45.89
N ASN A 568 19.27 26.52 46.48
CA ASN A 568 18.97 25.26 45.82
C ASN A 568 17.59 24.74 46.20
N MET A 569 17.29 24.67 47.50
CA MET A 569 16.02 24.12 47.95
C MET A 569 14.85 25.02 47.55
N LEU A 570 15.01 26.34 47.67
CA LEU A 570 13.91 27.28 47.47
C LEU A 570 14.35 28.36 46.48
N PRO A 571 14.37 28.05 45.19
CA PRO A 571 14.81 29.04 44.19
C PRO A 571 13.98 30.32 44.17
N SER A 572 12.65 30.21 44.34
CA SER A 572 11.82 31.42 44.32
C SER A 572 12.11 32.32 45.52
N LEU A 573 12.31 31.73 46.69
CA LEU A 573 12.65 32.51 47.86
C LEU A 573 13.98 33.23 47.67
N TYR A 574 14.96 32.56 47.05
CA TYR A 574 16.21 33.23 46.71
C TYR A 574 15.98 34.37 45.72
N ARG A 575 15.12 34.15 44.73
CA ARG A 575 14.81 35.19 43.75
C ARG A 575 14.13 36.38 44.41
N GLU A 576 13.50 36.19 45.57
CA GLU A 576 12.92 37.32 46.28
C GLU A 576 13.99 38.32 46.70
N ASP A 577 15.13 37.82 47.20
CA ASP A 577 16.23 38.67 47.63
C ASP A 577 17.54 37.88 47.62
N PRO A 578 18.22 37.80 46.48
CA PRO A 578 19.47 37.02 46.43
C PRO A 578 20.51 37.50 47.42
N GLU A 579 20.59 38.81 47.66
CA GLU A 579 21.58 39.35 48.58
C GLU A 579 21.34 38.91 50.02
N PHE A 580 20.11 38.50 50.35
CA PHE A 580 19.80 38.06 51.70
C PHE A 580 19.96 36.56 51.88
N TYR A 581 19.62 35.77 50.86
CA TYR A 581 19.78 34.32 50.89
C TYR A 581 20.95 33.85 50.04
N GLU A 582 22.02 34.64 49.97
CA GLU A 582 23.12 34.31 49.06
C GLU A 582 23.77 32.99 49.43
N ASN A 583 23.95 32.72 50.73
CA ASN A 583 24.55 31.46 51.16
C ASN A 583 23.83 30.85 52.35
N MET A 584 22.60 31.30 52.64
CA MET A 584 21.87 30.78 53.78
C MET A 584 21.54 29.30 53.57
N ARG A 585 21.74 28.52 54.62
CA ARG A 585 21.29 27.13 54.63
C ARG A 585 19.83 27.05 55.07
N ILE A 586 19.18 25.93 54.72
CA ILE A 586 17.77 25.78 55.04
C ILE A 586 17.56 25.64 56.55
N GLN A 587 18.43 24.87 57.22
CA GLN A 587 18.32 24.75 58.67
C GLN A 587 18.47 26.09 59.35
N GLU A 588 19.35 26.94 58.82
CA GLU A 588 19.54 28.26 59.42
C GLU A 588 18.30 29.13 59.28
N LEU A 589 17.66 29.13 58.11
CA LEU A 589 16.43 29.89 57.96
C LEU A 589 15.33 29.36 58.87
N ALA A 590 15.21 28.03 58.97
CA ALA A 590 14.21 27.46 59.85
C ALA A 590 14.46 27.86 61.30
N GLN A 591 15.70 27.78 61.73
CA GLN A 591 16.04 28.12 63.12
C GLN A 591 15.86 29.61 63.38
N GLY A 592 16.16 30.47 62.40
CA GLY A 592 15.96 31.89 62.59
C GLY A 592 14.51 32.25 62.77
N ILE A 593 13.64 31.70 61.91
CA ILE A 593 12.22 31.98 62.05
C ILE A 593 11.67 31.39 63.35
N HIS A 594 12.12 30.17 63.70
CA HIS A 594 11.68 29.58 64.95
C HIS A 594 12.11 30.41 66.15
N ALA A 595 13.35 30.94 66.12
CA ALA A 595 13.85 31.75 67.22
C ALA A 595 13.08 33.06 67.31
N LEU A 596 12.75 33.67 66.18
CA LEU A 596 11.93 34.87 66.22
C LEU A 596 10.55 34.59 66.82
N ILE A 597 9.94 33.47 66.41
CA ILE A 597 8.63 33.10 66.95
C ILE A 597 8.72 32.89 68.45
N GLN A 598 9.76 32.19 68.90
CA GLN A 598 9.92 31.91 70.33
C GLN A 598 10.16 33.18 71.13
N HIS A 599 11.10 34.01 70.67
CA HIS A 599 11.46 35.22 71.41
C HIS A 599 10.29 36.20 71.46
N HIS A 600 9.57 36.36 70.36
CA HIS A 600 8.37 37.19 70.38
C HIS A 600 7.20 36.50 71.07
N ASN A 601 7.33 35.21 71.39
CA ASN A 601 6.28 34.42 72.04
C ASN A 601 4.99 34.46 71.23
N LEU A 602 5.08 33.95 69.99
CA LEU A 602 3.93 33.96 69.10
C LEU A 602 2.74 33.19 69.63
N PRO A 603 2.87 31.93 70.07
CA PRO A 603 1.65 31.20 70.49
C PRO A 603 0.94 31.83 71.66
N ASP A 604 1.66 32.18 72.72
CA ASP A 604 1.03 32.75 73.91
C ASP A 604 0.37 34.09 73.59
N LEU A 605 1.08 34.95 72.84
CA LEU A 605 0.53 36.24 72.47
C LEU A 605 -0.71 36.09 71.61
N MET A 606 -0.68 35.17 70.64
CA MET A 606 -1.84 34.92 69.80
C MET A 606 -3.03 34.45 70.63
N TYR A 607 -2.79 33.49 71.52
CA TYR A 607 -3.87 32.94 72.32
C TYR A 607 -4.48 33.99 73.23
N ARG A 608 -3.64 34.82 73.86
CA ARG A 608 -4.15 35.85 74.75
C ARG A 608 -4.83 36.98 73.98
N ALA A 609 -4.37 37.28 72.77
CA ALA A 609 -5.01 38.30 71.95
C ALA A 609 -6.39 37.86 71.49
N PHE A 610 -6.55 36.59 71.14
CA PHE A 610 -7.86 36.13 70.68
C PHE A 610 -8.75 35.63 71.82
N GLU A 611 -8.22 35.51 73.04
CA GLU A 611 -9.07 35.18 74.18
C GLU A 611 -9.93 36.35 74.62
N VAL A 612 -9.35 37.55 74.67
CA VAL A 612 -10.04 38.75 75.13
C VAL A 612 -10.69 39.43 73.93
N LEU A 613 -11.79 40.15 74.18
CA LEU A 613 -12.54 40.79 73.12
C LEU A 613 -12.48 42.30 73.25
N PRO A 614 -12.18 43.02 72.17
CA PRO A 614 -12.21 44.49 72.23
C PRO A 614 -13.63 44.98 72.49
N THR A 615 -13.72 46.13 73.16
CA THR A 615 -15.02 46.72 73.43
C THR A 615 -15.66 47.22 72.14
N MET A 616 -16.98 47.15 72.09
CA MET A 616 -17.77 47.62 70.97
C MET A 616 -18.35 48.98 71.33
N VAL A 617 -17.72 50.04 70.85
CA VAL A 617 -18.27 51.39 71.03
C VAL A 617 -19.50 51.57 70.14
N MET A 618 -19.41 51.12 68.89
CA MET A 618 -20.52 51.20 67.96
C MET A 618 -20.51 49.96 67.07
N ASN A 619 -21.67 49.64 66.50
CA ASN A 619 -21.77 48.48 65.65
C ASN A 619 -21.05 48.74 64.32
N PRO A 620 -20.71 47.69 63.58
CA PRO A 620 -19.95 47.88 62.33
C PRO A 620 -20.64 48.79 61.33
N HIS A 621 -21.97 48.82 61.31
CA HIS A 621 -22.68 49.70 60.38
C HIS A 621 -22.37 51.16 60.65
N ALA A 622 -22.39 51.56 61.92
CA ALA A 622 -22.09 52.95 62.27
C ALA A 622 -20.65 53.30 61.90
N ALA A 623 -19.71 52.39 62.16
CA ALA A 623 -18.31 52.66 61.83
C ALA A 623 -18.12 52.81 60.33
N PHE A 624 -18.74 51.94 59.53
CA PHE A 624 -18.60 52.04 58.09
C PHE A 624 -19.28 53.28 57.54
N GLN A 625 -20.42 53.68 58.11
CA GLN A 625 -21.04 54.94 57.71
C GLN A 625 -20.12 56.11 58.00
N MET A 626 -19.48 56.11 59.18
CA MET A 626 -18.55 57.18 59.52
C MET A 626 -17.35 57.19 58.57
N GLU A 627 -16.85 56.01 58.19
CA GLU A 627 -15.76 55.94 57.23
C GLU A 627 -16.19 56.46 55.86
N LEU A 628 -17.42 56.16 55.46
CA LEU A 628 -17.95 56.68 54.20
C LEU A 628 -18.04 58.21 54.23
N ARG A 629 -18.47 58.77 55.36
CA ARG A 629 -18.57 60.21 55.50
C ARG A 629 -17.23 60.89 55.65
N GLY A 630 -16.13 60.15 55.61
CA GLY A 630 -14.81 60.73 55.71
C GLY A 630 -14.31 61.02 57.10
N GLN A 631 -15.05 60.61 58.14
CA GLN A 631 -14.67 60.95 59.51
C GLN A 631 -13.66 59.97 60.07
N THR A 632 -12.58 59.72 59.33
CA THR A 632 -11.57 58.76 59.75
C THR A 632 -10.19 59.30 59.45
N GLU A 633 -9.20 58.77 60.16
CA GLU A 633 -7.80 59.13 59.96
C GLU A 633 -6.93 57.88 60.08
N GLU A 634 -5.75 57.95 59.49
CA GLU A 634 -4.80 56.85 59.50
C GLU A 634 -3.77 57.08 60.60
N VAL A 635 -3.69 56.15 61.54
CA VAL A 635 -2.75 56.25 62.65
C VAL A 635 -1.96 54.95 62.76
N TYR A 636 -0.78 55.04 63.36
CA TYR A 636 0.05 53.86 63.55
C TYR A 636 -0.53 52.99 64.65
N LEU A 637 -0.05 51.73 64.69
CA LEU A 637 -0.57 50.77 65.66
C LEU A 637 -0.39 51.26 67.09
N GLU A 638 0.65 52.06 67.35
CA GLU A 638 0.95 52.50 68.71
C GLU A 638 -0.21 53.28 69.31
N GLU A 639 -0.85 54.14 68.51
CA GLU A 639 -1.98 54.92 68.98
C GLU A 639 -3.31 54.17 68.87
N MET A 640 -3.27 52.84 68.80
CA MET A 640 -4.51 52.08 68.63
C MET A 640 -5.42 52.20 69.85
N ILE A 641 -4.84 52.23 71.04
CA ILE A 641 -5.66 52.27 72.26
C ILE A 641 -6.44 53.56 72.31
N GLY A 642 -7.74 53.44 72.63
CA GLY A 642 -8.61 54.59 72.70
C GLY A 642 -9.20 55.04 71.38
N LYS A 643 -8.84 54.38 70.28
CA LYS A 643 -9.33 54.75 68.96
C LYS A 643 -10.25 53.65 68.44
N VAL A 644 -11.42 54.06 67.99
CA VAL A 644 -12.40 53.13 67.45
C VAL A 644 -11.98 52.73 66.04
N ASN A 645 -11.81 51.44 65.83
CA ASN A 645 -11.41 50.93 64.52
C ASN A 645 -12.53 51.11 63.50
N ALA A 646 -12.15 51.53 62.30
CA ALA A 646 -13.10 51.70 61.22
C ALA A 646 -13.18 50.47 60.32
N ASN A 647 -12.16 49.61 60.36
CA ASN A 647 -12.03 48.50 59.45
C ASN A 647 -11.86 47.20 60.22
N MET A 648 -12.35 46.11 59.64
CA MET A 648 -12.10 44.80 60.23
C MET A 648 -10.62 44.46 60.09
N ILE A 649 -9.94 44.35 61.23
CA ILE A 649 -8.55 43.92 61.29
C ILE A 649 -8.54 42.40 61.36
N LEU A 650 -7.95 41.78 60.34
CA LEU A 650 -7.97 40.34 60.12
C LEU A 650 -6.53 39.85 59.92
N PRO A 651 -5.80 39.55 60.99
CA PRO A 651 -4.47 38.97 60.82
C PRO A 651 -4.52 37.57 60.22
N TYR A 652 -3.97 37.43 59.04
CA TYR A 652 -4.04 36.17 58.30
C TYR A 652 -3.15 35.04 58.85
N PRO A 653 -2.01 35.33 59.48
CA PRO A 653 -1.24 34.24 60.11
C PRO A 653 -2.07 33.47 61.13
N PRO A 654 -2.95 34.13 61.92
CA PRO A 654 -4.00 33.37 62.59
C PRO A 654 -5.17 33.07 61.67
N GLY A 655 -5.49 34.01 60.78
CA GLY A 655 -6.50 33.81 59.77
C GLY A 655 -7.92 34.17 60.17
N VAL A 656 -8.16 34.51 61.43
CA VAL A 656 -9.52 34.80 61.89
C VAL A 656 -9.61 36.26 62.30
N PRO A 657 -10.75 36.92 62.06
CA PRO A 657 -10.83 38.36 62.32
C PRO A 657 -10.57 38.68 63.79
N LEU A 658 -9.74 39.69 64.02
CA LEU A 658 -9.34 40.07 65.36
C LEU A 658 -10.04 41.32 65.86
N VAL A 659 -10.26 42.31 65.00
CA VAL A 659 -10.95 43.53 65.38
C VAL A 659 -12.09 43.76 64.40
N MET A 660 -13.24 44.09 64.93
CA MET A 660 -14.38 44.42 64.07
C MET A 660 -14.46 45.93 63.89
N PRO A 661 -15.05 46.39 62.80
CA PRO A 661 -15.31 47.84 62.66
C PRO A 661 -16.20 48.32 63.80
N GLY A 662 -15.83 49.45 64.38
CA GLY A 662 -16.51 49.95 65.56
C GLY A 662 -16.01 49.42 66.89
N GLU A 663 -14.92 48.66 66.89
CA GLU A 663 -14.35 48.11 68.11
C GLU A 663 -13.10 48.88 68.50
N MET A 664 -12.84 48.94 69.81
CA MET A 664 -11.74 49.73 70.36
C MET A 664 -10.92 48.85 71.30
N LEU A 665 -9.61 49.03 71.26
CA LEU A 665 -8.72 48.35 72.18
C LEU A 665 -8.55 49.17 73.45
N THR A 666 -8.48 48.49 74.59
CA THR A 666 -8.33 49.16 75.86
C THR A 666 -7.21 48.52 76.68
N GLU A 667 -7.07 48.92 77.94
CA GLU A 667 -6.03 48.35 78.80
C GLU A 667 -6.24 46.86 78.98
N GLU A 668 -7.51 46.43 79.17
CA GLU A 668 -7.78 45.01 79.27
C GLU A 668 -7.48 44.28 77.96
N SER A 669 -7.85 44.89 76.83
CA SER A 669 -7.58 44.32 75.52
C SER A 669 -6.23 44.73 74.96
N ARG A 670 -5.33 45.20 75.82
CA ARG A 670 -3.98 45.57 75.38
C ARG A 670 -3.22 44.46 74.66
N PRO A 671 -3.26 43.19 75.09
CA PRO A 671 -2.47 42.17 74.37
C PRO A 671 -2.77 42.09 72.89
N VAL A 672 -4.04 42.28 72.50
CA VAL A 672 -4.40 42.28 71.08
C VAL A 672 -3.45 43.17 70.29
N LEU A 673 -3.43 44.47 70.64
CA LEU A 673 -2.53 45.39 69.97
C LEU A 673 -1.10 44.88 70.00
N GLU A 674 -0.64 44.44 71.18
CA GLU A 674 0.72 43.93 71.30
C GLU A 674 0.99 42.87 70.24
N PHE A 675 0.08 41.89 70.15
CA PHE A 675 0.24 40.82 69.18
C PHE A 675 0.43 41.40 67.79
N LEU A 676 -0.44 42.34 67.40
CA LEU A 676 -0.34 42.95 66.08
C LEU A 676 1.04 43.54 65.88
N GLN A 677 1.52 44.32 66.85
CA GLN A 677 2.83 44.94 66.71
C GLN A 677 3.89 43.90 66.44
N MET A 678 3.84 42.79 67.17
CA MET A 678 4.86 41.76 67.01
C MET A 678 4.86 41.22 65.59
N LEU A 679 3.66 41.01 65.03
CA LEU A 679 3.57 40.56 63.64
C LEU A 679 4.39 41.47 62.73
N CYS A 680 4.21 42.79 62.88
CA CYS A 680 4.93 43.74 62.04
C CYS A 680 6.43 43.50 62.12
N GLU A 681 6.94 43.27 63.34
CA GLU A 681 8.37 43.04 63.50
C GLU A 681 8.83 41.85 62.68
N ILE A 682 8.10 40.74 62.77
CA ILE A 682 8.46 39.57 61.98
C ILE A 682 8.44 39.91 60.49
N GLY A 683 7.46 40.72 60.09
CA GLY A 683 7.39 41.12 58.69
C GLY A 683 8.66 41.79 58.21
N ALA A 684 9.30 42.57 59.07
CA ALA A 684 10.58 43.18 58.70
C ALA A 684 11.76 42.33 59.14
N HIS A 685 11.71 41.03 58.83
CA HIS A 685 12.85 40.16 59.09
C HIS A 685 13.18 39.20 57.96
N TYR A 686 12.25 38.87 57.07
CA TYR A 686 12.52 37.94 55.98
C TYR A 686 11.72 38.35 54.75
N PRO A 687 12.39 38.69 53.65
CA PRO A 687 11.67 39.29 52.50
C PRO A 687 10.55 38.43 51.94
N GLY A 688 10.73 37.10 51.91
CA GLY A 688 9.71 36.24 51.35
C GLY A 688 8.65 35.83 52.35
N PHE A 689 8.97 35.95 53.63
CA PHE A 689 8.05 35.57 54.71
C PHE A 689 7.39 36.82 55.25
N GLU A 690 6.42 37.32 54.48
CA GLU A 690 5.72 38.53 54.86
C GLU A 690 4.63 38.23 55.87
N THR A 691 4.20 39.27 56.57
CA THR A 691 3.10 39.19 57.52
C THR A 691 1.90 39.96 56.96
N ASP A 692 0.75 39.30 56.89
CA ASP A 692 -0.46 39.88 56.33
C ASP A 692 -1.37 40.34 57.45
N ILE A 693 -1.65 41.64 57.49
CA ILE A 693 -2.60 42.21 58.44
C ILE A 693 -3.69 42.86 57.59
N HIS A 694 -4.73 42.10 57.29
CA HIS A 694 -5.83 42.60 56.48
C HIS A 694 -6.58 43.71 57.21
N GLY A 695 -6.93 44.76 56.49
CA GLY A 695 -7.52 45.94 57.06
C GLY A 695 -6.50 46.98 57.50
N ALA A 696 -5.24 46.60 57.64
CA ALA A 696 -4.16 47.53 57.89
C ALA A 696 -3.33 47.67 56.62
N TYR A 697 -2.75 48.84 56.43
CA TYR A 697 -2.06 49.19 55.20
C TYR A 697 -0.57 49.33 55.46
N ARG A 698 0.23 48.58 54.70
CA ARG A 698 1.68 48.58 54.87
C ARG A 698 2.26 49.84 54.25
N GLN A 699 2.72 50.76 55.09
CA GLN A 699 3.28 52.02 54.64
C GLN A 699 4.78 51.87 54.39
N ASP A 700 5.39 52.93 53.89
CA ASP A 700 6.83 52.94 53.68
C ASP A 700 7.55 52.99 55.03
N GLY A 701 8.55 52.15 55.19
CA GLY A 701 9.28 52.04 56.44
C GLY A 701 8.99 50.80 57.26
N ALA A 702 8.37 49.78 56.67
CA ALA A 702 8.06 48.53 57.36
C ALA A 702 7.16 48.77 58.58
N ARG A 703 6.11 49.55 58.38
CA ARG A 703 5.15 49.87 59.42
C ARG A 703 3.73 49.71 58.89
N TYR A 704 2.79 49.53 59.80
CA TYR A 704 1.39 49.37 59.46
C TYR A 704 0.57 50.50 60.08
N THR A 705 -0.35 51.03 59.30
CA THR A 705 -1.30 52.05 59.75
C THR A 705 -2.71 51.51 59.62
N VAL A 706 -3.60 51.99 60.49
CA VAL A 706 -5.00 51.59 60.45
C VAL A 706 -5.87 52.85 60.47
N LYS A 707 -7.06 52.72 59.89
CA LYS A 707 -8.03 53.79 59.90
C LYS A 707 -8.87 53.73 61.16
N VAL A 708 -9.06 54.88 61.80
CA VAL A 708 -9.87 54.98 63.01
C VAL A 708 -10.79 56.18 62.89
N ILE A 709 -11.86 56.17 63.68
CA ILE A 709 -12.82 57.25 63.65
C ILE A 709 -12.20 58.52 64.21
N LYS A 710 -12.60 59.67 63.67
CA LYS A 710 -12.15 60.97 64.15
C LYS A 710 -12.53 61.18 65.60
N MET B 1 19.48 10.53 25.36
CA MET B 1 19.01 10.35 26.73
C MET B 1 17.48 10.33 26.71
N ASN B 2 16.94 9.41 25.89
CA ASN B 2 15.52 9.37 25.63
C ASN B 2 14.95 7.95 25.57
N ILE B 3 15.59 6.99 26.23
CA ILE B 3 15.14 5.60 26.23
C ILE B 3 14.35 5.35 27.50
N ILE B 4 13.11 4.91 27.35
CA ILE B 4 12.23 4.55 28.46
C ILE B 4 11.98 3.06 28.40
N ALA B 5 12.20 2.37 29.52
CA ALA B 5 11.98 0.93 29.62
C ALA B 5 10.63 0.67 30.26
N ILE B 6 9.82 -0.16 29.60
CA ILE B 6 8.55 -0.64 30.15
C ILE B 6 8.71 -2.12 30.43
N LEU B 7 8.49 -2.53 31.68
CA LEU B 7 8.93 -3.86 32.09
C LEU B 7 8.01 -4.96 31.58
N ASN B 8 6.74 -4.97 31.98
CA ASN B 8 5.95 -6.19 31.84
C ASN B 8 4.67 -5.99 31.04
N HIS B 9 4.13 -7.11 30.58
CA HIS B 9 2.80 -7.19 29.98
C HIS B 9 1.99 -8.24 30.72
N MET B 10 0.74 -7.92 31.04
CA MET B 10 -0.09 -8.77 31.89
C MET B 10 -1.36 -9.19 31.15
N GLY B 11 -2.18 -9.96 31.83
CA GLY B 11 -3.36 -10.51 31.17
C GLY B 11 -4.63 -9.71 31.37
N VAL B 12 -4.52 -8.43 31.72
CA VAL B 12 -5.69 -7.61 32.01
C VAL B 12 -5.69 -6.40 31.10
N TYR B 13 -6.82 -6.16 30.43
CA TYR B 13 -6.93 -5.05 29.50
C TYR B 13 -6.79 -3.70 30.21
N PHE B 14 -7.34 -3.58 31.42
CA PHE B 14 -7.36 -2.30 32.10
C PHE B 14 -5.96 -1.83 32.49
N LYS B 15 -4.95 -2.66 32.38
CA LYS B 15 -3.56 -2.22 32.52
C LYS B 15 -2.87 -2.04 31.18
N GLU B 16 -3.01 -3.01 30.26
CA GLU B 16 -2.29 -2.94 29.00
C GLU B 16 -2.76 -1.79 28.11
N GLU B 17 -4.07 -1.56 28.03
CA GLU B 17 -4.53 -0.47 27.16
C GLU B 17 -4.01 0.89 27.62
N PRO B 18 -4.06 1.26 28.92
CA PRO B 18 -3.37 2.50 29.32
C PRO B 18 -1.88 2.47 29.02
N ILE B 19 -1.22 1.32 29.15
CA ILE B 19 0.22 1.25 28.87
C ILE B 19 0.50 1.47 27.39
N ARG B 20 -0.32 0.87 26.51
CA ARG B 20 -0.15 1.10 25.07
C ARG B 20 -0.40 2.56 24.71
N GLU B 21 -1.45 3.16 25.29
CA GLU B 21 -1.72 4.57 25.04
C GLU B 21 -0.57 5.44 25.52
N LEU B 22 0.01 5.11 26.69
CA LEU B 22 1.16 5.86 27.20
C LEU B 22 2.37 5.68 26.29
N HIS B 23 2.56 4.48 25.76
CA HIS B 23 3.65 4.25 24.82
C HIS B 23 3.51 5.14 23.60
N LYS B 24 2.29 5.25 23.05
CA LYS B 24 2.07 6.14 21.93
C LYS B 24 2.32 7.59 22.33
N ALA B 25 1.84 8.00 23.49
CA ALA B 25 2.00 9.38 23.94
C ALA B 25 3.47 9.73 24.15
N LEU B 26 4.25 8.78 24.67
CA LEU B 26 5.67 9.00 24.88
C LEU B 26 6.42 9.06 23.55
N GLU B 27 6.04 8.20 22.59
CA GLU B 27 6.61 8.31 21.26
C GLU B 27 6.30 9.67 20.64
N ALA B 28 5.14 10.25 20.95
CA ALA B 28 4.80 11.58 20.47
C ALA B 28 5.68 12.67 21.10
N LEU B 29 6.34 12.37 22.22
CA LEU B 29 7.23 13.31 22.89
C LEU B 29 8.70 13.00 22.64
N ASP B 30 8.99 12.22 21.59
CA ASP B 30 10.36 11.87 21.21
C ASP B 30 11.06 11.05 22.30
N PHE B 31 10.41 9.94 22.67
CA PHE B 31 11.00 8.94 23.53
C PHE B 31 11.08 7.63 22.77
N GLN B 32 12.16 6.89 22.98
CA GLN B 32 12.31 5.55 22.42
C GLN B 32 11.95 4.53 23.50
N ILE B 33 10.98 3.67 23.20
CA ILE B 33 10.47 2.71 24.17
C ILE B 33 11.13 1.37 23.95
N VAL B 34 11.65 0.78 25.03
CA VAL B 34 12.21 -0.56 25.01
C VAL B 34 11.46 -1.41 26.03
N TYR B 35 11.43 -2.72 25.76
CA TYR B 35 10.61 -3.67 26.52
C TYR B 35 11.47 -4.83 27.01
N PRO B 36 12.10 -4.69 28.17
CA PRO B 36 12.80 -5.84 28.76
C PRO B 36 11.82 -6.95 29.11
N ASN B 37 12.29 -8.19 28.99
CA ASN B 37 11.42 -9.34 29.22
C ASN B 37 11.17 -9.61 30.69
N ASP B 38 12.13 -9.30 31.55
CA ASP B 38 12.02 -9.60 32.97
C ASP B 38 12.93 -8.67 33.75
N ARG B 39 12.98 -8.88 35.07
CA ARG B 39 13.73 -8.00 35.96
C ARG B 39 15.22 -8.04 35.66
N GLU B 40 15.77 -9.24 35.45
CA GLU B 40 17.19 -9.36 35.15
C GLU B 40 17.52 -8.70 33.81
N ASP B 41 16.63 -8.84 32.83
CA ASP B 41 16.81 -8.14 31.55
C ASP B 41 16.84 -6.63 31.75
N LEU B 42 15.94 -6.11 32.59
CA LEU B 42 15.93 -4.67 32.86
CA LEU B 42 15.93 -4.67 32.86
C LEU B 42 17.22 -4.23 33.53
N LEU B 43 17.71 -5.01 34.51
CA LEU B 43 18.93 -4.64 35.21
C LEU B 43 20.13 -4.62 34.28
N LYS B 44 20.25 -5.64 33.41
CA LYS B 44 21.33 -5.65 32.44
C LYS B 44 21.21 -4.49 31.46
N LEU B 45 19.98 -4.17 31.05
CA LEU B 45 19.76 -3.05 30.14
C LEU B 45 20.22 -1.74 30.76
N ILE B 46 19.89 -1.51 32.03
CA ILE B 46 20.36 -0.32 32.72
C ILE B 46 21.88 -0.34 32.82
N ASP B 47 22.44 -1.51 33.10
CA ASP B 47 23.89 -1.63 33.28
C ASP B 47 24.65 -1.27 32.00
N ASN B 48 24.16 -1.73 30.85
CA ASN B 48 24.91 -1.57 29.60
C ASN B 48 24.59 -0.29 28.84
N ASN B 49 23.61 0.49 29.28
CA ASN B 49 23.13 1.62 28.48
C ASN B 49 22.90 2.81 29.41
N ALA B 50 23.84 3.74 29.40
CA ALA B 50 23.74 4.93 30.24
C ALA B 50 22.72 5.93 29.71
N ARG B 51 22.19 5.73 28.51
CA ARG B 51 21.21 6.65 27.94
CA ARG B 51 21.22 6.65 27.93
C ARG B 51 19.79 6.39 28.42
N LEU B 52 19.58 5.34 29.23
CA LEU B 52 18.26 5.08 29.80
C LEU B 52 17.86 6.24 30.71
N CYS B 53 16.66 6.77 30.51
CA CYS B 53 16.20 7.93 31.25
C CYS B 53 14.98 7.66 32.13
N GLY B 54 14.44 6.45 32.12
CA GLY B 54 13.31 6.15 32.98
C GLY B 54 12.89 4.70 32.86
N VAL B 55 12.22 4.22 33.90
CA VAL B 55 11.73 2.85 33.97
C VAL B 55 10.26 2.87 34.41
N ILE B 56 9.42 2.18 33.65
CA ILE B 56 8.00 2.03 33.97
C ILE B 56 7.75 0.57 34.33
N PHE B 57 7.09 0.33 35.45
CA PHE B 57 6.77 -1.05 35.84
C PHE B 57 5.49 -1.08 36.65
N ASP B 58 4.93 -2.29 36.77
CA ASP B 58 3.70 -2.52 37.51
C ASP B 58 4.02 -2.86 38.95
N TRP B 59 3.47 -2.06 39.88
CA TRP B 59 3.73 -2.26 41.30
C TRP B 59 3.17 -3.58 41.80
N ASP B 60 2.02 -4.01 41.27
CA ASP B 60 1.45 -5.29 41.67
C ASP B 60 2.41 -6.44 41.35
N THR B 61 3.05 -6.38 40.19
CA THR B 61 3.96 -7.47 39.80
C THR B 61 5.27 -7.41 40.57
N TYR B 62 5.82 -6.22 40.77
CA TYR B 62 7.15 -6.06 41.36
C TYR B 62 7.09 -5.15 42.58
N ASN B 63 7.69 -5.60 43.67
CA ASN B 63 7.77 -4.77 44.86
C ASN B 63 8.79 -3.65 44.66
N LEU B 64 8.82 -2.72 45.60
CA LEU B 64 9.69 -1.56 45.47
C LEU B 64 11.17 -1.90 45.70
N ASP B 65 11.51 -3.13 46.08
CA ASP B 65 12.91 -3.53 46.13
C ASP B 65 13.56 -3.52 44.75
N LEU B 66 12.77 -3.69 43.68
CA LEU B 66 13.30 -3.50 42.34
C LEU B 66 13.81 -2.08 42.15
N CYS B 67 13.11 -1.10 42.73
CA CYS B 67 13.58 0.29 42.69
C CYS B 67 14.89 0.43 43.44
N GLU B 68 15.07 -0.29 44.55
CA GLU B 68 16.35 -0.28 45.25
C GLU B 68 17.46 -0.85 44.37
N GLU B 69 17.17 -1.93 43.65
CA GLU B 69 18.17 -2.49 42.74
C GLU B 69 18.53 -1.49 41.66
N ILE B 70 17.54 -0.79 41.11
CA ILE B 70 17.80 0.22 40.10
C ILE B 70 18.65 1.36 40.69
N SER B 71 18.31 1.80 41.90
CA SER B 71 19.02 2.90 42.54
C SER B 71 20.46 2.56 42.85
N ALA B 72 20.75 1.29 43.15
CA ALA B 72 22.12 0.88 43.42
C ALA B 72 23.02 1.12 42.21
N MET B 73 22.46 1.09 41.01
CA MET B 73 23.21 1.42 39.80
C MET B 73 23.19 2.91 39.50
N ASN B 74 22.03 3.56 39.66
CA ASN B 74 21.88 4.98 39.33
C ASN B 74 20.79 5.52 40.24
N GLU B 75 21.20 6.18 41.33
CA GLU B 75 20.25 6.67 42.32
C GLU B 75 19.41 7.84 41.82
N HIS B 76 19.79 8.46 40.71
CA HIS B 76 19.01 9.56 40.15
C HIS B 76 18.06 9.12 39.05
N LEU B 77 18.17 7.89 38.57
CA LEU B 77 17.34 7.42 37.48
C LEU B 77 15.87 7.42 37.89
N PRO B 78 14.99 8.09 37.15
CA PRO B 78 13.57 8.12 37.55
C PRO B 78 12.89 6.80 37.24
N VAL B 79 12.10 6.31 38.21
CA VAL B 79 11.33 5.09 38.07
CA VAL B 79 11.32 5.10 38.03
C VAL B 79 9.86 5.43 38.27
N TYR B 80 9.01 4.93 37.39
CA TYR B 80 7.57 5.20 37.43
C TYR B 80 6.82 3.91 37.77
N ALA B 81 6.23 3.88 38.95
CA ALA B 81 5.50 2.71 39.42
C ALA B 81 4.00 2.95 39.25
N PHE B 82 3.33 1.99 38.63
CA PHE B 82 1.89 2.06 38.41
C PHE B 82 1.19 1.28 39.52
N ALA B 83 0.37 1.98 40.30
CA ALA B 83 -0.28 1.43 41.47
C ALA B 83 -1.69 0.98 41.11
N ASN B 84 -2.03 -0.25 41.49
CA ASN B 84 -3.40 -0.73 41.37
C ASN B 84 -3.95 -1.22 42.70
N THR B 85 -3.31 -2.20 43.33
CA THR B 85 -3.78 -2.70 44.62
C THR B 85 -3.07 -2.06 45.80
N HIS B 86 -1.81 -1.65 45.63
CA HIS B 86 -1.10 -0.98 46.72
C HIS B 86 -1.63 0.42 46.93
N SER B 87 -1.67 0.85 48.19
CA SER B 87 -2.12 2.17 48.59
C SER B 87 -0.97 2.91 49.26
N THR B 88 -1.27 4.08 49.81
CA THR B 88 -0.29 4.82 50.59
C THR B 88 0.11 4.09 51.87
N LEU B 89 -0.67 3.10 52.30
CA LEU B 89 -0.31 2.30 53.47
C LEU B 89 0.81 1.31 53.19
N ASP B 90 1.22 1.14 51.94
CA ASP B 90 2.16 0.10 51.56
C ASP B 90 3.54 0.63 51.19
N VAL B 91 3.86 1.86 51.60
CA VAL B 91 5.16 2.45 51.33
CA VAL B 91 5.16 2.45 51.33
C VAL B 91 5.84 2.73 52.67
N SER B 92 7.10 2.34 52.79
CA SER B 92 7.88 2.66 53.97
C SER B 92 8.67 3.93 53.72
N LEU B 93 9.32 4.42 54.78
CA LEU B 93 10.16 5.60 54.66
C LEU B 93 11.29 5.37 53.68
N ASN B 94 11.96 4.22 53.78
CA ASN B 94 13.06 3.91 52.88
C ASN B 94 12.59 3.86 51.44
N ASP B 95 11.41 3.29 51.19
CA ASP B 95 10.87 3.30 49.84
C ASP B 95 10.65 4.72 49.34
N LEU B 96 10.11 5.59 50.20
CA LEU B 96 9.89 6.97 49.81
C LEU B 96 11.18 7.73 49.55
N ARG B 97 12.30 7.23 50.07
CA ARG B 97 13.59 7.86 49.76
CA ARG B 97 13.58 7.87 49.76
C ARG B 97 13.97 7.67 48.30
N LEU B 98 13.48 6.62 47.66
CA LEU B 98 13.85 6.35 46.27
C LEU B 98 13.21 7.37 45.33
N ASN B 99 13.79 7.47 44.13
CA ASN B 99 13.28 8.37 43.10
C ASN B 99 12.18 7.67 42.31
N VAL B 100 11.06 7.46 42.99
CA VAL B 100 9.91 6.77 42.41
CA VAL B 100 9.89 6.77 42.43
C VAL B 100 8.74 7.76 42.31
N GLU B 101 8.08 7.73 41.16
CA GLU B 101 6.86 8.52 40.92
C GLU B 101 5.73 7.53 40.63
N PHE B 102 4.60 7.72 41.30
CA PHE B 102 3.50 6.79 41.21
C PHE B 102 2.43 7.30 40.26
N PHE B 103 1.87 6.39 39.47
CA PHE B 103 0.79 6.69 38.54
C PHE B 103 -0.32 5.65 38.71
N GLU B 104 -1.42 5.84 37.98
CA GLU B 104 -2.56 4.95 38.03
C GLU B 104 -2.98 4.59 36.61
N TYR B 105 -3.64 3.45 36.48
CA TYR B 105 -4.13 2.95 35.20
C TYR B 105 -5.50 3.56 34.91
N ALA B 106 -5.62 4.23 33.77
CA ALA B 106 -6.89 4.85 33.37
C ALA B 106 -6.84 5.16 31.88
N LEU B 107 -7.90 4.82 31.17
CA LEU B 107 -8.00 5.18 29.76
C LEU B 107 -8.11 6.69 29.62
N GLY B 108 -7.40 7.22 28.63
CA GLY B 108 -7.43 8.65 28.35
C GLY B 108 -6.52 9.51 29.20
N ALA B 109 -5.72 8.92 30.09
CA ALA B 109 -4.82 9.69 30.93
C ALA B 109 -3.38 9.67 30.44
N ALA B 110 -3.13 9.10 29.26
CA ALA B 110 -1.77 8.92 28.77
C ALA B 110 -1.08 10.26 28.51
N GLN B 111 -1.83 11.27 28.05
CA GLN B 111 -1.23 12.57 27.77
C GLN B 111 -0.64 13.20 29.02
N ASP B 112 -1.41 13.23 30.11
CA ASP B 112 -0.94 13.85 31.34
C ASP B 112 0.25 13.08 31.92
N ILE B 113 0.19 11.75 31.90
CA ILE B 113 1.30 10.96 32.43
C ILE B 113 2.55 11.15 31.59
N ALA B 114 2.40 11.21 30.27
CA ALA B 114 3.54 11.44 29.41
C ALA B 114 4.17 12.80 29.68
N GLN B 115 3.33 13.81 29.91
CA GLN B 115 3.84 15.14 30.29
C GLN B 115 4.61 15.08 31.60
N LYS B 116 4.07 14.36 32.59
CA LYS B 116 4.76 14.22 33.87
C LYS B 116 6.11 13.52 33.69
N ILE B 117 6.15 12.49 32.83
CA ILE B 117 7.39 11.78 32.58
C ILE B 117 8.39 12.68 31.86
N ARG B 118 7.91 13.51 30.94
CA ARG B 118 8.78 14.48 30.26
C ARG B 118 9.41 15.44 31.27
N GLN B 119 8.60 15.96 32.20
CA GLN B 119 9.14 16.86 33.22
C GLN B 119 10.12 16.15 34.14
N SER B 120 9.82 14.90 34.50
CA SER B 120 10.72 14.14 35.36
C SER B 120 12.05 13.86 34.65
N THR B 121 12.01 13.59 33.35
CA THR B 121 13.23 13.41 32.57
C THR B 121 14.04 14.70 32.53
N ASP B 122 13.37 15.83 32.33
CA ASP B 122 14.06 17.12 32.35
C ASP B 122 14.71 17.36 33.71
N ALA B 123 14.01 17.04 34.78
CA ALA B 123 14.55 17.22 36.13
C ALA B 123 15.77 16.33 36.35
N TYR B 124 15.71 15.08 35.88
CA TYR B 124 16.84 14.17 36.00
C TYR B 124 18.07 14.71 35.26
N ILE B 125 17.87 15.17 34.03
CA ILE B 125 18.98 15.72 33.25
C ILE B 125 19.56 16.95 33.94
N ASP B 126 18.68 17.84 34.44
CA ASP B 126 19.15 19.02 35.15
C ASP B 126 19.91 18.64 36.42
N GLU B 127 19.49 17.58 37.09
CA GLU B 127 20.14 17.15 38.32
C GLU B 127 21.56 16.63 38.04
N ILE B 128 21.72 15.80 37.01
CA ILE B 128 23.04 15.20 36.81
C ILE B 128 24.02 16.13 36.09
N LEU B 129 23.53 17.12 35.35
CA LEU B 129 24.43 18.00 34.63
C LEU B 129 25.10 18.98 35.59
N PRO B 130 26.38 19.29 35.38
CA PRO B 130 27.03 20.32 36.19
C PRO B 130 26.60 21.71 35.74
N PRO B 131 26.77 22.74 36.58
CA PRO B 131 26.12 24.04 36.30
C PRO B 131 26.61 24.75 35.04
N LEU B 132 27.91 24.87 34.83
CA LEU B 132 28.43 25.58 33.66
CA LEU B 132 28.41 25.59 33.66
C LEU B 132 28.02 24.88 32.37
N THR B 133 28.13 23.55 32.34
CA THR B 133 27.78 22.80 31.14
C THR B 133 26.31 22.95 30.80
N LYS B 134 25.45 22.91 31.83
CA LYS B 134 24.02 23.11 31.62
C LYS B 134 23.74 24.52 31.08
N ALA B 135 24.42 25.52 31.64
CA ALA B 135 24.24 26.88 31.15
C ALA B 135 24.66 26.99 29.67
N LEU B 136 25.78 26.35 29.32
CA LEU B 136 26.27 26.40 27.94
C LEU B 136 25.29 25.73 26.98
N PHE B 137 24.78 24.55 27.36
CA PHE B 137 23.80 23.86 26.51
C PHE B 137 22.53 24.70 26.34
N ASN B 138 22.06 25.32 27.42
CA ASN B 138 20.88 26.19 27.34
C ASN B 138 21.13 27.36 26.40
N TYR B 139 22.27 28.03 26.55
CA TYR B 139 22.56 29.17 25.70
C TYR B 139 22.62 28.76 24.24
N VAL B 140 23.20 27.60 23.96
CA VAL B 140 23.23 27.11 22.58
C VAL B 140 21.81 26.93 22.05
N LYS B 141 20.91 26.42 22.91
CA LYS B 141 19.52 26.34 22.48
C LYS B 141 18.89 27.71 22.24
N GLU B 142 19.42 28.76 22.88
CA GLU B 142 18.83 30.10 22.72
C GLU B 142 18.95 30.62 21.28
N GLY B 143 20.09 30.38 20.61
CA GLY B 143 20.25 30.77 19.23
C GLY B 143 20.35 32.26 18.92
N LYS B 144 21.19 32.98 19.65
CA LYS B 144 21.33 34.42 19.48
C LYS B 144 22.16 34.76 18.24
N TYR B 145 21.98 35.99 17.76
CA TYR B 145 22.82 36.56 16.71
C TYR B 145 23.98 37.31 17.35
N THR B 146 25.19 37.02 16.89
CA THR B 146 26.39 37.61 17.46
C THR B 146 27.10 38.48 16.44
N PHE B 147 27.45 39.69 16.86
CA PHE B 147 28.36 40.56 16.12
C PHE B 147 29.69 40.69 16.85
N CYS B 148 30.08 39.62 17.56
CA CYS B 148 31.23 39.61 18.46
C CYS B 148 32.09 38.39 18.16
N THR B 149 33.27 38.36 18.76
CA THR B 149 34.15 37.20 18.61
C THR B 149 33.55 35.98 19.31
N PRO B 150 33.86 34.76 18.84
CA PRO B 150 34.72 34.42 17.69
C PRO B 150 34.11 34.74 16.34
N GLY B 151 34.96 34.91 15.32
CA GLY B 151 34.52 35.44 14.04
C GLY B 151 33.64 34.52 13.24
N HIS B 152 33.68 33.21 13.50
CA HIS B 152 32.83 32.31 12.75
C HIS B 152 31.34 32.49 13.06
N MET B 153 31.01 33.25 14.11
CA MET B 153 29.63 33.63 14.42
C MET B 153 28.75 32.40 14.59
N GLY B 154 29.19 31.47 15.45
CA GLY B 154 28.43 30.26 15.67
C GLY B 154 28.43 29.29 14.51
N GLY B 155 29.41 29.40 13.61
CA GLY B 155 29.53 28.47 12.50
C GLY B 155 29.03 28.97 11.15
N THR B 156 28.46 30.18 11.08
CA THR B 156 27.97 30.71 9.81
C THR B 156 29.08 30.82 8.77
N ALA B 157 30.23 31.36 9.19
CA ALA B 157 31.35 31.55 8.27
C ALA B 157 31.80 30.21 7.68
N PHE B 158 31.85 29.17 8.51
CA PHE B 158 32.19 27.84 7.99
C PHE B 158 31.19 27.40 6.93
N GLN B 159 29.90 27.63 7.17
CA GLN B 159 28.86 27.19 6.25
C GLN B 159 28.87 27.98 4.95
N LYS B 160 29.53 29.13 4.92
CA LYS B 160 29.65 29.91 3.70
CA LYS B 160 29.65 29.91 3.70
C LYS B 160 30.82 29.49 2.81
N SER B 161 31.59 28.48 3.20
CA SER B 161 32.77 28.07 2.47
C SER B 161 32.73 26.57 2.20
N PRO B 162 33.26 26.12 1.05
CA PRO B 162 33.26 24.67 0.75
C PRO B 162 34.07 23.86 1.75
N VAL B 163 35.35 24.21 1.91
CA VAL B 163 36.19 23.51 2.88
C VAL B 163 35.67 23.79 4.30
N GLY B 164 35.22 25.02 4.54
CA GLY B 164 34.59 25.33 5.81
C GLY B 164 33.37 24.47 6.07
N SER B 165 32.58 24.21 5.03
CA SER B 165 31.41 23.35 5.20
C SER B 165 31.81 21.91 5.50
N ILE B 166 32.90 21.42 4.90
CA ILE B 166 33.40 20.10 5.29
C ILE B 166 33.78 20.08 6.77
N PHE B 167 34.49 21.12 7.22
CA PHE B 167 34.90 21.21 8.62
C PHE B 167 33.68 21.24 9.54
N TYR B 168 32.69 22.05 9.19
CA TYR B 168 31.47 22.20 9.99
C TYR B 168 30.70 20.89 10.05
N ASP B 169 30.60 20.19 8.92
CA ASP B 169 29.89 18.91 8.91
C ASP B 169 30.62 17.87 9.73
N PHE B 170 31.95 17.89 9.74
CA PHE B 170 32.70 16.97 10.58
C PHE B 170 32.48 17.26 12.06
N PHE B 171 32.66 18.51 12.49
CA PHE B 171 32.62 18.81 13.91
C PHE B 171 31.22 18.94 14.46
N GLY B 172 30.22 19.15 13.61
CA GLY B 172 28.85 19.28 14.08
C GLY B 172 28.46 20.69 14.46
N ALA B 173 27.15 20.95 14.46
CA ALA B 173 26.66 22.30 14.71
C ALA B 173 26.85 22.73 16.16
N ASN B 174 26.63 21.81 17.10
CA ASN B 174 26.69 22.17 18.51
C ASN B 174 28.10 22.61 18.92
N ALA B 175 29.13 21.93 18.41
CA ALA B 175 30.50 22.32 18.73
C ALA B 175 30.79 23.73 18.25
N MET B 176 30.31 24.09 17.06
CA MET B 176 30.48 25.44 16.57
C MET B 176 29.70 26.45 17.42
N LYS B 177 28.44 26.13 17.74
CA LYS B 177 27.60 27.07 18.48
C LYS B 177 28.04 27.26 19.92
N SER B 178 28.76 26.30 20.49
CA SER B 178 29.24 26.40 21.85
C SER B 178 30.58 27.10 21.95
N ASP B 179 31.17 27.49 20.82
CA ASP B 179 32.41 28.25 20.78
C ASP B 179 32.07 29.72 20.89
N ILE B 180 32.09 30.24 22.12
CA ILE B 180 31.65 31.58 22.43
C ILE B 180 32.74 32.30 23.22
N SER B 181 32.48 33.56 23.56
CA SER B 181 33.42 34.35 24.33
C SER B 181 32.72 35.05 25.50
N ILE B 182 33.44 35.92 26.21
CA ILE B 182 32.85 36.61 27.36
C ILE B 182 31.84 37.68 26.96
N SER B 183 31.72 37.98 25.66
CA SER B 183 30.65 38.87 25.21
C SER B 183 29.28 38.31 25.60
N VAL B 184 29.18 37.00 25.78
CA VAL B 184 27.97 36.37 26.31
C VAL B 184 28.03 36.45 27.83
N GLY B 185 27.40 37.48 28.40
CA GLY B 185 27.52 37.76 29.82
C GLY B 185 26.84 36.76 30.72
N GLU B 186 25.80 36.08 30.24
CA GLU B 186 25.05 35.15 31.07
C GLU B 186 25.87 33.93 31.49
N LEU B 187 26.93 33.61 30.76
CA LEU B 187 27.80 32.49 31.14
C LEU B 187 28.90 32.89 32.11
N GLY B 188 29.04 34.18 32.41
CA GLY B 188 30.12 34.61 33.28
C GLY B 188 31.45 34.60 32.57
N SER B 189 32.51 34.68 33.37
CA SER B 189 33.87 34.74 32.84
C SER B 189 34.76 33.78 33.62
N LEU B 190 35.59 33.04 32.88
CA LEU B 190 36.58 32.19 33.51
C LEU B 190 37.63 33.02 34.24
N LEU B 191 38.11 34.08 33.61
CA LEU B 191 39.17 34.90 34.20
C LEU B 191 38.69 35.59 35.47
N ASP B 192 37.44 36.03 35.50
CA ASP B 192 36.89 36.73 36.66
C ASP B 192 36.26 35.79 37.68
N HIS B 193 36.14 34.49 37.38
CA HIS B 193 35.55 33.52 38.29
C HIS B 193 34.14 33.96 38.71
N SER B 194 33.35 34.33 37.71
CA SER B 194 32.03 34.90 37.90
C SER B 194 30.97 33.98 37.32
N GLY B 195 29.74 34.17 37.81
CA GLY B 195 28.59 33.48 37.29
C GLY B 195 28.72 31.97 37.36
N PRO B 196 28.28 31.28 36.31
CA PRO B 196 28.38 29.81 36.30
C PRO B 196 29.80 29.30 36.43
N HIS B 197 30.81 30.08 36.06
CA HIS B 197 32.19 29.65 36.23
C HIS B 197 32.53 29.49 37.72
N LYS B 198 32.05 30.41 38.55
CA LYS B 198 32.32 30.32 39.99
C LYS B 198 31.69 29.07 40.60
N GLU B 199 30.43 28.79 40.25
CA GLU B 199 29.81 27.57 40.74
C GLU B 199 30.46 26.32 40.16
N ALA B 200 30.96 26.38 38.91
CA ALA B 200 31.72 25.25 38.38
C ALA B 200 32.97 25.01 39.21
N GLU B 201 33.67 26.07 39.59
CA GLU B 201 34.87 25.92 40.41
C GLU B 201 34.54 25.33 41.77
N GLU B 202 33.47 25.82 42.41
CA GLU B 202 33.09 25.26 43.71
C GLU B 202 32.64 23.81 43.59
N TYR B 203 31.92 23.50 42.52
CA TYR B 203 31.50 22.13 42.24
C TYR B 203 32.70 21.20 42.12
N ILE B 204 33.71 21.64 41.36
CA ILE B 204 34.91 20.82 41.17
C ILE B 204 35.67 20.67 42.48
N ALA B 205 35.80 21.75 43.25
CA ALA B 205 36.51 21.66 44.52
C ALA B 205 35.82 20.69 45.47
N ARG B 206 34.49 20.72 45.52
CA ARG B 206 33.75 19.76 46.34
C ARG B 206 33.99 18.33 45.85
N THR B 207 33.94 18.13 44.53
CA THR B 207 34.05 16.78 43.98
C THR B 207 35.44 16.19 44.20
N PHE B 208 36.49 17.00 44.11
CA PHE B 208 37.86 16.52 44.16
C PHE B 208 38.52 16.71 45.52
N ASN B 209 37.73 17.02 46.56
CA ASN B 209 38.23 17.17 47.92
C ASN B 209 39.30 18.25 48.02
N ALA B 210 39.05 19.39 47.38
CA ALA B 210 39.95 20.53 47.43
C ALA B 210 39.26 21.70 48.09
N GLU B 211 40.03 22.49 48.84
CA GLU B 211 39.49 23.74 49.35
C GLU B 211 39.17 24.70 48.22
N ARG B 212 40.05 24.81 47.23
CA ARG B 212 39.81 25.72 46.12
C ARG B 212 40.31 25.08 44.84
N SER B 213 39.56 25.24 43.75
CA SER B 213 39.93 24.63 42.47
C SER B 213 39.94 25.68 41.37
N TYR B 214 40.83 25.46 40.40
CA TYR B 214 40.96 26.33 39.23
C TYR B 214 40.98 25.48 37.97
N MET B 215 40.36 26.00 36.93
CA MET B 215 40.27 25.36 35.62
C MET B 215 41.29 25.99 34.69
N VAL B 216 42.15 25.17 34.09
CA VAL B 216 43.20 25.62 33.19
C VAL B 216 42.93 25.02 31.82
N THR B 217 42.99 25.85 30.78
CA THR B 217 42.71 25.41 29.41
C THR B 217 43.96 25.26 28.57
N ASN B 218 45.15 25.32 29.16
CA ASN B 218 46.39 25.05 28.44
C ASN B 218 47.21 23.95 29.09
N GLY B 219 46.53 23.02 29.77
CA GLY B 219 47.17 21.81 30.25
C GLY B 219 47.86 21.95 31.59
N THR B 220 48.29 20.80 32.11
CA THR B 220 49.04 20.76 33.35
C THR B 220 50.39 21.46 33.22
N SER B 221 50.93 21.60 32.00
CA SER B 221 52.11 22.43 31.83
C SER B 221 51.85 23.84 32.33
N THR B 222 50.75 24.45 31.87
CA THR B 222 50.38 25.78 32.33
C THR B 222 49.99 25.77 33.81
N ALA B 223 49.31 24.73 34.26
CA ALA B 223 48.95 24.66 35.68
C ALA B 223 50.19 24.65 36.57
N ASN B 224 51.19 23.86 36.19
CA ASN B 224 52.46 23.84 36.91
C ASN B 224 53.11 25.20 36.91
N LYS B 225 53.08 25.88 35.76
CA LYS B 225 53.67 27.22 35.70
C LYS B 225 52.96 28.19 36.64
N ILE B 226 51.63 28.13 36.67
CA ILE B 226 50.86 29.01 37.56
C ILE B 226 51.23 28.76 39.01
N VAL B 227 51.21 27.50 39.43
CA VAL B 227 51.50 27.17 40.82
C VAL B 227 52.93 27.58 41.17
N GLY B 228 53.88 27.25 40.31
CA GLY B 228 55.28 27.53 40.60
C GLY B 228 55.57 29.02 40.66
N MET B 229 54.98 29.80 39.75
CA MET B 229 55.22 31.24 39.79
C MET B 229 54.56 31.89 41.01
N TYR B 230 53.38 31.42 41.40
CA TYR B 230 52.81 31.95 42.64
C TYR B 230 53.70 31.59 43.83
N SER B 231 54.31 30.40 43.81
CA SER B 231 54.98 29.86 44.99
C SER B 231 56.45 30.22 45.08
N ALA B 232 57.12 30.50 43.97
CA ALA B 232 58.58 30.66 43.94
C ALA B 232 58.95 32.02 43.38
N PRO B 233 59.11 33.02 44.24
CA PRO B 233 59.57 34.33 43.77
C PRO B 233 61.00 34.27 43.27
N ALA B 234 61.35 35.23 42.43
CA ALA B 234 62.70 35.31 41.89
C ALA B 234 63.72 35.40 43.03
N GLY B 235 64.80 34.64 42.90
CA GLY B 235 65.82 34.59 43.92
C GLY B 235 65.63 33.51 44.96
N SER B 236 64.48 32.84 44.98
CA SER B 236 64.23 31.79 45.96
C SER B 236 64.80 30.45 45.49
N THR B 237 64.79 29.48 46.40
CA THR B 237 65.27 28.13 46.13
C THR B 237 64.08 27.17 46.10
N VAL B 238 64.12 26.23 45.16
CA VAL B 238 63.02 25.28 44.96
C VAL B 238 63.57 23.86 45.02
N LEU B 239 62.80 22.97 45.65
CA LEU B 239 63.07 21.54 45.59
C LEU B 239 62.28 20.95 44.42
N ILE B 240 62.96 20.28 43.51
CA ILE B 240 62.34 19.75 42.30
C ILE B 240 62.63 18.26 42.21
N ASP B 241 61.58 17.47 41.96
CA ASP B 241 61.78 16.07 41.59
C ASP B 241 62.59 15.99 40.31
N ARG B 242 63.72 15.29 40.34
CA ARG B 242 64.49 15.10 39.10
C ARG B 242 63.68 14.37 38.05
N ASN B 243 62.69 13.57 38.48
CA ASN B 243 61.69 13.02 37.56
C ASN B 243 60.56 14.04 37.46
N CYS B 244 60.84 15.10 36.71
CA CYS B 244 59.90 16.19 36.52
C CYS B 244 59.57 16.34 35.05
N HIS B 245 58.32 16.72 34.79
CA HIS B 245 57.90 17.06 33.44
C HIS B 245 58.65 18.30 32.97
N LYS B 246 58.77 18.43 31.65
CA LYS B 246 59.53 19.55 31.09
C LYS B 246 58.89 20.89 31.41
N SER B 247 57.63 20.92 31.84
CA SER B 247 57.01 22.18 32.23
C SER B 247 57.71 22.80 33.44
N LEU B 248 58.15 21.97 34.39
CA LEU B 248 58.89 22.50 35.53
C LEU B 248 60.21 23.11 35.08
N THR B 249 60.86 22.50 34.09
CA THR B 249 62.07 23.08 33.52
C THR B 249 61.76 24.41 32.82
N HIS B 250 60.64 24.49 32.11
CA HIS B 250 60.23 25.76 31.52
C HIS B 250 60.02 26.81 32.59
N LEU B 251 59.44 26.41 33.72
CA LEU B 251 59.29 27.33 34.84
C LEU B 251 60.64 27.78 35.39
N MET B 252 61.61 26.86 35.48
CA MET B 252 62.93 27.23 35.97
C MET B 252 63.64 28.18 35.01
N MET B 253 63.42 28.04 33.71
CA MET B 253 63.97 29.01 32.77
C MET B 253 63.19 30.32 32.80
N MET B 254 61.94 30.28 33.27
CA MET B 254 61.10 31.46 33.30
C MET B 254 61.68 32.52 34.23
N SER B 255 62.11 32.12 35.42
CA SER B 255 62.51 33.05 36.46
C SER B 255 63.76 32.55 37.17
N ASP B 256 64.46 33.48 37.82
CA ASP B 256 65.71 33.18 38.50
C ASP B 256 65.36 32.49 39.82
N ILE B 257 65.26 31.16 39.77
CA ILE B 257 65.08 30.36 40.97
C ILE B 257 66.15 29.29 40.98
N THR B 258 66.75 29.07 42.14
CA THR B 258 67.80 28.06 42.28
C THR B 258 67.17 26.72 42.61
N PRO B 259 67.33 25.70 41.76
CA PRO B 259 66.76 24.39 42.08
C PRO B 259 67.72 23.49 42.84
N ILE B 260 67.15 22.70 43.75
CA ILE B 260 67.82 21.56 44.36
C ILE B 260 66.97 20.33 44.06
N TYR B 261 67.61 19.26 43.60
CA TYR B 261 66.91 18.14 42.99
C TYR B 261 66.75 16.98 43.95
N PHE B 262 65.52 16.53 44.14
CA PHE B 262 65.28 15.20 44.68
C PHE B 262 65.80 14.16 43.70
N ARG B 263 66.50 13.15 44.20
CA ARG B 263 67.05 12.12 43.33
C ARG B 263 66.18 10.88 43.38
N PRO B 264 65.51 10.51 42.29
CA PRO B 264 64.68 9.31 42.30
C PRO B 264 65.50 8.06 41.99
N THR B 265 64.86 6.92 42.17
CA THR B 265 65.46 5.63 41.91
C THR B 265 64.95 5.07 40.58
N ARG B 266 65.53 3.95 40.17
CA ARG B 266 65.12 3.27 38.95
C ARG B 266 65.57 1.82 39.02
N ASN B 267 64.92 0.98 38.21
CA ASN B 267 65.23 -0.44 38.14
C ASN B 267 65.90 -0.76 36.81
N ALA B 268 66.14 -2.05 36.59
CA ALA B 268 66.88 -2.48 35.40
C ALA B 268 66.14 -2.14 34.12
N TYR B 269 64.81 -2.16 34.14
CA TYR B 269 64.03 -1.84 32.96
C TYR B 269 64.05 -0.35 32.63
N GLY B 270 64.60 0.48 33.50
CA GLY B 270 64.46 1.91 33.34
C GLY B 270 63.17 2.48 33.89
N ILE B 271 62.35 1.65 34.54
CA ILE B 271 61.14 2.13 35.19
C ILE B 271 61.53 3.06 36.33
N LEU B 272 60.99 4.28 36.31
CA LEU B 272 61.37 5.29 37.30
C LEU B 272 60.72 4.97 38.63
N GLY B 273 61.54 4.83 39.67
CA GLY B 273 61.05 4.65 41.02
C GLY B 273 60.81 5.96 41.72
N GLY B 274 60.62 5.88 43.03
CA GLY B 274 60.36 7.06 43.82
C GLY B 274 61.58 7.61 44.50
N ILE B 275 61.43 8.82 45.03
CA ILE B 275 62.49 9.43 45.83
C ILE B 275 62.57 8.71 47.18
N PRO B 276 63.75 8.32 47.64
CA PRO B 276 63.87 7.70 48.96
C PRO B 276 63.43 8.64 50.08
N LYS B 277 63.03 8.03 51.20
CA LYS B 277 62.53 8.80 52.33
C LYS B 277 63.59 9.73 52.92
N SER B 278 64.87 9.37 52.79
CA SER B 278 65.93 10.21 53.35
C SER B 278 65.97 11.57 52.68
N GLU B 279 65.60 11.65 51.40
CA GLU B 279 65.73 12.91 50.67
C GLU B 279 64.69 13.93 51.07
N PHE B 280 63.66 13.54 51.82
CA PHE B 280 62.71 14.48 52.37
C PHE B 280 63.10 14.96 53.76
N GLN B 281 64.23 14.51 54.29
CA GLN B 281 64.64 14.84 55.64
C GLN B 281 65.31 16.20 55.71
N HIS B 282 65.20 16.84 56.87
CA HIS B 282 65.70 18.20 57.04
C HIS B 282 67.22 18.26 56.82
N ASP B 283 67.94 17.28 57.37
CA ASP B 283 69.41 17.33 57.31
C ASP B 283 69.91 17.22 55.87
N THR B 284 69.32 16.31 55.08
CA THR B 284 69.74 16.18 53.69
C THR B 284 69.52 17.48 52.92
N ILE B 285 68.33 18.07 53.10
CA ILE B 285 68.01 19.31 52.39
C ILE B 285 68.94 20.42 52.82
N ALA B 286 69.22 20.52 54.12
CA ALA B 286 70.13 21.55 54.61
C ALA B 286 71.53 21.38 54.05
N GLU B 287 72.00 20.14 53.96
CA GLU B 287 73.31 19.90 53.36
C GLU B 287 73.34 20.31 51.90
N ARG B 288 72.28 19.98 51.14
CA ARG B 288 72.22 20.39 49.75
C ARG B 288 72.19 21.91 49.63
N VAL B 289 71.43 22.59 50.48
CA VAL B 289 71.38 24.05 50.45
C VAL B 289 72.76 24.62 50.69
N ALA B 290 73.47 24.08 51.70
CA ALA B 290 74.81 24.57 52.00
C ALA B 290 75.76 24.34 50.82
N GLN B 291 75.67 23.19 50.17
CA GLN B 291 76.59 22.90 49.06
C GLN B 291 76.29 23.76 47.84
N THR B 292 75.02 24.04 47.59
CA THR B 292 74.63 24.75 46.37
C THR B 292 74.83 26.25 46.54
N PRO B 293 75.58 26.90 45.64
CA PRO B 293 75.75 28.36 45.74
C PRO B 293 74.44 29.10 45.53
N ASN B 294 74.31 30.22 46.24
CA ASN B 294 73.14 31.09 46.17
C ASN B 294 71.86 30.35 46.56
N ALA B 295 71.97 29.34 47.40
CA ALA B 295 70.84 28.54 47.82
C ALA B 295 70.45 28.89 49.25
N THR B 296 69.16 29.12 49.46
CA THR B 296 68.57 29.41 50.75
C THR B 296 67.62 28.25 51.05
N TRP B 297 67.05 28.22 52.25
CA TRP B 297 66.10 27.17 52.57
C TRP B 297 64.94 27.20 51.58
N PRO B 298 64.60 26.09 50.94
CA PRO B 298 63.61 26.11 49.87
C PRO B 298 62.25 26.59 50.37
N VAL B 299 61.56 27.35 49.52
CA VAL B 299 60.22 27.84 49.84
C VAL B 299 59.13 27.06 49.11
N HIS B 300 59.50 26.17 48.19
CA HIS B 300 58.54 25.42 47.39
C HIS B 300 59.16 24.09 47.01
N ALA B 301 58.35 23.03 47.02
CA ALA B 301 58.80 21.71 46.61
C ALA B 301 57.79 21.13 45.62
N VAL B 302 58.30 20.45 44.60
CA VAL B 302 57.48 19.82 43.57
C VAL B 302 57.83 18.34 43.49
N VAL B 303 56.82 17.49 43.61
CA VAL B 303 56.98 16.04 43.57
C VAL B 303 55.99 15.47 42.56
N THR B 304 56.46 14.57 41.71
CA THR B 304 55.63 13.92 40.71
C THR B 304 54.98 12.68 41.31
N ASN B 305 53.66 12.74 41.50
CA ASN B 305 52.91 11.65 42.12
C ASN B 305 51.60 11.49 41.35
N SER B 306 51.43 10.36 40.66
CA SER B 306 52.38 9.25 40.67
C SER B 306 53.44 9.41 39.58
N THR B 307 54.32 8.43 39.47
CA THR B 307 55.22 8.36 38.33
C THR B 307 54.46 7.93 37.09
N TYR B 308 55.11 8.10 35.94
CA TYR B 308 54.54 7.65 34.67
C TYR B 308 54.16 6.18 34.71
N ASP B 309 54.94 5.37 35.42
CA ASP B 309 54.74 3.92 35.46
C ASP B 309 53.78 3.49 36.58
N GLY B 310 53.19 4.44 37.30
CA GLY B 310 52.15 4.12 38.25
C GLY B 310 52.61 3.94 39.69
N LEU B 311 53.74 4.52 40.08
CA LEU B 311 54.21 4.43 41.45
C LEU B 311 53.72 5.64 42.24
N LEU B 312 52.89 5.37 43.25
CA LEU B 312 52.34 6.39 44.12
C LEU B 312 53.10 6.44 45.44
N TYR B 313 53.34 7.65 45.94
CA TYR B 313 53.98 7.84 47.23
C TYR B 313 52.96 7.75 48.36
N ASN B 314 53.47 7.50 49.56
CA ASN B 314 52.71 7.72 50.79
C ASN B 314 52.79 9.22 51.07
N THR B 315 51.74 9.95 50.71
CA THR B 315 51.79 11.41 50.78
C THR B 315 51.69 11.94 52.20
N ASP B 316 51.14 11.17 53.14
CA ASP B 316 51.09 11.62 54.52
C ASP B 316 52.50 11.82 55.08
N TYR B 317 53.39 10.87 54.80
CA TYR B 317 54.76 11.01 55.26
C TYR B 317 55.44 12.21 54.61
N ILE B 318 55.21 12.43 53.31
CA ILE B 318 55.81 13.57 52.64
C ILE B 318 55.33 14.87 53.26
N LYS B 319 54.03 14.96 53.52
CA LYS B 319 53.47 16.17 54.13
C LYS B 319 54.05 16.42 55.52
N GLU B 320 54.17 15.36 56.31
CA GLU B 320 54.67 15.54 57.68
C GLU B 320 56.17 15.86 57.69
N ALA B 321 56.95 15.11 56.93
CA ALA B 321 58.41 15.18 57.01
C ALA B 321 58.97 16.41 56.32
N LEU B 322 58.43 16.78 55.16
CA LEU B 322 59.02 17.83 54.34
C LEU B 322 58.78 19.19 54.98
N ASP B 323 59.86 19.85 55.41
CA ASP B 323 59.77 21.13 56.12
C ASP B 323 59.79 22.30 55.15
N VAL B 324 58.89 22.26 54.16
CA VAL B 324 58.72 23.32 53.19
C VAL B 324 57.28 23.78 53.26
N LYS B 325 57.06 25.10 53.29
CA LYS B 325 55.74 25.63 53.52
C LYS B 325 54.81 25.46 52.32
N SER B 326 55.34 25.15 51.15
CA SER B 326 54.53 24.99 49.94
C SER B 326 54.94 23.71 49.23
N ILE B 327 54.00 22.79 49.09
CA ILE B 327 54.26 21.48 48.49
C ILE B 327 53.28 21.29 47.35
N HIS B 328 53.80 20.93 46.18
CA HIS B 328 53.03 20.79 44.95
C HIS B 328 53.23 19.39 44.39
N PHE B 329 52.16 18.63 44.33
CA PHE B 329 52.15 17.31 43.72
C PHE B 329 51.68 17.46 42.27
N ASP B 330 52.61 17.23 41.34
CA ASP B 330 52.25 17.08 39.94
C ASP B 330 51.55 15.73 39.79
N SER B 331 50.23 15.76 39.82
CA SER B 331 49.40 14.57 39.78
C SER B 331 48.69 14.43 38.44
N ALA B 332 49.39 14.79 37.36
CA ALA B 332 48.80 14.74 36.04
C ALA B 332 48.32 13.34 35.68
N TRP B 333 48.99 12.30 36.18
CA TRP B 333 48.66 10.93 35.84
C TRP B 333 47.58 10.32 36.75
N VAL B 334 47.21 10.98 37.84
CA VAL B 334 46.25 10.38 38.77
C VAL B 334 45.16 11.39 39.15
N PRO B 335 44.25 11.76 38.24
CA PRO B 335 43.14 12.64 38.63
C PRO B 335 41.99 11.91 39.31
N TYR B 336 42.03 10.58 39.40
CA TYR B 336 40.92 9.79 39.93
C TYR B 336 41.11 9.37 41.39
N THR B 337 42.16 9.85 42.06
CA THR B 337 42.51 9.30 43.37
C THR B 337 41.42 9.51 44.41
N ASN B 338 40.67 10.60 44.32
CA ASN B 338 39.64 10.89 45.32
C ASN B 338 38.44 9.94 45.22
N PHE B 339 38.34 9.16 44.16
CA PHE B 339 37.11 8.44 43.84
C PHE B 339 37.23 6.93 44.05
N SER B 340 38.22 6.49 44.82
CA SER B 340 38.33 5.09 45.19
C SER B 340 39.10 5.02 46.51
N PRO B 341 38.62 4.24 47.48
CA PRO B 341 39.33 4.15 48.77
C PRO B 341 40.70 3.52 48.68
N ILE B 342 41.02 2.80 47.60
CA ILE B 342 42.33 2.17 47.47
C ILE B 342 43.45 3.21 47.39
N TYR B 343 43.13 4.44 47.04
CA TYR B 343 44.13 5.50 46.88
C TYR B 343 44.26 6.38 48.12
N LYS B 344 43.59 6.03 49.22
CA LYS B 344 43.60 6.87 50.41
C LYS B 344 45.02 7.03 50.94
N GLY B 345 45.39 8.27 51.27
CA GLY B 345 46.71 8.59 51.74
C GLY B 345 47.78 8.56 50.68
N LEU B 346 47.43 8.29 49.42
CA LEU B 346 48.40 8.22 48.34
C LEU B 346 48.31 9.41 47.39
N CYS B 347 47.59 10.47 47.78
CA CYS B 347 47.41 11.64 46.93
C CYS B 347 47.53 12.91 47.74
N GLY B 348 47.81 14.02 47.04
CA GLY B 348 48.07 15.28 47.72
C GLY B 348 46.86 15.83 48.46
N MET B 349 45.67 15.62 47.90
CA MET B 349 44.45 16.13 48.52
C MET B 349 43.94 15.25 49.65
N SER B 350 44.58 14.11 49.90
CA SER B 350 44.10 13.19 50.92
C SER B 350 44.17 13.83 52.30
N GLY B 351 43.13 13.60 53.09
CA GLY B 351 43.08 14.13 54.44
C GLY B 351 42.71 15.60 54.49
N GLY B 352 42.89 16.17 55.68
CA GLY B 352 42.62 17.57 55.89
C GLY B 352 43.83 18.43 55.57
N ARG B 353 43.67 19.72 55.84
CA ARG B 353 44.74 20.67 55.55
C ARG B 353 45.87 20.53 56.56
N VAL B 354 47.09 20.81 56.11
CA VAL B 354 48.28 20.72 56.93
C VAL B 354 48.56 22.10 57.50
N GLU B 355 48.71 22.18 58.82
CA GLU B 355 48.98 23.46 59.46
C GLU B 355 50.35 23.98 59.05
N GLY B 356 50.42 25.27 58.74
CA GLY B 356 51.66 25.90 58.35
C GLY B 356 52.13 25.57 56.95
N LYS B 357 51.29 24.98 56.11
CA LYS B 357 51.70 24.60 54.77
C LYS B 357 50.52 24.75 53.82
N VAL B 358 50.84 24.88 52.54
CA VAL B 358 49.84 24.84 51.48
C VAL B 358 50.18 23.67 50.56
N ILE B 359 49.15 22.93 50.14
CA ILE B 359 49.30 21.77 49.29
C ILE B 359 48.60 22.04 47.97
N TYR B 360 49.31 21.79 46.87
CA TYR B 360 48.75 21.89 45.53
C TYR B 360 48.74 20.52 44.88
N GLU B 361 47.73 20.27 44.07
CA GLU B 361 47.69 19.13 43.17
C GLU B 361 47.40 19.65 41.78
N THR B 362 48.26 19.32 40.82
CA THR B 362 47.95 19.62 39.43
C THR B 362 47.54 18.33 38.74
N GLN B 363 46.36 18.35 38.11
CA GLN B 363 45.80 17.16 37.50
C GLN B 363 45.51 17.40 36.03
N SER B 364 45.85 16.43 35.20
CA SER B 364 45.49 16.44 33.78
CA SER B 364 45.49 16.44 33.79
C SER B 364 44.17 15.69 33.63
N THR B 365 43.08 16.45 33.57
CA THR B 365 41.76 15.84 33.46
C THR B 365 41.60 15.08 32.15
N HIS B 366 42.34 15.47 31.12
CA HIS B 366 42.22 14.81 29.83
C HIS B 366 42.99 13.50 29.77
N1 LLP B 367 53.46 16.86 34.26
C2 LLP B 367 53.31 15.54 34.13
C2' LLP B 367 53.89 14.64 35.16
C3 LLP B 367 52.61 15.01 33.04
O3 LLP B 367 52.47 13.64 32.97
C4 LLP B 367 52.09 15.87 32.06
C4' LLP B 367 51.29 15.35 30.96
C5 LLP B 367 52.24 17.25 32.23
C6 LLP B 367 52.94 17.69 33.33
C5' LLP B 367 51.70 18.25 31.24
OP4 LLP B 367 50.25 18.15 31.08
P LLP B 367 49.52 18.66 29.74
OP1 LLP B 367 48.04 18.53 30.02
OP2 LLP B 367 50.00 17.72 28.64
OP3 LLP B 367 49.98 20.08 29.51
N LLP B 367 44.03 13.36 30.58
CA LLP B 367 44.92 12.16 30.48
CB LLP B 367 46.26 12.40 31.18
CG LLP B 367 47.32 13.08 30.32
CD LLP B 367 48.65 13.27 31.03
CE LLP B 367 49.76 13.78 30.11
NZ LLP B 367 50.92 14.14 30.91
C LLP B 367 44.21 10.92 31.03
O LLP B 367 44.16 9.93 30.30
N LEU B 368 43.67 10.94 32.25
CA LEU B 368 43.10 9.71 32.79
C LEU B 368 41.61 9.79 33.11
N LEU B 369 41.04 11.00 33.13
CA LEU B 369 39.60 11.14 33.19
C LEU B 369 39.08 11.44 31.78
N ALA B 370 37.80 11.79 31.68
CA ALA B 370 37.15 12.06 30.41
C ALA B 370 37.02 13.57 30.22
N ALA B 371 37.97 14.16 29.51
CA ALA B 371 37.93 15.58 29.19
C ALA B 371 38.77 15.82 27.95
N PHE B 372 38.49 16.93 27.29
CA PHE B 372 39.22 17.30 26.09
C PHE B 372 40.68 17.59 26.41
N SER B 373 41.53 17.44 25.40
CA SER B 373 42.93 17.81 25.54
C SER B 373 43.06 19.27 25.96
N GLN B 374 44.06 19.55 26.80
CA GLN B 374 44.40 20.82 27.43
C GLN B 374 43.53 21.14 28.65
N ALA B 375 42.55 20.30 28.99
CA ALA B 375 41.80 20.51 30.22
C ALA B 375 42.64 20.11 31.42
N SER B 376 42.72 20.99 32.41
CA SER B 376 43.57 20.73 33.57
C SER B 376 42.95 21.36 34.81
N MET B 377 43.28 20.80 35.96
CA MET B 377 42.78 21.27 37.24
C MET B 377 43.95 21.64 38.16
N ILE B 378 43.79 22.73 38.90
CA ILE B 378 44.64 23.05 40.04
C ILE B 378 43.78 22.92 41.30
N HIS B 379 44.24 22.13 42.25
CA HIS B 379 43.58 21.95 43.53
C HIS B 379 44.47 22.50 44.64
N VAL B 380 43.89 23.32 45.51
CA VAL B 380 44.61 23.98 46.58
C VAL B 380 43.95 23.61 47.90
N LYS B 381 44.76 23.17 48.86
CA LYS B 381 44.34 22.94 50.24
C LYS B 381 45.29 23.74 51.14
N GLY B 382 44.76 24.75 51.80
CA GLY B 382 45.54 25.61 52.66
C GLY B 382 45.36 27.08 52.30
N ASP B 383 46.03 27.93 53.07
CA ASP B 383 45.89 29.36 52.90
C ASP B 383 46.74 29.88 51.75
N ILE B 384 46.12 30.61 50.84
CA ILE B 384 46.80 31.32 49.78
C ILE B 384 46.25 32.74 49.70
N ASN B 385 47.06 33.65 49.19
CA ASN B 385 46.60 34.99 48.87
C ASN B 385 45.81 34.90 47.57
N GLU B 386 44.49 34.95 47.68
CA GLU B 386 43.62 34.71 46.52
C GLU B 386 43.86 35.71 45.40
N GLU B 387 44.00 36.99 45.74
CA GLU B 387 44.19 38.01 44.70
C GLU B 387 45.49 37.80 43.95
N THR B 388 46.59 37.54 44.67
CA THR B 388 47.87 37.30 44.03
C THR B 388 47.85 36.03 43.20
N PHE B 389 47.23 34.97 43.74
CA PHE B 389 47.10 33.75 42.97
C PHE B 389 46.26 33.98 41.73
N ASN B 390 45.22 34.81 41.83
CA ASN B 390 44.40 35.09 40.67
C ASN B 390 45.20 35.79 39.58
N GLU B 391 46.09 36.70 39.97
CA GLU B 391 46.90 37.38 38.96
C GLU B 391 47.89 36.41 38.32
N ALA B 392 48.50 35.52 39.11
CA ALA B 392 49.36 34.50 38.51
C ALA B 392 48.57 33.62 37.55
N TYR B 393 47.32 33.29 37.91
CA TYR B 393 46.45 32.52 37.03
C TYR B 393 46.16 33.28 35.73
N MET B 394 45.92 34.58 35.83
CA MET B 394 45.61 35.38 34.65
C MET B 394 46.81 35.52 33.72
N MET B 395 48.03 35.58 34.27
CA MET B 395 49.20 35.70 33.40
C MET B 395 49.40 34.51 32.48
N HIS B 396 48.75 33.38 32.73
CA HIS B 396 48.94 32.22 31.88
C HIS B 396 47.67 31.71 31.20
N THR B 397 46.54 32.37 31.41
CA THR B 397 45.29 31.96 30.82
C THR B 397 44.93 32.91 29.68
N SER B 398 44.53 32.33 28.54
CA SER B 398 44.11 33.14 27.42
C SER B 398 42.89 33.97 27.77
N THR B 399 42.81 35.17 27.20
CA THR B 399 41.62 35.99 27.36
C THR B 399 40.42 35.45 26.60
N SER B 400 40.62 34.43 25.78
CA SER B 400 39.53 33.81 25.01
CA SER B 400 39.53 33.81 25.01
C SER B 400 39.57 32.31 25.23
N PRO B 401 39.19 31.84 26.41
CA PRO B 401 39.22 30.40 26.70
C PRO B 401 38.22 29.64 25.85
N HIS B 402 38.61 28.42 25.49
CA HIS B 402 37.74 27.52 24.73
C HIS B 402 36.68 26.95 25.68
N TYR B 403 35.42 27.34 25.46
CA TYR B 403 34.36 26.96 26.40
C TYR B 403 34.11 25.46 26.40
N GLY B 404 34.37 24.78 25.28
CA GLY B 404 34.22 23.33 25.25
C GLY B 404 35.18 22.63 26.19
N ILE B 405 36.42 23.10 26.25
CA ILE B 405 37.42 22.54 27.15
C ILE B 405 37.00 22.72 28.61
N VAL B 406 36.53 23.94 28.93
CA VAL B 406 36.07 24.24 30.28
C VAL B 406 34.90 23.35 30.66
N ALA B 407 33.93 23.23 29.74
CA ALA B 407 32.76 22.40 29.98
C ALA B 407 33.16 20.93 30.16
N SER B 408 34.14 20.47 29.38
CA SER B 408 34.61 19.10 29.52
C SER B 408 35.24 18.87 30.90
N THR B 409 35.98 19.85 31.41
CA THR B 409 36.51 19.74 32.77
C THR B 409 35.39 19.58 33.79
N GLU B 410 34.39 20.48 33.72
CA GLU B 410 33.26 20.39 34.65
C GLU B 410 32.52 19.06 34.50
N THR B 411 32.36 18.59 33.27
CA THR B 411 31.64 17.35 33.00
C THR B 411 32.40 16.14 33.49
N ALA B 412 33.73 16.14 33.42
CA ALA B 412 34.49 15.06 34.02
C ALA B 412 34.25 15.01 35.52
N ALA B 413 34.24 16.18 36.17
CA ALA B 413 33.88 16.23 37.58
C ALA B 413 32.50 15.62 37.81
N ALA B 414 31.54 15.95 36.96
CA ALA B 414 30.17 15.45 37.12
C ALA B 414 30.09 13.93 36.91
N MET B 415 30.81 13.41 35.91
CA MET B 415 30.86 11.97 35.70
C MET B 415 31.42 11.25 36.91
N MET B 416 32.30 11.90 37.66
CA MET B 416 32.88 11.26 38.82
C MET B 416 31.88 11.02 39.96
N LYS B 417 30.70 11.64 39.93
CA LYS B 417 29.81 11.66 41.08
C LYS B 417 28.79 10.52 41.04
N GLY B 418 28.34 10.13 42.23
CA GLY B 418 27.23 9.20 42.36
C GLY B 418 27.62 7.73 42.21
N ASN B 419 26.58 6.90 42.26
CA ASN B 419 26.77 5.46 42.08
C ASN B 419 27.29 5.13 40.69
N ALA B 420 26.83 5.87 39.68
CA ALA B 420 27.31 5.64 38.32
C ALA B 420 28.82 5.90 38.22
N GLY B 421 29.29 7.01 38.79
CA GLY B 421 30.71 7.28 38.77
C GLY B 421 31.53 6.31 39.59
N LYS B 422 31.00 5.93 40.77
CA LYS B 422 31.70 4.95 41.59
C LYS B 422 31.83 3.63 40.84
N ARG B 423 30.78 3.22 40.14
CA ARG B 423 30.85 2.02 39.32
C ARG B 423 31.86 2.18 38.18
N LEU B 424 31.94 3.38 37.60
CA LEU B 424 32.92 3.62 36.54
C LEU B 424 34.34 3.35 37.03
N ILE B 425 34.73 3.97 38.15
CA ILE B 425 36.09 3.79 38.65
C ILE B 425 36.32 2.36 39.13
N ASN B 426 35.38 1.80 39.89
CA ASN B 426 35.56 0.44 40.39
C ASN B 426 35.65 -0.55 39.24
N GLY B 427 34.84 -0.38 38.20
CA GLY B 427 34.90 -1.26 37.06
C GLY B 427 36.21 -1.15 36.31
N SER B 428 36.74 0.07 36.20
CA SER B 428 38.05 0.22 35.57
C SER B 428 39.14 -0.52 36.36
N ILE B 429 39.11 -0.39 37.70
CA ILE B 429 40.11 -1.06 38.52
C ILE B 429 39.97 -2.59 38.42
N GLU B 430 38.74 -3.09 38.48
CA GLU B 430 38.52 -4.54 38.38
C GLU B 430 38.91 -5.07 37.01
N ARG B 431 38.61 -4.30 35.95
CA ARG B 431 39.01 -4.71 34.60
C ARG B 431 40.52 -4.80 34.48
N ALA B 432 41.24 -3.81 35.02
CA ALA B 432 42.70 -3.86 34.99
C ALA B 432 43.23 -5.06 35.76
N ILE B 433 42.67 -5.35 36.93
CA ILE B 433 43.14 -6.48 37.73
C ILE B 433 42.86 -7.80 37.02
N ARG B 434 41.68 -7.91 36.39
CA ARG B 434 41.36 -9.13 35.64
C ARG B 434 42.34 -9.32 34.49
N PHE B 435 42.69 -8.24 33.80
CA PHE B 435 43.68 -8.33 32.73
C PHE B 435 45.05 -8.77 33.27
N ARG B 436 45.45 -8.23 34.42
CA ARG B 436 46.73 -8.62 35.02
C ARG B 436 46.75 -10.11 35.34
N LYS B 437 45.69 -10.60 35.98
CA LYS B 437 45.61 -12.02 36.32
C LYS B 437 45.63 -12.88 35.07
N GLU B 438 44.94 -12.43 34.01
CA GLU B 438 44.91 -13.20 32.78
C GLU B 438 46.28 -13.23 32.12
N ILE B 439 47.04 -12.14 32.16
CA ILE B 439 48.39 -12.16 31.62
C ILE B 439 49.24 -13.17 32.38
N LYS B 440 49.13 -13.18 33.71
CA LYS B 440 49.86 -14.16 34.50
C LYS B 440 49.47 -15.59 34.12
N ARG B 441 48.17 -15.84 33.97
CA ARG B 441 47.68 -17.17 33.63
C ARG B 441 48.18 -17.62 32.26
N LEU B 442 48.15 -16.72 31.28
CA LEU B 442 48.65 -17.05 29.95
C LEU B 442 50.15 -17.31 29.98
N ASN B 443 50.89 -16.52 30.76
CA ASN B 443 52.32 -16.76 30.90
C ASN B 443 52.59 -18.14 31.47
N SER B 444 51.80 -18.56 32.46
CA SER B 444 51.95 -19.90 33.01
C SER B 444 51.56 -20.97 32.00
N GLU B 445 50.58 -20.69 31.14
CA GLU B 445 50.13 -21.70 30.17
C GLU B 445 51.11 -21.86 29.01
N SER B 446 51.79 -20.80 28.62
CA SER B 446 52.64 -20.83 27.43
C SER B 446 53.82 -21.78 27.64
N GLU B 447 54.09 -22.60 26.62
CA GLU B 447 55.21 -23.53 26.69
C GLU B 447 56.53 -22.77 26.60
N GLY B 448 56.64 -21.85 25.66
CA GLY B 448 57.81 -21.01 25.52
C GLY B 448 57.64 -19.68 26.20
N TRP B 449 58.30 -18.66 25.66
CA TRP B 449 58.23 -17.32 26.23
C TRP B 449 56.82 -16.75 26.09
N PHE B 450 56.44 -15.91 27.05
CA PHE B 450 55.24 -15.12 26.93
C PHE B 450 55.43 -13.78 27.63
N PHE B 451 54.56 -12.84 27.30
CA PHE B 451 54.59 -11.54 27.95
C PHE B 451 54.37 -11.69 29.45
N ASP B 452 55.04 -10.84 30.22
CA ASP B 452 54.91 -10.81 31.66
C ASP B 452 54.44 -9.42 32.09
N VAL B 453 53.81 -9.35 33.25
CA VAL B 453 53.30 -8.09 33.79
C VAL B 453 54.08 -7.76 35.06
N TRP B 454 54.50 -6.51 35.16
CA TRP B 454 55.33 -6.02 36.26
C TRP B 454 54.43 -5.75 37.46
N GLN B 455 54.38 -6.71 38.39
CA GLN B 455 53.45 -6.67 39.51
C GLN B 455 53.86 -7.69 40.57
N PRO B 456 53.28 -7.65 41.77
CA PRO B 456 53.57 -8.69 42.77
C PRO B 456 52.96 -10.02 42.36
N GLU B 457 53.42 -11.07 43.05
CA GLU B 457 53.05 -12.44 42.67
C GLU B 457 51.57 -12.72 42.90
N GLY B 458 51.06 -12.42 44.08
CA GLY B 458 49.76 -12.94 44.48
C GLY B 458 48.63 -11.95 44.55
N ILE B 459 48.49 -11.08 43.53
CA ILE B 459 47.47 -10.05 43.57
C ILE B 459 46.09 -10.71 43.56
N ASP B 460 45.27 -10.37 44.55
CA ASP B 460 43.90 -10.88 44.61
C ASP B 460 42.87 -9.76 44.62
N GLU B 461 42.93 -8.85 45.59
CA GLU B 461 41.88 -7.86 45.77
C GLU B 461 42.32 -6.52 45.19
N ALA B 462 41.34 -5.65 44.96
CA ALA B 462 41.60 -4.34 44.42
C ALA B 462 42.24 -3.46 45.48
N LYS B 463 43.52 -3.11 45.26
CA LYS B 463 44.26 -2.22 46.16
C LYS B 463 45.54 -1.82 45.45
N CYS B 464 46.19 -0.79 45.98
CA CYS B 464 47.52 -0.41 45.53
C CYS B 464 48.55 -1.27 46.25
N TRP B 465 49.37 -1.97 45.48
CA TRP B 465 50.25 -2.99 46.04
C TRP B 465 51.53 -2.35 46.55
N PRO B 466 51.86 -2.50 47.83
CA PRO B 466 53.09 -1.89 48.35
C PRO B 466 54.33 -2.51 47.72
N LEU B 467 55.38 -1.72 47.62
CA LEU B 467 56.68 -2.18 47.15
C LEU B 467 57.53 -2.52 48.37
N ASP B 468 57.69 -3.81 48.63
CA ASP B 468 58.39 -4.29 49.81
C ASP B 468 59.85 -4.62 49.50
N SER B 469 60.71 -4.42 50.50
CA SER B 469 62.12 -4.72 50.32
C SER B 469 62.36 -6.21 50.14
N LYS B 470 61.52 -7.07 50.73
CA LYS B 470 61.71 -8.51 50.59
C LYS B 470 61.35 -8.99 49.19
N ASP B 471 60.32 -8.41 48.58
CA ASP B 471 59.91 -8.79 47.24
C ASP B 471 60.82 -8.16 46.20
N ASN B 472 61.14 -8.93 45.17
CA ASN B 472 62.05 -8.49 44.11
C ASN B 472 61.35 -8.27 42.78
N TRP B 473 60.02 -8.35 42.75
CA TRP B 473 59.32 -8.13 41.48
C TRP B 473 59.55 -6.72 40.95
N HIS B 474 59.61 -5.73 41.84
CA HIS B 474 59.74 -4.34 41.40
C HIS B 474 61.14 -4.01 40.92
N GLY B 475 62.15 -4.75 41.35
CA GLY B 475 63.50 -4.54 40.85
C GLY B 475 64.23 -3.34 41.41
N PHE B 476 63.72 -2.72 42.46
CA PHE B 476 64.37 -1.59 43.10
C PHE B 476 65.17 -2.10 44.30
N LYS B 477 66.47 -1.83 44.31
CA LYS B 477 67.31 -2.28 45.40
C LYS B 477 67.09 -1.43 46.63
N ASP B 478 67.12 -2.08 47.80
CA ASP B 478 67.01 -1.44 49.12
C ASP B 478 65.95 -0.34 49.15
N ILE B 479 64.72 -0.74 48.91
CA ILE B 479 63.60 0.19 48.91
C ILE B 479 63.05 0.33 50.32
N ASP B 480 62.58 1.53 50.65
CA ASP B 480 61.94 1.76 51.93
C ASP B 480 60.56 1.11 51.96
N ASN B 481 60.11 0.79 53.17
CA ASN B 481 58.81 0.16 53.36
C ASN B 481 57.72 1.21 53.52
N ASP B 482 56.51 0.84 53.10
CA ASP B 482 55.33 1.71 53.22
C ASP B 482 55.56 3.06 52.54
N HIS B 483 56.35 3.05 51.46
CA HIS B 483 56.70 4.27 50.76
C HIS B 483 56.06 4.34 49.38
N MET B 484 56.29 3.36 48.53
CA MET B 484 55.73 3.36 47.19
C MET B 484 54.74 2.22 46.99
N TYR B 485 53.74 2.50 46.18
CA TYR B 485 52.65 1.57 45.89
C TYR B 485 52.41 1.57 44.40
N LEU B 486 51.88 0.46 43.88
CA LEU B 486 51.63 0.32 42.45
C LEU B 486 50.15 0.54 42.16
N ASP B 487 49.88 1.43 41.22
CA ASP B 487 48.52 1.70 40.79
C ASP B 487 48.04 0.59 39.86
N PRO B 488 46.98 -0.13 40.19
CA PRO B 488 46.53 -1.22 39.31
C PRO B 488 46.16 -0.76 37.91
N ILE B 489 45.79 0.51 37.75
CA ILE B 489 45.34 1.04 36.47
C ILE B 489 46.48 1.08 35.45
N LYS B 490 47.71 1.30 35.89
CA LYS B 490 48.86 1.42 34.99
C LYS B 490 49.49 0.06 34.79
N VAL B 491 49.20 -0.60 33.67
CA VAL B 491 49.62 -1.98 33.44
C VAL B 491 50.89 -1.97 32.60
N THR B 492 51.99 -2.45 33.17
CA THR B 492 53.25 -2.54 32.46
C THR B 492 53.51 -3.99 32.07
N LEU B 493 53.51 -4.25 30.76
CA LEU B 493 53.87 -5.56 30.23
C LEU B 493 55.37 -5.58 29.95
N LEU B 494 55.99 -6.73 30.24
CA LEU B 494 57.42 -6.93 30.05
C LEU B 494 57.64 -7.98 28.97
N THR B 495 58.51 -7.66 28.03
CA THR B 495 58.97 -8.61 27.03
C THR B 495 60.21 -9.34 27.53
N PRO B 496 60.48 -10.56 27.05
CA PRO B 496 61.71 -11.24 27.45
C PRO B 496 62.95 -10.51 26.96
N GLY B 497 64.03 -10.63 27.73
CA GLY B 497 65.27 -9.96 27.41
C GLY B 497 66.03 -9.53 28.64
N MET B 498 65.41 -9.64 29.80
CA MET B 498 66.01 -9.26 31.07
C MET B 498 65.85 -10.40 32.06
N GLN B 499 66.84 -10.56 32.92
CA GLN B 499 66.83 -11.59 33.95
C GLN B 499 66.31 -11.01 35.26
N LYS B 500 66.00 -11.91 36.19
CA LYS B 500 65.39 -11.51 37.46
C LYS B 500 66.38 -10.85 38.40
N ASP B 501 67.68 -10.99 38.16
CA ASP B 501 68.70 -10.36 39.00
C ASP B 501 69.14 -8.99 38.47
N GLY B 502 68.49 -8.49 37.42
CA GLY B 502 68.86 -7.22 36.84
C GLY B 502 69.85 -7.30 35.70
N SER B 503 70.26 -8.49 35.29
CA SER B 503 71.21 -8.67 34.21
C SER B 503 70.48 -8.95 32.90
N MET B 504 71.16 -8.63 31.80
CA MET B 504 70.57 -8.82 30.48
C MET B 504 70.61 -10.31 30.11
N ALA B 505 69.74 -10.69 29.18
CA ALA B 505 69.60 -12.08 28.75
C ALA B 505 70.15 -12.25 27.35
N ASP B 506 70.55 -13.49 27.05
CA ASP B 506 71.11 -13.79 25.74
C ASP B 506 70.10 -13.58 24.62
N THR B 507 68.86 -13.97 24.86
CA THR B 507 67.77 -13.79 23.90
C THR B 507 66.77 -12.78 24.44
N GLY B 508 66.21 -11.98 23.53
CA GLY B 508 65.22 -11.00 23.93
C GLY B 508 64.51 -10.31 22.78
N ILE B 509 63.29 -9.86 23.02
CA ILE B 509 62.48 -9.19 22.01
C ILE B 509 62.30 -7.73 22.45
N PRO B 510 62.74 -6.76 21.66
CA PRO B 510 62.58 -5.36 22.06
C PRO B 510 61.13 -4.92 21.95
N ALA B 511 60.66 -4.22 22.98
CA ALA B 511 59.25 -3.83 23.05
C ALA B 511 58.86 -2.87 21.96
N SER B 512 59.82 -2.21 21.30
CA SER B 512 59.49 -1.37 20.16
C SER B 512 58.88 -2.16 19.03
N ILE B 513 59.39 -3.38 18.80
CA ILE B 513 58.84 -4.23 17.74
C ILE B 513 57.40 -4.62 18.07
N VAL B 514 57.15 -5.01 19.32
CA VAL B 514 55.79 -5.35 19.73
C VAL B 514 54.87 -4.16 19.57
N SER B 515 55.36 -2.97 19.95
CA SER B 515 54.56 -1.75 19.80
C SER B 515 54.22 -1.48 18.34
N LYS B 516 55.20 -1.64 17.45
CA LYS B 516 54.94 -1.45 16.03
C LYS B 516 53.91 -2.46 15.52
N TYR B 517 54.03 -3.72 15.95
CA TYR B 517 53.06 -4.74 15.57
C TYR B 517 51.66 -4.37 16.03
N LEU B 518 51.53 -3.95 17.29
CA LEU B 518 50.23 -3.58 17.82
C LEU B 518 49.64 -2.38 17.07
N ASP B 519 50.50 -1.42 16.73
CA ASP B 519 50.04 -0.28 15.93
C ASP B 519 49.54 -0.75 14.57
N GLU B 520 50.24 -1.70 13.95
CA GLU B 520 49.78 -2.24 12.68
C GLU B 520 48.39 -2.83 12.80
N HIS B 521 48.04 -3.39 13.96
CA HIS B 521 46.74 -4.01 14.19
C HIS B 521 45.82 -3.14 15.04
N GLY B 522 45.92 -1.83 14.90
CA GLY B 522 44.93 -0.93 15.46
C GLY B 522 44.94 -0.77 16.96
N ILE B 523 46.07 -1.02 17.62
CA ILE B 523 46.20 -0.87 19.06
C ILE B 523 47.36 0.06 19.34
N ILE B 524 47.07 1.21 19.94
CA ILE B 524 48.09 2.23 20.25
C ILE B 524 48.45 2.10 21.72
N VAL B 525 49.73 1.87 22.00
CA VAL B 525 50.19 1.83 23.39
C VAL B 525 50.54 3.24 23.84
N GLU B 526 50.52 3.44 25.16
CA GLU B 526 50.84 4.75 25.73
C GLU B 526 52.34 5.04 25.66
N LYS B 527 53.18 4.07 26.02
CA LYS B 527 54.62 4.33 26.11
C LYS B 527 55.38 3.01 25.99
N THR B 528 56.50 3.04 25.29
CA THR B 528 57.30 1.84 25.03
C THR B 528 58.74 2.08 25.48
N GLY B 529 59.17 1.36 26.50
CA GLY B 529 60.56 1.34 26.90
C GLY B 529 61.32 0.26 26.16
N PRO B 530 62.58 0.04 26.52
CA PRO B 530 63.37 -1.00 25.83
C PRO B 530 62.76 -2.40 25.93
N TYR B 531 62.20 -2.75 27.08
CA TYR B 531 61.62 -4.08 27.27
C TYR B 531 60.30 -4.03 28.02
N ASN B 532 59.65 -2.87 28.04
CA ASN B 532 58.38 -2.72 28.73
C ASN B 532 57.45 -1.85 27.89
N MET B 533 56.17 -2.16 27.98
CA MET B 533 55.11 -1.40 27.35
C MET B 533 54.11 -1.00 28.42
N LEU B 534 53.54 0.19 28.30
CA LEU B 534 52.60 0.72 29.26
C LEU B 534 51.21 0.81 28.63
N PHE B 535 50.22 0.27 29.31
CA PHE B 535 48.82 0.33 28.90
C PHE B 535 48.02 0.99 30.01
N LEU B 536 47.30 2.05 29.66
CA LEU B 536 46.44 2.76 30.60
C LEU B 536 45.06 2.12 30.57
N PHE B 537 44.68 1.43 31.64
CA PHE B 537 43.36 0.82 31.74
C PHE B 537 42.39 1.80 32.39
N SER B 538 42.13 2.88 31.66
CA SER B 538 41.33 3.99 32.15
C SER B 538 39.84 3.64 32.10
N ILE B 539 39.01 4.62 32.47
CA ILE B 539 37.57 4.45 32.37
C ILE B 539 37.09 4.38 30.93
N GLY B 540 37.96 4.71 29.97
CA GLY B 540 37.66 4.55 28.57
C GLY B 540 37.95 3.17 28.00
N ILE B 541 38.50 2.26 28.81
CA ILE B 541 38.81 0.90 28.37
C ILE B 541 37.66 -0.01 28.78
N ASP B 542 37.12 -0.73 27.81
CA ASP B 542 36.05 -1.68 28.07
C ASP B 542 36.56 -3.10 27.81
N LYS B 543 35.68 -4.07 28.04
CA LYS B 543 36.07 -5.48 27.90
C LYS B 543 36.43 -5.81 26.45
N THR B 544 35.74 -5.20 25.50
CA THR B 544 36.03 -5.42 24.09
C THR B 544 37.50 -5.10 23.78
N LYS B 545 37.97 -3.93 24.24
CA LYS B 545 39.34 -3.54 23.97
C LYS B 545 40.34 -4.43 24.68
N ALA B 546 40.03 -4.84 25.92
CA ALA B 546 40.95 -5.70 26.65
C ALA B 546 41.10 -7.06 25.95
N LEU B 547 39.98 -7.64 25.51
CA LEU B 547 40.06 -8.90 24.78
C LEU B 547 40.79 -8.72 23.46
N SER B 548 40.56 -7.58 22.79
CA SER B 548 41.27 -7.31 21.55
C SER B 548 42.78 -7.24 21.78
N LEU B 549 43.20 -6.64 22.89
CA LEU B 549 44.62 -6.57 23.22
C LEU B 549 45.19 -7.97 23.50
N LEU B 550 44.44 -8.80 24.23
CA LEU B 550 44.88 -10.17 24.46
C LEU B 550 45.06 -10.91 23.13
N ARG B 551 44.09 -10.76 22.22
CA ARG B 551 44.18 -11.42 20.92
C ARG B 551 45.38 -10.91 20.13
N ALA B 552 45.63 -9.61 20.16
CA ALA B 552 46.77 -9.06 19.43
C ALA B 552 48.10 -9.55 19.99
N LEU B 553 48.22 -9.62 21.32
CA LEU B 553 49.45 -10.14 21.90
C LEU B 553 49.68 -11.60 21.53
N THR B 554 48.62 -12.41 21.60
CA THR B 554 48.74 -13.81 21.21
C THR B 554 49.12 -13.94 19.74
N ASP B 555 48.52 -13.11 18.89
CA ASP B 555 48.86 -13.12 17.46
C ASP B 555 50.31 -12.73 17.24
N PHE B 556 50.81 -11.76 18.00
CA PHE B 556 52.23 -11.42 17.87
C PHE B 556 53.11 -12.60 18.24
N LYS B 557 52.77 -13.28 19.35
CA LYS B 557 53.59 -14.41 19.76
C LYS B 557 53.60 -15.51 18.69
N ARG B 558 52.42 -15.81 18.14
CA ARG B 558 52.34 -16.85 17.11
C ARG B 558 53.13 -16.46 15.87
N SER B 559 53.01 -15.20 15.42
CA SER B 559 53.75 -14.77 14.23
C SER B 559 55.25 -14.76 14.48
N TYR B 560 55.68 -14.36 15.68
CA TYR B 560 57.10 -14.34 16.01
C TYR B 560 57.67 -15.76 16.05
N ASP B 561 56.94 -16.69 16.67
CA ASP B 561 57.39 -18.08 16.69
C ASP B 561 57.38 -18.70 15.29
N LEU B 562 56.63 -18.12 14.35
CA LEU B 562 56.63 -18.57 12.97
C LEU B 562 57.74 -17.96 12.14
N ASN B 563 58.52 -17.05 12.72
CA ASN B 563 59.67 -16.43 12.04
C ASN B 563 59.26 -15.77 10.73
N LEU B 564 58.16 -15.03 10.76
CA LEU B 564 57.63 -14.41 9.55
C LEU B 564 58.56 -13.31 9.06
N ARG B 565 58.38 -12.95 7.80
CA ARG B 565 59.17 -11.88 7.21
C ARG B 565 58.70 -10.52 7.73
N VAL B 566 59.64 -9.59 7.84
CA VAL B 566 59.33 -8.24 8.30
C VAL B 566 58.39 -7.55 7.30
N LYS B 567 58.58 -7.82 6.01
CA LYS B 567 57.75 -7.22 4.98
C LYS B 567 56.27 -7.54 5.19
N ASN B 568 55.96 -8.70 5.74
CA ASN B 568 54.57 -9.10 5.97
C ASN B 568 54.08 -8.73 7.35
N MET B 569 54.92 -8.98 8.37
CA MET B 569 54.51 -8.73 9.76
C MET B 569 54.41 -7.24 10.05
N LEU B 570 55.34 -6.44 9.52
CA LEU B 570 55.40 -5.01 9.80
C LEU B 570 55.49 -4.24 8.49
N PRO B 571 54.38 -4.10 7.76
CA PRO B 571 54.43 -3.41 6.46
C PRO B 571 54.94 -1.98 6.52
N SER B 572 54.58 -1.21 7.54
CA SER B 572 55.05 0.17 7.63
C SER B 572 56.56 0.22 7.85
N LEU B 573 57.09 -0.68 8.69
CA LEU B 573 58.53 -0.74 8.90
C LEU B 573 59.25 -1.07 7.59
N TYR B 574 58.68 -1.97 6.79
CA TYR B 574 59.24 -2.26 5.48
C TYR B 574 59.19 -1.03 4.57
N ARG B 575 58.08 -0.30 4.60
CA ARG B 575 57.95 0.91 3.80
C ARG B 575 58.94 1.98 4.23
N GLU B 576 59.45 1.91 5.45
CA GLU B 576 60.50 2.85 5.87
C GLU B 576 61.75 2.68 5.03
N ASP B 577 62.14 1.43 4.74
CA ASP B 577 63.33 1.15 3.97
C ASP B 577 63.24 -0.25 3.36
N PRO B 578 62.59 -0.39 2.20
CA PRO B 578 62.37 -1.74 1.65
C PRO B 578 63.66 -2.51 1.40
N GLU B 579 64.72 -1.84 0.96
CA GLU B 579 65.95 -2.56 0.66
C GLU B 579 66.62 -3.10 1.92
N PHE B 580 66.43 -2.42 3.05
CA PHE B 580 67.03 -2.88 4.30
C PHE B 580 66.27 -4.08 4.87
N TYR B 581 64.94 -4.06 4.79
CA TYR B 581 64.11 -5.15 5.30
C TYR B 581 63.58 -6.04 4.18
N GLU B 582 64.38 -6.25 3.13
CA GLU B 582 63.88 -6.97 1.96
C GLU B 582 63.54 -8.41 2.28
N ASN B 583 64.35 -9.08 3.10
CA ASN B 583 64.15 -10.49 3.37
C ASN B 583 64.32 -10.89 4.83
N MET B 584 64.78 -10.00 5.70
CA MET B 584 65.06 -10.39 7.08
C MET B 584 63.76 -10.78 7.78
N ARG B 585 63.85 -11.82 8.62
CA ARG B 585 62.70 -12.28 9.38
C ARG B 585 62.53 -11.44 10.65
N ILE B 586 61.41 -11.65 11.32
CA ILE B 586 61.13 -10.87 12.53
C ILE B 586 62.07 -11.28 13.66
N GLN B 587 62.34 -12.59 13.80
CA GLN B 587 63.27 -13.03 14.82
C GLN B 587 64.64 -12.41 14.61
N GLU B 588 65.06 -12.26 13.35
CA GLU B 588 66.36 -11.66 13.06
C GLU B 588 66.42 -10.20 13.50
N LEU B 589 65.38 -9.43 13.22
CA LEU B 589 65.36 -8.04 13.66
C LEU B 589 65.36 -7.95 15.18
N ALA B 590 64.55 -8.79 15.83
CA ALA B 590 64.51 -8.80 17.29
C ALA B 590 65.88 -9.11 17.87
N GLN B 591 66.53 -10.15 17.34
CA GLN B 591 67.85 -10.54 17.85
C GLN B 591 68.91 -9.50 17.54
N GLY B 592 68.82 -8.83 16.40
CA GLY B 592 69.78 -7.79 16.09
C GLY B 592 69.69 -6.62 17.05
N ILE B 593 68.46 -6.16 17.32
CA ILE B 593 68.31 -5.05 18.27
C ILE B 593 68.69 -5.50 19.67
N HIS B 594 68.32 -6.73 20.05
CA HIS B 594 68.70 -7.24 21.37
C HIS B 594 70.21 -7.30 21.52
N ALA B 595 70.91 -7.80 20.50
CA ALA B 595 72.36 -7.90 20.56
C ALA B 595 73.01 -6.52 20.60
N LEU B 596 72.46 -5.57 19.85
CA LEU B 596 72.97 -4.20 19.91
C LEU B 596 72.82 -3.63 21.32
N ILE B 597 71.65 -3.82 21.93
CA ILE B 597 71.42 -3.34 23.29
C ILE B 597 72.39 -4.01 24.26
N GLN B 598 72.58 -5.32 24.12
CA GLN B 598 73.44 -6.05 25.05
C GLN B 598 74.89 -5.61 24.90
N HIS B 599 75.41 -5.60 23.68
CA HIS B 599 76.81 -5.23 23.44
C HIS B 599 77.07 -3.79 23.86
N HIS B 600 76.15 -2.88 23.56
CA HIS B 600 76.30 -1.51 24.03
C HIS B 600 76.00 -1.38 25.52
N ASN B 601 75.46 -2.43 26.15
CA ASN B 601 75.13 -2.44 27.58
C ASN B 601 74.17 -1.31 27.92
N LEU B 602 73.00 -1.34 27.29
CA LEU B 602 72.01 -0.27 27.50
C LEU B 602 71.53 -0.15 28.94
N PRO B 603 71.11 -1.22 29.62
CA PRO B 603 70.59 -1.02 31.00
C PRO B 603 71.62 -0.47 31.96
N ASP B 604 72.84 -1.03 31.96
CA ASP B 604 73.86 -0.55 32.90
C ASP B 604 74.24 0.89 32.61
N LEU B 605 74.42 1.24 31.33
CA LEU B 605 74.74 2.61 30.96
C LEU B 605 73.61 3.56 31.35
N MET B 606 72.37 3.15 31.11
CA MET B 606 71.22 3.94 31.52
C MET B 606 71.25 4.22 33.03
N TYR B 607 71.39 3.16 33.82
CA TYR B 607 71.34 3.28 35.27
C TYR B 607 72.48 4.16 35.78
N ARG B 608 73.69 3.96 35.25
CA ARG B 608 74.83 4.75 35.70
C ARG B 608 74.71 6.20 35.28
N ALA B 609 74.17 6.46 34.09
CA ALA B 609 74.01 7.83 33.63
C ALA B 609 73.01 8.57 34.50
N PHE B 610 71.91 7.93 34.85
CA PHE B 610 70.91 8.60 35.67
C PHE B 610 71.19 8.52 37.16
N GLU B 611 72.21 7.78 37.58
CA GLU B 611 72.58 7.75 38.99
C GLU B 611 73.38 8.97 39.42
N VAL B 612 74.16 9.56 38.52
CA VAL B 612 75.07 10.66 38.84
C VAL B 612 74.48 11.96 38.33
N LEU B 613 74.52 12.99 39.18
CA LEU B 613 73.96 14.29 38.83
C LEU B 613 75.01 15.17 38.16
N PRO B 614 74.73 15.69 36.96
CA PRO B 614 75.66 16.64 36.35
C PRO B 614 75.82 17.89 37.19
N THR B 615 77.00 18.51 37.09
CA THR B 615 77.28 19.71 37.86
C THR B 615 76.39 20.86 37.39
N MET B 616 75.91 21.64 38.36
CA MET B 616 75.10 22.83 38.09
C MET B 616 75.99 24.06 38.20
N VAL B 617 76.54 24.50 37.06
CA VAL B 617 77.33 25.72 37.04
C VAL B 617 76.44 26.94 37.26
N MET B 618 75.29 26.97 36.60
CA MET B 618 74.36 28.09 36.70
C MET B 618 72.95 27.55 36.59
N ASN B 619 72.01 28.32 37.13
CA ASN B 619 70.62 27.90 37.12
C ASN B 619 70.04 27.96 35.71
N PRO B 620 68.93 27.25 35.46
CA PRO B 620 68.36 27.24 34.10
C PRO B 620 67.99 28.63 33.58
N HIS B 621 67.62 29.56 34.46
CA HIS B 621 67.30 30.91 34.00
C HIS B 621 68.51 31.59 33.38
N ALA B 622 69.68 31.48 34.02
CA ALA B 622 70.89 32.11 33.49
C ALA B 622 71.29 31.51 32.14
N ALA B 623 71.25 30.19 32.04
CA ALA B 623 71.59 29.54 30.77
C ALA B 623 70.60 29.93 29.67
N PHE B 624 69.32 29.98 30.00
CA PHE B 624 68.30 30.40 29.04
C PHE B 624 68.51 31.83 28.59
N GLN B 625 68.86 32.72 29.53
CA GLN B 625 69.13 34.11 29.17
C GLN B 625 70.34 34.23 28.24
N MET B 626 71.41 33.50 28.54
CA MET B 626 72.59 33.53 27.67
C MET B 626 72.29 32.94 26.30
N GLU B 627 71.46 31.90 26.26
CA GLU B 627 71.06 31.33 24.98
C GLU B 627 70.27 32.37 24.18
N LEU B 628 69.38 33.11 24.84
CA LEU B 628 68.63 34.17 24.17
C LEU B 628 69.57 35.25 23.65
N ARG B 629 70.58 35.62 24.44
CA ARG B 629 71.50 36.67 24.03
C ARG B 629 72.47 36.22 22.94
N GLY B 630 72.35 35.00 22.44
CA GLY B 630 73.21 34.52 21.38
C GLY B 630 74.56 33.98 21.81
N GLN B 631 74.79 33.82 23.11
CA GLN B 631 76.10 33.40 23.60
C GLN B 631 76.22 31.88 23.66
N THR B 632 75.90 31.20 22.56
CA THR B 632 75.90 29.75 22.51
C THR B 632 76.46 29.29 21.17
N GLU B 633 76.93 28.04 21.15
CA GLU B 633 77.41 27.43 19.93
C GLU B 633 77.01 25.96 19.92
N GLU B 634 76.98 25.38 18.72
CA GLU B 634 76.65 23.97 18.54
C GLU B 634 77.93 23.15 18.51
N VAL B 635 78.05 22.20 19.44
CA VAL B 635 79.20 21.30 19.48
C VAL B 635 78.71 19.87 19.48
N TYR B 636 79.58 18.97 19.03
CA TYR B 636 79.24 17.56 19.00
C TYR B 636 79.27 16.96 20.41
N LEU B 637 78.69 15.78 20.54
CA LEU B 637 78.62 15.11 21.83
C LEU B 637 80.00 14.92 22.45
N GLU B 638 81.03 14.71 21.61
CA GLU B 638 82.37 14.45 22.13
C GLU B 638 82.88 15.62 22.96
N GLU B 639 82.59 16.85 22.54
CA GLU B 639 82.98 18.04 23.28
C GLU B 639 82.03 18.39 24.40
N MET B 640 81.20 17.44 24.84
CA MET B 640 80.22 17.73 25.89
C MET B 640 80.89 18.08 27.21
N ILE B 641 81.97 17.38 27.55
CA ILE B 641 82.62 17.59 28.84
C ILE B 641 83.21 18.99 28.90
N GLY B 642 83.00 19.66 30.02
CA GLY B 642 83.50 21.00 30.22
C GLY B 642 82.66 22.11 29.64
N LYS B 643 81.55 21.77 28.98
CA LYS B 643 80.69 22.75 28.33
C LYS B 643 79.35 22.79 29.04
N VAL B 644 78.91 24.00 29.40
CA VAL B 644 77.64 24.18 30.09
C VAL B 644 76.51 24.10 29.07
N ASN B 645 75.60 23.16 29.28
CA ASN B 645 74.49 22.96 28.35
C ASN B 645 73.51 24.13 28.39
N ALA B 646 73.00 24.48 27.22
CA ALA B 646 72.03 25.56 27.11
C ALA B 646 70.59 25.08 27.15
N ASN B 647 70.34 23.83 26.77
CA ASN B 647 68.99 23.32 26.66
C ASN B 647 68.86 22.02 27.45
N MET B 648 67.65 21.75 27.91
CA MET B 648 67.39 20.49 28.60
C MET B 648 67.55 19.34 27.63
N ILE B 649 68.47 18.43 27.93
CA ILE B 649 68.63 17.19 27.17
C ILE B 649 67.74 16.13 27.80
N LEU B 650 66.79 15.63 27.00
CA LEU B 650 65.74 14.73 27.45
C LEU B 650 65.71 13.53 26.51
N PRO B 651 66.54 12.52 26.77
CA PRO B 651 66.51 11.31 25.93
C PRO B 651 65.21 10.54 26.17
N TYR B 652 64.47 10.33 25.09
CA TYR B 652 63.12 9.77 25.21
C TYR B 652 63.08 8.27 25.49
N PRO B 653 64.02 7.47 25.00
CA PRO B 653 64.03 6.05 25.40
C PRO B 653 64.08 5.88 26.91
N PRO B 654 64.86 6.71 27.64
CA PRO B 654 64.60 6.81 29.09
C PRO B 654 63.27 7.53 29.38
N GLY B 655 63.09 8.70 28.77
CA GLY B 655 61.86 9.46 28.90
C GLY B 655 61.89 10.56 29.94
N VAL B 656 62.91 10.60 30.80
CA VAL B 656 62.97 11.60 31.86
C VAL B 656 64.16 12.52 31.59
N PRO B 657 64.08 13.80 31.94
CA PRO B 657 65.16 14.73 31.58
C PRO B 657 66.49 14.31 32.18
N LEU B 658 67.54 14.42 31.39
CA LEU B 658 68.86 13.95 31.78
C LEU B 658 69.83 15.08 32.05
N VAL B 659 69.77 16.15 31.27
CA VAL B 659 70.61 17.32 31.50
C VAL B 659 69.72 18.55 31.60
N MET B 660 69.96 19.37 32.58
CA MET B 660 69.23 20.61 32.67
C MET B 660 70.01 21.75 32.04
N PRO B 661 69.33 22.79 31.56
CA PRO B 661 70.05 23.99 31.12
C PRO B 661 70.88 24.55 32.26
N GLY B 662 72.12 24.94 31.95
CA GLY B 662 73.06 25.36 32.96
C GLY B 662 73.85 24.25 33.61
N GLU B 663 73.66 23.01 33.20
CA GLU B 663 74.39 21.88 33.77
C GLU B 663 75.52 21.45 32.86
N MET B 664 76.60 20.99 33.48
CA MET B 664 77.82 20.62 32.77
C MET B 664 78.25 19.22 33.16
N LEU B 665 78.71 18.46 32.18
CA LEU B 665 79.25 17.12 32.44
C LEU B 665 80.70 17.21 32.88
N THR B 666 81.09 16.30 33.77
CA THR B 666 82.46 16.23 34.25
C THR B 666 82.95 14.78 34.20
N GLU B 667 84.11 14.52 34.81
CA GLU B 667 84.63 13.16 34.85
C GLU B 667 83.68 12.24 35.63
N GLU B 668 83.10 12.75 36.71
CA GLU B 668 82.11 11.96 37.45
C GLU B 668 80.87 11.71 36.60
N SER B 669 80.42 12.71 35.86
CA SER B 669 79.23 12.60 35.02
C SER B 669 79.53 12.11 33.62
N ARG B 670 80.75 11.63 33.37
CA ARG B 670 81.08 11.05 32.08
C ARG B 670 80.14 9.92 31.65
N PRO B 671 79.67 9.03 32.53
CA PRO B 671 78.70 8.01 32.07
C PRO B 671 77.49 8.57 31.36
N VAL B 672 77.06 9.78 31.71
CA VAL B 672 75.95 10.42 30.98
C VAL B 672 76.33 10.60 29.51
N LEU B 673 77.53 11.11 29.26
CA LEU B 673 78.00 11.28 27.89
C LEU B 673 78.17 9.94 27.20
N GLU B 674 78.67 8.92 27.91
CA GLU B 674 78.80 7.60 27.30
C GLU B 674 77.45 7.06 26.87
N PHE B 675 76.44 7.21 27.73
CA PHE B 675 75.09 6.77 27.39
C PHE B 675 74.54 7.54 26.19
N LEU B 676 74.76 8.85 26.16
CA LEU B 676 74.27 9.64 25.04
C LEU B 676 74.92 9.22 23.73
N GLN B 677 76.24 9.02 23.74
CA GLN B 677 76.94 8.59 22.54
C GLN B 677 76.47 7.21 22.09
N MET B 678 76.22 6.32 23.05
CA MET B 678 75.76 4.98 22.70
C MET B 678 74.36 5.05 22.09
N LEU B 679 73.50 5.93 22.60
CA LEU B 679 72.18 6.13 21.99
C LEU B 679 72.31 6.66 20.58
N CYS B 680 73.23 7.61 20.35
CA CYS B 680 73.44 8.13 19.00
C CYS B 680 73.90 7.04 18.04
N GLU B 681 74.82 6.19 18.50
CA GLU B 681 75.30 5.09 17.65
C GLU B 681 74.21 4.06 17.41
N ILE B 682 73.38 3.79 18.41
CA ILE B 682 72.32 2.79 18.28
C ILE B 682 71.25 3.26 17.31
N GLY B 683 70.93 4.56 17.33
CA GLY B 683 69.80 5.04 16.54
C GLY B 683 69.99 4.98 15.04
N ALA B 684 71.23 4.79 14.57
CA ALA B 684 71.53 4.82 13.15
C ALA B 684 71.59 3.46 12.49
N HIS B 685 71.35 2.38 13.25
CA HIS B 685 71.47 1.03 12.71
C HIS B 685 70.16 0.43 12.23
N TYR B 686 69.04 1.13 12.42
CA TYR B 686 67.74 0.62 11.98
C TYR B 686 66.84 1.79 11.59
N PRO B 687 66.49 1.91 10.30
CA PRO B 687 65.81 3.13 9.84
C PRO B 687 64.49 3.41 10.54
N GLY B 688 63.72 2.39 10.89
CA GLY B 688 62.45 2.61 11.55
C GLY B 688 62.51 2.79 13.05
N PHE B 689 63.67 2.54 13.65
CA PHE B 689 63.86 2.63 15.09
C PHE B 689 64.80 3.81 15.34
N GLU B 690 64.21 5.00 15.40
CA GLU B 690 64.96 6.25 15.52
C GLU B 690 64.98 6.67 16.99
N THR B 691 66.16 6.62 17.60
CA THR B 691 66.30 7.10 18.97
C THR B 691 66.17 8.61 19.01
N ASP B 692 65.43 9.12 19.98
CA ASP B 692 65.14 10.54 20.10
C ASP B 692 65.90 11.11 21.28
N ILE B 693 66.71 12.13 21.03
CA ILE B 693 67.41 12.87 22.07
C ILE B 693 66.90 14.30 22.02
N HIS B 694 65.86 14.58 22.80
CA HIS B 694 65.27 15.90 22.83
C HIS B 694 66.25 16.92 23.38
N GLY B 695 66.29 18.09 22.75
CA GLY B 695 67.28 19.09 23.05
C GLY B 695 68.55 18.98 22.24
N ALA B 696 68.79 17.82 21.62
CA ALA B 696 69.84 17.64 20.64
C ALA B 696 69.24 17.64 19.25
N TYR B 697 70.05 18.02 18.27
CA TYR B 697 69.59 18.22 16.90
C TYR B 697 70.26 17.21 15.99
N ARG B 698 69.44 16.46 15.25
CA ARG B 698 69.91 15.38 14.39
C ARG B 698 70.42 15.98 13.09
N GLN B 699 71.74 16.03 12.94
CA GLN B 699 72.37 16.56 11.74
C GLN B 699 72.53 15.46 10.69
N ASP B 700 73.19 15.80 9.59
CA ASP B 700 73.46 14.81 8.55
C ASP B 700 74.41 13.74 9.07
N GLY B 701 74.22 12.52 8.61
CA GLY B 701 74.97 11.39 9.11
C GLY B 701 74.43 10.75 10.37
N ALA B 702 73.20 11.11 10.76
CA ALA B 702 72.54 10.54 11.95
C ALA B 702 73.36 10.78 13.22
N ARG B 703 73.96 11.97 13.31
CA ARG B 703 74.67 12.41 14.49
C ARG B 703 73.87 13.49 15.21
N TYR B 704 74.35 13.88 16.38
CA TYR B 704 73.66 14.89 17.20
C TYR B 704 74.65 15.95 17.66
N THR B 705 74.20 17.20 17.64
CA THR B 705 74.92 18.32 18.22
C THR B 705 74.04 18.97 19.29
N VAL B 706 74.70 19.62 20.24
CA VAL B 706 73.99 20.31 21.31
C VAL B 706 74.52 21.73 21.43
N LYS B 707 73.62 22.63 21.86
CA LYS B 707 74.01 24.01 22.12
C LYS B 707 74.61 24.13 23.52
N VAL B 708 75.75 24.81 23.60
CA VAL B 708 76.41 25.06 24.87
C VAL B 708 76.78 26.54 24.95
N ILE B 709 76.99 27.00 26.17
CA ILE B 709 77.29 28.41 26.41
C ILE B 709 78.64 28.75 25.79
N LYS B 710 78.73 29.95 25.21
CA LYS B 710 79.96 30.46 24.61
C LYS B 710 81.12 30.42 25.61
N MET C 1 30.93 -13.59 -1.26
CA MET C 1 31.64 -13.68 0.01
C MET C 1 31.08 -12.63 0.98
N ASN C 2 29.76 -12.68 1.18
CA ASN C 2 29.08 -11.65 1.97
C ASN C 2 27.99 -12.23 2.86
N ILE C 3 28.04 -13.52 3.19
CA ILE C 3 27.03 -14.15 4.04
C ILE C 3 27.55 -14.18 5.47
N ILE C 4 26.78 -13.64 6.39
CA ILE C 4 27.09 -13.65 7.82
C ILE C 4 26.03 -14.49 8.53
N ALA C 5 26.48 -15.44 9.35
CA ALA C 5 25.58 -16.28 10.12
C ALA C 5 25.44 -15.74 11.54
N ILE C 6 24.21 -15.58 11.99
CA ILE C 6 23.91 -15.22 13.38
C ILE C 6 23.24 -16.43 14.02
N LEU C 7 23.87 -16.96 15.06
CA LEU C 7 23.46 -18.28 15.56
C LEU C 7 22.16 -18.22 16.34
N ASN C 8 22.16 -17.57 17.51
CA ASN C 8 21.10 -17.81 18.47
C ASN C 8 20.03 -16.72 18.46
N HIS C 9 18.93 -17.02 19.16
CA HIS C 9 17.83 -16.08 19.40
C HIS C 9 17.54 -16.12 20.90
N MET C 10 18.26 -15.31 21.65
CA MET C 10 18.22 -15.32 23.11
C MET C 10 16.90 -14.72 23.62
N GLY C 11 16.64 -14.91 24.91
CA GLY C 11 15.39 -14.49 25.50
C GLY C 11 15.38 -13.14 26.18
N VAL C 12 16.41 -12.30 25.99
CA VAL C 12 16.53 -11.05 26.73
C VAL C 12 16.66 -9.89 25.74
N TYR C 13 15.94 -8.80 26.02
CA TYR C 13 15.92 -7.66 25.13
C TYR C 13 17.30 -7.03 24.97
N PHE C 14 18.04 -6.94 26.08
CA PHE C 14 19.35 -6.28 26.05
C PHE C 14 20.34 -6.99 25.14
N LYS C 15 20.04 -8.22 24.73
CA LYS C 15 20.83 -8.88 23.69
C LYS C 15 20.16 -8.85 22.33
N GLU C 16 18.83 -9.07 22.26
CA GLU C 16 18.16 -9.11 20.96
C GLU C 16 18.22 -7.77 20.24
N GLU C 17 17.88 -6.69 20.93
CA GLU C 17 17.84 -5.40 20.25
C GLU C 17 19.18 -4.97 19.67
N PRO C 18 20.31 -5.08 20.39
CA PRO C 18 21.59 -4.85 19.71
C PRO C 18 21.81 -5.78 18.52
N ILE C 19 21.35 -7.03 18.60
CA ILE C 19 21.55 -7.96 17.48
C ILE C 19 20.72 -7.54 16.26
N ARG C 20 19.46 -7.14 16.47
CA ARG C 20 18.67 -6.65 15.34
C ARG C 20 19.25 -5.37 14.75
N GLU C 21 19.72 -4.47 15.61
CA GLU C 21 20.35 -3.24 15.11
C GLU C 21 21.59 -3.56 14.30
N LEU C 22 22.41 -4.52 14.77
CA LEU C 22 23.58 -4.93 14.02
C LEU C 22 23.21 -5.59 12.71
N HIS C 23 22.13 -6.36 12.69
CA HIS C 23 21.65 -6.98 11.46
C HIS C 23 21.28 -5.90 10.44
N LYS C 24 20.59 -4.85 10.88
CA LYS C 24 20.28 -3.75 9.97
C LYS C 24 21.55 -3.04 9.50
N ALA C 25 22.49 -2.80 10.41
CA ALA C 25 23.73 -2.12 10.04
C ALA C 25 24.53 -2.93 9.04
N LEU C 26 24.58 -4.25 9.22
CA LEU C 26 25.30 -5.12 8.29
C LEU C 26 24.60 -5.17 6.94
N GLU C 27 23.27 -5.21 6.93
CA GLU C 27 22.55 -5.13 5.67
C GLU C 27 22.84 -3.82 4.94
N ALA C 28 23.05 -2.73 5.69
CA ALA C 28 23.43 -1.47 5.07
C ALA C 28 24.82 -1.53 4.44
N LEU C 29 25.66 -2.47 4.87
CA LEU C 29 27.00 -2.63 4.31
C LEU C 29 27.07 -3.75 3.28
N ASP C 30 25.93 -4.16 2.74
CA ASP C 30 25.86 -5.21 1.71
C ASP C 30 26.33 -6.55 2.24
N PHE C 31 25.71 -6.99 3.32
CA PHE C 31 25.87 -8.33 3.85
C PHE C 31 24.52 -9.04 3.82
N GLN C 32 24.57 -10.34 3.54
CA GLN C 32 23.38 -11.18 3.60
C GLN C 32 23.40 -11.96 4.91
N ILE C 33 22.36 -11.80 5.72
CA ILE C 33 22.30 -12.40 7.05
C ILE C 33 21.52 -13.71 6.98
N VAL C 34 22.08 -14.77 7.55
CA VAL C 34 21.42 -16.06 7.66
C VAL C 34 21.37 -16.44 9.14
N TYR C 35 20.39 -17.26 9.48
CA TYR C 35 20.06 -17.58 10.87
C TYR C 35 19.97 -19.09 11.05
N PRO C 36 21.10 -19.74 11.35
CA PRO C 36 21.04 -21.17 11.72
C PRO C 36 20.27 -21.34 13.01
N ASN C 37 19.56 -22.47 13.11
CA ASN C 37 18.73 -22.73 14.27
C ASN C 37 19.51 -23.25 15.47
N ASP C 38 20.65 -23.90 15.23
CA ASP C 38 21.44 -24.45 16.32
C ASP C 38 22.86 -24.68 15.81
N ARG C 39 23.70 -25.23 16.68
CA ARG C 39 25.11 -25.39 16.37
C ARG C 39 25.34 -26.35 15.20
N GLU C 40 24.60 -27.45 15.16
CA GLU C 40 24.74 -28.40 14.06
C GLU C 40 24.30 -27.78 12.74
N ASP C 41 23.23 -26.98 12.77
CA ASP C 41 22.80 -26.25 11.59
C ASP C 41 23.90 -25.33 11.10
N LEU C 42 24.54 -24.60 12.02
CA LEU C 42 25.62 -23.69 11.64
CA LEU C 42 25.62 -23.69 11.64
C LEU C 42 26.79 -24.45 11.04
N LEU C 43 27.16 -25.59 11.63
CA LEU C 43 28.30 -26.36 11.11
C LEU C 43 28.01 -26.88 9.71
N LYS C 44 26.80 -27.40 9.47
CA LYS C 44 26.44 -27.86 8.14
C LYS C 44 26.41 -26.71 7.15
N LEU C 45 25.92 -25.54 7.57
CA LEU C 45 25.90 -24.38 6.71
C LEU C 45 27.31 -23.96 6.30
N ILE C 46 28.25 -23.98 7.25
CA ILE C 46 29.64 -23.69 6.91
C ILE C 46 30.17 -24.74 5.94
N ASP C 47 29.82 -26.00 6.18
CA ASP C 47 30.32 -27.08 5.35
C ASP C 47 29.84 -26.96 3.90
N ASN C 48 28.59 -26.59 3.69
CA ASN C 48 28.00 -26.62 2.36
C ASN C 48 28.15 -25.31 1.58
N ASN C 49 28.66 -24.25 2.21
CA ASN C 49 28.62 -22.93 1.59
C ASN C 49 29.96 -22.24 1.87
N ALA C 50 30.82 -22.23 0.86
CA ALA C 50 32.13 -21.61 1.00
C ALA C 50 32.07 -20.08 0.97
N ARG C 51 30.91 -19.51 0.66
CA ARG C 51 30.78 -18.05 0.58
CA ARG C 51 30.77 -18.06 0.58
C ARG C 51 30.52 -17.40 1.94
N LEU C 52 30.38 -18.19 3.00
CA LEU C 52 30.20 -17.63 4.34
C LEU C 52 31.47 -16.89 4.74
N CYS C 53 31.32 -15.66 5.22
CA CYS C 53 32.47 -14.82 5.57
C CYS C 53 32.53 -14.44 7.04
N GLY C 54 31.60 -14.90 7.87
CA GLY C 54 31.68 -14.60 9.29
C GLY C 54 30.56 -15.28 10.05
N VAL C 55 30.81 -15.47 11.35
CA VAL C 55 29.86 -16.10 12.26
C VAL C 55 29.73 -15.26 13.51
N ILE C 56 28.50 -14.94 13.89
CA ILE C 56 28.19 -14.20 15.11
C ILE C 56 27.45 -15.13 16.05
N PHE C 57 27.89 -15.17 17.31
CA PHE C 57 27.21 -16.00 18.30
C PHE C 57 27.38 -15.41 19.69
N ASP C 58 26.54 -15.88 20.61
CA ASP C 58 26.52 -15.43 21.99
C ASP C 58 27.45 -16.31 22.83
N TRP C 59 28.44 -15.68 23.47
CA TRP C 59 29.41 -16.41 24.26
C TRP C 59 28.80 -17.06 25.48
N ASP C 60 27.77 -16.45 26.08
CA ASP C 60 27.10 -17.08 27.21
C ASP C 60 26.46 -18.41 26.81
N THR C 61 25.83 -18.45 25.63
CA THR C 61 25.17 -19.66 25.19
C THR C 61 26.18 -20.73 24.78
N TYR C 62 27.22 -20.36 24.04
CA TYR C 62 28.15 -21.31 23.46
C TYR C 62 29.57 -21.01 23.93
N ASN C 63 30.27 -22.05 24.36
CA ASN C 63 31.67 -21.92 24.73
C ASN C 63 32.53 -21.76 23.47
N LEU C 64 33.78 -21.36 23.69
CA LEU C 64 34.68 -21.11 22.57
C LEU C 64 35.09 -22.38 21.83
N ASP C 65 34.78 -23.57 22.38
CA ASP C 65 35.04 -24.80 21.63
C ASP C 65 34.27 -24.85 20.32
N LEU C 66 33.11 -24.19 20.27
CA LEU C 66 32.41 -24.04 19.00
C LEU C 66 33.32 -23.40 17.95
N CYS C 67 34.04 -22.34 18.33
CA CYS C 67 35.02 -21.75 17.43
C CYS C 67 36.00 -22.80 16.93
N GLU C 68 36.48 -23.66 17.83
CA GLU C 68 37.39 -24.73 17.43
C GLU C 68 36.78 -25.56 16.30
N GLU C 69 35.50 -25.95 16.45
CA GLU C 69 34.86 -26.71 15.40
C GLU C 69 34.85 -25.93 14.09
N ILE C 70 34.51 -24.64 14.17
CA ILE C 70 34.53 -23.81 12.98
C ILE C 70 35.93 -23.78 12.39
N SER C 71 36.95 -23.62 13.25
CA SER C 71 38.32 -23.56 12.78
C SER C 71 38.75 -24.86 12.12
N ALA C 72 38.10 -25.98 12.48
CA ALA C 72 38.46 -27.26 11.86
C ALA C 72 38.07 -27.28 10.40
N MET C 73 37.02 -26.55 10.02
CA MET C 73 36.63 -26.47 8.62
C MET C 73 37.35 -25.34 7.89
N ASN C 74 37.54 -24.20 8.55
CA ASN C 74 38.14 -23.02 7.93
C ASN C 74 38.79 -22.20 9.05
N GLU C 75 40.10 -22.36 9.21
CA GLU C 75 40.82 -21.69 10.28
C GLU C 75 40.94 -20.19 10.08
N HIS C 76 40.67 -19.68 8.89
CA HIS C 76 40.71 -18.25 8.63
C HIS C 76 39.35 -17.57 8.77
N LEU C 77 38.28 -18.34 8.85
CA LEU C 77 36.93 -17.77 8.91
C LEU C 77 36.77 -16.91 10.16
N PRO C 78 36.39 -15.65 10.04
CA PRO C 78 36.26 -14.81 11.24
C PRO C 78 35.01 -15.16 12.02
N VAL C 79 35.15 -15.25 13.34
CA VAL C 79 34.06 -15.54 14.25
CA VAL C 79 34.04 -15.51 14.22
C VAL C 79 33.96 -14.39 15.25
N TYR C 80 32.75 -13.89 15.46
CA TYR C 80 32.51 -12.77 16.36
C TYR C 80 31.69 -13.25 17.54
N ALA C 81 32.27 -13.22 18.73
CA ALA C 81 31.58 -13.66 19.93
C ALA C 81 31.19 -12.45 20.76
N PHE C 82 29.94 -12.43 21.21
CA PHE C 82 29.43 -11.36 22.04
C PHE C 82 29.54 -11.76 23.50
N ALA C 83 30.32 -11.00 24.25
CA ALA C 83 30.61 -11.29 25.65
C ALA C 83 29.63 -10.54 26.55
N ASN C 84 29.03 -11.25 27.50
CA ASN C 84 28.22 -10.63 28.54
C ASN C 84 28.70 -10.98 29.93
N THR C 85 28.76 -12.27 30.28
CA THR C 85 29.23 -12.67 31.59
C THR C 85 30.69 -13.09 31.61
N HIS C 86 31.22 -13.58 30.49
CA HIS C 86 32.62 -13.94 30.43
C HIS C 86 33.49 -12.69 30.37
N SER C 87 34.65 -12.77 31.02
CA SER C 87 35.62 -11.69 31.06
C SER C 87 36.93 -12.16 30.44
N THR C 88 37.96 -11.31 30.54
CA THR C 88 39.29 -11.70 30.10
C THR C 88 39.87 -12.86 30.91
N LEU C 89 39.31 -13.15 32.08
CA LEU C 89 39.75 -14.28 32.87
C LEU C 89 39.25 -15.62 32.33
N ASP C 90 38.38 -15.62 31.33
CA ASP C 90 37.74 -16.83 30.86
C ASP C 90 38.25 -17.30 29.50
N VAL C 91 39.40 -16.78 29.05
CA VAL C 91 39.98 -17.16 27.78
CA VAL C 91 39.98 -17.16 27.78
C VAL C 91 41.33 -17.82 28.05
N SER C 92 41.55 -18.97 27.41
CA SER C 92 42.83 -19.63 27.50
C SER C 92 43.70 -19.23 26.30
N LEU C 93 44.97 -19.64 26.36
CA LEU C 93 45.88 -19.35 25.27
C LEU C 93 45.41 -20.00 23.97
N ASN C 94 44.97 -21.26 24.05
CA ASN C 94 44.46 -21.95 22.87
C ASN C 94 43.25 -21.22 22.28
N ASP C 95 42.35 -20.75 23.13
CA ASP C 95 41.22 -19.96 22.63
C ASP C 95 41.69 -18.71 21.92
N LEU C 96 42.70 -18.02 22.48
CA LEU C 96 43.20 -16.81 21.85
C LEU C 96 43.88 -17.10 20.52
N ARG C 97 44.30 -18.35 20.28
CA ARG C 97 44.88 -18.69 18.99
CA ARG C 97 44.88 -18.69 18.99
C ARG C 97 43.85 -18.60 17.87
N LEU C 98 42.57 -18.83 18.18
CA LEU C 98 41.54 -18.84 17.14
C LEU C 98 41.27 -17.44 16.60
N ASN C 99 40.67 -17.39 15.41
CA ASN C 99 40.34 -16.13 14.76
C ASN C 99 38.98 -15.63 15.29
N VAL C 100 39.01 -15.17 16.53
CA VAL C 100 37.80 -14.73 17.22
CA VAL C 100 37.81 -14.74 17.26
C VAL C 100 37.96 -13.27 17.60
N GLU C 101 36.90 -12.49 17.37
CA GLU C 101 36.84 -11.08 17.73
C GLU C 101 35.66 -10.88 18.67
N PHE C 102 35.90 -10.16 19.76
CA PHE C 102 34.94 -10.06 20.85
C PHE C 102 34.21 -8.72 20.81
N PHE C 103 32.90 -8.76 21.04
CA PHE C 103 32.07 -7.58 21.07
C PHE C 103 31.17 -7.61 22.30
N GLU C 104 30.47 -6.49 22.54
CA GLU C 104 29.59 -6.35 23.68
C GLU C 104 28.22 -5.89 23.21
N TYR C 105 27.21 -6.18 24.03
CA TYR C 105 25.83 -5.80 23.75
C TYR C 105 25.56 -4.39 24.24
N ALA C 106 25.20 -3.50 23.33
CA ALA C 106 24.87 -2.12 23.70
C ALA C 106 24.01 -1.49 22.62
N LEU C 107 22.98 -0.77 23.04
CA LEU C 107 22.16 -0.03 22.09
C LEU C 107 22.98 1.09 21.45
N GLY C 108 22.78 1.29 20.15
CA GLY C 108 23.45 2.35 19.42
C GLY C 108 24.87 2.07 19.02
N ALA C 109 25.39 0.87 19.28
CA ALA C 109 26.76 0.52 18.92
C ALA C 109 26.83 -0.31 17.63
N ALA C 110 25.70 -0.51 16.95
CA ALA C 110 25.68 -1.38 15.78
C ALA C 110 26.54 -0.85 14.65
N GLN C 111 26.61 0.47 14.48
CA GLN C 111 27.39 1.04 13.38
C GLN C 111 28.87 0.70 13.52
N ASP C 112 29.45 0.92 14.70
CA ASP C 112 30.87 0.65 14.91
C ASP C 112 31.18 -0.84 14.78
N ILE C 113 30.33 -1.70 15.34
CA ILE C 113 30.54 -3.13 15.23
C ILE C 113 30.45 -3.58 13.78
N ALA C 114 29.48 -3.05 13.03
CA ALA C 114 29.35 -3.42 11.63
C ALA C 114 30.59 -2.98 10.85
N GLN C 115 31.12 -1.81 11.16
CA GLN C 115 32.36 -1.36 10.52
C GLN C 115 33.52 -2.30 10.84
N LYS C 116 33.62 -2.72 12.11
CA LYS C 116 34.67 -3.66 12.49
C LYS C 116 34.51 -4.99 11.76
N ILE C 117 33.28 -5.45 11.58
CA ILE C 117 33.03 -6.70 10.87
C ILE C 117 33.39 -6.55 9.39
N ARG C 118 33.10 -5.38 8.81
CA ARG C 118 33.49 -5.11 7.42
C ARG C 118 35.00 -5.17 7.27
N GLN C 119 35.73 -4.55 8.19
CA GLN C 119 37.19 -4.61 8.15
C GLN C 119 37.71 -6.02 8.32
N SER C 120 37.11 -6.79 9.24
CA SER C 120 37.53 -8.17 9.45
C SER C 120 37.27 -9.03 8.21
N THR C 121 36.14 -8.79 7.53
CA THR C 121 35.86 -9.48 6.29
C THR C 121 36.89 -9.14 5.21
N ASP C 122 37.24 -7.86 5.10
CA ASP C 122 38.27 -7.46 4.15
C ASP C 122 39.61 -8.13 4.47
N ALA C 123 39.95 -8.21 5.76
CA ALA C 123 41.19 -8.87 6.16
C ALA C 123 41.17 -10.34 5.82
N TYR C 124 40.02 -11.01 6.04
CA TYR C 124 39.90 -12.42 5.69
C TYR C 124 40.10 -12.66 4.21
N ILE C 125 39.44 -11.84 3.38
CA ILE C 125 39.57 -11.97 1.93
C ILE C 125 41.03 -11.73 1.50
N ASP C 126 41.65 -10.69 2.06
CA ASP C 126 43.04 -10.41 1.74
C ASP C 126 43.96 -11.55 2.19
N GLU C 127 43.61 -12.23 3.28
CA GLU C 127 44.43 -13.32 3.78
C GLU C 127 44.36 -14.52 2.84
N ILE C 128 43.15 -14.91 2.42
CA ILE C 128 43.06 -16.14 1.63
C ILE C 128 43.44 -15.94 0.17
N LEU C 129 43.35 -14.72 -0.35
CA LEU C 129 43.66 -14.49 -1.76
C LEU C 129 45.17 -14.56 -1.99
N PRO C 130 45.62 -15.12 -3.10
CA PRO C 130 47.05 -15.09 -3.43
C PRO C 130 47.45 -13.73 -3.97
N PRO C 131 48.75 -13.39 -3.95
CA PRO C 131 49.12 -11.98 -4.18
C PRO C 131 48.83 -11.46 -5.59
N LEU C 132 49.15 -12.21 -6.63
CA LEU C 132 48.92 -11.72 -7.99
CA LEU C 132 48.91 -11.70 -7.99
C LEU C 132 47.43 -11.54 -8.28
N THR C 133 46.61 -12.51 -7.86
CA THR C 133 45.17 -12.42 -8.07
C THR C 133 44.58 -11.23 -7.34
N LYS C 134 45.01 -10.99 -6.11
CA LYS C 134 44.55 -9.84 -5.35
C LYS C 134 44.95 -8.54 -6.04
N ALA C 135 46.19 -8.47 -6.54
CA ALA C 135 46.63 -7.29 -7.26
C ALA C 135 45.78 -7.05 -8.52
N LEU C 136 45.47 -8.12 -9.25
CA LEU C 136 44.67 -8.00 -10.46
C LEU C 136 43.27 -7.50 -10.14
N PHE C 137 42.64 -8.06 -9.10
CA PHE C 137 41.30 -7.63 -8.70
C PHE C 137 41.30 -6.16 -8.28
N ASN C 138 42.31 -5.75 -7.51
CA ASN C 138 42.40 -4.36 -7.10
C ASN C 138 42.56 -3.43 -8.29
N TYR C 139 43.44 -3.80 -9.23
CA TYR C 139 43.65 -2.93 -10.39
C TYR C 139 42.37 -2.81 -11.20
N VAL C 140 41.63 -3.91 -11.34
CA VAL C 140 40.35 -3.84 -12.03
C VAL C 140 39.42 -2.85 -11.33
N LYS C 141 39.44 -2.84 -9.99
CA LYS C 141 38.66 -1.84 -9.28
C LYS C 141 39.16 -0.42 -9.54
N GLU C 142 40.43 -0.25 -9.90
CA GLU C 142 40.96 1.10 -10.13
C GLU C 142 40.27 1.79 -11.30
N GLY C 143 40.03 1.07 -12.40
CA GLY C 143 39.30 1.60 -13.53
C GLY C 143 39.98 2.68 -14.36
N LYS C 144 41.25 2.48 -14.72
CA LYS C 144 41.99 3.48 -15.48
C LYS C 144 41.62 3.45 -16.97
N TYR C 145 41.96 4.53 -17.67
CA TYR C 145 41.82 4.63 -19.11
C TYR C 145 43.10 4.15 -19.78
N THR C 146 42.97 3.31 -20.79
CA THR C 146 44.12 2.71 -21.46
C THR C 146 44.15 3.14 -22.92
N PHE C 147 45.33 3.58 -23.36
CA PHE C 147 45.63 3.79 -24.78
C PHE C 147 46.64 2.76 -25.26
N CYS C 148 46.61 1.57 -24.68
CA CYS C 148 47.60 0.53 -24.88
C CYS C 148 46.90 -0.80 -25.16
N THR C 149 47.67 -1.79 -25.58
CA THR C 149 47.13 -3.11 -25.82
C THR C 149 46.70 -3.76 -24.50
N PRO C 150 45.69 -4.64 -24.53
CA PRO C 150 44.91 -5.11 -25.69
C PRO C 150 43.97 -4.05 -26.24
N GLY C 151 43.59 -4.18 -27.51
CA GLY C 151 42.89 -3.13 -28.22
C GLY C 151 41.45 -2.95 -27.79
N HIS C 152 40.84 -3.95 -27.15
CA HIS C 152 39.46 -3.77 -26.71
C HIS C 152 39.34 -2.76 -25.57
N MET C 153 40.45 -2.32 -24.98
CA MET C 153 40.49 -1.27 -23.96
C MET C 153 39.54 -1.57 -22.80
N GLY C 154 39.72 -2.75 -22.21
CA GLY C 154 38.88 -3.15 -21.11
C GLY C 154 37.45 -3.45 -21.47
N GLY C 155 37.15 -3.76 -22.73
CA GLY C 155 35.83 -4.13 -23.15
C GLY C 155 35.01 -3.05 -23.84
N THR C 156 35.55 -1.83 -23.98
CA THR C 156 34.82 -0.76 -24.67
C THR C 156 34.49 -1.13 -26.10
N ALA C 157 35.49 -1.65 -26.83
CA ALA C 157 35.28 -2.00 -28.24
C ALA C 157 34.19 -3.03 -28.40
N PHE C 158 34.12 -4.00 -27.48
CA PHE C 158 33.03 -4.98 -27.50
C PHE C 158 31.69 -4.28 -27.32
N GLN C 159 31.61 -3.32 -26.40
CA GLN C 159 30.35 -2.65 -26.12
C GLN C 159 29.91 -1.76 -27.26
N LYS C 160 30.81 -1.42 -28.17
CA LYS C 160 30.47 -0.60 -29.33
CA LYS C 160 30.47 -0.60 -29.33
C LYS C 160 29.91 -1.40 -30.50
N SER C 161 29.83 -2.72 -30.37
CA SER C 161 29.39 -3.58 -31.48
C SER C 161 28.25 -4.48 -31.03
N PRO C 162 27.30 -4.79 -31.93
CA PRO C 162 26.19 -5.68 -31.55
C PRO C 162 26.66 -7.07 -31.16
N VAL C 163 27.39 -7.73 -32.05
CA VAL C 163 27.92 -9.05 -31.73
C VAL C 163 28.94 -8.95 -30.61
N GLY C 164 29.75 -7.89 -30.63
CA GLY C 164 30.67 -7.64 -29.53
C GLY C 164 29.95 -7.48 -28.21
N SER C 165 28.78 -6.82 -28.23
CA SER C 165 28.01 -6.66 -26.99
C SER C 165 27.46 -8.00 -26.51
N ILE C 166 27.07 -8.88 -27.43
CA ILE C 166 26.66 -10.22 -27.03
C ILE C 166 27.81 -10.94 -26.34
N PHE C 167 29.00 -10.87 -26.95
CA PHE C 167 30.18 -11.51 -26.38
C PHE C 167 30.50 -10.95 -25.00
N TYR C 168 30.46 -9.62 -24.87
CA TYR C 168 30.76 -8.96 -23.62
C TYR C 168 29.76 -9.35 -22.54
N ASP C 169 28.47 -9.40 -22.89
CA ASP C 169 27.45 -9.78 -21.92
C ASP C 169 27.62 -11.24 -21.49
N PHE C 170 28.05 -12.12 -22.41
CA PHE C 170 28.31 -13.50 -22.02
C PHE C 170 29.48 -13.59 -21.04
N PHE C 171 30.62 -13.00 -21.38
CA PHE C 171 31.81 -13.21 -20.56
C PHE C 171 31.86 -12.33 -19.33
N GLY C 172 31.09 -11.25 -19.29
CA GLY C 172 31.05 -10.38 -18.13
C GLY C 172 32.10 -9.27 -18.19
N ALA C 173 31.86 -8.24 -17.38
CA ALA C 173 32.72 -7.06 -17.41
C ALA C 173 34.09 -7.33 -16.79
N ASN C 174 34.13 -8.09 -15.70
CA ASN C 174 35.39 -8.33 -15.01
C ASN C 174 36.40 -9.08 -15.87
N ALA C 175 35.93 -10.07 -16.62
CA ALA C 175 36.82 -10.83 -17.49
C ALA C 175 37.45 -9.93 -18.55
N MET C 176 36.67 -9.01 -19.10
CA MET C 176 37.21 -8.06 -20.06
C MET C 176 38.18 -7.09 -19.41
N LYS C 177 37.84 -6.59 -18.22
CA LYS C 177 38.66 -5.59 -17.56
C LYS C 177 39.97 -6.18 -17.05
N SER C 178 39.98 -7.48 -16.75
CA SER C 178 41.19 -8.14 -16.26
C SER C 178 42.12 -8.57 -17.39
N ASP C 179 41.72 -8.37 -18.65
CA ASP C 179 42.55 -8.68 -19.81
C ASP C 179 43.43 -7.46 -20.07
N ILE C 180 44.65 -7.49 -19.53
CA ILE C 180 45.58 -6.38 -19.56
C ILE C 180 46.92 -6.87 -20.08
N SER C 181 47.89 -5.95 -20.15
CA SER C 181 49.23 -6.27 -20.62
C SER C 181 50.28 -5.69 -19.67
N ILE C 182 51.56 -5.79 -20.05
CA ILE C 182 52.63 -5.26 -19.21
C ILE C 182 52.70 -3.74 -19.21
N SER C 183 51.91 -3.08 -20.06
CA SER C 183 51.79 -1.62 -19.97
C SER C 183 51.33 -1.21 -18.58
N VAL C 184 50.56 -2.06 -17.90
CA VAL C 184 50.20 -1.84 -16.50
C VAL C 184 51.37 -2.31 -15.64
N GLY C 185 52.25 -1.37 -15.28
CA GLY C 185 53.50 -1.72 -14.63
C GLY C 185 53.36 -2.20 -13.20
N GLU C 186 52.24 -1.89 -12.54
CA GLU C 186 52.11 -2.21 -11.12
C GLU C 186 51.81 -3.68 -10.85
N LEU C 187 51.40 -4.45 -11.87
CA LEU C 187 51.32 -5.89 -11.72
C LEU C 187 52.63 -6.59 -12.08
N GLY C 188 53.65 -5.86 -12.50
CA GLY C 188 54.88 -6.52 -12.88
C GLY C 188 54.75 -7.22 -14.22
N SER C 189 55.67 -8.15 -14.46
CA SER C 189 55.75 -8.87 -15.72
C SER C 189 55.99 -10.35 -15.48
N LEU C 190 55.26 -11.18 -16.21
CA LEU C 190 55.50 -12.62 -16.16
C LEU C 190 56.86 -12.98 -16.73
N LEU C 191 57.21 -12.40 -17.88
CA LEU C 191 58.47 -12.72 -18.53
C LEU C 191 59.66 -12.31 -17.67
N ASP C 192 59.56 -11.17 -16.99
CA ASP C 192 60.63 -10.67 -16.14
C ASP C 192 60.59 -11.20 -14.72
N HIS C 193 59.55 -11.93 -14.33
CA HIS C 193 59.42 -12.47 -12.98
C HIS C 193 59.56 -11.36 -11.94
N SER C 194 58.82 -10.29 -12.16
CA SER C 194 58.91 -9.08 -11.35
C SER C 194 57.59 -8.80 -10.67
N GLY C 195 57.67 -8.01 -9.60
CA GLY C 195 56.50 -7.53 -8.89
C GLY C 195 55.66 -8.66 -8.33
N PRO C 196 54.34 -8.52 -8.43
CA PRO C 196 53.45 -9.59 -7.94
C PRO C 196 53.65 -10.92 -8.63
N HIS C 197 54.19 -10.96 -9.85
CA HIS C 197 54.47 -12.23 -10.51
C HIS C 197 55.53 -13.01 -9.76
N LYS C 198 56.56 -12.33 -9.28
CA LYS C 198 57.62 -12.99 -8.53
C LYS C 198 57.08 -13.61 -7.24
N GLU C 199 56.26 -12.85 -6.51
CA GLU C 199 55.65 -13.38 -5.30
C GLU C 199 54.67 -14.51 -5.61
N ALA C 200 53.96 -14.44 -6.73
CA ALA C 200 53.11 -15.54 -7.13
C ALA C 200 53.92 -16.81 -7.36
N GLU C 201 55.07 -16.67 -8.04
CA GLU C 201 55.93 -17.83 -8.28
C GLU C 201 56.45 -18.41 -6.98
N GLU C 202 56.88 -17.56 -6.04
CA GLU C 202 57.38 -18.06 -4.76
C GLU C 202 56.26 -18.71 -3.95
N TYR C 203 55.07 -18.12 -4.00
CA TYR C 203 53.89 -18.69 -3.36
C TYR C 203 53.59 -20.08 -3.90
N ILE C 204 53.62 -20.23 -5.22
CA ILE C 204 53.36 -21.52 -5.84
C ILE C 204 54.44 -22.54 -5.46
N ALA C 205 55.71 -22.12 -5.49
CA ALA C 205 56.79 -23.03 -5.13
C ALA C 205 56.66 -23.51 -3.69
N ARG C 206 56.30 -22.61 -2.78
CA ARG C 206 56.06 -23.02 -1.39
C ARG C 206 54.90 -24.00 -1.30
N THR C 207 53.80 -23.70 -2.01
CA THR C 207 52.61 -24.55 -1.92
C THR C 207 52.85 -25.94 -2.50
N PHE C 208 53.65 -26.05 -3.56
CA PHE C 208 53.80 -27.32 -4.28
C PHE C 208 55.10 -28.03 -3.94
N ASN C 209 55.79 -27.61 -2.87
CA ASN C 209 57.02 -28.25 -2.41
C ASN C 209 58.10 -28.26 -3.50
N ALA C 210 58.22 -27.15 -4.21
CA ALA C 210 59.25 -26.97 -5.22
C ALA C 210 60.26 -25.94 -4.75
N GLU C 211 61.52 -26.14 -5.12
CA GLU C 211 62.52 -25.11 -4.91
C GLU C 211 62.19 -23.87 -5.73
N ARG C 212 61.81 -24.06 -6.99
CA ARG C 212 61.33 -22.92 -7.76
C ARG C 212 60.23 -23.38 -8.71
N SER C 213 59.38 -22.44 -9.11
CA SER C 213 58.24 -22.73 -9.96
C SER C 213 58.09 -21.68 -11.04
N TYR C 214 57.56 -22.10 -12.17
CA TYR C 214 57.30 -21.23 -13.30
C TYR C 214 55.87 -21.44 -13.79
N MET C 215 55.21 -20.34 -14.12
CA MET C 215 53.85 -20.38 -14.64
C MET C 215 53.91 -20.34 -16.17
N VAL C 216 53.20 -21.28 -16.81
CA VAL C 216 53.17 -21.41 -18.26
C VAL C 216 51.73 -21.22 -18.71
N THR C 217 51.52 -20.39 -19.73
CA THR C 217 50.19 -20.10 -20.24
C THR C 217 49.89 -20.78 -21.56
N ASN C 218 50.72 -21.72 -22.01
CA ASN C 218 50.41 -22.50 -23.20
C ASN C 218 50.44 -24.00 -22.92
N GLY C 219 50.16 -24.38 -21.68
CA GLY C 219 49.94 -25.77 -21.34
C GLY C 219 51.21 -26.55 -21.03
N THR C 220 50.99 -27.77 -20.54
CA THR C 220 52.11 -28.66 -20.26
C THR C 220 52.85 -29.05 -21.53
N SER C 221 52.22 -28.96 -22.70
CA SER C 221 52.98 -29.14 -23.93
C SER C 221 54.15 -28.16 -24.00
N THR C 222 53.85 -26.88 -23.77
CA THR C 222 54.90 -25.86 -23.76
C THR C 222 55.84 -26.04 -22.57
N ALA C 223 55.31 -26.41 -21.40
CA ALA C 223 56.16 -26.63 -20.24
C ALA C 223 57.18 -27.74 -20.51
N ASN C 224 56.73 -28.84 -21.12
CA ASN C 224 57.62 -29.92 -21.52
C ASN C 224 58.67 -29.43 -22.49
N LYS C 225 58.27 -28.61 -23.46
CA LYS C 225 59.24 -28.08 -24.42
C LYS C 225 60.30 -27.22 -23.73
N ILE C 226 59.88 -26.39 -22.77
CA ILE C 226 60.83 -25.54 -22.05
C ILE C 226 61.84 -26.39 -21.29
N VAL C 227 61.34 -27.36 -20.51
CA VAL C 227 62.23 -28.20 -19.71
C VAL C 227 63.17 -28.98 -20.63
N GLY C 228 62.64 -29.57 -21.69
CA GLY C 228 63.44 -30.39 -22.57
C GLY C 228 64.51 -29.59 -23.30
N MET C 229 64.18 -28.40 -23.79
CA MET C 229 65.18 -27.58 -24.44
C MET C 229 66.25 -27.11 -23.48
N TYR C 230 65.87 -26.75 -22.25
CA TYR C 230 66.91 -26.39 -21.30
C TYR C 230 67.83 -27.57 -21.00
N SER C 231 67.27 -28.77 -20.95
CA SER C 231 68.00 -29.94 -20.46
C SER C 231 68.73 -30.72 -21.55
N ALA C 232 68.30 -30.63 -22.80
CA ALA C 232 68.81 -31.49 -23.87
C ALA C 232 69.38 -30.65 -25.01
N PRO C 233 70.67 -30.34 -24.98
CA PRO C 233 71.28 -29.61 -26.09
C PRO C 233 71.33 -30.47 -27.35
N ALA C 234 71.42 -29.81 -28.49
CA ALA C 234 71.52 -30.51 -29.76
C ALA C 234 72.72 -31.45 -29.76
N GLY C 235 72.52 -32.66 -30.28
CA GLY C 235 73.55 -33.68 -30.28
C GLY C 235 73.57 -34.58 -29.06
N SER C 236 72.78 -34.28 -28.04
CA SER C 236 72.72 -35.10 -26.84
C SER C 236 71.72 -36.25 -27.00
N THR C 237 71.78 -37.19 -26.07
CA THR C 237 70.89 -38.34 -26.02
C THR C 237 69.92 -38.20 -24.84
N VAL C 238 68.65 -38.52 -25.07
CA VAL C 238 67.61 -38.39 -24.05
C VAL C 238 66.90 -39.73 -23.89
N LEU C 239 66.60 -40.08 -22.65
CA LEU C 239 65.72 -41.20 -22.34
C LEU C 239 64.28 -40.72 -22.31
N ILE C 240 63.42 -41.38 -23.08
CA ILE C 240 62.03 -40.96 -23.23
C ILE C 240 61.12 -42.13 -22.90
N ASP C 241 60.15 -41.90 -22.02
CA ASP C 241 59.05 -42.85 -21.86
C ASP C 241 58.35 -43.06 -23.18
N ARG C 242 58.27 -44.32 -23.65
CA ARG C 242 57.52 -44.57 -24.88
C ARG C 242 56.06 -44.21 -24.71
N ASN C 243 55.55 -44.22 -23.48
CA ASN C 243 54.24 -43.67 -23.16
C ASN C 243 54.44 -42.17 -22.88
N CYS C 244 54.68 -41.43 -23.96
CA CYS C 244 54.93 -40.00 -23.88
C CYS C 244 53.85 -39.23 -24.61
N HIS C 245 53.51 -38.08 -24.06
CA HIS C 245 52.63 -37.16 -24.76
C HIS C 245 53.30 -36.65 -26.03
N LYS C 246 52.47 -36.25 -27.00
CA LYS C 246 53.00 -35.84 -28.29
C LYS C 246 53.89 -34.61 -28.19
N SER C 247 53.82 -33.86 -27.09
CA SER C 247 54.70 -32.72 -26.91
C SER C 247 56.17 -33.13 -26.85
N LEU C 248 56.47 -34.27 -26.24
CA LEU C 248 57.84 -34.76 -26.23
C LEU C 248 58.30 -35.09 -27.64
N THR C 249 57.42 -35.64 -28.47
CA THR C 249 57.76 -35.86 -29.87
C THR C 249 57.98 -34.54 -30.60
N HIS C 250 57.16 -33.53 -30.30
CA HIS C 250 57.39 -32.21 -30.87
C HIS C 250 58.77 -31.68 -30.48
N LEU C 251 59.17 -31.92 -29.23
CA LEU C 251 60.50 -31.51 -28.77
C LEU C 251 61.60 -32.26 -29.52
N MET C 252 61.43 -33.57 -29.73
CA MET C 252 62.43 -34.33 -30.46
C MET C 252 62.51 -33.88 -31.92
N MET C 253 61.40 -33.42 -32.47
CA MET C 253 61.37 -32.85 -33.81
C MET C 253 62.02 -31.47 -33.84
N MET C 254 61.98 -30.77 -32.69
CA MET C 254 62.53 -29.41 -32.60
C MET C 254 64.03 -29.41 -32.85
N SER C 255 64.77 -30.27 -32.17
CA SER C 255 66.22 -30.24 -32.19
C SER C 255 66.79 -31.64 -32.37
N ASP C 256 68.03 -31.69 -32.83
CA ASP C 256 68.72 -32.94 -33.13
C ASP C 256 69.15 -33.57 -31.81
N ILE C 257 68.27 -34.40 -31.25
CA ILE C 257 68.58 -35.17 -30.06
C ILE C 257 68.24 -36.62 -30.35
N THR C 258 69.12 -37.53 -29.91
CA THR C 258 68.92 -38.94 -30.15
C THR C 258 68.11 -39.53 -29.00
N PRO C 259 66.93 -40.09 -29.25
CA PRO C 259 66.15 -40.69 -28.16
C PRO C 259 66.43 -42.16 -27.98
N ILE C 260 66.41 -42.59 -26.72
CA ILE C 260 66.34 -43.99 -26.33
C ILE C 260 65.10 -44.16 -25.48
N TYR C 261 64.31 -45.19 -25.78
CA TYR C 261 62.95 -45.29 -25.25
C TYR C 261 62.88 -46.28 -24.09
N PHE C 262 62.33 -45.82 -22.97
CA PHE C 262 61.82 -46.74 -21.96
C PHE C 262 60.62 -47.51 -22.52
N ARG C 263 60.57 -48.82 -22.26
CA ARG C 263 59.48 -49.64 -22.77
C ARG C 263 58.46 -49.88 -21.67
N PRO C 264 57.27 -49.32 -21.76
CA PRO C 264 56.26 -49.57 -20.73
C PRO C 264 55.53 -50.89 -21.00
N THR C 265 54.73 -51.28 -20.01
CA THR C 265 53.94 -52.50 -20.11
C THR C 265 52.48 -52.14 -20.42
N ARG C 266 51.67 -53.17 -20.61
CA ARG C 266 50.25 -53.00 -20.87
C ARG C 266 49.53 -54.30 -20.55
N ASN C 267 48.23 -54.18 -20.29
CA ASN C 267 47.40 -55.34 -19.98
C ASN C 267 46.45 -55.63 -21.15
N ALA C 268 45.57 -56.61 -20.95
CA ALA C 268 44.67 -57.03 -22.02
C ALA C 268 43.73 -55.92 -22.46
N TYR C 269 43.34 -55.03 -21.54
CA TYR C 269 42.46 -53.94 -21.87
C TYR C 269 43.14 -52.83 -22.67
N GLY C 270 44.46 -52.89 -22.84
CA GLY C 270 45.18 -51.78 -23.40
C GLY C 270 45.53 -50.71 -22.40
N ILE C 271 45.21 -50.92 -21.11
CA ILE C 271 45.61 -49.97 -20.08
C ILE C 271 47.11 -49.93 -19.98
N LEU C 272 47.68 -48.72 -20.07
CA LEU C 272 49.13 -48.57 -20.09
C LEU C 272 49.69 -48.74 -18.68
N GLY C 273 50.60 -49.70 -18.53
CA GLY C 273 51.30 -49.91 -17.29
C GLY C 273 52.59 -49.12 -17.22
N GLY C 274 53.37 -49.42 -16.20
CA GLY C 274 54.61 -48.70 -15.98
C GLY C 274 55.82 -49.35 -16.63
N ILE C 275 56.90 -48.58 -16.65
CA ILE C 275 58.18 -49.12 -17.11
C ILE C 275 58.73 -50.06 -16.04
N PRO C 276 59.18 -51.26 -16.40
CA PRO C 276 59.77 -52.16 -15.41
C PRO C 276 61.03 -51.57 -14.78
N LYS C 277 61.33 -52.02 -13.56
CA LYS C 277 62.48 -51.52 -12.83
C LYS C 277 63.81 -51.81 -13.52
N SER C 278 63.86 -52.81 -14.39
CA SER C 278 65.11 -53.13 -15.07
C SER C 278 65.54 -52.01 -16.00
N GLU C 279 64.57 -51.33 -16.63
CA GLU C 279 64.91 -50.34 -17.63
C GLU C 279 65.50 -49.06 -17.05
N PHE C 280 65.45 -48.89 -15.74
CA PHE C 280 66.14 -47.78 -15.10
C PHE C 280 67.55 -48.14 -14.67
N GLN C 281 68.01 -49.35 -14.95
CA GLN C 281 69.32 -49.80 -14.50
C GLN C 281 70.41 -49.35 -15.45
N HIS C 282 71.61 -49.18 -14.89
CA HIS C 282 72.73 -48.65 -15.67
C HIS C 282 73.08 -49.56 -16.83
N ASP C 283 73.09 -50.88 -16.61
CA ASP C 283 73.50 -51.81 -17.64
C ASP C 283 72.57 -51.77 -18.84
N THR C 284 71.25 -51.75 -18.59
CA THR C 284 70.30 -51.70 -19.69
C THR C 284 70.49 -50.43 -20.52
N ILE C 285 70.63 -49.29 -19.85
CA ILE C 285 70.79 -48.03 -20.57
C ILE C 285 72.09 -48.04 -21.36
N ALA C 286 73.17 -48.56 -20.77
CA ALA C 286 74.44 -48.62 -21.48
C ALA C 286 74.35 -49.51 -22.71
N GLU C 287 73.66 -50.64 -22.61
CA GLU C 287 73.49 -51.51 -23.77
C GLU C 287 72.69 -50.80 -24.86
N ARG C 288 71.62 -50.09 -24.47
CA ARG C 288 70.85 -49.34 -25.47
C ARG C 288 71.69 -48.27 -26.13
N VAL C 289 72.51 -47.55 -25.35
CA VAL C 289 73.37 -46.53 -25.93
C VAL C 289 74.33 -47.15 -26.93
N ALA C 290 74.90 -48.31 -26.58
CA ALA C 290 75.81 -48.99 -27.50
C ALA C 290 75.09 -49.39 -28.78
N GLN C 291 73.87 -49.90 -28.67
CA GLN C 291 73.15 -50.34 -29.87
C GLN C 291 72.74 -49.17 -30.75
N THR C 292 72.26 -48.09 -30.15
CA THR C 292 71.72 -46.97 -30.92
C THR C 292 72.86 -46.12 -31.49
N PRO C 293 72.89 -45.89 -32.79
CA PRO C 293 73.98 -45.09 -33.38
C PRO C 293 73.88 -43.62 -32.98
N ASN C 294 75.05 -42.97 -32.95
CA ASN C 294 75.18 -41.55 -32.64
C ASN C 294 74.63 -41.23 -31.25
N ALA C 295 74.74 -42.17 -30.33
CA ALA C 295 74.18 -42.03 -29.00
C ALA C 295 75.27 -42.11 -27.95
N THR C 296 75.19 -41.24 -26.96
CA THR C 296 76.09 -41.18 -25.82
C THR C 296 75.28 -41.43 -24.56
N TRP C 297 75.93 -41.28 -23.41
CA TRP C 297 75.21 -41.45 -22.16
C TRP C 297 74.15 -40.37 -22.04
N PRO C 298 72.89 -40.73 -21.78
CA PRO C 298 71.82 -39.73 -21.78
C PRO C 298 72.05 -38.64 -20.73
N VAL C 299 71.72 -37.41 -21.11
CA VAL C 299 71.83 -36.27 -20.21
C VAL C 299 70.49 -35.84 -19.63
N HIS C 300 69.40 -36.46 -20.07
CA HIS C 300 68.06 -36.07 -19.64
C HIS C 300 67.15 -37.28 -19.81
N ALA C 301 66.23 -37.46 -18.86
CA ALA C 301 65.22 -38.51 -18.97
C ALA C 301 63.85 -37.94 -18.64
N VAL C 302 62.84 -38.43 -19.36
CA VAL C 302 61.46 -38.01 -19.19
C VAL C 302 60.61 -39.23 -18.89
N VAL C 303 59.85 -39.17 -17.80
CA VAL C 303 58.98 -40.26 -17.37
C VAL C 303 57.59 -39.68 -17.13
N THR C 304 56.56 -40.35 -17.66
CA THR C 304 55.18 -39.95 -17.47
C THR C 304 54.66 -40.53 -16.16
N ASN C 305 54.35 -39.68 -15.19
CA ASN C 305 53.91 -40.10 -13.87
C ASN C 305 52.86 -39.12 -13.38
N SER C 306 51.61 -39.56 -13.26
CA SER C 306 51.22 -40.95 -13.48
C SER C 306 50.89 -41.23 -14.94
N THR C 307 50.49 -42.46 -15.21
CA THR C 307 49.91 -42.78 -16.51
C THR C 307 48.51 -42.16 -16.62
N TYR C 308 47.99 -42.11 -17.85
CA TYR C 308 46.63 -41.65 -18.08
C TYR C 308 45.63 -42.41 -17.23
N ASP C 309 45.88 -43.70 -17.00
CA ASP C 309 44.95 -44.56 -16.27
C ASP C 309 45.19 -44.57 -14.77
N GLY C 310 46.09 -43.72 -14.27
CA GLY C 310 46.25 -43.54 -12.85
C GLY C 310 47.30 -44.39 -12.17
N LEU C 311 48.31 -44.85 -12.90
CA LEU C 311 49.38 -45.65 -12.33
C LEU C 311 50.55 -44.75 -11.95
N LEU C 312 50.85 -44.67 -10.66
CA LEU C 312 51.93 -43.86 -10.13
C LEU C 312 53.15 -44.75 -9.84
N TYR C 313 54.33 -44.24 -10.17
CA TYR C 313 55.56 -44.94 -9.87
C TYR C 313 56.02 -44.67 -8.45
N ASN C 314 56.87 -45.55 -7.95
CA ASN C 314 57.70 -45.26 -6.78
C ASN C 314 58.85 -44.37 -7.23
N THR C 315 58.69 -43.07 -7.05
CA THR C 315 59.66 -42.13 -7.60
C THR C 315 61.00 -42.12 -6.86
N ASP C 316 61.02 -42.56 -5.60
CA ASP C 316 62.27 -42.64 -4.87
C ASP C 316 63.23 -43.61 -5.54
N TYR C 317 62.73 -44.78 -5.95
CA TYR C 317 63.58 -45.73 -6.63
C TYR C 317 64.08 -45.18 -7.97
N ILE C 318 63.22 -44.48 -8.70
CA ILE C 318 63.65 -43.90 -9.98
C ILE C 318 64.75 -42.87 -9.75
N LYS C 319 64.57 -42.02 -8.73
CA LYS C 319 65.58 -41.01 -8.44
C LYS C 319 66.90 -41.65 -8.03
N GLU C 320 66.86 -42.71 -7.23
CA GLU C 320 68.09 -43.33 -6.76
C GLU C 320 68.78 -44.13 -7.86
N ALA C 321 68.01 -44.84 -8.68
CA ALA C 321 68.58 -45.80 -9.62
C ALA C 321 68.99 -45.14 -10.93
N LEU C 322 68.19 -44.21 -11.44
CA LEU C 322 68.45 -43.62 -12.76
C LEU C 322 69.70 -42.76 -12.70
N ASP C 323 70.74 -43.19 -13.41
CA ASP C 323 72.04 -42.52 -13.39
C ASP C 323 72.13 -41.44 -14.47
N VAL C 324 71.15 -40.54 -14.47
CA VAL C 324 71.11 -39.41 -15.38
C VAL C 324 70.92 -38.14 -14.55
N LYS C 325 71.67 -37.10 -14.89
CA LYS C 325 71.73 -35.92 -14.03
C LYS C 325 70.46 -35.08 -14.08
N SER C 326 69.57 -35.30 -15.05
CA SER C 326 68.36 -34.51 -15.20
C SER C 326 67.18 -35.44 -15.40
N ILE C 327 66.23 -35.40 -14.45
CA ILE C 327 65.05 -36.25 -14.48
C ILE C 327 63.83 -35.36 -14.54
N HIS C 328 62.93 -35.62 -15.47
CA HIS C 328 61.74 -34.82 -15.68
C HIS C 328 60.51 -35.72 -15.62
N PHE C 329 59.66 -35.49 -14.63
CA PHE C 329 58.40 -36.19 -14.51
C PHE C 329 57.31 -35.35 -15.16
N ASP C 330 56.79 -35.84 -16.28
CA ASP C 330 55.58 -35.30 -16.86
C ASP C 330 54.41 -35.72 -15.98
N SER C 331 53.99 -34.83 -15.10
CA SER C 331 52.96 -35.10 -14.11
C SER C 331 51.71 -34.28 -14.40
N ALA C 332 51.36 -34.17 -15.68
CA ALA C 332 50.20 -33.39 -16.08
C ALA C 332 48.92 -33.92 -15.43
N TRP C 333 48.86 -35.23 -15.17
CA TRP C 333 47.66 -35.85 -14.61
C TRP C 333 47.59 -35.82 -13.10
N VAL C 334 48.67 -35.47 -12.41
CA VAL C 334 48.68 -35.50 -10.95
C VAL C 334 49.24 -34.21 -10.36
N PRO C 335 48.54 -33.09 -10.46
CA PRO C 335 49.01 -31.86 -9.81
C PRO C 335 48.69 -31.77 -8.33
N TYR C 336 47.96 -32.73 -7.78
CA TYR C 336 47.49 -32.68 -6.40
C TYR C 336 48.33 -33.53 -5.44
N THR C 337 49.45 -34.09 -5.91
CA THR C 337 50.16 -35.10 -5.11
C THR C 337 50.69 -34.53 -3.80
N ASN C 338 51.07 -33.26 -3.78
CA ASN C 338 51.63 -32.67 -2.56
C ASN C 338 50.60 -32.49 -1.44
N PHE C 339 49.31 -32.66 -1.73
CA PHE C 339 48.26 -32.23 -0.81
C PHE C 339 47.52 -33.40 -0.18
N SER C 340 48.08 -34.61 -0.24
CA SER C 340 47.54 -35.75 0.46
C SER C 340 48.68 -36.70 0.80
N PRO C 341 48.74 -37.20 2.04
CA PRO C 341 49.82 -38.13 2.40
C PRO C 341 49.78 -39.46 1.65
N ILE C 342 48.65 -39.83 1.05
CA ILE C 342 48.58 -41.10 0.32
C ILE C 342 49.53 -41.12 -0.87
N TYR C 343 49.92 -39.95 -1.38
CA TYR C 343 50.79 -39.86 -2.54
C TYR C 343 52.26 -39.70 -2.18
N LYS C 344 52.62 -39.77 -0.90
CA LYS C 344 54.01 -39.57 -0.50
C LYS C 344 54.93 -40.59 -1.17
N GLY C 345 56.03 -40.09 -1.72
CA GLY C 345 56.97 -40.92 -2.43
C GLY C 345 56.53 -41.36 -3.82
N LEU C 346 55.38 -40.89 -4.29
CA LEU C 346 54.87 -41.26 -5.60
C LEU C 346 54.88 -40.09 -6.58
N CYS C 347 55.67 -39.06 -6.32
CA CYS C 347 55.71 -37.88 -7.17
C CYS C 347 57.12 -37.32 -7.22
N GLY C 348 57.36 -36.50 -8.24
CA GLY C 348 58.71 -36.00 -8.48
C GLY C 348 59.21 -35.07 -7.39
N MET C 349 58.34 -34.24 -6.83
CA MET C 349 58.74 -33.30 -5.81
C MET C 349 58.81 -33.92 -4.42
N SER C 350 58.46 -35.19 -4.28
CA SER C 350 58.45 -35.84 -2.98
C SER C 350 59.86 -35.85 -2.38
N GLY C 351 59.94 -35.55 -1.09
CA GLY C 351 61.21 -35.54 -0.42
C GLY C 351 62.03 -34.30 -0.70
N GLY C 352 63.30 -34.38 -0.33
CA GLY C 352 64.23 -33.31 -0.55
C GLY C 352 64.92 -33.41 -1.90
N ARG C 353 65.92 -32.55 -2.08
CA ARG C 353 66.67 -32.51 -3.32
C ARG C 353 67.61 -33.72 -3.42
N VAL C 354 67.91 -34.10 -4.65
CA VAL C 354 68.78 -35.24 -4.93
C VAL C 354 70.15 -34.71 -5.29
N GLU C 355 71.18 -35.20 -4.61
CA GLU C 355 72.54 -34.74 -4.86
C GLU C 355 72.97 -35.11 -6.27
N GLY C 356 73.56 -34.14 -6.97
CA GLY C 356 74.06 -34.40 -8.30
C GLY C 356 73.01 -34.53 -9.38
N LYS C 357 71.78 -34.14 -9.10
CA LYS C 357 70.70 -34.26 -10.07
C LYS C 357 69.76 -33.08 -9.94
N VAL C 358 69.03 -32.81 -11.02
CA VAL C 358 67.94 -31.84 -11.01
C VAL C 358 66.65 -32.57 -11.38
N ILE C 359 65.59 -32.31 -10.63
CA ILE C 359 64.29 -32.94 -10.82
C ILE C 359 63.31 -31.87 -11.29
N TYR C 360 62.64 -32.15 -12.40
CA TYR C 360 61.57 -31.31 -12.92
C TYR C 360 60.26 -32.06 -12.80
N GLU C 361 59.19 -31.31 -12.63
CA GLU C 361 57.86 -31.87 -12.62
C GLU C 361 56.95 -30.90 -13.37
N THR C 362 56.34 -31.35 -14.45
CA THR C 362 55.42 -30.51 -15.22
C THR C 362 53.99 -30.88 -14.88
N GLN C 363 53.20 -29.88 -14.52
CA GLN C 363 51.83 -30.08 -14.05
C GLN C 363 50.85 -29.33 -14.93
N SER C 364 49.74 -30.00 -15.27
CA SER C 364 48.62 -29.36 -15.93
CA SER C 364 48.62 -29.36 -15.93
C SER C 364 47.62 -28.95 -14.84
N THR C 365 47.70 -27.68 -14.43
CA THR C 365 46.83 -27.19 -13.37
C THR C 365 45.36 -27.22 -13.78
N HIS C 366 45.08 -27.13 -15.08
CA HIS C 366 43.71 -27.11 -15.56
C HIS C 366 43.10 -28.51 -15.61
N1 LLP C 367 51.73 -34.55 -21.17
C2 LLP C 367 50.78 -35.31 -20.64
C2' LLP C 367 51.15 -36.63 -20.04
C3 LLP C 367 49.45 -34.89 -20.63
O3 LLP C 367 48.51 -35.71 -20.06
C4 LLP C 367 49.11 -33.66 -21.23
C4' LLP C 367 47.74 -33.15 -21.17
C5 LLP C 367 50.13 -32.87 -21.75
C6 LLP C 367 51.41 -33.36 -21.71
C5' LLP C 367 49.87 -31.52 -22.39
OP4 LLP C 367 49.23 -30.58 -21.47
P LLP C 367 48.38 -29.33 -22.00
OP1 LLP C 367 48.06 -28.52 -20.76
OP2 LLP C 367 47.15 -29.91 -22.65
OP3 LLP C 367 49.27 -28.60 -22.98
N LLP C 367 43.93 -29.53 -15.77
CA LLP C 367 43.40 -30.92 -15.95
CB LLP C 367 44.48 -31.86 -16.51
CG LLP C 367 44.60 -31.88 -18.02
CD LLP C 367 45.66 -32.83 -18.55
CE LLP C 367 45.68 -32.95 -20.07
NZ LLP C 367 46.84 -33.72 -20.48
C LLP C 367 42.81 -31.44 -14.64
O LLP C 367 41.64 -31.84 -14.66
N LEU C 368 43.54 -31.44 -13.54
CA LEU C 368 43.00 -32.06 -12.32
C LEU C 368 42.81 -31.10 -11.14
N LEU C 369 43.38 -29.90 -11.22
CA LEU C 369 43.07 -28.86 -10.26
C LEU C 369 42.08 -27.88 -10.88
N ALA C 370 41.87 -26.74 -10.23
CA ALA C 370 40.91 -25.74 -10.68
C ALA C 370 41.68 -24.56 -11.30
N ALA C 371 41.82 -24.58 -12.62
CA ALA C 371 42.47 -23.50 -13.35
C ALA C 371 41.99 -23.52 -14.78
N PHE C 372 42.15 -22.38 -15.45
CA PHE C 372 41.73 -22.26 -16.84
C PHE C 372 42.60 -23.12 -17.74
N SER C 373 42.02 -23.52 -18.88
CA SER C 373 42.78 -24.24 -19.89
C SER C 373 44.02 -23.46 -20.29
N GLN C 374 45.10 -24.20 -20.56
CA GLN C 374 46.45 -23.75 -20.89
C GLN C 374 47.25 -23.32 -19.66
N ALA C 375 46.68 -23.35 -18.46
CA ALA C 375 47.45 -23.08 -17.26
C ALA C 375 48.32 -24.27 -16.91
N SER C 376 49.61 -24.01 -16.66
CA SER C 376 50.55 -25.10 -16.41
C SER C 376 51.63 -24.61 -15.45
N MET C 377 52.24 -25.57 -14.76
CA MET C 377 53.29 -25.30 -13.79
C MET C 377 54.54 -26.09 -14.15
N ILE C 378 55.71 -25.46 -13.99
CA ILE C 378 56.98 -26.16 -13.98
C ILE C 378 57.53 -26.06 -12.56
N HIS C 379 57.83 -27.22 -11.96
CA HIS C 379 58.42 -27.27 -10.63
C HIS C 379 59.84 -27.81 -10.75
N VAL C 380 60.79 -27.14 -10.12
CA VAL C 380 62.19 -27.50 -10.18
C VAL C 380 62.72 -27.69 -8.78
N LYS C 381 63.41 -28.82 -8.55
CA LYS C 381 64.13 -29.10 -7.32
C LYS C 381 65.56 -29.47 -7.71
N GLY C 382 66.52 -28.62 -7.36
CA GLY C 382 67.91 -28.83 -7.70
C GLY C 382 68.51 -27.60 -8.37
N ASP C 383 69.81 -27.69 -8.60
CA ASP C 383 70.56 -26.57 -9.16
C ASP C 383 70.30 -26.44 -10.65
N ILE C 384 69.95 -25.23 -11.07
CA ILE C 384 69.83 -24.88 -12.49
C ILE C 384 70.54 -23.55 -12.69
N ASN C 385 70.89 -23.29 -13.94
CA ASN C 385 71.39 -21.96 -14.33
C ASN C 385 70.16 -21.11 -14.61
N GLU C 386 69.82 -20.23 -13.68
CA GLU C 386 68.54 -19.52 -13.74
C GLU C 386 68.44 -18.65 -14.99
N GLU C 387 69.52 -17.98 -15.37
CA GLU C 387 69.47 -17.10 -16.54
C GLU C 387 69.20 -17.88 -17.81
N THR C 388 69.91 -19.00 -18.00
CA THR C 388 69.72 -19.82 -19.18
C THR C 388 68.32 -20.44 -19.21
N PHE C 389 67.85 -20.90 -18.05
CA PHE C 389 66.50 -21.42 -17.98
C PHE C 389 65.48 -20.34 -18.30
N ASN C 390 65.75 -19.10 -17.88
CA ASN C 390 64.87 -18.00 -18.25
C ASN C 390 64.86 -17.80 -19.76
N GLU C 391 66.00 -18.00 -20.43
CA GLU C 391 66.03 -17.90 -21.88
C GLU C 391 65.16 -18.95 -22.53
N ALA C 392 65.27 -20.20 -22.07
CA ALA C 392 64.39 -21.25 -22.60
C ALA C 392 62.93 -20.94 -22.30
N TYR C 393 62.65 -20.37 -21.13
CA TYR C 393 61.28 -20.05 -20.74
C TYR C 393 60.67 -19.00 -21.65
N MET C 394 61.38 -17.89 -21.86
CA MET C 394 60.82 -16.83 -22.69
C MET C 394 60.86 -17.19 -24.17
N MET C 395 61.67 -18.18 -24.54
CA MET C 395 61.63 -18.68 -25.91
C MET C 395 60.28 -19.28 -26.28
N HIS C 396 59.49 -19.73 -25.31
CA HIS C 396 58.20 -20.35 -25.59
C HIS C 396 57.01 -19.62 -24.99
N THR C 397 57.22 -18.53 -24.28
CA THR C 397 56.13 -17.80 -23.67
C THR C 397 55.79 -16.58 -24.52
N SER C 398 54.49 -16.36 -24.73
CA SER C 398 54.05 -15.19 -25.47
C SER C 398 54.42 -13.92 -24.74
N THR C 399 54.72 -12.86 -25.51
CA THR C 399 54.98 -11.56 -24.91
C THR C 399 53.71 -10.91 -24.36
N SER C 400 52.54 -11.49 -24.62
CA SER C 400 51.28 -10.97 -24.13
CA SER C 400 51.28 -10.96 -24.13
C SER C 400 50.50 -12.08 -23.43
N PRO C 401 50.96 -12.50 -22.25
CA PRO C 401 50.26 -13.58 -21.54
C PRO C 401 48.88 -13.17 -21.10
N HIS C 402 47.98 -14.15 -21.09
CA HIS C 402 46.61 -13.96 -20.65
C HIS C 402 46.59 -13.93 -19.12
N TYR C 403 46.31 -12.75 -18.55
CA TYR C 403 46.41 -12.59 -17.11
C TYR C 403 45.39 -13.44 -16.36
N GLY C 404 44.26 -13.74 -17.00
CA GLY C 404 43.28 -14.62 -16.36
C GLY C 404 43.83 -16.02 -16.13
N ILE C 405 44.53 -16.56 -17.11
CA ILE C 405 45.12 -17.89 -16.97
C ILE C 405 46.17 -17.91 -15.86
N VAL C 406 47.02 -16.87 -15.82
CA VAL C 406 48.06 -16.77 -14.79
C VAL C 406 47.42 -16.68 -13.41
N ALA C 407 46.40 -15.83 -13.28
CA ALA C 407 45.69 -15.69 -12.02
C ALA C 407 45.03 -17.01 -11.61
N SER C 408 44.49 -17.75 -12.59
CA SER C 408 43.88 -19.04 -12.29
C SER C 408 44.90 -20.04 -11.77
N THR C 409 46.12 -20.00 -12.32
CA THR C 409 47.21 -20.83 -11.78
C THR C 409 47.48 -20.50 -10.32
N GLU C 410 47.66 -19.21 -10.03
CA GLU C 410 47.92 -18.79 -8.66
C GLU C 410 46.76 -19.14 -7.73
N THR C 411 45.53 -18.98 -8.22
CA THR C 411 44.35 -19.25 -7.42
C THR C 411 44.18 -20.74 -7.15
N ALA C 412 44.56 -21.61 -8.09
CA ALA C 412 44.55 -23.03 -7.81
C ALA C 412 45.53 -23.35 -6.68
N ALA C 413 46.72 -22.75 -6.74
CA ALA C 413 47.66 -22.90 -5.62
C ALA C 413 47.02 -22.47 -4.30
N ALA C 414 46.34 -21.32 -4.31
CA ALA C 414 45.73 -20.81 -3.08
C ALA C 414 44.59 -21.71 -2.60
N MET C 415 43.81 -22.25 -3.52
CA MET C 415 42.72 -23.16 -3.16
C MET C 415 43.26 -24.39 -2.48
N MET C 416 44.47 -24.80 -2.83
CA MET C 416 45.02 -26.01 -2.23
C MET C 416 45.40 -25.84 -0.75
N LYS C 417 45.42 -24.62 -0.23
CA LYS C 417 46.00 -24.34 1.08
C LYS C 417 44.96 -24.43 2.20
N GLY C 418 45.44 -24.74 3.40
CA GLY C 418 44.62 -24.67 4.60
C GLY C 418 43.72 -25.88 4.81
N ASN C 419 42.91 -25.77 5.87
CA ASN C 419 41.95 -26.81 6.19
C ASN C 419 40.91 -26.97 5.10
N ALA C 420 40.50 -25.85 4.48
CA ALA C 420 39.53 -25.92 3.40
C ALA C 420 40.08 -26.72 2.21
N GLY C 421 41.33 -26.46 1.83
CA GLY C 421 41.93 -27.22 0.73
C GLY C 421 42.16 -28.67 1.08
N LYS C 422 42.60 -28.92 2.32
CA LYS C 422 42.77 -30.31 2.76
C LYS C 422 41.46 -31.06 2.69
N ARG C 423 40.37 -30.40 3.10
CA ARG C 423 39.05 -30.99 2.99
C ARG C 423 38.66 -31.24 1.55
N LEU C 424 38.99 -30.31 0.64
CA LEU C 424 38.70 -30.53 -0.77
C LEU C 424 39.35 -31.81 -1.29
N ILE C 425 40.66 -31.94 -1.08
CA ILE C 425 41.38 -33.10 -1.61
C ILE C 425 40.89 -34.39 -0.95
N ASN C 426 40.79 -34.39 0.38
CA ASN C 426 40.36 -35.59 1.09
C ASN C 426 38.95 -35.99 0.71
N GLY C 427 38.05 -35.01 0.56
CA GLY C 427 36.69 -35.31 0.16
C GLY C 427 36.61 -35.88 -1.24
N SER C 428 37.45 -35.39 -2.15
CA SER C 428 37.50 -35.96 -3.49
C SER C 428 37.95 -37.42 -3.44
N ILE C 429 38.98 -37.71 -2.64
CA ILE C 429 39.48 -39.08 -2.54
C ILE C 429 38.42 -40.01 -1.93
N GLU C 430 37.77 -39.55 -0.85
CA GLU C 430 36.75 -40.36 -0.20
C GLU C 430 35.53 -40.57 -1.10
N ARG C 431 35.14 -39.53 -1.84
CA ARG C 431 34.04 -39.67 -2.79
C ARG C 431 34.36 -40.70 -3.86
N ALA C 432 35.58 -40.67 -4.39
CA ALA C 432 35.98 -41.66 -5.39
C ALA C 432 35.96 -43.07 -4.81
N ILE C 433 36.45 -43.24 -3.58
CA ILE C 433 36.46 -44.57 -2.97
C ILE C 433 35.05 -45.07 -2.70
N ARG C 434 34.16 -44.17 -2.27
CA ARG C 434 32.77 -44.56 -2.07
C ARG C 434 32.13 -45.01 -3.37
N PHE C 435 32.42 -44.29 -4.47
CA PHE C 435 31.90 -44.70 -5.78
C PHE C 435 32.45 -46.07 -6.19
N ARG C 436 33.73 -46.32 -5.93
CA ARG C 436 34.32 -47.62 -6.27
C ARG C 436 33.63 -48.74 -5.50
N LYS C 437 33.45 -48.55 -4.19
CA LYS C 437 32.80 -49.57 -3.37
C LYS C 437 31.37 -49.79 -3.84
N GLU C 438 30.68 -48.72 -4.21
CA GLU C 438 29.30 -48.85 -4.68
C GLU C 438 29.24 -49.60 -6.01
N ILE C 439 30.19 -49.36 -6.90
CA ILE C 439 30.22 -50.11 -8.16
C ILE C 439 30.40 -51.59 -7.87
N LYS C 440 31.30 -51.94 -6.95
CA LYS C 440 31.48 -53.34 -6.59
C LYS C 440 30.20 -53.92 -6.00
N ARG C 441 29.54 -53.18 -5.11
CA ARG C 441 28.32 -53.67 -4.48
C ARG C 441 27.22 -53.90 -5.51
N LEU C 442 27.05 -52.97 -6.45
CA LEU C 442 26.04 -53.13 -7.48
C LEU C 442 26.36 -54.31 -8.39
N ASN C 443 27.64 -54.51 -8.71
CA ASN C 443 28.03 -55.65 -9.52
C ASN C 443 27.68 -56.96 -8.81
N SER C 444 27.90 -57.02 -7.49
CA SER C 444 27.51 -58.20 -6.74
C SER C 444 26.00 -58.35 -6.70
N GLU C 445 25.26 -57.24 -6.67
CA GLU C 445 23.80 -57.31 -6.57
C GLU C 445 23.15 -57.73 -7.89
N SER C 446 23.74 -57.38 -9.02
CA SER C 446 23.10 -57.62 -10.31
C SER C 446 23.03 -59.11 -10.61
N GLU C 447 21.86 -59.57 -11.09
CA GLU C 447 21.69 -60.96 -11.44
C GLU C 447 22.54 -61.33 -12.65
N GLY C 448 22.51 -60.50 -13.68
CA GLY C 448 23.31 -60.69 -14.87
C GLY C 448 24.55 -59.82 -14.86
N TRP C 449 24.97 -59.40 -16.06
CA TRP C 449 26.15 -58.58 -16.23
C TRP C 449 25.96 -57.21 -15.57
N PHE C 450 27.06 -56.68 -15.03
CA PHE C 450 27.09 -55.29 -14.58
C PHE C 450 28.49 -54.74 -14.78
N PHE C 451 28.57 -53.41 -14.76
CA PHE C 451 29.85 -52.75 -14.88
C PHE C 451 30.76 -53.15 -13.72
N ASP C 452 32.04 -53.27 -14.01
CA ASP C 452 33.04 -53.57 -13.01
C ASP C 452 34.09 -52.46 -13.00
N VAL C 453 34.76 -52.31 -11.86
CA VAL C 453 35.77 -51.28 -11.68
C VAL C 453 37.13 -51.95 -11.56
N TRP C 454 38.11 -51.43 -12.28
CA TRP C 454 39.47 -51.97 -12.32
C TRP C 454 40.20 -51.55 -11.06
N GLN C 455 40.29 -52.46 -10.08
CA GLN C 455 40.83 -52.15 -8.77
C GLN C 455 41.10 -53.44 -7.98
N PRO C 456 41.82 -53.37 -6.87
CA PRO C 456 41.95 -54.56 -6.01
C PRO C 456 40.64 -54.93 -5.35
N GLU C 457 40.61 -56.14 -4.80
CA GLU C 457 39.37 -56.70 -4.26
C GLU C 457 38.87 -55.91 -3.05
N GLY C 458 39.67 -55.89 -1.98
CA GLY C 458 39.17 -55.45 -0.69
C GLY C 458 39.53 -54.05 -0.25
N ILE C 459 39.39 -53.06 -1.15
CA ILE C 459 39.77 -51.69 -0.80
C ILE C 459 38.94 -51.21 0.37
N ASP C 460 39.61 -50.72 1.41
CA ASP C 460 38.92 -50.15 2.57
C ASP C 460 39.32 -48.71 2.82
N GLU C 461 40.60 -48.43 3.04
CA GLU C 461 41.04 -47.11 3.46
C GLU C 461 41.55 -46.31 2.27
N ALA C 462 41.63 -45.01 2.45
CA ALA C 462 42.14 -44.13 1.40
C ALA C 462 43.65 -44.28 1.31
N LYS C 463 44.11 -44.77 0.16
CA LYS C 463 45.52 -44.95 -0.11
C LYS C 463 45.67 -45.31 -1.59
N CYS C 464 46.91 -45.21 -2.08
CA CYS C 464 47.23 -45.71 -3.41
C CYS C 464 47.52 -47.20 -3.31
N TRP C 465 46.76 -47.99 -4.06
CA TRP C 465 46.82 -49.44 -3.92
C TRP C 465 47.99 -50.01 -4.72
N PRO C 466 48.92 -50.72 -4.08
CA PRO C 466 50.04 -51.29 -4.81
C PRO C 466 49.58 -52.36 -5.80
N LEU C 467 50.33 -52.50 -6.88
CA LEU C 467 50.08 -53.54 -7.88
C LEU C 467 51.01 -54.71 -7.56
N ASP C 468 50.44 -55.77 -6.99
CA ASP C 468 51.22 -56.91 -6.54
C ASP C 468 51.25 -58.00 -7.61
N SER C 469 52.36 -58.75 -7.64
CA SER C 469 52.49 -59.83 -8.60
C SER C 469 51.48 -60.94 -8.36
N LYS C 470 51.11 -61.19 -7.10
CA LYS C 470 50.15 -62.25 -6.79
C LYS C 470 48.74 -61.87 -7.23
N ASP C 471 48.33 -60.63 -7.02
CA ASP C 471 47.01 -60.19 -7.43
C ASP C 471 46.94 -60.03 -8.95
N ASN C 472 45.86 -60.53 -9.53
CA ASN C 472 45.68 -60.53 -10.97
C ASN C 472 44.65 -59.51 -11.45
N TRP C 473 44.15 -58.65 -10.55
CA TRP C 473 43.16 -57.66 -10.96
C TRP C 473 43.74 -56.70 -12.00
N HIS C 474 45.01 -56.34 -11.85
CA HIS C 474 45.60 -55.35 -12.75
C HIS C 474 45.87 -55.91 -14.14
N GLY C 475 46.06 -57.23 -14.25
CA GLY C 475 46.26 -57.84 -15.54
C GLY C 475 47.64 -57.68 -16.14
N PHE C 476 48.61 -57.20 -15.38
CA PHE C 476 49.97 -57.06 -15.86
C PHE C 476 50.78 -58.29 -15.46
N LYS C 477 51.37 -58.95 -16.45
CA LYS C 477 52.16 -60.15 -16.17
C LYS C 477 53.48 -59.78 -15.52
N ASP C 478 53.90 -60.60 -14.56
CA ASP C 478 55.19 -60.51 -13.87
C ASP C 478 55.57 -59.07 -13.54
N ILE C 479 54.73 -58.44 -12.73
CA ILE C 479 54.97 -57.05 -12.33
C ILE C 479 55.95 -57.04 -11.15
N ASP C 480 56.75 -55.98 -11.09
CA ASP C 480 57.64 -55.77 -9.96
C ASP C 480 56.85 -55.31 -8.74
N ASN C 481 57.41 -55.58 -7.57
CA ASN C 481 56.77 -55.21 -6.32
C ASN C 481 57.17 -53.81 -5.89
N ASP C 482 56.25 -53.14 -5.19
CA ASP C 482 56.48 -51.79 -4.67
C ASP C 482 56.91 -50.82 -5.76
N HIS C 483 56.35 -51.01 -6.96
CA HIS C 483 56.74 -50.21 -8.12
C HIS C 483 55.59 -49.31 -8.59
N MET C 484 54.45 -49.89 -8.94
CA MET C 484 53.29 -49.13 -9.40
C MET C 484 52.15 -49.18 -8.39
N TYR C 485 51.40 -48.08 -8.34
CA TYR C 485 50.29 -47.91 -7.43
C TYR C 485 49.12 -47.30 -8.21
N LEU C 486 47.92 -47.56 -7.74
CA LEU C 486 46.72 -47.06 -8.40
C LEU C 486 46.20 -45.82 -7.67
N ASP C 487 45.96 -44.76 -8.43
CA ASP C 487 45.39 -43.53 -7.87
C ASP C 487 43.89 -43.70 -7.72
N PRO C 488 43.35 -43.56 -6.50
CA PRO C 488 41.90 -43.74 -6.32
C PRO C 488 41.06 -42.75 -7.13
N ILE C 489 41.62 -41.59 -7.48
CA ILE C 489 40.88 -40.56 -8.20
C ILE C 489 40.53 -41.00 -9.61
N LYS C 490 41.39 -41.79 -10.26
CA LYS C 490 41.18 -42.20 -11.64
C LYS C 490 40.38 -43.51 -11.66
N VAL C 491 39.06 -43.41 -11.88
CA VAL C 491 38.19 -44.56 -11.78
C VAL C 491 37.99 -45.15 -13.17
N THR C 492 38.44 -46.39 -13.37
CA THR C 492 38.26 -47.08 -14.64
C THR C 492 37.16 -48.12 -14.50
N LEU C 493 36.08 -47.94 -15.24
CA LEU C 493 35.00 -48.91 -15.31
C LEU C 493 35.23 -49.85 -16.48
N LEU C 494 34.95 -51.12 -16.26
CA LEU C 494 35.12 -52.16 -17.28
C LEU C 494 33.76 -52.69 -17.69
N THR C 495 33.55 -52.79 -18.99
CA THR C 495 32.38 -53.44 -19.55
C THR C 495 32.67 -54.92 -19.80
N PRO C 496 31.66 -55.78 -19.81
CA PRO C 496 31.88 -57.20 -20.13
C PRO C 496 32.37 -57.36 -21.56
N GLY C 497 33.19 -58.39 -21.76
CA GLY C 497 33.77 -58.66 -23.06
C GLY C 497 35.17 -59.24 -22.97
N MET C 498 35.72 -59.27 -21.77
CA MET C 498 37.06 -59.79 -21.52
C MET C 498 37.03 -60.74 -20.34
N GLN C 499 37.90 -61.72 -20.37
CA GLN C 499 37.99 -62.72 -19.30
C GLN C 499 39.12 -62.40 -18.34
N LYS C 500 39.09 -63.05 -17.19
CA LYS C 500 40.07 -62.81 -16.15
C LYS C 500 41.47 -63.29 -16.53
N ASP C 501 41.58 -64.16 -17.53
CA ASP C 501 42.87 -64.67 -17.98
C ASP C 501 43.47 -63.84 -19.10
N GLY C 502 42.84 -62.74 -19.48
CA GLY C 502 43.31 -61.90 -20.56
C GLY C 502 42.75 -62.24 -21.92
N SER C 503 42.00 -63.33 -22.05
CA SER C 503 41.39 -63.72 -23.31
C SER C 503 40.02 -63.07 -23.46
N MET C 504 39.52 -63.09 -24.69
CA MET C 504 38.22 -62.52 -25.00
C MET C 504 37.10 -63.48 -24.58
N ALA C 505 35.88 -62.96 -24.62
CA ALA C 505 34.68 -63.70 -24.28
C ALA C 505 33.67 -63.58 -25.40
N ASP C 506 32.77 -64.56 -25.48
CA ASP C 506 31.80 -64.60 -26.57
C ASP C 506 30.88 -63.39 -26.54
N THR C 507 30.41 -63.00 -25.35
CA THR C 507 29.54 -61.85 -25.20
C THR C 507 30.36 -60.65 -24.74
N GLY C 508 29.97 -59.46 -25.21
CA GLY C 508 30.65 -58.24 -24.81
C GLY C 508 30.00 -56.96 -25.30
N ILE C 509 30.06 -55.92 -24.49
CA ILE C 509 29.49 -54.62 -24.83
C ILE C 509 30.65 -53.63 -24.98
N PRO C 510 30.93 -53.14 -26.19
CA PRO C 510 32.01 -52.17 -26.35
C PRO C 510 31.72 -50.87 -25.62
N ALA C 511 32.74 -50.34 -24.95
CA ALA C 511 32.56 -49.17 -24.11
C ALA C 511 32.24 -47.91 -24.90
N SER C 512 32.48 -47.91 -26.22
CA SER C 512 32.09 -46.77 -27.03
C SER C 512 30.57 -46.56 -27.03
N ILE C 513 29.81 -47.66 -27.06
CA ILE C 513 28.36 -47.54 -26.99
C ILE C 513 27.92 -46.95 -25.66
N VAL C 514 28.50 -47.42 -24.56
CA VAL C 514 28.18 -46.87 -23.25
C VAL C 514 28.52 -45.39 -23.18
N SER C 515 29.67 -45.02 -23.76
CA SER C 515 30.09 -43.62 -23.77
C SER C 515 29.10 -42.76 -24.56
N LYS C 516 28.66 -43.25 -25.72
CA LYS C 516 27.67 -42.52 -26.50
C LYS C 516 26.36 -42.37 -25.73
N TYR C 517 25.93 -43.44 -25.05
CA TYR C 517 24.72 -43.36 -24.25
C TYR C 517 24.85 -42.32 -23.14
N LEU C 518 25.98 -42.34 -22.42
CA LEU C 518 26.19 -41.38 -21.34
C LEU C 518 26.21 -39.96 -21.87
N ASP C 519 26.86 -39.75 -23.03
CA ASP C 519 26.87 -38.42 -23.63
C ASP C 519 25.46 -37.98 -23.99
N GLU C 520 24.64 -38.90 -24.50
CA GLU C 520 23.26 -38.55 -24.82
C GLU C 520 22.48 -38.12 -23.58
N HIS C 521 22.86 -38.63 -22.40
CA HIS C 521 22.23 -38.26 -21.15
C HIS C 521 23.09 -37.30 -20.32
N GLY C 522 23.84 -36.41 -20.98
CA GLY C 522 24.49 -35.32 -20.29
C GLY C 522 25.68 -35.67 -19.43
N ILE C 523 26.36 -36.78 -19.72
CA ILE C 523 27.52 -37.21 -18.96
C ILE C 523 28.68 -37.43 -19.94
N ILE C 524 29.75 -36.66 -19.77
CA ILE C 524 30.93 -36.75 -20.62
C ILE C 524 32.01 -37.53 -19.89
N VAL C 525 32.45 -38.63 -20.49
CA VAL C 525 33.56 -39.39 -19.92
C VAL C 525 34.87 -38.80 -20.42
N GLU C 526 35.94 -39.03 -19.65
CA GLU C 526 37.26 -38.53 -20.04
C GLU C 526 37.85 -39.32 -21.20
N LYS C 527 37.79 -40.65 -21.14
CA LYS C 527 38.45 -41.48 -22.13
C LYS C 527 37.71 -42.82 -22.25
N THR C 528 37.58 -43.32 -23.47
CA THR C 528 36.92 -44.59 -23.74
C THR C 528 37.84 -45.50 -24.52
N GLY C 529 38.23 -46.62 -23.91
CA GLY C 529 38.95 -47.66 -24.61
C GLY C 529 38.00 -48.69 -25.18
N PRO C 530 38.54 -49.80 -25.68
CA PRO C 530 37.66 -50.85 -26.25
C PRO C 530 36.64 -51.39 -25.25
N TYR C 531 37.06 -51.64 -24.00
CA TYR C 531 36.15 -52.17 -23.00
C TYR C 531 36.33 -51.48 -21.65
N ASN C 532 36.84 -50.26 -21.64
CA ASN C 532 37.04 -49.52 -20.40
C ASN C 532 36.68 -48.06 -20.63
N MET C 533 36.20 -47.43 -19.57
CA MET C 533 35.89 -46.01 -19.54
C MET C 533 36.58 -45.40 -18.34
N LEU C 534 37.06 -44.17 -18.50
CA LEU C 534 37.79 -43.47 -17.46
C LEU C 534 36.97 -42.29 -16.96
N PHE C 535 36.81 -42.21 -15.64
CA PHE C 535 36.11 -41.10 -14.99
C PHE C 535 37.07 -40.45 -14.01
N LEU C 536 37.25 -39.14 -14.16
CA LEU C 536 38.11 -38.37 -13.27
C LEU C 536 37.26 -37.88 -12.10
N PHE C 537 37.54 -38.39 -10.91
CA PHE C 537 36.82 -37.95 -9.71
C PHE C 537 37.61 -36.83 -9.04
N SER C 538 37.70 -35.72 -9.77
CA SER C 538 38.47 -34.57 -9.33
C SER C 538 37.74 -33.81 -8.23
N ILE C 539 38.33 -32.70 -7.79
CA ILE C 539 37.69 -31.82 -6.82
C ILE C 539 36.46 -31.13 -7.38
N GLY C 540 36.25 -31.18 -8.69
CA GLY C 540 35.04 -30.67 -9.30
C GLY C 540 33.87 -31.64 -9.30
N ILE C 541 34.06 -32.86 -8.86
CA ILE C 541 32.99 -33.86 -8.80
C ILE C 541 32.38 -33.84 -7.41
N ASP C 542 31.08 -33.66 -7.35
CA ASP C 542 30.35 -33.68 -6.10
C ASP C 542 29.42 -34.89 -6.06
N LYS C 543 28.70 -35.03 -4.93
CA LYS C 543 27.85 -36.20 -4.74
C LYS C 543 26.72 -36.25 -5.78
N THR C 544 26.19 -35.09 -6.14
CA THR C 544 25.11 -35.02 -7.14
C THR C 544 25.54 -35.68 -8.44
N LYS C 545 26.74 -35.35 -8.92
CA LYS C 545 27.22 -35.90 -10.17
C LYS C 545 27.49 -37.39 -10.06
N ALA C 546 28.03 -37.85 -8.93
CA ALA C 546 28.28 -39.27 -8.76
C ALA C 546 26.99 -40.08 -8.76
N LEU C 547 25.97 -39.59 -8.06
CA LEU C 547 24.68 -40.27 -8.08
C LEU C 547 24.06 -40.24 -9.47
N SER C 548 24.23 -39.11 -10.19
CA SER C 548 23.74 -39.04 -11.56
C SER C 548 24.41 -40.08 -12.44
N LEU C 549 25.71 -40.28 -12.27
CA LEU C 549 26.44 -41.29 -13.04
C LEU C 549 25.95 -42.70 -12.72
N LEU C 550 25.71 -42.98 -11.43
CA LEU C 550 25.15 -44.28 -11.06
C LEU C 550 23.80 -44.51 -11.73
N ARG C 551 22.94 -43.48 -11.69
CA ARG C 551 21.63 -43.59 -12.33
C ARG C 551 21.76 -43.82 -13.83
N ALA C 552 22.68 -43.10 -14.48
CA ALA C 552 22.86 -43.27 -15.92
C ALA C 552 23.37 -44.66 -16.28
N LEU C 553 24.30 -45.20 -15.50
CA LEU C 553 24.79 -46.55 -15.76
C LEU C 553 23.68 -47.58 -15.58
N THR C 554 22.89 -47.44 -14.51
CA THR C 554 21.78 -48.36 -14.29
C THR C 554 20.76 -48.26 -15.42
N ASP C 555 20.49 -47.03 -15.88
CA ASP C 555 19.56 -46.83 -16.98
C ASP C 555 20.08 -47.49 -18.26
N PHE C 556 21.39 -47.38 -18.51
CA PHE C 556 21.94 -48.06 -19.68
C PHE C 556 21.75 -49.57 -19.57
N LYS C 557 22.02 -50.13 -18.38
CA LYS C 557 21.86 -51.58 -18.22
C LYS C 557 20.42 -52.00 -18.48
N ARG C 558 19.47 -51.25 -17.93
CA ARG C 558 18.06 -51.58 -18.13
C ARG C 558 17.68 -51.49 -19.60
N SER C 559 18.11 -50.43 -20.28
CA SER C 559 17.78 -50.27 -21.69
C SER C 559 18.41 -51.36 -22.54
N TYR C 560 19.65 -51.74 -22.24
CA TYR C 560 20.32 -52.80 -22.98
C TYR C 560 19.66 -54.15 -22.76
N ASP C 561 19.28 -54.47 -21.53
CA ASP C 561 18.56 -55.70 -21.28
C ASP C 561 17.17 -55.71 -21.91
N LEU C 562 16.64 -54.53 -22.26
CA LEU C 562 15.37 -54.42 -22.95
C LEU C 562 15.50 -54.51 -24.47
N ASN C 563 16.73 -54.57 -24.98
CA ASN C 563 16.98 -54.71 -26.42
C ASN C 563 16.31 -53.59 -27.22
N LEU C 564 16.46 -52.36 -26.73
CA LEU C 564 15.83 -51.21 -27.36
C LEU C 564 16.46 -50.95 -28.72
N ARG C 565 15.75 -50.17 -29.52
CA ARG C 565 16.24 -49.78 -30.84
C ARG C 565 17.30 -48.70 -30.72
N VAL C 566 18.23 -48.70 -31.68
CA VAL C 566 19.27 -47.69 -31.72
C VAL C 566 18.67 -46.31 -31.95
N LYS C 567 17.59 -46.24 -32.74
CA LYS C 567 16.92 -44.97 -32.99
C LYS C 567 16.41 -44.35 -31.69
N ASN C 568 16.12 -45.16 -30.68
CA ASN C 568 15.62 -44.64 -29.41
C ASN C 568 16.74 -44.39 -28.41
N MET C 569 17.57 -45.41 -28.16
CA MET C 569 18.64 -45.27 -27.17
C MET C 569 19.66 -44.23 -27.59
N LEU C 570 20.04 -44.23 -28.86
CA LEU C 570 21.14 -43.38 -29.36
C LEU C 570 20.66 -42.55 -30.54
N PRO C 571 19.88 -41.49 -30.29
CA PRO C 571 19.39 -40.67 -31.41
C PRO C 571 20.49 -40.05 -32.27
N SER C 572 21.59 -39.62 -31.66
CA SER C 572 22.68 -39.02 -32.45
C SER C 572 23.32 -40.05 -33.37
N LEU C 573 23.52 -41.26 -32.85
CA LEU C 573 24.08 -42.33 -33.68
C LEU C 573 23.18 -42.63 -34.87
N TYR C 574 21.87 -42.66 -34.64
CA TYR C 574 20.91 -42.84 -35.73
C TYR C 574 21.00 -41.70 -36.73
N ARG C 575 21.11 -40.46 -36.23
CA ARG C 575 21.23 -39.30 -37.10
C ARG C 575 22.52 -39.33 -37.92
N GLU C 576 23.52 -40.07 -37.47
CA GLU C 576 24.73 -40.24 -38.28
C GLU C 576 24.41 -40.94 -39.59
N ASP C 577 23.58 -41.98 -39.55
CA ASP C 577 23.19 -42.72 -40.74
C ASP C 577 21.87 -43.44 -40.49
N PRO C 578 20.73 -42.78 -40.74
CA PRO C 578 19.44 -43.43 -40.44
C PRO C 578 19.23 -44.76 -41.15
N GLU C 579 19.72 -44.88 -42.38
CA GLU C 579 19.51 -46.12 -43.13
C GLU C 579 20.21 -47.29 -42.46
N PHE C 580 21.44 -47.09 -42.00
CA PHE C 580 22.19 -48.17 -41.36
C PHE C 580 21.55 -48.59 -40.05
N TYR C 581 21.09 -47.63 -39.24
CA TYR C 581 20.50 -47.91 -37.94
C TYR C 581 18.98 -47.82 -37.95
N GLU C 582 18.34 -48.15 -39.08
CA GLU C 582 16.91 -47.98 -39.18
C GLU C 582 16.15 -48.85 -38.19
N ASN C 583 16.57 -50.10 -38.02
CA ASN C 583 15.82 -51.04 -37.21
C ASN C 583 16.66 -51.88 -36.25
N MET C 584 17.98 -51.87 -36.37
CA MET C 584 18.79 -52.74 -35.53
C MET C 584 18.68 -52.33 -34.06
N ARG C 585 18.68 -53.33 -33.18
CA ARG C 585 18.56 -53.10 -31.76
C ARG C 585 19.94 -52.82 -31.15
N ILE C 586 19.93 -52.43 -29.88
CA ILE C 586 21.19 -52.06 -29.21
C ILE C 586 22.05 -53.29 -28.97
N GLN C 587 21.44 -54.40 -28.54
CA GLN C 587 22.21 -55.62 -28.32
C GLN C 587 22.87 -56.09 -29.61
N GLU C 588 22.18 -55.93 -30.74
CA GLU C 588 22.74 -56.35 -32.01
C GLU C 588 23.95 -55.52 -32.41
N LEU C 589 23.87 -54.19 -32.23
CA LEU C 589 25.03 -53.36 -32.50
C LEU C 589 26.20 -53.71 -31.58
N ALA C 590 25.91 -53.93 -30.29
CA ALA C 590 26.96 -54.31 -29.36
C ALA C 590 27.62 -55.61 -29.78
N GLN C 591 26.81 -56.61 -30.13
CA GLN C 591 27.35 -57.90 -30.56
C GLN C 591 28.10 -57.80 -31.87
N GLY C 592 27.65 -56.97 -32.80
CA GLY C 592 28.37 -56.81 -34.05
C GLY C 592 29.74 -56.21 -33.84
N ILE C 593 29.82 -55.14 -33.05
CA ILE C 593 31.13 -54.56 -32.79
C ILE C 593 32.01 -55.52 -32.00
N HIS C 594 31.44 -56.22 -31.02
CA HIS C 594 32.22 -57.17 -30.25
C HIS C 594 32.76 -58.30 -31.13
N ALA C 595 31.92 -58.80 -32.05
CA ALA C 595 32.35 -59.86 -32.95
C ALA C 595 33.43 -59.36 -33.90
N LEU C 596 33.30 -58.13 -34.39
CA LEU C 596 34.35 -57.56 -35.23
C LEU C 596 35.68 -57.49 -34.48
N ILE C 597 35.62 -56.99 -33.24
CA ILE C 597 36.83 -56.87 -32.43
C ILE C 597 37.44 -58.25 -32.16
N GLN C 598 36.59 -59.23 -31.85
CA GLN C 598 37.08 -60.56 -31.54
C GLN C 598 37.70 -61.23 -32.77
N HIS C 599 36.99 -61.18 -33.90
CA HIS C 599 37.48 -61.83 -35.11
C HIS C 599 38.77 -61.18 -35.60
N HIS C 600 38.85 -59.86 -35.53
CA HIS C 600 40.10 -59.19 -35.85
C HIS C 600 41.16 -59.37 -34.77
N ASN C 601 40.77 -59.89 -33.60
CA ASN C 601 41.68 -60.13 -32.48
C ASN C 601 42.37 -58.83 -32.05
N LEU C 602 41.55 -57.85 -31.66
CA LEU C 602 42.08 -56.55 -31.26
C LEU C 602 43.03 -56.63 -30.07
N PRO C 603 42.69 -57.30 -28.95
CA PRO C 603 43.61 -57.27 -27.80
C PRO C 603 44.98 -57.84 -28.10
N ASP C 604 45.03 -59.04 -28.67
CA ASP C 604 46.32 -59.68 -28.94
C ASP C 604 47.13 -58.88 -29.96
N LEU C 605 46.47 -58.41 -31.03
CA LEU C 605 47.16 -57.63 -32.05
C LEU C 605 47.71 -56.33 -31.48
N MET C 606 46.90 -55.64 -30.66
CA MET C 606 47.37 -54.40 -30.03
C MET C 606 48.56 -54.67 -29.12
N TYR C 607 48.47 -55.72 -28.30
CA TYR C 607 49.54 -56.03 -27.37
C TYR C 607 50.83 -56.35 -28.10
N ARG C 608 50.73 -57.14 -29.18
CA ARG C 608 51.92 -57.50 -29.93
C ARG C 608 52.48 -56.30 -30.69
N ALA C 609 51.61 -55.43 -31.19
CA ALA C 609 52.07 -54.25 -31.91
C ALA C 609 52.86 -53.32 -30.99
N PHE C 610 52.36 -53.13 -29.76
CA PHE C 610 53.04 -52.24 -28.84
C PHE C 610 54.14 -52.93 -28.04
N GLU C 611 54.26 -54.25 -28.15
CA GLU C 611 55.37 -54.95 -27.50
C GLU C 611 56.67 -54.80 -28.28
N VAL C 612 56.60 -54.75 -29.61
CA VAL C 612 57.78 -54.68 -30.46
C VAL C 612 58.00 -53.23 -30.88
N LEU C 613 59.27 -52.84 -31.00
CA LEU C 613 59.61 -51.47 -31.32
C LEU C 613 60.09 -51.35 -32.75
N PRO C 614 59.54 -50.42 -33.53
CA PRO C 614 60.06 -50.19 -34.89
C PRO C 614 61.49 -49.69 -34.83
N THR C 615 62.25 -50.03 -35.87
CA THR C 615 63.63 -49.60 -35.94
C THR C 615 63.70 -48.09 -36.17
N MET C 616 64.73 -47.47 -35.60
CA MET C 616 64.96 -46.04 -35.72
C MET C 616 66.07 -45.82 -36.74
N VAL C 617 65.69 -45.54 -37.99
CA VAL C 617 66.67 -45.22 -39.02
C VAL C 617 67.29 -43.85 -38.75
N MET C 618 66.47 -42.87 -38.40
CA MET C 618 66.94 -41.53 -38.08
C MET C 618 66.07 -40.96 -36.97
N ASN C 619 66.60 -39.97 -36.27
CA ASN C 619 65.86 -39.35 -35.19
C ASN C 619 64.72 -38.51 -35.74
N PRO C 620 63.74 -38.16 -34.91
CA PRO C 620 62.60 -37.39 -35.42
C PRO C 620 62.98 -36.06 -36.03
N HIS C 621 64.06 -35.43 -35.56
CA HIS C 621 64.48 -34.16 -36.14
C HIS C 621 64.85 -34.30 -37.61
N ALA C 622 65.61 -35.35 -37.95
CA ALA C 622 65.98 -35.57 -39.34
C ALA C 622 64.76 -35.86 -40.21
N ALA C 623 63.82 -36.65 -39.69
CA ALA C 623 62.62 -36.95 -40.46
C ALA C 623 61.79 -35.70 -40.72
N PHE C 624 61.62 -34.85 -39.71
CA PHE C 624 60.86 -33.62 -39.91
C PHE C 624 61.59 -32.64 -40.81
N GLN C 625 62.92 -32.59 -40.74
CA GLN C 625 63.66 -31.76 -41.69
C GLN C 625 63.44 -32.23 -43.12
N MET C 626 63.48 -33.55 -43.33
CA MET C 626 63.22 -34.09 -44.67
C MET C 626 61.80 -33.79 -45.12
N GLU C 627 60.83 -33.89 -44.22
CA GLU C 627 59.45 -33.57 -44.57
C GLU C 627 59.31 -32.09 -44.94
N LEU C 628 60.00 -31.22 -44.21
CA LEU C 628 59.99 -29.80 -44.54
C LEU C 628 60.60 -29.54 -45.91
N ARG C 629 61.70 -30.23 -46.22
CA ARG C 629 62.34 -30.07 -47.52
C ARG C 629 61.57 -30.71 -48.66
N GLY C 630 60.39 -31.28 -48.38
CA GLY C 630 59.58 -31.89 -49.42
C GLY C 630 59.98 -33.28 -49.83
N GLN C 631 60.94 -33.90 -49.15
CA GLN C 631 61.44 -35.21 -49.55
C GLN C 631 60.57 -36.35 -49.00
N THR C 632 59.27 -36.25 -49.22
CA THR C 632 58.31 -37.21 -48.67
C THR C 632 57.27 -37.54 -49.74
N GLU C 633 56.55 -38.64 -49.51
CA GLU C 633 55.51 -39.08 -50.41
C GLU C 633 54.44 -39.83 -49.62
N GLU C 634 53.26 -39.94 -50.20
CA GLU C 634 52.12 -40.59 -49.58
C GLU C 634 51.96 -41.99 -50.16
N VAL C 635 52.01 -43.00 -49.28
CA VAL C 635 51.80 -44.39 -49.67
C VAL C 635 50.75 -44.99 -48.76
N TYR C 636 50.14 -46.07 -49.22
CA TYR C 636 49.15 -46.77 -48.42
C TYR C 636 49.84 -47.63 -47.36
N LEU C 637 49.05 -48.07 -46.38
CA LEU C 637 49.60 -48.85 -45.27
C LEU C 637 50.29 -50.12 -45.76
N GLU C 638 49.86 -50.66 -46.90
CA GLU C 638 50.45 -51.90 -47.40
C GLU C 638 51.94 -51.73 -47.68
N GLU C 639 52.34 -50.56 -48.19
CA GLU C 639 53.74 -50.26 -48.45
C GLU C 639 54.47 -49.71 -47.22
N MET C 640 53.94 -49.94 -46.02
CA MET C 640 54.57 -49.40 -44.82
C MET C 640 55.96 -50.00 -44.62
N ILE C 641 56.11 -51.30 -44.85
CA ILE C 641 57.37 -51.98 -44.55
C ILE C 641 58.47 -51.45 -45.47
N GLY C 642 59.61 -51.14 -44.88
CA GLY C 642 60.75 -50.64 -45.61
C GLY C 642 60.75 -49.14 -45.83
N LYS C 643 59.71 -48.44 -45.43
CA LYS C 643 59.60 -47.00 -45.60
C LYS C 643 59.72 -46.30 -44.25
N VAL C 644 60.56 -45.28 -44.20
CA VAL C 644 60.76 -44.52 -42.97
C VAL C 644 59.62 -43.54 -42.80
N ASN C 645 58.92 -43.65 -41.67
CA ASN C 645 57.79 -42.76 -41.40
C ASN C 645 58.26 -41.33 -41.17
N ALA C 646 57.53 -40.39 -41.77
CA ALA C 646 57.83 -38.98 -41.59
C ALA C 646 57.10 -38.35 -40.42
N ASN C 647 56.03 -38.97 -39.93
CA ASN C 647 55.16 -38.35 -38.95
C ASN C 647 54.83 -39.35 -37.86
N MET C 648 54.56 -38.84 -36.66
CA MET C 648 54.19 -39.70 -35.56
C MET C 648 52.82 -40.31 -35.83
N ILE C 649 52.76 -41.64 -35.82
CA ILE C 649 51.50 -42.37 -35.94
C ILE C 649 51.00 -42.69 -34.55
N LEU C 650 49.81 -42.19 -34.22
CA LEU C 650 49.21 -42.29 -32.90
C LEU C 650 47.80 -42.87 -33.03
N PRO C 651 47.66 -44.19 -33.03
CA PRO C 651 46.31 -44.80 -33.06
C PRO C 651 45.58 -44.48 -31.76
N TYR C 652 44.43 -43.84 -31.88
CA TYR C 652 43.71 -43.36 -30.71
C TYR C 652 42.97 -44.46 -29.93
N PRO C 653 42.45 -45.51 -30.57
CA PRO C 653 41.86 -46.62 -29.80
C PRO C 653 42.85 -47.18 -28.78
N PRO C 654 44.16 -47.29 -29.11
CA PRO C 654 45.14 -47.45 -28.04
C PRO C 654 45.39 -46.15 -27.29
N GLY C 655 45.55 -45.06 -28.04
CA GLY C 655 45.72 -43.74 -27.47
C GLY C 655 47.14 -43.29 -27.27
N VAL C 656 48.14 -44.15 -27.50
CA VAL C 656 49.53 -43.79 -27.25
C VAL C 656 50.30 -43.86 -28.57
N PRO C 657 51.36 -43.05 -28.73
CA PRO C 657 52.06 -43.03 -30.02
C PRO C 657 52.68 -44.38 -30.35
N LEU C 658 52.42 -44.85 -31.56
CA LEU C 658 52.87 -46.16 -31.99
C LEU C 658 54.09 -46.07 -32.90
N VAL C 659 54.16 -45.07 -33.77
CA VAL C 659 55.31 -44.88 -34.64
C VAL C 659 55.85 -43.48 -34.46
N MET C 660 57.13 -43.37 -34.35
CA MET C 660 57.78 -42.07 -34.26
C MET C 660 58.28 -41.63 -35.63
N PRO C 661 58.38 -40.32 -35.87
CA PRO C 661 59.03 -39.86 -37.10
C PRO C 661 60.46 -40.37 -37.17
N GLY C 662 60.84 -40.85 -38.34
CA GLY C 662 62.12 -41.49 -38.52
C GLY C 662 62.18 -42.96 -38.18
N GLU C 663 61.04 -43.58 -37.90
CA GLU C 663 60.98 -45.00 -37.58
C GLU C 663 60.40 -45.79 -38.75
N MET C 664 60.86 -47.02 -38.89
CA MET C 664 60.49 -47.88 -40.00
C MET C 664 59.98 -49.21 -39.47
N LEU C 665 58.97 -49.77 -40.14
CA LEU C 665 58.48 -51.10 -39.83
C LEU C 665 59.22 -52.14 -40.66
N THR C 666 59.59 -53.24 -40.02
CA THR C 666 60.30 -54.32 -40.71
C THR C 666 59.59 -55.64 -40.49
N GLU C 667 60.22 -56.74 -40.90
CA GLU C 667 59.61 -58.06 -40.70
C GLU C 667 59.44 -58.37 -39.23
N GLU C 668 60.42 -58.00 -38.40
CA GLU C 668 60.28 -58.18 -36.96
C GLU C 668 59.15 -57.31 -36.41
N SER C 669 59.05 -56.07 -36.89
CA SER C 669 57.99 -55.17 -36.47
C SER C 669 56.74 -55.28 -37.33
N ARG C 670 56.56 -56.40 -38.02
CA ARG C 670 55.37 -56.61 -38.85
C ARG C 670 54.03 -56.45 -38.13
N PRO C 671 53.81 -57.01 -36.94
CA PRO C 671 52.46 -56.91 -36.34
C PRO C 671 51.96 -55.48 -36.17
N VAL C 672 52.86 -54.53 -35.89
CA VAL C 672 52.45 -53.12 -35.80
C VAL C 672 51.60 -52.75 -37.01
N LEU C 673 52.17 -52.87 -38.20
CA LEU C 673 51.43 -52.58 -39.42
C LEU C 673 50.12 -53.35 -39.45
N GLU C 674 50.18 -54.65 -39.12
CA GLU C 674 48.96 -55.46 -39.14
C GLU C 674 47.88 -54.80 -38.31
N PHE C 675 48.21 -54.42 -37.07
CA PHE C 675 47.23 -53.79 -36.20
C PHE C 675 46.64 -52.56 -36.88
N LEU C 676 47.51 -51.73 -37.46
CA LEU C 676 47.04 -50.53 -38.15
C LEU C 676 46.04 -50.88 -39.23
N GLN C 677 46.38 -51.89 -40.04
CA GLN C 677 45.47 -52.31 -41.10
C GLN C 677 44.11 -52.66 -40.51
N MET C 678 44.10 -53.42 -39.43
CA MET C 678 42.84 -53.82 -38.82
C MET C 678 42.02 -52.59 -38.44
N LEU C 679 42.69 -51.57 -37.89
CA LEU C 679 41.98 -50.36 -37.48
C LEU C 679 41.18 -49.79 -38.63
N CYS C 680 41.79 -49.75 -39.82
CA CYS C 680 41.08 -49.21 -40.99
C CYS C 680 39.78 -49.97 -41.22
N GLU C 681 39.83 -51.30 -41.16
CA GLU C 681 38.62 -52.08 -41.36
C GLU C 681 37.56 -51.75 -40.32
N ILE C 682 37.97 -51.58 -39.06
CA ILE C 682 37.02 -51.24 -38.01
C ILE C 682 36.34 -49.91 -38.31
N GLY C 683 37.03 -49.02 -39.02
CA GLY C 683 36.43 -47.74 -39.36
C GLY C 683 35.47 -47.76 -40.52
N ALA C 684 35.40 -48.88 -41.25
CA ALA C 684 34.59 -48.95 -42.46
C ALA C 684 33.30 -49.72 -42.27
N HIS C 685 32.94 -50.06 -41.03
CA HIS C 685 31.78 -50.90 -40.77
C HIS C 685 30.70 -50.22 -39.93
N TYR C 686 31.00 -49.10 -39.28
CA TYR C 686 30.00 -48.40 -38.48
C TYR C 686 30.20 -46.90 -38.57
N PRO C 687 29.26 -46.16 -39.18
CA PRO C 687 29.51 -44.73 -39.45
C PRO C 687 29.80 -43.91 -38.22
N GLY C 688 29.16 -44.20 -37.09
CA GLY C 688 29.42 -43.44 -35.88
C GLY C 688 30.60 -43.91 -35.07
N PHE C 689 31.18 -45.05 -35.43
CA PHE C 689 32.31 -45.65 -34.72
C PHE C 689 33.48 -45.67 -35.70
N GLU C 690 34.24 -44.58 -35.74
CA GLU C 690 35.34 -44.43 -36.66
C GLU C 690 36.67 -44.54 -35.91
N THR C 691 37.56 -45.40 -36.41
CA THR C 691 38.90 -45.50 -35.85
C THR C 691 39.73 -44.31 -36.28
N ASP C 692 40.40 -43.68 -35.33
CA ASP C 692 41.21 -42.49 -35.58
C ASP C 692 42.68 -42.89 -35.56
N ILE C 693 43.35 -42.76 -36.71
CA ILE C 693 44.77 -43.01 -36.79
C ILE C 693 45.49 -41.67 -36.99
N HIS C 694 45.91 -41.06 -35.90
CA HIS C 694 46.56 -39.76 -35.95
C HIS C 694 47.89 -39.86 -36.68
N GLY C 695 48.18 -38.87 -37.52
CA GLY C 695 49.32 -38.90 -38.40
C GLY C 695 49.05 -39.56 -39.74
N ALA C 696 47.97 -40.32 -39.85
CA ALA C 696 47.50 -40.83 -41.12
C ALA C 696 46.32 -39.99 -41.59
N TYR C 697 46.08 -40.01 -42.89
CA TYR C 697 45.08 -39.15 -43.52
C TYR C 697 43.99 -39.99 -44.15
N ARG C 698 42.75 -39.67 -43.81
CA ARG C 698 41.59 -40.42 -44.30
C ARG C 698 41.35 -40.10 -45.76
N GLN C 699 41.53 -41.09 -46.62
CA GLN C 699 41.32 -40.95 -48.05
C GLN C 699 39.92 -41.40 -48.43
N ASP C 700 39.57 -41.23 -49.70
CA ASP C 700 38.29 -41.71 -50.20
C ASP C 700 38.23 -43.22 -50.13
N GLY C 701 37.11 -43.75 -49.67
CA GLY C 701 36.98 -45.17 -49.43
C GLY C 701 37.32 -45.62 -48.03
N ALA C 702 37.40 -44.69 -47.08
CA ALA C 702 37.70 -45.00 -45.68
C ALA C 702 39.03 -45.74 -45.54
N ARG C 703 40.03 -45.30 -46.32
CA ARG C 703 41.38 -45.83 -46.25
C ARG C 703 42.31 -44.78 -45.63
N TYR C 704 43.57 -45.18 -45.43
CA TYR C 704 44.56 -44.31 -44.80
C TYR C 704 45.87 -44.37 -45.58
N THR C 705 46.47 -43.21 -45.78
CA THR C 705 47.81 -43.09 -46.31
C THR C 705 48.70 -42.41 -45.28
N VAL C 706 50.00 -42.67 -45.35
CA VAL C 706 50.96 -42.08 -44.42
C VAL C 706 52.13 -41.51 -45.21
N LYS C 707 52.57 -40.33 -44.80
CA LYS C 707 53.76 -39.74 -45.40
C LYS C 707 55.00 -40.52 -44.98
N VAL C 708 55.86 -40.83 -45.95
CA VAL C 708 57.12 -41.50 -45.68
C VAL C 708 58.22 -40.76 -46.43
N ILE C 709 59.46 -40.97 -45.98
CA ILE C 709 60.60 -40.33 -46.62
C ILE C 709 60.74 -40.85 -48.04
N LYS C 710 60.83 -39.92 -48.99
CA LYS C 710 60.96 -40.26 -50.40
C LYS C 710 62.25 -41.05 -50.64
N MET D 1 0.21 -29.62 -16.31
CA MET D 1 1.36 -30.49 -16.05
C MET D 1 2.51 -29.67 -15.48
N ASN D 2 2.22 -28.87 -14.45
CA ASN D 2 3.19 -27.94 -13.90
C ASN D 2 3.14 -27.87 -12.36
N ILE D 3 2.62 -28.89 -11.70
CA ILE D 3 2.52 -28.90 -10.24
C ILE D 3 3.66 -29.74 -9.67
N ILE D 4 4.46 -29.12 -8.81
CA ILE D 4 5.57 -29.76 -8.12
C ILE D 4 5.23 -29.85 -6.64
N ALA D 5 5.34 -31.05 -6.07
CA ALA D 5 5.10 -31.25 -4.66
C ALA D 5 6.41 -31.22 -3.89
N ILE D 6 6.45 -30.42 -2.83
CA ILE D 6 7.57 -30.37 -1.90
C ILE D 6 7.09 -30.93 -0.57
N LEU D 7 7.74 -31.98 -0.08
CA LEU D 7 7.15 -32.76 1.01
C LEU D 7 7.30 -32.07 2.36
N ASN D 8 8.52 -31.86 2.84
CA ASN D 8 8.70 -31.54 4.25
C ASN D 8 9.35 -30.18 4.47
N HIS D 9 9.34 -29.75 5.74
CA HIS D 9 9.98 -28.52 6.19
C HIS D 9 10.66 -28.81 7.54
N MET D 10 11.93 -29.21 7.49
CA MET D 10 12.65 -29.55 8.70
C MET D 10 13.19 -28.30 9.40
N GLY D 11 13.68 -28.48 10.61
CA GLY D 11 14.05 -27.32 11.41
C GLY D 11 15.49 -26.88 11.30
N VAL D 12 16.08 -27.00 10.11
CA VAL D 12 17.47 -26.58 9.89
C VAL D 12 17.51 -25.59 8.74
N TYR D 13 18.19 -24.46 8.97
CA TYR D 13 18.23 -23.40 7.98
C TYR D 13 18.95 -23.84 6.70
N PHE D 14 20.01 -24.64 6.84
CA PHE D 14 20.80 -25.02 5.68
C PHE D 14 20.04 -25.91 4.71
N LYS D 15 18.87 -26.43 5.10
CA LYS D 15 17.97 -27.07 4.16
C LYS D 15 16.79 -26.18 3.77
N GLU D 16 16.21 -25.46 4.74
CA GLU D 16 15.04 -24.62 4.44
C GLU D 16 15.37 -23.52 3.45
N GLU D 17 16.47 -22.81 3.65
CA GLU D 17 16.76 -21.68 2.77
C GLU D 17 17.01 -22.12 1.33
N PRO D 18 17.79 -23.17 1.05
CA PRO D 18 17.84 -23.65 -0.35
C PRO D 18 16.49 -24.08 -0.88
N ILE D 19 15.62 -24.66 -0.04
CA ILE D 19 14.30 -25.08 -0.51
C ILE D 19 13.44 -23.88 -0.89
N ARG D 20 13.44 -22.83 -0.07
CA ARG D 20 12.69 -21.62 -0.42
C ARG D 20 13.25 -20.97 -1.68
N GLU D 21 14.58 -20.92 -1.80
CA GLU D 21 15.17 -20.36 -3.02
C GLU D 21 14.76 -21.17 -4.25
N LEU D 22 14.75 -22.49 -4.13
CA LEU D 22 14.32 -23.35 -5.23
C LEU D 22 12.84 -23.13 -5.54
N HIS D 23 12.01 -22.93 -4.51
CA HIS D 23 10.61 -22.67 -4.73
C HIS D 23 10.42 -21.39 -5.53
N LYS D 24 11.17 -20.34 -5.20
CA LYS D 24 11.10 -19.10 -5.98
C LYS D 24 11.59 -19.31 -7.41
N ALA D 25 12.70 -20.04 -7.56
CA ALA D 25 13.24 -20.29 -8.90
C ALA D 25 12.27 -21.09 -9.76
N LEU D 26 11.59 -22.07 -9.16
CA LEU D 26 10.61 -22.87 -9.88
C LEU D 26 9.38 -22.03 -10.24
N GLU D 27 8.95 -21.15 -9.33
CA GLU D 27 7.88 -20.22 -9.67
C GLU D 27 8.27 -19.34 -10.85
N ALA D 28 9.54 -18.97 -10.93
CA ALA D 28 10.01 -18.18 -12.08
C ALA D 28 9.96 -18.97 -13.39
N LEU D 29 9.92 -20.30 -13.33
CA LEU D 29 9.84 -21.14 -14.52
C LEU D 29 8.43 -21.64 -14.78
N ASP D 30 7.42 -20.99 -14.19
CA ASP D 30 6.00 -21.33 -14.38
C ASP D 30 5.70 -22.74 -13.85
N PHE D 31 6.03 -22.94 -12.58
CA PHE D 31 5.63 -24.13 -11.85
C PHE D 31 4.74 -23.70 -10.69
N GLN D 32 3.75 -24.53 -10.38
CA GLN D 32 2.90 -24.34 -9.21
C GLN D 32 3.38 -25.27 -8.11
N ILE D 33 3.72 -24.71 -6.96
CA ILE D 33 4.28 -25.47 -5.85
C ILE D 33 3.18 -25.82 -4.86
N VAL D 34 3.09 -27.10 -4.50
CA VAL D 34 2.17 -27.57 -3.47
C VAL D 34 2.98 -28.23 -2.37
N TYR D 35 2.42 -28.23 -1.17
CA TYR D 35 3.13 -28.63 0.06
C TYR D 35 2.30 -29.67 0.81
N PRO D 36 2.43 -30.94 0.46
CA PRO D 36 1.78 -31.98 1.28
C PRO D 36 2.36 -32.00 2.68
N ASN D 37 1.50 -32.32 3.65
CA ASN D 37 1.92 -32.28 5.04
C ASN D 37 2.72 -33.51 5.45
N ASP D 38 2.48 -34.64 4.81
CA ASP D 38 3.15 -35.89 5.19
C ASP D 38 3.12 -36.83 4.01
N ARG D 39 3.66 -38.03 4.23
CA ARG D 39 3.77 -39.01 3.16
C ARG D 39 2.41 -39.44 2.63
N GLU D 40 1.45 -39.69 3.52
CA GLU D 40 0.11 -40.10 3.10
C GLU D 40 -0.57 -38.99 2.32
N ASP D 41 -0.40 -37.73 2.76
CA ASP D 41 -0.94 -36.60 2.02
C ASP D 41 -0.35 -36.55 0.61
N LEU D 42 0.96 -36.76 0.48
CA LEU D 42 1.59 -36.75 -0.84
CA LEU D 42 1.59 -36.75 -0.84
C LEU D 42 1.03 -37.87 -1.71
N LEU D 43 0.87 -39.07 -1.14
CA LEU D 43 0.37 -40.19 -1.93
C LEU D 43 -1.05 -39.95 -2.42
N LYS D 44 -1.92 -39.42 -1.54
CA LYS D 44 -3.29 -39.10 -1.96
C LYS D 44 -3.30 -38.00 -3.01
N LEU D 45 -2.43 -37.01 -2.86
CA LEU D 45 -2.36 -35.92 -3.83
C LEU D 45 -1.91 -36.42 -5.19
N ILE D 46 -0.95 -37.35 -5.22
CA ILE D 46 -0.59 -37.99 -6.48
C ILE D 46 -1.78 -38.75 -7.05
N ASP D 47 -2.50 -39.47 -6.18
CA ASP D 47 -3.61 -40.29 -6.64
C ASP D 47 -4.72 -39.46 -7.28
N ASN D 48 -5.04 -38.31 -6.70
CA ASN D 48 -6.19 -37.52 -7.14
C ASN D 48 -5.85 -36.51 -8.23
N ASN D 49 -4.58 -36.32 -8.56
CA ASN D 49 -4.19 -35.20 -9.43
C ASN D 49 -3.16 -35.71 -10.43
N ALA D 50 -3.63 -36.01 -11.64
CA ALA D 50 -2.75 -36.50 -12.70
C ALA D 50 -1.86 -35.40 -13.27
N ARG D 51 -2.07 -34.15 -12.89
CA ARG D 51 -1.28 -33.05 -13.41
CA ARG D 51 -1.28 -33.05 -13.41
C ARG D 51 0.03 -32.83 -12.65
N LEU D 52 0.29 -33.63 -11.61
CA LEU D 52 1.58 -33.57 -10.95
C LEU D 52 2.71 -33.90 -11.92
N CYS D 53 3.79 -33.15 -11.85
CA CYS D 53 4.94 -33.39 -12.73
C CYS D 53 6.24 -33.65 -11.98
N GLY D 54 6.25 -33.60 -10.65
CA GLY D 54 7.46 -33.90 -9.91
C GLY D 54 7.23 -33.84 -8.42
N VAL D 55 8.12 -34.51 -7.69
CA VAL D 55 8.07 -34.58 -6.23
C VAL D 55 9.45 -34.28 -5.68
N ILE D 56 9.52 -33.36 -4.72
CA ILE D 56 10.76 -32.99 -4.03
C ILE D 56 10.63 -33.43 -2.58
N PHE D 57 11.64 -34.13 -2.07
CA PHE D 57 11.63 -34.56 -0.68
C PHE D 57 13.05 -34.68 -0.16
N ASP D 58 13.16 -34.75 1.17
CA ASP D 58 14.44 -34.84 1.86
C ASP D 58 14.78 -36.31 2.09
N TRP D 59 15.93 -36.73 1.57
CA TRP D 59 16.34 -38.13 1.68
C TRP D 59 16.62 -38.53 3.13
N ASP D 60 17.11 -37.60 3.96
CA ASP D 60 17.32 -37.91 5.36
C ASP D 60 16.01 -38.26 6.06
N THR D 61 14.95 -37.52 5.75
CA THR D 61 13.66 -37.78 6.40
C THR D 61 13.02 -39.06 5.88
N TYR D 62 13.03 -39.27 4.58
CA TYR D 62 12.31 -40.38 3.95
C TYR D 62 13.28 -41.26 3.18
N ASN D 63 13.16 -42.58 3.37
CA ASN D 63 13.94 -43.52 2.60
C ASN D 63 13.40 -43.60 1.17
N LEU D 64 14.15 -44.30 0.31
CA LEU D 64 13.78 -44.41 -1.09
C LEU D 64 12.60 -45.34 -1.33
N ASP D 65 12.09 -46.01 -0.30
CA ASP D 65 10.84 -46.77 -0.46
C ASP D 65 9.64 -45.87 -0.75
N LEU D 66 9.71 -44.61 -0.33
CA LEU D 66 8.70 -43.64 -0.74
C LEU D 66 8.68 -43.48 -2.25
N CYS D 67 9.87 -43.51 -2.88
CA CYS D 67 9.94 -43.48 -4.33
C CYS D 67 9.29 -44.71 -4.94
N GLU D 68 9.44 -45.87 -4.29
CA GLU D 68 8.75 -47.07 -4.77
C GLU D 68 7.24 -46.91 -4.69
N GLU D 69 6.73 -46.32 -3.60
CA GLU D 69 5.29 -46.09 -3.50
C GLU D 69 4.81 -45.13 -4.58
N ILE D 70 5.60 -44.09 -4.86
CA ILE D 70 5.25 -43.16 -5.94
C ILE D 70 5.26 -43.88 -7.28
N SER D 71 6.27 -44.70 -7.53
CA SER D 71 6.41 -45.40 -8.80
C SER D 71 5.28 -46.40 -9.03
N ALA D 72 4.76 -47.00 -7.97
CA ALA D 72 3.63 -47.92 -8.12
C ALA D 72 2.40 -47.22 -8.68
N MET D 73 2.26 -45.92 -8.42
CA MET D 73 1.16 -45.16 -9.00
C MET D 73 1.52 -44.64 -10.40
N ASN D 74 2.75 -44.17 -10.58
CA ASN D 74 3.19 -43.59 -11.85
C ASN D 74 4.71 -43.79 -11.94
N GLU D 75 5.12 -44.81 -12.69
CA GLU D 75 6.54 -45.16 -12.76
C GLU D 75 7.37 -44.14 -13.53
N HIS D 76 6.75 -43.22 -14.26
CA HIS D 76 7.49 -42.21 -14.99
C HIS D 76 7.58 -40.87 -14.24
N LEU D 77 6.83 -40.70 -13.17
CA LEU D 77 6.79 -39.44 -12.45
C LEU D 77 8.18 -39.12 -11.87
N PRO D 78 8.76 -37.96 -12.19
CA PRO D 78 10.11 -37.65 -11.70
C PRO D 78 10.08 -37.31 -10.22
N VAL D 79 11.01 -37.87 -9.47
CA VAL D 79 11.16 -37.62 -8.04
CA VAL D 79 11.14 -37.59 -8.05
C VAL D 79 12.55 -37.07 -7.79
N TYR D 80 12.64 -35.96 -7.06
CA TYR D 80 13.90 -35.30 -6.76
C TYR D 80 14.23 -35.46 -5.28
N ALA D 81 15.27 -36.23 -5.01
CA ALA D 81 15.69 -36.51 -3.64
C ALA D 81 16.89 -35.63 -3.29
N PHE D 82 16.80 -34.95 -2.16
CA PHE D 82 17.87 -34.08 -1.68
C PHE D 82 18.72 -34.85 -0.68
N ALA D 83 19.98 -35.04 -1.01
CA ALA D 83 20.90 -35.84 -0.21
C ALA D 83 21.69 -34.94 0.73
N ASN D 84 21.75 -35.32 2.00
CA ASN D 84 22.63 -34.65 2.95
C ASN D 84 23.58 -35.64 3.63
N THR D 85 23.05 -36.65 4.33
CA THR D 85 23.90 -37.63 4.98
C THR D 85 24.10 -38.90 4.16
N HIS D 86 23.16 -39.25 3.31
CA HIS D 86 23.32 -40.42 2.46
C HIS D 86 24.33 -40.13 1.35
N SER D 87 25.12 -41.15 1.01
CA SER D 87 26.11 -41.07 -0.05
C SER D 87 25.77 -42.08 -1.14
N THR D 88 26.68 -42.23 -2.11
CA THR D 88 26.52 -43.24 -3.14
C THR D 88 26.56 -44.66 -2.57
N LEU D 89 27.05 -44.83 -1.34
CA LEU D 89 27.06 -46.14 -0.71
C LEU D 89 25.68 -46.57 -0.20
N ASP D 90 24.69 -45.69 -0.26
CA ASP D 90 23.39 -45.96 0.35
C ASP D 90 22.29 -46.20 -0.67
N VAL D 91 22.65 -46.49 -1.91
CA VAL D 91 21.67 -46.77 -2.97
CA VAL D 91 21.67 -46.77 -2.97
C VAL D 91 21.88 -48.20 -3.45
N SER D 92 20.80 -48.94 -3.57
CA SER D 92 20.87 -50.27 -4.14
C SER D 92 20.53 -50.22 -5.62
N LEU D 93 20.70 -51.37 -6.29
CA LEU D 93 20.36 -51.46 -7.69
C LEU D 93 18.87 -51.17 -7.93
N ASN D 94 18.01 -51.74 -7.08
CA ASN D 94 16.59 -51.52 -7.23
C ASN D 94 16.23 -50.06 -7.04
N ASP D 95 16.87 -49.38 -6.08
CA ASP D 95 16.64 -47.95 -5.92
C ASP D 95 17.04 -47.19 -7.18
N LEU D 96 18.19 -47.55 -7.76
CA LEU D 96 18.65 -46.88 -8.97
C LEU D 96 17.75 -47.13 -10.15
N ARG D 97 16.92 -48.18 -10.10
CA ARG D 97 15.95 -48.40 -11.16
CA ARG D 97 15.96 -48.40 -11.17
C ARG D 97 14.86 -47.34 -11.17
N LEU D 98 14.59 -46.72 -10.03
CA LEU D 98 13.53 -45.72 -9.96
C LEU D 98 13.94 -44.43 -10.68
N ASN D 99 12.93 -43.64 -11.03
CA ASN D 99 13.15 -42.36 -11.71
C ASN D 99 13.44 -41.25 -10.69
N VAL D 100 14.56 -41.41 -9.99
CA VAL D 100 14.97 -40.47 -8.95
CA VAL D 100 14.99 -40.48 -8.94
C VAL D 100 16.19 -39.70 -9.44
N GLU D 101 16.16 -38.39 -9.21
CA GLU D 101 17.29 -37.51 -9.49
C GLU D 101 17.73 -36.89 -8.16
N PHE D 102 19.03 -36.91 -7.89
CA PHE D 102 19.56 -36.48 -6.60
C PHE D 102 20.13 -35.07 -6.70
N PHE D 103 19.88 -34.27 -5.67
CA PHE D 103 20.40 -32.91 -5.55
C PHE D 103 21.02 -32.72 -4.17
N GLU D 104 21.61 -31.55 -3.97
CA GLU D 104 22.26 -31.21 -2.71
C GLU D 104 21.78 -29.84 -2.24
N TYR D 105 21.88 -29.61 -0.94
CA TYR D 105 21.48 -28.36 -0.33
C TYR D 105 22.64 -27.37 -0.39
N ALA D 106 22.39 -26.20 -0.99
CA ALA D 106 23.41 -25.16 -1.10
C ALA D 106 22.74 -23.84 -1.44
N LEU D 107 23.17 -22.78 -0.78
CA LEU D 107 22.70 -21.44 -1.12
C LEU D 107 23.22 -21.05 -2.49
N GLY D 108 22.35 -20.41 -3.28
CA GLY D 108 22.72 -19.93 -4.59
C GLY D 108 22.72 -20.96 -5.70
N ALA D 109 22.30 -22.20 -5.43
CA ALA D 109 22.23 -23.23 -6.45
C ALA D 109 20.80 -23.44 -6.97
N ALA D 110 19.85 -22.61 -6.55
CA ALA D 110 18.46 -22.84 -6.90
C ALA D 110 18.22 -22.73 -8.40
N GLN D 111 18.93 -21.82 -9.08
CA GLN D 111 18.73 -21.63 -10.51
C GLN D 111 19.10 -22.88 -11.31
N ASP D 112 20.26 -23.46 -11.02
CA ASP D 112 20.70 -24.66 -11.75
C ASP D 112 19.78 -25.84 -11.47
N ILE D 113 19.38 -26.02 -10.22
CA ILE D 113 18.47 -27.11 -9.87
C ILE D 113 17.12 -26.92 -10.54
N ALA D 114 16.62 -25.69 -10.57
CA ALA D 114 15.36 -25.42 -11.23
C ALA D 114 15.45 -25.73 -12.72
N GLN D 115 16.57 -25.39 -13.35
CA GLN D 115 16.78 -25.74 -14.75
C GLN D 115 16.79 -27.25 -14.95
N LYS D 116 17.47 -27.98 -14.06
CA LYS D 116 17.48 -29.43 -14.14
C LYS D 116 16.07 -30.00 -13.99
N ILE D 117 15.27 -29.44 -13.09
CA ILE D 117 13.90 -29.90 -12.90
C ILE D 117 13.05 -29.59 -14.13
N ARG D 118 13.28 -28.44 -14.75
CA ARG D 118 12.57 -28.10 -15.99
C ARG D 118 12.87 -29.11 -17.08
N GLN D 119 14.16 -29.45 -17.25
CA GLN D 119 14.53 -30.45 -18.25
C GLN D 119 13.95 -31.82 -17.93
N SER D 120 13.94 -32.20 -16.65
CA SER D 120 13.37 -33.48 -16.26
C SER D 120 11.86 -33.52 -16.52
N THR D 121 11.17 -32.39 -16.28
CA THR D 121 9.75 -32.30 -16.58
C THR D 121 9.50 -32.44 -18.08
N ASP D 122 10.32 -31.77 -18.91
CA ASP D 122 10.20 -31.91 -20.36
C ASP D 122 10.42 -33.36 -20.79
N ALA D 123 11.41 -34.02 -20.18
CA ALA D 123 11.68 -35.41 -20.53
C ALA D 123 10.51 -36.30 -20.15
N TYR D 124 9.91 -36.08 -18.98
CA TYR D 124 8.75 -36.84 -18.56
C TYR D 124 7.59 -36.68 -19.54
N ILE D 125 7.30 -35.43 -19.93
CA ILE D 125 6.22 -35.16 -20.86
C ILE D 125 6.50 -35.83 -22.21
N ASP D 126 7.74 -35.72 -22.70
CA ASP D 126 8.11 -36.35 -23.95
C ASP D 126 7.98 -37.86 -23.87
N GLU D 127 8.28 -38.44 -22.70
CA GLU D 127 8.23 -39.88 -22.56
C GLU D 127 6.79 -40.39 -22.57
N ILE D 128 5.88 -39.71 -21.88
CA ILE D 128 4.52 -40.25 -21.82
C ILE D 128 3.69 -39.92 -23.06
N LEU D 129 4.04 -38.87 -23.81
CA LEU D 129 3.27 -38.52 -24.98
C LEU D 129 3.52 -39.51 -26.12
N PRO D 130 2.51 -39.85 -26.90
CA PRO D 130 2.73 -40.69 -28.08
C PRO D 130 3.32 -39.87 -29.21
N PRO D 131 3.96 -40.51 -30.22
CA PRO D 131 4.77 -39.75 -31.19
C PRO D 131 4.01 -38.77 -32.07
N LEU D 132 2.89 -39.18 -32.67
CA LEU D 132 2.14 -38.28 -33.55
CA LEU D 132 2.15 -38.27 -33.54
C LEU D 132 1.59 -37.09 -32.77
N THR D 133 1.03 -37.33 -31.57
CA THR D 133 0.49 -36.24 -30.77
C THR D 133 1.57 -35.24 -30.39
N LYS D 134 2.74 -35.75 -30.00
CA LYS D 134 3.86 -34.88 -29.66
C LYS D 134 4.30 -34.05 -30.86
N ALA D 135 4.37 -34.68 -32.04
CA ALA D 135 4.73 -33.95 -33.25
C ALA D 135 3.72 -32.85 -33.55
N LEU D 136 2.43 -33.15 -33.39
CA LEU D 136 1.38 -32.17 -33.65
C LEU D 136 1.47 -30.99 -32.69
N PHE D 137 1.69 -31.27 -31.40
CA PHE D 137 1.82 -30.20 -30.42
C PHE D 137 3.03 -29.33 -30.72
N ASN D 138 4.16 -29.96 -31.09
CA ASN D 138 5.35 -29.20 -31.44
C ASN D 138 5.10 -28.31 -32.65
N TYR D 139 4.47 -28.85 -33.69
CA TYR D 139 4.21 -28.05 -34.87
C TYR D 139 3.32 -26.88 -34.54
N VAL D 140 2.32 -27.09 -33.68
CA VAL D 140 1.46 -25.98 -33.28
C VAL D 140 2.28 -24.89 -32.61
N LYS D 141 3.23 -25.28 -31.75
CA LYS D 141 4.13 -24.27 -31.19
C LYS D 141 5.00 -23.60 -32.25
N GLU D 142 5.22 -24.23 -33.40
CA GLU D 142 6.08 -23.65 -34.43
C GLU D 142 5.49 -22.35 -35.00
N GLY D 143 4.18 -22.31 -35.22
CA GLY D 143 3.51 -21.10 -35.68
C GLY D 143 3.79 -20.63 -37.10
N LYS D 144 3.73 -21.54 -38.07
CA LYS D 144 3.99 -21.20 -39.46
C LYS D 144 2.82 -20.42 -40.09
N TYR D 145 3.13 -19.71 -41.17
CA TYR D 145 2.13 -19.08 -42.03
C TYR D 145 1.75 -20.05 -43.14
N THR D 146 0.45 -20.25 -43.36
CA THR D 146 -0.03 -21.22 -44.33
C THR D 146 -0.80 -20.52 -45.43
N PHE D 147 -0.48 -20.86 -46.67
CA PHE D 147 -1.28 -20.49 -47.83
C PHE D 147 -1.97 -21.72 -48.42
N CYS D 148 -2.29 -22.69 -47.57
CA CYS D 148 -2.79 -24.00 -47.96
C CYS D 148 -4.02 -24.34 -47.15
N THR D 149 -4.70 -25.41 -47.54
CA THR D 149 -5.87 -25.87 -46.82
C THR D 149 -5.46 -26.41 -45.44
N PRO D 150 -6.35 -26.33 -44.45
CA PRO D 150 -7.73 -25.79 -44.49
C PRO D 150 -7.77 -24.27 -44.59
N GLY D 151 -8.89 -23.74 -45.09
CA GLY D 151 -8.97 -22.34 -45.44
C GLY D 151 -8.99 -21.37 -44.28
N HIS D 152 -9.33 -21.85 -43.08
CA HIS D 152 -9.33 -20.94 -41.95
C HIS D 152 -7.92 -20.51 -41.54
N MET D 153 -6.88 -21.15 -42.10
CA MET D 153 -5.49 -20.74 -41.90
C MET D 153 -5.11 -20.67 -40.43
N GLY D 154 -5.37 -21.77 -39.71
CA GLY D 154 -5.06 -21.81 -38.30
C GLY D 154 -5.95 -20.95 -37.43
N GLY D 155 -7.14 -20.59 -37.92
CA GLY D 155 -8.09 -19.82 -37.14
C GLY D 155 -8.15 -18.34 -37.43
N THR D 156 -7.33 -17.82 -38.36
CA THR D 156 -7.38 -16.39 -38.69
C THR D 156 -8.75 -15.99 -39.23
N ALA D 157 -9.28 -16.78 -40.16
CA ALA D 157 -10.57 -16.46 -40.77
C ALA D 157 -11.68 -16.39 -39.72
N PHE D 158 -11.65 -17.30 -38.74
CA PHE D 158 -12.61 -17.22 -37.65
C PHE D 158 -12.50 -15.90 -36.90
N GLN D 159 -11.25 -15.48 -36.62
CA GLN D 159 -11.04 -14.27 -35.84
C GLN D 159 -11.43 -13.02 -36.61
N LYS D 160 -11.56 -13.11 -37.93
CA LYS D 160 -11.98 -11.97 -38.72
CA LYS D 160 -11.98 -11.97 -38.72
C LYS D 160 -13.49 -11.80 -38.80
N SER D 161 -14.26 -12.69 -38.17
CA SER D 161 -15.71 -12.64 -38.24
C SER D 161 -16.31 -12.63 -36.84
N PRO D 162 -17.43 -11.94 -36.63
CA PRO D 162 -18.06 -11.92 -35.30
C PRO D 162 -18.51 -13.30 -34.83
N VAL D 163 -19.34 -13.96 -35.62
CA VAL D 163 -19.79 -15.30 -35.27
C VAL D 163 -18.61 -16.27 -35.31
N GLY D 164 -17.70 -16.08 -36.27
CA GLY D 164 -16.48 -16.87 -36.30
C GLY D 164 -15.64 -16.67 -35.05
N SER D 165 -15.59 -15.44 -34.53
CA SER D 165 -14.86 -15.19 -33.30
C SER D 165 -15.52 -15.87 -32.11
N ILE D 166 -16.85 -15.94 -32.07
CA ILE D 166 -17.52 -16.72 -31.02
C ILE D 166 -17.11 -18.18 -31.10
N PHE D 167 -17.13 -18.73 -32.32
CA PHE D 167 -16.74 -20.13 -32.52
C PHE D 167 -15.29 -20.37 -32.07
N TYR D 168 -14.39 -19.47 -32.48
CA TYR D 168 -12.99 -19.58 -32.14
C TYR D 168 -12.77 -19.49 -30.63
N ASP D 169 -13.47 -18.58 -29.97
CA ASP D 169 -13.33 -18.44 -28.53
C ASP D 169 -13.87 -19.66 -27.79
N PHE D 170 -14.94 -20.26 -28.31
CA PHE D 170 -15.44 -21.50 -27.72
C PHE D 170 -14.43 -22.63 -27.84
N PHE D 171 -13.95 -22.90 -29.06
CA PHE D 171 -13.14 -24.09 -29.26
C PHE D 171 -11.68 -23.89 -28.87
N GLY D 172 -11.23 -22.65 -28.72
CA GLY D 172 -9.86 -22.40 -28.33
C GLY D 172 -8.88 -22.30 -29.48
N ALA D 173 -7.74 -21.67 -29.23
CA ALA D 173 -6.77 -21.44 -30.30
C ALA D 173 -6.09 -22.73 -30.74
N ASN D 174 -5.76 -23.61 -29.78
CA ASN D 174 -5.00 -24.82 -30.10
C ASN D 174 -5.78 -25.74 -31.03
N ALA D 175 -7.09 -25.88 -30.80
CA ALA D 175 -7.90 -26.73 -31.66
C ALA D 175 -7.90 -26.22 -33.09
N MET D 176 -7.99 -24.90 -33.28
CA MET D 176 -7.90 -24.34 -34.62
C MET D 176 -6.51 -24.55 -35.22
N LYS D 177 -5.46 -24.33 -34.42
CA LYS D 177 -4.09 -24.40 -34.94
C LYS D 177 -3.69 -25.81 -35.29
N SER D 178 -4.27 -26.81 -34.63
CA SER D 178 -3.96 -28.21 -34.88
C SER D 178 -4.76 -28.78 -36.05
N ASP D 179 -5.67 -28.01 -36.63
CA ASP D 179 -6.44 -28.43 -37.80
C ASP D 179 -5.61 -28.14 -39.05
N ILE D 180 -4.82 -29.12 -39.47
CA ILE D 180 -3.88 -28.96 -40.58
C ILE D 180 -4.13 -30.02 -41.64
N SER D 181 -3.33 -29.99 -42.70
CA SER D 181 -3.46 -30.95 -43.79
C SER D 181 -2.11 -31.57 -44.12
N ILE D 182 -2.05 -32.37 -45.20
CA ILE D 182 -0.78 -33.00 -45.58
C ILE D 182 0.20 -32.02 -46.21
N SER D 183 -0.22 -30.78 -46.47
CA SER D 183 0.72 -29.75 -46.90
C SER D 183 1.83 -29.55 -45.88
N VAL D 184 1.56 -29.87 -44.61
CA VAL D 184 2.59 -29.90 -43.58
C VAL D 184 3.30 -31.26 -43.65
N GLY D 185 4.39 -31.33 -44.41
CA GLY D 185 5.03 -32.60 -44.68
C GLY D 185 5.71 -33.24 -43.48
N GLU D 186 6.04 -32.45 -42.45
CA GLU D 186 6.81 -32.98 -41.34
C GLU D 186 5.98 -33.88 -40.42
N LEU D 187 4.66 -33.80 -40.46
CA LEU D 187 3.84 -34.77 -39.75
C LEU D 187 3.54 -36.02 -40.57
N GLY D 188 3.99 -36.09 -41.83
CA GLY D 188 3.69 -37.26 -42.61
C GLY D 188 2.25 -37.27 -43.10
N SER D 189 1.81 -38.44 -43.54
CA SER D 189 0.48 -38.60 -44.11
C SER D 189 -0.20 -39.83 -43.53
N LEU D 190 -1.46 -39.68 -43.14
CA LEU D 190 -2.25 -40.83 -42.70
C LEU D 190 -2.47 -41.81 -43.85
N LEU D 191 -2.80 -41.29 -45.04
CA LEU D 191 -3.10 -42.15 -46.17
C LEU D 191 -1.88 -42.95 -46.61
N ASP D 192 -0.70 -42.34 -46.55
CA ASP D 192 0.54 -43.00 -46.98
C ASP D 192 1.25 -43.73 -45.84
N HIS D 193 0.75 -43.63 -44.61
CA HIS D 193 1.35 -44.31 -43.46
C HIS D 193 2.83 -43.95 -43.33
N SER D 194 3.10 -42.65 -43.39
CA SER D 194 4.45 -42.13 -43.43
C SER D 194 4.75 -41.28 -42.21
N GLY D 195 6.03 -41.15 -41.90
CA GLY D 195 6.49 -40.29 -40.84
C GLY D 195 5.92 -40.65 -39.48
N PRO D 196 5.53 -39.64 -38.72
CA PRO D 196 4.95 -39.90 -37.39
C PRO D 196 3.67 -40.73 -37.43
N HIS D 197 2.95 -40.75 -38.56
CA HIS D 197 1.77 -41.59 -38.67
C HIS D 197 2.13 -43.07 -38.61
N LYS D 198 3.22 -43.47 -39.28
CA LYS D 198 3.67 -44.85 -39.22
C LYS D 198 4.06 -45.24 -37.80
N GLU D 199 4.79 -44.35 -37.12
CA GLU D 199 5.16 -44.62 -35.73
C GLU D 199 3.94 -44.71 -34.84
N ALA D 200 2.94 -43.86 -35.07
CA ALA D 200 1.70 -43.95 -34.30
C ALA D 200 1.01 -45.29 -34.53
N GLU D 201 0.96 -45.74 -35.78
CA GLU D 201 0.33 -47.02 -36.08
C GLU D 201 1.06 -48.18 -35.39
N GLU D 202 2.40 -48.16 -35.43
CA GLU D 202 3.16 -49.21 -34.76
C GLU D 202 2.99 -49.14 -33.24
N TYR D 203 2.95 -47.93 -32.69
CA TYR D 203 2.71 -47.73 -31.27
C TYR D 203 1.36 -48.31 -30.85
N ILE D 204 0.32 -48.05 -31.65
CA ILE D 204 -1.01 -48.56 -31.36
C ILE D 204 -1.03 -50.09 -31.47
N ALA D 205 -0.40 -50.64 -32.51
CA ALA D 205 -0.39 -52.10 -32.67
C ALA D 205 0.32 -52.78 -31.50
N ARG D 206 1.42 -52.19 -31.03
CA ARG D 206 2.09 -52.73 -29.85
C ARG D 206 1.19 -52.65 -28.62
N THR D 207 0.52 -51.51 -28.44
CA THR D 207 -0.30 -51.30 -27.24
C THR D 207 -1.51 -52.22 -27.21
N PHE D 208 -2.13 -52.50 -28.36
CA PHE D 208 -3.36 -53.25 -28.42
C PHE D 208 -3.16 -54.72 -28.81
N ASN D 209 -1.92 -55.20 -28.77
CA ASN D 209 -1.60 -56.60 -29.08
C ASN D 209 -2.06 -56.99 -30.47
N ALA D 210 -1.79 -56.13 -31.44
CA ALA D 210 -2.11 -56.38 -32.83
C ALA D 210 -0.82 -56.46 -33.65
N GLU D 211 -0.82 -57.35 -34.66
CA GLU D 211 0.28 -57.36 -35.61
C GLU D 211 0.30 -56.06 -36.41
N ARG D 212 -0.86 -55.60 -36.87
CA ARG D 212 -0.93 -54.39 -37.68
C ARG D 212 -2.15 -53.59 -37.24
N SER D 213 -2.03 -52.27 -37.19
CA SER D 213 -3.14 -51.42 -36.79
C SER D 213 -3.34 -50.29 -37.79
N TYR D 214 -4.59 -49.87 -37.94
CA TYR D 214 -4.98 -48.77 -38.80
C TYR D 214 -5.90 -47.83 -38.05
N MET D 215 -5.70 -46.53 -38.28
CA MET D 215 -6.51 -45.48 -37.69
C MET D 215 -7.56 -45.03 -38.69
N VAL D 216 -8.83 -45.03 -38.26
CA VAL D 216 -9.96 -44.65 -39.09
C VAL D 216 -10.61 -43.43 -38.48
N THR D 217 -10.88 -42.41 -39.31
CA THR D 217 -11.47 -41.17 -38.84
C THR D 217 -12.95 -41.03 -39.20
N ASN D 218 -13.60 -42.10 -39.65
CA ASN D 218 -15.04 -42.06 -39.88
C ASN D 218 -15.76 -43.18 -39.15
N GLY D 219 -15.22 -43.63 -38.03
CA GLY D 219 -15.91 -44.54 -37.14
C GLY D 219 -15.76 -46.00 -37.49
N THR D 220 -16.24 -46.83 -36.58
CA THR D 220 -16.24 -48.27 -36.81
C THR D 220 -17.15 -48.67 -37.96
N SER D 221 -18.12 -47.82 -38.33
CA SER D 221 -18.88 -48.09 -39.55
C SER D 221 -17.93 -48.16 -40.74
N THR D 222 -17.07 -47.16 -40.89
CA THR D 222 -16.10 -47.18 -41.98
C THR D 222 -15.06 -48.27 -41.79
N ALA D 223 -14.63 -48.52 -40.56
CA ALA D 223 -13.67 -49.61 -40.32
C ALA D 223 -14.23 -50.95 -40.75
N ASN D 224 -15.50 -51.22 -40.40
CA ASN D 224 -16.18 -52.43 -40.83
C ASN D 224 -16.26 -52.51 -42.34
N LYS D 225 -16.56 -51.39 -42.99
CA LYS D 225 -16.62 -51.39 -44.45
C LYS D 225 -15.27 -51.72 -45.06
N ILE D 226 -14.20 -51.16 -44.51
CA ILE D 226 -12.85 -51.44 -45.03
C ILE D 226 -12.53 -52.92 -44.91
N VAL D 227 -12.74 -53.48 -43.71
CA VAL D 227 -12.42 -54.90 -43.50
C VAL D 227 -13.27 -55.77 -44.42
N GLY D 228 -14.57 -55.48 -44.49
CA GLY D 228 -15.46 -56.29 -45.29
C GLY D 228 -15.15 -56.25 -46.76
N MET D 229 -14.84 -55.07 -47.30
CA MET D 229 -14.48 -54.98 -48.70
C MET D 229 -13.16 -55.69 -48.99
N TYR D 230 -12.17 -55.58 -48.10
CA TYR D 230 -10.94 -56.32 -48.35
C TYR D 230 -11.19 -57.82 -48.32
N SER D 231 -12.10 -58.28 -47.45
CA SER D 231 -12.24 -59.70 -47.18
C SER D 231 -13.29 -60.40 -48.05
N ALA D 232 -14.27 -59.66 -48.59
CA ALA D 232 -15.41 -60.27 -49.27
C ALA D 232 -15.52 -59.74 -50.69
N PRO D 233 -14.90 -60.40 -51.66
CA PRO D 233 -15.06 -60.00 -53.06
C PRO D 233 -16.48 -60.24 -53.54
N ALA D 234 -16.85 -59.50 -54.58
CA ALA D 234 -18.18 -59.65 -55.19
C ALA D 234 -18.40 -61.09 -55.63
N GLY D 235 -19.59 -61.61 -55.35
CA GLY D 235 -19.93 -62.98 -55.65
C GLY D 235 -19.61 -63.98 -54.56
N SER D 236 -18.91 -63.57 -53.50
CA SER D 236 -18.57 -64.47 -52.42
C SER D 236 -19.70 -64.57 -51.40
N THR D 237 -19.62 -65.59 -50.55
CA THR D 237 -20.57 -65.82 -49.47
C THR D 237 -19.94 -65.38 -48.14
N VAL D 238 -20.75 -64.79 -47.28
CA VAL D 238 -20.29 -64.17 -46.05
C VAL D 238 -21.19 -64.58 -44.89
N LEU D 239 -20.57 -64.88 -43.75
CA LEU D 239 -21.30 -65.17 -42.52
C LEU D 239 -21.43 -63.89 -41.70
N ILE D 240 -22.66 -63.53 -41.34
CA ILE D 240 -22.96 -62.32 -40.60
C ILE D 240 -23.69 -62.66 -39.32
N ASP D 241 -23.24 -62.10 -38.20
CA ASP D 241 -24.04 -62.08 -36.99
C ASP D 241 -25.35 -61.36 -37.27
N ARG D 242 -26.49 -62.03 -37.03
CA ARG D 242 -27.76 -61.35 -37.19
C ARG D 242 -27.89 -60.16 -36.25
N ASN D 243 -27.18 -60.19 -35.11
CA ASN D 243 -27.05 -59.02 -34.25
C ASN D 243 -25.83 -58.26 -34.78
N CYS D 244 -26.06 -57.49 -35.83
CA CYS D 244 -25.01 -56.75 -36.48
C CYS D 244 -25.38 -55.28 -36.57
N HIS D 245 -24.37 -54.44 -36.49
CA HIS D 245 -24.56 -53.01 -36.69
C HIS D 245 -24.97 -52.74 -38.14
N LYS D 246 -25.66 -51.62 -38.34
CA LYS D 246 -26.17 -51.31 -39.67
C LYS D 246 -25.05 -51.10 -40.69
N SER D 247 -23.81 -50.89 -40.24
CA SER D 247 -22.70 -50.76 -41.17
C SER D 247 -22.45 -52.04 -41.96
N LEU D 248 -22.63 -53.20 -41.32
CA LEU D 248 -22.51 -54.45 -42.07
C LEU D 248 -23.59 -54.56 -43.14
N THR D 249 -24.80 -54.10 -42.84
CA THR D 249 -25.84 -54.05 -43.86
C THR D 249 -25.49 -53.06 -44.97
N HIS D 250 -24.88 -51.92 -44.61
CA HIS D 250 -24.41 -50.99 -45.64
C HIS D 250 -23.38 -51.66 -46.54
N LEU D 251 -22.49 -52.45 -45.97
CA LEU D 251 -21.51 -53.20 -46.76
C LEU D 251 -22.21 -54.24 -47.65
N MET D 252 -23.24 -54.89 -47.13
CA MET D 252 -23.99 -55.87 -47.93
C MET D 252 -24.68 -55.20 -49.12
N MET D 253 -25.22 -54.00 -48.94
CA MET D 253 -25.78 -53.25 -50.05
C MET D 253 -24.68 -52.73 -50.98
N MET D 254 -23.46 -52.57 -50.45
CA MET D 254 -22.34 -52.05 -51.23
C MET D 254 -21.98 -53.01 -52.37
N SER D 255 -21.86 -54.30 -52.06
CA SER D 255 -21.31 -55.28 -52.99
C SER D 255 -22.22 -56.48 -53.08
N ASP D 256 -22.12 -57.20 -54.21
CA ASP D 256 -22.90 -58.40 -54.44
C ASP D 256 -22.26 -59.55 -53.66
N ILE D 257 -22.64 -59.66 -52.40
CA ILE D 257 -22.19 -60.75 -51.54
C ILE D 257 -23.42 -61.42 -50.95
N THR D 258 -23.40 -62.75 -50.94
CA THR D 258 -24.51 -63.51 -50.39
C THR D 258 -24.28 -63.73 -48.90
N PRO D 259 -25.17 -63.25 -48.04
CA PRO D 259 -25.01 -63.47 -46.60
C PRO D 259 -25.69 -64.75 -46.12
N ILE D 260 -25.07 -65.35 -45.12
CA ILE D 260 -25.69 -66.39 -44.30
C ILE D 260 -25.57 -65.95 -42.85
N TYR D 261 -26.67 -66.04 -42.11
CA TYR D 261 -26.78 -65.36 -40.83
C TYR D 261 -26.58 -66.32 -39.67
N PHE D 262 -25.66 -65.96 -38.76
CA PHE D 262 -25.65 -66.55 -37.44
C PHE D 262 -26.90 -66.11 -36.69
N ARG D 263 -27.55 -67.07 -36.00
CA ARG D 263 -28.78 -66.75 -35.29
C ARG D 263 -28.47 -66.56 -33.82
N PRO D 264 -28.59 -65.36 -33.27
CA PRO D 264 -28.33 -65.15 -31.85
C PRO D 264 -29.56 -65.45 -31.00
N THR D 265 -29.34 -65.47 -29.69
CA THR D 265 -30.40 -65.73 -28.74
C THR D 265 -30.83 -64.42 -28.05
N ARG D 266 -31.86 -64.52 -27.23
CA ARG D 266 -32.37 -63.37 -26.49
C ARG D 266 -33.18 -63.89 -25.31
N ASN D 267 -33.35 -63.01 -24.31
CA ASN D 267 -34.11 -63.34 -23.12
C ASN D 267 -35.41 -62.54 -23.11
N ALA D 268 -36.17 -62.68 -22.02
CA ALA D 268 -37.48 -62.05 -21.93
C ALA D 268 -37.39 -60.52 -21.95
N TYR D 269 -36.28 -59.96 -21.46
CA TYR D 269 -36.10 -58.52 -21.47
C TYR D 269 -35.76 -57.97 -22.85
N GLY D 270 -35.52 -58.84 -23.84
CA GLY D 270 -34.99 -58.38 -25.11
C GLY D 270 -33.50 -58.20 -25.14
N ILE D 271 -32.81 -58.54 -24.05
CA ILE D 271 -31.35 -58.48 -24.04
C ILE D 271 -30.81 -59.50 -25.03
N LEU D 272 -29.98 -59.04 -25.96
CA LEU D 272 -29.45 -59.92 -27.00
C LEU D 272 -28.38 -60.82 -26.41
N GLY D 273 -28.59 -62.12 -26.55
CA GLY D 273 -27.59 -63.11 -26.17
C GLY D 273 -26.62 -63.38 -27.29
N GLY D 274 -25.90 -64.49 -27.14
CA GLY D 274 -24.90 -64.86 -28.11
C GLY D 274 -25.35 -65.95 -29.06
N ILE D 275 -24.56 -66.12 -30.10
CA ILE D 275 -24.80 -67.22 -31.05
C ILE D 275 -24.44 -68.54 -30.38
N PRO D 276 -25.30 -69.55 -30.44
CA PRO D 276 -24.96 -70.86 -29.86
C PRO D 276 -23.76 -71.48 -30.55
N LYS D 277 -23.08 -72.35 -29.82
CA LYS D 277 -21.87 -73.00 -30.33
C LYS D 277 -22.13 -73.88 -31.55
N SER D 278 -23.36 -74.38 -31.71
CA SER D 278 -23.65 -75.22 -32.88
C SER D 278 -23.52 -74.45 -34.17
N GLU D 279 -23.81 -73.15 -34.15
CA GLU D 279 -23.85 -72.37 -35.38
C GLU D 279 -22.46 -72.05 -35.93
N PHE D 280 -21.41 -72.32 -35.16
CA PHE D 280 -20.05 -72.20 -35.66
C PHE D 280 -19.52 -73.51 -36.22
N GLN D 281 -20.33 -74.57 -36.21
CA GLN D 281 -19.88 -75.88 -36.63
C GLN D 281 -19.92 -76.03 -38.14
N HIS D 282 -19.07 -76.91 -38.66
CA HIS D 282 -18.96 -77.07 -40.10
C HIS D 282 -20.27 -77.58 -40.71
N ASP D 283 -20.93 -78.53 -40.04
CA ASP D 283 -22.14 -79.14 -40.60
C ASP D 283 -23.25 -78.11 -40.75
N THR D 284 -23.47 -77.29 -39.72
CA THR D 284 -24.52 -76.29 -39.80
C THR D 284 -24.25 -75.30 -40.94
N ILE D 285 -23.00 -74.83 -41.05
CA ILE D 285 -22.68 -73.86 -42.08
C ILE D 285 -22.84 -74.48 -43.46
N ALA D 286 -22.39 -75.73 -43.63
CA ALA D 286 -22.52 -76.40 -44.92
C ALA D 286 -23.99 -76.59 -45.30
N GLU D 287 -24.83 -76.95 -44.33
CA GLU D 287 -26.26 -77.07 -44.59
C GLU D 287 -26.86 -75.73 -45.00
N ARG D 288 -26.47 -74.65 -44.32
CA ARG D 288 -26.96 -73.33 -44.70
C ARG D 288 -26.52 -72.96 -46.11
N VAL D 289 -25.26 -73.25 -46.45
CA VAL D 289 -24.75 -72.93 -47.78
C VAL D 289 -25.56 -73.68 -48.84
N ALA D 290 -25.81 -74.97 -48.59
CA ALA D 290 -26.64 -75.74 -49.53
C ALA D 290 -28.05 -75.19 -49.59
N GLN D 291 -28.55 -74.61 -48.51
CA GLN D 291 -29.94 -74.15 -48.48
C GLN D 291 -30.14 -72.90 -49.30
N THR D 292 -29.19 -71.96 -49.24
CA THR D 292 -29.51 -70.71 -49.91
C THR D 292 -28.89 -70.65 -51.30
N PRO D 293 -29.63 -70.11 -52.28
CA PRO D 293 -29.11 -70.07 -53.65
C PRO D 293 -27.92 -69.13 -53.80
N ASN D 294 -27.08 -69.45 -54.79
CA ASN D 294 -25.91 -68.64 -55.14
C ASN D 294 -24.92 -68.53 -53.99
N ALA D 295 -24.88 -69.55 -53.13
CA ALA D 295 -24.03 -69.54 -51.95
C ALA D 295 -22.95 -70.61 -52.06
N THR D 296 -21.74 -70.23 -51.71
CA THR D 296 -20.58 -71.12 -51.64
C THR D 296 -20.08 -71.14 -50.21
N TRP D 297 -18.96 -71.80 -49.99
CA TRP D 297 -18.39 -71.81 -48.66
C TRP D 297 -17.96 -70.40 -48.27
N PRO D 298 -18.40 -69.89 -47.13
CA PRO D 298 -18.11 -68.49 -46.78
C PRO D 298 -16.62 -68.23 -46.71
N VAL D 299 -16.22 -67.05 -47.19
CA VAL D 299 -14.82 -66.64 -47.15
C VAL D 299 -14.54 -65.64 -46.04
N HIS D 300 -15.57 -65.17 -45.33
CA HIS D 300 -15.43 -64.16 -44.31
C HIS D 300 -16.60 -64.29 -43.33
N ALA D 301 -16.30 -64.17 -42.04
CA ALA D 301 -17.34 -64.18 -41.02
C ALA D 301 -17.18 -62.96 -40.14
N VAL D 302 -18.31 -62.38 -39.71
CA VAL D 302 -18.32 -61.22 -38.83
C VAL D 302 -19.16 -61.55 -37.61
N VAL D 303 -18.58 -61.33 -36.43
CA VAL D 303 -19.24 -61.61 -35.15
C VAL D 303 -19.13 -60.36 -34.28
N THR D 304 -20.24 -59.97 -33.65
CA THR D 304 -20.26 -58.82 -32.75
C THR D 304 -19.84 -59.28 -31.35
N ASN D 305 -18.70 -58.79 -30.88
CA ASN D 305 -18.15 -59.18 -29.58
C ASN D 305 -17.52 -57.95 -28.95
N SER D 306 -18.09 -57.46 -27.86
CA SER D 306 -19.24 -58.07 -27.20
C SER D 306 -20.56 -57.60 -27.78
N THR D 307 -21.67 -58.07 -27.22
CA THR D 307 -22.96 -57.50 -27.52
C THR D 307 -23.10 -56.13 -26.87
N TYR D 308 -24.12 -55.40 -27.30
CA TYR D 308 -24.42 -54.09 -26.72
C TYR D 308 -24.59 -54.19 -25.20
N ASP D 309 -25.16 -55.29 -24.73
CA ASP D 309 -25.46 -55.48 -23.32
C ASP D 309 -24.31 -56.10 -22.54
N GLY D 310 -23.14 -56.28 -23.16
CA GLY D 310 -21.96 -56.69 -22.45
C GLY D 310 -21.70 -58.18 -22.40
N LEU D 311 -22.20 -58.95 -23.35
CA LEU D 311 -21.96 -60.38 -23.40
C LEU D 311 -20.77 -60.66 -24.33
N LEU D 312 -19.71 -61.21 -23.76
CA LEU D 312 -18.49 -61.55 -24.47
C LEU D 312 -18.45 -63.04 -24.77
N TYR D 313 -18.00 -63.39 -25.98
CA TYR D 313 -17.82 -64.78 -26.35
C TYR D 313 -16.48 -65.31 -25.86
N ASN D 314 -16.38 -66.63 -25.79
CA ASN D 314 -15.09 -67.30 -25.66
C ASN D 314 -14.51 -67.35 -27.07
N THR D 315 -13.63 -66.42 -27.39
CA THR D 315 -13.16 -66.27 -28.77
C THR D 315 -12.21 -67.39 -29.18
N ASP D 316 -11.57 -68.08 -28.24
CA ASP D 316 -10.71 -69.19 -28.60
C ASP D 316 -11.49 -70.30 -29.28
N TYR D 317 -12.68 -70.62 -28.75
CA TYR D 317 -13.53 -71.62 -29.38
C TYR D 317 -13.95 -71.18 -30.77
N ILE D 318 -14.31 -69.90 -30.93
CA ILE D 318 -14.74 -69.42 -32.24
C ILE D 318 -13.60 -69.52 -33.24
N LYS D 319 -12.40 -69.12 -32.83
CA LYS D 319 -11.24 -69.20 -33.71
C LYS D 319 -10.94 -70.64 -34.11
N GLU D 320 -11.00 -71.57 -33.16
CA GLU D 320 -10.70 -72.96 -33.47
C GLU D 320 -11.78 -73.60 -34.33
N ALA D 321 -13.05 -73.40 -33.97
CA ALA D 321 -14.15 -74.13 -34.58
C ALA D 321 -14.53 -73.57 -35.96
N LEU D 322 -14.55 -72.25 -36.11
CA LEU D 322 -15.05 -71.63 -37.33
C LEU D 322 -14.08 -71.89 -38.48
N ASP D 323 -14.52 -72.68 -39.46
CA ASP D 323 -13.67 -73.07 -40.59
C ASP D 323 -13.83 -72.08 -41.74
N VAL D 324 -13.56 -70.82 -41.43
CA VAL D 324 -13.55 -69.74 -42.40
C VAL D 324 -12.22 -69.01 -42.25
N LYS D 325 -11.58 -68.71 -43.38
CA LYS D 325 -10.21 -68.22 -43.35
C LYS D 325 -10.09 -66.79 -42.85
N SER D 326 -11.18 -66.03 -42.78
CA SER D 326 -11.14 -64.65 -42.36
C SER D 326 -12.24 -64.40 -41.33
N ILE D 327 -11.84 -64.03 -40.11
CA ILE D 327 -12.78 -63.79 -39.02
C ILE D 327 -12.64 -62.35 -38.56
N HIS D 328 -13.76 -61.64 -38.45
CA HIS D 328 -13.77 -60.24 -38.07
C HIS D 328 -14.67 -60.07 -36.85
N PHE D 329 -14.08 -59.62 -35.76
CA PHE D 329 -14.83 -59.31 -34.55
C PHE D 329 -15.12 -57.82 -34.53
N ASP D 330 -16.38 -57.47 -34.72
CA ASP D 330 -16.85 -56.11 -34.47
C ASP D 330 -16.84 -55.90 -32.97
N SER D 331 -15.76 -55.28 -32.47
CA SER D 331 -15.55 -55.08 -31.05
C SER D 331 -15.62 -53.60 -30.69
N ALA D 332 -16.58 -52.91 -31.31
CA ALA D 332 -16.74 -51.48 -31.06
C ALA D 332 -16.99 -51.17 -29.60
N TRP D 333 -17.66 -52.08 -28.89
CA TRP D 333 -18.01 -51.87 -27.48
C TRP D 333 -16.92 -52.25 -26.50
N VAL D 334 -15.87 -52.96 -26.93
CA VAL D 334 -14.85 -53.41 -25.99
C VAL D 334 -13.44 -53.09 -26.49
N PRO D 335 -13.04 -51.83 -26.56
CA PRO D 335 -11.66 -51.52 -26.95
C PRO D 335 -10.64 -51.67 -25.82
N TYR D 336 -11.07 -52.02 -24.62
CA TYR D 336 -10.20 -52.08 -23.45
C TYR D 336 -9.78 -53.51 -23.09
N THR D 337 -10.10 -54.50 -23.93
CA THR D 337 -9.93 -55.90 -23.51
C THR D 337 -8.47 -56.26 -23.25
N ASN D 338 -7.53 -55.69 -24.01
CA ASN D 338 -6.13 -56.02 -23.85
C ASN D 338 -5.54 -55.54 -22.52
N PHE D 339 -6.25 -54.69 -21.79
CA PHE D 339 -5.66 -53.96 -20.67
C PHE D 339 -6.17 -54.43 -19.31
N SER D 340 -6.75 -55.64 -19.25
CA SER D 340 -7.13 -56.25 -17.99
C SER D 340 -7.12 -57.76 -18.18
N PRO D 341 -6.53 -58.51 -17.25
CA PRO D 341 -6.51 -59.98 -17.39
C PRO D 341 -7.88 -60.63 -17.32
N ILE D 342 -8.90 -59.95 -16.81
CA ILE D 342 -10.23 -60.55 -16.73
C ILE D 342 -10.82 -60.84 -18.12
N TYR D 343 -10.32 -60.17 -19.16
CA TYR D 343 -10.84 -60.34 -20.51
C TYR D 343 -10.04 -61.33 -21.34
N LYS D 344 -9.06 -62.01 -20.75
CA LYS D 344 -8.22 -62.92 -21.51
C LYS D 344 -9.04 -64.03 -22.16
N GLY D 345 -8.76 -64.27 -23.44
CA GLY D 345 -9.52 -65.24 -24.20
C GLY D 345 -10.91 -64.82 -24.59
N LEU D 346 -11.31 -63.58 -24.27
CA LEU D 346 -12.64 -63.09 -24.60
C LEU D 346 -12.63 -62.01 -25.67
N CYS D 347 -11.53 -61.88 -26.42
CA CYS D 347 -11.41 -60.86 -27.45
C CYS D 347 -10.65 -61.41 -28.65
N GLY D 348 -10.84 -60.75 -29.79
CA GLY D 348 -10.28 -61.25 -31.04
C GLY D 348 -8.76 -61.26 -31.07
N MET D 349 -8.14 -60.27 -30.44
CA MET D 349 -6.68 -60.19 -30.45
C MET D 349 -6.04 -61.06 -29.38
N SER D 350 -6.83 -61.73 -28.55
CA SER D 350 -6.27 -62.55 -27.48
C SER D 350 -5.45 -63.69 -28.07
N GLY D 351 -4.33 -63.99 -27.42
CA GLY D 351 -3.48 -65.08 -27.87
C GLY D 351 -2.63 -64.68 -29.06
N GLY D 352 -2.08 -65.70 -29.70
CA GLY D 352 -1.21 -65.52 -30.84
C GLY D 352 -1.97 -65.57 -32.15
N ARG D 353 -1.22 -65.77 -33.22
CA ARG D 353 -1.78 -65.83 -34.56
C ARG D 353 -2.35 -67.21 -34.85
N VAL D 354 -3.54 -67.24 -35.42
CA VAL D 354 -4.19 -68.50 -35.80
C VAL D 354 -3.65 -68.93 -37.15
N GLU D 355 -3.20 -70.18 -37.23
CA GLU D 355 -2.65 -70.71 -38.48
C GLU D 355 -3.73 -70.81 -39.54
N GLY D 356 -3.43 -70.33 -40.74
CA GLY D 356 -4.35 -70.45 -41.85
C GLY D 356 -5.53 -69.52 -41.81
N LYS D 357 -5.50 -68.50 -40.95
CA LYS D 357 -6.62 -67.58 -40.82
C LYS D 357 -6.08 -66.18 -40.54
N VAL D 358 -6.90 -65.18 -40.85
CA VAL D 358 -6.63 -63.80 -40.47
C VAL D 358 -7.75 -63.36 -39.53
N ILE D 359 -7.37 -62.64 -38.47
CA ILE D 359 -8.29 -62.14 -37.46
C ILE D 359 -8.29 -60.63 -37.50
N TYR D 360 -9.47 -60.04 -37.58
CA TYR D 360 -9.67 -58.61 -37.51
C TYR D 360 -10.44 -58.27 -36.25
N GLU D 361 -10.15 -57.11 -35.71
CA GLU D 361 -10.92 -56.53 -34.62
C GLU D 361 -11.16 -55.07 -34.94
N THR D 362 -12.43 -54.66 -34.97
CA THR D 362 -12.75 -53.25 -35.17
C THR D 362 -13.19 -52.65 -33.85
N GLN D 363 -12.53 -51.57 -33.44
CA GLN D 363 -12.76 -50.94 -32.15
C GLN D 363 -13.22 -49.50 -32.33
N SER D 364 -14.22 -49.10 -31.55
CA SER D 364 -14.63 -47.71 -31.46
CA SER D 364 -14.62 -47.71 -31.46
C SER D 364 -13.90 -47.10 -30.27
N THR D 365 -12.79 -46.42 -30.55
CA THR D 365 -12.00 -45.82 -29.49
C THR D 365 -12.76 -44.71 -28.76
N HIS D 366 -13.72 -44.09 -29.43
CA HIS D 366 -14.48 -43.01 -28.81
C HIS D 366 -15.58 -43.53 -27.88
N1 LLP D 367 -20.68 -51.75 -34.79
C2 LLP D 367 -21.06 -51.78 -33.52
C2' LLP D 367 -21.33 -53.10 -32.88
C3 LLP D 367 -21.20 -50.60 -32.80
O3 LLP D 367 -21.59 -50.69 -31.48
C4 LLP D 367 -20.96 -49.36 -33.43
C4' LLP D 367 -21.03 -48.12 -32.67
C5 LLP D 367 -20.53 -49.36 -34.76
C6 LLP D 367 -20.42 -50.57 -35.40
C5' LLP D 367 -20.24 -48.10 -35.52
OP4 LLP D 367 -19.21 -47.28 -34.87
P LLP D 367 -19.08 -45.71 -35.15
OP1 LLP D 367 -17.79 -45.29 -34.48
OP2 LLP D 367 -20.30 -45.07 -34.52
OP3 LLP D 367 -19.06 -45.54 -36.66
N LLP D 367 -16.06 -44.75 -28.13
CA LLP D 367 -17.22 -45.28 -27.36
CB LLP D 367 -17.87 -46.46 -28.07
CG LLP D 367 -18.94 -46.08 -29.10
CD LLP D 367 -19.60 -47.29 -29.77
CE LLP D 367 -20.76 -46.92 -30.68
NZ LLP D 367 -21.18 -48.10 -31.42
C LLP D 367 -16.80 -45.63 -25.93
O LLP D 367 -17.46 -45.14 -25.00
N LEU D 368 -15.77 -46.44 -25.72
CA LEU D 368 -15.45 -46.86 -24.36
C LEU D 368 -14.07 -46.44 -23.86
N LEU D 369 -13.20 -45.99 -24.75
CA LEU D 369 -11.95 -45.36 -24.35
C LEU D 369 -12.12 -43.84 -24.46
N ALA D 370 -11.01 -43.11 -24.33
CA ALA D 370 -11.02 -41.65 -24.36
C ALA D 370 -10.48 -41.19 -25.71
N ALA D 371 -11.38 -40.89 -26.64
CA ALA D 371 -11.03 -40.38 -27.95
C ALA D 371 -12.22 -39.62 -28.52
N PHE D 372 -11.95 -38.76 -29.48
CA PHE D 372 -13.02 -37.98 -30.11
C PHE D 372 -13.94 -38.90 -30.91
N SER D 373 -15.17 -38.44 -31.10
CA SER D 373 -16.12 -39.13 -31.97
C SER D 373 -15.54 -39.32 -33.36
N GLN D 374 -15.82 -40.47 -33.96
CA GLN D 374 -15.36 -40.95 -35.26
C GLN D 374 -13.97 -41.56 -35.22
N ALA D 375 -13.28 -41.58 -34.06
CA ALA D 375 -12.00 -42.26 -33.96
C ALA D 375 -12.23 -43.77 -33.84
N SER D 376 -11.55 -44.53 -34.69
CA SER D 376 -11.75 -45.97 -34.73
C SER D 376 -10.43 -46.65 -35.06
N MET D 377 -10.34 -47.92 -34.69
CA MET D 377 -9.13 -48.71 -34.89
C MET D 377 -9.48 -50.00 -35.61
N ILE D 378 -8.63 -50.39 -36.56
CA ILE D 378 -8.64 -51.73 -37.13
C ILE D 378 -7.38 -52.45 -36.67
N HIS D 379 -7.55 -53.61 -36.05
CA HIS D 379 -6.45 -54.45 -35.61
C HIS D 379 -6.44 -55.74 -36.43
N VAL D 380 -5.28 -56.09 -36.96
CA VAL D 380 -5.11 -57.26 -37.80
C VAL D 380 -4.06 -58.17 -37.18
N LYS D 381 -4.40 -59.45 -37.05
CA LYS D 381 -3.49 -60.49 -36.64
C LYS D 381 -3.54 -61.59 -37.68
N GLY D 382 -2.47 -61.74 -38.45
CA GLY D 382 -2.40 -62.71 -39.52
C GLY D 382 -1.90 -62.08 -40.80
N ASP D 383 -1.85 -62.91 -41.85
CA ASP D 383 -1.29 -62.47 -43.12
C ASP D 383 -2.35 -61.79 -43.96
N ILE D 384 -2.04 -60.57 -44.42
CA ILE D 384 -2.88 -59.84 -45.36
C ILE D 384 -2.00 -59.31 -46.47
N ASN D 385 -2.59 -59.08 -47.63
CA ASN D 385 -1.92 -58.35 -48.70
C ASN D 385 -1.95 -56.87 -48.36
N GLU D 386 -0.80 -56.35 -47.90
CA GLU D 386 -0.76 -54.98 -47.37
C GLU D 386 -1.14 -53.95 -48.42
N GLU D 387 -0.68 -54.13 -49.65
CA GLU D 387 -0.99 -53.15 -50.70
C GLU D 387 -2.47 -53.12 -51.00
N THR D 388 -3.08 -54.29 -51.18
CA THR D 388 -4.51 -54.36 -51.47
C THR D 388 -5.34 -53.82 -50.30
N PHE D 389 -4.96 -54.18 -49.08
CA PHE D 389 -5.63 -53.66 -47.91
C PHE D 389 -5.51 -52.14 -47.84
N ASN D 390 -4.35 -51.62 -48.22
CA ASN D 390 -4.19 -50.17 -48.27
C ASN D 390 -5.13 -49.55 -49.30
N GLU D 391 -5.39 -50.26 -50.41
CA GLU D 391 -6.34 -49.76 -51.39
C GLU D 391 -7.75 -49.68 -50.80
N ALA D 392 -8.19 -50.75 -50.12
CA ALA D 392 -9.49 -50.71 -49.46
C ALA D 392 -9.54 -49.60 -48.42
N TYR D 393 -8.43 -49.39 -47.71
CA TYR D 393 -8.37 -48.37 -46.67
C TYR D 393 -8.51 -46.97 -47.25
N MET D 394 -7.79 -46.68 -48.34
CA MET D 394 -7.87 -45.34 -48.93
C MET D 394 -9.20 -45.13 -49.64
N MET D 395 -9.86 -46.21 -50.07
CA MET D 395 -11.16 -46.04 -50.70
C MET D 395 -12.22 -45.51 -49.74
N HIS D 396 -11.98 -45.53 -48.44
CA HIS D 396 -12.96 -45.09 -47.47
C HIS D 396 -12.48 -43.99 -46.55
N THR D 397 -11.22 -43.57 -46.67
CA THR D 397 -10.66 -42.52 -45.83
C THR D 397 -10.62 -41.21 -46.62
N SER D 398 -11.02 -40.13 -45.97
CA SER D 398 -10.96 -38.83 -46.60
C SER D 398 -9.52 -38.43 -46.88
N THR D 399 -9.33 -37.69 -47.98
CA THR D 399 -8.02 -37.14 -48.29
C THR D 399 -7.61 -36.02 -47.35
N SER D 400 -8.52 -35.55 -46.50
CA SER D 400 -8.22 -34.49 -45.54
CA SER D 400 -8.21 -34.49 -45.54
C SER D 400 -8.66 -34.94 -44.15
N PRO D 401 -7.94 -35.90 -43.56
CA PRO D 401 -8.32 -36.39 -42.23
C PRO D 401 -8.17 -35.32 -41.16
N HIS D 402 -9.05 -35.39 -40.18
CA HIS D 402 -9.04 -34.49 -39.04
C HIS D 402 -7.92 -34.91 -38.10
N TYR D 403 -6.87 -34.08 -37.98
CA TYR D 403 -5.70 -34.46 -37.20
C TYR D 403 -6.01 -34.57 -35.71
N GLY D 404 -7.00 -33.83 -35.22
CA GLY D 404 -7.39 -33.97 -33.83
C GLY D 404 -7.94 -35.36 -33.52
N ILE D 405 -8.75 -35.89 -34.43
CA ILE D 405 -9.31 -37.23 -34.27
C ILE D 405 -8.20 -38.27 -34.24
N VAL D 406 -7.25 -38.16 -35.17
CA VAL D 406 -6.12 -39.08 -35.25
C VAL D 406 -5.29 -39.02 -33.98
N ALA D 407 -5.00 -37.80 -33.53
CA ALA D 407 -4.22 -37.60 -32.31
C ALA D 407 -4.95 -38.17 -31.11
N SER D 408 -6.28 -38.03 -31.07
CA SER D 408 -7.07 -38.59 -29.97
C SER D 408 -6.98 -40.11 -29.96
N THR D 409 -6.98 -40.74 -31.13
CA THR D 409 -6.79 -42.18 -31.19
C THR D 409 -5.43 -42.58 -30.59
N GLU D 410 -4.38 -41.91 -31.03
CA GLU D 410 -3.03 -42.20 -30.50
C GLU D 410 -2.96 -41.95 -29.00
N THR D 411 -3.58 -40.86 -28.54
CA THR D 411 -3.55 -40.49 -27.13
C THR D 411 -4.34 -41.48 -26.28
N ALA D 412 -5.44 -42.03 -26.79
CA ALA D 412 -6.12 -43.09 -26.06
C ALA D 412 -5.21 -44.30 -25.89
N ALA D 413 -4.50 -44.67 -26.96
CA ALA D 413 -3.51 -45.74 -26.84
C ALA D 413 -2.48 -45.41 -25.76
N ALA D 414 -2.00 -44.17 -25.73
CA ALA D 414 -0.97 -43.78 -24.75
C ALA D 414 -1.53 -43.76 -23.32
N MET D 415 -2.78 -43.33 -23.15
CA MET D 415 -3.40 -43.36 -21.83
C MET D 415 -3.52 -44.78 -21.33
N MET D 416 -3.61 -45.74 -22.25
CA MET D 416 -3.82 -47.11 -21.83
C MET D 416 -2.57 -47.72 -21.17
N LYS D 417 -1.43 -47.05 -21.24
CA LYS D 417 -0.13 -47.65 -20.93
C LYS D 417 0.33 -47.34 -19.50
N GLY D 418 1.14 -48.25 -18.96
CA GLY D 418 1.80 -48.01 -17.69
C GLY D 418 0.92 -48.28 -16.47
N ASN D 419 1.51 -47.98 -15.31
CA ASN D 419 0.80 -48.16 -14.05
C ASN D 419 -0.42 -47.24 -13.98
N ALA D 420 -0.29 -46.02 -14.49
CA ALA D 420 -1.43 -45.10 -14.50
C ALA D 420 -2.60 -45.65 -15.31
N GLY D 421 -2.32 -46.18 -16.50
CA GLY D 421 -3.39 -46.75 -17.31
C GLY D 421 -3.97 -48.02 -16.69
N LYS D 422 -3.11 -48.87 -16.13
CA LYS D 422 -3.61 -50.07 -15.46
C LYS D 422 -4.53 -49.69 -14.30
N ARG D 423 -4.13 -48.67 -13.54
CA ARG D 423 -4.98 -48.17 -12.46
C ARG D 423 -6.30 -47.63 -13.00
N LEU D 424 -6.26 -46.95 -14.14
CA LEU D 424 -7.51 -46.42 -14.72
C LEU D 424 -8.49 -47.54 -15.04
N ILE D 425 -8.04 -48.58 -15.76
CA ILE D 425 -8.93 -49.70 -16.10
C ILE D 425 -9.40 -50.43 -14.85
N ASN D 426 -8.46 -50.76 -13.96
CA ASN D 426 -8.83 -51.51 -12.76
C ASN D 426 -9.79 -50.71 -11.89
N GLY D 427 -9.58 -49.40 -11.78
CA GLY D 427 -10.49 -48.58 -11.01
C GLY D 427 -11.87 -48.52 -11.62
N SER D 428 -11.95 -48.46 -12.96
CA SER D 428 -13.26 -48.50 -13.60
C SER D 428 -13.98 -49.82 -13.31
N ILE D 429 -13.26 -50.94 -13.38
CA ILE D 429 -13.88 -52.24 -13.11
C ILE D 429 -14.33 -52.34 -11.65
N GLU D 430 -13.49 -51.91 -10.72
CA GLU D 430 -13.85 -51.95 -9.30
C GLU D 430 -15.01 -51.02 -8.98
N ARG D 431 -15.04 -49.84 -9.59
CA ARG D 431 -16.14 -48.91 -9.39
C ARG D 431 -17.46 -49.51 -9.89
N ALA D 432 -17.43 -50.15 -11.05
CA ALA D 432 -18.64 -50.81 -11.56
C ALA D 432 -19.10 -51.92 -10.62
N ILE D 433 -18.17 -52.72 -10.12
CA ILE D 433 -18.54 -53.82 -9.23
C ILE D 433 -19.10 -53.29 -7.92
N ARG D 434 -18.50 -52.23 -7.38
CA ARG D 434 -19.02 -51.61 -6.16
C ARG D 434 -20.44 -51.09 -6.37
N PHE D 435 -20.69 -50.48 -7.52
CA PHE D 435 -22.05 -50.00 -7.83
C PHE D 435 -23.03 -51.17 -7.92
N ARG D 436 -22.61 -52.28 -8.54
CA ARG D 436 -23.49 -53.44 -8.66
C ARG D 436 -23.85 -53.99 -7.28
N LYS D 437 -22.85 -54.14 -6.42
CA LYS D 437 -23.10 -54.63 -5.06
C LYS D 437 -24.01 -53.69 -4.30
N GLU D 438 -23.82 -52.37 -4.47
CA GLU D 438 -24.66 -51.41 -3.79
C GLU D 438 -26.10 -51.47 -4.29
N ILE D 439 -26.30 -51.68 -5.58
CA ILE D 439 -27.66 -51.83 -6.10
C ILE D 439 -28.32 -53.03 -5.45
N LYS D 440 -27.60 -54.16 -5.36
CA LYS D 440 -28.15 -55.34 -4.70
C LYS D 440 -28.50 -55.05 -3.24
N ARG D 441 -27.60 -54.36 -2.53
CA ARG D 441 -27.81 -54.07 -1.12
C ARG D 441 -29.04 -53.17 -0.93
N LEU D 442 -29.19 -52.15 -1.76
CA LEU D 442 -30.36 -51.27 -1.68
C LEU D 442 -31.63 -52.04 -2.00
N ASN D 443 -31.58 -52.93 -2.99
CA ASN D 443 -32.75 -53.74 -3.31
C ASN D 443 -33.17 -54.59 -2.12
N SER D 444 -32.19 -55.18 -1.42
CA SER D 444 -32.51 -55.94 -0.22
C SER D 444 -33.04 -55.05 0.90
N GLU D 445 -32.55 -53.82 0.99
CA GLU D 445 -32.98 -52.93 2.08
C GLU D 445 -34.39 -52.40 1.86
N SER D 446 -34.78 -52.17 0.62
CA SER D 446 -36.07 -51.56 0.33
C SER D 446 -37.21 -52.50 0.74
N GLU D 447 -38.21 -51.95 1.43
CA GLU D 447 -39.35 -52.76 1.84
C GLU D 447 -40.23 -53.13 0.65
N GLY D 448 -40.39 -52.21 -0.28
CA GLY D 448 -41.13 -52.45 -1.51
C GLY D 448 -40.21 -52.67 -2.69
N TRP D 449 -40.71 -52.29 -3.87
CA TRP D 449 -39.97 -52.48 -5.11
C TRP D 449 -38.71 -51.61 -5.13
N PHE D 450 -37.66 -52.15 -5.75
CA PHE D 450 -36.47 -51.35 -6.02
C PHE D 450 -35.83 -51.86 -7.32
N PHE D 451 -34.97 -51.03 -7.88
CA PHE D 451 -34.23 -51.41 -9.07
C PHE D 451 -33.37 -52.63 -8.80
N ASP D 452 -33.26 -53.49 -9.79
CA ASP D 452 -32.42 -54.67 -9.73
C ASP D 452 -31.38 -54.61 -10.85
N VAL D 453 -30.26 -55.28 -10.64
CA VAL D 453 -29.17 -55.31 -11.60
C VAL D 453 -29.08 -56.71 -12.18
N TRP D 454 -29.00 -56.79 -13.50
CA TRP D 454 -28.96 -58.05 -14.24
C TRP D 454 -27.56 -58.63 -14.11
N GLN D 455 -27.39 -59.59 -13.21
CA GLN D 455 -26.07 -60.14 -12.88
C GLN D 455 -26.22 -61.42 -12.07
N PRO D 456 -25.15 -62.19 -11.88
CA PRO D 456 -25.23 -63.36 -10.98
C PRO D 456 -25.39 -62.94 -9.53
N GLU D 457 -25.83 -63.90 -8.71
CA GLU D 457 -26.18 -63.60 -7.33
C GLU D 457 -24.97 -63.19 -6.50
N GLY D 458 -23.90 -63.97 -6.54
CA GLY D 458 -22.85 -63.81 -5.56
C GLY D 458 -21.55 -63.20 -6.05
N ILE D 459 -21.62 -62.11 -6.83
CA ILE D 459 -20.41 -61.52 -7.39
C ILE D 459 -19.54 -60.98 -6.27
N ASP D 460 -18.28 -61.42 -6.25
CA ASP D 460 -17.32 -60.93 -5.27
C ASP D 460 -16.13 -60.27 -5.94
N GLU D 461 -15.38 -60.98 -6.77
CA GLU D 461 -14.12 -60.49 -7.31
C GLU D 461 -14.31 -59.95 -8.72
N ALA D 462 -13.30 -59.22 -9.17
CA ALA D 462 -13.34 -58.64 -10.51
C ALA D 462 -13.03 -59.73 -11.54
N LYS D 463 -14.02 -60.04 -12.37
CA LYS D 463 -13.89 -61.01 -13.44
C LYS D 463 -15.13 -60.92 -14.32
N CYS D 464 -15.06 -61.53 -15.49
CA CYS D 464 -16.21 -61.68 -16.36
C CYS D 464 -17.00 -62.90 -15.91
N TRP D 465 -18.25 -62.69 -15.54
CA TRP D 465 -19.04 -63.75 -14.92
C TRP D 465 -19.59 -64.69 -15.98
N PRO D 466 -19.27 -65.98 -15.94
CA PRO D 466 -19.80 -66.91 -16.95
C PRO D 466 -21.31 -67.03 -16.85
N LEU D 467 -21.94 -67.31 -17.99
CA LEU D 467 -23.37 -67.56 -18.07
C LEU D 467 -23.57 -69.08 -18.06
N ASP D 468 -24.09 -69.60 -16.96
CA ASP D 468 -24.23 -71.04 -16.77
C ASP D 468 -25.67 -71.48 -16.95
N SER D 469 -25.85 -72.72 -17.40
CA SER D 469 -27.19 -73.26 -17.59
C SER D 469 -27.93 -73.39 -16.27
N LYS D 470 -27.23 -73.74 -15.19
CA LYS D 470 -27.89 -73.91 -13.90
C LYS D 470 -28.46 -72.58 -13.39
N ASP D 471 -27.72 -71.49 -13.55
CA ASP D 471 -28.17 -70.19 -13.09
C ASP D 471 -29.21 -69.62 -14.06
N ASN D 472 -30.23 -68.97 -13.49
CA ASN D 472 -31.32 -68.41 -14.28
C ASN D 472 -31.35 -66.89 -14.25
N TRP D 473 -30.32 -66.24 -13.71
CA TRP D 473 -30.31 -64.78 -13.68
C TRP D 473 -30.28 -64.20 -15.09
N HIS D 474 -29.56 -64.86 -16.01
CA HIS D 474 -29.42 -64.31 -17.35
C HIS D 474 -30.69 -64.47 -18.19
N GLY D 475 -31.53 -65.44 -17.88
CA GLY D 475 -32.78 -65.60 -18.58
C GLY D 475 -32.69 -66.22 -19.95
N PHE D 476 -31.55 -66.78 -20.32
CA PHE D 476 -31.37 -67.46 -21.60
C PHE D 476 -31.58 -68.95 -21.40
N LYS D 477 -32.55 -69.51 -22.11
CA LYS D 477 -32.84 -70.93 -21.98
C LYS D 477 -31.76 -71.77 -22.66
N ASP D 478 -31.44 -72.89 -22.02
CA ASP D 478 -30.49 -73.90 -22.52
C ASP D 478 -29.26 -73.27 -23.15
N ILE D 479 -28.52 -72.54 -22.34
CA ILE D 479 -27.30 -71.88 -22.78
C ILE D 479 -26.14 -72.86 -22.68
N ASP D 480 -25.21 -72.72 -23.62
CA ASP D 480 -23.99 -73.52 -23.58
C ASP D 480 -23.07 -73.03 -22.45
N ASN D 481 -22.23 -73.93 -21.98
CA ASN D 481 -21.29 -73.61 -20.92
C ASN D 481 -19.98 -73.08 -21.48
N ASP D 482 -19.32 -72.23 -20.70
CA ASP D 482 -18.03 -71.64 -21.06
C ASP D 482 -18.09 -70.93 -22.40
N HIS D 483 -19.24 -70.33 -22.71
CA HIS D 483 -19.48 -69.69 -23.99
C HIS D 483 -19.63 -68.19 -23.84
N MET D 484 -20.57 -67.72 -23.04
CA MET D 484 -20.80 -66.30 -22.85
C MET D 484 -20.47 -65.85 -21.44
N TYR D 485 -19.97 -64.62 -21.35
CA TYR D 485 -19.55 -64.02 -20.10
C TYR D 485 -20.09 -62.60 -20.03
N LEU D 486 -20.30 -62.11 -18.82
CA LEU D 486 -20.81 -60.76 -18.63
C LEU D 486 -19.67 -59.80 -18.30
N ASP D 487 -19.63 -58.70 -19.03
CA ASP D 487 -18.64 -57.65 -18.78
C ASP D 487 -19.09 -56.81 -17.60
N PRO D 488 -18.31 -56.71 -16.52
CA PRO D 488 -18.74 -55.91 -15.36
C PRO D 488 -18.97 -54.45 -15.69
N ILE D 489 -18.32 -53.93 -16.74
CA ILE D 489 -18.40 -52.52 -17.09
C ILE D 489 -19.82 -52.14 -17.55
N LYS D 490 -20.51 -53.06 -18.23
CA LYS D 490 -21.84 -52.77 -18.78
C LYS D 490 -22.90 -53.11 -17.74
N VAL D 491 -23.44 -52.11 -17.05
CA VAL D 491 -24.35 -52.34 -15.93
C VAL D 491 -25.78 -52.18 -16.45
N THR D 492 -26.55 -53.27 -16.39
CA THR D 492 -27.95 -53.24 -16.81
C THR D 492 -28.84 -53.25 -15.56
N LEU D 493 -29.58 -52.17 -15.37
CA LEU D 493 -30.57 -52.08 -14.30
C LEU D 493 -31.92 -52.53 -14.83
N LEU D 494 -32.64 -53.29 -14.01
CA LEU D 494 -33.96 -53.80 -14.37
C LEU D 494 -35.02 -53.13 -13.50
N THR D 495 -36.07 -52.64 -14.14
CA THR D 495 -37.24 -52.13 -13.45
C THR D 495 -38.25 -53.24 -13.23
N PRO D 496 -39.09 -53.13 -12.21
CA PRO D 496 -40.15 -54.14 -12.01
C PRO D 496 -41.14 -54.15 -13.16
N GLY D 497 -41.69 -55.34 -13.43
CA GLY D 497 -42.62 -55.52 -14.52
C GLY D 497 -42.47 -56.86 -15.20
N MET D 498 -41.43 -57.59 -14.82
CA MET D 498 -41.12 -58.88 -15.40
C MET D 498 -40.86 -59.88 -14.29
N GLN D 499 -41.31 -61.11 -14.49
CA GLN D 499 -41.14 -62.17 -13.51
C GLN D 499 -39.91 -63.00 -13.81
N LYS D 500 -39.53 -63.84 -12.84
CA LYS D 500 -38.32 -64.64 -12.95
C LYS D 500 -38.45 -65.79 -13.94
N ASP D 501 -39.66 -66.13 -14.36
CA ASP D 501 -39.89 -67.22 -15.31
C ASP D 501 -40.09 -66.72 -16.73
N GLY D 502 -39.83 -65.44 -16.99
CA GLY D 502 -40.00 -64.88 -18.31
C GLY D 502 -41.38 -64.37 -18.63
N SER D 503 -42.31 -64.42 -17.68
CA SER D 503 -43.66 -63.94 -17.87
C SER D 503 -43.81 -62.52 -17.33
N MET D 504 -44.77 -61.79 -17.88
CA MET D 504 -45.01 -60.42 -17.48
C MET D 504 -45.66 -60.39 -16.09
N ALA D 505 -45.67 -59.21 -15.49
CA ALA D 505 -46.23 -59.01 -14.16
C ALA D 505 -47.38 -58.02 -14.22
N ASP D 506 -48.29 -58.14 -13.24
CA ASP D 506 -49.47 -57.28 -13.22
C ASP D 506 -49.08 -55.81 -13.06
N THR D 507 -48.11 -55.52 -12.21
CA THR D 507 -47.62 -54.17 -11.99
C THR D 507 -46.20 -54.04 -12.54
N GLY D 508 -45.90 -52.89 -13.12
CA GLY D 508 -44.58 -52.66 -13.65
C GLY D 508 -44.30 -51.23 -14.05
N ILE D 509 -43.04 -50.82 -14.00
CA ILE D 509 -42.64 -49.45 -14.33
C ILE D 509 -41.77 -49.48 -15.58
N PRO D 510 -42.27 -49.00 -16.71
CA PRO D 510 -41.46 -49.00 -17.94
C PRO D 510 -40.21 -48.14 -17.79
N ALA D 511 -39.09 -48.67 -18.28
CA ALA D 511 -37.80 -48.00 -18.09
C ALA D 511 -37.71 -46.68 -18.84
N SER D 512 -38.59 -46.44 -19.80
CA SER D 512 -38.59 -45.16 -20.50
C SER D 512 -38.93 -44.02 -19.55
N ILE D 513 -39.85 -44.26 -18.62
CA ILE D 513 -40.22 -43.23 -17.64
C ILE D 513 -39.02 -42.90 -16.75
N VAL D 514 -38.32 -43.93 -16.27
CA VAL D 514 -37.15 -43.71 -15.43
C VAL D 514 -36.08 -42.97 -16.22
N SER D 515 -35.90 -43.33 -17.49
CA SER D 515 -34.91 -42.65 -18.33
C SER D 515 -35.25 -41.18 -18.50
N LYS D 516 -36.52 -40.87 -18.74
CA LYS D 516 -36.93 -39.47 -18.84
C LYS D 516 -36.68 -38.73 -17.54
N TYR D 517 -36.98 -39.38 -16.40
CA TYR D 517 -36.73 -38.75 -15.11
C TYR D 517 -35.24 -38.47 -14.92
N LEU D 518 -34.39 -39.45 -15.23
CA LEU D 518 -32.95 -39.26 -15.06
C LEU D 518 -32.44 -38.16 -15.97
N ASP D 519 -32.96 -38.09 -17.20
CA ASP D 519 -32.58 -37.01 -18.10
C ASP D 519 -32.99 -35.66 -17.54
N GLU D 520 -34.18 -35.59 -16.93
CA GLU D 520 -34.61 -34.33 -16.33
C GLU D 520 -33.68 -33.89 -15.21
N HIS D 521 -33.05 -34.85 -14.52
CA HIS D 521 -32.11 -34.54 -13.45
C HIS D 521 -30.65 -34.71 -13.89
N GLY D 522 -30.36 -34.42 -15.15
CA GLY D 522 -28.98 -34.31 -15.59
C GLY D 522 -28.20 -35.60 -15.70
N ILE D 523 -28.88 -36.73 -15.89
CA ILE D 523 -28.23 -38.03 -16.04
C ILE D 523 -28.72 -38.65 -17.34
N ILE D 524 -27.79 -38.85 -18.28
CA ILE D 524 -28.09 -39.42 -19.59
C ILE D 524 -27.71 -40.90 -19.56
N VAL D 525 -28.69 -41.77 -19.80
CA VAL D 525 -28.41 -43.19 -19.91
C VAL D 525 -27.99 -43.52 -21.34
N GLU D 526 -27.37 -44.68 -21.50
CA GLU D 526 -26.90 -45.10 -22.82
C GLU D 526 -28.03 -45.72 -23.65
N LYS D 527 -28.75 -46.67 -23.08
CA LYS D 527 -29.81 -47.38 -23.79
C LYS D 527 -30.94 -47.69 -22.83
N THR D 528 -32.18 -47.56 -23.31
CA THR D 528 -33.37 -47.87 -22.52
C THR D 528 -34.23 -48.86 -23.27
N GLY D 529 -34.30 -50.09 -22.77
CA GLY D 529 -35.24 -51.08 -23.27
C GLY D 529 -36.57 -50.95 -22.56
N PRO D 530 -37.47 -51.91 -22.80
CA PRO D 530 -38.80 -51.83 -22.15
C PRO D 530 -38.74 -51.84 -20.62
N TYR D 531 -37.88 -52.67 -20.03
CA TYR D 531 -37.76 -52.71 -18.58
C TYR D 531 -36.29 -52.80 -18.14
N ASN D 532 -35.37 -52.33 -18.96
CA ASN D 532 -33.96 -52.33 -18.63
C ASN D 532 -33.33 -51.03 -19.10
N MET D 533 -32.33 -50.59 -18.34
CA MET D 533 -31.53 -49.42 -18.66
C MET D 533 -30.07 -49.83 -18.63
N LEU D 534 -29.29 -49.28 -19.55
CA LEU D 534 -27.87 -49.62 -19.65
C LEU D 534 -27.03 -48.41 -19.25
N PHE D 535 -26.09 -48.64 -18.35
CA PHE D 535 -25.16 -47.62 -17.88
C PHE D 535 -23.74 -48.12 -18.17
N LEU D 536 -22.97 -47.30 -18.88
CA LEU D 536 -21.58 -47.62 -19.19
C LEU D 536 -20.70 -47.05 -18.08
N PHE D 537 -20.07 -47.95 -17.32
CA PHE D 537 -19.15 -47.52 -16.25
C PHE D 537 -17.72 -47.47 -16.80
N SER D 538 -17.53 -46.56 -17.75
CA SER D 538 -16.26 -46.43 -18.44
C SER D 538 -15.23 -45.75 -17.54
N ILE D 539 -14.04 -45.52 -18.10
CA ILE D 539 -12.99 -44.80 -17.40
C ILE D 539 -13.34 -43.33 -17.18
N GLY D 540 -14.39 -42.83 -17.83
CA GLY D 540 -14.87 -41.49 -17.59
C GLY D 540 -15.87 -41.36 -16.45
N ILE D 541 -16.22 -42.46 -15.80
CA ILE D 541 -17.15 -42.44 -14.67
C ILE D 541 -16.34 -42.42 -13.40
N ASP D 542 -16.58 -41.43 -12.54
CA ASP D 542 -15.92 -41.31 -11.26
C ASP D 542 -16.93 -41.58 -10.15
N LYS D 543 -16.43 -41.54 -8.90
CA LYS D 543 -17.29 -41.83 -7.76
C LYS D 543 -18.41 -40.79 -7.62
N THR D 544 -18.12 -39.53 -7.95
CA THR D 544 -19.12 -38.47 -7.88
C THR D 544 -20.34 -38.83 -8.73
N LYS D 545 -20.11 -39.24 -9.97
CA LYS D 545 -21.20 -39.57 -10.87
C LYS D 545 -21.97 -40.80 -10.40
N ALA D 546 -21.27 -41.81 -9.89
CA ALA D 546 -21.94 -43.00 -9.40
C ALA D 546 -22.85 -42.69 -8.22
N LEU D 547 -22.35 -41.88 -7.27
CA LEU D 547 -23.18 -41.48 -6.14
C LEU D 547 -24.36 -40.63 -6.60
N SER D 548 -24.12 -39.76 -7.60
CA SER D 548 -25.22 -38.97 -8.16
C SER D 548 -26.30 -39.86 -8.76
N LEU D 549 -25.89 -40.93 -9.46
CA LEU D 549 -26.84 -41.86 -10.05
C LEU D 549 -27.63 -42.59 -8.97
N LEU D 550 -26.97 -43.01 -7.89
CA LEU D 550 -27.68 -43.63 -6.78
C LEU D 550 -28.72 -42.68 -6.20
N ARG D 551 -28.33 -41.42 -5.99
CA ARG D 551 -29.25 -40.42 -5.46
C ARG D 551 -30.44 -40.21 -6.40
N ALA D 552 -30.18 -40.16 -7.71
CA ALA D 552 -31.27 -39.96 -8.67
C ALA D 552 -32.23 -41.14 -8.68
N LEU D 553 -31.72 -42.37 -8.62
CA LEU D 553 -32.59 -43.53 -8.60
C LEU D 553 -33.45 -43.54 -7.34
N THR D 554 -32.84 -43.26 -6.19
CA THR D 554 -33.60 -43.20 -4.95
C THR D 554 -34.66 -42.10 -5.00
N ASP D 555 -34.31 -40.95 -5.58
CA ASP D 555 -35.26 -39.86 -5.71
C ASP D 555 -36.43 -40.26 -6.62
N PHE D 556 -36.14 -40.98 -7.70
CA PHE D 556 -37.24 -41.46 -8.55
C PHE D 556 -38.15 -42.40 -7.77
N LYS D 557 -37.57 -43.31 -6.98
CA LYS D 557 -38.40 -44.23 -6.22
C LYS D 557 -39.29 -43.48 -5.24
N ARG D 558 -38.73 -42.49 -4.54
CA ARG D 558 -39.51 -41.72 -3.59
C ARG D 558 -40.64 -40.96 -4.28
N SER D 559 -40.32 -40.31 -5.41
CA SER D 559 -41.35 -39.56 -6.13
C SER D 559 -42.45 -40.48 -6.66
N TYR D 560 -42.07 -41.65 -7.16
CA TYR D 560 -43.07 -42.58 -7.69
C TYR D 560 -43.95 -43.14 -6.59
N ASP D 561 -43.36 -43.49 -5.45
CA ASP D 561 -44.16 -43.97 -4.33
C ASP D 561 -45.08 -42.89 -3.78
N LEU D 562 -44.78 -41.62 -4.03
CA LEU D 562 -45.62 -40.51 -3.62
C LEU D 562 -46.66 -40.14 -4.67
N ASN D 563 -46.64 -40.79 -5.84
CA ASN D 563 -47.67 -40.59 -6.87
C ASN D 563 -47.75 -39.14 -7.31
N LEU D 564 -46.59 -38.56 -7.62
CA LEU D 564 -46.55 -37.17 -8.05
C LEU D 564 -47.23 -37.00 -9.41
N ARG D 565 -47.54 -35.76 -9.73
CA ARG D 565 -48.11 -35.42 -11.02
C ARG D 565 -47.01 -35.43 -12.09
N VAL D 566 -47.42 -35.78 -13.31
CA VAL D 566 -46.48 -35.79 -14.43
C VAL D 566 -45.98 -34.38 -14.72
N LYS D 567 -46.84 -33.38 -14.55
CA LYS D 567 -46.43 -32.00 -14.78
C LYS D 567 -45.25 -31.60 -13.91
N ASN D 568 -45.12 -32.19 -12.72
CA ASN D 568 -44.03 -31.86 -11.81
C ASN D 568 -42.85 -32.81 -11.98
N MET D 569 -43.12 -34.11 -12.00
CA MET D 569 -42.04 -35.10 -12.08
C MET D 569 -41.33 -35.04 -13.43
N LEU D 570 -42.08 -34.87 -14.52
CA LEU D 570 -41.53 -34.88 -15.87
C LEU D 570 -42.00 -33.65 -16.64
N PRO D 571 -41.41 -32.48 -16.36
CA PRO D 571 -41.85 -31.26 -17.04
C PRO D 571 -41.74 -31.30 -18.56
N SER D 572 -40.69 -31.91 -19.11
CA SER D 572 -40.54 -31.97 -20.56
C SER D 572 -41.63 -32.83 -21.19
N LEU D 573 -41.97 -33.95 -20.54
CA LEU D 573 -43.04 -34.79 -21.03
C LEU D 573 -44.37 -34.04 -21.03
N TYR D 574 -44.62 -33.26 -19.98
CA TYR D 574 -45.82 -32.42 -19.94
C TYR D 574 -45.81 -31.39 -21.06
N ARG D 575 -44.65 -30.75 -21.30
CA ARG D 575 -44.56 -29.78 -22.38
C ARG D 575 -44.74 -30.41 -23.74
N GLU D 576 -44.56 -31.72 -23.86
CA GLU D 576 -44.85 -32.39 -25.12
C GLU D 576 -46.33 -32.28 -25.48
N ASP D 577 -47.22 -32.46 -24.50
CA ASP D 577 -48.64 -32.34 -24.71
C ASP D 577 -49.34 -32.04 -23.40
N PRO D 578 -49.48 -30.77 -23.02
CA PRO D 578 -50.04 -30.44 -21.69
C PRO D 578 -51.44 -30.99 -21.47
N GLU D 579 -52.26 -31.04 -22.52
CA GLU D 579 -53.63 -31.51 -22.35
C GLU D 579 -53.68 -32.97 -21.94
N PHE D 580 -52.85 -33.80 -22.59
CA PHE D 580 -52.85 -35.24 -22.28
C PHE D 580 -52.35 -35.50 -20.86
N TYR D 581 -51.30 -34.81 -20.44
CA TYR D 581 -50.70 -35.01 -19.12
C TYR D 581 -51.12 -33.92 -18.13
N GLU D 582 -52.33 -33.37 -18.29
CA GLU D 582 -52.73 -32.24 -17.46
C GLU D 582 -52.82 -32.63 -15.99
N ASN D 583 -53.37 -33.81 -15.69
CA ASN D 583 -53.63 -34.19 -14.32
C ASN D 583 -53.19 -35.60 -13.95
N MET D 584 -52.81 -36.44 -14.92
CA MET D 584 -52.49 -37.83 -14.59
C MET D 584 -51.24 -37.90 -13.74
N ARG D 585 -51.24 -38.84 -12.80
CA ARG D 585 -50.11 -39.05 -11.92
C ARG D 585 -49.06 -39.94 -12.60
N ILE D 586 -47.89 -40.04 -11.96
CA ILE D 586 -46.81 -40.83 -12.55
C ILE D 586 -47.14 -42.32 -12.49
N GLN D 587 -47.73 -42.78 -11.38
CA GLN D 587 -48.12 -44.18 -11.29
C GLN D 587 -49.12 -44.53 -12.37
N GLU D 588 -50.04 -43.61 -12.68
CA GLU D 588 -51.03 -43.87 -13.72
C GLU D 588 -50.37 -44.03 -15.09
N LEU D 589 -49.43 -43.15 -15.43
CA LEU D 589 -48.73 -43.29 -16.71
C LEU D 589 -47.95 -44.59 -16.77
N ALA D 590 -47.24 -44.93 -15.68
CA ALA D 590 -46.48 -46.17 -15.65
C ALA D 590 -47.40 -47.37 -15.85
N GLN D 591 -48.53 -47.40 -15.13
CA GLN D 591 -49.46 -48.51 -15.26
C GLN D 591 -50.11 -48.56 -16.63
N GLY D 592 -50.39 -47.41 -17.24
CA GLY D 592 -50.96 -47.42 -18.57
C GLY D 592 -50.02 -48.01 -19.60
N ILE D 593 -48.76 -47.59 -19.56
CA ILE D 593 -47.79 -48.16 -20.50
C ILE D 593 -47.57 -49.64 -20.21
N HIS D 594 -47.51 -50.01 -18.93
CA HIS D 594 -47.36 -51.42 -18.57
C HIS D 594 -48.53 -52.24 -19.09
N ALA D 595 -49.75 -51.71 -18.96
CA ALA D 595 -50.93 -52.43 -19.42
C ALA D 595 -50.94 -52.57 -20.93
N LEU D 596 -50.51 -51.53 -21.64
CA LEU D 596 -50.39 -51.64 -23.10
C LEU D 596 -49.40 -52.72 -23.48
N ILE D 597 -48.24 -52.75 -22.82
CA ILE D 597 -47.24 -53.77 -23.09
C ILE D 597 -47.80 -55.16 -22.82
N GLN D 598 -48.49 -55.32 -21.69
CA GLN D 598 -49.05 -56.61 -21.33
C GLN D 598 -50.11 -57.08 -22.32
N HIS D 599 -51.06 -56.20 -22.63
CA HIS D 599 -52.16 -56.56 -23.52
C HIS D 599 -51.66 -56.88 -24.91
N HIS D 600 -50.74 -56.08 -25.43
CA HIS D 600 -50.14 -56.40 -26.72
C HIS D 600 -49.14 -57.54 -26.64
N ASN D 601 -48.79 -57.99 -25.42
CA ASN D 601 -47.82 -59.07 -25.21
C ASN D 601 -46.49 -58.77 -25.88
N LEU D 602 -45.89 -57.64 -25.54
CA LEU D 602 -44.65 -57.18 -26.15
C LEU D 602 -43.51 -58.18 -26.02
N PRO D 603 -43.21 -58.74 -24.83
CA PRO D 603 -42.07 -59.65 -24.72
C PRO D 603 -42.20 -60.88 -25.60
N ASP D 604 -43.34 -61.57 -25.51
CA ASP D 604 -43.53 -62.80 -26.26
C ASP D 604 -43.51 -62.54 -27.76
N LEU D 605 -44.21 -61.49 -28.20
CA LEU D 605 -44.25 -61.14 -29.62
C LEU D 605 -42.87 -60.79 -30.14
N MET D 606 -42.12 -59.98 -29.39
CA MET D 606 -40.77 -59.62 -29.79
C MET D 606 -39.87 -60.83 -29.91
N TYR D 607 -39.93 -61.72 -28.90
CA TYR D 607 -39.10 -62.91 -28.92
C TYR D 607 -39.44 -63.82 -30.09
N ARG D 608 -40.74 -64.00 -30.36
CA ARG D 608 -41.14 -64.85 -31.49
C ARG D 608 -40.77 -64.22 -32.82
N ALA D 609 -40.88 -62.90 -32.93
CA ALA D 609 -40.52 -62.23 -34.16
C ALA D 609 -39.03 -62.38 -34.46
N PHE D 610 -38.19 -62.23 -33.44
CA PHE D 610 -36.76 -62.35 -33.66
C PHE D 610 -36.26 -63.79 -33.63
N GLU D 611 -37.12 -64.74 -33.26
CA GLU D 611 -36.74 -66.15 -33.34
C GLU D 611 -36.75 -66.66 -34.79
N VAL D 612 -37.72 -66.24 -35.58
CA VAL D 612 -37.88 -66.71 -36.96
C VAL D 612 -37.28 -65.68 -37.92
N LEU D 613 -36.68 -66.17 -38.99
CA LEU D 613 -36.01 -65.31 -39.95
C LEU D 613 -36.82 -65.17 -41.21
N PRO D 614 -37.01 -63.95 -41.72
CA PRO D 614 -37.67 -63.78 -43.01
C PRO D 614 -36.86 -64.43 -44.13
N THR D 615 -37.56 -64.89 -45.15
CA THR D 615 -36.89 -65.50 -46.29
C THR D 615 -36.11 -64.46 -47.08
N MET D 616 -34.99 -64.87 -47.62
CA MET D 616 -34.15 -64.01 -48.45
C MET D 616 -34.44 -64.34 -49.91
N VAL D 617 -35.27 -63.53 -50.55
CA VAL D 617 -35.50 -63.68 -51.99
C VAL D 617 -34.26 -63.26 -52.77
N MET D 618 -33.60 -62.18 -52.34
CA MET D 618 -32.42 -61.66 -53.00
C MET D 618 -31.55 -60.98 -51.97
N ASN D 619 -30.26 -60.87 -52.29
CA ASN D 619 -29.32 -60.30 -51.34
C ASN D 619 -29.55 -58.79 -51.23
N PRO D 620 -29.03 -58.17 -50.17
CA PRO D 620 -29.25 -56.73 -50.00
C PRO D 620 -28.76 -55.89 -51.16
N HIS D 621 -27.71 -56.33 -51.86
CA HIS D 621 -27.22 -55.57 -53.00
C HIS D 621 -28.26 -55.47 -54.11
N ALA D 622 -28.93 -56.59 -54.42
CA ALA D 622 -29.94 -56.58 -55.47
C ALA D 622 -31.13 -55.69 -55.10
N ALA D 623 -31.58 -55.77 -53.84
CA ALA D 623 -32.67 -54.92 -53.40
C ALA D 623 -32.29 -53.45 -53.44
N PHE D 624 -31.07 -53.12 -53.00
CA PHE D 624 -30.60 -51.74 -53.03
C PHE D 624 -30.50 -51.22 -54.45
N GLN D 625 -30.01 -52.06 -55.38
CA GLN D 625 -29.93 -51.65 -56.78
C GLN D 625 -31.32 -51.41 -57.37
N MET D 626 -32.29 -52.27 -57.04
CA MET D 626 -33.65 -52.06 -57.52
C MET D 626 -34.25 -50.79 -56.92
N GLU D 627 -33.92 -50.50 -55.66
CA GLU D 627 -34.35 -49.25 -55.04
C GLU D 627 -33.78 -48.06 -55.78
N LEU D 628 -32.50 -48.12 -56.16
CA LEU D 628 -31.87 -47.04 -56.90
C LEU D 628 -32.51 -46.83 -58.26
N ARG D 629 -32.97 -47.90 -58.89
CA ARG D 629 -33.57 -47.80 -60.22
C ARG D 629 -35.03 -47.38 -60.18
N GLY D 630 -35.59 -47.12 -59.01
CA GLY D 630 -36.96 -46.68 -58.89
C GLY D 630 -38.00 -47.78 -58.90
N GLN D 631 -37.59 -49.04 -58.86
CA GLN D 631 -38.53 -50.16 -58.92
C GLN D 631 -39.08 -50.51 -57.54
N THR D 632 -39.59 -49.50 -56.83
CA THR D 632 -40.08 -49.69 -55.46
C THR D 632 -41.37 -48.91 -55.27
N GLU D 633 -42.17 -49.37 -54.30
CA GLU D 633 -43.44 -48.74 -53.96
C GLU D 633 -43.56 -48.64 -52.44
N GLU D 634 -44.42 -47.73 -52.00
CA GLU D 634 -44.70 -47.54 -50.58
C GLU D 634 -46.03 -48.22 -50.24
N VAL D 635 -45.98 -49.20 -49.35
CA VAL D 635 -47.17 -49.90 -48.89
C VAL D 635 -47.18 -49.91 -47.37
N TYR D 636 -48.37 -50.14 -46.81
CA TYR D 636 -48.52 -50.19 -45.37
C TYR D 636 -48.05 -51.54 -44.84
N LEU D 637 -48.00 -51.63 -43.50
CA LEU D 637 -47.54 -52.86 -42.85
C LEU D 637 -48.39 -54.06 -43.27
N GLU D 638 -49.68 -53.84 -43.49
CA GLU D 638 -50.58 -54.95 -43.79
C GLU D 638 -50.18 -55.70 -45.05
N GLU D 639 -49.35 -55.10 -45.91
CA GLU D 639 -48.93 -55.73 -47.15
C GLU D 639 -47.48 -56.22 -47.12
N MET D 640 -46.92 -56.46 -45.93
CA MET D 640 -45.57 -57.02 -45.89
C MET D 640 -45.52 -58.41 -46.50
N ILE D 641 -46.55 -59.23 -46.26
CA ILE D 641 -46.53 -60.61 -46.72
C ILE D 641 -46.47 -60.65 -48.24
N GLY D 642 -45.51 -61.39 -48.78
CA GLY D 642 -45.35 -61.53 -50.21
C GLY D 642 -44.62 -60.41 -50.90
N LYS D 643 -44.20 -59.39 -50.16
CA LYS D 643 -43.52 -58.24 -50.73
C LYS D 643 -42.09 -58.16 -50.20
N VAL D 644 -41.14 -58.04 -51.12
CA VAL D 644 -39.72 -58.02 -50.77
C VAL D 644 -39.35 -56.63 -50.26
N ASN D 645 -38.84 -56.57 -49.04
CA ASN D 645 -38.45 -55.29 -48.45
C ASN D 645 -37.26 -54.69 -49.16
N ALA D 646 -37.30 -53.36 -49.32
CA ALA D 646 -36.22 -52.64 -49.99
C ALA D 646 -35.19 -52.09 -49.00
N ASN D 647 -35.59 -51.80 -47.78
CA ASN D 647 -34.70 -51.18 -46.80
C ASN D 647 -34.67 -52.00 -45.52
N MET D 648 -33.54 -51.93 -44.83
CA MET D 648 -33.43 -52.61 -43.55
C MET D 648 -34.41 -52.01 -42.56
N ILE D 649 -35.16 -52.88 -41.88
CA ILE D 649 -36.12 -52.47 -40.85
C ILE D 649 -35.47 -52.68 -39.49
N LEU D 650 -35.35 -51.60 -38.72
CA LEU D 650 -34.65 -51.61 -37.44
C LEU D 650 -35.57 -51.06 -36.36
N PRO D 651 -36.40 -51.90 -35.75
CA PRO D 651 -37.23 -51.43 -34.63
C PRO D 651 -36.36 -51.08 -33.43
N TYR D 652 -36.63 -49.92 -32.85
CA TYR D 652 -35.78 -49.38 -31.79
C TYR D 652 -36.02 -50.04 -30.42
N PRO D 653 -37.24 -50.38 -30.03
CA PRO D 653 -37.43 -51.06 -28.73
C PRO D 653 -36.58 -52.33 -28.63
N PRO D 654 -36.45 -53.13 -29.70
CA PRO D 654 -35.42 -54.18 -29.66
C PRO D 654 -34.03 -53.60 -29.90
N GLY D 655 -33.93 -52.68 -30.85
CA GLY D 655 -32.68 -52.04 -31.18
C GLY D 655 -31.80 -52.75 -32.17
N VAL D 656 -32.22 -53.91 -32.68
CA VAL D 656 -31.40 -54.68 -33.61
C VAL D 656 -32.17 -54.87 -34.91
N PRO D 657 -31.49 -55.00 -36.05
CA PRO D 657 -32.21 -55.09 -37.33
C PRO D 657 -33.10 -56.33 -37.38
N LEU D 658 -34.30 -56.15 -37.93
CA LEU D 658 -35.29 -57.20 -37.97
C LEU D 658 -35.52 -57.75 -39.36
N VAL D 659 -35.56 -56.88 -40.36
CA VAL D 659 -35.70 -57.27 -41.76
C VAL D 659 -34.56 -56.67 -42.55
N MET D 660 -33.91 -57.46 -43.34
CA MET D 660 -32.85 -56.98 -44.20
C MET D 660 -33.42 -56.62 -45.57
N PRO D 661 -32.76 -55.72 -46.31
CA PRO D 661 -33.16 -55.48 -47.69
C PRO D 661 -33.06 -56.77 -48.50
N GLY D 662 -34.08 -57.00 -49.33
CA GLY D 662 -34.19 -58.24 -50.06
C GLY D 662 -34.88 -59.37 -49.32
N GLU D 663 -35.38 -59.12 -48.12
CA GLU D 663 -36.09 -60.14 -47.35
C GLU D 663 -37.58 -59.86 -47.36
N MET D 664 -38.36 -60.93 -47.24
CA MET D 664 -39.82 -60.83 -47.25
C MET D 664 -40.39 -61.73 -46.17
N LEU D 665 -41.59 -61.36 -45.72
CA LEU D 665 -42.30 -62.13 -44.70
C LEU D 665 -43.28 -63.10 -45.35
N THR D 666 -43.42 -64.26 -44.72
CA THR D 666 -44.37 -65.27 -45.17
C THR D 666 -45.27 -65.68 -44.01
N GLU D 667 -46.05 -66.76 -44.20
CA GLU D 667 -46.90 -67.25 -43.13
C GLU D 667 -46.07 -67.70 -41.94
N GLU D 668 -44.94 -68.36 -42.20
CA GLU D 668 -44.03 -68.74 -41.12
C GLU D 668 -43.46 -67.52 -40.42
N SER D 669 -43.08 -66.50 -41.18
CA SER D 669 -42.53 -65.27 -40.62
C SER D 669 -43.62 -64.25 -40.30
N ARG D 670 -44.88 -64.66 -40.25
CA ARG D 670 -45.97 -63.75 -39.93
C ARG D 670 -45.79 -63.00 -38.60
N PRO D 671 -45.35 -63.63 -37.50
CA PRO D 671 -45.25 -62.88 -36.23
C PRO D 671 -44.45 -61.59 -36.33
N VAL D 672 -43.38 -61.58 -37.13
CA VAL D 672 -42.57 -60.37 -37.30
C VAL D 672 -43.49 -59.20 -37.64
N LEU D 673 -44.28 -59.35 -38.71
CA LEU D 673 -45.23 -58.32 -39.11
C LEU D 673 -46.09 -57.91 -37.93
N GLU D 674 -46.68 -58.90 -37.24
CA GLU D 674 -47.54 -58.59 -36.10
C GLU D 674 -46.82 -57.73 -35.08
N PHE D 675 -45.58 -58.10 -34.75
CA PHE D 675 -44.81 -57.31 -33.82
C PHE D 675 -44.71 -55.86 -34.29
N LEU D 676 -44.36 -55.69 -35.57
CA LEU D 676 -44.30 -54.35 -36.13
C LEU D 676 -45.65 -53.66 -36.02
N GLN D 677 -46.72 -54.38 -36.37
CA GLN D 677 -48.06 -53.80 -36.31
C GLN D 677 -48.43 -53.37 -34.91
N MET D 678 -47.79 -53.95 -33.89
CA MET D 678 -48.05 -53.52 -32.53
C MET D 678 -47.29 -52.24 -32.18
N LEU D 679 -46.05 -52.13 -32.68
CA LEU D 679 -45.18 -51.04 -32.22
C LEU D 679 -45.80 -49.69 -32.51
N CYS D 680 -46.30 -49.49 -33.73
CA CYS D 680 -46.97 -48.24 -34.07
C CYS D 680 -48.10 -47.93 -33.10
N GLU D 681 -48.89 -48.94 -32.74
CA GLU D 681 -49.98 -48.73 -31.80
C GLU D 681 -49.45 -48.22 -30.46
N ILE D 682 -48.34 -48.81 -29.99
CA ILE D 682 -47.73 -48.34 -28.75
C ILE D 682 -47.32 -46.88 -28.88
N GLY D 683 -46.85 -46.48 -30.06
CA GLY D 683 -46.48 -45.09 -30.26
C GLY D 683 -47.64 -44.15 -30.48
N ALA D 684 -48.85 -44.69 -30.63
CA ALA D 684 -50.02 -43.87 -30.92
C ALA D 684 -50.82 -43.51 -29.67
N HIS D 685 -50.35 -43.91 -28.49
CA HIS D 685 -51.10 -43.71 -27.25
C HIS D 685 -50.44 -42.72 -26.30
N TYR D 686 -49.19 -42.37 -26.50
CA TYR D 686 -48.51 -41.44 -25.61
C TYR D 686 -47.58 -40.54 -26.41
N PRO D 687 -47.85 -39.23 -26.46
CA PRO D 687 -47.10 -38.34 -27.37
C PRO D 687 -45.60 -38.34 -27.13
N GLY D 688 -45.15 -38.44 -25.87
CA GLY D 688 -43.73 -38.45 -25.59
C GLY D 688 -43.05 -39.80 -25.67
N PHE D 689 -43.82 -40.87 -25.83
CA PHE D 689 -43.32 -42.23 -25.90
C PHE D 689 -43.65 -42.76 -27.29
N GLU D 690 -42.75 -42.51 -28.24
CA GLU D 690 -42.96 -42.89 -29.63
C GLU D 690 -42.09 -44.09 -29.96
N THR D 691 -42.69 -45.08 -30.61
CA THR D 691 -41.94 -46.23 -31.09
C THR D 691 -41.29 -45.88 -32.43
N ASP D 692 -39.98 -46.14 -32.53
CA ASP D 692 -39.21 -45.82 -33.72
C ASP D 692 -38.98 -47.09 -34.53
N ILE D 693 -39.50 -47.10 -35.75
CA ILE D 693 -39.24 -48.21 -36.67
C ILE D 693 -38.34 -47.69 -37.79
N HIS D 694 -37.03 -47.84 -37.61
CA HIS D 694 -36.07 -47.34 -38.58
C HIS D 694 -36.20 -48.12 -39.89
N GLY D 695 -36.19 -47.40 -41.01
CA GLY D 695 -36.48 -47.97 -42.30
C GLY D 695 -37.94 -47.87 -42.70
N ALA D 696 -38.83 -47.66 -41.74
CA ALA D 696 -40.22 -47.32 -41.99
C ALA D 696 -40.40 -45.82 -41.79
N TYR D 697 -41.36 -45.26 -42.52
CA TYR D 697 -41.57 -43.82 -42.55
C TYR D 697 -42.95 -43.48 -42.01
N ARG D 698 -42.97 -42.55 -41.05
CA ARG D 698 -44.20 -42.16 -40.35
C ARG D 698 -44.78 -40.94 -41.04
N GLN D 699 -45.99 -41.05 -41.55
CA GLN D 699 -46.68 -39.97 -42.22
C GLN D 699 -47.97 -39.63 -41.46
N ASP D 700 -48.78 -38.77 -42.05
CA ASP D 700 -50.04 -38.37 -41.43
C ASP D 700 -50.96 -39.59 -41.27
N GLY D 701 -51.69 -39.62 -40.16
CA GLY D 701 -52.56 -40.72 -39.83
C GLY D 701 -52.01 -41.69 -38.81
N ALA D 702 -50.84 -41.40 -38.24
CA ALA D 702 -50.23 -42.24 -37.20
C ALA D 702 -50.03 -43.68 -37.69
N ARG D 703 -49.46 -43.81 -38.88
CA ARG D 703 -49.19 -45.11 -39.47
C ARG D 703 -47.77 -45.12 -40.04
N TYR D 704 -47.35 -46.28 -40.55
CA TYR D 704 -46.03 -46.46 -41.11
C TYR D 704 -46.15 -47.11 -42.48
N THR D 705 -45.32 -46.67 -43.42
CA THR D 705 -45.18 -47.27 -44.72
C THR D 705 -43.75 -47.76 -44.91
N VAL D 706 -43.58 -48.79 -45.72
CA VAL D 706 -42.26 -49.34 -46.02
C VAL D 706 -42.12 -49.50 -47.52
N LYS D 707 -40.96 -49.12 -48.04
CA LYS D 707 -40.67 -49.35 -49.45
C LYS D 707 -40.48 -50.86 -49.70
N VAL D 708 -41.09 -51.35 -50.78
CA VAL D 708 -40.92 -52.73 -51.20
C VAL D 708 -40.68 -52.73 -52.70
N ILE D 709 -40.09 -53.84 -53.18
CA ILE D 709 -39.81 -53.96 -54.60
C ILE D 709 -41.12 -53.99 -55.37
N LYS D 710 -41.19 -53.20 -56.43
CA LYS D 710 -42.37 -53.14 -57.28
C LYS D 710 -42.74 -54.50 -57.85
N MET E 1 -30.57 -16.58 0.39
CA MET E 1 -29.89 -17.87 0.26
C MET E 1 -28.52 -17.72 -0.38
N ASN E 2 -27.57 -17.14 0.38
CA ASN E 2 -26.22 -16.99 -0.14
C ASN E 2 -25.15 -17.30 0.90
N ILE E 3 -25.51 -17.84 2.06
CA ILE E 3 -24.54 -18.24 3.07
C ILE E 3 -24.29 -19.74 2.95
N ILE E 4 -23.03 -20.12 2.76
CA ILE E 4 -22.62 -21.52 2.70
C ILE E 4 -21.70 -21.80 3.88
N ALA E 5 -21.99 -22.85 4.62
CA ALA E 5 -21.18 -23.27 5.75
C ALA E 5 -20.20 -24.35 5.32
N ILE E 6 -18.92 -24.15 5.63
CA ILE E 6 -17.89 -25.17 5.45
C ILE E 6 -17.43 -25.60 6.83
N LEU E 7 -17.54 -26.90 7.12
CA LEU E 7 -17.45 -27.34 8.51
C LEU E 7 -16.00 -27.37 9.00
N ASN E 8 -15.16 -28.21 8.42
CA ASN E 8 -13.91 -28.54 9.09
C ASN E 8 -12.68 -28.02 8.34
N HIS E 9 -11.52 -28.23 8.96
CA HIS E 9 -10.22 -27.81 8.44
C HIS E 9 -9.21 -28.87 8.89
N MET E 10 -8.97 -29.84 8.02
CA MET E 10 -8.17 -31.01 8.38
C MET E 10 -6.68 -30.71 8.22
N GLY E 11 -5.85 -31.74 8.31
CA GLY E 11 -4.43 -31.52 8.26
C GLY E 11 -3.75 -32.00 6.98
N VAL E 12 -4.51 -32.20 5.92
CA VAL E 12 -3.99 -32.76 4.67
C VAL E 12 -4.20 -31.75 3.56
N TYR E 13 -3.12 -31.47 2.81
CA TYR E 13 -3.18 -30.48 1.74
C TYR E 13 -4.15 -30.90 0.64
N PHE E 14 -4.18 -32.19 0.31
CA PHE E 14 -5.01 -32.65 -0.81
C PHE E 14 -6.49 -32.46 -0.57
N LYS E 15 -6.91 -32.19 0.66
CA LYS E 15 -8.28 -31.77 0.93
C LYS E 15 -8.42 -30.26 1.07
N GLU E 16 -7.49 -29.61 1.80
CA GLU E 16 -7.66 -28.20 2.13
C GLU E 16 -7.48 -27.31 0.91
N GLU E 17 -6.49 -27.59 0.06
CA GLU E 17 -6.30 -26.75 -1.12
C GLU E 17 -7.50 -26.79 -2.05
N PRO E 18 -8.11 -27.94 -2.37
CA PRO E 18 -9.38 -27.90 -3.10
C PRO E 18 -10.46 -27.12 -2.37
N ILE E 19 -10.52 -27.21 -1.04
CA ILE E 19 -11.55 -26.47 -0.29
C ILE E 19 -11.32 -24.97 -0.39
N ARG E 20 -10.06 -24.53 -0.29
CA ARG E 20 -9.76 -23.10 -0.44
C ARG E 20 -10.10 -22.62 -1.85
N GLU E 21 -9.76 -23.42 -2.87
CA GLU E 21 -10.09 -23.05 -4.23
C GLU E 21 -11.60 -22.97 -4.42
N LEU E 22 -12.35 -23.91 -3.84
CA LEU E 22 -13.80 -23.87 -3.92
C LEU E 22 -14.36 -22.66 -3.21
N HIS E 23 -13.76 -22.29 -2.07
CA HIS E 23 -14.20 -21.10 -1.36
C HIS E 23 -14.04 -19.87 -2.23
N LYS E 24 -12.90 -19.74 -2.92
CA LYS E 24 -12.72 -18.62 -3.83
C LYS E 24 -13.75 -18.67 -4.96
N ALA E 25 -13.98 -19.86 -5.51
CA ALA E 25 -14.92 -20.00 -6.63
C ALA E 25 -16.34 -19.65 -6.22
N LEU E 26 -16.73 -20.01 -5.00
CA LEU E 26 -18.06 -19.68 -4.50
C LEU E 26 -18.18 -18.19 -4.22
N GLU E 27 -17.12 -17.57 -3.69
CA GLU E 27 -17.13 -16.12 -3.52
C GLU E 27 -17.27 -15.42 -4.86
N ALA E 28 -16.70 -16.01 -5.93
CA ALA E 28 -16.88 -15.44 -7.26
C ALA E 28 -18.32 -15.54 -7.75
N LEU E 29 -19.12 -16.42 -7.17
CA LEU E 29 -20.52 -16.58 -7.54
C LEU E 29 -21.46 -15.90 -6.54
N ASP E 30 -20.96 -14.97 -5.74
CA ASP E 30 -21.75 -14.21 -4.78
C ASP E 30 -22.33 -15.10 -3.68
N PHE E 31 -21.45 -15.88 -3.06
CA PHE E 31 -21.79 -16.63 -1.85
C PHE E 31 -20.96 -16.10 -0.70
N GLN E 32 -21.55 -16.06 0.48
CA GLN E 32 -20.84 -15.71 1.70
C GLN E 32 -20.49 -17.00 2.44
N ILE E 33 -19.20 -17.20 2.69
CA ILE E 33 -18.72 -18.43 3.30
C ILE E 33 -18.56 -18.23 4.80
N VAL E 34 -19.11 -19.15 5.59
CA VAL E 34 -18.95 -19.16 7.02
C VAL E 34 -18.32 -20.49 7.44
N TYR E 35 -17.62 -20.48 8.57
CA TYR E 35 -16.80 -21.60 9.02
C TYR E 35 -17.15 -21.97 10.45
N PRO E 36 -18.15 -22.81 10.66
CA PRO E 36 -18.41 -23.32 12.01
C PRO E 36 -17.24 -24.14 12.51
N ASN E 37 -16.98 -24.06 13.81
CA ASN E 37 -15.84 -24.75 14.40
C ASN E 37 -16.08 -26.25 14.56
N ASP E 38 -17.32 -26.67 14.78
CA ASP E 38 -17.61 -28.07 15.04
C ASP E 38 -19.07 -28.33 14.68
N ARG E 39 -19.50 -29.57 14.90
CA ARG E 39 -20.84 -29.99 14.51
C ARG E 39 -21.91 -29.23 15.29
N GLU E 40 -21.72 -29.04 16.59
CA GLU E 40 -22.68 -28.29 17.40
C GLU E 40 -22.76 -26.84 16.94
N ASP E 41 -21.61 -26.24 16.62
CA ASP E 41 -21.59 -24.88 16.08
C ASP E 41 -22.40 -24.81 14.79
N LEU E 42 -22.22 -25.80 13.90
CA LEU E 42 -22.97 -25.81 12.65
CA LEU E 42 -22.97 -25.81 12.65
C LEU E 42 -24.47 -25.93 12.91
N LEU E 43 -24.86 -26.81 13.84
CA LEU E 43 -26.28 -27.00 14.12
C LEU E 43 -26.91 -25.73 14.67
N LYS E 44 -26.22 -25.06 15.59
CA LYS E 44 -26.74 -23.80 16.12
C LYS E 44 -26.80 -22.72 15.04
N LEU E 45 -25.79 -22.68 14.16
CA LEU E 45 -25.79 -21.71 13.07
C LEU E 45 -26.98 -21.93 12.14
N ILE E 46 -27.27 -23.19 11.80
CA ILE E 46 -28.46 -23.48 10.99
C ILE E 46 -29.71 -23.07 11.74
N ASP E 47 -29.75 -23.33 13.05
CA ASP E 47 -30.94 -23.07 13.85
C ASP E 47 -31.24 -21.57 13.93
N ASN E 48 -30.21 -20.73 14.04
CA ASN E 48 -30.41 -19.30 14.25
C ASN E 48 -30.46 -18.48 12.96
N ASN E 49 -30.19 -19.08 11.81
CA ASN E 49 -30.02 -18.30 10.57
C ASN E 49 -30.72 -19.03 9.44
N ALA E 50 -31.92 -18.54 9.09
CA ALA E 50 -32.70 -19.16 8.02
C ALA E 50 -32.15 -18.86 6.64
N ARG E 51 -31.16 -17.97 6.52
CA ARG E 51 -30.59 -17.62 5.22
CA ARG E 51 -30.59 -17.62 5.22
C ARG E 51 -29.48 -18.58 4.78
N LEU E 52 -29.15 -19.58 5.59
CA LEU E 52 -28.18 -20.59 5.19
C LEU E 52 -28.74 -21.39 4.02
N CYS E 53 -27.95 -21.54 2.95
CA CYS E 53 -28.40 -22.19 1.74
C CYS E 53 -27.63 -23.46 1.41
N GLY E 54 -26.60 -23.82 2.17
CA GLY E 54 -25.88 -25.05 1.92
C GLY E 54 -24.84 -25.31 2.98
N VAL E 55 -24.49 -26.59 3.11
CA VAL E 55 -23.49 -27.05 4.06
C VAL E 55 -22.48 -27.94 3.36
N ILE E 56 -21.20 -27.64 3.53
CA ILE E 56 -20.11 -28.43 2.99
C ILE E 56 -19.37 -29.07 4.14
N PHE E 57 -19.14 -30.38 4.05
CA PHE E 57 -18.41 -31.09 5.10
C PHE E 57 -17.66 -32.29 4.52
N ASP E 58 -16.70 -32.78 5.30
CA ASP E 58 -15.86 -33.91 4.91
C ASP E 58 -16.52 -35.21 5.38
N TRP E 59 -16.77 -36.12 4.45
CA TRP E 59 -17.43 -37.39 4.77
C TRP E 59 -16.54 -38.27 5.65
N ASP E 60 -15.22 -38.20 5.49
CA ASP E 60 -14.32 -38.98 6.33
C ASP E 60 -14.44 -38.55 7.79
N THR E 61 -14.55 -37.24 8.04
CA THR E 61 -14.63 -36.75 9.41
C THR E 61 -16.00 -37.02 10.02
N TYR E 62 -17.07 -36.79 9.27
CA TYR E 62 -18.43 -36.88 9.78
C TYR E 62 -19.24 -37.89 8.97
N ASN E 63 -19.96 -38.76 9.68
CA ASN E 63 -20.85 -39.71 9.05
C ASN E 63 -22.11 -39.00 8.56
N LEU E 64 -22.88 -39.70 7.73
CA LEU E 64 -24.07 -39.09 7.13
C LEU E 64 -25.19 -38.83 8.14
N ASP E 65 -25.09 -39.36 9.36
CA ASP E 65 -26.09 -39.05 10.38
C ASP E 65 -26.13 -37.55 10.68
N LEU E 66 -25.00 -36.86 10.51
CA LEU E 66 -25.00 -35.40 10.61
C LEU E 66 -26.02 -34.79 9.66
N CYS E 67 -26.05 -35.29 8.42
CA CYS E 67 -27.07 -34.84 7.48
C CYS E 67 -28.46 -35.04 8.04
N GLU E 68 -28.71 -36.19 8.68
CA GLU E 68 -30.01 -36.42 9.29
C GLU E 68 -30.33 -35.31 10.29
N GLU E 69 -29.36 -34.95 11.13
CA GLU E 69 -29.58 -33.86 12.07
C GLU E 69 -29.96 -32.59 11.32
N ILE E 70 -29.21 -32.28 10.26
CA ILE E 70 -29.53 -31.11 9.46
C ILE E 70 -30.94 -31.24 8.90
N SER E 71 -31.27 -32.42 8.39
CA SER E 71 -32.59 -32.63 7.79
C SER E 71 -33.70 -32.45 8.83
N ALA E 72 -33.40 -32.70 10.11
CA ALA E 72 -34.43 -32.53 11.13
C ALA E 72 -34.81 -31.07 11.29
N MET E 73 -33.89 -30.15 10.98
CA MET E 73 -34.21 -28.72 11.02
C MET E 73 -34.78 -28.23 9.70
N ASN E 74 -34.22 -28.70 8.58
CA ASN E 74 -34.63 -28.23 7.25
C ASN E 74 -34.35 -29.37 6.27
N GLU E 75 -35.39 -30.13 5.94
CA GLU E 75 -35.22 -31.29 5.06
C GLU E 75 -34.90 -30.92 3.63
N HIS E 76 -35.07 -29.66 3.23
CA HIS E 76 -34.73 -29.22 1.89
C HIS E 76 -33.35 -28.60 1.78
N LEU E 77 -32.69 -28.33 2.91
CA LEU E 77 -31.39 -27.66 2.89
C LEU E 77 -30.35 -28.53 2.19
N PRO E 78 -29.70 -28.04 1.14
CA PRO E 78 -28.71 -28.88 0.43
C PRO E 78 -27.44 -29.05 1.25
N VAL E 79 -26.95 -30.28 1.31
CA VAL E 79 -25.71 -30.62 2.00
CA VAL E 79 -25.70 -30.59 1.99
C VAL E 79 -24.77 -31.26 1.00
N TYR E 80 -23.53 -30.78 0.98
CA TYR E 80 -22.51 -31.27 0.06
C TYR E 80 -21.45 -32.04 0.84
N ALA E 81 -21.38 -33.34 0.60
CA ALA E 81 -20.44 -34.21 1.27
C ALA E 81 -19.28 -34.53 0.33
N PHE E 82 -18.07 -34.35 0.82
CA PHE E 82 -16.87 -34.63 0.05
C PHE E 82 -16.36 -36.02 0.40
N ALA E 83 -16.33 -36.90 -0.59
CA ALA E 83 -15.97 -38.30 -0.39
C ALA E 83 -14.49 -38.52 -0.70
N ASN E 84 -13.78 -39.17 0.22
CA ASN E 84 -12.42 -39.60 -0.02
C ASN E 84 -12.25 -41.10 0.16
N THR E 85 -12.57 -41.64 1.34
CA THR E 85 -12.45 -43.07 1.57
C THR E 85 -13.75 -43.82 1.40
N HIS E 86 -14.89 -43.19 1.65
CA HIS E 86 -16.17 -43.84 1.44
C HIS E 86 -16.46 -43.99 -0.05
N SER E 87 -17.11 -45.09 -0.40
CA SER E 87 -17.50 -45.39 -1.77
C SER E 87 -19.03 -45.51 -1.85
N THR E 88 -19.52 -45.96 -3.00
CA THR E 88 -20.95 -46.24 -3.15
C THR E 88 -21.41 -47.38 -2.25
N LEU E 89 -20.49 -48.21 -1.76
CA LEU E 89 -20.86 -49.29 -0.85
C LEU E 89 -21.18 -48.80 0.55
N ASP E 90 -20.95 -47.53 0.85
CA ASP E 90 -21.08 -47.02 2.22
C ASP E 90 -22.32 -46.16 2.42
N VAL E 91 -23.26 -46.17 1.50
CA VAL E 91 -24.50 -45.41 1.61
CA VAL E 91 -24.50 -45.41 1.61
C VAL E 91 -25.66 -46.39 1.72
N SER E 92 -26.55 -46.13 2.68
CA SER E 92 -27.77 -46.92 2.80
C SER E 92 -28.91 -46.21 2.06
N LEU E 93 -30.04 -46.89 1.98
CA LEU E 93 -31.23 -46.30 1.37
C LEU E 93 -31.66 -45.05 2.12
N ASN E 94 -31.67 -45.13 3.45
CA ASN E 94 -32.09 -43.99 4.26
C ASN E 94 -31.17 -42.79 4.03
N ASP E 95 -29.86 -43.02 3.95
CA ASP E 95 -28.95 -41.92 3.64
C ASP E 95 -29.26 -41.33 2.27
N LEU E 96 -29.52 -42.17 1.28
CA LEU E 96 -29.81 -41.68 -0.06
C LEU E 96 -31.10 -40.88 -0.11
N ARG E 97 -31.99 -41.07 0.88
CA ARG E 97 -33.18 -40.24 0.96
CA ARG E 97 -33.19 -40.24 0.95
C ARG E 97 -32.87 -38.78 1.29
N LEU E 98 -31.75 -38.52 1.95
CA LEU E 98 -31.40 -37.16 2.32
C LEU E 98 -31.01 -36.33 1.10
N ASN E 99 -31.04 -35.01 1.27
CA ASN E 99 -30.69 -34.09 0.18
C ASN E 99 -29.18 -33.83 0.21
N VAL E 100 -28.42 -34.90 -0.07
CA VAL E 100 -26.97 -34.85 -0.05
CA VAL E 100 -26.96 -34.87 -0.05
C VAL E 100 -26.44 -34.99 -1.48
N GLU E 101 -25.48 -34.16 -1.82
CA GLU E 101 -24.78 -34.22 -3.09
C GLU E 101 -23.30 -34.49 -2.80
N PHE E 102 -22.72 -35.46 -3.50
CA PHE E 102 -21.36 -35.90 -3.21
C PHE E 102 -20.37 -35.30 -4.20
N PHE E 103 -19.19 -34.93 -3.69
CA PHE E 103 -18.11 -34.38 -4.49
C PHE E 103 -16.81 -35.08 -4.12
N GLU E 104 -15.75 -34.73 -4.85
CA GLU E 104 -14.44 -35.29 -4.63
C GLU E 104 -13.39 -34.19 -4.55
N TYR E 105 -12.27 -34.50 -3.91
CA TYR E 105 -11.18 -33.55 -3.74
C TYR E 105 -10.24 -33.65 -4.94
N ALA E 106 -10.09 -32.53 -5.66
CA ALA E 106 -9.18 -32.48 -6.80
C ALA E 106 -8.82 -31.03 -7.08
N LEU E 107 -7.54 -30.79 -7.35
CA LEU E 107 -7.12 -29.46 -7.76
C LEU E 107 -7.69 -29.13 -9.13
N GLY E 108 -8.12 -27.89 -9.31
CA GLY E 108 -8.66 -27.42 -10.57
C GLY E 108 -10.12 -27.75 -10.82
N ALA E 109 -10.79 -28.43 -9.90
CA ALA E 109 -12.20 -28.77 -10.07
C ALA E 109 -13.14 -27.81 -9.37
N ALA E 110 -12.62 -26.72 -8.79
CA ALA E 110 -13.44 -25.83 -7.98
C ALA E 110 -14.53 -25.14 -8.81
N GLN E 111 -14.23 -24.81 -10.06
CA GLN E 111 -15.20 -24.11 -10.91
C GLN E 111 -16.44 -24.96 -11.14
N ASP E 112 -16.25 -26.23 -11.52
CA ASP E 112 -17.39 -27.10 -11.80
C ASP E 112 -18.21 -27.37 -10.52
N ILE E 113 -17.54 -27.59 -9.40
CA ILE E 113 -18.24 -27.83 -8.15
C ILE E 113 -19.03 -26.59 -7.73
N ALA E 114 -18.44 -25.42 -7.89
CA ALA E 114 -19.16 -24.19 -7.56
C ALA E 114 -20.38 -24.02 -8.44
N GLN E 115 -20.25 -24.36 -9.73
CA GLN E 115 -21.41 -24.32 -10.62
C GLN E 115 -22.50 -25.28 -10.16
N LYS E 116 -22.11 -26.49 -9.76
CA LYS E 116 -23.07 -27.47 -9.25
C LYS E 116 -23.77 -26.94 -8.00
N ILE E 117 -23.01 -26.29 -7.11
CA ILE E 117 -23.58 -25.76 -5.89
C ILE E 117 -24.53 -24.61 -6.20
N ARG E 118 -24.20 -23.77 -7.18
CA ARG E 118 -25.09 -22.70 -7.61
C ARG E 118 -26.42 -23.27 -8.12
N GLN E 119 -26.33 -24.32 -8.95
CA GLN E 119 -27.54 -24.96 -9.45
C GLN E 119 -28.36 -25.59 -8.33
N SER E 120 -27.69 -26.23 -7.37
CA SER E 120 -28.40 -26.84 -6.24
C SER E 120 -29.07 -25.77 -5.38
N THR E 121 -28.43 -24.62 -5.19
CA THR E 121 -29.04 -23.51 -4.48
C THR E 121 -30.27 -23.00 -5.21
N ASP E 122 -30.17 -22.87 -6.54
CA ASP E 122 -31.33 -22.44 -7.32
C ASP E 122 -32.48 -23.44 -7.18
N ALA E 123 -32.16 -24.73 -7.21
CA ALA E 123 -33.19 -25.75 -7.06
C ALA E 123 -33.84 -25.69 -5.68
N TYR E 124 -33.05 -25.48 -4.63
CA TYR E 124 -33.58 -25.35 -3.28
C TYR E 124 -34.55 -24.17 -3.18
N ILE E 125 -34.13 -23.01 -3.71
CA ILE E 125 -34.99 -21.83 -3.68
C ILE E 125 -36.28 -22.09 -4.46
N ASP E 126 -36.16 -22.69 -5.64
CA ASP E 126 -37.35 -23.01 -6.43
C ASP E 126 -38.26 -23.99 -5.71
N GLU E 127 -37.68 -24.89 -4.92
CA GLU E 127 -38.48 -25.89 -4.20
C GLU E 127 -39.26 -25.25 -3.06
N ILE E 128 -38.62 -24.38 -2.27
CA ILE E 128 -39.34 -23.84 -1.11
C ILE E 128 -40.30 -22.70 -1.48
N LEU E 129 -40.06 -22.00 -2.58
CA LEU E 129 -40.93 -20.89 -2.95
C LEU E 129 -42.28 -21.40 -3.45
N PRO E 130 -43.37 -20.73 -3.13
CA PRO E 130 -44.67 -21.10 -3.70
C PRO E 130 -44.80 -20.59 -5.13
N PRO E 131 -45.73 -21.15 -5.92
CA PRO E 131 -45.66 -20.89 -7.38
C PRO E 131 -45.92 -19.45 -7.80
N LEU E 132 -46.96 -18.80 -7.25
CA LEU E 132 -47.26 -17.42 -7.66
CA LEU E 132 -47.25 -17.42 -7.67
C LEU E 132 -46.14 -16.47 -7.26
N THR E 133 -45.60 -16.61 -6.04
CA THR E 133 -44.52 -15.74 -5.60
C THR E 133 -43.29 -15.93 -6.47
N LYS E 134 -42.96 -17.17 -6.82
CA LYS E 134 -41.84 -17.44 -7.71
C LYS E 134 -42.05 -16.80 -9.07
N ALA E 135 -43.26 -16.90 -9.62
CA ALA E 135 -43.57 -16.27 -10.90
C ALA E 135 -43.41 -14.75 -10.81
N LEU E 136 -43.89 -14.15 -9.72
CA LEU E 136 -43.78 -12.70 -9.56
C LEU E 136 -42.32 -12.26 -9.47
N PHE E 137 -41.51 -12.99 -8.71
CA PHE E 137 -40.09 -12.65 -8.61
C PHE E 137 -39.39 -12.77 -9.96
N ASN E 138 -39.70 -13.84 -10.71
CA ASN E 138 -39.10 -14.02 -12.02
C ASN E 138 -39.50 -12.89 -12.97
N TYR E 139 -40.78 -12.54 -12.98
CA TYR E 139 -41.22 -11.46 -13.86
C TYR E 139 -40.53 -10.16 -13.51
N VAL E 140 -40.37 -9.87 -12.21
CA VAL E 140 -39.66 -8.66 -11.82
C VAL E 140 -38.24 -8.70 -12.36
N LYS E 141 -37.61 -9.87 -12.36
CA LYS E 141 -36.30 -10.00 -12.97
C LYS E 141 -36.33 -9.73 -14.47
N GLU E 142 -37.46 -9.97 -15.13
CA GLU E 142 -37.54 -9.79 -16.58
C GLU E 142 -37.33 -8.33 -16.99
N GLY E 143 -37.92 -7.39 -16.26
CA GLY E 143 -37.73 -5.97 -16.53
C GLY E 143 -38.31 -5.41 -17.82
N LYS E 144 -39.58 -5.70 -18.11
CA LYS E 144 -40.22 -5.23 -19.33
C LYS E 144 -40.66 -3.77 -19.20
N TYR E 145 -40.87 -3.14 -20.37
CA TYR E 145 -41.42 -1.81 -20.45
C TYR E 145 -42.94 -1.88 -20.49
N THR E 146 -43.61 -1.08 -19.67
CA THR E 146 -45.05 -1.13 -19.55
C THR E 146 -45.67 0.20 -19.97
N PHE E 147 -46.66 0.12 -20.86
CA PHE E 147 -47.51 1.25 -21.18
C PHE E 147 -48.91 1.05 -20.63
N CYS E 148 -49.01 0.34 -19.50
CA CYS E 148 -50.26 -0.10 -18.92
C CYS E 148 -50.28 0.26 -17.44
N THR E 149 -51.44 0.10 -16.81
CA THR E 149 -51.57 0.36 -15.39
C THR E 149 -50.80 -0.69 -14.59
N PRO E 150 -50.30 -0.34 -13.38
CA PRO E 150 -50.43 0.96 -12.69
C PRO E 150 -49.58 2.06 -13.32
N GLY E 151 -49.93 3.31 -13.05
CA GLY E 151 -49.36 4.44 -13.75
C GLY E 151 -47.91 4.73 -13.42
N HIS E 152 -47.42 4.29 -12.26
CA HIS E 152 -46.03 4.56 -11.92
C HIS E 152 -45.06 3.78 -12.80
N MET E 153 -45.54 2.83 -13.60
CA MET E 153 -44.72 2.11 -14.58
C MET E 153 -43.51 1.45 -13.93
N GLY E 154 -43.77 0.67 -12.89
CA GLY E 154 -42.68 0.02 -12.17
C GLY E 154 -41.80 0.94 -11.35
N GLY E 155 -42.30 2.12 -11.00
CA GLY E 155 -41.57 3.04 -10.15
C GLY E 155 -40.88 4.19 -10.85
N THR E 156 -40.94 4.26 -12.19
CA THR E 156 -40.30 5.36 -12.92
C THR E 156 -40.86 6.72 -12.50
N ALA E 157 -42.19 6.81 -12.41
CA ALA E 157 -42.82 8.08 -12.05
C ALA E 157 -42.34 8.56 -10.69
N PHE E 158 -42.19 7.65 -9.73
CA PHE E 158 -41.66 8.03 -8.43
C PHE E 158 -40.26 8.60 -8.55
N GLN E 159 -39.42 7.96 -9.35
CA GLN E 159 -38.05 8.41 -9.51
C GLN E 159 -37.95 9.75 -10.22
N LYS E 160 -39.00 10.15 -10.94
CA LYS E 160 -39.00 11.44 -11.61
CA LYS E 160 -39.00 11.44 -11.61
C LYS E 160 -39.42 12.60 -10.70
N SER E 161 -39.76 12.33 -9.43
CA SER E 161 -40.24 13.35 -8.52
C SER E 161 -39.42 13.34 -7.23
N PRO E 162 -39.21 14.50 -6.61
CA PRO E 162 -38.43 14.55 -5.36
C PRO E 162 -39.07 13.78 -4.22
N VAL E 163 -40.31 14.13 -3.87
CA VAL E 163 -41.02 13.41 -2.82
C VAL E 163 -41.27 11.97 -3.26
N GLY E 164 -41.57 11.79 -4.56
CA GLY E 164 -41.68 10.45 -5.10
C GLY E 164 -40.40 9.66 -4.95
N SER E 165 -39.25 10.31 -5.12
CA SER E 165 -37.98 9.62 -4.94
C SER E 165 -37.76 9.24 -3.48
N ILE E 166 -38.19 10.08 -2.54
CA ILE E 166 -38.12 9.68 -1.13
C ILE E 166 -38.97 8.43 -0.90
N PHE E 167 -40.18 8.42 -1.43
CA PHE E 167 -41.08 7.27 -1.28
C PHE E 167 -40.47 6.01 -1.89
N TYR E 168 -39.94 6.13 -3.10
CA TYR E 168 -39.32 5.01 -3.80
C TYR E 168 -38.12 4.47 -3.03
N ASP E 169 -37.28 5.37 -2.50
CA ASP E 169 -36.12 4.94 -1.73
C ASP E 169 -36.54 4.23 -0.45
N PHE E 170 -37.62 4.69 0.19
CA PHE E 170 -38.12 4.01 1.38
C PHE E 170 -38.60 2.60 1.05
N PHE E 171 -39.49 2.47 0.06
CA PHE E 171 -40.14 1.18 -0.16
C PHE E 171 -39.28 0.21 -0.96
N GLY E 172 -38.27 0.69 -1.66
CA GLY E 172 -37.39 -0.17 -2.42
C GLY E 172 -37.86 -0.41 -3.84
N ALA E 173 -36.93 -0.82 -4.70
CA ALA E 173 -37.22 -0.99 -6.12
C ALA E 173 -38.13 -2.19 -6.35
N ASN E 174 -37.87 -3.30 -5.65
CA ASN E 174 -38.62 -4.53 -5.90
C ASN E 174 -40.10 -4.36 -5.58
N ALA E 175 -40.42 -3.65 -4.50
CA ALA E 175 -41.82 -3.41 -4.15
C ALA E 175 -42.54 -2.64 -5.26
N MET E 176 -41.85 -1.66 -5.85
CA MET E 176 -42.45 -0.92 -6.95
C MET E 176 -42.60 -1.78 -8.20
N LYS E 177 -41.58 -2.59 -8.50
CA LYS E 177 -41.58 -3.39 -9.73
C LYS E 177 -42.58 -4.53 -9.67
N SER E 178 -42.91 -5.01 -8.48
CA SER E 178 -43.87 -6.10 -8.31
C SER E 178 -45.31 -5.61 -8.28
N ASP E 179 -45.53 -4.30 -8.33
CA ASP E 179 -46.87 -3.71 -8.37
C ASP E 179 -47.31 -3.68 -9.83
N ILE E 180 -48.00 -4.75 -10.25
CA ILE E 180 -48.39 -4.95 -11.63
C ILE E 180 -49.89 -5.20 -11.70
N SER E 181 -50.39 -5.42 -12.93
CA SER E 181 -51.81 -5.67 -13.14
C SER E 181 -52.01 -6.88 -14.04
N ILE E 182 -53.27 -7.14 -14.44
CA ILE E 182 -53.56 -8.28 -15.30
C ILE E 182 -53.10 -8.06 -16.74
N SER E 183 -52.65 -6.86 -17.09
CA SER E 183 -52.01 -6.67 -18.40
C SER E 183 -50.81 -7.59 -18.56
N VAL E 184 -50.19 -7.99 -17.45
CA VAL E 184 -49.12 -8.98 -17.47
C VAL E 184 -49.75 -10.37 -17.47
N GLY E 185 -49.96 -10.92 -18.67
CA GLY E 185 -50.73 -12.14 -18.79
C GLY E 185 -50.05 -13.38 -18.25
N GLU E 186 -48.72 -13.36 -18.15
CA GLU E 186 -47.98 -14.54 -17.73
C GLU E 186 -48.25 -14.92 -16.28
N LEU E 187 -48.66 -13.99 -15.43
CA LEU E 187 -49.00 -14.32 -14.05
C LEU E 187 -50.46 -14.69 -13.86
N GLY E 188 -51.26 -14.66 -14.91
CA GLY E 188 -52.66 -15.01 -14.78
C GLY E 188 -53.45 -13.90 -14.10
N SER E 189 -54.63 -14.28 -13.62
CA SER E 189 -55.56 -13.33 -13.03
C SER E 189 -56.13 -13.89 -11.74
N LEU E 190 -56.16 -13.06 -10.69
CA LEU E 190 -56.80 -13.45 -9.45
C LEU E 190 -58.30 -13.63 -9.65
N LEU E 191 -58.94 -12.71 -10.37
CA LEU E 191 -60.39 -12.76 -10.54
C LEU E 191 -60.82 -14.00 -11.32
N ASP E 192 -60.04 -14.37 -12.34
CA ASP E 192 -60.37 -15.51 -13.18
C ASP E 192 -59.79 -16.83 -12.66
N HIS E 193 -58.99 -16.80 -11.60
CA HIS E 193 -58.41 -18.02 -11.03
C HIS E 193 -57.62 -18.80 -12.08
N SER E 194 -56.76 -18.09 -12.79
CA SER E 194 -56.05 -18.63 -13.93
C SER E 194 -54.55 -18.59 -13.69
N GLY E 195 -53.84 -19.43 -14.43
CA GLY E 195 -52.39 -19.45 -14.41
C GLY E 195 -51.82 -19.75 -13.04
N PRO E 196 -50.77 -19.02 -12.66
CA PRO E 196 -50.16 -19.22 -11.34
C PRO E 196 -51.12 -18.94 -10.19
N HIS E 197 -52.16 -18.13 -10.40
CA HIS E 197 -53.13 -17.88 -9.34
C HIS E 197 -53.89 -19.15 -8.97
N LYS E 198 -54.28 -19.95 -9.97
CA LYS E 198 -54.98 -21.19 -9.70
C LYS E 198 -54.11 -22.17 -8.93
N GLU E 199 -52.84 -22.29 -9.33
CA GLU E 199 -51.92 -23.15 -8.59
C GLU E 199 -51.67 -22.63 -7.18
N ALA E 200 -51.62 -21.31 -7.01
CA ALA E 200 -51.49 -20.77 -5.66
C ALA E 200 -52.70 -21.13 -4.81
N GLU E 201 -53.90 -21.05 -5.37
CA GLU E 201 -55.11 -21.41 -4.64
C GLU E 201 -55.09 -22.88 -4.24
N GLU E 202 -54.70 -23.76 -5.16
CA GLU E 202 -54.64 -25.18 -4.84
C GLU E 202 -53.55 -25.47 -3.81
N TYR E 203 -52.41 -24.77 -3.92
CA TYR E 203 -51.35 -24.87 -2.93
C TYR E 203 -51.85 -24.50 -1.54
N ILE E 204 -52.58 -23.39 -1.44
CA ILE E 204 -53.10 -22.95 -0.16
C ILE E 204 -54.11 -23.94 0.39
N ALA E 205 -55.02 -24.42 -0.48
CA ALA E 205 -56.02 -25.39 -0.02
C ALA E 205 -55.37 -26.67 0.50
N ARG E 206 -54.33 -27.15 -0.18
CA ARG E 206 -53.61 -28.32 0.31
C ARG E 206 -52.95 -28.03 1.65
N THR E 207 -52.32 -26.86 1.78
CA THR E 207 -51.60 -26.53 3.00
C THR E 207 -52.55 -26.35 4.20
N PHE E 208 -53.74 -25.81 3.98
CA PHE E 208 -54.65 -25.47 5.07
C PHE E 208 -55.77 -26.48 5.26
N ASN E 209 -55.67 -27.65 4.64
CA ASN E 209 -56.66 -28.72 4.79
C ASN E 209 -58.05 -28.26 4.35
N ALA E 210 -58.11 -27.53 3.26
CA ALA E 210 -59.37 -27.08 2.68
C ALA E 210 -59.60 -27.77 1.35
N GLU E 211 -60.87 -28.08 1.07
CA GLU E 211 -61.23 -28.54 -0.27
C GLU E 211 -60.99 -27.45 -1.30
N ARG E 212 -61.36 -26.21 -0.99
CA ARG E 212 -61.15 -25.10 -1.90
C ARG E 212 -60.74 -23.86 -1.11
N SER E 213 -59.89 -23.03 -1.69
CA SER E 213 -59.41 -21.84 -1.01
C SER E 213 -59.47 -20.64 -1.95
N TYR E 214 -59.74 -19.47 -1.35
CA TYR E 214 -59.79 -18.21 -2.07
C TYR E 214 -58.95 -17.16 -1.37
N MET E 215 -58.32 -16.31 -2.16
CA MET E 215 -57.45 -15.25 -1.70
C MET E 215 -58.21 -13.94 -1.74
N VAL E 216 -58.28 -13.24 -0.60
CA VAL E 216 -59.00 -11.98 -0.50
C VAL E 216 -57.99 -10.89 -0.13
N THR E 217 -58.01 -9.78 -0.87
CA THR E 217 -57.08 -8.70 -0.66
C THR E 217 -57.70 -7.50 0.06
N ASN E 218 -58.90 -7.64 0.61
CA ASN E 218 -59.48 -6.59 1.42
C ASN E 218 -59.89 -7.10 2.80
N GLY E 219 -59.19 -8.12 3.31
CA GLY E 219 -59.32 -8.53 4.68
C GLY E 219 -60.46 -9.50 4.94
N THR E 220 -60.46 -10.02 6.17
CA THR E 220 -61.52 -10.93 6.59
C THR E 220 -62.87 -10.24 6.63
N SER E 221 -62.91 -8.91 6.74
CA SER E 221 -64.17 -8.21 6.58
C SER E 221 -64.81 -8.53 5.23
N THR E 222 -64.03 -8.39 4.16
CA THR E 222 -64.51 -8.71 2.83
C THR E 222 -64.76 -10.21 2.68
N ALA E 223 -63.89 -11.05 3.26
CA ALA E 223 -64.09 -12.50 3.18
C ALA E 223 -65.42 -12.91 3.81
N ASN E 224 -65.71 -12.34 4.99
CA ASN E 224 -66.99 -12.59 5.65
C ASN E 224 -68.15 -12.14 4.78
N LYS E 225 -68.02 -10.97 4.15
CA LYS E 225 -69.10 -10.50 3.29
C LYS E 225 -69.33 -11.45 2.10
N ILE E 226 -68.25 -11.95 1.51
CA ILE E 226 -68.37 -12.87 0.37
C ILE E 226 -69.11 -14.13 0.81
N VAL E 227 -68.65 -14.75 1.91
CA VAL E 227 -69.26 -15.99 2.37
C VAL E 227 -70.72 -15.76 2.72
N GLY E 228 -71.01 -14.68 3.46
CA GLY E 228 -72.37 -14.43 3.89
C GLY E 228 -73.32 -14.16 2.75
N MET E 229 -72.88 -13.39 1.75
CA MET E 229 -73.76 -13.13 0.60
C MET E 229 -73.96 -14.38 -0.25
N TYR E 230 -72.93 -15.21 -0.40
CA TYR E 230 -73.18 -16.47 -1.10
C TYR E 230 -74.18 -17.34 -0.35
N SER E 231 -74.11 -17.32 0.98
CA SER E 231 -74.86 -18.28 1.79
C SER E 231 -76.24 -17.79 2.25
N ALA E 232 -76.48 -16.48 2.24
CA ALA E 232 -77.69 -15.93 2.84
C ALA E 232 -78.44 -15.05 1.83
N PRO E 233 -79.35 -15.63 1.06
CA PRO E 233 -80.15 -14.82 0.13
C PRO E 233 -81.10 -13.90 0.90
N ALA E 234 -81.50 -12.83 0.23
CA ALA E 234 -82.41 -11.87 0.82
C ALA E 234 -83.71 -12.57 1.23
N GLY E 235 -84.21 -12.21 2.42
CA GLY E 235 -85.39 -12.84 2.97
C GLY E 235 -85.14 -14.08 3.80
N SER E 236 -83.89 -14.55 3.88
CA SER E 236 -83.56 -15.71 4.68
C SER E 236 -83.21 -15.30 6.11
N THR E 237 -83.07 -16.31 6.98
CA THR E 237 -82.72 -16.14 8.38
C THR E 237 -81.32 -16.71 8.61
N VAL E 238 -80.51 -15.98 9.38
CA VAL E 238 -79.14 -16.38 9.69
C VAL E 238 -78.94 -16.40 11.20
N LEU E 239 -78.21 -17.40 11.67
CA LEU E 239 -77.74 -17.43 13.05
C LEU E 239 -76.39 -16.72 13.14
N ILE E 240 -76.29 -15.75 14.04
CA ILE E 240 -75.10 -14.92 14.17
C ILE E 240 -74.60 -14.98 15.61
N ASP E 241 -73.31 -15.22 15.78
CA ASP E 241 -72.67 -15.01 17.08
C ASP E 241 -72.83 -13.56 17.51
N ARG E 242 -73.33 -13.34 18.73
CA ARG E 242 -73.56 -11.98 19.18
C ARG E 242 -72.25 -11.21 19.33
N ASN E 243 -71.16 -11.89 19.68
CA ASN E 243 -69.84 -11.27 19.64
C ASN E 243 -69.21 -11.51 18.27
N CYS E 244 -69.88 -10.92 17.28
CA CYS E 244 -69.41 -10.96 15.90
C CYS E 244 -68.63 -9.70 15.58
N HIS E 245 -67.71 -9.84 14.64
CA HIS E 245 -67.02 -8.67 14.12
C HIS E 245 -68.00 -7.77 13.38
N LYS E 246 -67.65 -6.48 13.31
CA LYS E 246 -68.56 -5.51 12.69
C LYS E 246 -68.82 -5.81 11.22
N SER E 247 -67.97 -6.64 10.60
CA SER E 247 -68.17 -7.01 9.21
C SER E 247 -69.47 -7.78 9.01
N LEU E 248 -69.80 -8.67 9.94
CA LEU E 248 -71.08 -9.37 9.86
C LEU E 248 -72.26 -8.41 9.96
N THR E 249 -72.13 -7.39 10.81
CA THR E 249 -73.17 -6.36 10.88
C THR E 249 -73.26 -5.58 9.56
N HIS E 250 -72.12 -5.28 8.94
CA HIS E 250 -72.14 -4.66 7.63
C HIS E 250 -72.87 -5.54 6.62
N LEU E 251 -72.64 -6.84 6.70
CA LEU E 251 -73.36 -7.79 5.83
C LEU E 251 -74.86 -7.74 6.09
N MET E 252 -75.26 -7.70 7.35
CA MET E 252 -76.68 -7.62 7.69
C MET E 252 -77.31 -6.32 7.21
N MET E 253 -76.54 -5.23 7.19
CA MET E 253 -77.06 -3.97 6.66
C MET E 253 -77.12 -3.99 5.14
N MET E 254 -76.21 -4.75 4.50
CA MET E 254 -76.16 -4.83 3.05
C MET E 254 -77.40 -5.49 2.46
N SER E 255 -77.90 -6.55 3.08
CA SER E 255 -78.97 -7.36 2.50
C SER E 255 -80.05 -7.61 3.54
N ASP E 256 -81.28 -7.80 3.07
CA ASP E 256 -82.44 -8.02 3.92
C ASP E 256 -82.43 -9.46 4.40
N ILE E 257 -81.82 -9.69 5.56
CA ILE E 257 -81.78 -10.99 6.19
C ILE E 257 -82.14 -10.81 7.65
N THR E 258 -82.95 -11.73 8.17
CA THR E 258 -83.38 -11.67 9.56
C THR E 258 -82.38 -12.44 10.43
N PRO E 259 -81.70 -11.81 11.37
CA PRO E 259 -80.77 -12.53 12.22
C PRO E 259 -81.39 -13.03 13.51
N ILE E 260 -80.88 -14.17 13.96
CA ILE E 260 -81.12 -14.68 15.31
C ILE E 260 -79.77 -14.90 15.95
N TYR E 261 -79.62 -14.44 17.20
CA TYR E 261 -78.32 -14.28 17.81
C TYR E 261 -78.01 -15.43 18.77
N PHE E 262 -76.86 -16.06 18.57
CA PHE E 262 -76.26 -16.88 19.62
C PHE E 262 -75.82 -15.99 20.76
N ARG E 263 -76.10 -16.39 22.00
CA ARG E 263 -75.76 -15.56 23.14
C ARG E 263 -74.49 -16.09 23.79
N PRO E 264 -73.38 -15.37 23.74
CA PRO E 264 -72.15 -15.82 24.39
C PRO E 264 -72.15 -15.46 25.87
N THR E 265 -71.19 -16.06 26.57
CA THR E 265 -71.01 -15.80 27.99
C THR E 265 -69.85 -14.82 28.19
N ARG E 266 -69.65 -14.42 29.45
CA ARG E 266 -68.58 -13.52 29.81
C ARG E 266 -68.27 -13.70 31.28
N ASN E 267 -67.07 -13.28 31.68
CA ASN E 267 -66.64 -13.35 33.06
C ASN E 267 -66.55 -11.95 33.66
N ALA E 268 -66.07 -11.88 34.90
CA ALA E 268 -66.01 -10.61 35.60
C ALA E 268 -65.07 -9.61 34.92
N TYR E 269 -64.01 -10.10 34.28
CA TYR E 269 -63.08 -9.22 33.58
C TYR E 269 -63.64 -8.66 32.28
N GLY E 270 -64.80 -9.11 31.84
CA GLY E 270 -65.28 -8.78 30.52
C GLY E 270 -64.71 -9.66 29.42
N ILE E 271 -63.92 -10.67 29.76
CA ILE E 271 -63.42 -11.61 28.78
C ILE E 271 -64.59 -12.38 28.19
N LEU E 272 -64.70 -12.38 26.87
CA LEU E 272 -65.83 -13.01 26.18
C LEU E 272 -65.64 -14.53 26.17
N GLY E 273 -66.63 -15.24 26.72
CA GLY E 273 -66.65 -16.68 26.67
C GLY E 273 -67.34 -17.20 25.42
N GLY E 274 -67.59 -18.50 25.43
CA GLY E 274 -68.23 -19.14 24.30
C GLY E 274 -69.73 -19.22 24.43
N ILE E 275 -70.37 -19.54 23.31
CA ILE E 275 -71.81 -19.81 23.32
C ILE E 275 -72.05 -21.16 24.01
N PRO E 276 -73.01 -21.25 24.93
CA PRO E 276 -73.31 -22.53 25.58
C PRO E 276 -73.82 -23.56 24.58
N LYS E 277 -73.61 -24.83 24.94
CA LYS E 277 -74.01 -25.93 24.07
C LYS E 277 -75.50 -25.98 23.80
N SER E 278 -76.33 -25.42 24.70
CA SER E 278 -77.77 -25.44 24.49
C SER E 278 -78.16 -24.66 23.24
N GLU E 279 -77.50 -23.53 23.00
CA GLU E 279 -77.91 -22.64 21.91
C GLU E 279 -77.68 -23.23 20.53
N PHE E 280 -76.94 -24.33 20.43
CA PHE E 280 -76.77 -25.03 19.16
C PHE E 280 -77.82 -26.11 18.94
N GLN E 281 -78.72 -26.31 19.90
CA GLN E 281 -79.71 -27.38 19.81
C GLN E 281 -80.91 -26.96 18.99
N HIS E 282 -81.58 -27.96 18.42
CA HIS E 282 -82.71 -27.71 17.53
C HIS E 282 -83.83 -26.98 18.24
N ASP E 283 -84.13 -27.37 19.49
CA ASP E 283 -85.28 -26.82 20.19
C ASP E 283 -85.13 -25.32 20.44
N THR E 284 -83.95 -24.91 20.93
CA THR E 284 -83.75 -23.48 21.22
C THR E 284 -83.83 -22.67 19.94
N ILE E 285 -83.20 -23.14 18.86
CA ILE E 285 -83.23 -22.41 17.61
C ILE E 285 -84.66 -22.31 17.08
N ALA E 286 -85.40 -23.40 17.14
CA ALA E 286 -86.79 -23.39 16.67
C ALA E 286 -87.64 -22.43 17.49
N GLU E 287 -87.46 -22.41 18.80
CA GLU E 287 -88.20 -21.48 19.64
C GLU E 287 -87.86 -20.03 19.30
N ARG E 288 -86.57 -19.75 19.06
CA ARG E 288 -86.19 -18.39 18.68
C ARG E 288 -86.77 -18.02 17.32
N VAL E 289 -86.79 -18.97 16.38
CA VAL E 289 -87.39 -18.70 15.07
C VAL E 289 -88.87 -18.37 15.24
N ALA E 290 -89.57 -19.13 16.09
CA ALA E 290 -90.98 -18.85 16.33
C ALA E 290 -91.17 -17.47 16.96
N GLN E 291 -90.31 -17.09 17.89
CA GLN E 291 -90.47 -15.81 18.57
C GLN E 291 -90.07 -14.62 17.70
N THR E 292 -89.35 -14.86 16.61
CA THR E 292 -88.83 -13.76 15.79
C THR E 292 -89.73 -13.54 14.59
N PRO E 293 -90.26 -12.33 14.40
CA PRO E 293 -91.10 -12.07 13.22
C PRO E 293 -90.32 -12.24 11.93
N ASN E 294 -91.02 -12.75 10.91
CA ASN E 294 -90.48 -12.93 9.56
C ASN E 294 -89.25 -13.83 9.56
N ALA E 295 -89.19 -14.78 10.49
CA ALA E 295 -88.04 -15.65 10.63
C ALA E 295 -88.43 -17.08 10.27
N THR E 296 -87.58 -17.72 9.47
CA THR E 296 -87.73 -19.10 9.06
C THR E 296 -86.57 -19.91 9.64
N TRP E 297 -86.49 -21.17 9.26
CA TRP E 297 -85.36 -21.98 9.70
C TRP E 297 -84.08 -21.40 9.12
N PRO E 298 -83.08 -21.11 9.95
CA PRO E 298 -81.85 -20.48 9.43
C PRO E 298 -81.18 -21.32 8.37
N VAL E 299 -80.68 -20.64 7.33
CA VAL E 299 -79.95 -21.31 6.26
C VAL E 299 -78.45 -21.13 6.38
N HIS E 300 -77.99 -20.29 7.31
CA HIS E 300 -76.57 -20.01 7.47
C HIS E 300 -76.32 -19.68 8.93
N ALA E 301 -75.17 -20.12 9.44
CA ALA E 301 -74.76 -19.80 10.81
C ALA E 301 -73.33 -19.32 10.80
N VAL E 302 -73.04 -18.31 11.63
CA VAL E 302 -71.70 -17.73 11.74
C VAL E 302 -71.28 -17.77 13.21
N VAL E 303 -70.13 -18.37 13.47
CA VAL E 303 -69.58 -18.51 14.81
C VAL E 303 -68.14 -17.99 14.81
N THR E 304 -67.80 -17.18 15.80
CA THR E 304 -66.44 -16.66 15.94
C THR E 304 -65.58 -17.67 16.70
N ASN E 305 -64.58 -18.24 16.04
CA ASN E 305 -63.71 -19.23 16.64
C ASN E 305 -62.29 -19.00 16.13
N SER E 306 -61.38 -18.60 17.02
CA SER E 306 -61.64 -18.46 18.44
C SER E 306 -62.17 -17.07 18.79
N THR E 307 -62.40 -16.84 20.07
CA THR E 307 -62.68 -15.50 20.54
C THR E 307 -61.40 -14.67 20.51
N TYR E 308 -61.56 -13.35 20.66
CA TYR E 308 -60.44 -12.43 20.73
C TYR E 308 -59.47 -12.85 21.83
N ASP E 309 -59.99 -13.38 22.94
CA ASP E 309 -59.18 -13.74 24.09
C ASP E 309 -58.64 -15.17 24.01
N GLY E 310 -58.85 -15.86 22.90
CA GLY E 310 -58.23 -17.16 22.70
C GLY E 310 -59.05 -18.36 23.15
N LEU E 311 -60.36 -18.25 23.19
CA LEU E 311 -61.22 -19.38 23.55
C LEU E 311 -61.67 -20.08 22.28
N LEU E 312 -61.27 -21.34 22.13
CA LEU E 312 -61.61 -22.16 20.98
C LEU E 312 -62.74 -23.13 21.34
N TYR E 313 -63.66 -23.31 20.41
CA TYR E 313 -64.75 -24.26 20.59
C TYR E 313 -64.32 -25.67 20.22
N ASN E 314 -65.07 -26.64 20.71
CA ASN E 314 -65.02 -28.01 20.18
C ASN E 314 -65.88 -28.00 18.93
N THR E 315 -65.25 -27.85 17.77
CA THR E 315 -66.00 -27.66 16.53
C THR E 315 -66.69 -28.92 16.05
N ASP E 316 -66.24 -30.11 16.47
CA ASP E 316 -66.92 -31.33 16.08
C ASP E 316 -68.35 -31.37 16.61
N TYR E 317 -68.54 -30.95 17.86
CA TYR E 317 -69.88 -30.90 18.42
C TYR E 317 -70.74 -29.88 17.68
N ILE E 318 -70.16 -28.72 17.34
CA ILE E 318 -70.93 -27.71 16.60
C ILE E 318 -71.36 -28.25 15.25
N LYS E 319 -70.44 -28.92 14.55
CA LYS E 319 -70.77 -29.48 13.24
C LYS E 319 -71.86 -30.55 13.35
N GLU E 320 -71.78 -31.39 14.38
CA GLU E 320 -72.75 -32.48 14.51
C GLU E 320 -74.11 -31.97 14.98
N ALA E 321 -74.12 -30.99 15.89
CA ALA E 321 -75.36 -30.60 16.55
C ALA E 321 -76.12 -29.53 15.79
N LEU E 322 -75.41 -28.58 15.19
CA LEU E 322 -76.06 -27.44 14.53
C LEU E 322 -76.75 -27.92 13.25
N ASP E 323 -78.07 -27.85 13.22
CA ASP E 323 -78.86 -28.34 12.09
C ASP E 323 -79.05 -27.25 11.04
N VAL E 324 -77.94 -26.67 10.59
CA VAL E 324 -77.93 -25.65 9.55
C VAL E 324 -77.00 -26.13 8.45
N LYS E 325 -77.46 -26.05 7.20
CA LYS E 325 -76.71 -26.62 6.09
C LYS E 325 -75.45 -25.84 5.74
N SER E 326 -75.29 -24.62 6.23
CA SER E 326 -74.11 -23.80 5.94
C SER E 326 -73.59 -23.21 7.24
N ILE E 327 -72.36 -23.56 7.60
CA ILE E 327 -71.76 -23.11 8.85
C ILE E 327 -70.44 -22.41 8.52
N HIS E 328 -70.26 -21.21 9.05
CA HIS E 328 -69.10 -20.38 8.76
C HIS E 328 -68.41 -20.01 10.07
N PHE E 329 -67.17 -20.44 10.22
CA PHE E 329 -66.34 -20.07 11.36
C PHE E 329 -65.50 -18.86 10.97
N ASP E 330 -65.79 -17.73 11.58
CA ASP E 330 -64.91 -16.57 11.51
C ASP E 330 -63.67 -16.89 12.34
N SER E 331 -62.63 -17.36 11.68
CA SER E 331 -61.40 -17.81 12.32
C SER E 331 -60.27 -16.83 12.06
N ALA E 332 -60.59 -15.54 12.05
CA ALA E 332 -59.60 -14.51 11.77
C ALA E 332 -58.43 -14.57 12.74
N TRP E 333 -58.67 -14.99 13.98
CA TRP E 333 -57.65 -15.00 15.01
C TRP E 333 -56.83 -16.29 15.05
N VAL E 334 -57.23 -17.34 14.33
CA VAL E 334 -56.53 -18.62 14.41
C VAL E 334 -56.24 -19.19 13.03
N PRO E 335 -55.36 -18.58 12.23
CA PRO E 335 -55.02 -19.17 10.93
C PRO E 335 -54.02 -20.31 11.02
N TYR E 336 -53.48 -20.60 12.20
CA TYR E 336 -52.42 -21.59 12.37
C TYR E 336 -52.91 -22.95 12.85
N THR E 337 -54.23 -23.15 12.93
CA THR E 337 -54.76 -24.34 13.61
C THR E 337 -54.36 -25.64 12.92
N ASN E 338 -54.22 -25.63 11.59
CA ASN E 338 -53.87 -26.86 10.88
C ASN E 338 -52.45 -27.31 11.13
N PHE E 339 -51.61 -26.49 11.75
CA PHE E 339 -50.18 -26.72 11.79
C PHE E 339 -49.66 -27.13 13.16
N SER E 340 -50.54 -27.54 14.07
CA SER E 340 -50.15 -28.07 15.35
C SER E 340 -51.21 -29.05 15.81
N PRO E 341 -50.82 -30.24 16.28
CA PRO E 341 -51.82 -31.22 16.74
C PRO E 341 -52.61 -30.77 17.96
N ILE E 342 -52.14 -29.78 18.71
CA ILE E 342 -52.87 -29.32 19.90
C ILE E 342 -54.21 -28.71 19.53
N TYR E 343 -54.38 -28.28 18.27
CA TYR E 343 -55.62 -27.65 17.83
C TYR E 343 -56.58 -28.60 17.15
N LYS E 344 -56.28 -29.90 17.14
CA LYS E 344 -57.12 -30.87 16.44
C LYS E 344 -58.53 -30.86 17.02
N GLY E 345 -59.53 -30.84 16.13
CA GLY E 345 -60.91 -30.76 16.52
C GLY E 345 -61.36 -29.42 17.04
N LEU E 346 -60.48 -28.42 17.05
CA LEU E 346 -60.82 -27.10 17.57
C LEU E 346 -60.93 -26.05 16.47
N CYS E 347 -61.06 -26.47 15.21
CA CYS E 347 -61.13 -25.55 14.10
C CYS E 347 -62.10 -26.06 13.04
N GLY E 348 -62.56 -25.14 12.20
CA GLY E 348 -63.60 -25.47 11.23
C GLY E 348 -63.16 -26.49 10.18
N MET E 349 -61.91 -26.43 9.77
CA MET E 349 -61.41 -27.34 8.75
C MET E 349 -60.98 -28.68 9.31
N SER E 350 -61.03 -28.86 10.62
CA SER E 350 -60.60 -30.11 11.24
C SER E 350 -61.48 -31.26 10.77
N GLY E 351 -60.87 -32.42 10.56
CA GLY E 351 -61.61 -33.58 10.14
C GLY E 351 -61.96 -33.53 8.66
N GLY E 352 -62.94 -34.36 8.30
CA GLY E 352 -63.38 -34.48 6.93
C GLY E 352 -64.63 -33.67 6.65
N ARG E 353 -65.14 -33.83 5.43
CA ARG E 353 -66.32 -33.11 5.00
C ARG E 353 -67.56 -33.62 5.72
N VAL E 354 -68.40 -32.69 6.16
CA VAL E 354 -69.64 -33.02 6.85
C VAL E 354 -70.73 -33.28 5.82
N GLU E 355 -71.42 -34.41 5.96
CA GLU E 355 -72.47 -34.78 5.01
C GLU E 355 -73.65 -33.82 5.11
N GLY E 356 -74.11 -33.34 3.96
CA GLY E 356 -75.26 -32.46 3.93
C GLY E 356 -75.01 -31.06 4.42
N LYS E 357 -73.75 -30.65 4.53
CA LYS E 357 -73.41 -29.32 5.03
C LYS E 357 -72.18 -28.80 4.29
N VAL E 358 -72.03 -27.47 4.29
CA VAL E 358 -70.82 -26.82 3.82
C VAL E 358 -70.21 -26.06 4.99
N ILE E 359 -68.89 -26.13 5.13
CA ILE E 359 -68.16 -25.49 6.20
C ILE E 359 -67.23 -24.44 5.59
N TYR E 360 -67.31 -23.23 6.12
CA TYR E 360 -66.41 -22.16 5.75
C TYR E 360 -65.53 -21.79 6.93
N GLU E 361 -64.30 -21.42 6.62
CA GLU E 361 -63.41 -20.77 7.58
C GLU E 361 -62.89 -19.49 6.95
N THR E 362 -63.05 -18.38 7.63
CA THR E 362 -62.42 -17.13 7.21
C THR E 362 -61.24 -16.85 8.11
N GLN E 363 -60.07 -16.67 7.52
CA GLN E 363 -58.84 -16.48 8.28
C GLN E 363 -58.17 -15.17 7.88
N SER E 364 -57.68 -14.43 8.88
CA SER E 364 -56.87 -13.24 8.65
CA SER E 364 -56.88 -13.25 8.64
C SER E 364 -55.42 -13.67 8.65
N THR E 365 -54.86 -13.85 7.46
CA THR E 365 -53.47 -14.29 7.35
C THR E 365 -52.50 -13.26 7.90
N HIS E 366 -52.88 -11.98 7.89
CA HIS E 366 -52.00 -10.93 8.37
C HIS E 366 -51.97 -10.85 9.88
N1 LLP E 367 -63.63 -10.93 12.15
C2 LLP E 367 -62.85 -11.09 13.22
C2' LLP E 367 -63.31 -12.02 14.30
C3 LLP E 367 -61.64 -10.42 13.32
O3 LLP E 367 -60.88 -10.63 14.44
C4 LLP E 367 -61.25 -9.53 12.30
C4' LLP E 367 -59.96 -8.86 12.35
C5 LLP E 367 -62.08 -9.39 11.17
C6 LLP E 367 -63.24 -10.11 11.15
C5' LLP E 367 -61.73 -8.49 10.03
OP4 LLP E 367 -60.46 -8.84 9.40
P LLP E 367 -59.60 -7.78 8.56
OP1 LLP E 367 -58.46 -8.57 7.97
OP2 LLP E 367 -59.14 -6.74 9.56
OP3 LLP E 367 -60.54 -7.20 7.52
N LLP E 367 -53.06 -11.25 10.54
CA LLP E 367 -53.17 -11.07 12.01
CB LLP E 367 -54.62 -11.22 12.48
CG LLP E 367 -55.47 -9.96 12.39
CD LLP E 367 -56.89 -10.14 12.87
CE LLP E 367 -57.69 -8.84 12.94
NZ LLP E 367 -59.09 -9.14 13.22
C LLP E 367 -52.24 -12.03 12.75
O LLP E 367 -51.45 -11.55 13.56
N LEU E 368 -52.31 -13.34 12.51
CA LEU E 368 -51.49 -14.25 13.32
C LEU E 368 -50.43 -15.04 12.52
N LEU E 369 -50.54 -15.07 11.20
CA LEU E 369 -49.47 -15.59 10.37
C LEU E 369 -48.64 -14.41 9.85
N ALA E 370 -47.77 -14.68 8.87
CA ALA E 370 -46.89 -13.66 8.30
C ALA E 370 -47.38 -13.31 6.90
N ALA E 371 -48.15 -12.23 6.81
CA ALA E 371 -48.63 -11.71 5.54
C ALA E 371 -48.93 -10.23 5.72
N PHE E 372 -48.99 -9.52 4.61
CA PHE E 372 -49.29 -8.09 4.64
C PHE E 372 -50.73 -7.85 5.10
N SER E 373 -50.96 -6.66 5.65
CA SER E 373 -52.30 -6.24 6.01
C SER E 373 -53.23 -6.35 4.80
N GLN E 374 -54.48 -6.74 5.06
CA GLN E 374 -55.58 -6.99 4.13
C GLN E 374 -55.50 -8.37 3.46
N ALA E 375 -54.46 -9.16 3.71
CA ALA E 375 -54.41 -10.52 3.19
C ALA E 375 -55.35 -11.41 3.98
N SER E 376 -56.19 -12.17 3.28
CA SER E 376 -57.20 -12.97 3.94
C SER E 376 -57.48 -14.23 3.13
N MET E 377 -57.98 -15.25 3.82
CA MET E 377 -58.16 -16.57 3.25
C MET E 377 -59.61 -17.02 3.49
N ILE E 378 -60.25 -17.54 2.45
CA ILE E 378 -61.51 -18.25 2.59
C ILE E 378 -61.24 -19.73 2.32
N HIS E 379 -61.62 -20.59 3.27
CA HIS E 379 -61.48 -22.03 3.12
C HIS E 379 -62.86 -22.67 3.10
N VAL E 380 -63.09 -23.55 2.14
CA VAL E 380 -64.38 -24.19 1.93
C VAL E 380 -64.18 -25.70 1.96
N LYS E 381 -65.02 -26.38 2.74
CA LYS E 381 -65.08 -27.84 2.78
C LYS E 381 -66.54 -28.23 2.59
N GLY E 382 -66.84 -28.83 1.45
CA GLY E 382 -68.19 -29.23 1.09
C GLY E 382 -68.58 -28.72 -0.28
N ASP E 383 -69.81 -29.05 -0.67
CA ASP E 383 -70.29 -28.72 -2.01
C ASP E 383 -70.77 -27.28 -2.07
N ILE E 384 -70.24 -26.53 -3.01
CA ILE E 384 -70.71 -25.18 -3.31
C ILE E 384 -70.88 -25.07 -4.83
N ASN E 385 -71.79 -24.20 -5.24
CA ASN E 385 -71.92 -23.84 -6.65
C ASN E 385 -70.76 -22.92 -6.99
N GLU E 386 -69.75 -23.46 -7.69
CA GLU E 386 -68.51 -22.72 -7.92
C GLU E 386 -68.75 -21.45 -8.72
N GLU E 387 -69.63 -21.51 -9.72
CA GLU E 387 -69.87 -20.34 -10.55
C GLU E 387 -70.51 -19.21 -9.74
N THR E 388 -71.54 -19.53 -8.98
CA THR E 388 -72.23 -18.52 -8.17
C THR E 388 -71.31 -17.96 -7.09
N PHE E 389 -70.53 -18.83 -6.44
CA PHE E 389 -69.56 -18.37 -5.47
C PHE E 389 -68.54 -17.45 -6.11
N ASN E 390 -68.15 -17.74 -7.34
CA ASN E 390 -67.25 -16.85 -8.05
C ASN E 390 -67.90 -15.49 -8.30
N GLU E 391 -69.21 -15.46 -8.53
CA GLU E 391 -69.92 -14.18 -8.67
C GLU E 391 -69.83 -13.38 -7.38
N ALA E 392 -70.15 -14.01 -6.24
CA ALA E 392 -70.04 -13.33 -4.96
C ALA E 392 -68.63 -12.85 -4.71
N TYR E 393 -67.64 -13.67 -5.07
CA TYR E 393 -66.24 -13.32 -4.87
C TYR E 393 -65.84 -12.10 -5.69
N MET E 394 -66.22 -12.07 -6.97
CA MET E 394 -65.87 -10.94 -7.82
C MET E 394 -66.60 -9.67 -7.40
N MET E 395 -67.77 -9.81 -6.78
CA MET E 395 -68.50 -8.61 -6.38
C MET E 395 -67.81 -7.82 -5.28
N HIS E 396 -66.85 -8.41 -4.55
CA HIS E 396 -66.13 -7.69 -3.52
C HIS E 396 -64.63 -7.58 -3.75
N THR E 397 -64.12 -8.12 -4.84
CA THR E 397 -62.69 -8.05 -5.11
C THR E 397 -62.45 -6.94 -6.12
N SER E 398 -61.43 -6.13 -5.85
CA SER E 398 -61.04 -5.09 -6.79
C SER E 398 -60.55 -5.71 -8.09
N THR E 399 -60.84 -5.02 -9.19
CA THR E 399 -60.31 -5.44 -10.49
C THR E 399 -58.81 -5.21 -10.62
N SER E 400 -58.19 -4.55 -9.65
CA SER E 400 -56.75 -4.30 -9.65
CA SER E 400 -56.75 -4.30 -9.65
C SER E 400 -56.17 -4.73 -8.32
N PRO E 401 -56.11 -6.04 -8.07
CA PRO E 401 -55.58 -6.52 -6.78
C PRO E 401 -54.10 -6.22 -6.63
N HIS E 402 -53.72 -5.96 -5.39
CA HIS E 402 -52.33 -5.70 -5.02
C HIS E 402 -51.56 -7.03 -5.03
N TYR E 403 -50.62 -7.16 -5.96
CA TYR E 403 -49.94 -8.44 -6.13
C TYR E 403 -49.04 -8.78 -4.95
N GLY E 404 -48.51 -7.77 -4.26
CA GLY E 404 -47.73 -8.03 -3.06
C GLY E 404 -48.54 -8.69 -1.97
N ILE E 405 -49.78 -8.24 -1.79
CA ILE E 405 -50.67 -8.83 -0.79
C ILE E 405 -50.96 -10.29 -1.12
N VAL E 406 -51.27 -10.56 -2.39
CA VAL E 406 -51.55 -11.92 -2.85
C VAL E 406 -50.35 -12.82 -2.64
N ALA E 407 -49.17 -12.33 -3.03
CA ALA E 407 -47.94 -13.09 -2.86
C ALA E 407 -47.65 -13.34 -1.39
N SER E 408 -47.95 -12.37 -0.53
CA SER E 408 -47.74 -12.55 0.90
C SER E 408 -48.64 -13.64 1.46
N THR E 409 -49.89 -13.70 0.97
CA THR E 409 -50.77 -14.80 1.37
C THR E 409 -50.17 -16.16 0.99
N GLU E 410 -49.75 -16.28 -0.27
CA GLU E 410 -49.15 -17.53 -0.73
C GLU E 410 -47.89 -17.86 0.06
N THR E 411 -47.08 -16.85 0.36
CA THR E 411 -45.82 -17.04 1.07
C THR E 411 -46.06 -17.44 2.53
N ALA E 412 -47.11 -16.91 3.17
CA ALA E 412 -47.46 -17.40 4.50
C ALA E 412 -47.79 -18.88 4.47
N ALA E 413 -48.56 -19.29 3.46
CA ALA E 413 -48.83 -20.72 3.28
C ALA E 413 -47.53 -21.51 3.14
N ALA E 414 -46.59 -21.00 2.33
CA ALA E 414 -45.33 -21.70 2.11
C ALA E 414 -44.48 -21.76 3.37
N MET E 415 -44.46 -20.68 4.15
CA MET E 415 -43.73 -20.68 5.41
C MET E 415 -44.28 -21.71 6.37
N MET E 416 -45.57 -22.00 6.24
CA MET E 416 -46.16 -22.95 7.18
C MET E 416 -45.71 -24.39 6.95
N LYS E 417 -45.03 -24.68 5.84
CA LYS E 417 -44.77 -26.04 5.40
C LYS E 417 -43.42 -26.56 5.89
N GLY E 418 -43.33 -27.89 6.00
CA GLY E 418 -42.06 -28.55 6.26
C GLY E 418 -41.63 -28.53 7.72
N ASN E 419 -40.43 -29.08 7.94
CA ASN E 419 -39.84 -29.10 9.27
C ASN E 419 -39.60 -27.69 9.78
N ALA E 420 -39.17 -26.78 8.90
CA ALA E 420 -38.93 -25.40 9.32
C ALA E 420 -40.22 -24.74 9.80
N GLY E 421 -41.33 -24.94 9.08
CA GLY E 421 -42.60 -24.38 9.52
C GLY E 421 -43.12 -25.02 10.79
N LYS E 422 -42.97 -26.34 10.90
CA LYS E 422 -43.38 -27.02 12.13
C LYS E 422 -42.59 -26.50 13.31
N ARG E 423 -41.29 -26.28 13.13
CA ARG E 423 -40.45 -25.71 14.17
C ARG E 423 -40.90 -24.30 14.53
N LEU E 424 -41.29 -23.51 13.54
CA LEU E 424 -41.77 -22.15 13.81
C LEU E 424 -43.01 -22.17 14.71
N ILE E 425 -44.02 -22.96 14.33
CA ILE E 425 -45.25 -23.01 15.13
C ILE E 425 -44.99 -23.57 16.52
N ASN E 426 -44.26 -24.70 16.58
CA ASN E 426 -43.99 -25.32 17.88
C ASN E 426 -43.18 -24.39 18.77
N GLY E 427 -42.21 -23.68 18.19
CA GLY E 427 -41.41 -22.75 18.98
C GLY E 427 -42.24 -21.60 19.51
N SER E 428 -43.18 -21.10 18.70
CA SER E 428 -44.08 -20.06 19.20
C SER E 428 -44.91 -20.55 20.38
N ILE E 429 -45.44 -21.78 20.27
CA ILE E 429 -46.25 -22.32 21.36
C ILE E 429 -45.41 -22.51 22.63
N GLU E 430 -44.21 -23.09 22.47
CA GLU E 430 -43.34 -23.32 23.63
C GLU E 430 -42.88 -22.00 24.26
N ARG E 431 -42.58 -20.99 23.44
CA ARG E 431 -42.21 -19.68 23.95
C ARG E 431 -43.33 -19.07 24.77
N ALA E 432 -44.57 -19.16 24.26
CA ALA E 432 -45.71 -18.64 25.00
C ALA E 432 -45.88 -19.36 26.34
N ILE E 433 -45.75 -20.70 26.34
CA ILE E 433 -45.91 -21.45 27.58
C ILE E 433 -44.80 -21.11 28.58
N ARG E 434 -43.57 -20.94 28.09
CA ARG E 434 -42.48 -20.56 28.98
C ARG E 434 -42.73 -19.20 29.60
N PHE E 435 -43.25 -18.26 28.80
CA PHE E 435 -43.60 -16.94 29.35
C PHE E 435 -44.70 -17.05 30.40
N ARG E 436 -45.71 -17.89 30.16
CA ARG E 436 -46.77 -18.07 31.14
C ARG E 436 -46.23 -18.61 32.45
N LYS E 437 -45.39 -19.64 32.37
CA LYS E 437 -44.80 -20.22 33.57
C LYS E 437 -43.94 -19.20 34.31
N GLU E 438 -43.20 -18.38 33.55
CA GLU E 438 -42.36 -17.36 34.19
C GLU E 438 -43.20 -16.30 34.88
N ILE E 439 -44.33 -15.91 34.27
CA ILE E 439 -45.21 -14.94 34.93
C ILE E 439 -45.72 -15.52 36.25
N LYS E 440 -46.12 -16.79 36.24
CA LYS E 440 -46.56 -17.43 37.49
C LYS E 440 -45.45 -17.45 38.52
N ARG E 441 -44.23 -17.80 38.10
CA ARG E 441 -43.11 -17.86 39.03
C ARG E 441 -42.79 -16.50 39.64
N LEU E 442 -42.81 -15.46 38.81
CA LEU E 442 -42.56 -14.11 39.31
C LEU E 442 -43.66 -13.67 40.27
N ASN E 443 -44.91 -14.02 39.96
CA ASN E 443 -46.01 -13.69 40.87
C ASN E 443 -45.81 -14.36 42.22
N SER E 444 -45.38 -15.62 42.22
CA SER E 444 -45.08 -16.29 43.48
C SER E 444 -43.90 -15.63 44.20
N GLU E 445 -42.91 -15.14 43.47
CA GLU E 445 -41.72 -14.56 44.07
C GLU E 445 -41.98 -13.17 44.66
N SER E 446 -42.89 -12.40 44.08
CA SER E 446 -43.12 -11.04 44.51
C SER E 446 -43.72 -11.01 45.92
N GLU E 447 -43.18 -10.14 46.78
CA GLU E 447 -43.69 -10.04 48.13
C GLU E 447 -45.01 -9.29 48.18
N GLY E 448 -45.20 -8.33 47.29
CA GLY E 448 -46.46 -7.62 47.14
C GLY E 448 -47.21 -8.06 45.91
N TRP E 449 -47.99 -7.14 45.35
CA TRP E 449 -48.76 -7.43 44.15
C TRP E 449 -47.85 -7.69 42.96
N PHE E 450 -48.31 -8.55 42.06
CA PHE E 450 -47.64 -8.74 40.77
C PHE E 450 -48.67 -9.11 39.73
N PHE E 451 -48.28 -8.96 38.47
CA PHE E 451 -49.14 -9.35 37.37
C PHE E 451 -49.44 -10.84 37.43
N ASP E 452 -50.65 -11.20 37.03
CA ASP E 452 -51.08 -12.59 36.96
C ASP E 452 -51.52 -12.90 35.54
N VAL E 453 -51.43 -14.17 35.17
CA VAL E 453 -51.82 -14.63 33.84
C VAL E 453 -53.09 -15.47 33.97
N TRP E 454 -54.06 -15.20 33.10
CA TRP E 454 -55.36 -15.87 33.12
C TRP E 454 -55.20 -17.24 32.47
N GLN E 455 -55.09 -18.28 33.30
CA GLN E 455 -54.78 -19.63 32.83
C GLN E 455 -55.04 -20.65 33.93
N PRO E 456 -55.06 -21.94 33.64
CA PRO E 456 -55.17 -22.94 34.72
C PRO E 456 -53.91 -22.99 35.57
N GLU E 457 -54.03 -23.69 36.70
CA GLU E 457 -52.97 -23.68 37.70
C GLU E 457 -51.71 -24.39 37.20
N GLY E 458 -51.82 -25.67 36.87
CA GLY E 458 -50.64 -26.50 36.69
C GLY E 458 -50.24 -26.80 35.26
N ILE E 459 -50.24 -25.79 34.39
CA ILE E 459 -49.91 -26.02 32.98
C ILE E 459 -48.50 -26.58 32.86
N ASP E 460 -48.38 -27.74 32.20
CA ASP E 460 -47.08 -28.34 31.98
C ASP E 460 -46.79 -28.49 30.49
N GLU E 461 -47.59 -29.25 29.75
CA GLU E 461 -47.28 -29.59 28.38
C GLU E 461 -48.02 -28.66 27.41
N ALA E 462 -47.55 -28.64 26.18
CA ALA E 462 -48.17 -27.81 25.15
C ALA E 462 -49.49 -28.44 24.72
N LYS E 463 -50.59 -27.74 24.98
CA LYS E 463 -51.93 -28.16 24.60
C LYS E 463 -52.87 -26.99 24.84
N CYS E 464 -54.08 -27.12 24.30
CA CYS E 464 -55.15 -26.17 24.60
C CYS E 464 -55.84 -26.63 25.87
N TRP E 465 -55.87 -25.77 26.88
CA TRP E 465 -56.33 -26.16 28.20
C TRP E 465 -57.85 -26.10 28.28
N PRO E 466 -58.52 -27.22 28.61
CA PRO E 466 -59.98 -27.18 28.70
C PRO E 466 -60.45 -26.28 29.83
N LEU E 467 -61.64 -25.71 29.63
CA LEU E 467 -62.29 -24.90 30.65
C LEU E 467 -63.28 -25.79 31.38
N ASP E 468 -62.96 -26.16 32.61
CA ASP E 468 -63.76 -27.10 33.38
C ASP E 468 -64.63 -26.36 34.40
N SER E 469 -65.79 -26.95 34.69
CA SER E 469 -66.70 -26.35 35.66
C SER E 469 -66.12 -26.36 37.07
N LYS E 470 -65.28 -27.35 37.39
CA LYS E 470 -64.69 -27.42 38.72
C LYS E 470 -63.66 -26.31 38.95
N ASP E 471 -62.86 -26.01 37.93
CA ASP E 471 -61.85 -24.98 38.04
C ASP E 471 -62.46 -23.60 37.86
N ASN E 472 -62.04 -22.66 38.70
CA ASN E 472 -62.59 -21.31 38.71
C ASN E 472 -61.62 -20.28 38.14
N TRP E 473 -60.51 -20.71 37.55
CA TRP E 473 -59.57 -19.73 36.99
C TRP E 473 -60.20 -18.94 35.86
N HIS E 474 -61.05 -19.59 35.06
CA HIS E 474 -61.63 -18.91 33.90
C HIS E 474 -62.72 -17.90 34.29
N GLY E 475 -63.37 -18.10 35.44
CA GLY E 475 -64.34 -17.14 35.90
C GLY E 475 -65.70 -17.22 35.24
N PHE E 476 -65.97 -18.26 34.45
CA PHE E 476 -67.25 -18.44 33.79
C PHE E 476 -68.11 -19.35 34.65
N LYS E 477 -69.30 -18.87 35.00
CA LYS E 477 -70.20 -19.66 35.83
C LYS E 477 -70.84 -20.77 35.02
N ASP E 478 -70.99 -21.94 35.65
CA ASP E 478 -71.67 -23.12 35.11
C ASP E 478 -71.35 -23.35 33.63
N ILE E 479 -70.06 -23.57 33.37
CA ILE E 479 -69.60 -23.80 32.01
C ILE E 479 -69.77 -25.28 31.66
N ASP E 480 -70.08 -25.54 30.40
CA ASP E 480 -70.16 -26.91 29.91
C ASP E 480 -68.78 -27.52 29.80
N ASN E 481 -68.71 -28.84 29.87
CA ASN E 481 -67.45 -29.56 29.79
C ASN E 481 -67.10 -29.89 28.34
N ASP E 482 -65.81 -29.98 28.07
CA ASP E 482 -65.30 -30.36 26.75
C ASP E 482 -65.83 -29.43 25.66
N HIS E 483 -66.06 -28.17 26.02
CA HIS E 483 -66.65 -27.20 25.11
C HIS E 483 -65.65 -26.12 24.72
N MET E 484 -65.08 -25.42 25.69
CA MET E 484 -64.16 -24.32 25.41
C MET E 484 -62.75 -24.66 25.89
N TYR E 485 -61.77 -24.17 25.13
CA TYR E 485 -60.37 -24.42 25.40
C TYR E 485 -59.60 -23.12 25.26
N LEU E 486 -58.47 -23.03 25.95
CA LEU E 486 -57.65 -21.83 25.92
C LEU E 486 -56.45 -22.03 24.99
N ASP E 487 -56.28 -21.09 24.06
CA ASP E 487 -55.14 -21.11 23.15
C ASP E 487 -53.90 -20.60 23.87
N PRO E 488 -52.83 -21.39 23.98
CA PRO E 488 -51.63 -20.91 24.68
C PRO E 488 -51.03 -19.65 24.07
N ILE E 489 -51.26 -19.43 22.77
CA ILE E 489 -50.66 -18.30 22.07
C ILE E 489 -51.20 -16.97 22.58
N LYS E 490 -52.47 -16.91 22.96
CA LYS E 490 -53.10 -15.66 23.41
C LYS E 490 -52.90 -15.51 24.91
N VAL E 491 -51.94 -14.67 25.31
CA VAL E 491 -51.57 -14.54 26.72
C VAL E 491 -52.28 -13.34 27.31
N THR E 492 -53.16 -13.58 28.27
CA THR E 492 -53.88 -12.50 28.95
C THR E 492 -53.26 -12.29 30.34
N LEU E 493 -52.71 -11.10 30.56
CA LEU E 493 -52.20 -10.72 31.85
C LEU E 493 -53.27 -9.95 32.62
N LEU E 494 -53.35 -10.20 33.92
CA LEU E 494 -54.33 -9.57 34.79
C LEU E 494 -53.62 -8.66 35.78
N THR E 495 -54.09 -7.44 35.91
CA THR E 495 -53.67 -6.52 36.94
C THR E 495 -54.54 -6.69 38.18
N PRO E 496 -54.01 -6.37 39.36
CA PRO E 496 -54.84 -6.44 40.57
C PRO E 496 -55.99 -5.45 40.52
N GLY E 497 -57.09 -5.82 41.17
CA GLY E 497 -58.28 -4.99 41.19
C GLY E 497 -59.56 -5.80 41.22
N MET E 498 -59.44 -7.11 41.03
CA MET E 498 -60.58 -8.01 41.03
C MET E 498 -60.30 -9.16 41.98
N GLN E 499 -61.33 -9.61 42.69
CA GLN E 499 -61.21 -10.74 43.60
C GLN E 499 -61.49 -12.05 42.87
N LYS E 500 -61.11 -13.15 43.50
CA LYS E 500 -61.30 -14.47 42.91
C LYS E 500 -62.76 -14.89 42.81
N ASP E 501 -63.66 -14.19 43.52
CA ASP E 501 -65.08 -14.49 43.48
C ASP E 501 -65.84 -13.65 42.47
N GLY E 502 -65.16 -12.83 41.69
CA GLY E 502 -65.78 -11.98 40.70
C GLY E 502 -66.10 -10.59 41.17
N SER E 503 -65.93 -10.29 42.46
CA SER E 503 -66.19 -8.96 42.98
C SER E 503 -64.93 -8.09 42.89
N MET E 504 -65.14 -6.78 42.93
CA MET E 504 -64.03 -5.86 42.86
C MET E 504 -63.27 -5.80 44.18
N ALA E 505 -62.09 -5.19 44.14
CA ALA E 505 -61.22 -5.05 45.29
C ALA E 505 -61.02 -3.58 45.63
N ASP E 506 -60.64 -3.32 46.88
CA ASP E 506 -60.48 -1.95 47.35
C ASP E 506 -59.39 -1.22 46.58
N THR E 507 -58.28 -1.89 46.31
CA THR E 507 -57.18 -1.33 45.55
C THR E 507 -57.00 -2.08 44.23
N GLY E 508 -56.59 -1.36 43.20
CA GLY E 508 -56.37 -1.96 41.91
C GLY E 508 -55.70 -1.00 40.95
N ILE E 509 -55.04 -1.57 39.96
CA ILE E 509 -54.31 -0.80 38.96
C ILE E 509 -54.95 -1.03 37.60
N PRO E 510 -55.64 -0.04 37.04
CA PRO E 510 -56.27 -0.24 35.73
C PRO E 510 -55.23 -0.53 34.65
N ALA E 511 -55.56 -1.49 33.78
CA ALA E 511 -54.62 -1.96 32.78
C ALA E 511 -54.31 -0.92 31.72
N SER E 512 -55.14 0.11 31.59
CA SER E 512 -54.84 1.19 30.66
C SER E 512 -53.56 1.91 31.05
N ILE E 513 -53.33 2.09 32.36
CA ILE E 513 -52.11 2.73 32.82
C ILE E 513 -50.90 1.90 32.46
N VAL E 514 -50.97 0.59 32.69
CA VAL E 514 -49.86 -0.29 32.34
C VAL E 514 -49.62 -0.27 30.84
N SER E 515 -50.70 -0.24 30.05
CA SER E 515 -50.56 -0.18 28.60
C SER E 515 -49.86 1.10 28.16
N LYS E 516 -50.24 2.23 28.75
CA LYS E 516 -49.58 3.49 28.43
C LYS E 516 -48.10 3.44 28.80
N TYR E 517 -47.79 2.86 29.96
CA TYR E 517 -46.39 2.72 30.37
C TYR E 517 -45.61 1.88 29.38
N LEU E 518 -46.17 0.73 28.99
CA LEU E 518 -45.48 -0.14 28.04
C LEU E 518 -45.27 0.55 26.70
N ASP E 519 -46.28 1.30 26.25
CA ASP E 519 -46.14 2.06 25.01
C ASP E 519 -45.02 3.09 25.12
N GLU E 520 -44.92 3.76 26.27
CA GLU E 520 -43.84 4.72 26.46
C GLU E 520 -42.48 4.04 26.33
N HIS E 521 -42.37 2.79 26.79
CA HIS E 521 -41.13 2.03 26.68
C HIS E 521 -41.12 1.07 25.50
N GLY E 522 -41.77 1.44 24.40
CA GLY E 522 -41.60 0.74 23.14
C GLY E 522 -42.23 -0.63 23.03
N ILE E 523 -43.30 -0.90 23.79
CA ILE E 523 -43.99 -2.17 23.73
C ILE E 523 -45.47 -1.89 23.48
N ILE E 524 -45.99 -2.39 22.36
CA ILE E 524 -47.39 -2.20 21.97
C ILE E 524 -48.16 -3.46 22.32
N VAL E 525 -49.18 -3.32 23.16
CA VAL E 525 -50.06 -4.44 23.46
C VAL E 525 -51.16 -4.52 22.40
N GLU E 526 -51.73 -5.71 22.25
CA GLU E 526 -52.78 -5.91 21.27
C GLU E 526 -54.09 -5.27 21.73
N LYS E 527 -54.46 -5.46 22.99
CA LYS E 527 -55.75 -4.99 23.46
C LYS E 527 -55.73 -4.86 24.98
N THR E 528 -56.38 -3.82 25.50
CA THR E 528 -56.39 -3.52 26.92
C THR E 528 -57.83 -3.41 27.41
N GLY E 529 -58.23 -4.32 28.29
CA GLY E 529 -59.48 -4.21 28.98
C GLY E 529 -59.32 -3.44 30.28
N PRO E 530 -60.35 -3.44 31.13
CA PRO E 530 -60.26 -2.70 32.41
C PRO E 530 -59.13 -3.19 33.31
N TYR E 531 -58.95 -4.51 33.42
CA TYR E 531 -57.90 -5.05 34.27
C TYR E 531 -57.20 -6.23 33.59
N ASN E 532 -57.23 -6.27 32.27
CA ASN E 532 -56.57 -7.31 31.52
C ASN E 532 -55.89 -6.73 30.29
N MET E 533 -54.75 -7.29 29.95
CA MET E 533 -54.01 -6.96 28.76
C MET E 533 -53.79 -8.23 27.95
N LEU E 534 -53.79 -8.10 26.63
CA LEU E 534 -53.64 -9.23 25.73
C LEU E 534 -52.35 -9.10 24.95
N PHE E 535 -51.54 -10.16 24.96
CA PHE E 535 -50.30 -10.23 24.21
C PHE E 535 -50.37 -11.42 23.26
N LEU E 536 -50.15 -11.15 21.98
CA LEU E 536 -50.13 -12.20 20.96
C LEU E 536 -48.71 -12.74 20.87
N PHE E 537 -48.53 -14.00 21.27
CA PHE E 537 -47.22 -14.64 21.16
C PHE E 537 -47.15 -15.40 19.85
N SER E 538 -47.14 -14.64 18.76
CA SER E 538 -47.18 -15.19 17.42
C SER E 538 -45.79 -15.69 17.00
N ILE E 539 -45.70 -16.17 15.76
CA ILE E 539 -44.41 -16.58 15.21
C ILE E 539 -43.46 -15.42 15.01
N GLY E 540 -43.94 -14.19 15.12
CA GLY E 540 -43.10 -13.03 15.08
C GLY E 540 -42.49 -12.62 16.41
N ILE E 541 -42.82 -13.31 17.50
CA ILE E 541 -42.30 -13.01 18.82
C ILE E 541 -41.11 -13.93 19.07
N ASP E 542 -39.96 -13.34 19.38
CA ASP E 542 -38.77 -14.09 19.71
C ASP E 542 -38.43 -13.92 21.19
N LYS E 543 -37.36 -14.58 21.62
CA LYS E 543 -36.97 -14.55 23.03
C LYS E 543 -36.59 -13.14 23.46
N THR E 544 -35.93 -12.38 22.59
CA THR E 544 -35.54 -11.01 22.89
C THR E 544 -36.76 -10.19 23.31
N LYS E 545 -37.83 -10.26 22.53
CA LYS E 545 -39.03 -9.49 22.83
C LYS E 545 -39.69 -9.96 24.12
N ALA E 546 -39.72 -11.27 24.37
CA ALA E 546 -40.33 -11.77 25.59
C ALA E 546 -39.58 -11.31 26.83
N LEU E 547 -38.24 -11.37 26.78
CA LEU E 547 -37.44 -10.88 27.90
C LEU E 547 -37.61 -9.38 28.06
N SER E 548 -37.70 -8.64 26.94
CA SER E 548 -37.95 -7.20 27.01
C SER E 548 -39.28 -6.90 27.70
N LEU E 549 -40.31 -7.70 27.40
CA LEU E 549 -41.60 -7.52 28.05
C LEU E 549 -41.52 -7.80 29.55
N LEU E 550 -40.81 -8.86 29.93
CA LEU E 550 -40.64 -9.14 31.36
C LEU E 550 -39.93 -7.98 32.06
N ARG E 551 -38.89 -7.44 31.43
CA ARG E 551 -38.17 -6.30 32.00
C ARG E 551 -39.08 -5.08 32.13
N ALA E 552 -39.89 -4.82 31.11
CA ALA E 552 -40.79 -3.67 31.16
C ALA E 552 -41.83 -3.82 32.26
N LEU E 553 -42.39 -5.02 32.43
CA LEU E 553 -43.37 -5.24 33.49
C LEU E 553 -42.74 -5.06 34.86
N THR E 554 -41.55 -5.62 35.06
CA THR E 554 -40.86 -5.45 36.34
C THR E 554 -40.55 -3.98 36.59
N ASP E 555 -40.14 -3.24 35.55
CA ASP E 555 -39.87 -1.82 35.68
C ASP E 555 -41.14 -1.05 36.05
N PHE E 556 -42.28 -1.42 35.46
CA PHE E 556 -43.52 -0.77 35.87
C PHE E 556 -43.82 -1.03 37.33
N LYS E 557 -43.64 -2.26 37.79
CA LYS E 557 -43.91 -2.56 39.19
C LYS E 557 -43.01 -1.74 40.12
N ARG E 558 -41.73 -1.66 39.78
CA ARG E 558 -40.79 -0.90 40.60
C ARG E 558 -41.18 0.58 40.62
N SER E 559 -41.51 1.14 39.46
CA SER E 559 -41.88 2.55 39.40
C SER E 559 -43.17 2.82 40.16
N TYR E 560 -44.14 1.91 40.07
CA TYR E 560 -45.41 2.10 40.77
C TYR E 560 -45.22 2.00 42.28
N ASP E 561 -44.42 1.03 42.74
CA ASP E 561 -44.14 0.93 44.17
C ASP E 561 -43.34 2.11 44.69
N LEU E 562 -42.67 2.85 43.80
CA LEU E 562 -41.94 4.05 44.17
C LEU E 562 -42.81 5.31 44.14
N ASN E 563 -44.07 5.19 43.70
CA ASN E 563 -45.01 6.30 43.67
C ASN E 563 -44.45 7.48 42.87
N LEU E 564 -43.90 7.18 41.69
CA LEU E 564 -43.35 8.20 40.83
C LEU E 564 -44.44 9.15 40.34
N ARG E 565 -44.02 10.34 39.93
CA ARG E 565 -44.93 11.32 39.37
C ARG E 565 -45.35 10.92 37.97
N VAL E 566 -46.57 11.31 37.61
CA VAL E 566 -47.10 11.03 36.28
C VAL E 566 -46.26 11.72 35.22
N LYS E 567 -45.76 12.92 35.53
CA LYS E 567 -44.90 13.64 34.59
C LYS E 567 -43.64 12.86 34.24
N ASN E 568 -43.22 11.93 35.10
CA ASN E 568 -42.01 11.14 34.86
C ASN E 568 -42.32 9.79 34.21
N MET E 569 -43.21 9.00 34.82
CA MET E 569 -43.55 7.70 34.28
C MET E 569 -44.22 7.80 32.91
N LEU E 570 -45.14 8.74 32.74
CA LEU E 570 -45.98 8.83 31.55
C LEU E 570 -45.90 10.23 30.95
N PRO E 571 -44.79 10.54 30.26
CA PRO E 571 -44.67 11.88 29.66
C PRO E 571 -45.76 12.22 28.67
N SER E 572 -46.21 11.26 27.85
CA SER E 572 -47.26 11.53 26.88
C SER E 572 -48.59 11.86 27.57
N LEU E 573 -48.91 11.13 28.63
CA LEU E 573 -50.12 11.41 29.38
C LEU E 573 -50.07 12.81 29.98
N TYR E 574 -48.91 13.21 30.50
CA TYR E 574 -48.74 14.58 30.99
C TYR E 574 -48.92 15.60 29.88
N ARG E 575 -48.34 15.33 28.71
CA ARG E 575 -48.48 16.24 27.57
C ARG E 575 -49.93 16.34 27.10
N GLU E 576 -50.76 15.35 27.42
CA GLU E 576 -52.18 15.46 27.10
C GLU E 576 -52.82 16.63 27.84
N ASP E 577 -52.48 16.80 29.12
CA ASP E 577 -53.00 17.89 29.93
C ASP E 577 -52.05 18.20 31.08
N PRO E 578 -51.06 19.05 30.87
CA PRO E 578 -50.08 19.29 31.94
C PRO E 578 -50.69 19.81 33.23
N GLU E 579 -51.72 20.65 33.14
CA GLU E 579 -52.32 21.21 34.35
C GLU E 579 -52.95 20.12 35.20
N PHE E 580 -53.66 19.19 34.58
CA PHE E 580 -54.31 18.12 35.33
C PHE E 580 -53.29 17.20 35.98
N TYR E 581 -52.20 16.88 35.29
CA TYR E 581 -51.17 15.98 35.81
C TYR E 581 -49.92 16.72 36.26
N GLU E 582 -50.09 17.94 36.80
CA GLU E 582 -48.92 18.73 37.19
C GLU E 582 -48.11 18.05 38.28
N ASN E 583 -48.78 17.50 39.29
CA ASN E 583 -48.11 16.85 40.40
C ASN E 583 -48.71 15.51 40.76
N MET E 584 -49.54 14.94 39.88
CA MET E 584 -50.17 13.66 40.16
C MET E 584 -49.13 12.56 40.28
N ARG E 585 -49.25 11.75 41.34
CA ARG E 585 -48.47 10.54 41.46
C ARG E 585 -49.16 9.39 40.71
N ILE E 586 -48.37 8.37 40.38
CA ILE E 586 -48.92 7.26 39.61
C ILE E 586 -49.92 6.45 40.45
N GLN E 587 -49.59 6.21 41.72
CA GLN E 587 -50.51 5.49 42.60
C GLN E 587 -51.82 6.23 42.71
N GLU E 588 -51.76 7.57 42.77
CA GLU E 588 -52.97 8.37 42.89
C GLU E 588 -53.85 8.23 41.65
N LEU E 589 -53.26 8.30 40.46
CA LEU E 589 -54.05 8.13 39.24
C LEU E 589 -54.66 6.73 39.18
N ALA E 590 -53.87 5.71 39.53
CA ALA E 590 -54.39 4.35 39.51
C ALA E 590 -55.57 4.21 40.46
N GLN E 591 -55.42 4.74 41.69
CA GLN E 591 -56.49 4.63 42.67
C GLN E 591 -57.71 5.45 42.27
N GLY E 592 -57.51 6.61 41.63
CA GLY E 592 -58.64 7.38 41.17
C GLY E 592 -59.46 6.66 40.12
N ILE E 593 -58.79 6.08 39.14
CA ILE E 593 -59.52 5.34 38.11
C ILE E 593 -60.17 4.10 38.71
N HIS E 594 -59.47 3.41 39.62
CA HIS E 594 -60.04 2.24 40.27
C HIS E 594 -61.28 2.61 41.08
N ALA E 595 -61.23 3.74 41.79
CA ALA E 595 -62.37 4.18 42.58
C ALA E 595 -63.54 4.58 41.69
N LEU E 596 -63.26 5.22 40.55
CA LEU E 596 -64.33 5.53 39.60
C LEU E 596 -64.99 4.26 39.10
N ILE E 597 -64.18 3.26 38.73
CA ILE E 597 -64.72 2.00 38.24
C ILE E 597 -65.55 1.32 39.32
N GLN E 598 -65.06 1.32 40.57
CA GLN E 598 -65.77 0.66 41.66
C GLN E 598 -67.09 1.37 41.95
N HIS E 599 -67.06 2.69 42.09
CA HIS E 599 -68.27 3.45 42.42
C HIS E 599 -69.31 3.34 41.32
N HIS E 600 -68.87 3.39 40.06
CA HIS E 600 -69.81 3.19 38.96
C HIS E 600 -70.16 1.73 38.75
N ASN E 601 -69.49 0.82 39.45
CA ASN E 601 -69.73 -0.62 39.34
C ASN E 601 -69.60 -1.10 37.89
N LEU E 602 -68.42 -0.87 37.33
CA LEU E 602 -68.18 -1.24 35.93
C LEU E 602 -68.39 -2.73 35.67
N PRO E 603 -67.84 -3.67 36.44
CA PRO E 603 -68.01 -5.08 36.08
C PRO E 603 -69.45 -5.55 36.08
N ASP E 604 -70.19 -5.27 37.16
CA ASP E 604 -71.57 -5.73 37.25
C ASP E 604 -72.44 -5.10 36.18
N LEU E 605 -72.30 -3.79 35.98
CA LEU E 605 -73.07 -3.11 34.94
C LEU E 605 -72.73 -3.64 33.56
N MET E 606 -71.45 -3.87 33.29
CA MET E 606 -71.02 -4.48 32.03
C MET E 606 -71.71 -5.84 31.83
N TYR E 607 -71.64 -6.70 32.84
CA TYR E 607 -72.16 -8.05 32.72
C TYR E 607 -73.66 -8.05 32.52
N ARG E 608 -74.37 -7.19 33.26
CA ARG E 608 -75.82 -7.14 33.13
C ARG E 608 -76.25 -6.50 31.81
N ALA E 609 -75.49 -5.52 31.32
CA ALA E 609 -75.82 -4.92 30.03
C ALA E 609 -75.69 -5.95 28.92
N PHE E 610 -74.62 -6.73 28.93
CA PHE E 610 -74.43 -7.73 27.89
C PHE E 610 -75.18 -9.02 28.15
N GLU E 611 -75.83 -9.17 29.31
CA GLU E 611 -76.66 -10.34 29.57
C GLU E 611 -78.01 -10.26 28.86
N VAL E 612 -78.59 -9.07 28.75
CA VAL E 612 -79.95 -8.89 28.25
C VAL E 612 -79.88 -8.38 26.81
N LEU E 613 -80.71 -8.96 25.94
CA LEU E 613 -80.70 -8.61 24.52
C LEU E 613 -81.74 -7.52 24.25
N PRO E 614 -81.33 -6.40 23.65
CA PRO E 614 -82.32 -5.39 23.24
C PRO E 614 -83.29 -5.96 22.21
N THR E 615 -84.52 -5.47 22.24
CA THR E 615 -85.53 -5.94 21.30
C THR E 615 -85.20 -5.52 19.88
N MET E 616 -85.57 -6.37 18.93
CA MET E 616 -85.34 -6.11 17.51
C MET E 616 -86.67 -5.70 16.88
N VAL E 617 -86.85 -4.40 16.70
CA VAL E 617 -88.03 -3.91 15.99
C VAL E 617 -87.94 -4.24 14.51
N MET E 618 -86.76 -4.04 13.93
CA MET E 618 -86.52 -4.32 12.51
C MET E 618 -85.09 -4.80 12.34
N ASN E 619 -84.84 -5.48 11.23
CA ASN E 619 -83.51 -6.00 10.97
C ASN E 619 -82.57 -4.86 10.59
N PRO E 620 -81.26 -5.08 10.67
CA PRO E 620 -80.30 -3.99 10.39
C PRO E 620 -80.47 -3.39 9.00
N HIS E 621 -80.89 -4.19 8.02
CA HIS E 621 -81.07 -3.66 6.67
C HIS E 621 -82.13 -2.57 6.63
N ALA E 622 -83.27 -2.79 7.30
CA ALA E 622 -84.33 -1.80 7.32
C ALA E 622 -83.88 -0.52 8.02
N ALA E 623 -83.15 -0.66 9.14
CA ALA E 623 -82.67 0.51 9.85
C ALA E 623 -81.69 1.31 9.00
N PHE E 624 -80.77 0.64 8.31
CA PHE E 624 -79.83 1.35 7.46
C PHE E 624 -80.52 1.99 6.26
N GLN E 625 -81.54 1.34 5.72
CA GLN E 625 -82.29 1.95 4.62
C GLN E 625 -83.00 3.23 5.10
N MET E 626 -83.58 3.18 6.30
CA MET E 626 -84.22 4.38 6.85
C MET E 626 -83.20 5.48 7.11
N GLU E 627 -82.01 5.11 7.60
CA GLU E 627 -80.96 6.11 7.80
C GLU E 627 -80.52 6.72 6.48
N LEU E 628 -80.41 5.89 5.43
CA LEU E 628 -80.05 6.40 4.11
C LEU E 628 -81.11 7.35 3.58
N ARG E 629 -82.39 7.04 3.80
CA ARG E 629 -83.47 7.91 3.35
C ARG E 629 -83.62 9.16 4.23
N GLY E 630 -82.77 9.33 5.23
CA GLY E 630 -82.83 10.51 6.08
C GLY E 630 -83.83 10.46 7.20
N GLN E 631 -84.48 9.33 7.43
CA GLN E 631 -85.53 9.27 8.44
C GLN E 631 -84.95 9.00 9.82
N THR E 632 -83.97 9.80 10.23
CA THR E 632 -83.26 9.60 11.50
C THR E 632 -82.98 10.94 12.15
N GLU E 633 -82.71 10.89 13.45
CA GLU E 633 -82.43 12.09 14.23
C GLU E 633 -81.45 11.76 15.34
N GLU E 634 -80.76 12.80 15.81
CA GLU E 634 -79.79 12.67 16.88
C GLU E 634 -80.48 12.87 18.22
N VAL E 635 -80.26 11.94 19.15
CA VAL E 635 -80.92 11.95 20.45
C VAL E 635 -79.89 11.62 21.52
N TYR E 636 -79.95 12.33 22.64
CA TYR E 636 -79.03 12.06 23.74
C TYR E 636 -79.33 10.71 24.37
N LEU E 637 -78.33 10.17 25.08
CA LEU E 637 -78.47 8.85 25.68
C LEU E 637 -79.68 8.76 26.59
N GLU E 638 -80.08 9.87 27.22
CA GLU E 638 -81.17 9.84 28.20
C GLU E 638 -82.48 9.38 27.57
N GLU E 639 -82.78 9.85 26.36
CA GLU E 639 -83.98 9.44 25.65
C GLU E 639 -83.74 8.20 24.80
N MET E 640 -82.75 7.38 25.17
CA MET E 640 -82.43 6.19 24.40
C MET E 640 -83.59 5.20 24.39
N ILE E 641 -84.26 5.05 25.54
CA ILE E 641 -85.36 4.09 25.64
C ILE E 641 -86.50 4.48 24.72
N GLY E 642 -87.06 3.48 24.04
CA GLY E 642 -88.17 3.69 23.14
C GLY E 642 -87.77 4.11 21.75
N LYS E 643 -86.48 4.32 21.49
CA LYS E 643 -86.00 4.75 20.18
C LYS E 643 -85.28 3.59 19.50
N VAL E 644 -85.62 3.36 18.24
CA VAL E 644 -84.98 2.31 17.46
C VAL E 644 -83.64 2.82 16.97
N ASN E 645 -82.57 2.12 17.34
CA ASN E 645 -81.23 2.55 16.98
C ASN E 645 -80.98 2.37 15.49
N ALA E 646 -80.31 3.34 14.89
CA ALA E 646 -79.97 3.29 13.48
C ALA E 646 -78.58 2.74 13.22
N ASN E 647 -77.69 2.84 14.20
CA ASN E 647 -76.29 2.50 14.03
C ASN E 647 -75.88 1.46 15.06
N MET E 648 -74.91 0.63 14.70
CA MET E 648 -74.36 -0.30 15.67
C MET E 648 -73.66 0.48 16.77
N ILE E 649 -74.09 0.27 18.01
CA ILE E 649 -73.40 0.81 19.17
C ILE E 649 -72.41 -0.24 19.67
N LEU E 650 -71.12 0.12 19.62
CA LEU E 650 -70.02 -0.79 19.89
C LEU E 650 -69.10 -0.15 20.93
N PRO E 651 -69.40 -0.30 22.21
CA PRO E 651 -68.52 0.24 23.25
C PRO E 651 -67.20 -0.51 23.28
N TYR E 652 -66.10 0.22 23.13
CA TYR E 652 -64.81 -0.42 22.96
C TYR E 652 -64.18 -0.96 24.26
N PRO E 653 -64.39 -0.33 25.42
CA PRO E 653 -63.88 -0.95 26.66
C PRO E 653 -64.40 -2.36 26.84
N PRO E 654 -65.67 -2.67 26.48
CA PRO E 654 -66.03 -4.08 26.29
C PRO E 654 -65.47 -4.63 24.99
N GLY E 655 -65.58 -3.87 23.91
CA GLY E 655 -65.05 -4.25 22.62
C GLY E 655 -65.98 -5.04 21.73
N VAL E 656 -67.15 -5.44 22.21
CA VAL E 656 -68.07 -6.25 21.44
C VAL E 656 -69.35 -5.45 21.22
N PRO E 657 -70.04 -5.62 20.09
CA PRO E 657 -71.19 -4.76 19.79
C PRO E 657 -72.30 -4.92 20.81
N LEU E 658 -72.78 -3.79 21.31
CA LEU E 658 -73.83 -3.81 22.31
C LEU E 658 -75.22 -3.65 21.70
N VAL E 659 -75.36 -2.77 20.71
CA VAL E 659 -76.64 -2.51 20.07
C VAL E 659 -76.49 -2.69 18.57
N MET E 660 -77.42 -3.36 17.99
CA MET E 660 -77.43 -3.51 16.54
C MET E 660 -78.37 -2.49 15.91
N PRO E 661 -78.13 -2.11 14.66
CA PRO E 661 -79.10 -1.26 13.97
C PRO E 661 -80.46 -1.93 13.90
N GLY E 662 -81.51 -1.16 14.19
CA GLY E 662 -82.84 -1.70 14.28
C GLY E 662 -83.22 -2.24 15.64
N GLU E 663 -82.36 -2.10 16.65
CA GLU E 663 -82.64 -2.58 17.99
C GLU E 663 -83.00 -1.42 18.90
N MET E 664 -83.83 -1.71 19.89
CA MET E 664 -84.36 -0.70 20.80
C MET E 664 -84.19 -1.16 22.24
N LEU E 665 -83.90 -0.20 23.12
CA LEU E 665 -83.82 -0.48 24.54
C LEU E 665 -85.18 -0.32 25.19
N THR E 666 -85.49 -1.18 26.15
CA THR E 666 -86.75 -1.13 26.86
C THR E 666 -86.52 -1.19 28.36
N GLU E 667 -87.60 -1.37 29.13
CA GLU E 667 -87.44 -1.49 30.59
C GLU E 667 -86.60 -2.70 30.95
N GLU E 668 -86.80 -3.83 30.26
CA GLU E 668 -85.96 -5.00 30.50
C GLU E 668 -84.52 -4.74 30.08
N SER E 669 -84.32 -4.08 28.93
CA SER E 669 -82.99 -3.76 28.45
C SER E 669 -82.45 -2.44 29.02
N ARG E 670 -83.07 -1.93 30.07
CA ARG E 670 -82.60 -0.70 30.71
C ARG E 670 -81.13 -0.75 31.14
N PRO E 671 -80.60 -1.85 31.70
CA PRO E 671 -79.19 -1.83 32.12
C PRO E 671 -78.22 -1.39 31.03
N VAL E 672 -78.44 -1.81 29.79
CA VAL E 672 -77.55 -1.42 28.69
C VAL E 672 -77.35 0.08 28.69
N LEU E 673 -78.46 0.82 28.60
CA LEU E 673 -78.39 2.27 28.62
C LEU E 673 -77.63 2.78 29.83
N GLU E 674 -77.93 2.23 31.01
CA GLU E 674 -77.22 2.64 32.22
C GLU E 674 -75.72 2.52 32.01
N PHE E 675 -75.27 1.35 31.54
CA PHE E 675 -73.85 1.16 31.29
C PHE E 675 -73.32 2.24 30.36
N LEU E 676 -74.04 2.49 29.27
CA LEU E 676 -73.62 3.51 28.32
C LEU E 676 -73.45 4.86 29.00
N GLN E 677 -74.43 5.22 29.84
CA GLN E 677 -74.32 6.49 30.57
C GLN E 677 -73.04 6.53 31.38
N MET E 678 -72.77 5.44 32.12
CA MET E 678 -71.55 5.37 32.90
C MET E 678 -70.33 5.61 32.01
N LEU E 679 -70.35 5.05 30.81
CA LEU E 679 -69.24 5.23 29.87
C LEU E 679 -68.91 6.71 29.73
N CYS E 680 -69.92 7.54 29.48
CA CYS E 680 -69.68 8.97 29.29
C CYS E 680 -68.97 9.55 30.50
N GLU E 681 -69.43 9.20 31.71
CA GLU E 681 -68.82 9.76 32.90
C GLU E 681 -67.35 9.40 33.00
N ILE E 682 -67.00 8.15 32.68
CA ILE E 682 -65.61 7.73 32.76
C ILE E 682 -64.76 8.52 31.78
N GLY E 683 -65.35 8.97 30.68
CA GLY E 683 -64.60 9.76 29.73
C GLY E 683 -64.43 11.22 30.09
N ALA E 684 -65.14 11.69 31.11
CA ALA E 684 -65.14 13.11 31.45
C ALA E 684 -64.25 13.42 32.66
N HIS E 685 -63.45 12.47 33.11
CA HIS E 685 -62.66 12.64 34.32
C HIS E 685 -61.16 12.51 34.12
N TYR E 686 -60.70 12.04 32.97
CA TYR E 686 -59.27 11.91 32.74
C TYR E 686 -58.94 12.17 31.27
N PRO E 687 -58.19 13.23 30.97
CA PRO E 687 -58.01 13.62 29.55
C PRO E 687 -57.39 12.54 28.68
N GLY E 688 -56.45 11.77 29.21
CA GLY E 688 -55.82 10.72 28.42
C GLY E 688 -56.55 9.40 28.39
N PHE E 689 -57.59 9.26 29.21
CA PHE E 689 -58.36 8.02 29.33
C PHE E 689 -59.78 8.34 28.87
N GLU E 690 -60.01 8.26 27.56
CA GLU E 690 -61.29 8.62 26.97
C GLU E 690 -62.02 7.36 26.57
N THR E 691 -63.22 7.18 27.10
CA THR E 691 -64.07 6.06 26.70
C THR E 691 -64.52 6.24 25.26
N ASP E 692 -64.51 5.16 24.50
CA ASP E 692 -64.88 5.18 23.09
C ASP E 692 -66.17 4.39 22.91
N ILE E 693 -67.22 5.08 22.45
CA ILE E 693 -68.48 4.42 22.13
C ILE E 693 -68.70 4.51 20.62
N HIS E 694 -68.27 3.48 19.91
CA HIS E 694 -68.41 3.44 18.47
C HIS E 694 -69.88 3.45 18.07
N GLY E 695 -70.20 4.25 17.06
CA GLY E 695 -71.58 4.45 16.66
C GLY E 695 -72.25 5.63 17.34
N ALA E 696 -71.71 6.10 18.45
CA ALA E 696 -72.15 7.32 19.09
C ALA E 696 -71.15 8.43 18.78
N TYR E 697 -71.63 9.68 18.80
CA TYR E 697 -70.84 10.81 18.37
C TYR E 697 -70.60 11.76 19.55
N ARG E 698 -69.35 12.15 19.73
CA ARG E 698 -68.93 13.01 20.84
C ARG E 698 -69.34 14.44 20.52
N GLN E 699 -70.54 14.81 20.96
CA GLN E 699 -71.02 16.17 20.78
C GLN E 699 -70.32 17.11 21.77
N ASP E 700 -70.48 18.41 21.54
CA ASP E 700 -69.89 19.41 22.42
C ASP E 700 -70.51 19.32 23.81
N GLY E 701 -69.68 19.52 24.82
CA GLY E 701 -70.11 19.39 26.20
C GLY E 701 -69.80 18.08 26.87
N ALA E 702 -68.94 17.25 26.26
CA ALA E 702 -68.55 15.96 26.82
C ALA E 702 -69.75 15.04 27.02
N ARG E 703 -70.56 14.91 25.97
CA ARG E 703 -71.73 14.04 25.97
C ARG E 703 -71.74 13.21 24.70
N TYR E 704 -72.70 12.30 24.61
CA TYR E 704 -72.85 11.43 23.45
C TYR E 704 -74.29 11.45 22.97
N THR E 705 -74.46 11.55 21.65
CA THR E 705 -75.75 11.40 21.01
C THR E 705 -75.69 10.23 20.03
N VAL E 706 -76.85 9.64 19.78
CA VAL E 706 -76.94 8.52 18.84
C VAL E 706 -78.02 8.82 17.82
N LYS E 707 -77.86 8.25 16.63
CA LYS E 707 -78.86 8.36 15.59
C LYS E 707 -79.93 7.30 15.81
N VAL E 708 -81.19 7.73 15.78
CA VAL E 708 -82.32 6.82 15.94
C VAL E 708 -83.33 7.11 14.84
N ILE E 709 -84.18 6.11 14.57
CA ILE E 709 -85.19 6.26 13.54
C ILE E 709 -86.15 7.37 13.93
N LYS E 710 -86.43 8.27 12.99
CA LYS E 710 -87.33 9.39 13.23
C LYS E 710 -88.70 8.91 13.70
N MET F 1 28.65 17.58 1.76
CA MET F 1 29.36 17.90 0.52
C MET F 1 29.02 16.82 -0.51
N ASN F 2 27.70 16.66 -0.74
CA ASN F 2 27.20 15.57 -1.57
C ASN F 2 26.04 15.99 -2.47
N ILE F 3 25.95 17.27 -2.83
CA ILE F 3 24.88 17.77 -3.68
C ILE F 3 25.41 17.87 -5.10
N ILE F 4 24.73 17.20 -6.04
CA ILE F 4 25.07 17.24 -7.45
C ILE F 4 23.92 17.91 -8.18
N ALA F 5 24.22 18.92 -8.99
CA ALA F 5 23.23 19.63 -9.77
C ALA F 5 23.20 19.09 -11.20
N ILE F 6 22.00 18.75 -11.66
CA ILE F 6 21.79 18.35 -13.05
C ILE F 6 20.96 19.45 -13.70
N LEU F 7 21.49 20.04 -14.77
CA LEU F 7 20.93 21.30 -15.26
C LEU F 7 19.59 21.09 -15.99
N ASN F 8 19.59 20.39 -17.12
CA ASN F 8 18.45 20.52 -18.04
C ASN F 8 17.65 19.23 -18.16
N HIS F 9 16.50 19.35 -18.85
CA HIS F 9 15.60 18.23 -19.14
C HIS F 9 15.13 18.43 -20.59
N MET F 10 15.75 17.70 -21.52
CA MET F 10 15.54 17.96 -22.94
C MET F 10 14.41 17.05 -23.46
N GLY F 11 14.29 16.92 -24.77
CA GLY F 11 13.19 16.16 -25.32
C GLY F 11 13.57 14.94 -26.13
N VAL F 12 14.74 14.36 -25.86
CA VAL F 12 15.21 13.16 -26.58
C VAL F 12 15.47 12.07 -25.57
N TYR F 13 14.93 10.88 -25.84
CA TYR F 13 15.05 9.76 -24.92
C TYR F 13 16.51 9.36 -24.72
N PHE F 14 17.31 9.39 -25.80
CA PHE F 14 18.67 8.89 -25.74
C PHE F 14 19.57 9.73 -24.85
N LYS F 15 19.12 10.90 -24.40
CA LYS F 15 19.82 11.67 -23.39
C LYS F 15 19.17 11.53 -22.01
N GLU F 16 17.83 11.60 -21.95
CA GLU F 16 17.15 11.60 -20.66
C GLU F 16 17.24 10.26 -19.94
N GLU F 17 17.07 9.16 -20.66
CA GLU F 17 17.17 7.85 -20.01
C GLU F 17 18.55 7.60 -19.40
N PRO F 18 19.66 7.86 -20.09
CA PRO F 18 20.96 7.75 -19.39
C PRO F 18 21.05 8.67 -18.19
N ILE F 19 20.49 9.88 -18.26
CA ILE F 19 20.59 10.81 -17.15
C ILE F 19 19.76 10.34 -15.95
N ARG F 20 18.56 9.80 -16.20
CA ARG F 20 17.79 9.21 -15.10
C ARG F 20 18.51 8.02 -14.49
N GLU F 21 19.11 7.17 -15.33
CA GLU F 21 19.87 6.05 -14.80
C GLU F 21 21.05 6.52 -13.96
N LEU F 22 21.73 7.58 -14.41
CA LEU F 22 22.83 8.13 -13.65
C LEU F 22 22.35 8.74 -12.34
N HIS F 23 21.17 9.36 -12.35
CA HIS F 23 20.61 9.89 -11.12
C HIS F 23 20.38 8.76 -10.11
N LYS F 24 19.84 7.64 -10.56
CA LYS F 24 19.68 6.49 -9.67
C LYS F 24 21.03 5.96 -9.19
N ALA F 25 22.01 5.87 -10.09
CA ALA F 25 23.32 5.35 -9.70
C ALA F 25 24.01 6.27 -8.69
N LEU F 26 23.83 7.58 -8.84
CA LEU F 26 24.43 8.53 -7.92
C LEU F 26 23.71 8.51 -6.57
N GLU F 27 22.39 8.35 -6.58
CA GLU F 27 21.66 8.16 -5.34
C GLU F 27 22.14 6.91 -4.61
N ALA F 28 22.51 5.87 -5.36
CA ALA F 28 23.07 4.67 -4.75
C ALA F 28 24.44 4.91 -4.11
N LEU F 29 25.12 5.99 -4.49
CA LEU F 29 26.42 6.34 -3.91
C LEU F 29 26.33 7.46 -2.89
N ASP F 30 25.15 7.69 -2.33
CA ASP F 30 24.91 8.72 -1.31
C ASP F 30 25.21 10.12 -1.85
N PHE F 31 24.54 10.45 -2.95
CA PHE F 31 24.54 11.80 -3.50
C PHE F 31 23.12 12.31 -3.50
N GLN F 32 22.97 13.60 -3.20
CA GLN F 32 21.69 14.28 -3.27
C GLN F 32 21.63 15.05 -4.59
N ILE F 33 20.61 14.77 -5.40
CA ILE F 33 20.49 15.35 -6.74
C ILE F 33 19.53 16.53 -6.68
N VAL F 34 19.96 17.67 -7.22
CA VAL F 34 19.12 18.85 -7.36
C VAL F 34 19.04 19.22 -8.83
N TYR F 35 17.94 19.87 -9.22
CA TYR F 35 17.61 20.15 -10.62
C TYR F 35 17.31 21.64 -10.79
N PRO F 36 18.33 22.45 -11.04
CA PRO F 36 18.06 23.85 -11.37
C PRO F 36 17.32 23.95 -12.70
N ASN F 37 16.51 25.00 -12.82
CA ASN F 37 15.64 25.13 -13.99
C ASN F 37 16.37 25.74 -15.18
N ASP F 38 17.42 26.52 -14.94
CA ASP F 38 18.13 27.20 -16.02
C ASP F 38 19.51 27.60 -15.50
N ARG F 39 20.27 28.26 -16.37
CA ARG F 39 21.63 28.63 -16.05
C ARG F 39 21.70 29.59 -14.87
N GLU F 40 20.82 30.60 -14.84
CA GLU F 40 20.80 31.56 -13.73
C GLU F 40 20.44 30.86 -12.42
N ASP F 41 19.49 29.93 -12.47
CA ASP F 41 19.15 29.14 -11.29
C ASP F 41 20.36 28.36 -10.79
N LEU F 42 21.12 27.74 -11.71
CA LEU F 42 22.31 27.00 -11.31
CA LEU F 42 22.31 27.00 -11.31
C LEU F 42 23.35 27.92 -10.67
N LEU F 43 23.55 29.10 -11.25
CA LEU F 43 24.55 30.03 -10.71
C LEU F 43 24.17 30.50 -9.32
N LYS F 44 22.89 30.83 -9.10
CA LYS F 44 22.45 31.22 -7.77
C LYS F 44 22.58 30.06 -6.79
N LEU F 45 22.27 28.84 -7.24
CA LEU F 45 22.40 27.67 -6.39
C LEU F 45 23.83 27.46 -5.94
N ILE F 46 24.79 27.60 -6.86
CA ILE F 46 26.20 27.50 -6.48
C ILE F 46 26.56 28.63 -5.53
N ASP F 47 26.04 29.83 -5.79
CA ASP F 47 26.38 30.98 -4.95
C ASP F 47 25.92 30.80 -3.52
N ASN F 48 24.71 30.27 -3.31
CA ASN F 48 24.13 30.21 -1.97
C ASN F 48 24.45 28.93 -1.21
N ASN F 49 25.09 27.95 -1.84
CA ASN F 49 25.25 26.63 -1.23
C ASN F 49 26.67 26.13 -1.48
N ALA F 50 27.52 26.26 -0.46
CA ALA F 50 28.90 25.81 -0.58
C ALA F 50 29.04 24.29 -0.55
N ARG F 51 27.97 23.56 -0.25
CA ARG F 51 28.03 22.11 -0.20
CA ARG F 51 28.03 22.11 -0.19
C ARG F 51 27.88 21.45 -1.56
N LEU F 52 27.65 22.24 -2.61
CA LEU F 52 27.59 21.69 -3.96
C LEU F 52 28.93 21.08 -4.35
N CYS F 53 28.92 19.85 -4.84
CA CYS F 53 30.14 19.12 -5.14
C CYS F 53 30.31 18.78 -6.62
N GLY F 54 29.33 19.09 -7.47
CA GLY F 54 29.47 18.82 -8.88
C GLY F 54 28.27 19.33 -9.66
N VAL F 55 28.51 19.57 -10.95
CA VAL F 55 27.50 20.06 -11.87
C VAL F 55 27.51 19.18 -13.13
N ILE F 56 26.33 18.70 -13.51
CA ILE F 56 26.14 17.92 -14.73
C ILE F 56 25.29 18.74 -15.70
N PHE F 57 25.76 18.87 -16.94
CA PHE F 57 25.00 19.61 -17.93
C PHE F 57 25.25 19.03 -19.32
N ASP F 58 24.36 19.41 -20.24
CA ASP F 58 24.43 18.96 -21.64
C ASP F 58 25.25 19.96 -22.45
N TRP F 59 26.34 19.47 -23.06
CA TRP F 59 27.21 20.34 -23.84
C TRP F 59 26.51 20.91 -25.06
N ASP F 60 25.61 20.15 -25.69
CA ASP F 60 24.87 20.66 -26.83
C ASP F 60 24.04 21.89 -26.45
N THR F 61 23.42 21.85 -25.28
CA THR F 61 22.58 22.97 -24.84
C THR F 61 23.43 24.17 -24.41
N TYR F 62 24.51 23.94 -23.67
CA TYR F 62 25.29 25.01 -23.08
C TYR F 62 26.75 24.91 -23.51
N ASN F 63 27.31 26.02 -23.96
CA ASN F 63 28.71 26.06 -24.31
C ASN F 63 29.57 26.05 -23.05
N LEU F 64 30.87 25.90 -23.24
CA LEU F 64 31.78 25.78 -22.10
C LEU F 64 32.00 27.12 -21.38
N ASP F 65 31.45 28.22 -21.87
CA ASP F 65 31.51 29.47 -21.12
C ASP F 65 30.71 29.37 -19.81
N LEU F 66 29.72 28.49 -19.75
CA LEU F 66 29.05 28.22 -18.49
C LEU F 66 30.02 27.66 -17.46
N CYS F 67 30.96 26.82 -17.91
CA CYS F 67 32.00 26.32 -17.02
C CYS F 67 32.89 27.46 -16.53
N GLU F 68 33.17 28.44 -17.39
CA GLU F 68 33.91 29.61 -16.94
C GLU F 68 33.14 30.39 -15.87
N GLU F 69 31.83 30.52 -16.06
CA GLU F 69 31.02 31.20 -15.05
C GLU F 69 31.05 30.45 -13.73
N ILE F 70 30.98 29.13 -13.79
CA ILE F 70 31.07 28.31 -12.58
C ILE F 70 32.43 28.48 -11.92
N SER F 71 33.50 28.47 -12.73
CA SER F 71 34.86 28.57 -12.21
C SER F 71 35.11 29.91 -11.53
N ALA F 72 34.49 30.98 -12.04
CA ALA F 72 34.67 32.29 -11.43
C ALA F 72 34.21 32.30 -9.98
N MET F 73 33.25 31.44 -9.63
CA MET F 73 32.81 31.29 -8.24
C MET F 73 33.66 30.29 -7.47
N ASN F 74 33.97 29.15 -8.10
CA ASN F 74 34.72 28.07 -7.44
C ASN F 74 35.50 27.34 -8.53
N GLU F 75 36.78 27.68 -8.67
CA GLU F 75 37.62 27.12 -9.73
C GLU F 75 37.92 25.65 -9.53
N HIS F 76 37.67 25.09 -8.34
CA HIS F 76 37.92 23.68 -8.09
C HIS F 76 36.66 22.83 -8.23
N LEU F 77 35.49 23.45 -8.34
CA LEU F 77 34.24 22.70 -8.41
C LEU F 77 34.22 21.84 -9.67
N PRO F 78 34.01 20.53 -9.55
CA PRO F 78 34.00 19.67 -10.74
C PRO F 78 32.72 19.86 -11.54
N VAL F 79 32.88 19.95 -12.86
CA VAL F 79 31.77 20.08 -13.79
CA VAL F 79 31.76 20.05 -13.77
C VAL F 79 31.85 18.92 -14.79
N TYR F 80 30.73 18.24 -14.99
CA TYR F 80 30.64 17.10 -15.90
C TYR F 80 29.80 17.48 -17.11
N ALA F 81 30.46 17.54 -18.26
CA ALA F 81 29.81 17.91 -19.51
C ALA F 81 29.55 16.64 -20.33
N PHE F 82 28.32 16.48 -20.79
CA PHE F 82 27.93 15.34 -21.60
C PHE F 82 27.99 15.75 -23.07
N ALA F 83 28.84 15.06 -23.83
CA ALA F 83 29.11 15.40 -25.22
C ALA F 83 28.26 14.53 -26.13
N ASN F 84 27.58 15.16 -27.08
CA ASN F 84 26.87 14.44 -28.13
C ASN F 84 27.32 14.87 -29.52
N THR F 85 27.20 16.15 -29.86
CA THR F 85 27.62 16.62 -31.17
C THR F 85 29.02 17.22 -31.17
N HIS F 86 29.46 17.80 -30.05
CA HIS F 86 30.81 18.34 -29.97
C HIS F 86 31.83 17.22 -29.92
N SER F 87 32.97 17.44 -30.55
CA SER F 87 34.08 16.51 -30.57
C SER F 87 35.30 17.15 -29.92
N THR F 88 36.44 16.46 -30.00
CA THR F 88 37.70 17.02 -29.52
C THR F 88 38.13 18.24 -30.32
N LEU F 89 37.56 18.45 -31.51
CA LEU F 89 37.87 19.63 -32.30
C LEU F 89 37.21 20.89 -31.77
N ASP F 90 36.33 20.78 -30.78
CA ASP F 90 35.52 21.91 -30.32
C ASP F 90 35.94 22.42 -28.94
N VAL F 91 37.15 22.09 -28.49
CA VAL F 91 37.65 22.55 -27.21
CA VAL F 91 37.65 22.55 -27.21
C VAL F 91 38.90 23.38 -27.46
N SER F 92 38.96 24.56 -26.84
CA SER F 92 40.15 25.39 -26.91
C SER F 92 41.05 25.11 -25.71
N LEU F 93 42.24 25.69 -25.74
CA LEU F 93 43.17 25.54 -24.62
C LEU F 93 42.57 26.09 -23.34
N ASN F 94 41.96 27.28 -23.41
CA ASN F 94 41.35 27.87 -22.24
C ASN F 94 40.24 26.99 -21.69
N ASP F 95 39.43 26.40 -22.56
CA ASP F 95 38.41 25.47 -22.09
C ASP F 95 39.03 24.29 -21.35
N LEU F 96 40.12 23.74 -21.89
CA LEU F 96 40.78 22.61 -21.26
C LEU F 96 41.40 22.99 -19.93
N ARG F 97 41.63 24.28 -19.68
CA ARG F 97 42.12 24.70 -18.38
CA ARG F 97 42.12 24.70 -18.37
C ARG F 97 41.08 24.48 -17.28
N LEU F 98 39.80 24.51 -17.63
CA LEU F 98 38.74 24.36 -16.65
C LEU F 98 38.69 22.94 -16.10
N ASN F 99 38.10 22.80 -14.91
CA ASN F 99 37.93 21.51 -14.27
C ASN F 99 36.68 20.80 -14.80
N VAL F 100 36.73 20.45 -16.08
CA VAL F 100 35.61 19.81 -16.77
CA VAL F 100 35.62 19.81 -16.78
C VAL F 100 36.00 18.38 -17.11
N GLU F 101 35.07 17.46 -16.85
CA GLU F 101 35.21 16.06 -17.22
C GLU F 101 34.09 15.72 -18.19
N PHE F 102 34.44 15.07 -19.30
CA PHE F 102 33.48 14.83 -20.37
C PHE F 102 32.98 13.39 -20.32
N PHE F 103 31.68 13.22 -20.59
CA PHE F 103 31.04 11.91 -20.63
C PHE F 103 30.19 11.82 -21.89
N GLU F 104 29.62 10.63 -22.11
CA GLU F 104 28.77 10.37 -23.26
C GLU F 104 27.48 9.73 -22.81
N TYR F 105 26.44 9.88 -23.64
CA TYR F 105 25.13 9.31 -23.36
C TYR F 105 25.08 7.87 -23.87
N ALA F 106 24.75 6.94 -22.98
CA ALA F 106 24.65 5.53 -23.35
C ALA F 106 23.87 4.79 -22.27
N LEU F 107 22.93 3.96 -22.70
CA LEU F 107 22.21 3.12 -21.75
C LEU F 107 23.15 2.10 -21.13
N GLY F 108 23.01 1.88 -19.84
CA GLY F 108 23.82 0.92 -19.12
C GLY F 108 25.19 1.39 -18.68
N ALA F 109 25.55 2.65 -18.92
CA ALA F 109 26.84 3.17 -18.52
C ALA F 109 26.78 4.00 -17.25
N ALA F 110 25.63 4.04 -16.58
CA ALA F 110 25.46 4.92 -15.43
C ALA F 110 26.35 4.51 -14.26
N GLN F 111 26.60 3.21 -14.08
CA GLN F 111 27.44 2.76 -12.97
C GLN F 111 28.86 3.29 -13.10
N ASP F 112 29.46 3.15 -14.27
CA ASP F 112 30.84 3.61 -14.47
C ASP F 112 30.95 5.13 -14.34
N ILE F 113 29.98 5.86 -14.89
CA ILE F 113 30.01 7.32 -14.79
C ILE F 113 29.84 7.76 -13.34
N ALA F 114 28.94 7.09 -12.61
CA ALA F 114 28.75 7.42 -11.21
C ALA F 114 30.03 7.17 -10.41
N GLN F 115 30.73 6.07 -10.72
CA GLN F 115 32.02 5.80 -10.08
C GLN F 115 33.04 6.90 -10.40
N LYS F 116 33.09 7.34 -11.65
CA LYS F 116 34.00 8.41 -12.03
C LYS F 116 33.65 9.70 -11.29
N ILE F 117 32.36 10.00 -11.13
CA ILE F 117 31.94 11.19 -10.42
C ILE F 117 32.29 11.08 -8.94
N ARG F 118 32.15 9.89 -8.36
CA ARG F 118 32.56 9.66 -6.97
C ARG F 118 34.04 9.94 -6.78
N GLN F 119 34.88 9.43 -7.70
CA GLN F 119 36.31 9.69 -7.61
C GLN F 119 36.64 11.17 -7.80
N SER F 120 35.95 11.83 -8.73
CA SER F 120 36.17 13.26 -8.94
C SER F 120 35.78 14.07 -7.70
N THR F 121 34.69 13.68 -7.04
CA THR F 121 34.29 14.34 -5.79
C THR F 121 35.34 14.14 -4.71
N ASP F 122 35.86 12.91 -4.59
CA ASP F 122 36.92 12.65 -3.62
C ASP F 122 38.15 13.50 -3.92
N ALA F 123 38.51 13.63 -5.19
CA ALA F 123 39.66 14.44 -5.59
C ALA F 123 39.44 15.91 -5.25
N TYR F 124 38.22 16.42 -5.49
CA TYR F 124 37.90 17.80 -5.16
C TYR F 124 38.04 18.05 -3.66
N ILE F 125 37.47 17.16 -2.84
CA ILE F 125 37.56 17.30 -1.40
C ILE F 125 39.02 17.26 -0.94
N ASP F 126 39.80 16.32 -1.49
CA ASP F 126 41.21 16.24 -1.14
C ASP F 126 41.97 17.48 -1.56
N GLU F 127 41.58 18.09 -2.67
CA GLU F 127 42.25 19.29 -3.16
C GLU F 127 41.99 20.48 -2.24
N ILE F 128 40.73 20.68 -1.83
CA ILE F 128 40.46 21.89 -1.05
C ILE F 128 40.82 21.74 0.43
N LEU F 129 40.92 20.52 0.95
CA LEU F 129 41.23 20.35 2.35
C LEU F 129 42.72 20.62 2.61
N PRO F 130 43.06 21.26 3.73
CA PRO F 130 44.47 21.43 4.08
C PRO F 130 45.05 20.13 4.61
N PRO F 131 46.38 19.98 4.62
CA PRO F 131 46.97 18.64 4.87
C PRO F 131 46.71 18.06 6.26
N LEU F 132 46.94 18.84 7.32
CA LEU F 132 46.74 18.32 8.67
CA LEU F 132 46.74 18.30 8.67
C LEU F 132 45.29 17.93 8.93
N THR F 133 44.36 18.78 8.49
CA THR F 133 42.94 18.50 8.70
C THR F 133 42.52 17.23 7.96
N LYS F 134 42.99 17.06 6.73
CA LYS F 134 42.71 15.85 5.97
C LYS F 134 43.27 14.62 6.66
N ALA F 135 44.50 14.73 7.18
CA ALA F 135 45.09 13.61 7.91
C ALA F 135 44.25 13.26 9.15
N LEU F 136 43.79 14.27 9.87
CA LEU F 136 42.98 14.04 11.07
C LEU F 136 41.66 13.37 10.73
N PHE F 137 40.98 13.84 9.68
CA PHE F 137 39.72 13.23 9.26
C PHE F 137 39.93 11.78 8.85
N ASN F 138 41.00 11.51 8.10
CA ASN F 138 41.31 10.14 7.69
C ASN F 138 41.55 9.25 8.91
N TYR F 139 42.37 9.72 9.85
CA TYR F 139 42.65 8.91 11.03
C TYR F 139 41.37 8.61 11.80
N VAL F 140 40.49 9.60 11.93
CA VAL F 140 39.22 9.35 12.60
C VAL F 140 38.44 8.26 11.88
N LYS F 141 38.49 8.25 10.55
CA LYS F 141 37.86 7.16 9.81
C LYS F 141 38.53 5.82 10.11
N GLU F 142 39.81 5.83 10.47
CA GLU F 142 40.52 4.56 10.70
C GLU F 142 39.95 3.77 11.88
N GLY F 143 39.61 4.45 12.97
CA GLY F 143 38.98 3.80 14.12
C GLY F 143 39.80 2.82 14.93
N LYS F 144 41.02 3.19 15.31
CA LYS F 144 41.87 2.31 16.10
C LYS F 144 41.48 2.29 17.58
N TYR F 145 41.94 1.26 18.28
CA TYR F 145 41.79 1.15 19.72
C TYR F 145 42.99 1.79 20.40
N THR F 146 42.73 2.65 21.39
CA THR F 146 43.79 3.38 22.07
C THR F 146 43.86 2.95 23.53
N PHE F 147 45.08 2.65 23.98
CA PHE F 147 45.37 2.49 25.40
C PHE F 147 46.22 3.64 25.91
N CYS F 148 46.03 4.83 25.31
CA CYS F 148 46.87 6.00 25.54
C CYS F 148 45.98 7.20 25.82
N THR F 149 46.62 8.29 26.23
CA THR F 149 45.88 9.53 26.47
C THR F 149 45.37 10.11 25.14
N PRO F 150 44.27 10.85 25.16
CA PRO F 150 43.42 11.21 26.32
C PRO F 150 42.60 10.04 26.86
N GLY F 151 42.21 10.14 28.13
CA GLY F 151 41.61 9.02 28.84
C GLY F 151 40.24 8.61 28.37
N HIS F 152 39.51 9.52 27.71
CA HIS F 152 38.17 9.15 27.25
C HIS F 152 38.21 8.12 26.12
N MET F 153 39.39 7.86 25.55
CA MET F 153 39.59 6.79 24.57
C MET F 153 38.65 6.96 23.37
N GLY F 154 38.68 8.15 22.78
CA GLY F 154 37.82 8.44 21.65
C GLY F 154 36.35 8.54 21.98
N GLY F 155 36.01 8.80 23.24
CA GLY F 155 34.63 8.99 23.64
C GLY F 155 33.97 7.81 24.33
N THR F 156 34.65 6.68 24.47
CA THR F 156 34.06 5.51 25.13
C THR F 156 33.66 5.81 26.57
N ALA F 157 34.56 6.47 27.31
CA ALA F 157 34.30 6.79 28.71
C ALA F 157 33.06 7.65 28.85
N PHE F 158 32.89 8.64 27.96
CA PHE F 158 31.67 9.45 27.98
C PHE F 158 30.44 8.58 27.79
N GLN F 159 30.50 7.64 26.85
CA GLN F 159 29.36 6.80 26.54
C GLN F 159 29.02 5.83 27.66
N LYS F 160 29.95 5.61 28.59
CA LYS F 160 29.69 4.74 29.73
CA LYS F 160 29.70 4.75 29.74
C LYS F 160 29.04 5.46 30.91
N SER F 161 28.76 6.76 30.78
CA SER F 161 28.20 7.54 31.88
C SER F 161 26.95 8.29 31.42
N PRO F 162 25.97 8.47 32.31
CA PRO F 162 24.74 9.20 31.92
C PRO F 162 25.02 10.65 31.53
N VAL F 163 25.63 11.41 32.45
CA VAL F 163 25.98 12.79 32.13
C VAL F 163 27.03 12.82 31.02
N GLY F 164 27.96 11.87 31.05
CA GLY F 164 28.91 11.76 29.96
C GLY F 164 28.24 11.50 28.63
N SER F 165 27.18 10.68 28.64
CA SER F 165 26.46 10.44 27.39
C SER F 165 25.74 11.69 26.91
N ILE F 166 25.20 12.50 27.82
CA ILE F 166 24.63 13.79 27.40
C ILE F 166 25.70 14.65 26.74
N PHE F 167 26.89 14.72 27.35
CA PHE F 167 27.98 15.51 26.81
C PHE F 167 28.39 15.01 25.42
N TYR F 168 28.52 13.69 25.29
CA TYR F 168 28.92 13.07 24.03
C TYR F 168 27.88 13.31 22.94
N ASP F 169 26.60 13.22 23.30
CA ASP F 169 25.55 13.45 22.31
C ASP F 169 25.51 14.92 21.88
N PHE F 170 25.80 15.84 22.80
CA PHE F 170 25.87 17.25 22.41
C PHE F 170 27.03 17.50 21.45
N PHE F 171 28.25 17.09 21.83
CA PHE F 171 29.40 17.46 21.02
C PHE F 171 29.59 16.59 19.79
N GLY F 172 28.99 15.42 19.74
CA GLY F 172 29.10 14.58 18.56
C GLY F 172 30.28 13.62 18.63
N ALA F 173 30.17 12.54 17.86
CA ALA F 173 31.18 11.48 17.90
C ALA F 173 32.51 11.93 17.31
N ASN F 174 32.46 12.69 16.20
CA ASN F 174 33.69 13.07 15.52
C ASN F 174 34.57 13.97 16.39
N ALA F 175 33.94 14.88 17.14
CA ALA F 175 34.72 15.75 18.03
C ALA F 175 35.47 14.95 19.08
N MET F 176 34.81 13.93 19.65
CA MET F 176 35.50 13.05 20.59
C MET F 176 36.60 12.24 19.92
N LYS F 177 36.32 11.70 18.73
CA LYS F 177 37.29 10.83 18.08
C LYS F 177 38.50 11.60 17.56
N SER F 178 38.37 12.90 17.32
CA SER F 178 39.46 13.72 16.85
C SER F 178 40.30 14.28 17.98
N ASP F 179 39.93 14.03 19.23
CA ASP F 179 40.68 14.45 20.40
C ASP F 179 41.73 13.37 20.69
N ILE F 180 42.93 13.57 20.14
CA ILE F 180 44.00 12.59 20.19
C ILE F 180 45.27 13.25 20.73
N SER F 181 46.33 12.45 20.84
CA SER F 181 47.61 12.96 21.31
C SER F 181 48.74 12.54 20.39
N ILE F 182 49.98 12.80 20.78
CA ILE F 182 51.13 12.43 19.95
C ILE F 182 51.40 10.94 19.94
N SER F 183 50.71 10.15 20.77
CA SER F 183 50.80 8.70 20.67
C SER F 183 50.39 8.22 19.28
N VAL F 184 49.56 8.98 18.59
CA VAL F 184 49.25 8.72 17.18
C VAL F 184 50.36 9.32 16.33
N GLY F 185 51.35 8.50 15.97
CA GLY F 185 52.55 9.02 15.34
C GLY F 185 52.36 9.50 13.91
N GLU F 186 51.36 8.98 13.20
CA GLU F 186 51.20 9.34 11.80
C GLU F 186 50.64 10.74 11.60
N LEU F 187 50.13 11.40 12.64
CA LEU F 187 49.77 12.81 12.55
C LEU F 187 50.94 13.74 12.85
N GLY F 188 52.09 13.20 13.26
CA GLY F 188 53.20 14.04 13.62
C GLY F 188 52.98 14.71 14.97
N SER F 189 53.78 15.72 15.23
CA SER F 189 53.75 16.42 16.51
C SER F 189 53.78 17.92 16.27
N LEU F 190 52.93 18.64 16.99
CA LEU F 190 52.96 20.10 16.93
C LEU F 190 54.26 20.64 17.51
N LEU F 191 54.68 20.10 18.65
CA LEU F 191 55.87 20.61 19.32
C LEU F 191 57.13 20.37 18.49
N ASP F 192 57.19 19.23 17.81
CA ASP F 192 58.35 18.89 17.00
C ASP F 192 58.27 19.41 15.57
N HIS F 193 57.13 19.97 15.16
CA HIS F 193 56.95 20.49 13.81
C HIS F 193 57.24 19.41 12.76
N SER F 194 56.67 18.23 12.99
CA SER F 194 56.93 17.05 12.20
C SER F 194 55.67 16.61 11.46
N GLY F 195 55.87 15.83 10.39
CA GLY F 195 54.80 15.22 9.67
C GLY F 195 53.82 16.22 9.09
N PRO F 196 52.52 15.90 9.19
CA PRO F 196 51.50 16.83 8.69
C PRO F 196 51.52 18.19 9.38
N HIS F 197 52.03 18.29 10.60
CA HIS F 197 52.13 19.59 11.25
C HIS F 197 53.09 20.51 10.51
N LYS F 198 54.21 19.96 10.03
CA LYS F 198 55.19 20.77 9.30
C LYS F 198 54.59 21.32 8.01
N GLU F 199 53.90 20.46 7.25
CA GLU F 199 53.25 20.93 6.03
C GLU F 199 52.10 21.88 6.34
N ALA F 200 51.41 21.70 7.46
CA ALA F 200 50.40 22.69 7.86
C ALA F 200 51.04 24.05 8.10
N GLU F 201 52.20 24.07 8.77
CA GLU F 201 52.88 25.34 9.03
C GLU F 201 53.33 25.98 7.73
N GLU F 202 53.88 25.20 6.80
CA GLU F 202 54.30 25.77 5.51
C GLU F 202 53.10 26.26 4.71
N TYR F 203 52.01 25.51 4.76
CA TYR F 203 50.77 25.91 4.09
C TYR F 203 50.28 27.25 4.63
N ILE F 204 50.28 27.41 5.95
CA ILE F 204 49.82 28.66 6.56
C ILE F 204 50.76 29.80 6.20
N ALA F 205 52.08 29.57 6.25
CA ALA F 205 53.02 30.62 5.91
C ALA F 205 52.84 31.08 4.47
N ARG F 206 52.62 30.15 3.55
CA ARG F 206 52.35 30.52 2.16
C ARG F 206 51.06 31.33 2.06
N THR F 207 50.01 30.89 2.76
CA THR F 207 48.71 31.55 2.64
C THR F 207 48.73 32.96 3.21
N PHE F 208 49.46 33.18 4.30
CA PHE F 208 49.43 34.46 5.01
C PHE F 208 50.63 35.34 4.69
N ASN F 209 51.39 35.02 3.64
CA ASN F 209 52.53 35.83 3.19
C ASN F 209 53.58 35.99 4.29
N ALA F 210 53.91 34.88 4.95
CA ALA F 210 54.93 34.88 5.98
C ALA F 210 56.06 33.94 5.56
N GLU F 211 57.29 34.32 5.92
CA GLU F 211 58.41 33.40 5.75
C GLU F 211 58.24 32.17 6.63
N ARG F 212 57.84 32.37 7.89
CA ARG F 212 57.63 31.27 8.81
C ARG F 212 56.35 31.48 9.59
N SER F 213 55.66 30.40 9.92
CA SER F 213 54.41 30.49 10.69
C SER F 213 54.41 29.44 11.78
N TYR F 214 53.78 29.79 12.90
CA TYR F 214 53.65 28.91 14.05
C TYR F 214 52.20 28.92 14.53
N MET F 215 51.72 27.75 14.92
CA MET F 215 50.37 27.55 15.41
C MET F 215 50.37 27.53 16.92
N VAL F 216 49.55 28.37 17.54
CA VAL F 216 49.48 28.52 18.99
C VAL F 216 48.07 28.13 19.43
N THR F 217 47.98 27.27 20.44
CA THR F 217 46.69 26.78 20.93
C THR F 217 46.27 27.42 22.25
N ASN F 218 46.95 28.47 22.72
CA ASN F 218 46.52 29.20 23.89
C ASN F 218 46.35 30.69 23.61
N GLY F 219 46.03 31.03 22.36
CA GLY F 219 45.63 32.38 22.02
C GLY F 219 46.79 33.31 21.71
N THR F 220 46.41 34.50 21.22
CA THR F 220 47.39 35.55 20.96
C THR F 220 48.07 36.03 22.23
N SER F 221 47.45 35.84 23.40
CA SER F 221 48.16 36.12 24.65
C SER F 221 49.44 35.30 24.73
N THR F 222 49.33 33.99 24.50
CA THR F 222 50.51 33.13 24.49
C THR F 222 51.42 33.45 23.31
N ALA F 223 50.85 33.76 22.15
CA ALA F 223 51.69 34.11 21.00
C ALA F 223 52.55 35.34 21.29
N ASN F 224 51.94 36.36 21.90
CA ASN F 224 52.67 37.55 22.31
C ASN F 224 53.76 37.21 23.30
N LYS F 225 53.47 36.34 24.26
CA LYS F 225 54.49 35.94 25.23
C LYS F 225 55.65 35.24 24.55
N ILE F 226 55.37 34.35 23.60
CA ILE F 226 56.42 33.64 22.88
C ILE F 226 57.32 34.63 22.14
N VAL F 227 56.70 35.52 21.35
CA VAL F 227 57.48 36.46 20.56
C VAL F 227 58.31 37.37 21.48
N GLY F 228 57.68 37.90 22.52
CA GLY F 228 58.36 38.82 23.41
C GLY F 228 59.52 38.18 24.16
N MET F 229 59.34 36.94 24.64
CA MET F 229 60.43 36.28 25.33
C MET F 229 61.56 35.92 24.40
N TYR F 230 61.26 35.52 23.16
CA TYR F 230 62.35 35.31 22.21
C TYR F 230 63.09 36.61 21.95
N SER F 231 62.36 37.73 21.90
CA SER F 231 62.92 38.98 21.41
C SER F 231 63.54 39.85 22.50
N ALA F 232 63.12 39.72 23.75
CA ALA F 232 63.51 40.64 24.83
C ALA F 232 64.18 39.88 25.96
N PRO F 233 65.49 39.75 25.94
CA PRO F 233 66.19 39.11 27.06
C PRO F 233 66.11 39.96 28.31
N ALA F 234 66.29 39.30 29.45
CA ALA F 234 66.25 40.00 30.73
C ALA F 234 67.30 41.10 30.76
N GLY F 235 66.90 42.27 31.28
CA GLY F 235 67.76 43.42 31.32
C GLY F 235 67.67 44.33 30.11
N SER F 236 66.97 43.93 29.06
CA SER F 236 66.85 44.75 27.86
C SER F 236 65.71 45.76 28.01
N THR F 237 65.64 46.69 27.06
CA THR F 237 64.61 47.71 27.00
C THR F 237 63.66 47.44 25.84
N VAL F 238 62.37 47.64 26.07
CA VAL F 238 61.35 47.34 25.08
C VAL F 238 60.49 48.59 24.85
N LEU F 239 60.13 48.81 23.59
CA LEU F 239 59.13 49.82 23.24
C LEU F 239 57.76 49.15 23.18
N ILE F 240 56.81 49.67 23.94
CA ILE F 240 55.49 49.06 24.06
C ILE F 240 54.44 50.11 23.73
N ASP F 241 53.50 49.75 22.84
CA ASP F 241 52.30 50.56 22.67
C ASP F 241 51.55 50.66 23.98
N ARG F 242 51.30 51.89 24.44
CA ARG F 242 50.50 52.05 25.65
C ARG F 242 49.10 51.48 25.48
N ASN F 243 48.61 51.44 24.24
CA ASN F 243 47.40 50.69 23.90
C ASN F 243 47.81 49.26 23.59
N CYS F 244 48.09 48.52 24.66
CA CYS F 244 48.54 47.14 24.57
C CYS F 244 47.59 46.23 25.31
N HIS F 245 47.43 45.03 24.77
CA HIS F 245 46.67 44.00 25.46
C HIS F 245 47.38 43.61 26.75
N LYS F 246 46.59 43.09 27.70
CA LYS F 246 47.16 42.74 29.00
C LYS F 246 48.21 41.63 28.91
N SER F 247 48.26 40.90 27.79
CA SER F 247 49.27 39.88 27.62
C SER F 247 50.67 40.48 27.60
N LEU F 248 50.83 41.65 26.99
CA LEU F 248 52.13 42.33 26.99
C LEU F 248 52.52 42.72 28.42
N THR F 249 51.55 43.13 29.23
CA THR F 249 51.82 43.41 30.63
C THR F 249 52.22 42.14 31.38
N HIS F 250 51.57 41.02 31.08
CA HIS F 250 51.98 39.75 31.66
C HIS F 250 53.41 39.41 31.29
N LEU F 251 53.79 39.68 30.03
CA LEU F 251 55.16 39.49 29.60
C LEU F 251 56.12 40.39 30.36
N MET F 252 55.73 41.65 30.60
CA MET F 252 56.60 42.56 31.33
C MET F 252 56.78 42.11 32.79
N MET F 253 55.73 41.55 33.40
CA MET F 253 55.88 40.99 34.74
C MET F 253 56.67 39.68 34.72
N MET F 254 56.70 39.01 33.56
CA MET F 254 57.40 37.73 33.44
C MET F 254 58.90 37.89 33.69
N SER F 255 59.51 38.89 33.06
CA SER F 255 60.95 39.03 33.07
C SER F 255 61.34 40.49 33.27
N ASP F 256 62.57 40.70 33.73
CA ASP F 256 63.08 42.03 34.02
C ASP F 256 63.41 42.71 32.70
N ILE F 257 62.44 43.40 32.15
CA ILE F 257 62.63 44.22 30.95
C ILE F 257 62.11 45.62 31.25
N THR F 258 62.87 46.63 30.85
CA THR F 258 62.47 48.01 31.07
C THR F 258 61.61 48.48 29.90
N PRO F 259 60.36 48.86 30.13
CA PRO F 259 59.53 49.36 29.03
C PRO F 259 59.61 50.87 28.86
N ILE F 260 59.54 51.28 27.60
CA ILE F 260 59.30 52.66 27.22
C ILE F 260 58.06 52.68 26.34
N TYR F 261 57.13 53.57 26.64
CA TYR F 261 55.77 53.48 26.10
C TYR F 261 55.58 54.44 24.94
N PHE F 262 55.14 53.90 23.80
CA PHE F 262 54.52 54.74 22.78
C PHE F 262 53.22 55.32 23.33
N ARG F 263 53.00 56.61 23.11
CA ARG F 263 51.81 57.26 23.62
C ARG F 263 50.79 57.42 22.51
N PRO F 264 49.65 56.75 22.56
CA PRO F 264 48.65 56.87 21.51
C PRO F 264 47.73 58.05 21.76
N THR F 265 46.89 58.33 20.77
CA THR F 265 45.93 59.41 20.83
C THR F 265 44.53 58.85 21.08
N ARG F 266 43.58 59.76 21.28
CA ARG F 266 42.18 59.38 21.48
C ARG F 266 41.30 60.58 21.18
N ASN F 267 40.02 60.30 20.90
CA ASN F 267 39.05 61.32 20.59
C ASN F 267 38.06 61.46 21.74
N ALA F 268 37.05 62.32 21.54
CA ALA F 268 36.09 62.61 22.59
C ALA F 268 35.30 61.37 23.02
N TYR F 269 35.03 60.46 22.08
CA TYR F 269 34.28 59.25 22.42
C TYR F 269 35.12 58.26 23.22
N GLY F 270 36.41 58.50 23.40
CA GLY F 270 37.28 57.49 23.96
C GLY F 270 37.78 56.47 22.97
N ILE F 271 37.48 56.65 21.69
CA ILE F 271 38.01 55.76 20.65
C ILE F 271 39.52 55.95 20.57
N LEU F 272 40.26 54.85 20.72
CA LEU F 272 41.70 54.92 20.76
C LEU F 272 42.26 55.17 19.35
N GLY F 273 43.04 56.23 19.21
CA GLY F 273 43.73 56.54 17.98
C GLY F 273 45.08 55.86 17.91
N GLY F 274 45.86 56.29 16.92
CA GLY F 274 47.18 55.73 16.73
C GLY F 274 48.28 56.53 17.37
N ILE F 275 49.46 55.93 17.41
CA ILE F 275 50.65 56.63 17.88
C ILE F 275 51.07 57.65 16.82
N PRO F 276 51.36 58.90 17.20
CA PRO F 276 51.84 59.87 16.21
C PRO F 276 53.17 59.46 15.60
N LYS F 277 53.42 59.98 14.39
CA LYS F 277 54.64 59.62 13.66
C LYS F 277 55.90 60.06 14.39
N SER F 278 55.81 61.10 15.21
CA SER F 278 57.00 61.57 15.92
C SER F 278 57.52 60.53 16.89
N GLU F 279 56.63 59.73 17.47
CA GLU F 279 57.05 58.79 18.51
C GLU F 279 57.83 57.62 17.97
N PHE F 280 57.85 57.42 16.65
CA PHE F 280 58.69 56.42 16.03
C PHE F 280 60.06 56.96 15.62
N GLN F 281 60.33 58.23 15.87
CA GLN F 281 61.56 58.86 15.43
C GLN F 281 62.71 58.55 16.39
N HIS F 282 63.92 58.56 15.85
CA HIS F 282 65.10 58.18 16.63
C HIS F 282 65.32 59.12 17.79
N ASP F 283 65.16 60.43 17.57
CA ASP F 283 65.44 61.42 18.61
C ASP F 283 64.48 61.27 19.80
N THR F 284 63.19 61.06 19.53
CA THR F 284 62.24 60.89 20.62
C THR F 284 62.60 59.66 21.45
N ILE F 285 62.89 58.55 20.78
CA ILE F 285 63.20 57.32 21.50
C ILE F 285 64.47 57.50 22.31
N ALA F 286 65.49 58.14 21.73
CA ALA F 286 66.73 58.36 22.45
C ALA F 286 66.52 59.23 23.68
N GLU F 287 65.68 60.27 23.56
CA GLU F 287 65.38 61.10 24.72
C GLU F 287 64.67 60.29 25.81
N ARG F 288 63.71 59.45 25.41
CA ARG F 288 63.04 58.60 26.40
C ARG F 288 64.02 57.65 27.07
N VAL F 289 64.92 57.05 26.29
CA VAL F 289 65.91 56.14 26.87
C VAL F 289 66.78 56.89 27.88
N ALA F 290 67.23 58.09 27.53
CA ALA F 290 68.05 58.87 28.45
C ALA F 290 67.29 59.23 29.71
N GLN F 291 66.00 59.57 29.59
CA GLN F 291 65.24 60.02 30.74
C GLN F 291 64.70 58.88 31.58
N THR F 292 64.94 57.62 31.20
CA THR F 292 64.42 56.47 31.92
C THR F 292 65.56 55.70 32.58
N PRO F 293 65.48 55.46 33.89
CA PRO F 293 66.55 54.72 34.57
C PRO F 293 66.68 53.29 34.04
N ASN F 294 67.93 52.82 33.97
CA ASN F 294 68.28 51.47 33.55
C ASN F 294 67.81 51.17 32.13
N ALA F 295 67.61 52.19 31.31
CA ALA F 295 67.11 52.02 29.96
C ALA F 295 68.24 52.17 28.96
N THR F 296 68.33 51.23 28.04
CA THR F 296 69.26 51.25 26.93
C THR F 296 68.47 51.38 25.63
N TRP F 297 69.17 51.30 24.51
CA TRP F 297 68.47 51.38 23.24
C TRP F 297 67.57 50.15 23.10
N PRO F 298 66.28 50.35 22.80
CA PRO F 298 65.35 49.21 22.77
C PRO F 298 65.76 48.17 21.73
N VAL F 299 65.58 46.90 22.09
CA VAL F 299 65.87 45.80 21.18
C VAL F 299 64.61 45.19 20.58
N HIS F 300 63.43 45.61 21.05
CA HIS F 300 62.16 45.06 20.58
C HIS F 300 61.09 46.13 20.71
N ALA F 301 60.19 46.18 19.74
CA ALA F 301 59.06 47.11 19.77
C ALA F 301 57.77 46.36 19.47
N VAL F 302 56.71 46.71 20.18
CA VAL F 302 55.40 46.09 20.01
C VAL F 302 54.38 47.19 19.71
N VAL F 303 53.66 47.02 18.61
CA VAL F 303 52.64 47.97 18.17
C VAL F 303 51.35 47.21 17.88
N THR F 304 50.23 47.74 18.39
CA THR F 304 48.92 47.13 18.18
C THR F 304 48.33 47.64 16.87
N ASN F 305 48.22 46.76 15.88
CA ASN F 305 47.72 47.11 14.56
C ASN F 305 46.82 45.99 14.08
N SER F 306 45.52 46.25 13.94
CA SER F 306 44.93 47.58 14.14
C SER F 306 44.53 47.79 15.60
N THR F 307 43.94 48.95 15.87
CA THR F 307 43.31 49.17 17.17
C THR F 307 42.01 48.39 17.24
N TYR F 308 41.47 48.30 18.46
CA TYR F 308 40.18 47.66 18.68
C TYR F 308 39.09 48.28 17.81
N ASP F 309 39.16 49.58 17.58
CA ASP F 309 38.14 50.31 16.85
C ASP F 309 38.39 50.33 15.34
N GLY F 310 39.42 49.64 14.86
CA GLY F 310 39.63 49.49 13.44
C GLY F 310 40.58 50.48 12.79
N LEU F 311 41.48 51.09 13.55
CA LEU F 311 42.45 52.02 12.99
C LEU F 311 43.74 51.27 12.65
N LEU F 312 44.07 51.25 11.36
CA LEU F 312 45.26 50.59 10.85
C LEU F 312 46.34 51.63 10.57
N TYR F 313 47.58 51.29 10.91
CA TYR F 313 48.72 52.14 10.62
C TYR F 313 49.22 51.92 9.20
N ASN F 314 49.96 52.90 8.71
CA ASN F 314 50.81 52.72 7.53
C ASN F 314 52.07 52.01 7.99
N THR F 315 52.12 50.69 7.79
CA THR F 315 53.20 49.90 8.35
C THR F 315 54.53 50.08 7.62
N ASP F 316 54.50 50.52 6.36
CA ASP F 316 55.75 50.77 5.65
C ASP F 316 56.55 51.86 6.34
N TYR F 317 55.88 52.95 6.74
CA TYR F 317 56.57 54.02 7.45
C TYR F 317 57.12 53.52 8.78
N ILE F 318 56.35 52.71 9.50
CA ILE F 318 56.82 52.21 10.79
C ILE F 318 58.06 51.33 10.59
N LYS F 319 58.03 50.46 9.58
CA LYS F 319 59.17 49.60 9.31
C LYS F 319 60.41 50.42 8.94
N GLU F 320 60.23 51.45 8.11
CA GLU F 320 61.38 52.24 7.68
C GLU F 320 61.92 53.11 8.81
N ALA F 321 61.04 53.81 9.52
CA ALA F 321 61.45 54.82 10.48
C ALA F 321 61.96 54.22 11.79
N LEU F 322 61.30 53.16 12.29
CA LEU F 322 61.61 52.63 13.61
C LEU F 322 62.95 51.93 13.58
N ASP F 323 63.92 52.46 14.33
CA ASP F 323 65.29 51.94 14.34
C ASP F 323 65.47 50.88 15.42
N VAL F 324 64.60 49.87 15.39
CA VAL F 324 64.66 48.74 16.30
C VAL F 324 64.74 47.48 15.46
N LYS F 325 65.63 46.56 15.83
CA LYS F 325 65.90 45.41 14.98
C LYS F 325 64.77 44.38 15.02
N SER F 326 63.86 44.47 15.99
CA SER F 326 62.77 43.51 16.13
C SER F 326 61.47 44.26 16.33
N ILE F 327 60.53 44.10 15.40
CA ILE F 327 59.26 44.81 15.44
C ILE F 327 58.13 43.78 15.41
N HIS F 328 57.19 43.89 16.35
CA HIS F 328 56.11 42.94 16.51
C HIS F 328 54.79 43.68 16.44
N PHE F 329 53.98 43.35 15.45
CA PHE F 329 52.64 43.88 15.30
C PHE F 329 51.66 42.89 15.94
N ASP F 330 51.06 43.30 17.05
CA ASP F 330 49.92 42.59 17.62
C ASP F 330 48.73 42.83 16.70
N SER F 331 48.50 41.89 15.80
CA SER F 331 47.47 41.99 14.78
C SER F 331 46.32 41.04 15.06
N ALA F 332 45.97 40.90 16.35
CA ALA F 332 44.91 39.99 16.75
C ALA F 332 43.59 40.33 16.09
N TRP F 333 43.34 41.61 15.83
CA TRP F 333 42.08 42.05 15.26
C TRP F 333 42.03 42.01 13.73
N VAL F 334 43.17 41.80 13.06
CA VAL F 334 43.18 41.84 11.60
C VAL F 334 43.92 40.64 11.02
N PRO F 335 43.38 39.41 11.11
CA PRO F 335 44.03 38.27 10.47
C PRO F 335 43.74 38.16 8.98
N TYR F 336 42.88 39.00 8.42
CA TYR F 336 42.45 38.90 7.03
C TYR F 336 43.19 39.85 6.09
N THR F 337 44.19 40.57 6.58
CA THR F 337 44.77 41.67 5.80
C THR F 337 45.40 41.19 4.49
N ASN F 338 45.96 39.98 4.47
CA ASN F 338 46.62 39.48 3.27
C ASN F 338 45.64 39.16 2.14
N PHE F 339 44.33 39.13 2.41
CA PHE F 339 43.36 38.56 1.48
C PHE F 339 42.46 39.62 0.85
N SER F 340 42.88 40.88 0.85
CA SER F 340 42.18 41.93 0.15
C SER F 340 43.18 43.03 -0.17
N PRO F 341 43.20 43.54 -1.40
CA PRO F 341 44.15 44.61 -1.75
C PRO F 341 43.92 45.91 -1.00
N ILE F 342 42.75 46.13 -0.41
CA ILE F 342 42.50 47.36 0.31
C ILE F 342 43.40 47.51 1.53
N TYR F 343 43.97 46.42 2.02
CA TYR F 343 44.81 46.44 3.21
C TYR F 343 46.30 46.50 2.88
N LYS F 344 46.66 46.67 1.61
CA LYS F 344 48.07 46.66 1.23
C LYS F 344 48.84 47.77 1.92
N GLY F 345 50.01 47.43 2.46
CA GLY F 345 50.82 48.37 3.19
C GLY F 345 50.30 48.73 4.57
N LEU F 346 49.18 48.13 4.99
CA LEU F 346 48.60 48.42 6.29
C LEU F 346 48.78 47.28 7.29
N CYS F 347 49.64 46.31 6.99
CA CYS F 347 49.84 45.16 7.85
C CYS F 347 51.32 44.81 7.94
N GLY F 348 51.67 44.09 9.00
CA GLY F 348 53.08 43.79 9.26
C GLY F 348 53.71 42.90 8.21
N MET F 349 52.95 41.97 7.64
CA MET F 349 53.49 41.06 6.64
C MET F 349 53.52 41.67 5.25
N SER F 350 53.01 42.89 5.08
CA SER F 350 52.95 43.51 3.76
C SER F 350 54.36 43.72 3.21
N GLY F 351 54.51 43.52 1.92
CA GLY F 351 55.78 43.71 1.27
C GLY F 351 56.75 42.58 1.54
N GLY F 352 58.01 42.86 1.23
CA GLY F 352 59.08 41.90 1.41
C GLY F 352 59.71 41.99 2.78
N ARG F 353 60.89 41.41 2.90
CA ARG F 353 61.61 41.37 4.16
C ARG F 353 62.43 42.65 4.33
N VAL F 354 62.37 43.21 5.53
CA VAL F 354 63.12 44.42 5.86
C VAL F 354 64.55 44.03 6.21
N GLU F 355 65.52 44.65 5.55
CA GLU F 355 66.92 44.35 5.82
C GLU F 355 67.31 44.81 7.22
N GLY F 356 68.02 43.94 7.93
CA GLY F 356 68.48 44.27 9.27
C GLY F 356 67.43 44.24 10.34
N LYS F 357 66.26 43.68 10.07
CA LYS F 357 65.17 43.65 11.04
C LYS F 357 64.39 42.35 10.90
N VAL F 358 63.68 42.00 11.96
CA VAL F 358 62.73 40.90 11.93
C VAL F 358 61.35 41.46 12.26
N ILE F 359 60.34 41.01 11.53
CA ILE F 359 58.96 41.46 11.70
C ILE F 359 58.12 40.28 12.15
N TYR F 360 57.35 40.49 13.20
CA TYR F 360 56.39 39.51 13.69
C TYR F 360 54.98 40.06 13.54
N GLU F 361 54.05 39.16 13.25
CA GLU F 361 52.62 39.45 13.33
C GLU F 361 51.99 38.39 14.20
N THR F 362 51.28 38.80 15.24
CA THR F 362 50.48 37.86 16.02
C THR F 362 49.02 38.05 15.65
N GLN F 363 48.37 36.96 15.23
CA GLN F 363 47.00 37.02 14.77
C GLN F 363 46.11 36.09 15.58
N SER F 364 44.93 36.58 15.93
CA SER F 364 43.91 35.76 16.56
CA SER F 364 43.91 35.75 16.57
C SER F 364 43.01 35.21 15.47
N THR F 365 43.27 33.97 15.06
CA THR F 365 42.49 33.36 14.00
C THR F 365 41.04 33.17 14.39
N HIS F 366 40.76 33.06 15.69
CA HIS F 366 39.39 32.85 16.14
C HIS F 366 38.59 34.14 16.18
N1 LLP F 367 46.16 41.31 21.85
C2 LLP F 367 45.11 41.93 21.31
C2' LLP F 367 45.31 43.28 20.71
C3 LLP F 367 43.86 41.32 21.29
O3 LLP F 367 42.82 42.00 20.70
C4 LLP F 367 43.69 40.06 21.89
C4' LLP F 367 42.41 39.37 21.82
C5 LLP F 367 44.81 39.42 22.43
C6 LLP F 367 46.01 40.09 22.40
C5' LLP F 367 44.73 38.06 23.07
OP4 LLP F 367 44.26 37.03 22.15
P LLP F 367 43.55 35.70 22.68
OP1 LLP F 367 43.35 34.83 21.45
OP2 LLP F 367 42.25 36.14 23.30
OP3 LLP F 367 44.49 35.09 23.70
N LLP F 367 39.26 35.28 16.33
CA LLP F 367 38.53 36.57 16.52
CB LLP F 367 39.45 37.65 17.09
CG LLP F 367 39.56 37.65 18.61
CD LLP F 367 40.45 38.76 19.16
CE LLP F 367 40.42 38.87 20.68
NZ LLP F 367 41.45 39.81 21.12
C LLP F 367 37.89 37.02 15.20
O LLP F 367 36.67 37.28 15.23
N LEU F 368 38.61 37.11 14.10
CA LEU F 368 38.00 37.65 12.89
C LEU F 368 37.96 36.68 11.71
N LEU F 369 38.71 35.57 11.79
CA LEU F 369 38.55 34.49 10.83
C LEU F 369 37.70 33.39 11.47
N ALA F 370 37.62 32.25 10.80
CA ALA F 370 36.80 31.13 11.25
C ALA F 370 37.71 30.07 11.87
N ALA F 371 37.85 30.12 13.19
CA ALA F 371 38.62 29.12 13.92
C ALA F 371 38.12 29.08 15.36
N PHE F 372 38.41 27.96 16.03
CA PHE F 372 37.99 27.79 17.40
C PHE F 372 38.71 28.77 18.31
N SER F 373 38.10 29.07 19.45
CA SER F 373 38.74 29.89 20.47
C SER F 373 40.08 29.27 20.87
N GLN F 374 41.05 30.15 21.13
CA GLN F 374 42.45 29.90 21.49
C GLN F 374 43.32 29.57 20.27
N ALA F 375 42.76 29.51 19.06
CA ALA F 375 43.59 29.35 17.87
C ALA F 375 44.30 30.66 17.54
N SER F 376 45.60 30.60 17.33
CA SER F 376 46.38 31.80 17.09
C SER F 376 47.53 31.47 16.15
N MET F 377 48.01 32.50 15.46
CA MET F 377 49.13 32.37 14.53
C MET F 377 50.23 33.35 14.89
N ILE F 378 51.48 32.89 14.77
CA ILE F 378 52.65 33.76 14.76
C ILE F 378 53.22 33.73 13.35
N HIS F 379 53.40 34.90 12.74
CA HIS F 379 54.01 35.04 11.43
C HIS F 379 55.33 35.78 11.57
N VAL F 380 56.38 35.24 10.96
CA VAL F 380 57.72 35.78 11.05
C VAL F 380 58.22 36.06 9.65
N LYS F 381 58.74 37.28 9.44
CA LYS F 381 59.42 37.66 8.21
C LYS F 381 60.79 38.23 8.60
N GLY F 382 61.85 37.52 8.26
CA GLY F 382 63.20 37.91 8.59
C GLY F 382 63.96 36.79 9.27
N ASP F 383 65.20 37.10 9.61
CA ASP F 383 66.09 36.10 10.18
C ASP F 383 65.83 35.92 11.67
N ILE F 384 65.61 34.66 12.08
CA ILE F 384 65.53 34.29 13.49
C ILE F 384 66.38 33.06 13.71
N ASN F 385 66.79 32.87 14.96
CA ASN F 385 67.43 31.61 15.36
C ASN F 385 66.32 30.60 15.59
N GLU F 386 66.11 29.71 14.61
CA GLU F 386 64.97 28.80 14.67
C GLU F 386 65.00 27.91 15.89
N GLU F 387 66.18 27.41 16.27
CA GLU F 387 66.28 26.53 17.42
C GLU F 387 65.89 27.26 18.70
N THR F 388 66.40 28.48 18.88
CA THR F 388 66.06 29.28 20.06
C THR F 388 64.57 29.64 20.06
N PHE F 389 64.05 30.04 18.91
CA PHE F 389 62.62 30.34 18.81
C PHE F 389 61.79 29.11 19.12
N ASN F 390 62.25 27.93 18.68
CA ASN F 390 61.49 26.72 18.96
C ASN F 390 61.42 26.45 20.46
N GLU F 391 62.51 26.69 21.18
CA GLU F 391 62.48 26.48 22.61
C GLU F 391 61.55 27.49 23.30
N ALA F 392 61.59 28.76 22.86
CA ALA F 392 60.64 29.73 23.40
C ALA F 392 59.20 29.31 23.14
N TYR F 393 58.95 28.78 21.94
CA TYR F 393 57.64 28.27 21.58
C TYR F 393 57.23 27.10 22.49
N MET F 394 58.17 26.20 22.78
CA MET F 394 57.87 25.04 23.61
C MET F 394 57.58 25.42 25.05
N MET F 395 58.24 26.45 25.57
CA MET F 395 57.99 26.86 26.95
C MET F 395 56.56 27.34 27.18
N HIS F 396 55.80 27.68 26.14
CA HIS F 396 54.45 28.15 26.34
C HIS F 396 53.38 27.28 25.71
N THR F 397 53.74 26.18 25.08
CA THR F 397 52.79 25.31 24.42
C THR F 397 52.60 24.05 25.27
N SER F 398 51.35 23.66 25.46
CA SER F 398 51.07 22.44 26.19
C SER F 398 51.63 21.22 25.46
N THR F 399 52.08 20.24 26.24
CA THR F 399 52.52 18.98 25.66
C THR F 399 51.38 18.16 25.09
N SER F 400 50.13 18.57 25.33
CA SER F 400 48.96 17.86 24.83
CA SER F 400 48.96 17.86 24.83
C SER F 400 48.04 18.85 24.12
N PRO F 401 48.46 19.34 22.95
CA PRO F 401 47.64 20.32 22.22
C PRO F 401 46.31 19.73 21.76
N HIS F 402 45.29 20.57 21.77
CA HIS F 402 43.97 20.19 21.28
C HIS F 402 44.00 20.16 19.76
N TYR F 403 43.85 18.95 19.19
CA TYR F 403 44.00 18.81 17.74
C TYR F 403 42.89 19.51 16.97
N GLY F 404 41.71 19.64 17.58
CA GLY F 404 40.64 20.38 16.92
C GLY F 404 40.98 21.85 16.71
N ILE F 405 41.60 22.47 17.70
CA ILE F 405 42.03 23.86 17.60
C ILE F 405 43.06 24.03 16.49
N VAL F 406 44.04 23.11 16.45
CA VAL F 406 45.08 23.14 15.43
C VAL F 406 44.46 22.99 14.04
N ALA F 407 43.56 22.02 13.91
CA ALA F 407 42.89 21.78 12.63
C ALA F 407 42.07 23.00 12.21
N SER F 408 41.42 23.66 13.18
CA SER F 408 40.63 24.84 12.86
C SER F 408 41.54 25.97 12.35
N THR F 409 42.73 26.11 12.92
CA THR F 409 43.69 27.09 12.40
C THR F 409 44.04 26.80 10.94
N GLU F 410 44.41 25.54 10.66
CA GLU F 410 44.76 25.17 9.30
C GLU F 410 43.57 25.38 8.36
N THR F 411 42.36 25.04 8.82
CA THR F 411 41.16 25.15 8.00
C THR F 411 40.79 26.60 7.74
N ALA F 412 41.02 27.51 8.68
CA ALA F 412 40.82 28.93 8.41
C ALA F 412 41.76 29.37 7.29
N ALA F 413 43.02 28.94 7.36
CA ALA F 413 43.94 29.22 6.25
C ALA F 413 43.38 28.69 4.93
N ALA F 414 42.84 27.48 4.93
CA ALA F 414 42.31 26.88 3.70
C ALA F 414 41.08 27.63 3.19
N MET F 415 40.20 28.05 4.09
CA MET F 415 39.04 28.85 3.67
C MET F 415 39.47 30.14 3.02
N MET F 416 40.62 30.68 3.41
CA MET F 416 41.07 31.93 2.83
C MET F 416 41.47 31.82 1.36
N LYS F 417 41.64 30.61 0.82
CA LYS F 417 42.26 30.42 -0.48
C LYS F 417 41.23 30.35 -1.61
N GLY F 418 41.66 30.75 -2.81
CA GLY F 418 40.86 30.58 -4.00
C GLY F 418 39.80 31.64 -4.22
N ASN F 419 39.04 31.42 -5.30
CA ASN F 419 37.94 32.32 -5.63
C ASN F 419 36.87 32.34 -4.55
N ALA F 420 36.61 31.17 -3.93
CA ALA F 420 35.63 31.11 -2.85
C ALA F 420 36.05 31.98 -1.67
N GLY F 421 37.32 31.89 -1.27
CA GLY F 421 37.79 32.73 -0.17
C GLY F 421 37.83 34.20 -0.53
N LYS F 422 38.24 34.51 -1.76
CA LYS F 422 38.24 35.91 -2.19
C LYS F 422 36.83 36.47 -2.16
N ARG F 423 35.84 35.68 -2.60
CA ARG F 423 34.45 36.09 -2.50
C ARG F 423 34.03 36.28 -1.05
N LEU F 424 34.50 35.41 -0.15
CA LEU F 424 34.16 35.54 1.27
C LEU F 424 34.59 36.90 1.81
N ILE F 425 35.86 37.24 1.62
CA ILE F 425 36.37 38.52 2.15
C ILE F 425 35.72 39.71 1.45
N ASN F 426 35.66 39.68 0.12
CA ASN F 426 35.07 40.80 -0.60
C ASN F 426 33.61 41.00 -0.23
N GLY F 427 32.86 39.91 -0.07
CA GLY F 427 31.48 40.02 0.33
C GLY F 427 31.32 40.58 1.73
N SER F 428 32.21 40.20 2.64
CA SER F 428 32.16 40.78 3.98
C SER F 428 32.40 42.29 3.93
N ILE F 429 33.39 42.73 3.14
CA ILE F 429 33.68 44.15 3.04
C ILE F 429 32.51 44.91 2.41
N GLU F 430 31.94 44.37 1.33
CA GLU F 430 30.81 45.03 0.67
C GLU F 430 29.58 45.06 1.57
N ARG F 431 29.35 43.99 2.33
CA ARG F 431 28.22 43.97 3.27
C ARG F 431 28.39 45.04 4.34
N ALA F 432 29.60 45.18 4.88
CA ALA F 432 29.85 46.22 5.87
C ALA F 432 29.64 47.61 5.28
N ILE F 433 30.11 47.85 4.06
CA ILE F 433 29.96 49.17 3.45
C ILE F 433 28.48 49.46 3.16
N ARG F 434 27.74 48.45 2.71
CA ARG F 434 26.30 48.64 2.48
C ARG F 434 25.59 48.99 3.77
N PHE F 435 25.95 48.32 4.87
CA PHE F 435 25.37 48.65 6.17
C PHE F 435 25.71 50.09 6.59
N ARG F 436 26.95 50.51 6.36
CA ARG F 436 27.35 51.88 6.70
C ARG F 436 26.52 52.90 5.93
N LYS F 437 26.39 52.69 4.62
CA LYS F 437 25.61 53.60 3.80
C LYS F 437 24.16 53.62 4.24
N GLU F 438 23.61 52.46 4.60
CA GLU F 438 22.23 52.40 5.04
C GLU F 438 22.03 53.12 6.36
N ILE F 439 22.99 53.03 7.28
CA ILE F 439 22.89 53.78 8.54
C ILE F 439 22.87 55.27 8.24
N LYS F 440 23.74 55.72 7.32
CA LYS F 440 23.73 57.13 6.95
C LYS F 440 22.39 57.54 6.36
N ARG F 441 21.84 56.70 5.46
CA ARG F 441 20.58 57.03 4.82
C ARG F 441 19.44 57.10 5.83
N LEU F 442 19.40 56.15 6.77
CA LEU F 442 18.36 56.18 7.80
C LEU F 442 18.51 57.40 8.70
N ASN F 443 19.75 57.77 9.03
CA ASN F 443 19.96 58.97 9.81
C ASN F 443 19.45 60.21 9.09
N SER F 444 19.67 60.27 7.77
CA SER F 444 19.12 61.38 7.00
C SER F 444 17.59 61.35 6.96
N GLU F 445 17.00 60.16 6.90
CA GLU F 445 15.54 60.06 6.82
C GLU F 445 14.87 60.35 8.15
N SER F 446 15.56 60.12 9.26
CA SER F 446 14.95 60.25 10.58
C SER F 446 14.56 61.70 10.86
N GLU F 447 13.35 61.89 11.37
CA GLU F 447 12.91 63.24 11.71
C GLU F 447 13.64 63.75 12.94
N GLY F 448 13.73 62.94 13.99
CA GLY F 448 14.48 63.24 15.17
C GLY F 448 15.85 62.60 15.17
N TRP F 449 16.33 62.24 16.36
CA TRP F 449 17.63 61.62 16.50
C TRP F 449 17.64 60.23 15.85
N PHE F 450 18.81 59.85 15.34
CA PHE F 450 19.03 58.48 14.91
C PHE F 450 20.49 58.11 15.14
N PHE F 451 20.76 56.81 15.13
CA PHE F 451 22.12 56.33 15.26
C PHE F 451 22.98 56.86 14.12
N ASP F 452 24.23 57.15 14.43
CA ASP F 452 25.21 57.59 13.46
C ASP F 452 26.37 56.60 13.42
N VAL F 453 27.10 56.59 12.31
CA VAL F 453 28.24 55.71 12.13
C VAL F 453 29.49 56.56 12.02
N TRP F 454 30.53 56.17 12.75
CA TRP F 454 31.79 56.91 12.83
C TRP F 454 32.61 56.59 11.59
N GLN F 455 32.55 57.48 10.59
CA GLN F 455 33.14 57.25 9.28
C GLN F 455 33.23 58.55 8.50
N PRO F 456 33.97 58.60 7.39
CA PRO F 456 33.96 59.81 6.56
C PRO F 456 32.62 60.00 5.87
N GLU F 457 32.46 61.19 5.27
CA GLU F 457 31.17 61.58 4.70
C GLU F 457 30.82 60.74 3.48
N GLY F 458 31.64 60.80 2.44
CA GLY F 458 31.23 60.29 1.14
C GLY F 458 31.78 58.94 0.73
N ILE F 459 31.74 57.96 1.64
CA ILE F 459 32.29 56.64 1.32
C ILE F 459 31.54 56.05 0.13
N ASP F 460 32.29 55.65 -0.90
CA ASP F 460 31.70 55.01 -2.07
C ASP F 460 32.28 53.62 -2.31
N GLU F 461 33.58 53.52 -2.52
CA GLU F 461 34.21 52.26 -2.93
C GLU F 461 34.84 51.56 -1.74
N ALA F 462 35.10 50.27 -1.91
CA ALA F 462 35.72 49.47 -0.87
C ALA F 462 37.19 49.86 -0.74
N LYS F 463 37.54 50.44 0.41
CA LYS F 463 38.92 50.80 0.72
C LYS F 463 38.99 51.16 2.20
N CYS F 464 40.21 51.27 2.71
CA CYS F 464 40.44 51.77 4.05
C CYS F 464 40.54 53.29 3.97
N TRP F 465 39.67 53.98 4.69
CA TRP F 465 39.54 55.42 4.53
C TRP F 465 40.60 56.15 5.34
N PRO F 466 41.43 56.98 4.71
CA PRO F 466 42.47 57.69 5.48
C PRO F 466 41.84 58.68 6.45
N LEU F 467 42.56 58.92 7.54
CA LEU F 467 42.17 59.91 8.54
C LEU F 467 42.92 61.20 8.23
N ASP F 468 42.22 62.18 7.67
CA ASP F 468 42.83 63.43 7.22
C ASP F 468 42.69 64.50 8.29
N SER F 469 43.69 65.38 8.36
CA SER F 469 43.66 66.48 9.32
C SER F 469 42.54 67.47 8.99
N LYS F 470 42.16 67.58 7.72
CA LYS F 470 41.10 68.52 7.34
C LYS F 470 39.72 68.02 7.78
N ASP F 471 39.48 66.71 7.67
CA ASP F 471 38.20 66.14 8.05
C ASP F 471 38.14 65.93 9.55
N ASN F 472 36.99 66.25 10.14
CA ASN F 472 36.81 66.17 11.58
C ASN F 472 35.87 65.04 12.00
N TRP F 473 35.52 64.14 11.08
CA TRP F 473 34.67 63.01 11.47
C TRP F 473 35.35 62.13 12.50
N HIS F 474 36.67 61.95 12.39
CA HIS F 474 37.38 61.05 13.30
C HIS F 474 37.56 61.64 14.69
N GLY F 475 37.55 62.97 14.82
CA GLY F 475 37.64 63.59 16.12
C GLY F 475 39.01 63.63 16.74
N PHE F 476 40.06 63.30 15.99
CA PHE F 476 41.43 63.36 16.49
C PHE F 476 42.02 64.70 16.08
N LYS F 477 42.51 65.46 17.06
CA LYS F 477 43.08 66.76 16.78
C LYS F 477 44.52 66.62 16.27
N ASP F 478 44.86 67.41 15.27
CA ASP F 478 46.21 67.48 14.71
C ASP F 478 46.75 66.09 14.38
N ILE F 479 46.09 65.42 13.46
CA ILE F 479 46.49 64.08 13.05
C ILE F 479 47.43 64.17 11.85
N ASP F 480 48.39 63.26 11.81
CA ASP F 480 49.30 63.19 10.67
C ASP F 480 48.58 62.61 9.46
N ASN F 481 49.07 62.95 8.28
CA ASN F 481 48.47 62.48 7.04
C ASN F 481 49.10 61.16 6.62
N ASP F 482 48.30 60.35 5.92
CA ASP F 482 48.75 59.06 5.39
C ASP F 482 49.28 58.16 6.50
N HIS F 483 48.71 58.29 7.70
CA HIS F 483 49.17 57.55 8.86
C HIS F 483 48.14 56.51 9.31
N MET F 484 46.92 56.92 9.61
CA MET F 484 45.89 56.01 10.07
C MET F 484 44.76 55.89 9.06
N TYR F 485 44.20 54.69 9.00
CA TYR F 485 43.14 54.35 8.07
C TYR F 485 42.06 53.59 8.82
N LEU F 486 40.83 53.67 8.34
CA LEU F 486 39.70 53.01 8.99
C LEU F 486 39.36 51.73 8.26
N ASP F 487 39.28 50.63 9.01
CA ASP F 487 38.89 49.35 8.45
C ASP F 487 37.39 49.31 8.27
N PRO F 488 36.89 49.10 7.05
CA PRO F 488 35.42 49.07 6.85
C PRO F 488 34.73 47.99 7.66
N ILE F 489 35.44 46.92 8.00
CA ILE F 489 34.85 45.78 8.70
C ILE F 489 34.41 46.16 10.11
N LYS F 490 35.13 47.07 10.77
CA LYS F 490 34.83 47.44 12.15
C LYS F 490 33.87 48.62 12.16
N VAL F 491 32.59 48.35 12.40
CA VAL F 491 31.55 49.38 12.28
C VAL F 491 31.24 49.93 13.66
N THR F 492 31.51 51.21 13.86
CA THR F 492 31.22 51.88 15.13
C THR F 492 29.99 52.75 14.97
N LEU F 493 28.92 52.41 15.69
CA LEU F 493 27.73 53.23 15.74
C LEU F 493 27.82 54.19 16.92
N LEU F 494 27.32 55.40 16.71
CA LEU F 494 27.36 56.45 17.72
C LEU F 494 25.95 56.82 18.15
N THR F 495 25.73 56.93 19.46
CA THR F 495 24.50 57.46 20.01
C THR F 495 24.57 58.99 20.05
N PRO F 496 23.40 59.66 20.08
CA PRO F 496 23.39 61.12 19.87
C PRO F 496 23.83 61.98 21.05
N GLY F 497 24.43 61.38 22.07
CA GLY F 497 24.76 62.13 23.27
C GLY F 497 25.98 63.03 23.24
N MET F 498 26.68 63.12 22.11
CA MET F 498 27.90 63.89 22.01
C MET F 498 27.80 64.88 20.86
N GLN F 499 28.50 66.00 21.00
CA GLN F 499 28.50 67.03 19.97
C GLN F 499 29.68 66.85 19.03
N LYS F 500 29.75 67.69 18.00
CA LYS F 500 30.75 67.57 16.96
C LYS F 500 32.06 68.28 17.28
N ASP F 501 32.09 69.09 18.34
CA ASP F 501 33.30 69.80 18.74
C ASP F 501 33.99 69.14 19.94
N GLY F 502 33.57 67.95 20.32
CA GLY F 502 34.13 67.26 21.46
C GLY F 502 33.46 67.57 22.78
N SER F 503 32.53 68.51 22.81
CA SER F 503 31.81 68.85 24.03
C SER F 503 30.57 67.99 24.18
N MET F 504 30.14 67.81 25.41
CA MET F 504 28.96 67.00 25.68
C MET F 504 27.69 67.76 25.32
N ALA F 505 26.62 67.02 25.09
CA ALA F 505 25.33 67.57 24.72
C ALA F 505 24.36 67.52 25.89
N ASP F 506 23.34 68.37 25.83
CA ASP F 506 22.38 68.46 26.92
C ASP F 506 21.61 67.15 27.09
N THR F 507 21.19 66.54 25.99
CA THR F 507 20.49 65.27 26.01
C THR F 507 21.32 64.21 25.32
N GLY F 508 21.15 62.97 25.75
CA GLY F 508 21.88 61.87 25.15
C GLY F 508 21.43 60.53 25.69
N ILE F 509 21.72 59.50 24.91
CA ILE F 509 21.35 58.13 25.24
C ILE F 509 22.63 57.33 25.42
N PRO F 510 22.86 56.73 26.59
CA PRO F 510 24.10 55.96 26.79
C PRO F 510 24.05 54.64 26.03
N ALA F 511 25.15 54.31 25.35
CA ALA F 511 25.18 53.13 24.51
C ALA F 511 25.03 51.84 25.30
N SER F 512 25.25 51.87 26.61
CA SER F 512 25.01 50.68 27.42
C SER F 512 23.54 50.29 27.40
N ILE F 513 22.64 51.28 27.40
CA ILE F 513 21.21 50.99 27.33
C ILE F 513 20.86 50.33 26.01
N VAL F 514 21.38 50.87 24.91
CA VAL F 514 21.13 50.27 23.60
C VAL F 514 21.68 48.86 23.54
N SER F 515 22.87 48.65 24.12
CA SER F 515 23.46 47.32 24.14
C SER F 515 22.59 46.34 24.93
N LYS F 516 22.08 46.76 26.08
CA LYS F 516 21.18 45.90 26.85
C LYS F 516 19.92 45.59 26.06
N TYR F 517 19.36 46.58 25.38
CA TYR F 517 18.17 46.34 24.55
C TYR F 517 18.46 45.32 23.46
N LEU F 518 19.59 45.49 22.77
CA LEU F 518 19.93 44.55 21.70
C LEU F 518 20.14 43.15 22.25
N ASP F 519 20.77 43.04 23.41
CA ASP F 519 20.93 41.73 24.06
C ASP F 519 19.56 41.12 24.37
N GLU F 520 18.62 41.94 24.83
CA GLU F 520 17.27 41.42 25.09
C GLU F 520 16.65 40.82 23.83
N HIS F 521 16.96 41.40 22.67
CA HIS F 521 16.41 40.94 21.40
C HIS F 521 17.41 40.13 20.59
N GLY F 522 18.27 39.37 21.26
CA GLY F 522 19.07 38.36 20.59
C GLY F 522 20.21 38.86 19.75
N ILE F 523 20.73 40.06 20.01
CA ILE F 523 21.85 40.63 19.28
C ILE F 523 22.94 41.00 20.27
N ILE F 524 24.09 40.37 20.15
CA ILE F 524 25.22 40.59 21.05
C ILE F 524 26.22 41.51 20.34
N VAL F 525 26.50 42.66 20.95
CA VAL F 525 27.51 43.55 20.39
C VAL F 525 28.89 43.16 20.92
N GLU F 526 29.92 43.55 20.16
CA GLU F 526 31.29 43.23 20.55
C GLU F 526 31.77 44.08 21.72
N LYS F 527 31.51 45.39 21.69
CA LYS F 527 32.04 46.28 22.70
C LYS F 527 31.19 47.55 22.75
N THR F 528 30.97 48.05 23.97
CA THR F 528 30.12 49.22 24.19
C THR F 528 30.88 50.26 24.99
N GLY F 529 31.17 51.40 24.37
CA GLY F 529 31.71 52.53 25.06
C GLY F 529 30.61 53.41 25.63
N PRO F 530 30.96 54.58 26.16
CA PRO F 530 29.92 55.48 26.71
C PRO F 530 28.89 55.90 25.69
N TYR F 531 29.30 56.17 24.45
CA TYR F 531 28.37 56.61 23.42
C TYR F 531 28.65 55.96 22.07
N ASN F 532 29.33 54.82 22.08
CA ASN F 532 29.64 54.11 20.85
C ASN F 532 29.47 52.62 21.08
N MET F 533 29.06 51.94 20.03
CA MET F 533 28.95 50.49 19.99
C MET F 533 29.75 49.98 18.81
N LEU F 534 30.37 48.82 18.98
CA LEU F 534 31.21 48.23 17.94
C LEU F 534 30.58 46.94 17.43
N PHE F 535 30.45 46.84 16.12
CA PHE F 535 29.92 45.65 15.45
C PHE F 535 30.98 45.14 14.49
N LEU F 536 31.34 43.87 14.63
CA LEU F 536 32.30 43.22 13.75
C LEU F 536 31.54 42.61 12.57
N PHE F 537 31.71 43.18 11.39
CA PHE F 537 31.08 42.65 10.18
C PHE F 537 32.00 41.64 9.52
N SER F 538 32.21 40.53 10.22
CA SER F 538 33.17 39.52 9.81
C SER F 538 32.58 38.65 8.69
N ILE F 539 33.35 37.64 8.28
CA ILE F 539 32.86 36.68 7.30
C ILE F 539 31.74 35.82 7.84
N GLY F 540 31.50 35.85 9.15
CA GLY F 540 30.36 35.18 9.75
C GLY F 540 29.08 35.98 9.76
N ILE F 541 29.09 37.21 9.26
CA ILE F 541 27.91 38.06 9.21
C ILE F 541 27.31 37.94 7.81
N ASP F 542 26.03 37.58 7.75
CA ASP F 542 25.32 37.49 6.49
C ASP F 542 24.25 38.58 6.43
N LYS F 543 23.54 38.62 5.30
CA LYS F 543 22.53 39.66 5.09
C LYS F 543 21.39 39.53 6.09
N THR F 544 21.05 38.29 6.47
CA THR F 544 19.98 38.07 7.44
C THR F 544 20.29 38.77 8.76
N LYS F 545 21.52 38.61 9.25
CA LYS F 545 21.90 39.25 10.50
C LYS F 545 21.96 40.76 10.37
N ALA F 546 22.46 41.25 9.23
CA ALA F 546 22.56 42.69 9.03
C ALA F 546 21.18 43.34 9.02
N LEU F 547 20.21 42.73 8.33
CA LEU F 547 18.86 43.27 8.34
C LEU F 547 18.25 43.16 9.73
N SER F 548 18.55 42.07 10.44
CA SER F 548 18.03 41.91 11.80
C SER F 548 18.53 43.02 12.71
N LEU F 549 19.79 43.42 12.56
CA LEU F 549 20.34 44.52 13.34
C LEU F 549 19.65 45.84 13.02
N LEU F 550 19.38 46.09 11.73
CA LEU F 550 18.64 47.29 11.36
C LEU F 550 17.25 47.32 11.99
N ARG F 551 16.56 46.17 11.98
CA ARG F 551 15.23 46.11 12.59
C ARG F 551 15.29 46.37 14.08
N ALA F 552 16.29 45.80 14.77
CA ALA F 552 16.39 46.00 16.21
C ALA F 552 16.75 47.44 16.55
N LEU F 553 17.59 48.08 15.74
CA LEU F 553 17.97 49.46 16.00
C LEU F 553 16.77 50.39 15.87
N THR F 554 16.01 50.25 14.78
CA THR F 554 14.82 51.08 14.63
C THR F 554 13.76 50.72 15.66
N ASP F 555 13.70 49.45 16.08
CA ASP F 555 12.80 49.07 17.16
C ASP F 555 13.19 49.73 18.47
N PHE F 556 14.48 49.92 18.74
CA PHE F 556 14.87 50.65 19.94
C PHE F 556 14.40 52.09 19.89
N LYS F 557 14.57 52.75 18.74
CA LYS F 557 14.22 54.16 18.63
C LYS F 557 12.73 54.39 18.84
N ARG F 558 11.89 53.54 18.24
CA ARG F 558 10.45 53.67 18.40
C ARG F 558 10.04 53.46 19.85
N SER F 559 10.60 52.42 20.49
CA SER F 559 10.31 52.18 21.90
C SER F 559 10.82 53.33 22.78
N TYR F 560 12.00 53.86 22.46
CA TYR F 560 12.54 54.97 23.23
C TYR F 560 11.70 56.23 23.05
N ASP F 561 11.32 56.52 21.81
CA ASP F 561 10.47 57.69 21.57
C ASP F 561 9.08 57.54 22.15
N LEU F 562 8.65 56.31 22.41
CA LEU F 562 7.37 56.06 23.06
C LEU F 562 7.46 56.06 24.58
N ASN F 563 8.67 56.27 25.13
CA ASN F 563 8.87 56.41 26.57
C ASN F 563 8.37 55.19 27.33
N LEU F 564 8.71 54.00 26.83
CA LEU F 564 8.27 52.77 27.47
C LEU F 564 8.89 52.62 28.85
N ARG F 565 8.26 51.81 29.68
CA ARG F 565 8.77 51.52 31.01
C ARG F 565 9.97 50.59 30.92
N VAL F 566 10.91 50.77 31.86
CA VAL F 566 12.10 49.93 31.92
C VAL F 566 11.70 48.48 32.18
N LYS F 567 10.67 48.26 33.00
CA LYS F 567 10.22 46.91 33.31
C LYS F 567 9.82 46.14 32.06
N ASN F 568 9.31 46.84 31.05
CA ASN F 568 8.90 46.18 29.82
C ASN F 568 10.00 46.17 28.76
N MET F 569 10.69 47.30 28.60
CA MET F 569 11.71 47.41 27.56
C MET F 569 12.94 46.57 27.90
N LEU F 570 13.34 46.54 29.16
CA LEU F 570 14.55 45.85 29.60
C LEU F 570 14.23 44.94 30.78
N PRO F 571 13.60 43.78 30.53
CA PRO F 571 13.21 42.91 31.64
C PRO F 571 14.36 42.44 32.52
N SER F 572 15.53 42.14 31.95
CA SER F 572 16.64 41.69 32.77
C SER F 572 17.14 42.80 33.68
N LEU F 573 17.20 44.03 33.17
CA LEU F 573 17.59 45.17 33.99
C LEU F 573 16.62 45.36 35.15
N TYR F 574 15.33 45.18 34.89
CA TYR F 574 14.33 45.22 35.97
C TYR F 574 14.57 44.11 36.97
N ARG F 575 14.88 42.90 36.49
CA ARG F 575 15.15 41.79 37.39
C ARG F 575 16.39 42.02 38.23
N GLU F 576 17.28 42.91 37.79
CA GLU F 576 18.43 43.27 38.63
C GLU F 576 17.98 43.91 39.93
N ASP F 577 17.01 44.83 39.86
CA ASP F 577 16.48 45.51 41.04
C ASP F 577 15.09 46.05 40.75
N PRO F 578 14.04 45.24 40.98
CA PRO F 578 12.69 45.69 40.63
C PRO F 578 12.26 46.97 41.31
N GLU F 579 12.67 47.17 42.57
CA GLU F 579 12.26 48.37 43.29
C GLU F 579 12.82 49.63 42.64
N PHE F 580 14.09 49.59 42.24
CA PHE F 580 14.71 50.76 41.63
C PHE F 580 14.09 51.09 40.28
N TYR F 581 13.80 50.08 39.47
CA TYR F 581 13.26 50.28 38.12
C TYR F 581 11.76 50.04 38.07
N GLU F 582 11.05 50.25 39.18
CA GLU F 582 9.63 49.90 39.23
C GLU F 582 8.80 50.75 38.27
N ASN F 583 9.07 52.05 38.23
CA ASN F 583 8.14 52.97 37.59
C ASN F 583 8.74 53.80 36.47
N MET F 584 9.93 54.37 36.67
CA MET F 584 10.45 55.34 35.72
C MET F 584 10.70 54.70 34.36
N ARG F 585 10.51 55.50 33.31
CA ARG F 585 10.55 55.03 31.93
C ARG F 585 11.98 54.97 31.41
N ILE F 586 12.12 54.56 30.14
CA ILE F 586 13.45 54.40 29.56
C ILE F 586 14.12 55.76 29.34
N GLN F 587 13.34 56.76 28.91
CA GLN F 587 13.92 58.09 28.71
C GLN F 587 14.50 58.62 30.01
N GLU F 588 13.85 58.34 31.14
CA GLU F 588 14.35 58.79 32.43
C GLU F 588 15.69 58.14 32.77
N LEU F 589 15.82 56.83 32.55
CA LEU F 589 17.11 56.18 32.80
C LEU F 589 18.20 56.73 31.89
N ALA F 590 17.88 56.91 30.61
CA ALA F 590 18.85 57.46 29.68
C ALA F 590 19.31 58.86 30.13
N GLN F 591 18.35 59.71 30.49
CA GLN F 591 18.69 61.06 30.91
C GLN F 591 19.46 61.07 32.23
N GLY F 592 19.13 60.16 33.15
CA GLY F 592 19.86 60.11 34.40
C GLY F 592 21.31 59.72 34.20
N ILE F 593 21.56 58.70 33.38
CA ILE F 593 22.94 58.32 33.12
C ILE F 593 23.68 59.41 32.34
N HIS F 594 22.99 60.03 31.38
CA HIS F 594 23.59 61.13 30.64
C HIS F 594 23.96 62.28 31.57
N ALA F 595 23.07 62.62 32.49
CA ALA F 595 23.34 63.72 33.42
C ALA F 595 24.49 63.36 34.36
N LEU F 596 24.56 62.11 34.80
CA LEU F 596 25.69 61.69 35.63
C LEU F 596 27.00 61.83 34.87
N ILE F 597 27.02 61.39 33.60
CA ILE F 597 28.22 61.48 32.79
C ILE F 597 28.61 62.94 32.58
N GLN F 598 27.63 63.80 32.31
CA GLN F 598 27.90 65.21 32.07
C GLN F 598 28.44 65.89 33.33
N HIS F 599 27.75 65.72 34.46
CA HIS F 599 28.14 66.38 35.70
C HIS F 599 29.51 65.90 36.16
N HIS F 600 29.79 64.60 36.04
CA HIS F 600 31.11 64.11 36.37
C HIS F 600 32.13 64.43 35.28
N ASN F 601 31.68 64.94 34.12
CA ASN F 601 32.55 65.28 33.00
C ASN F 601 33.37 64.07 32.55
N LEU F 602 32.67 63.03 32.12
CA LEU F 602 33.34 61.79 31.74
C LEU F 602 34.31 61.96 30.58
N PRO F 603 33.96 62.59 29.45
CA PRO F 603 34.94 62.67 28.34
C PRO F 603 36.17 63.47 28.68
N ASP F 604 36.02 64.63 29.32
CA ASP F 604 37.19 65.45 29.64
C ASP F 604 38.11 64.75 30.63
N LEU F 605 37.53 64.17 31.68
CA LEU F 605 38.32 63.42 32.64
C LEU F 605 38.99 62.21 32.00
N MET F 606 38.27 61.52 31.13
CA MET F 606 38.82 60.42 30.34
C MET F 606 40.07 60.86 29.60
N TYR F 607 39.93 61.92 28.81
CA TYR F 607 41.02 62.37 27.94
C TYR F 607 42.21 62.85 28.76
N ARG F 608 41.94 63.59 29.84
CA ARG F 608 43.03 64.10 30.67
C ARG F 608 43.74 62.97 31.41
N ALA F 609 42.99 61.97 31.88
CA ALA F 609 43.62 60.85 32.56
C ALA F 609 44.53 60.08 31.63
N PHE F 610 44.08 59.82 30.41
CA PHE F 610 44.89 59.02 29.50
C PHE F 610 45.90 59.85 28.72
N GLU F 611 45.88 61.17 28.82
CA GLU F 611 46.90 62.00 28.18
C GLU F 611 48.21 61.99 28.96
N VAL F 612 48.14 61.94 30.28
CA VAL F 612 49.32 62.00 31.14
C VAL F 612 49.70 60.59 31.57
N LEU F 613 50.99 60.35 31.72
CA LEU F 613 51.48 59.02 32.07
C LEU F 613 51.94 58.99 33.53
N PRO F 614 51.50 58.01 34.31
CA PRO F 614 52.00 57.88 35.68
C PRO F 614 53.50 57.61 35.70
N THR F 615 54.14 58.04 36.77
CA THR F 615 55.58 57.83 36.94
C THR F 615 55.88 56.35 37.09
N MET F 616 56.97 55.90 36.48
CA MET F 616 57.43 54.52 36.59
C MET F 616 58.56 54.48 37.61
N VAL F 617 58.22 54.14 38.86
CA VAL F 617 59.24 53.98 39.88
C VAL F 617 60.07 52.71 39.62
N MET F 618 59.40 51.62 39.26
CA MET F 618 60.06 50.36 38.98
C MET F 618 59.30 49.65 37.87
N ASN F 619 59.99 48.74 37.19
CA ASN F 619 59.38 48.04 36.08
C ASN F 619 58.36 47.03 36.59
N PRO F 620 57.46 46.57 35.72
CA PRO F 620 56.42 45.62 36.19
C PRO F 620 56.97 44.36 36.82
N HIS F 621 58.15 43.89 36.40
CA HIS F 621 58.72 42.69 36.99
C HIS F 621 59.04 42.90 38.47
N ALA F 622 59.63 44.04 38.83
CA ALA F 622 59.97 44.30 40.22
C ALA F 622 58.72 44.40 41.09
N ALA F 623 57.68 45.09 40.61
CA ALA F 623 56.44 45.21 41.38
C ALA F 623 55.77 43.86 41.54
N PHE F 624 55.76 43.06 40.47
CA PHE F 624 55.19 41.72 40.54
C PHE F 624 55.94 40.83 41.54
N GLN F 625 57.28 40.92 41.53
CA GLN F 625 58.07 40.16 42.49
C GLN F 625 57.77 40.59 43.92
N MET F 626 57.67 41.90 44.16
CA MET F 626 57.35 42.36 45.51
C MET F 626 55.96 41.92 45.94
N GLU F 627 54.99 41.94 45.02
CA GLU F 627 53.66 41.42 45.35
C GLU F 627 53.71 39.93 45.68
N LEU F 628 54.53 39.17 44.95
CA LEU F 628 54.69 37.76 45.26
C LEU F 628 55.30 37.57 46.64
N ARG F 629 56.27 38.39 47.01
CA ARG F 629 56.92 38.28 48.30
C ARG F 629 56.06 38.79 49.45
N GLY F 630 54.85 39.26 49.16
CA GLY F 630 53.95 39.74 50.20
C GLY F 630 54.16 41.16 50.65
N GLN F 631 54.98 41.94 49.95
CA GLN F 631 55.28 43.31 50.38
C GLN F 631 54.28 44.31 49.81
N THR F 632 52.98 44.03 50.00
CA THR F 632 51.92 44.86 49.44
C THR F 632 50.79 44.97 50.47
N GLU F 633 49.97 45.99 50.28
CA GLU F 633 48.80 46.19 51.12
C GLU F 633 47.67 46.84 50.32
N GLU F 634 46.46 46.67 50.81
CA GLU F 634 45.28 47.24 50.18
C GLU F 634 45.06 48.66 50.67
N VAL F 635 44.85 49.58 49.74
CA VAL F 635 44.69 51.00 50.04
C VAL F 635 43.55 51.55 49.19
N TYR F 636 42.72 52.40 49.78
CA TYR F 636 41.63 53.00 49.04
C TYR F 636 42.16 53.98 48.01
N LEU F 637 41.31 54.30 47.02
CA LEU F 637 41.73 55.17 45.93
C LEU F 637 42.23 56.51 46.43
N GLU F 638 41.69 57.00 47.55
CA GLU F 638 42.03 58.33 48.04
C GLU F 638 43.52 58.46 48.33
N GLU F 639 44.12 57.44 48.93
CA GLU F 639 45.55 57.45 49.22
C GLU F 639 46.38 56.88 48.08
N MET F 640 45.86 56.92 46.84
CA MET F 640 46.59 56.35 45.72
C MET F 640 47.85 57.14 45.42
N ILE F 641 47.81 58.46 45.60
CA ILE F 641 48.97 59.29 45.29
C ILE F 641 50.13 58.92 46.20
N GLY F 642 51.31 58.79 45.62
CA GLY F 642 52.50 58.42 46.34
C GLY F 642 52.67 56.94 46.56
N LYS F 643 51.73 56.11 46.11
CA LYS F 643 51.79 54.67 46.29
C LYS F 643 52.10 54.00 44.96
N VAL F 644 53.09 53.12 44.96
CA VAL F 644 53.46 52.38 43.76
C VAL F 644 52.49 51.22 43.58
N ASN F 645 51.80 51.20 42.45
CA ASN F 645 50.79 50.18 42.19
C ASN F 645 51.44 48.81 41.97
N ALA F 646 50.80 47.78 42.52
CA ALA F 646 51.27 46.42 42.35
C ALA F 646 50.66 45.71 41.15
N ASN F 647 49.47 46.12 40.72
CA ASN F 647 48.75 45.44 39.66
C ASN F 647 48.35 46.42 38.58
N MET F 648 48.24 45.91 37.35
CA MET F 648 47.76 46.74 36.26
C MET F 648 46.32 47.15 36.50
N ILE F 649 46.08 48.45 36.57
CA ILE F 649 44.73 48.99 36.67
C ILE F 649 44.22 49.24 35.26
N LEU F 650 43.14 48.54 34.91
CA LEU F 650 42.58 48.53 33.55
C LEU F 650 41.09 48.83 33.63
N PRO F 651 40.73 50.11 33.65
CA PRO F 651 39.30 50.48 33.68
C PRO F 651 38.63 50.12 32.35
N TYR F 652 37.57 49.33 32.42
CA TYR F 652 37.00 48.77 31.21
C TYR F 652 36.14 49.74 30.41
N PRO F 653 35.42 50.68 31.02
CA PRO F 653 34.72 51.70 30.22
C PRO F 653 35.65 52.42 29.27
N PRO F 654 36.91 52.74 29.68
CA PRO F 654 37.92 53.03 28.66
C PRO F 654 38.32 51.79 27.87
N GLY F 655 38.66 50.72 28.57
CA GLY F 655 39.04 49.47 27.96
C GLY F 655 40.53 49.26 27.77
N VAL F 656 41.34 50.30 27.95
CA VAL F 656 42.78 50.19 27.72
C VAL F 656 43.50 50.39 29.06
N PRO F 657 44.64 49.74 29.29
CA PRO F 657 45.27 49.80 30.61
C PRO F 657 45.64 51.23 30.98
N LEU F 658 45.38 51.58 32.23
CA LEU F 658 45.61 52.94 32.71
C LEU F 658 46.79 53.05 33.64
N VAL F 659 47.01 52.05 34.51
CA VAL F 659 48.16 52.04 35.40
C VAL F 659 48.90 50.72 35.22
N MET F 660 50.18 50.80 35.10
CA MET F 660 50.98 49.59 35.02
C MET F 660 51.51 49.21 36.40
N PRO F 661 51.78 47.93 36.64
CA PRO F 661 52.47 47.56 37.88
C PRO F 661 53.82 48.26 37.98
N GLY F 662 54.11 48.79 39.16
CA GLY F 662 55.29 49.59 39.36
C GLY F 662 55.14 51.06 39.04
N GLU F 663 53.94 51.50 38.68
CA GLU F 663 53.69 52.90 38.36
C GLU F 663 52.99 53.60 39.53
N MET F 664 53.31 54.88 39.70
CA MET F 664 52.83 55.68 40.80
C MET F 664 52.18 56.96 40.27
N LEU F 665 51.05 57.33 40.89
CA LEU F 665 50.40 58.59 40.55
C LEU F 665 51.03 59.74 41.34
N THR F 666 51.21 60.87 40.66
CA THR F 666 51.78 62.06 41.29
C THR F 666 50.86 63.25 41.06
N GLU F 667 51.34 64.45 41.41
CA GLU F 667 50.55 65.66 41.19
C GLU F 667 50.28 65.89 39.72
N GLU F 668 51.28 65.62 38.87
CA GLU F 668 51.06 65.73 37.43
C GLU F 668 50.02 64.72 36.95
N SER F 669 50.10 63.49 37.46
CA SER F 669 49.17 62.43 37.09
C SER F 669 47.95 62.38 38.01
N ARG F 670 47.70 63.45 38.76
CA ARG F 670 46.52 63.51 39.62
C ARG F 670 45.20 63.26 38.89
N PRO F 671 44.95 63.80 37.69
CA PRO F 671 43.65 63.54 37.04
C PRO F 671 43.31 62.06 36.91
N VAL F 672 44.31 61.22 36.62
CA VAL F 672 44.07 59.78 36.52
C VAL F 672 43.28 59.30 37.73
N LEU F 673 43.84 59.52 38.93
CA LEU F 673 43.17 59.11 40.15
C LEU F 673 41.74 59.63 40.20
N GLU F 674 41.56 60.93 39.94
CA GLU F 674 40.23 61.50 40.08
C GLU F 674 39.25 60.84 39.12
N PHE F 675 39.71 60.54 37.90
CA PHE F 675 38.86 59.83 36.95
C PHE F 675 38.42 58.50 37.55
N LEU F 676 39.39 57.76 38.10
CA LEU F 676 39.06 56.50 38.76
C LEU F 676 38.02 56.72 39.86
N GLN F 677 38.18 57.79 40.63
CA GLN F 677 37.21 58.10 41.68
C GLN F 677 35.81 58.21 41.09
N MET F 678 35.69 58.97 40.00
CA MET F 678 34.39 59.12 39.36
C MET F 678 33.81 57.76 38.98
N LEU F 679 34.68 56.86 38.51
CA LEU F 679 34.25 55.52 38.15
C LEU F 679 33.45 54.89 39.28
N CYS F 680 34.00 54.93 40.49
CA CYS F 680 33.31 54.34 41.64
C CYS F 680 31.93 54.94 41.79
N GLU F 681 31.84 56.28 41.74
CA GLU F 681 30.55 56.92 41.89
C GLU F 681 29.58 56.50 40.81
N ILE F 682 30.06 56.39 39.56
CA ILE F 682 29.17 55.99 38.47
C ILE F 682 28.65 54.58 38.71
N GLY F 683 29.42 53.74 39.40
CA GLY F 683 28.94 52.40 39.68
C GLY F 683 27.99 52.28 40.84
N ALA F 684 27.78 53.35 41.60
CA ALA F 684 26.98 53.30 42.82
C ALA F 684 25.59 53.88 42.63
N HIS F 685 25.17 54.16 41.39
CA HIS F 685 23.90 54.82 41.15
C HIS F 685 22.93 54.02 40.30
N TYR F 686 23.36 52.95 39.66
CA TYR F 686 22.47 52.12 38.86
C TYR F 686 22.88 50.66 38.96
N PRO F 687 22.04 49.81 39.55
CA PRO F 687 22.48 48.43 39.85
C PRO F 687 22.91 47.63 38.64
N GLY F 688 22.26 47.81 37.49
CA GLY F 688 22.65 47.09 36.30
C GLY F 688 23.77 47.69 35.50
N PHE F 689 24.18 48.91 35.83
CA PHE F 689 25.24 49.63 35.14
C PHE F 689 26.39 49.84 36.13
N GLU F 690 27.26 48.84 36.23
CA GLU F 690 28.34 48.85 37.19
C GLU F 690 29.67 49.11 36.50
N THR F 691 30.40 50.10 36.98
CA THR F 691 31.74 50.36 36.46
C THR F 691 32.69 49.24 36.88
N ASP F 692 33.51 48.80 35.93
CA ASP F 692 34.45 47.70 36.16
C ASP F 692 35.88 48.25 36.12
N ILE F 693 36.56 48.22 37.25
CA ILE F 693 37.95 48.63 37.33
C ILE F 693 38.82 47.40 37.54
N HIS F 694 39.31 46.81 36.45
CA HIS F 694 40.16 45.64 36.54
C HIS F 694 41.45 45.96 37.27
N GLY F 695 41.85 45.06 38.15
CA GLY F 695 42.97 45.29 39.03
C GLY F 695 42.61 45.91 40.36
N ALA F 696 41.44 46.52 40.46
CA ALA F 696 40.88 46.99 41.72
C ALA F 696 39.82 45.99 42.19
N TYR F 697 39.59 45.98 43.50
CA TYR F 697 38.72 44.99 44.12
C TYR F 697 37.51 45.69 44.73
N ARG F 698 36.31 45.24 44.32
CA ARG F 698 35.06 45.83 44.77
C ARG F 698 34.64 45.17 46.08
N GLN F 699 35.23 45.65 47.16
CA GLN F 699 34.89 45.18 48.50
C GLN F 699 33.54 45.76 48.93
N ASP F 700 32.98 45.17 49.98
CA ASP F 700 31.69 45.62 50.50
C ASP F 700 31.78 47.06 50.97
N GLY F 701 30.80 47.86 50.57
CA GLY F 701 30.79 49.29 50.86
C GLY F 701 30.72 50.18 49.65
N ALA F 702 30.54 49.63 48.44
CA ALA F 702 30.45 50.40 47.20
C ALA F 702 31.69 51.26 46.97
N ARG F 703 32.87 50.69 47.24
CA ARG F 703 34.14 51.36 47.03
C ARG F 703 35.11 50.39 46.34
N TYR F 704 36.32 50.87 46.09
CA TYR F 704 37.37 50.06 45.47
C TYR F 704 38.67 50.25 46.24
N THR F 705 39.43 49.18 46.36
CA THR F 705 40.77 49.21 46.94
C THR F 705 41.76 48.64 45.92
N VAL F 706 43.01 49.10 46.02
CA VAL F 706 44.05 48.59 45.14
C VAL F 706 45.25 48.16 45.98
N LYS F 707 45.96 47.16 45.48
CA LYS F 707 47.19 46.72 46.11
C LYS F 707 48.33 47.65 45.73
N VAL F 708 49.10 48.07 46.73
CA VAL F 708 50.28 48.91 46.49
C VAL F 708 51.45 48.35 47.29
N ILE F 709 52.65 48.70 46.84
CA ILE F 709 53.87 48.21 47.48
C ILE F 709 53.95 48.78 48.90
N LYS F 710 54.39 47.94 49.83
CA LYS F 710 54.58 48.34 51.21
C LYS F 710 55.63 49.44 51.32
N MET G 1 -4.06 29.29 16.43
CA MET G 1 -3.13 30.33 16.05
C MET G 1 -1.83 29.70 15.52
N ASN G 2 -1.99 28.89 14.46
CA ASN G 2 -0.88 28.12 13.92
C ASN G 2 -0.90 28.04 12.39
N ILE G 3 -1.57 28.97 11.72
CA ILE G 3 -1.66 28.97 10.27
C ILE G 3 -0.60 29.93 9.73
N ILE G 4 0.25 29.43 8.84
CA ILE G 4 1.27 30.23 8.17
C ILE G 4 0.95 30.25 6.68
N ALA G 5 0.92 31.44 6.10
CA ALA G 5 0.67 31.61 4.68
C ALA G 5 1.99 31.76 3.92
N ILE G 6 2.16 30.96 2.88
CA ILE G 6 3.28 31.10 1.96
C ILE G 6 2.73 31.59 0.62
N LEU G 7 3.19 32.76 0.19
CA LEU G 7 2.52 33.44 -0.91
C LEU G 7 2.79 32.76 -2.25
N ASN G 8 4.04 32.71 -2.69
CA ASN G 8 4.31 32.40 -4.08
C ASN G 8 5.36 31.31 -4.23
N HIS G 9 5.40 30.73 -5.44
CA HIS G 9 6.47 29.82 -5.84
C HIS G 9 6.94 30.20 -7.24
N MET G 10 8.23 30.45 -7.39
CA MET G 10 8.77 30.95 -8.64
C MET G 10 9.38 29.81 -9.46
N GLY G 11 9.92 30.15 -10.62
CA GLY G 11 10.47 29.12 -11.48
C GLY G 11 11.94 28.82 -11.26
N VAL G 12 12.43 28.92 -10.03
CA VAL G 12 13.84 28.69 -9.75
C VAL G 12 13.99 27.73 -8.58
N TYR G 13 14.81 26.70 -8.76
CA TYR G 13 14.97 25.66 -7.74
C TYR G 13 15.57 26.23 -6.46
N PHE G 14 16.52 27.15 -6.57
CA PHE G 14 17.23 27.65 -5.40
C PHE G 14 16.32 28.42 -4.45
N LYS G 15 15.11 28.78 -4.87
CA LYS G 15 14.11 29.30 -3.95
C LYS G 15 13.08 28.25 -3.54
N GLU G 16 12.58 27.46 -4.49
CA GLU G 16 11.53 26.48 -4.18
C GLU G 16 12.00 25.44 -3.17
N GLU G 17 13.18 24.85 -3.40
CA GLU G 17 13.62 23.77 -2.51
C GLU G 17 13.81 24.24 -1.08
N PRO G 18 14.45 25.39 -0.79
CA PRO G 18 14.41 25.89 0.59
C PRO G 18 13.01 26.11 1.10
N ILE G 19 12.08 26.55 0.24
CA ILE G 19 10.71 26.80 0.70
C ILE G 19 10.01 25.49 1.06
N ARG G 20 10.16 24.45 0.24
CA ARG G 20 9.58 23.15 0.60
C ARG G 20 10.20 22.59 1.86
N GLU G 21 11.53 22.72 2.00
CA GLU G 21 12.17 22.24 3.22
C GLU G 21 11.65 22.98 4.45
N LEU G 22 11.47 24.30 4.32
CA LEU G 22 10.91 25.08 5.42
C LEU G 22 9.49 24.67 5.72
N HIS G 23 8.71 24.37 4.68
CA HIS G 23 7.34 23.90 4.88
C HIS G 23 7.32 22.61 5.69
N LYS G 24 8.21 21.68 5.36
CA LYS G 24 8.31 20.45 6.15
C LYS G 24 8.75 20.73 7.58
N ALA G 25 9.74 21.62 7.76
CA ALA G 25 10.22 21.94 9.09
C ALA G 25 9.13 22.59 9.94
N LEU G 26 8.33 23.46 9.33
CA LEU G 26 7.24 24.12 10.04
C LEU G 26 6.14 23.12 10.39
N GLU G 27 5.83 22.19 9.48
CA GLU G 27 4.88 21.13 9.80
C GLU G 27 5.38 20.31 10.98
N ALA G 28 6.69 20.11 11.08
CA ALA G 28 7.25 19.38 12.21
C ALA G 28 7.08 20.15 13.52
N LEU G 29 6.85 21.46 13.47
CA LEU G 29 6.63 22.28 14.65
C LEU G 29 5.16 22.59 14.89
N ASP G 30 4.26 21.80 14.30
CA ASP G 30 2.82 21.95 14.47
C ASP G 30 2.33 23.30 13.92
N PHE G 31 2.62 23.53 12.65
CA PHE G 31 2.08 24.65 11.90
C PHE G 31 1.28 24.11 10.73
N GLN G 32 0.18 24.80 10.41
CA GLN G 32 -0.61 24.49 9.23
C GLN G 32 -0.26 25.48 8.13
N ILE G 33 0.19 24.97 6.99
CA ILE G 33 0.66 25.81 5.89
C ILE G 33 -0.48 25.98 4.88
N VAL G 34 -0.73 27.23 4.49
CA VAL G 34 -1.69 27.57 3.45
C VAL G 34 -0.97 28.35 2.36
N TYR G 35 -1.52 28.28 1.16
CA TYR G 35 -0.87 28.78 -0.05
C TYR G 35 -1.82 29.70 -0.82
N PRO G 36 -1.85 30.99 -0.49
CA PRO G 36 -2.63 31.92 -1.32
C PRO G 36 -2.04 32.01 -2.72
N ASN G 37 -2.92 32.21 -3.70
CA ASN G 37 -2.48 32.23 -5.09
C ASN G 37 -1.84 33.56 -5.47
N ASP G 38 -2.26 34.66 -4.88
CA ASP G 38 -1.70 35.96 -5.19
C ASP G 38 -1.92 36.89 -4.00
N ARG G 39 -1.56 38.16 -4.20
CA ARG G 39 -1.58 39.13 -3.11
C ARG G 39 -3.00 39.38 -2.61
N GLU G 40 -3.97 39.51 -3.54
CA GLU G 40 -5.35 39.73 -3.13
C GLU G 40 -5.89 38.52 -2.37
N ASP G 41 -5.55 37.32 -2.81
CA ASP G 41 -5.92 36.11 -2.08
C ASP G 41 -5.37 36.15 -0.65
N LEU G 42 -4.10 36.54 -0.50
CA LEU G 42 -3.50 36.61 0.83
CA LEU G 42 -3.50 36.61 0.83
C LEU G 42 -4.20 37.64 1.70
N LEU G 43 -4.53 38.81 1.13
CA LEU G 43 -5.19 39.85 1.91
C LEU G 43 -6.57 39.41 2.38
N LYS G 44 -7.34 38.77 1.49
CA LYS G 44 -8.65 38.25 1.89
C LYS G 44 -8.51 37.16 2.94
N LEU G 45 -7.51 36.30 2.80
CA LEU G 45 -7.28 35.25 3.79
C LEU G 45 -6.97 35.84 5.17
N ILE G 46 -6.14 36.89 5.21
CA ILE G 46 -5.88 37.56 6.48
C ILE G 46 -7.17 38.17 7.02
N ASP G 47 -7.97 38.77 6.14
CA ASP G 47 -9.19 39.42 6.56
C ASP G 47 -10.19 38.44 7.18
N ASN G 48 -10.33 37.26 6.60
CA ASN G 48 -11.38 36.33 7.01
C ASN G 48 -10.94 35.37 8.11
N ASN G 49 -9.67 35.35 8.49
CA ASN G 49 -9.17 34.29 9.37
C ASN G 49 -8.22 34.93 10.39
N ALA G 50 -8.72 35.14 11.61
CA ALA G 50 -7.92 35.75 12.65
C ALA G 50 -6.88 34.79 13.23
N ARG G 51 -6.92 33.52 12.87
CA ARG G 51 -5.98 32.54 13.39
CA ARG G 51 -5.99 32.53 13.39
C ARG G 51 -4.65 32.51 12.64
N LEU G 52 -4.52 33.30 11.58
CA LEU G 52 -3.24 33.37 10.87
C LEU G 52 -2.18 33.99 11.77
N CYS G 53 -1.01 33.35 11.85
CA CYS G 53 0.04 33.79 12.75
C CYS G 53 1.32 34.21 12.03
N GLY G 54 1.38 34.13 10.71
CA GLY G 54 2.57 34.58 10.00
C GLY G 54 2.37 34.50 8.50
N VAL G 55 3.16 35.31 7.80
CA VAL G 55 3.13 35.37 6.34
C VAL G 55 4.55 35.28 5.82
N ILE G 56 4.78 34.37 4.87
CA ILE G 56 6.07 34.20 4.20
C ILE G 56 5.90 34.61 2.74
N PHE G 57 6.82 35.43 2.25
CA PHE G 57 6.76 35.84 0.85
C PHE G 57 8.16 36.17 0.34
N ASP G 58 8.27 36.22 -0.98
CA ASP G 58 9.53 36.49 -1.67
C ASP G 58 9.68 37.99 -1.90
N TRP G 59 10.76 38.57 -1.38
CA TRP G 59 10.98 40.01 -1.49
C TRP G 59 11.22 40.44 -2.94
N ASP G 60 11.85 39.59 -3.76
CA ASP G 60 12.04 39.93 -5.16
C ASP G 60 10.70 40.11 -5.87
N THR G 61 9.74 39.22 -5.59
CA THR G 61 8.45 39.29 -6.25
C THR G 61 7.62 40.47 -5.73
N TYR G 62 7.59 40.68 -4.42
CA TYR G 62 6.72 41.67 -3.81
C TYR G 62 7.54 42.68 -3.02
N ASN G 63 7.25 43.96 -3.22
CA ASN G 63 7.88 45.00 -2.44
C ASN G 63 7.32 45.03 -1.02
N LEU G 64 8.01 45.76 -0.14
CA LEU G 64 7.60 45.81 1.25
C LEU G 64 6.29 46.56 1.48
N ASP G 65 5.75 47.25 0.47
CA ASP G 65 4.45 47.87 0.62
C ASP G 65 3.36 46.83 0.88
N LEU G 66 3.55 45.60 0.39
CA LEU G 66 2.65 44.51 0.77
C LEU G 66 2.58 44.36 2.28
N CYS G 67 3.73 44.42 2.95
CA CYS G 67 3.74 44.39 4.41
C CYS G 67 2.87 45.51 4.97
N GLU G 68 2.96 46.71 4.39
CA GLU G 68 2.12 47.81 4.83
C GLU G 68 0.65 47.41 4.79
N GLU G 69 0.21 46.81 3.68
CA GLU G 69 -1.17 46.38 3.59
C GLU G 69 -1.51 45.39 4.70
N ILE G 70 -0.62 44.44 4.93
CA ILE G 70 -0.84 43.48 6.01
C ILE G 70 -0.93 44.23 7.34
N SER G 71 -0.02 45.18 7.55
CA SER G 71 -0.01 45.93 8.80
C SER G 71 -1.29 46.74 8.98
N ALA G 72 -1.97 47.08 7.88
CA ALA G 72 -3.21 47.84 8.00
C ALA G 72 -4.31 46.99 8.62
N MET G 73 -4.27 45.67 8.44
CA MET G 73 -5.24 44.80 9.09
C MET G 73 -4.79 44.36 10.46
N ASN G 74 -3.50 44.07 10.64
CA ASN G 74 -2.97 43.56 11.89
C ASN G 74 -1.50 43.97 11.96
N GLU G 75 -1.23 45.06 12.69
CA GLU G 75 0.12 45.60 12.79
C GLU G 75 1.07 44.72 13.60
N HIS G 76 0.55 43.75 14.34
CA HIS G 76 1.41 42.84 15.09
C HIS G 76 1.70 41.54 14.35
N LEU G 77 0.98 41.25 13.26
CA LEU G 77 1.15 40.01 12.54
C LEU G 77 2.56 39.89 11.99
N PRO G 78 3.30 38.82 12.31
CA PRO G 78 4.68 38.70 11.82
C PRO G 78 4.70 38.33 10.34
N VAL G 79 5.57 39.02 9.60
CA VAL G 79 5.76 38.79 8.17
CA VAL G 79 5.75 38.75 8.18
C VAL G 79 7.23 38.44 7.94
N TYR G 80 7.48 37.36 7.23
CA TYR G 80 8.83 36.89 6.94
C TYR G 80 9.11 37.07 5.45
N ALA G 81 10.05 37.94 5.13
CA ALA G 81 10.43 38.19 3.74
C ALA G 81 11.76 37.53 3.44
N PHE G 82 11.81 36.82 2.32
CA PHE G 82 13.03 36.15 1.89
C PHE G 82 13.76 37.06 0.91
N ALA G 83 14.98 37.45 1.26
CA ALA G 83 15.78 38.37 0.48
C ALA G 83 16.72 37.61 -0.43
N ASN G 84 16.74 37.98 -1.72
CA ASN G 84 17.72 37.45 -2.66
C ASN G 84 18.51 38.55 -3.34
N THR G 85 17.84 39.49 -4.02
CA THR G 85 18.56 40.58 -4.67
C THR G 85 18.57 41.86 -3.86
N HIS G 86 17.58 42.07 -3.00
CA HIS G 86 17.57 43.25 -2.15
C HIS G 86 18.59 43.11 -1.03
N SER G 87 19.22 44.23 -0.68
CA SER G 87 20.21 44.28 0.39
C SER G 87 19.72 45.24 1.48
N THR G 88 20.61 45.51 2.45
CA THR G 88 20.30 46.50 3.47
C THR G 88 20.16 47.90 2.91
N LEU G 89 20.62 48.15 1.68
CA LEU G 89 20.46 49.44 1.04
C LEU G 89 19.05 49.67 0.51
N ASP G 90 18.18 48.65 0.54
CA ASP G 90 16.87 48.72 -0.09
C ASP G 90 15.73 48.82 0.91
N VAL G 91 16.04 49.14 2.17
CA VAL G 91 15.02 49.28 3.21
CA VAL G 91 15.02 49.28 3.21
C VAL G 91 15.02 50.72 3.69
N SER G 92 13.83 51.30 3.79
CA SER G 92 13.68 52.64 4.35
C SER G 92 13.33 52.54 5.83
N LEU G 93 13.37 53.68 6.50
CA LEU G 93 13.00 53.72 7.91
C LEU G 93 11.56 53.27 8.12
N ASN G 94 10.65 53.73 7.27
CA ASN G 94 9.26 53.33 7.37
C ASN G 94 9.11 51.82 7.20
N ASP G 95 9.85 51.23 6.26
CA ASP G 95 9.81 49.78 6.10
C ASP G 95 10.30 49.08 7.37
N LEU G 96 11.38 49.58 7.97
CA LEU G 96 11.90 48.98 9.18
C LEU G 96 10.94 49.12 10.35
N ARG G 97 9.99 50.05 10.27
CA ARG G 97 8.99 50.15 11.34
CA ARG G 97 8.99 50.14 11.34
C ARG G 97 8.08 48.92 11.38
N LEU G 98 7.86 48.27 10.24
CA LEU G 98 6.95 47.14 10.17
C LEU G 98 7.52 45.91 10.88
N ASN G 99 6.62 44.99 11.23
CA ASN G 99 7.01 43.76 11.92
C ASN G 99 7.43 42.71 10.90
N VAL G 100 8.58 42.97 10.27
CA VAL G 100 9.10 42.13 9.21
CA VAL G 100 9.11 42.14 9.19
C VAL G 100 10.43 41.54 9.66
N GLU G 101 10.60 40.24 9.40
CA GLU G 101 11.82 39.51 9.70
C GLU G 101 12.38 38.93 8.39
N PHE G 102 13.68 39.12 8.16
CA PHE G 102 14.29 38.80 6.88
C PHE G 102 15.05 37.48 6.95
N PHE G 103 14.91 36.68 5.89
CA PHE G 103 15.58 35.40 5.77
C PHE G 103 16.21 35.28 4.39
N GLU G 104 17.02 34.22 4.21
CA GLU G 104 17.71 33.97 2.97
C GLU G 104 17.43 32.54 2.50
N TYR G 105 17.58 32.33 1.20
CA TYR G 105 17.36 31.02 0.59
C TYR G 105 18.64 30.20 0.66
N ALA G 106 18.58 29.06 1.33
CA ALA G 106 19.73 28.17 1.42
C ALA G 106 19.26 26.76 1.76
N LEU G 107 19.84 25.77 1.10
CA LEU G 107 19.54 24.39 1.42
C LEU G 107 20.07 24.05 2.80
N GLY G 108 19.29 23.27 3.55
CA GLY G 108 19.68 22.83 4.87
C GLY G 108 19.51 23.84 5.99
N ALA G 109 18.95 25.02 5.71
CA ALA G 109 18.72 26.04 6.72
C ALA G 109 17.29 26.06 7.23
N ALA G 110 16.45 25.12 6.81
CA ALA G 110 15.04 25.16 7.16
C ALA G 110 14.81 25.00 8.67
N GLN G 111 15.64 24.20 9.34
CA GLN G 111 15.46 23.99 10.77
C GLN G 111 15.63 25.29 11.56
N ASP G 112 16.69 26.03 11.30
CA ASP G 112 16.95 27.27 12.03
C ASP G 112 15.87 28.32 11.73
N ILE G 113 15.47 28.43 10.47
CA ILE G 113 14.43 29.39 10.11
C ILE G 113 13.11 29.02 10.76
N ALA G 114 12.77 27.73 10.78
CA ALA G 114 11.54 27.30 11.41
C ALA G 114 11.56 27.60 12.90
N GLN G 115 12.72 27.41 13.54
CA GLN G 115 12.85 27.76 14.95
C GLN G 115 12.65 29.26 15.17
N LYS G 116 13.24 30.08 14.31
CA LYS G 116 13.05 31.53 14.42
C LYS G 116 11.58 31.92 14.22
N ILE G 117 10.90 31.25 13.30
CA ILE G 117 9.48 31.52 13.08
C ILE G 117 8.66 31.10 14.30
N ARG G 118 9.01 29.97 14.91
CA ARG G 118 8.34 29.54 16.14
C ARG G 118 8.50 30.59 17.25
N GLN G 119 9.72 31.10 17.41
CA GLN G 119 9.96 32.13 18.41
C GLN G 119 9.19 33.41 18.10
N SER G 120 9.15 33.80 16.82
CA SER G 120 8.40 34.99 16.43
C SER G 120 6.90 34.82 16.67
N THR G 121 6.38 33.62 16.42
CA THR G 121 4.98 33.33 16.72
C THR G 121 4.70 33.43 18.22
N ASP G 122 5.60 32.88 19.04
CA ASP G 122 5.45 33.00 20.49
C ASP G 122 5.48 34.46 20.93
N ALA G 123 6.36 35.26 20.33
CA ALA G 123 6.43 36.67 20.66
C ALA G 123 5.15 37.40 20.28
N TYR G 124 4.60 37.07 19.11
CA TYR G 124 3.34 37.67 18.67
C TYR G 124 2.21 37.36 19.63
N ILE G 125 2.09 36.09 20.02
CA ILE G 125 1.03 35.69 20.95
C ILE G 125 1.21 36.40 22.29
N ASP G 126 2.46 36.45 22.80
CA ASP G 126 2.72 37.14 24.05
C ASP G 126 2.41 38.63 23.94
N GLU G 127 2.61 39.21 22.77
CA GLU G 127 2.35 40.63 22.58
C GLU G 127 0.85 40.93 22.63
N ILE G 128 0.04 40.14 21.91
CA ILE G 128 -1.38 40.49 21.85
C ILE G 128 -2.16 40.04 23.08
N LEU G 129 -1.67 39.06 23.83
CA LEU G 129 -2.40 38.59 25.00
C LEU G 129 -2.28 39.60 26.14
N PRO G 130 -3.35 39.80 26.92
CA PRO G 130 -3.25 40.66 28.09
C PRO G 130 -2.59 39.93 29.24
N PRO G 131 -2.06 40.64 30.24
CA PRO G 131 -1.16 40.00 31.21
C PRO G 131 -1.79 38.92 32.09
N LEU G 132 -2.98 39.17 32.67
CA LEU G 132 -3.60 38.18 33.53
CA LEU G 132 -3.58 38.16 33.53
C LEU G 132 -3.98 36.92 32.76
N THR G 133 -4.54 37.08 31.56
CA THR G 133 -4.92 35.93 30.75
C THR G 133 -3.71 35.09 30.38
N LYS G 134 -2.61 35.75 29.99
CA LYS G 134 -1.38 35.05 29.68
C LYS G 134 -0.86 34.29 30.88
N ALA G 135 -0.89 34.93 32.06
CA ALA G 135 -0.46 34.24 33.28
C ALA G 135 -1.32 33.02 33.57
N LEU G 136 -2.64 33.14 33.38
CA LEU G 136 -3.53 32.02 33.64
C LEU G 136 -3.25 30.86 32.68
N PHE G 137 -3.07 31.17 31.39
CA PHE G 137 -2.77 30.13 30.41
C PHE G 137 -1.46 29.43 30.74
N ASN G 138 -0.43 30.20 31.12
CA ASN G 138 0.85 29.61 31.46
C ASN G 138 0.72 28.70 32.68
N TYR G 139 0.01 29.16 33.72
CA TYR G 139 -0.14 28.34 34.91
C TYR G 139 -0.86 27.05 34.57
N VAL G 140 -1.86 27.12 33.70
CA VAL G 140 -2.56 25.91 33.30
C VAL G 140 -1.60 24.94 32.64
N LYS G 141 -0.70 25.45 31.79
CA LYS G 141 0.33 24.54 31.25
C LYS G 141 1.28 24.00 32.32
N GLU G 142 1.40 24.69 33.46
CA GLU G 142 2.31 24.22 34.50
C GLU G 142 1.89 22.87 35.09
N GLY G 143 0.59 22.67 35.29
CA GLY G 143 0.05 21.39 35.72
C GLY G 143 0.39 20.90 37.12
N LYS G 144 0.29 21.76 38.12
CA LYS G 144 0.63 21.35 39.49
C LYS G 144 -0.50 20.54 40.14
N TYR G 145 -0.14 19.87 41.23
CA TYR G 145 -1.10 19.15 42.06
C TYR G 145 -1.62 20.06 43.15
N THR G 146 -2.94 20.08 43.35
CA THR G 146 -3.57 20.97 44.31
C THR G 146 -4.26 20.17 45.41
N PHE G 147 -4.00 20.56 46.65
CA PHE G 147 -4.75 20.08 47.80
C PHE G 147 -5.60 21.21 48.39
N CYS G 148 -6.04 22.12 47.54
CA CYS G 148 -6.71 23.35 47.92
C CYS G 148 -7.97 23.53 47.09
N THR G 149 -8.81 24.49 47.48
CA THR G 149 -10.01 24.79 46.73
C THR G 149 -9.66 25.38 45.36
N PRO G 150 -10.51 25.19 44.36
CA PRO G 150 -11.79 24.46 44.36
C PRO G 150 -11.61 22.95 44.47
N GLY G 151 -12.65 22.25 44.95
CA GLY G 151 -12.53 20.86 45.33
C GLY G 151 -12.41 19.90 44.16
N HIS G 152 -12.80 20.32 42.96
CA HIS G 152 -12.66 19.42 41.81
C HIS G 152 -11.20 19.20 41.42
N MET G 153 -10.27 19.95 42.00
CA MET G 153 -8.82 19.77 41.81
C MET G 153 -8.45 19.73 40.32
N GLY G 154 -8.84 20.79 39.62
CA GLY G 154 -8.54 20.87 38.21
C GLY G 154 -9.29 19.89 37.33
N GLY G 155 -10.42 19.38 37.79
CA GLY G 155 -11.25 18.48 37.00
C GLY G 155 -11.13 17.00 37.31
N THR G 156 -10.25 16.61 38.24
CA THR G 156 -10.11 15.19 38.59
C THR G 156 -11.42 14.60 39.11
N ALA G 157 -12.07 15.33 40.03
CA ALA G 157 -13.31 14.84 40.62
C ALA G 157 -14.38 14.61 39.56
N PHE G 158 -14.45 15.50 38.56
CA PHE G 158 -15.39 15.28 37.46
C PHE G 158 -15.04 14.00 36.71
N GLN G 159 -13.76 13.76 36.46
CA GLN G 159 -13.35 12.59 35.70
C GLN G 159 -13.59 11.30 36.47
N LYS G 160 -13.78 11.37 37.77
CA LYS G 160 -14.06 10.19 38.58
CA LYS G 160 -14.06 10.19 38.58
C LYS G 160 -15.53 9.81 38.61
N SER G 161 -16.40 10.56 37.95
CA SER G 161 -17.83 10.32 38.00
C SER G 161 -18.41 10.22 36.59
N PRO G 162 -19.44 9.40 36.39
CA PRO G 162 -20.05 9.28 35.05
C PRO G 162 -20.66 10.59 34.56
N VAL G 163 -21.58 11.14 35.35
CA VAL G 163 -22.18 12.41 34.98
C VAL G 163 -21.13 13.52 35.03
N GLY G 164 -20.22 13.45 36.01
CA GLY G 164 -19.12 14.38 36.05
C GLY G 164 -18.25 14.31 34.81
N SER G 165 -18.03 13.09 34.29
CA SER G 165 -17.26 12.95 33.07
C SER G 165 -18.00 13.54 31.87
N ILE G 166 -19.32 13.41 31.82
CA ILE G 166 -20.08 14.07 30.76
C ILE G 166 -19.87 15.59 30.83
N PHE G 167 -19.98 16.14 32.04
CA PHE G 167 -19.80 17.57 32.24
C PHE G 167 -18.40 18.02 31.82
N TYR G 168 -17.39 17.26 32.25
CA TYR G 168 -16.01 17.56 31.94
C TYR G 168 -15.75 17.51 30.44
N ASP G 169 -16.30 16.51 29.76
CA ASP G 169 -16.12 16.40 28.32
C ASP G 169 -16.83 17.54 27.58
N PHE G 170 -17.97 18.00 28.09
CA PHE G 170 -18.63 19.15 27.49
C PHE G 170 -17.79 20.41 27.64
N PHE G 171 -17.36 20.73 28.87
CA PHE G 171 -16.72 22.03 29.07
C PHE G 171 -15.24 22.04 28.70
N GLY G 172 -14.61 20.87 28.58
CA GLY G 172 -13.22 20.80 28.19
C GLY G 172 -12.27 20.86 29.38
N ALA G 173 -11.04 20.39 29.13
CA ALA G 173 -10.05 20.28 30.20
C ALA G 173 -9.55 21.65 30.64
N ASN G 174 -9.33 22.57 29.69
CA ASN G 174 -8.75 23.86 30.03
C ASN G 174 -9.67 24.66 30.94
N ALA G 175 -10.98 24.61 30.70
CA ALA G 175 -11.92 25.35 31.55
C ALA G 175 -11.88 24.86 32.98
N MET G 176 -11.77 23.53 33.16
CA MET G 176 -11.64 22.98 34.50
C MET G 176 -10.31 23.37 35.13
N LYS G 177 -9.22 23.30 34.35
CA LYS G 177 -7.89 23.56 34.89
C LYS G 177 -7.69 25.04 35.23
N SER G 178 -8.39 25.93 34.55
CA SER G 178 -8.29 27.36 34.80
C SER G 178 -9.17 27.81 35.96
N ASP G 179 -9.96 26.91 36.54
CA ASP G 179 -10.78 27.22 37.70
C ASP G 179 -9.93 27.03 38.95
N ILE G 180 -9.34 28.12 39.42
CA ILE G 180 -8.39 28.10 40.52
C ILE G 180 -8.81 29.13 41.56
N SER G 181 -8.01 29.24 42.62
CA SER G 181 -8.27 30.19 43.70
C SER G 181 -7.01 30.97 44.06
N ILE G 182 -7.07 31.77 45.12
CA ILE G 182 -5.91 32.55 45.54
C ILE G 182 -4.83 31.70 46.19
N SER G 183 -5.10 30.42 46.45
CA SER G 183 -4.04 29.51 46.88
C SER G 183 -2.88 29.50 45.87
N VAL G 184 -3.18 29.74 44.60
CA VAL G 184 -2.15 29.91 43.58
C VAL G 184 -1.65 31.34 43.65
N GLY G 185 -0.57 31.55 44.42
CA GLY G 185 -0.12 32.91 44.71
C GLY G 185 0.47 33.65 43.54
N GLU G 186 0.92 32.94 42.51
CA GLU G 186 1.64 33.60 41.42
C GLU G 186 0.72 34.34 40.46
N LEU G 187 -0.59 34.10 40.50
CA LEU G 187 -1.52 34.96 39.78
C LEU G 187 -2.00 36.15 40.61
N GLY G 188 -1.56 36.27 41.85
CA GLY G 188 -2.03 37.38 42.65
C GLY G 188 -3.46 37.18 43.11
N SER G 189 -4.08 38.28 43.52
CA SER G 189 -5.43 38.25 44.06
C SER G 189 -6.25 39.38 43.49
N LEU G 190 -7.49 39.08 43.12
CA LEU G 190 -8.42 40.10 42.67
C LEU G 190 -8.78 41.05 43.81
N LEU G 191 -9.09 40.50 44.98
CA LEU G 191 -9.50 41.32 46.12
C LEU G 191 -8.38 42.26 46.56
N ASP G 192 -7.13 41.79 46.51
CA ASP G 192 -5.98 42.58 46.94
C ASP G 192 -5.39 43.43 45.83
N HIS G 193 -5.86 43.28 44.59
CA HIS G 193 -5.35 44.06 43.45
C HIS G 193 -3.83 43.91 43.33
N SER G 194 -3.38 42.66 43.39
CA SER G 194 -1.97 42.34 43.43
C SER G 194 -1.57 41.51 42.22
N GLY G 195 -0.27 41.53 41.93
CA GLY G 195 0.29 40.71 40.89
C GLY G 195 -0.28 41.01 39.52
N PRO G 196 -0.53 39.95 38.74
CA PRO G 196 -1.13 40.15 37.41
C PRO G 196 -2.49 40.80 37.44
N HIS G 197 -3.24 40.71 38.56
CA HIS G 197 -4.52 41.39 38.65
C HIS G 197 -4.35 42.90 38.59
N LYS G 198 -3.33 43.43 39.27
CA LYS G 198 -3.07 44.86 39.26
C LYS G 198 -2.74 45.34 37.85
N GLU G 199 -1.87 44.61 37.15
CA GLU G 199 -1.56 44.97 35.78
C GLU G 199 -2.76 44.83 34.86
N ALA G 200 -3.62 43.84 35.10
CA ALA G 200 -4.85 43.73 34.33
C ALA G 200 -5.73 44.96 34.52
N GLU G 201 -5.86 45.42 35.77
CA GLU G 201 -6.67 46.62 36.03
C GLU G 201 -6.08 47.85 35.35
N GLU G 202 -4.75 48.01 35.42
CA GLU G 202 -4.13 49.16 34.76
C GLU G 202 -4.27 49.07 33.25
N TYR G 203 -4.13 47.86 32.70
CA TYR G 203 -4.34 47.63 31.27
C TYR G 203 -5.74 48.02 30.85
N ILE G 204 -6.75 47.61 31.64
CA ILE G 204 -8.13 47.94 31.33
C ILE G 204 -8.36 49.45 31.42
N ALA G 205 -7.83 50.08 32.46
CA ALA G 205 -8.01 51.52 32.61
C ALA G 205 -7.38 52.29 31.45
N ARG G 206 -6.21 51.86 31.00
CA ARG G 206 -5.60 52.48 29.82
C ARG G 206 -6.47 52.28 28.58
N THR G 207 -6.97 51.06 28.39
CA THR G 207 -7.75 50.75 27.19
C THR G 207 -9.08 51.50 27.17
N PHE G 208 -9.72 51.70 28.31
CA PHE G 208 -11.05 52.27 28.37
C PHE G 208 -11.06 53.75 28.75
N ASN G 209 -9.89 54.41 28.74
CA ASN G 209 -9.78 55.84 29.03
C ASN G 209 -10.30 56.17 30.43
N ALA G 210 -9.97 55.32 31.39
CA ALA G 210 -10.33 55.54 32.79
C ALA G 210 -9.07 55.82 33.60
N GLU G 211 -9.22 56.68 34.61
CA GLU G 211 -8.14 56.86 35.56
C GLU G 211 -7.89 55.59 36.35
N ARG G 212 -8.96 54.93 36.81
CA ARG G 212 -8.81 53.62 37.44
C ARG G 212 -9.98 52.73 37.05
N SER G 213 -9.74 51.43 37.10
CA SER G 213 -10.76 50.46 36.70
C SER G 213 -10.77 49.30 37.70
N TYR G 214 -11.95 48.73 37.86
CA TYR G 214 -12.17 47.58 38.73
C TYR G 214 -12.94 46.52 37.97
N MET G 215 -12.53 45.27 38.17
CA MET G 215 -13.19 44.13 37.56
C MET G 215 -14.19 43.54 38.55
N VAL G 216 -15.43 43.34 38.09
CA VAL G 216 -16.51 42.81 38.91
C VAL G 216 -16.99 41.50 38.28
N THR G 217 -17.14 40.47 39.11
CA THR G 217 -17.55 39.16 38.63
C THR G 217 -19.00 38.82 38.97
N ASN G 218 -19.79 39.78 39.44
CA ASN G 218 -21.21 39.55 39.65
C ASN G 218 -22.07 40.57 38.91
N GLY G 219 -21.56 41.08 37.80
CA GLY G 219 -22.35 41.88 36.89
C GLY G 219 -22.42 43.36 37.25
N THR G 220 -22.99 44.12 36.32
CA THR G 220 -23.21 45.54 36.55
C THR G 220 -24.19 45.79 37.68
N SER G 221 -25.04 44.83 38.02
CA SER G 221 -25.86 44.97 39.23
C SER G 221 -24.96 45.19 40.45
N THR G 222 -23.97 44.33 40.61
CA THR G 222 -23.03 44.47 41.72
C THR G 222 -22.15 45.71 41.55
N ALA G 223 -21.73 46.01 40.32
CA ALA G 223 -20.93 47.21 40.09
C ALA G 223 -21.68 48.48 40.52
N ASN G 224 -22.96 48.56 40.15
CA ASN G 224 -23.81 49.66 40.57
C ASN G 224 -23.91 49.73 42.08
N LYS G 225 -24.07 48.57 42.73
CA LYS G 225 -24.15 48.57 44.19
C LYS G 225 -22.86 49.09 44.82
N ILE G 226 -21.71 48.68 44.28
CA ILE G 226 -20.42 49.13 44.81
C ILE G 226 -20.30 50.65 44.69
N VAL G 227 -20.55 51.17 43.48
CA VAL G 227 -20.43 52.62 43.27
C VAL G 227 -21.40 53.37 44.17
N GLY G 228 -22.65 52.91 44.24
CA GLY G 228 -23.65 53.60 45.01
C GLY G 228 -23.37 53.60 46.49
N MET G 229 -22.92 52.47 47.03
CA MET G 229 -22.58 52.42 48.45
C MET G 229 -21.38 53.32 48.76
N TYR G 230 -20.36 53.32 47.89
CA TYR G 230 -19.25 54.23 48.14
C TYR G 230 -19.70 55.67 48.11
N SER G 231 -20.63 56.02 47.22
CA SER G 231 -20.97 57.41 46.97
C SER G 231 -22.11 57.95 47.82
N ALA G 232 -22.99 57.09 48.33
CA ALA G 232 -24.22 57.53 49.00
C ALA G 232 -24.28 56.99 50.42
N PRO G 233 -23.77 57.74 51.40
CA PRO G 233 -23.89 57.30 52.79
C PRO G 233 -25.34 57.34 53.25
N ALA G 234 -25.62 56.56 54.29
CA ALA G 234 -26.96 56.53 54.86
C ALA G 234 -27.37 57.93 55.31
N GLY G 235 -28.62 58.29 55.01
CA GLY G 235 -29.13 59.62 55.31
C GLY G 235 -28.93 60.65 54.22
N SER G 236 -28.19 60.32 53.16
CA SER G 236 -27.96 61.24 52.05
C SER G 236 -29.08 61.15 51.03
N THR G 237 -29.10 62.11 50.11
CA THR G 237 -30.06 62.18 49.02
C THR G 237 -29.36 61.88 47.70
N VAL G 238 -30.00 61.09 46.85
CA VAL G 238 -29.45 60.69 45.57
C VAL G 238 -30.43 61.04 44.45
N LEU G 239 -29.88 61.52 43.33
CA LEU G 239 -30.65 61.69 42.11
C LEU G 239 -30.59 60.40 41.30
N ILE G 240 -31.75 59.87 40.93
CA ILE G 240 -31.85 58.59 40.25
C ILE G 240 -32.63 58.77 38.96
N ASP G 241 -32.07 58.30 37.84
CA ASP G 241 -32.85 58.16 36.62
C ASP G 241 -34.04 57.25 36.86
N ARG G 242 -35.26 57.75 36.61
CA ARG G 242 -36.43 56.89 36.75
C ARG G 242 -36.36 55.71 35.80
N ASN G 243 -35.64 55.85 34.69
CA ASN G 243 -35.30 54.71 33.82
C ASN G 243 -34.02 54.09 34.39
N CYS G 244 -34.19 53.38 35.49
CA CYS G 244 -33.08 52.76 36.19
C CYS G 244 -33.26 51.24 36.22
N HIS G 245 -32.14 50.55 36.12
CA HIS G 245 -32.13 49.11 36.31
C HIS G 245 -32.51 48.78 37.75
N LYS G 246 -33.06 47.58 37.95
CA LYS G 246 -33.55 47.21 39.27
C LYS G 246 -32.43 47.15 40.31
N SER G 247 -31.17 47.08 39.87
CA SER G 247 -30.06 47.09 40.83
C SER G 247 -30.00 48.40 41.59
N LEU G 248 -30.35 49.52 40.96
CA LEU G 248 -30.41 50.79 41.67
C LEU G 248 -31.48 50.76 42.76
N THR G 249 -32.61 50.10 42.48
CA THR G 249 -33.63 49.92 43.52
C THR G 249 -33.14 49.01 44.64
N HIS G 250 -32.41 47.94 44.28
CA HIS G 250 -31.78 47.11 45.29
C HIS G 250 -30.87 47.94 46.20
N LEU G 251 -30.10 48.85 45.60
CA LEU G 251 -29.26 49.75 46.38
C LEU G 251 -30.09 50.69 47.25
N MET G 252 -31.18 51.22 46.70
CA MET G 252 -31.99 52.19 47.43
C MET G 252 -32.61 51.55 48.67
N MET G 253 -33.04 50.31 48.57
CA MET G 253 -33.55 49.63 49.75
C MET G 253 -32.47 48.88 50.52
N MET G 254 -31.23 48.92 50.05
CA MET G 254 -30.10 48.44 50.85
C MET G 254 -29.88 49.35 52.06
N SER G 255 -29.88 50.66 51.86
CA SER G 255 -29.53 51.62 52.89
C SER G 255 -30.49 52.80 52.83
N ASP G 256 -30.56 53.52 53.94
CA ASP G 256 -31.49 54.64 54.10
C ASP G 256 -30.96 55.84 53.33
N ILE G 257 -31.36 55.93 52.07
CA ILE G 257 -31.04 57.08 51.22
C ILE G 257 -32.33 57.58 50.60
N THR G 258 -32.49 58.90 50.56
CA THR G 258 -33.68 59.50 50.00
C THR G 258 -33.50 59.73 48.51
N PRO G 259 -34.32 59.15 47.64
CA PRO G 259 -34.17 59.37 46.21
C PRO G 259 -35.01 60.53 45.70
N ILE G 260 -34.46 61.24 44.73
CA ILE G 260 -35.21 62.17 43.90
C ILE G 260 -35.00 61.75 42.45
N TYR G 261 -36.08 61.67 41.69
CA TYR G 261 -36.07 60.99 40.40
C TYR G 261 -36.00 61.98 39.24
N PHE G 262 -35.04 61.76 38.35
CA PHE G 262 -35.10 62.34 37.02
C PHE G 262 -36.26 61.73 36.26
N ARG G 263 -37.03 62.56 35.55
CA ARG G 263 -38.17 62.07 34.80
C ARG G 263 -37.81 61.94 33.33
N PRO G 264 -37.72 60.74 32.79
CA PRO G 264 -37.41 60.59 31.36
C PRO G 264 -38.66 60.74 30.50
N THR G 265 -38.44 60.82 29.20
CA THR G 265 -39.51 60.93 28.23
C THR G 265 -39.76 59.58 27.58
N ARG G 266 -40.74 59.54 26.68
CA ARG G 266 -41.09 58.33 25.95
C ARG G 266 -42.00 58.70 24.79
N ASN G 267 -41.98 57.85 23.76
CA ASN G 267 -42.77 58.07 22.56
C ASN G 267 -43.97 57.11 22.54
N ALA G 268 -44.71 57.12 21.44
CA ALA G 268 -45.93 56.32 21.35
C ALA G 268 -45.63 54.82 21.41
N TYR G 269 -44.46 54.40 20.93
CA TYR G 269 -44.10 52.99 20.96
C TYR G 269 -43.72 52.50 22.35
N GLY G 270 -43.61 53.39 23.33
CA GLY G 270 -43.05 53.03 24.61
C GLY G 270 -41.54 53.03 24.65
N ILE G 271 -40.88 53.44 23.56
CA ILE G 271 -39.43 53.58 23.57
C ILE G 271 -39.04 54.66 24.56
N LEU G 272 -38.12 54.31 25.46
CA LEU G 272 -37.73 55.24 26.53
C LEU G 272 -36.78 56.29 25.97
N GLY G 273 -37.16 57.56 26.11
CA GLY G 273 -36.31 58.66 25.73
C GLY G 273 -35.44 59.14 26.88
N GLY G 274 -34.80 60.27 26.67
CA GLY G 274 -33.89 60.80 27.66
C GLY G 274 -34.53 61.77 28.62
N ILE G 275 -33.80 62.07 29.68
CA ILE G 275 -34.23 63.12 30.61
C ILE G 275 -34.05 64.47 29.96
N PRO G 276 -35.04 65.36 30.01
CA PRO G 276 -34.87 66.70 29.43
C PRO G 276 -33.78 67.48 30.14
N LYS G 277 -33.21 68.45 29.40
CA LYS G 277 -32.11 69.25 29.93
C LYS G 277 -32.51 70.08 31.15
N SER G 278 -33.81 70.37 31.32
CA SER G 278 -34.23 71.18 32.46
C SER G 278 -34.00 70.44 33.77
N GLU G 279 -34.15 69.12 33.76
CA GLU G 279 -34.06 68.37 35.00
C GLU G 279 -32.65 68.26 35.56
N PHE G 280 -31.64 68.66 34.80
CA PHE G 280 -30.28 68.73 35.30
C PHE G 280 -29.93 70.09 35.87
N GLN G 281 -30.88 71.02 35.89
CA GLN G 281 -30.62 72.39 36.31
C GLN G 281 -30.71 72.54 37.82
N HIS G 282 -29.96 73.52 38.34
CA HIS G 282 -29.91 73.73 39.78
C HIS G 282 -31.28 74.04 40.37
N ASP G 283 -32.05 74.90 39.70
CA ASP G 283 -33.34 75.32 40.24
C ASP G 283 -34.31 74.15 40.35
N THR G 284 -34.37 73.32 39.32
CA THR G 284 -35.28 72.17 39.36
C THR G 284 -34.90 71.23 40.50
N ILE G 285 -33.62 70.93 40.64
CA ILE G 285 -33.18 70.01 41.68
C ILE G 285 -33.46 70.60 43.06
N ALA G 286 -33.20 71.90 43.24
CA ALA G 286 -33.45 72.54 44.53
C ALA G 286 -34.94 72.52 44.87
N GLU G 287 -35.79 72.78 43.89
CA GLU G 287 -37.23 72.71 44.14
C GLU G 287 -37.65 71.30 44.52
N ARG G 288 -37.11 70.29 43.83
CA ARG G 288 -37.43 68.91 44.19
C ARG G 288 -36.96 68.58 45.60
N VAL G 289 -35.76 69.03 45.98
CA VAL G 289 -35.25 68.78 47.32
C VAL G 289 -36.17 69.41 48.35
N ALA G 290 -36.63 70.64 48.09
CA ALA G 290 -37.55 71.29 49.01
C ALA G 290 -38.88 70.56 49.09
N GLN G 291 -39.32 69.95 47.98
CA GLN G 291 -40.65 69.38 47.92
C GLN G 291 -40.75 68.00 48.56
N THR G 292 -39.63 67.39 48.97
CA THR G 292 -39.73 66.07 49.55
C THR G 292 -39.08 66.03 50.95
N PRO G 293 -39.69 65.30 51.88
CA PRO G 293 -39.17 65.30 53.26
C PRO G 293 -37.83 64.60 53.37
N ASN G 294 -37.07 65.04 54.38
CA ASN G 294 -35.79 64.43 54.75
C ASN G 294 -34.79 64.45 53.59
N ALA G 295 -34.86 65.46 52.74
CA ALA G 295 -34.03 65.55 51.56
C ALA G 295 -33.11 66.76 51.66
N THR G 296 -31.83 66.54 51.39
CA THR G 296 -30.82 67.58 51.33
C THR G 296 -30.32 67.67 49.89
N TRP G 297 -29.31 68.50 49.67
CA TRP G 297 -28.74 68.59 48.34
C TRP G 297 -28.12 67.25 47.97
N PRO G 298 -28.45 66.69 46.81
CA PRO G 298 -27.97 65.34 46.47
C PRO G 298 -26.45 65.27 46.43
N VAL G 299 -25.91 64.16 46.92
CA VAL G 299 -24.47 63.94 46.90
C VAL G 299 -24.06 62.97 45.80
N HIS G 300 -25.01 62.38 45.08
CA HIS G 300 -24.71 61.38 44.06
C HIS G 300 -25.86 61.38 43.06
N ALA G 301 -25.54 61.22 41.78
CA ALA G 301 -26.57 61.08 40.76
C ALA G 301 -26.23 59.91 39.84
N VAL G 302 -27.26 59.20 39.41
CA VAL G 302 -27.13 58.04 38.53
C VAL G 302 -27.97 58.29 37.29
N VAL G 303 -27.34 58.16 36.12
CA VAL G 303 -28.00 58.34 34.84
C VAL G 303 -27.71 57.13 33.96
N THR G 304 -28.76 56.60 33.34
CA THR G 304 -28.62 55.46 32.44
C THR G 304 -28.27 55.95 31.05
N ASN G 305 -27.07 55.62 30.57
CA ASN G 305 -26.57 56.08 29.29
C ASN G 305 -25.75 54.96 28.67
N SER G 306 -26.24 54.39 27.57
CA SER G 306 -27.45 54.84 26.89
C SER G 306 -28.70 54.19 27.45
N THR G 307 -29.84 54.51 26.86
CA THR G 307 -31.06 53.78 27.15
C THR G 307 -30.98 52.39 26.50
N TYR G 308 -31.91 51.52 26.93
CA TYR G 308 -32.02 50.19 26.33
C TYR G 308 -32.17 50.27 24.82
N ASP G 309 -32.88 51.30 24.33
CA ASP G 309 -33.17 51.43 22.91
C ASP G 309 -32.10 52.21 22.15
N GLY G 310 -30.98 52.54 22.78
CA GLY G 310 -29.85 53.11 22.09
C GLY G 310 -29.79 54.62 22.05
N LEU G 311 -30.40 55.32 23.00
CA LEU G 311 -30.35 56.77 23.06
C LEU G 311 -29.21 57.21 23.98
N LEU G 312 -28.22 57.88 23.42
CA LEU G 312 -27.07 58.38 24.14
C LEU G 312 -27.25 59.87 24.44
N TYR G 313 -26.87 60.28 25.65
CA TYR G 313 -26.90 61.67 26.02
C TYR G 313 -25.64 62.40 25.56
N ASN G 314 -25.76 63.73 25.48
CA ASN G 314 -24.58 64.59 25.43
C ASN G 314 -24.03 64.69 26.84
N THR G 315 -23.02 63.89 27.15
CA THR G 315 -22.53 63.80 28.53
C THR G 315 -21.76 65.03 28.97
N ASP G 316 -21.20 65.80 28.02
CA ASP G 316 -20.49 67.03 28.40
C ASP G 316 -21.44 68.01 29.08
N TYR G 317 -22.64 68.18 28.53
CA TYR G 317 -23.60 69.09 29.15
C TYR G 317 -24.02 68.59 30.53
N ILE G 318 -24.21 67.27 30.68
CA ILE G 318 -24.58 66.73 31.98
C ILE G 318 -23.48 66.98 32.99
N LYS G 319 -22.22 66.75 32.59
CA LYS G 319 -21.10 66.99 33.50
C LYS G 319 -21.00 68.46 33.90
N GLU G 320 -21.21 69.37 32.93
CA GLU G 320 -21.06 70.79 33.24
C GLU G 320 -22.23 71.31 34.06
N ALA G 321 -23.44 70.84 33.78
CA ALA G 321 -24.64 71.44 34.36
C ALA G 321 -25.00 70.83 35.70
N LEU G 322 -24.86 69.51 35.84
CA LEU G 322 -25.29 68.82 37.06
C LEU G 322 -24.38 69.22 38.21
N ASP G 323 -24.93 69.92 39.19
CA ASP G 323 -24.16 70.44 40.32
C ASP G 323 -24.13 69.45 41.48
N VAL G 324 -23.72 68.23 41.18
CA VAL G 324 -23.55 67.18 42.18
C VAL G 324 -22.14 66.63 42.03
N LYS G 325 -21.47 66.43 43.17
CA LYS G 325 -20.05 66.11 43.15
C LYS G 325 -19.74 64.70 42.65
N SER G 326 -20.74 63.82 42.56
CA SER G 326 -20.52 62.44 42.16
C SER G 326 -21.54 62.06 41.11
N ILE G 327 -21.07 61.75 39.91
CA ILE G 327 -21.93 61.43 38.77
C ILE G 327 -21.60 60.01 38.33
N HIS G 328 -22.63 59.18 38.17
CA HIS G 328 -22.44 57.78 37.81
C HIS G 328 -23.29 57.46 36.59
N PHE G 329 -22.63 57.11 35.50
CA PHE G 329 -23.30 56.68 34.28
C PHE G 329 -23.38 55.16 34.28
N ASP G 330 -24.60 54.64 34.42
CA ASP G 330 -24.86 53.23 34.18
C ASP G 330 -24.80 53.01 32.67
N SER G 331 -23.66 52.54 32.20
CA SER G 331 -23.40 52.36 30.77
C SER G 331 -23.26 50.89 30.43
N ALA G 332 -24.13 50.07 31.03
CA ALA G 332 -24.09 48.64 30.79
C ALA G 332 -24.29 48.30 29.31
N TRP G 333 -25.04 49.14 28.59
CA TRP G 333 -25.35 48.87 27.20
C TRP G 333 -24.32 49.41 26.22
N VAL G 334 -23.39 50.25 26.67
CA VAL G 334 -22.41 50.85 25.76
C VAL G 334 -20.98 50.72 26.28
N PRO G 335 -20.40 49.52 26.32
CA PRO G 335 -19.01 49.39 26.73
C PRO G 335 -18.00 49.69 25.62
N TYR G 336 -18.45 49.96 24.41
CA TYR G 336 -17.58 50.15 23.26
C TYR G 336 -17.35 51.62 22.90
N THR G 337 -17.82 52.56 23.73
CA THR G 337 -17.85 53.97 23.32
C THR G 337 -16.45 54.53 23.09
N ASN G 338 -15.46 54.05 23.84
CA ASN G 338 -14.11 54.58 23.70
C ASN G 338 -13.44 54.19 22.38
N PHE G 339 -14.02 53.28 21.62
CA PHE G 339 -13.31 52.65 20.51
C PHE G 339 -13.85 53.06 19.15
N SER G 340 -14.63 54.15 19.08
CA SER G 340 -15.07 54.71 17.83
C SER G 340 -15.27 56.21 18.02
N PRO G 341 -14.77 57.04 17.10
CA PRO G 341 -14.96 58.49 17.24
C PRO G 341 -16.41 58.95 17.15
N ILE G 342 -17.31 58.13 16.61
CA ILE G 342 -18.71 58.54 16.51
C ILE G 342 -19.34 58.74 17.89
N TYR G 343 -18.78 58.13 18.92
CA TYR G 343 -19.33 58.23 20.27
C TYR G 343 -18.67 59.31 21.11
N LYS G 344 -17.78 60.12 20.53
CA LYS G 344 -17.08 61.14 21.30
C LYS G 344 -18.06 62.12 21.94
N GLY G 345 -17.86 62.38 23.23
CA GLY G 345 -18.73 63.25 23.98
C GLY G 345 -20.07 62.65 24.36
N LEU G 346 -20.30 61.37 24.06
CA LEU G 346 -21.56 60.71 24.37
C LEU G 346 -21.40 59.64 25.44
N CYS G 347 -20.33 59.70 26.24
CA CYS G 347 -20.08 58.70 27.25
C CYS G 347 -19.43 59.34 28.46
N GLY G 348 -19.49 58.62 29.59
CA GLY G 348 -19.02 59.18 30.85
C GLY G 348 -17.52 59.41 30.89
N MET G 349 -16.76 58.53 30.28
CA MET G 349 -15.30 58.67 30.29
C MET G 349 -14.79 59.63 29.23
N SER G 350 -15.67 60.18 28.39
CA SER G 350 -15.24 61.07 27.32
C SER G 350 -14.56 62.31 27.89
N GLY G 351 -13.50 62.74 27.23
CA GLY G 351 -12.78 63.92 27.67
C GLY G 351 -11.90 63.63 28.86
N GLY G 352 -11.54 64.71 29.55
CA GLY G 352 -10.68 64.64 30.71
C GLY G 352 -11.46 64.56 32.00
N ARG G 353 -10.80 65.00 33.07
CA ARG G 353 -11.35 64.92 34.42
C ARG G 353 -12.07 66.22 34.77
N VAL G 354 -13.27 66.09 35.31
CA VAL G 354 -14.06 67.26 35.71
C VAL G 354 -13.59 67.73 37.08
N GLU G 355 -13.26 69.02 37.17
CA GLU G 355 -12.78 69.57 38.43
C GLU G 355 -13.90 69.57 39.48
N GLY G 356 -13.57 69.11 40.68
CA GLY G 356 -14.55 69.11 41.75
C GLY G 356 -15.60 68.04 41.67
N LYS G 357 -15.42 67.04 40.81
CA LYS G 357 -16.39 65.96 40.65
C LYS G 357 -15.66 64.66 40.39
N VAL G 358 -16.36 63.56 40.66
CA VAL G 358 -15.89 62.22 40.31
C VAL G 358 -16.92 61.59 39.38
N ILE G 359 -16.44 61.01 38.29
CA ILE G 359 -17.28 60.38 37.27
C ILE G 359 -17.06 58.89 37.33
N TYR G 360 -18.15 58.14 37.46
CA TYR G 360 -18.15 56.69 37.39
C TYR G 360 -18.85 56.25 36.12
N GLU G 361 -18.42 55.10 35.59
CA GLU G 361 -19.09 54.49 34.46
C GLU G 361 -19.11 53.00 34.72
N THR G 362 -20.30 52.40 34.78
CA THR G 362 -20.41 50.96 34.97
C THR G 362 -20.73 50.30 33.63
N GLN G 363 -19.94 49.30 33.26
CA GLN G 363 -20.04 48.64 31.96
C GLN G 363 -20.32 47.16 32.13
N SER G 364 -21.24 46.64 31.33
CA SER G 364 -21.47 45.21 31.22
CA SER G 364 -21.47 45.21 31.22
C SER G 364 -20.65 44.70 30.04
N THR G 365 -19.47 44.17 30.34
CA THR G 365 -18.58 43.70 29.28
C THR G 365 -19.18 42.51 28.54
N HIS G 366 -20.05 41.74 29.19
CA HIS G 366 -20.65 40.58 28.55
C HIS G 366 -21.80 40.96 27.61
N1 LLP G 367 -28.05 48.37 34.52
C2 LLP G 367 -28.43 48.37 33.24
C2' LLP G 367 -28.87 49.65 32.60
C3 LLP G 367 -28.39 47.18 32.50
O3 LLP G 367 -28.77 47.23 31.18
C4 LLP G 367 -28.00 45.98 33.12
C4' LLP G 367 -27.89 44.74 32.37
C5 LLP G 367 -27.59 46.03 34.46
C6 LLP G 367 -27.64 47.24 35.11
C5' LLP G 367 -27.13 44.80 35.21
OP4 LLP G 367 -25.97 44.17 34.58
P LLP G 367 -25.63 42.61 34.82
OP1 LLP G 367 -24.29 42.40 34.16
OP2 LLP G 367 -26.74 41.84 34.17
OP3 LLP G 367 -25.59 42.42 36.33
N LLP G 367 -22.45 42.09 27.86
CA LLP G 367 -23.66 42.46 27.07
CB LLP G 367 -24.47 43.55 27.78
CG LLP G 367 -25.49 43.03 28.78
CD LLP G 367 -26.30 44.13 29.46
CE LLP G 367 -27.41 43.60 30.36
NZ LLP G 367 -28.00 44.72 31.10
C LLP G 367 -23.26 42.87 25.65
O LLP G 367 -23.80 42.27 24.71
N LEU G 368 -22.37 43.83 25.46
CA LEU G 368 -22.06 44.27 24.09
C LEU G 368 -20.63 44.04 23.63
N LEU G 369 -19.73 43.70 24.54
CA LEU G 369 -18.39 43.26 24.16
C LEU G 369 -18.33 41.74 24.26
N ALA G 370 -17.14 41.17 24.17
CA ALA G 370 -16.94 39.73 24.19
C ALA G 370 -16.38 39.33 25.55
N ALA G 371 -17.26 38.91 26.45
CA ALA G 371 -16.86 38.46 27.78
C ALA G 371 -17.95 37.55 28.33
N PHE G 372 -17.57 36.73 29.31
CA PHE G 372 -18.52 35.82 29.93
C PHE G 372 -19.56 36.58 30.74
N SER G 373 -20.74 35.96 30.88
CA SER G 373 -21.77 36.51 31.74
C SER G 373 -21.22 36.78 33.13
N GLN G 374 -21.71 37.86 33.74
CA GLN G 374 -21.34 38.41 35.05
C GLN G 374 -20.04 39.22 35.00
N ALA G 375 -19.37 39.31 33.85
CA ALA G 375 -18.19 40.17 33.75
C ALA G 375 -18.62 41.62 33.65
N SER G 376 -18.01 42.48 34.47
CA SER G 376 -18.41 43.87 34.53
C SER G 376 -17.19 44.73 34.87
N MET G 377 -17.27 46.01 34.48
CA MET G 377 -16.20 46.95 34.71
C MET G 377 -16.74 48.17 35.46
N ILE G 378 -15.96 48.68 36.40
CA ILE G 378 -16.17 49.99 36.98
C ILE G 378 -15.03 50.89 36.52
N HIS G 379 -15.36 52.01 35.88
CA HIS G 379 -14.38 53.00 35.44
C HIS G 379 -14.55 54.26 36.25
N VAL G 380 -13.46 54.78 36.78
CA VAL G 380 -13.47 55.96 37.64
C VAL G 380 -12.53 57.01 37.06
N LYS G 381 -13.04 58.24 36.96
CA LYS G 381 -12.25 59.40 36.58
C LYS G 381 -12.47 60.47 37.63
N GLY G 382 -11.43 60.78 38.40
CA GLY G 382 -11.51 61.76 39.47
C GLY G 382 -10.99 61.19 40.78
N ASP G 383 -10.92 62.08 41.77
CA ASP G 383 -10.37 61.71 43.07
C ASP G 383 -11.36 60.86 43.85
N ILE G 384 -10.87 59.72 44.36
CA ILE G 384 -11.60 58.88 45.29
C ILE G 384 -10.66 58.52 46.43
N ASN G 385 -11.25 58.11 47.55
CA ASN G 385 -10.48 57.52 48.63
C ASN G 385 -10.35 56.04 48.30
N GLU G 386 -9.17 55.63 47.84
CA GLU G 386 -9.00 54.29 47.29
C GLU G 386 -9.25 53.21 48.34
N GLU G 387 -8.84 53.45 49.59
CA GLU G 387 -9.02 52.44 50.62
C GLU G 387 -10.50 52.19 50.90
N THR G 388 -11.28 53.26 51.04
CA THR G 388 -12.71 53.12 51.31
C THR G 388 -13.44 52.49 50.13
N PHE G 389 -13.08 52.90 48.91
CA PHE G 389 -13.66 52.28 47.73
C PHE G 389 -13.33 50.79 47.69
N ASN G 390 -12.10 50.45 48.09
CA ASN G 390 -11.74 49.04 48.19
C ASN G 390 -12.61 48.33 49.22
N GLU G 391 -12.98 49.02 50.29
CA GLU G 391 -13.87 48.43 51.28
C GLU G 391 -15.21 48.07 50.66
N ALA G 392 -15.82 49.01 49.94
CA ALA G 392 -17.09 48.70 49.27
C ALA G 392 -16.93 47.56 48.26
N TYR G 393 -15.83 47.62 47.49
CA TYR G 393 -15.57 46.61 46.48
C TYR G 393 -15.49 45.22 47.07
N MET G 394 -14.70 45.06 48.14
CA MET G 394 -14.61 43.75 48.80
C MET G 394 -15.91 43.36 49.47
N MET G 395 -16.67 44.34 49.96
CA MET G 395 -17.95 44.04 50.57
C MET G 395 -18.92 43.43 49.58
N HIS G 396 -18.77 43.72 48.28
CA HIS G 396 -19.67 43.10 47.31
C HIS G 396 -19.04 42.04 46.42
N THR G 397 -17.77 41.67 46.64
CA THR G 397 -17.09 40.71 45.79
C THR G 397 -16.88 39.40 46.54
N SER G 398 -17.09 38.29 45.84
CA SER G 398 -16.88 36.98 46.45
C SER G 398 -15.40 36.76 46.74
N THR G 399 -15.13 36.03 47.82
CA THR G 399 -13.75 35.67 48.15
C THR G 399 -13.18 34.60 47.21
N SER G 400 -14.00 34.02 46.34
CA SER G 400 -13.56 33.01 45.39
CA SER G 400 -13.56 33.01 45.39
C SER G 400 -14.01 33.40 43.99
N PRO G 401 -13.42 34.44 43.41
CA PRO G 401 -13.83 34.86 42.07
C PRO G 401 -13.53 33.81 41.01
N HIS G 402 -14.40 33.76 40.02
CA HIS G 402 -14.25 32.86 38.88
C HIS G 402 -13.19 33.44 37.95
N TYR G 403 -12.04 32.76 37.86
CA TYR G 403 -10.91 33.31 37.11
C TYR G 403 -11.22 33.40 35.62
N GLY G 404 -12.10 32.52 35.12
CA GLY G 404 -12.48 32.61 33.72
C GLY G 404 -13.20 33.90 33.38
N ILE G 405 -14.11 34.33 34.26
CA ILE G 405 -14.83 35.59 34.04
C ILE G 405 -13.86 36.77 34.07
N VAL G 406 -12.94 36.78 35.03
CA VAL G 406 -11.95 37.86 35.14
C VAL G 406 -11.08 37.91 33.88
N ALA G 407 -10.61 36.74 33.45
CA ALA G 407 -9.80 36.66 32.24
C ALA G 407 -10.58 37.12 31.02
N SER G 408 -11.88 36.80 30.97
CA SER G 408 -12.71 37.24 29.85
C SER G 408 -12.85 38.75 29.83
N THR G 409 -12.95 39.38 31.00
CA THR G 409 -12.95 40.85 31.08
C THR G 409 -11.66 41.43 30.50
N GLU G 410 -10.52 40.90 30.96
CA GLU G 410 -9.24 41.38 30.46
C GLU G 410 -9.10 41.14 28.95
N THR G 411 -9.56 39.98 28.48
CA THR G 411 -9.45 39.62 27.08
C THR G 411 -10.35 40.49 26.20
N ALA G 412 -11.52 40.89 26.72
CA ALA G 412 -12.34 41.85 25.96
C ALA G 412 -11.60 43.16 25.80
N ALA G 413 -10.97 43.63 26.88
CA ALA G 413 -10.12 44.82 26.77
C ALA G 413 -9.05 44.64 25.69
N ALA G 414 -8.39 43.48 25.69
CA ALA G 414 -7.32 43.23 24.72
C ALA G 414 -7.87 43.16 23.29
N MET G 415 -9.05 42.55 23.11
CA MET G 415 -9.66 42.47 21.79
C MET G 415 -9.95 43.85 21.25
N MET G 416 -10.24 44.81 22.13
CA MET G 416 -10.55 46.15 21.64
C MET G 416 -9.35 46.89 21.07
N LYS G 417 -8.13 46.40 21.25
CA LYS G 417 -6.92 47.15 20.93
C LYS G 417 -6.45 46.92 19.50
N GLY G 418 -5.74 47.92 18.97
CA GLY G 418 -5.05 47.77 17.69
C GLY G 418 -5.94 47.94 16.47
N ASN G 419 -5.31 47.72 15.31
CA ASN G 419 -6.03 47.80 14.04
C ASN G 419 -7.09 46.71 13.96
N ALA G 420 -6.82 45.53 14.50
CA ALA G 420 -7.81 44.45 14.48
C ALA G 420 -9.07 44.84 15.27
N GLY G 421 -8.88 45.41 16.46
CA GLY G 421 -10.03 45.84 17.24
C GLY G 421 -10.77 47.00 16.61
N LYS G 422 -10.02 47.95 16.04
CA LYS G 422 -10.66 49.06 15.34
C LYS G 422 -11.50 48.55 14.19
N ARG G 423 -10.99 47.57 13.45
CA ARG G 423 -11.75 46.93 12.39
C ARG G 423 -12.98 46.24 12.93
N LEU G 424 -12.88 45.57 14.07
CA LEU G 424 -14.05 44.93 14.67
C LEU G 424 -15.16 45.93 14.92
N ILE G 425 -14.85 47.02 15.62
CA ILE G 425 -15.89 48.00 15.98
C ILE G 425 -16.44 48.68 14.74
N ASN G 426 -15.56 49.13 13.84
CA ASN G 426 -16.00 49.81 12.64
C ASN G 426 -16.84 48.90 11.75
N GLY G 427 -16.44 47.63 11.62
CA GLY G 427 -17.21 46.70 10.83
C GLY G 427 -18.58 46.42 11.42
N SER G 428 -18.66 46.35 12.75
CA SER G 428 -19.97 46.19 13.37
C SER G 428 -20.87 47.39 13.08
N ILE G 429 -20.33 48.61 13.18
CA ILE G 429 -21.13 49.80 12.90
C ILE G 429 -21.58 49.84 11.44
N GLU G 430 -20.65 49.54 10.52
CA GLU G 430 -20.98 49.56 9.10
C GLU G 430 -22.00 48.48 8.74
N ARG G 431 -21.86 47.28 9.34
CA ARG G 431 -22.83 46.21 9.12
C ARG G 431 -24.22 46.63 9.59
N ALA G 432 -24.30 47.26 10.78
CA ALA G 432 -25.60 47.73 11.26
C ALA G 432 -26.20 48.77 10.32
N ILE G 433 -25.38 49.71 9.83
CA ILE G 433 -25.90 50.75 8.94
C ILE G 433 -26.36 50.15 7.61
N ARG G 434 -25.61 49.17 7.09
CA ARG G 434 -26.03 48.48 5.87
C ARG G 434 -27.37 47.79 6.07
N PHE G 435 -27.55 47.13 7.22
CA PHE G 435 -28.84 46.50 7.51
C PHE G 435 -29.96 47.53 7.60
N ARG G 436 -29.70 48.68 8.21
CA ARG G 436 -30.72 49.72 8.30
C ARG G 436 -31.14 50.21 6.91
N LYS G 437 -30.15 50.48 6.06
CA LYS G 437 -30.45 50.94 4.71
C LYS G 437 -31.22 49.88 3.94
N GLU G 438 -30.85 48.61 4.12
CA GLU G 438 -31.55 47.54 3.43
C GLU G 438 -32.99 47.41 3.91
N ILE G 439 -33.23 47.59 5.21
CA ILE G 439 -34.61 47.57 5.71
C ILE G 439 -35.42 48.67 5.04
N LYS G 440 -34.84 49.88 4.96
CA LYS G 440 -35.54 50.97 4.29
C LYS G 440 -35.83 50.64 2.83
N ARG G 441 -34.84 50.08 2.13
CA ARG G 441 -35.00 49.76 0.72
C ARG G 441 -36.09 48.71 0.52
N LEU G 442 -36.11 47.67 1.36
CA LEU G 442 -37.14 46.65 1.25
C LEU G 442 -38.51 47.21 1.55
N ASN G 443 -38.60 48.11 2.54
CA ASN G 443 -39.88 48.75 2.84
C ASN G 443 -40.38 49.55 1.65
N SER G 444 -39.48 50.24 0.97
CA SER G 444 -39.87 50.96 -0.24
C SER G 444 -40.28 50.01 -1.36
N GLU G 445 -39.64 48.84 -1.45
CA GLU G 445 -39.96 47.88 -2.50
C GLU G 445 -41.28 47.15 -2.26
N SER G 446 -41.67 46.98 -1.01
CA SER G 446 -42.85 46.18 -0.68
C SER G 446 -44.12 46.86 -1.19
N GLU G 447 -44.97 46.08 -1.87
CA GLU G 447 -46.24 46.63 -2.35
C GLU G 447 -47.17 46.94 -1.18
N GLY G 448 -47.27 46.02 -0.23
CA GLY G 448 -48.04 46.20 0.98
C GLY G 448 -47.18 46.60 2.15
N TRP G 449 -47.60 46.17 3.34
CA TRP G 449 -46.89 46.47 4.57
C TRP G 449 -45.52 45.79 4.58
N PHE G 450 -44.56 46.47 5.21
CA PHE G 450 -43.27 45.86 5.49
C PHE G 450 -42.72 46.43 6.79
N PHE G 451 -41.77 45.70 7.37
CA PHE G 451 -41.10 46.18 8.57
C PHE G 451 -40.41 47.51 8.30
N ASP G 452 -40.47 48.40 9.29
CA ASP G 452 -39.78 49.67 9.23
C ASP G 452 -38.73 49.72 10.34
N VAL G 453 -37.77 50.61 10.20
CA VAL G 453 -36.70 50.77 11.17
C VAL G 453 -36.79 52.17 11.76
N TRP G 454 -36.70 52.26 13.09
CA TRP G 454 -36.84 53.51 13.83
C TRP G 454 -35.53 54.28 13.70
N GLN G 455 -35.49 55.27 12.80
CA GLN G 455 -34.27 55.98 12.48
C GLN G 455 -34.58 57.24 11.66
N PRO G 456 -33.63 58.15 11.48
CA PRO G 456 -33.87 59.28 10.58
C PRO G 456 -33.95 58.84 9.13
N GLU G 457 -34.41 59.75 8.27
CA GLU G 457 -34.70 59.42 6.89
C GLU G 457 -33.43 59.10 6.10
N GLY G 458 -32.52 60.06 6.01
CA GLY G 458 -31.44 59.98 5.05
C GLY G 458 -30.08 59.56 5.58
N ILE G 459 -30.03 58.54 6.43
CA ILE G 459 -28.75 58.13 7.02
C ILE G 459 -27.79 57.72 5.91
N ASP G 460 -26.60 58.32 5.92
CA ASP G 460 -25.56 57.97 4.97
C ASP G 460 -24.29 57.50 5.66
N GLU G 461 -23.68 58.32 6.49
CA GLU G 461 -22.37 58.02 7.06
C GLU G 461 -22.52 57.43 8.46
N ALA G 462 -21.46 56.79 8.92
CA ALA G 462 -21.45 56.21 10.24
C ALA G 462 -21.30 57.30 11.29
N LYS G 463 -22.35 57.50 12.10
CA LYS G 463 -22.35 58.46 13.18
C LYS G 463 -23.59 58.23 14.02
N CYS G 464 -23.59 58.82 15.21
CA CYS G 464 -24.77 58.82 16.06
C CYS G 464 -25.70 59.93 15.60
N TRP G 465 -26.93 59.58 15.24
CA TRP G 465 -27.84 60.52 14.62
C TRP G 465 -28.53 61.37 15.68
N PRO G 466 -28.40 62.69 15.63
CA PRO G 466 -29.08 63.53 16.62
C PRO G 466 -30.59 63.45 16.49
N LEU G 467 -31.27 63.62 17.61
CA LEU G 467 -32.72 63.67 17.65
C LEU G 467 -33.15 65.13 17.62
N ASP G 468 -33.63 65.59 16.48
CA ASP G 468 -33.97 66.98 16.26
C ASP G 468 -35.46 67.22 16.49
N SER G 469 -35.78 68.43 16.95
CA SER G 469 -37.18 68.81 17.15
C SER G 469 -37.95 68.83 15.84
N LYS G 470 -37.31 69.27 14.75
CA LYS G 470 -38.00 69.34 13.47
C LYS G 470 -38.38 67.95 12.95
N ASP G 471 -37.48 66.98 13.11
CA ASP G 471 -37.76 65.63 12.64
C ASP G 471 -38.69 64.91 13.61
N ASN G 472 -39.64 64.16 13.05
CA ASN G 472 -40.64 63.46 13.83
C ASN G 472 -40.46 61.94 13.79
N TRP G 473 -39.36 61.44 13.25
CA TRP G 473 -39.16 60.00 13.21
C TRP G 473 -39.07 59.43 14.63
N HIS G 474 -38.45 60.16 15.55
CA HIS G 474 -38.26 59.63 16.89
C HIS G 474 -39.54 59.62 17.72
N GLY G 475 -40.50 60.48 17.40
CA GLY G 475 -41.78 60.46 18.09
C GLY G 475 -41.79 61.09 19.45
N PHE G 476 -40.73 61.80 19.83
CA PHE G 476 -40.66 62.48 21.12
C PHE G 476 -41.13 63.92 20.96
N LYS G 477 -42.10 64.31 21.77
CA LYS G 477 -42.69 65.65 21.68
C LYS G 477 -41.77 66.68 22.31
N ASP G 478 -41.43 67.72 21.56
CA ASP G 478 -40.68 68.88 22.06
C ASP G 478 -39.36 68.46 22.69
N ILE G 479 -38.50 67.89 21.87
CA ILE G 479 -37.20 67.42 22.33
C ILE G 479 -36.19 68.56 22.27
N ASP G 480 -35.25 68.53 23.20
CA ASP G 480 -34.14 69.49 23.17
C ASP G 480 -33.15 69.15 22.07
N ASN G 481 -32.45 70.16 21.59
CA ASN G 481 -31.47 69.97 20.54
C ASN G 481 -30.11 69.60 21.13
N ASP G 482 -29.35 68.83 20.34
CA ASP G 482 -27.99 68.41 20.72
C ASP G 482 -27.97 67.71 22.07
N HIS G 483 -29.03 66.97 22.37
CA HIS G 483 -29.20 66.31 23.65
C HIS G 483 -29.11 64.79 23.52
N MET G 484 -29.98 64.18 22.73
CA MET G 484 -29.99 62.74 22.52
C MET G 484 -29.59 62.36 21.11
N TYR G 485 -28.94 61.21 21.02
CA TYR G 485 -28.43 60.68 19.76
C TYR G 485 -28.77 59.19 19.68
N LEU G 486 -28.89 58.67 18.47
CA LEU G 486 -29.22 57.28 18.26
C LEU G 486 -27.96 56.47 17.96
N ASP G 487 -27.78 55.38 18.68
CA ASP G 487 -26.66 54.48 18.45
C ASP G 487 -26.97 53.59 17.25
N PRO G 488 -26.16 53.60 16.19
CA PRO G 488 -26.46 52.75 15.03
C PRO G 488 -26.49 51.27 15.34
N ILE G 489 -25.80 50.85 16.40
CA ILE G 489 -25.70 49.42 16.76
C ILE G 489 -27.06 48.87 17.22
N LYS G 490 -27.87 49.69 17.89
CA LYS G 490 -29.15 49.23 18.43
C LYS G 490 -30.24 49.43 17.38
N VAL G 491 -30.59 48.36 16.66
CA VAL G 491 -31.52 48.46 15.55
C VAL G 491 -32.92 48.11 16.04
N THR G 492 -33.82 49.08 15.98
CA THR G 492 -35.21 48.86 16.37
C THR G 492 -36.08 48.75 15.12
N LEU G 493 -36.68 47.59 14.92
CA LEU G 493 -37.63 47.37 13.84
C LEU G 493 -39.05 47.62 14.35
N LEU G 494 -39.85 48.26 13.52
CA LEU G 494 -41.23 48.58 13.85
C LEU G 494 -42.17 47.77 12.97
N THR G 495 -43.15 47.17 13.58
CA THR G 495 -44.25 46.51 12.88
C THR G 495 -45.39 47.49 12.65
N PRO G 496 -46.21 47.26 11.62
CA PRO G 496 -47.37 48.14 11.40
C PRO G 496 -48.36 48.03 12.54
N GLY G 497 -49.06 49.13 12.81
CA GLY G 497 -50.02 49.19 13.90
C GLY G 497 -50.07 50.55 14.56
N MET G 498 -49.14 51.42 14.20
CA MET G 498 -49.06 52.76 14.75
C MET G 498 -48.94 53.75 13.61
N GLN G 499 -49.52 54.93 13.82
CA GLN G 499 -49.46 56.01 12.84
C GLN G 499 -48.38 57.01 13.19
N LYS G 500 -48.00 57.83 12.20
CA LYS G 500 -46.91 58.77 12.37
C LYS G 500 -47.23 59.90 13.34
N ASP G 501 -48.50 60.12 13.66
CA ASP G 501 -48.89 61.15 14.61
C ASP G 501 -49.01 60.62 16.03
N GLY G 502 -48.63 59.36 16.27
CA GLY G 502 -48.72 58.76 17.58
C GLY G 502 -50.01 58.04 17.88
N SER G 503 -50.97 58.05 16.96
CA SER G 503 -52.24 57.38 17.17
C SER G 503 -52.20 55.95 16.64
N MET G 504 -53.18 55.17 17.09
CA MET G 504 -53.29 53.78 16.68
C MET G 504 -53.78 53.68 15.23
N ALA G 505 -53.67 52.49 14.67
CA ALA G 505 -54.13 52.20 13.33
C ALA G 505 -55.11 51.03 13.37
N ASP G 506 -55.99 50.97 12.36
CA ASP G 506 -57.05 49.97 12.35
C ASP G 506 -56.47 48.56 12.31
N THR G 507 -55.44 48.33 11.50
CA THR G 507 -54.79 47.04 11.39
C THR G 507 -53.36 47.14 11.89
N GLY G 508 -52.87 46.03 12.44
CA GLY G 508 -51.50 45.99 12.93
C GLY G 508 -51.11 44.60 13.37
N ILE G 509 -49.81 44.35 13.36
CA ILE G 509 -49.24 43.06 13.71
C ILE G 509 -48.41 43.24 14.98
N PRO G 510 -48.83 42.67 16.10
CA PRO G 510 -48.04 42.80 17.34
C PRO G 510 -46.69 42.11 17.20
N ALA G 511 -45.66 42.80 17.69
CA ALA G 511 -44.29 42.32 17.52
C ALA G 511 -44.01 41.04 18.29
N SER G 512 -44.85 40.68 19.25
CA SER G 512 -44.68 39.41 19.95
C SER G 512 -44.85 38.24 19.00
N ILE G 513 -45.79 38.34 18.06
CA ILE G 513 -45.98 37.28 17.07
C ILE G 513 -44.75 37.13 16.19
N VAL G 514 -44.20 38.26 15.72
CA VAL G 514 -43.00 38.21 14.91
C VAL G 514 -41.84 37.61 15.70
N SER G 515 -41.73 37.98 16.98
CA SER G 515 -40.67 37.44 17.83
C SER G 515 -40.80 35.93 17.99
N LYS G 516 -42.04 35.44 18.21
CA LYS G 516 -42.25 34.01 18.31
C LYS G 516 -41.89 33.31 17.00
N TYR G 517 -42.26 33.91 15.87
CA TYR G 517 -41.92 33.32 14.58
C TYR G 517 -40.41 33.24 14.39
N LEU G 518 -39.70 34.33 14.71
CA LEU G 518 -38.25 34.34 14.57
C LEU G 518 -37.60 33.31 15.47
N ASP G 519 -38.09 33.18 16.71
CA ASP G 519 -37.58 32.17 17.61
C ASP G 519 -37.80 30.77 17.06
N GLU G 520 -38.96 30.53 16.45
CA GLU G 520 -39.22 29.23 15.86
C GLU G 520 -38.24 28.93 14.73
N HIS G 521 -37.71 29.96 14.07
CA HIS G 521 -36.73 29.79 13.00
C HIS G 521 -35.33 30.15 13.44
N GLY G 522 -34.99 29.91 14.70
CA GLY G 522 -33.62 29.99 15.16
C GLY G 522 -33.04 31.38 15.30
N ILE G 523 -33.87 32.40 15.50
CA ILE G 523 -33.42 33.77 15.66
C ILE G 523 -34.00 34.32 16.96
N ILE G 524 -33.12 34.70 17.89
CA ILE G 524 -33.52 35.24 19.18
C ILE G 524 -33.35 36.75 19.15
N VAL G 525 -34.44 37.48 19.38
CA VAL G 525 -34.36 38.92 19.48
C VAL G 525 -33.99 39.30 20.92
N GLU G 526 -33.43 40.50 21.07
CA GLU G 526 -33.05 40.97 22.40
C GLU G 526 -34.27 41.37 23.22
N LYS G 527 -35.21 42.11 22.63
CA LYS G 527 -36.33 42.64 23.39
C LYS G 527 -37.48 42.94 22.43
N THR G 528 -38.71 42.65 22.88
CA THR G 528 -39.91 42.84 22.07
C THR G 528 -40.89 43.73 22.82
N GLY G 529 -41.20 44.89 22.25
CA GLY G 529 -42.25 45.74 22.76
C GLY G 529 -43.57 45.43 22.06
N PRO G 530 -44.58 46.28 22.28
CA PRO G 530 -45.88 46.04 21.62
C PRO G 530 -45.79 46.04 20.10
N TYR G 531 -45.04 46.96 19.52
CA TYR G 531 -44.91 47.04 18.07
C TYR G 531 -43.47 47.30 17.63
N ASN G 532 -42.50 46.95 18.47
CA ASN G 532 -41.10 47.15 18.13
C ASN G 532 -40.31 45.94 18.60
N MET G 533 -39.24 45.65 17.88
CA MET G 533 -38.29 44.60 18.21
C MET G 533 -36.89 45.21 18.18
N LEU G 534 -36.04 44.76 19.10
CA LEU G 534 -34.69 45.28 19.22
C LEU G 534 -33.69 44.21 18.83
N PHE G 535 -32.77 44.57 17.94
CA PHE G 535 -31.69 43.69 17.50
C PHE G 535 -30.37 44.36 17.80
N LEU G 536 -29.51 43.67 18.55
CA LEU G 536 -28.19 44.17 18.88
C LEU G 536 -27.22 43.75 17.78
N PHE G 537 -26.72 44.72 17.01
CA PHE G 537 -25.74 44.43 15.96
C PHE G 537 -24.33 44.59 16.53
N SER G 538 -24.02 43.71 17.47
CA SER G 538 -22.75 43.74 18.19
C SER G 538 -21.62 43.22 17.31
N ILE G 539 -20.42 43.16 17.89
CA ILE G 539 -19.28 42.57 17.21
C ILE G 539 -19.43 41.08 16.99
N GLY G 540 -20.40 40.44 17.63
CA GLY G 540 -20.69 39.05 17.38
C GLY G 540 -21.62 38.79 16.21
N ILE G 541 -22.14 39.82 15.58
CA ILE G 541 -23.03 39.68 14.43
C ILE G 541 -22.20 39.79 13.16
N ASP G 542 -22.29 38.79 12.31
CA ASP G 542 -21.61 38.78 11.03
C ASP G 542 -22.63 38.86 9.90
N LYS G 543 -22.11 38.89 8.66
CA LYS G 543 -22.99 39.05 7.51
C LYS G 543 -23.95 37.87 7.36
N THR G 544 -23.49 36.66 7.68
CA THR G 544 -24.34 35.48 7.59
C THR G 544 -25.60 35.65 8.42
N LYS G 545 -25.44 36.10 9.66
CA LYS G 545 -26.59 36.27 10.54
C LYS G 545 -27.51 37.38 10.07
N ALA G 546 -26.95 38.48 9.55
CA ALA G 546 -27.77 39.57 9.06
C ALA G 546 -28.62 39.13 7.86
N LEU G 547 -28.01 38.40 6.93
CA LEU G 547 -28.76 37.89 5.79
C LEU G 547 -29.82 36.88 6.24
N SER G 548 -29.48 36.05 7.25
CA SER G 548 -30.45 35.12 7.79
C SER G 548 -31.65 35.85 8.38
N LEU G 549 -31.41 36.96 9.08
CA LEU G 549 -32.49 37.76 9.64
C LEU G 549 -33.35 38.37 8.55
N LEU G 550 -32.74 38.88 7.48
CA LEU G 550 -33.52 39.40 6.36
C LEU G 550 -34.41 38.32 5.77
N ARG G 551 -33.85 37.11 5.56
CA ARG G 551 -34.62 36.02 5.02
C ARG G 551 -35.78 35.63 5.95
N ALA G 552 -35.52 35.62 7.26
CA ALA G 552 -36.57 35.26 8.21
C ALA G 552 -37.70 36.29 8.22
N LEU G 553 -37.36 37.58 8.16
CA LEU G 553 -38.39 38.61 8.12
C LEU G 553 -39.22 38.51 6.85
N THR G 554 -38.55 38.30 5.71
CA THR G 554 -39.27 38.15 4.46
C THR G 554 -40.18 36.93 4.49
N ASP G 555 -39.69 35.83 5.08
CA ASP G 555 -40.49 34.62 5.21
C ASP G 555 -41.70 34.86 6.10
N PHE G 556 -41.54 35.62 7.18
CA PHE G 556 -42.69 35.95 8.00
C PHE G 556 -43.72 36.74 7.22
N LYS G 557 -43.25 37.73 6.44
CA LYS G 557 -44.20 38.53 5.66
C LYS G 557 -44.96 37.67 4.68
N ARG G 558 -44.26 36.77 3.98
CA ARG G 558 -44.91 35.90 3.01
C ARG G 558 -45.93 34.99 3.71
N SER G 559 -45.56 34.40 4.84
CA SER G 559 -46.48 33.52 5.56
C SER G 559 -47.69 34.28 6.06
N TYR G 560 -47.49 35.51 6.56
CA TYR G 560 -48.61 36.31 7.06
C TYR G 560 -49.55 36.72 5.93
N ASP G 561 -48.99 37.12 4.79
CA ASP G 561 -49.82 37.47 3.64
C ASP G 561 -50.58 36.26 3.09
N LEU G 562 -50.07 35.05 3.31
CA LEU G 562 -50.75 33.83 2.90
C LEU G 562 -51.73 33.32 3.94
N ASN G 563 -51.80 33.95 5.12
CA ASN G 563 -52.81 33.64 6.13
C ASN G 563 -52.74 32.19 6.58
N LEU G 564 -51.54 31.72 6.89
CA LEU G 564 -51.37 30.34 7.33
C LEU G 564 -52.02 30.11 8.69
N ARG G 565 -52.18 28.84 9.02
CA ARG G 565 -52.71 28.45 10.32
C ARG G 565 -51.66 28.65 11.40
N VAL G 566 -52.12 28.96 12.61
CA VAL G 566 -51.23 29.11 13.74
C VAL G 566 -50.51 27.80 14.04
N LYS G 567 -51.21 26.68 13.87
CA LYS G 567 -50.61 25.36 14.09
C LYS G 567 -49.39 25.13 13.20
N ASN G 568 -49.35 25.79 12.05
CA ASN G 568 -48.24 25.61 11.12
C ASN G 568 -47.14 26.65 11.34
N MET G 569 -47.50 27.94 11.34
CA MET G 569 -46.51 29.00 11.51
C MET G 569 -45.85 28.94 12.87
N LEU G 570 -46.62 28.70 13.93
CA LEU G 570 -46.14 28.79 15.31
C LEU G 570 -46.45 27.49 16.05
N PRO G 571 -45.71 26.42 15.78
CA PRO G 571 -45.99 25.14 16.47
C PRO G 571 -45.90 25.21 17.98
N SER G 572 -44.95 25.96 18.53
CA SER G 572 -44.83 26.06 19.98
C SER G 572 -46.05 26.76 20.58
N LEU G 573 -46.52 27.82 19.93
CA LEU G 573 -47.71 28.52 20.40
C LEU G 573 -48.92 27.60 20.40
N TYR G 574 -49.05 26.77 19.35
CA TYR G 574 -50.13 25.78 19.31
C TYR G 574 -49.98 24.77 20.44
N ARG G 575 -48.75 24.32 20.70
CA ARG G 575 -48.51 23.37 21.79
C ARG G 575 -48.80 23.99 23.15
N GLU G 576 -48.81 25.31 23.26
CA GLU G 576 -49.23 25.94 24.51
C GLU G 576 -50.67 25.60 24.84
N ASP G 577 -51.56 25.66 23.84
CA ASP G 577 -52.97 25.32 24.04
C ASP G 577 -53.59 24.93 22.70
N PRO G 578 -53.53 23.65 22.32
CA PRO G 578 -54.05 23.26 21.01
C PRO G 578 -55.51 23.59 20.81
N GLU G 579 -56.32 23.52 21.86
CA GLU G 579 -57.74 23.79 21.71
C GLU G 579 -58.00 25.24 21.30
N PHE G 580 -57.28 26.18 21.92
CA PHE G 580 -57.49 27.59 21.60
C PHE G 580 -57.02 27.92 20.19
N TYR G 581 -55.88 27.38 19.77
CA TYR G 581 -55.31 27.65 18.46
C TYR G 581 -55.62 26.54 17.46
N GLU G 582 -56.78 25.91 17.58
CA GLU G 582 -57.06 24.72 16.78
C GLU G 582 -57.13 25.04 15.29
N ASN G 583 -57.75 26.16 14.92
CA ASN G 583 -57.98 26.45 13.50
C ASN G 583 -57.75 27.88 13.08
N MET G 584 -57.67 28.85 13.99
CA MET G 584 -57.60 30.23 13.54
C MET G 584 -56.27 30.52 12.86
N ARG G 585 -56.30 31.40 11.88
CA ARG G 585 -55.14 31.72 11.06
C ARG G 585 -54.26 32.74 11.79
N ILE G 586 -53.09 33.03 11.18
CA ILE G 586 -52.16 33.96 11.81
C ILE G 586 -52.69 35.38 11.76
N GLN G 587 -53.31 35.77 10.65
CA GLN G 587 -53.88 37.12 10.56
C GLN G 587 -54.95 37.32 11.63
N GLU G 588 -55.71 36.28 11.93
CA GLU G 588 -56.75 36.38 12.95
C GLU G 588 -56.14 36.63 14.33
N LEU G 589 -55.09 35.90 14.68
CA LEU G 589 -54.43 36.14 15.97
C LEU G 589 -53.85 37.54 16.03
N ALA G 590 -53.20 37.98 14.94
CA ALA G 590 -52.63 39.31 14.91
C ALA G 590 -53.70 40.38 15.10
N GLN G 591 -54.82 40.25 14.38
CA GLN G 591 -55.90 41.22 14.49
C GLN G 591 -56.56 41.18 15.85
N GLY G 592 -56.70 39.99 16.45
CA GLY G 592 -57.29 39.91 17.77
C GLY G 592 -56.45 40.62 18.82
N ILE G 593 -55.14 40.36 18.81
CA ILE G 593 -54.27 41.05 19.77
C ILE G 593 -54.25 42.54 19.50
N HIS G 594 -54.19 42.93 18.22
CA HIS G 594 -54.19 44.36 17.89
C HIS G 594 -55.47 45.03 18.35
N ALA G 595 -56.61 44.37 18.17
CA ALA G 595 -57.89 44.92 18.60
C ALA G 595 -57.96 45.03 20.12
N LEU G 596 -57.45 44.03 20.84
CA LEU G 596 -57.41 44.12 22.30
C LEU G 596 -56.56 45.29 22.75
N ILE G 597 -55.38 45.45 22.15
CA ILE G 597 -54.49 46.55 22.51
C ILE G 597 -55.14 47.89 22.20
N GLN G 598 -55.81 47.98 21.05
CA GLN G 598 -56.45 49.24 20.67
C GLN G 598 -57.62 49.58 21.58
N HIS G 599 -58.50 48.60 21.84
CA HIS G 599 -59.68 48.85 22.66
C HIS G 599 -59.30 49.20 24.09
N HIS G 600 -58.31 48.50 24.65
CA HIS G 600 -57.83 48.88 25.96
C HIS G 600 -56.98 50.14 25.93
N ASN G 601 -56.62 50.63 24.74
CA ASN G 601 -55.82 51.84 24.56
C ASN G 601 -54.48 51.72 25.29
N LEU G 602 -53.69 50.73 24.88
CA LEU G 602 -52.39 50.50 25.50
C LEU G 602 -51.44 51.70 25.37
N PRO G 603 -51.24 52.31 24.20
CA PRO G 603 -50.24 53.39 24.14
C PRO G 603 -50.56 54.57 25.01
N ASP G 604 -51.78 55.11 24.93
CA ASP G 604 -52.13 56.29 25.72
C ASP G 604 -52.09 56.00 27.21
N LEU G 605 -52.66 54.85 27.62
CA LEU G 605 -52.64 54.48 29.03
C LEU G 605 -51.22 54.30 29.53
N MET G 606 -50.37 53.64 28.72
CA MET G 606 -48.97 53.48 29.07
C MET G 606 -48.30 54.83 29.27
N TYR G 607 -48.48 55.74 28.31
CA TYR G 607 -47.81 57.04 28.37
C TYR G 607 -48.27 57.84 29.58
N ARG G 608 -49.58 57.83 29.85
CA ARG G 608 -50.10 58.57 30.99
C ARG G 608 -49.70 57.94 32.32
N ALA G 609 -49.60 56.61 32.37
CA ALA G 609 -49.17 55.95 33.60
C ALA G 609 -47.73 56.28 33.92
N PHE G 610 -46.87 56.35 32.91
CA PHE G 610 -45.47 56.65 33.13
C PHE G 610 -45.18 58.15 33.10
N GLU G 611 -46.19 58.98 32.86
CA GLU G 611 -46.04 60.43 32.93
C GLU G 611 -46.15 60.99 34.35
N VAL G 612 -46.99 60.40 35.20
CA VAL G 612 -47.26 60.92 36.53
C VAL G 612 -46.54 60.06 37.56
N LEU G 613 -45.87 60.71 38.51
CA LEU G 613 -45.09 59.99 39.51
C LEU G 613 -45.95 59.64 40.72
N PRO G 614 -45.98 58.38 41.14
CA PRO G 614 -46.65 58.04 42.40
C PRO G 614 -45.98 58.75 43.58
N THR G 615 -46.78 59.07 44.58
CA THR G 615 -46.25 59.74 45.75
C THR G 615 -45.31 58.81 46.52
N MET G 616 -44.29 59.42 47.13
CA MET G 616 -43.30 58.69 47.93
C MET G 616 -43.62 58.94 49.40
N VAL G 617 -44.35 58.01 50.01
CA VAL G 617 -44.62 58.11 51.45
C VAL G 617 -43.35 57.86 52.25
N MET G 618 -42.60 56.82 51.88
CA MET G 618 -41.34 56.48 52.53
C MET G 618 -40.36 55.99 51.48
N ASN G 619 -39.07 56.07 51.81
CA ASN G 619 -38.05 55.64 50.88
C ASN G 619 -38.05 54.11 50.78
N PRO G 620 -37.44 53.55 49.72
CA PRO G 620 -37.47 52.09 49.56
C PRO G 620 -36.88 51.33 50.73
N HIS G 621 -35.90 51.91 51.43
CA HIS G 621 -35.31 51.23 52.58
C HIS G 621 -36.34 50.98 53.68
N ALA G 622 -37.15 52.00 53.99
CA ALA G 622 -38.17 51.84 55.02
C ALA G 622 -39.21 50.81 54.61
N ALA G 623 -39.63 50.82 53.35
CA ALA G 623 -40.61 49.85 52.87
C ALA G 623 -40.06 48.43 52.96
N PHE G 624 -38.81 48.23 52.54
CA PHE G 624 -38.22 46.90 52.61
C PHE G 624 -38.03 46.44 54.05
N GLN G 625 -37.67 47.36 54.94
CA GLN G 625 -37.55 47.01 56.35
C GLN G 625 -38.90 46.59 56.92
N MET G 626 -39.97 47.30 56.55
CA MET G 626 -41.30 46.92 57.00
C MET G 626 -41.71 45.55 56.44
N GLU G 627 -41.36 45.29 55.18
CA GLU G 627 -41.65 43.98 54.59
C GLU G 627 -40.90 42.88 55.31
N LEU G 628 -39.65 43.13 55.69
CA LEU G 628 -38.87 42.12 56.42
C LEU G 628 -39.49 41.85 57.78
N ARG G 629 -39.99 42.86 58.46
CA ARG G 629 -40.62 42.69 59.76
C ARG G 629 -42.01 42.08 59.68
N GLY G 630 -42.48 41.76 58.48
CA GLY G 630 -43.78 41.13 58.32
C GLY G 630 -44.96 42.08 58.32
N GLN G 631 -44.74 43.38 58.28
CA GLN G 631 -45.83 44.35 58.35
C GLN G 631 -46.42 44.64 56.98
N THR G 632 -46.76 43.58 56.25
CA THR G 632 -47.26 43.70 54.89
C THR G 632 -48.41 42.72 54.69
N GLU G 633 -49.18 42.96 53.63
CA GLU G 633 -50.32 42.12 53.30
C GLU G 633 -50.54 42.11 51.79
N GLU G 634 -51.19 41.05 51.32
CA GLU G 634 -51.49 40.90 49.90
C GLU G 634 -52.83 41.56 49.60
N VAL G 635 -52.85 42.41 48.57
CA VAL G 635 -54.03 43.19 48.21
C VAL G 635 -54.18 43.17 46.70
N TYR G 636 -55.41 43.00 46.23
CA TYR G 636 -55.67 43.01 44.80
C TYR G 636 -55.48 44.41 44.23
N LEU G 637 -55.26 44.48 42.91
CA LEU G 637 -54.98 45.76 42.27
C LEU G 637 -56.09 46.77 42.51
N GLU G 638 -57.32 46.30 42.69
CA GLU G 638 -58.45 47.23 42.85
C GLU G 638 -58.27 48.13 44.06
N GLU G 639 -57.78 47.58 45.16
CA GLU G 639 -57.52 48.37 46.37
C GLU G 639 -56.11 48.96 46.38
N MET G 640 -55.51 49.15 45.20
CA MET G 640 -54.15 49.69 45.13
C MET G 640 -54.08 51.10 45.69
N ILE G 641 -55.09 51.92 45.41
CA ILE G 641 -55.07 53.32 45.83
C ILE G 641 -55.08 53.42 47.34
N GLY G 642 -54.22 54.28 47.87
CA GLY G 642 -54.10 54.49 49.29
C GLY G 642 -53.20 53.51 50.01
N LYS G 643 -52.64 52.54 49.30
CA LYS G 643 -51.77 51.53 49.89
C LYS G 643 -50.34 51.77 49.46
N VAL G 644 -49.43 51.78 50.43
CA VAL G 644 -48.01 51.98 50.15
C VAL G 644 -47.43 50.66 49.67
N ASN G 645 -46.88 50.66 48.46
CA ASN G 645 -46.30 49.47 47.88
C ASN G 645 -45.04 49.05 48.62
N ALA G 646 -44.92 47.75 48.88
CA ALA G 646 -43.74 47.21 49.52
C ALA G 646 -42.67 46.75 48.54
N ASN G 647 -43.02 46.59 47.26
CA ASN G 647 -42.12 45.98 46.30
C ASN G 647 -42.13 46.80 45.01
N MET G 648 -41.02 46.76 44.29
CA MET G 648 -40.95 47.45 43.01
C MET G 648 -41.87 46.73 42.02
N ILE G 649 -42.84 47.47 41.48
CA ILE G 649 -43.70 46.96 40.42
C ILE G 649 -43.06 47.34 39.09
N LEU G 650 -42.72 46.33 38.29
CA LEU G 650 -41.97 46.48 37.05
C LEU G 650 -42.71 45.76 35.94
N PRO G 651 -43.62 46.44 35.25
CA PRO G 651 -44.32 45.83 34.11
C PRO G 651 -43.37 45.70 32.93
N TYR G 652 -43.24 44.47 32.42
CA TYR G 652 -42.23 44.20 31.41
C TYR G 652 -42.60 44.67 30.00
N PRO G 653 -43.88 44.66 29.59
CA PRO G 653 -44.23 45.24 28.29
C PRO G 653 -43.73 46.67 28.15
N PRO G 654 -43.78 47.50 29.21
CA PRO G 654 -42.96 48.71 29.19
C PRO G 654 -41.50 48.39 29.45
N GLY G 655 -41.23 47.54 30.43
CA GLY G 655 -39.88 47.12 30.75
C GLY G 655 -39.15 47.99 31.77
N VAL G 656 -39.73 49.10 32.19
CA VAL G 656 -39.07 50.01 33.12
C VAL G 656 -39.88 50.04 34.42
N PRO G 657 -39.25 50.19 35.59
CA PRO G 657 -39.99 50.09 36.84
C PRO G 657 -41.05 51.18 36.95
N LEU G 658 -42.27 50.77 37.30
CA LEU G 658 -43.38 51.69 37.37
C LEU G 658 -43.65 52.17 38.79
N VAL G 659 -43.53 51.27 39.77
CA VAL G 659 -43.76 51.64 41.17
C VAL G 659 -42.52 51.26 41.98
N MET G 660 -42.10 52.14 42.84
CA MET G 660 -40.99 51.87 43.72
C MET G 660 -41.50 51.43 45.09
N PRO G 661 -40.73 50.63 45.82
CA PRO G 661 -41.10 50.33 47.21
C PRO G 661 -41.23 51.61 48.02
N GLY G 662 -42.29 51.70 48.81
CA GLY G 662 -42.58 52.91 49.55
C GLY G 662 -43.40 53.93 48.79
N GLU G 663 -43.85 53.62 47.58
CA GLU G 663 -44.65 54.54 46.79
C GLU G 663 -46.11 54.12 46.80
N MET G 664 -46.98 55.13 46.73
CA MET G 664 -48.43 54.92 46.81
C MET G 664 -49.10 55.56 45.60
N LEU G 665 -50.14 54.91 45.11
CA LEU G 665 -50.96 55.47 44.04
C LEU G 665 -52.10 56.29 44.65
N THR G 666 -52.35 57.45 44.05
CA THR G 666 -53.42 58.32 44.50
C THR G 666 -54.35 58.67 43.34
N GLU G 667 -55.28 59.59 43.57
CA GLU G 667 -56.18 60.00 42.50
C GLU G 667 -55.43 60.68 41.37
N GLU G 668 -54.41 61.46 41.70
CA GLU G 668 -53.57 62.06 40.66
C GLU G 668 -52.83 60.99 39.88
N SER G 669 -52.32 59.96 40.57
CA SER G 669 -51.64 58.85 39.93
C SER G 669 -52.56 57.69 39.62
N ARG G 670 -53.87 57.93 39.59
CA ARG G 670 -54.83 56.88 39.26
C ARG G 670 -54.56 56.18 37.93
N PRO G 671 -54.19 56.86 36.83
CA PRO G 671 -53.99 56.13 35.57
C PRO G 671 -52.98 54.99 35.66
N VAL G 672 -51.93 55.15 36.48
CA VAL G 672 -50.98 54.07 36.71
C VAL G 672 -51.72 52.77 37.01
N LEU G 673 -52.54 52.78 38.06
CA LEU G 673 -53.32 51.61 38.42
C LEU G 673 -54.14 51.11 37.24
N GLU G 674 -54.80 52.04 36.53
CA GLU G 674 -55.59 51.66 35.36
C GLU G 674 -54.74 50.83 34.40
N PHE G 675 -53.56 51.33 34.07
CA PHE G 675 -52.67 50.59 33.17
C PHE G 675 -52.41 49.20 33.71
N LEU G 676 -52.08 49.11 35.00
CA LEU G 676 -51.84 47.81 35.62
C LEU G 676 -53.05 46.90 35.49
N GLN G 677 -54.25 47.46 35.72
CA GLN G 677 -55.46 46.66 35.56
C GLN G 677 -55.56 46.12 34.15
N MET G 678 -55.29 46.96 33.16
CA MET G 678 -55.28 46.52 31.77
C MET G 678 -54.30 45.37 31.59
N LEU G 679 -53.13 45.46 32.24
CA LEU G 679 -52.12 44.42 32.11
C LEU G 679 -52.66 43.06 32.52
N CYS G 680 -53.64 43.03 33.42
CA CYS G 680 -54.26 41.75 33.76
C CYS G 680 -55.13 41.23 32.63
N GLU G 681 -56.00 42.09 32.08
CA GLU G 681 -57.06 41.64 31.19
C GLU G 681 -56.48 40.98 29.93
N ILE G 682 -55.75 41.75 29.13
CA ILE G 682 -55.12 41.22 27.94
C ILE G 682 -54.14 40.10 28.27
N GLY G 683 -53.74 39.97 29.53
CA GLY G 683 -52.86 38.88 29.90
C GLY G 683 -53.53 37.53 29.96
N ALA G 684 -54.86 37.49 30.07
CA ALA G 684 -55.58 36.23 30.23
C ALA G 684 -56.31 35.78 28.97
N HIS G 685 -56.21 36.54 27.88
CA HIS G 685 -56.95 36.24 26.67
C HIS G 685 -56.15 35.44 25.65
N TYR G 686 -54.88 35.17 25.90
CA TYR G 686 -54.07 34.38 24.98
C TYR G 686 -53.03 33.59 25.77
N PRO G 687 -53.14 32.26 25.79
CA PRO G 687 -52.29 31.46 26.68
C PRO G 687 -50.79 31.64 26.45
N GLY G 688 -50.36 31.81 25.21
CA GLY G 688 -48.95 31.99 24.94
C GLY G 688 -48.44 33.40 25.08
N PHE G 689 -49.33 34.37 25.22
CA PHE G 689 -48.98 35.78 25.35
C PHE G 689 -49.32 36.21 26.78
N GLU G 690 -48.40 35.96 27.70
CA GLU G 690 -48.61 36.18 29.12
C GLU G 690 -47.97 37.50 29.52
N THR G 691 -48.79 38.43 30.01
CA THR G 691 -48.26 39.67 30.54
C THR G 691 -47.52 39.42 31.85
N ASP G 692 -46.38 40.08 32.02
CA ASP G 692 -45.53 39.90 33.18
C ASP G 692 -45.55 41.19 34.00
N ILE G 693 -46.10 41.12 35.21
CA ILE G 693 -46.06 42.24 36.14
C ILE G 693 -45.11 41.87 37.28
N HIS G 694 -43.85 42.24 37.13
CA HIS G 694 -42.85 41.91 38.14
C HIS G 694 -43.13 42.66 39.44
N GLY G 695 -42.96 41.96 40.56
CA GLY G 695 -43.34 42.47 41.85
C GLY G 695 -44.76 42.13 42.25
N ALA G 696 -45.61 41.80 41.29
CA ALA G 696 -46.94 41.25 41.56
C ALA G 696 -46.91 39.74 41.35
N TYR G 697 -47.85 39.06 41.98
CA TYR G 697 -47.88 37.61 42.00
C TYR G 697 -49.15 37.11 41.34
N ARG G 698 -48.99 36.19 40.38
CA ARG G 698 -50.10 35.64 39.63
C ARG G 698 -50.89 34.69 40.52
N GLN G 699 -52.12 35.07 40.85
CA GLN G 699 -52.97 34.25 41.70
C GLN G 699 -53.85 33.34 40.84
N ASP G 700 -54.58 32.45 41.52
CA ASP G 700 -55.49 31.53 40.85
C ASP G 700 -56.77 32.29 40.49
N GLY G 701 -57.06 32.39 39.21
CA GLY G 701 -58.22 33.12 38.75
C GLY G 701 -57.85 34.28 37.85
N ALA G 702 -56.64 34.25 37.30
CA ALA G 702 -56.14 35.29 36.40
C ALA G 702 -56.19 36.67 37.04
N ARG G 703 -55.70 36.75 38.28
CA ARG G 703 -55.66 38.00 39.02
C ARG G 703 -54.27 38.20 39.61
N TYR G 704 -53.92 39.47 39.85
CA TYR G 704 -52.64 39.84 40.41
C TYR G 704 -52.84 40.50 41.76
N THR G 705 -52.05 40.07 42.75
CA THR G 705 -52.00 40.71 44.05
C THR G 705 -50.63 41.32 44.27
N VAL G 706 -50.58 42.36 45.09
CA VAL G 706 -49.32 43.01 45.44
C VAL G 706 -49.20 43.11 46.95
N LYS G 707 -47.96 43.08 47.43
CA LYS G 707 -47.70 43.31 48.84
C LYS G 707 -47.72 44.80 49.13
N VAL G 708 -48.44 45.19 50.17
CA VAL G 708 -48.49 46.59 50.60
C VAL G 708 -48.27 46.63 52.11
N ILE G 709 -47.85 47.79 52.59
CA ILE G 709 -47.60 47.97 54.01
C ILE G 709 -48.91 47.80 54.78
N LYS G 710 -48.88 46.98 55.81
CA LYS G 710 -50.05 46.73 56.65
C LYS G 710 -50.52 48.03 57.30
N MET H 1 -32.54 12.29 -0.99
CA MET H 1 -32.03 13.64 -0.73
C MET H 1 -30.68 13.62 -0.05
N ASN H 2 -29.65 13.19 -0.78
CA ASN H 2 -28.29 13.22 -0.23
C ASN H 2 -27.25 13.67 -1.25
N ILE H 3 -27.66 14.18 -2.41
CA ILE H 3 -26.73 14.70 -3.41
C ILE H 3 -26.70 16.21 -3.31
N ILE H 4 -25.52 16.76 -3.08
CA ILE H 4 -25.30 18.20 -2.99
C ILE H 4 -24.43 18.61 -4.17
N ALA H 5 -24.88 19.62 -4.91
CA ALA H 5 -24.12 20.15 -6.04
C ALA H 5 -23.31 21.35 -5.61
N ILE H 6 -22.02 21.33 -5.92
CA ILE H 6 -21.12 22.46 -5.71
C ILE H 6 -20.71 22.96 -7.09
N LEU H 7 -20.97 24.24 -7.37
CA LEU H 7 -20.94 24.70 -8.75
C LEU H 7 -19.52 24.92 -9.27
N ASN H 8 -18.78 25.86 -8.68
CA ASN H 8 -17.59 26.37 -9.36
C ASN H 8 -16.32 26.09 -8.58
N HIS H 9 -15.18 26.33 -9.25
CA HIS H 9 -13.84 26.21 -8.71
C HIS H 9 -13.04 27.43 -9.19
N MET H 10 -12.84 28.40 -8.30
CA MET H 10 -12.16 29.64 -8.66
C MET H 10 -10.69 29.59 -8.26
N GLY H 11 -10.00 30.68 -8.53
CA GLY H 11 -8.56 30.68 -8.38
C GLY H 11 -8.00 31.26 -7.10
N VAL H 12 -8.79 31.36 -6.03
CA VAL H 12 -8.32 31.95 -4.78
C VAL H 12 -8.43 30.93 -3.66
N TYR H 13 -7.35 30.81 -2.87
CA TYR H 13 -7.29 29.80 -1.82
C TYR H 13 -8.35 30.05 -0.75
N PHE H 14 -8.61 31.32 -0.43
CA PHE H 14 -9.48 31.63 0.70
C PHE H 14 -10.93 31.23 0.45
N LYS H 15 -11.29 30.86 -0.78
CA LYS H 15 -12.56 30.21 -1.04
C LYS H 15 -12.44 28.70 -1.23
N GLU H 16 -11.41 28.24 -1.95
CA GLU H 16 -11.29 26.82 -2.24
C GLU H 16 -11.05 25.98 -0.99
N GLU H 17 -10.18 26.44 -0.08
CA GLU H 17 -9.93 25.64 1.12
C GLU H 17 -11.17 25.51 1.99
N PRO H 18 -11.94 26.57 2.27
CA PRO H 18 -13.21 26.34 2.98
C PRO H 18 -14.16 25.43 2.23
N ILE H 19 -14.19 25.49 0.90
CA ILE H 19 -15.10 24.63 0.14
C ILE H 19 -14.68 23.16 0.24
N ARG H 20 -13.37 22.89 0.15
CA ARG H 20 -12.91 21.52 0.33
C ARG H 20 -13.19 21.02 1.74
N GLU H 21 -12.96 21.86 2.75
CA GLU H 21 -13.27 21.44 4.11
C GLU H 21 -14.76 21.16 4.28
N LEU H 22 -15.61 21.98 3.65
CA LEU H 22 -17.05 21.75 3.70
C LEU H 22 -17.42 20.44 2.98
N HIS H 23 -16.74 20.15 1.86
CA HIS H 23 -17.00 18.92 1.14
C HIS H 23 -16.69 17.71 2.03
N LYS H 24 -15.56 17.77 2.73
CA LYS H 24 -15.24 16.69 3.66
C LYS H 24 -16.25 16.60 4.80
N ALA H 25 -16.65 17.74 5.37
CA ALA H 25 -17.61 17.73 6.46
C ALA H 25 -18.97 17.18 6.01
N LEU H 26 -19.38 17.50 4.78
CA LEU H 26 -20.63 17.00 4.26
C LEU H 26 -20.56 15.50 3.98
N GLU H 27 -19.41 15.04 3.46
CA GLU H 27 -19.22 13.60 3.33
C GLU H 27 -19.28 12.89 4.67
N ALA H 28 -18.82 13.54 5.74
CA ALA H 28 -18.96 12.96 7.07
C ALA H 28 -20.40 12.88 7.53
N LEU H 29 -21.31 13.64 6.93
CA LEU H 29 -22.73 13.62 7.27
C LEU H 29 -23.55 12.83 6.26
N ASP H 30 -22.91 11.97 5.48
CA ASP H 30 -23.58 11.11 4.50
C ASP H 30 -24.24 11.92 3.40
N PHE H 31 -23.49 12.82 2.78
CA PHE H 31 -23.90 13.48 1.55
C PHE H 31 -22.97 13.06 0.43
N GLN H 32 -23.53 12.94 -0.77
CA GLN H 32 -22.74 12.69 -1.98
C GLN H 32 -22.58 14.00 -2.71
N ILE H 33 -21.33 14.39 -2.97
CA ILE H 33 -21.02 15.68 -3.58
C ILE H 33 -20.82 15.51 -5.08
N VAL H 34 -21.50 16.34 -5.86
CA VAL H 34 -21.33 16.39 -7.31
C VAL H 34 -20.88 17.79 -7.70
N TYR H 35 -20.16 17.87 -8.82
CA TYR H 35 -19.49 19.10 -9.26
C TYR H 35 -19.88 19.41 -10.70
N PRO H 36 -20.98 20.12 -10.91
CA PRO H 36 -21.30 20.58 -12.27
C PRO H 36 -20.22 21.55 -12.76
N ASN H 37 -19.96 21.50 -14.06
CA ASN H 37 -18.90 22.33 -14.64
C ASN H 37 -19.33 23.78 -14.82
N ASP H 38 -20.61 24.02 -15.04
CA ASP H 38 -21.09 25.38 -15.30
C ASP H 38 -22.57 25.43 -14.95
N ARG H 39 -23.16 26.61 -15.19
CA ARG H 39 -24.55 26.84 -14.81
C ARG H 39 -25.51 25.94 -15.59
N GLU H 40 -25.28 25.79 -16.90
CA GLU H 40 -26.12 24.92 -17.71
C GLU H 40 -26.02 23.47 -17.27
N ASP H 41 -24.80 23.03 -16.92
CA ASP H 41 -24.61 21.69 -16.37
C ASP H 41 -25.41 21.50 -15.10
N LEU H 42 -25.38 22.50 -14.21
CA LEU H 42 -26.15 22.43 -12.97
CA LEU H 42 -26.15 22.43 -12.97
C LEU H 42 -27.64 22.33 -13.25
N LEU H 43 -28.13 23.14 -14.20
CA LEU H 43 -29.56 23.12 -14.49
C LEU H 43 -30.00 21.78 -15.06
N LYS H 44 -29.21 21.21 -15.98
CA LYS H 44 -29.54 19.89 -16.50
C LYS H 44 -29.47 18.82 -15.43
N LEU H 45 -28.49 18.93 -14.52
CA LEU H 45 -28.38 17.98 -13.42
C LEU H 45 -29.60 18.04 -12.52
N ILE H 46 -30.09 19.24 -12.23
CA ILE H 46 -31.34 19.36 -11.47
C ILE H 46 -32.49 18.76 -12.27
N ASP H 47 -32.50 18.96 -13.58
CA ASP H 47 -33.57 18.45 -14.42
C ASP H 47 -33.66 16.93 -14.38
N ASN H 48 -32.53 16.26 -14.48
CA ASN H 48 -32.52 14.81 -14.67
C ASN H 48 -32.49 14.03 -13.37
N ASN H 49 -32.33 14.69 -12.22
CA ASN H 49 -32.08 13.99 -10.96
C ASN H 49 -32.91 14.64 -9.86
N ALA H 50 -34.03 14.00 -9.53
CA ALA H 50 -34.90 14.52 -8.48
C ALA H 50 -34.33 14.28 -7.09
N ARG H 51 -33.25 13.51 -6.97
CA ARG H 51 -32.66 13.23 -5.67
CA ARG H 51 -32.65 13.23 -5.67
C ARG H 51 -31.71 14.32 -5.19
N LEU H 52 -31.46 15.35 -5.99
CA LEU H 52 -30.66 16.48 -5.55
C LEU H 52 -31.34 17.18 -4.38
N CYS H 53 -30.57 17.45 -3.32
CA CYS H 53 -31.13 18.04 -2.12
C CYS H 53 -30.55 19.41 -1.78
N GLY H 54 -29.59 19.92 -2.55
CA GLY H 54 -29.07 21.25 -2.29
C GLY H 54 -28.05 21.67 -3.32
N VAL H 55 -27.85 22.97 -3.43
CA VAL H 55 -26.92 23.57 -4.37
C VAL H 55 -26.05 24.60 -3.65
N ILE H 56 -24.74 24.48 -3.82
CA ILE H 56 -23.77 25.42 -3.27
C ILE H 56 -23.11 26.16 -4.43
N PHE H 57 -23.05 27.48 -4.33
CA PHE H 57 -22.40 28.28 -5.38
C PHE H 57 -21.83 29.56 -4.79
N ASP H 58 -20.95 30.19 -5.56
CA ASP H 58 -20.28 31.43 -5.17
C ASP H 58 -21.09 32.62 -5.65
N TRP H 59 -21.50 33.47 -4.72
CA TRP H 59 -22.33 34.63 -5.06
C TRP H 59 -21.58 35.64 -5.92
N ASP H 60 -20.26 35.77 -5.73
CA ASP H 60 -19.49 36.67 -6.59
C ASP H 60 -19.54 36.21 -8.05
N THR H 61 -19.45 34.91 -8.28
CA THR H 61 -19.45 34.40 -9.65
C THR H 61 -20.84 34.49 -10.27
N TYR H 62 -21.87 34.11 -9.54
CA TYR H 62 -23.24 34.02 -10.07
C TYR H 62 -24.17 34.92 -9.28
N ASN H 63 -24.99 35.69 -10.00
CA ASN H 63 -26.01 36.49 -9.35
C ASN H 63 -27.17 35.60 -8.90
N LEU H 64 -28.08 36.18 -8.13
CA LEU H 64 -29.18 35.40 -7.56
C LEU H 64 -30.26 35.04 -8.59
N ASP H 65 -30.13 35.46 -9.85
CA ASP H 65 -31.03 34.98 -10.89
C ASP H 65 -30.84 33.50 -11.16
N LEU H 66 -29.66 32.96 -10.88
CA LEU H 66 -29.46 31.51 -10.93
C LEU H 66 -30.37 30.81 -9.94
N CYS H 67 -30.56 31.40 -8.76
CA CYS H 67 -31.52 30.87 -7.79
C CYS H 67 -32.94 30.90 -8.36
N GLU H 68 -33.26 31.94 -9.13
CA GLU H 68 -34.58 32.02 -9.75
C GLU H 68 -34.76 30.89 -10.76
N GLU H 69 -33.72 30.61 -11.56
CA GLU H 69 -33.80 29.50 -12.51
C GLU H 69 -33.96 28.17 -11.78
N ILE H 70 -33.24 27.99 -10.67
CA ILE H 70 -33.39 26.76 -9.88
C ILE H 70 -34.80 26.66 -9.32
N SER H 71 -35.33 27.77 -8.82
CA SER H 71 -36.65 27.79 -8.19
C SER H 71 -37.77 27.49 -9.18
N ALA H 72 -37.65 27.99 -10.41
CA ALA H 72 -38.66 27.67 -11.43
C ALA H 72 -38.74 26.17 -11.68
N MET H 73 -37.68 25.46 -11.31
CA MET H 73 -37.60 24.03 -11.50
C MET H 73 -38.12 23.30 -10.26
N ASN H 74 -37.71 23.77 -9.09
CA ASN H 74 -38.12 23.21 -7.80
C ASN H 74 -38.00 24.34 -6.78
N GLU H 75 -39.14 24.95 -6.43
CA GLU H 75 -39.11 26.13 -5.57
C GLU H 75 -38.73 25.80 -4.13
N HIS H 76 -38.77 24.54 -3.72
CA HIS H 76 -38.38 24.18 -2.37
C HIS H 76 -36.91 23.75 -2.25
N LEU H 77 -36.22 23.56 -3.37
CA LEU H 77 -34.84 23.08 -3.33
C LEU H 77 -33.95 24.08 -2.63
N PRO H 78 -33.23 23.68 -1.57
CA PRO H 78 -32.39 24.66 -0.84
C PRO H 78 -31.14 25.01 -1.62
N VAL H 79 -30.84 26.29 -1.70
CA VAL H 79 -29.66 26.82 -2.38
CA VAL H 79 -29.64 26.78 -2.36
C VAL H 79 -28.81 27.57 -1.36
N TYR H 80 -27.52 27.27 -1.32
CA TYR H 80 -26.59 27.89 -0.38
C TYR H 80 -25.64 28.81 -1.13
N ALA H 81 -25.76 30.11 -0.89
CA ALA H 81 -24.95 31.11 -1.57
C ALA H 81 -23.85 31.57 -0.61
N PHE H 82 -22.61 31.54 -1.10
CA PHE H 82 -21.46 31.96 -0.32
C PHE H 82 -21.16 33.42 -0.67
N ALA H 83 -21.25 34.29 0.32
CA ALA H 83 -21.08 35.73 0.13
C ALA H 83 -19.66 36.13 0.45
N ASN H 84 -19.04 36.89 -0.45
CA ASN H 84 -17.74 37.51 -0.18
C ASN H 84 -17.78 39.02 -0.36
N THR H 85 -18.13 39.52 -1.54
CA THR H 85 -18.19 40.96 -1.76
C THR H 85 -19.60 41.53 -1.63
N HIS H 86 -20.63 40.72 -1.87
CA HIS H 86 -21.99 41.21 -1.69
C HIS H 86 -22.34 41.30 -0.21
N SER H 87 -23.12 42.32 0.13
CA SER H 87 -23.58 42.54 1.49
C SER H 87 -25.11 42.47 1.53
N THR H 88 -25.68 42.81 2.69
CA THR H 88 -27.13 42.89 2.81
C THR H 88 -27.74 43.98 1.94
N LEU H 89 -26.92 44.92 1.44
CA LEU H 89 -27.41 45.94 0.53
C LEU H 89 -27.64 45.43 -0.89
N ASP H 90 -27.26 44.19 -1.18
CA ASP H 90 -27.30 43.67 -2.54
C ASP H 90 -28.40 42.63 -2.76
N VAL H 91 -29.38 42.56 -1.87
CA VAL H 91 -30.49 41.62 -1.98
CA VAL H 91 -30.49 41.62 -1.98
C VAL H 91 -31.77 42.42 -2.11
N SER H 92 -32.61 42.05 -3.07
CA SER H 92 -33.92 42.66 -3.21
C SER H 92 -34.96 41.81 -2.50
N LEU H 93 -36.18 42.34 -2.42
CA LEU H 93 -37.27 41.60 -1.81
C LEU H 93 -37.53 40.30 -2.56
N ASN H 94 -37.54 40.36 -3.90
CA ASN H 94 -37.78 39.17 -4.71
C ASN H 94 -36.70 38.12 -4.49
N ASP H 95 -35.43 38.55 -4.37
CA ASP H 95 -34.37 37.60 -4.05
C ASP H 95 -34.62 36.94 -2.70
N LEU H 96 -35.04 37.73 -1.71
CA LEU H 96 -35.30 37.17 -0.38
C LEU H 96 -36.47 36.21 -0.38
N ARG H 97 -37.33 36.28 -1.39
CA ARG H 97 -38.40 35.30 -1.50
CA ARG H 97 -38.41 35.29 -1.50
C ARG H 97 -37.86 33.89 -1.77
N LEU H 98 -36.72 33.78 -2.44
CA LEU H 98 -36.18 32.48 -2.80
C LEU H 98 -35.67 31.73 -1.57
N ASN H 99 -35.57 30.41 -1.71
CA ASN H 99 -35.08 29.55 -0.64
C ASN H 99 -33.55 29.51 -0.64
N VAL H 100 -32.95 30.67 -0.34
CA VAL H 100 -31.50 30.81 -0.34
CA VAL H 100 -31.50 30.84 -0.34
C VAL H 100 -31.03 31.03 1.10
N GLU H 101 -29.96 30.32 1.46
CA GLU H 101 -29.30 30.48 2.74
C GLU H 101 -27.87 30.96 2.47
N PHE H 102 -27.44 32.00 3.17
CA PHE H 102 -26.16 32.62 2.90
C PHE H 102 -25.10 32.16 3.91
N PHE H 103 -23.89 31.94 3.41
CA PHE H 103 -22.75 31.55 4.23
C PHE H 103 -21.55 32.42 3.86
N GLU H 104 -20.46 32.24 4.62
CA GLU H 104 -19.24 32.99 4.41
C GLU H 104 -18.06 32.02 4.35
N TYR H 105 -16.99 32.48 3.71
CA TYR H 105 -15.76 31.70 3.56
C TYR H 105 -14.88 31.90 4.78
N ALA H 106 -14.52 30.81 5.45
CA ALA H 106 -13.65 30.87 6.61
C ALA H 106 -13.09 29.48 6.89
N LEU H 107 -11.79 29.43 7.20
CA LEU H 107 -11.19 28.18 7.61
C LEU H 107 -11.73 27.75 8.97
N GLY H 108 -12.00 26.46 9.12
CA GLY H 108 -12.48 25.92 10.37
C GLY H 108 -13.95 26.08 10.66
N ALA H 109 -14.73 26.61 9.71
CA ALA H 109 -16.17 26.76 9.88
C ALA H 109 -16.96 25.69 9.14
N ALA H 110 -16.28 24.69 8.57
CA ALA H 110 -16.97 23.70 7.75
C ALA H 110 -17.96 22.88 8.56
N GLN H 111 -17.64 22.59 9.82
CA GLN H 111 -18.53 21.76 10.63
C GLN H 111 -19.87 22.44 10.89
N ASP H 112 -19.83 23.71 11.27
CA ASP H 112 -21.08 24.43 11.54
C ASP H 112 -21.92 24.59 10.28
N ILE H 113 -21.28 24.91 9.16
CA ILE H 113 -21.99 25.06 7.90
C ILE H 113 -22.60 23.73 7.47
N ALA H 114 -21.85 22.64 7.64
CA ALA H 114 -22.38 21.33 7.29
C ALA H 114 -23.58 20.99 8.15
N GLN H 115 -23.53 21.32 9.44
CA GLN H 115 -24.69 21.12 10.31
C GLN H 115 -25.89 21.94 9.84
N LYS H 116 -25.66 23.20 9.46
CA LYS H 116 -26.73 24.03 8.94
C LYS H 116 -27.33 23.43 7.67
N ILE H 117 -26.48 22.89 6.80
CA ILE H 117 -26.97 22.28 5.57
C ILE H 117 -27.76 21.01 5.87
N ARG H 118 -27.31 20.24 6.86
CA ARG H 118 -28.06 19.05 7.28
C ARG H 118 -29.45 19.42 7.77
N GLN H 119 -29.55 20.46 8.60
CA GLN H 119 -30.86 20.91 9.08
C GLN H 119 -31.73 21.43 7.93
N SER H 120 -31.13 22.16 7.00
CA SER H 120 -31.88 22.68 5.86
C SER H 120 -32.39 21.53 4.98
N THR H 121 -31.58 20.49 4.81
CA THR H 121 -32.02 19.31 4.07
C THR H 121 -33.19 18.63 4.76
N ASP H 122 -33.10 18.48 6.09
CA ASP H 122 -34.20 17.90 6.85
C ASP H 122 -35.47 18.73 6.70
N ALA H 123 -35.33 20.06 6.74
CA ALA H 123 -36.48 20.93 6.58
C ALA H 123 -37.10 20.80 5.19
N TYR H 124 -36.26 20.69 4.16
CA TYR H 124 -36.76 20.49 2.80
C TYR H 124 -37.55 19.19 2.69
N ILE H 125 -37.00 18.10 3.23
CA ILE H 125 -37.67 16.81 3.19
C ILE H 125 -39.01 16.89 3.94
N ASP H 126 -39.00 17.50 5.13
CA ASP H 126 -40.23 17.66 5.89
C ASP H 126 -41.26 18.49 5.14
N GLU H 127 -40.81 19.50 4.40
CA GLU H 127 -41.72 20.38 3.67
C GLU H 127 -42.39 19.61 2.53
N ILE H 128 -41.62 18.86 1.74
CA ILE H 128 -42.24 18.22 0.57
C ILE H 128 -43.01 16.95 0.92
N LEU H 129 -42.68 16.29 2.03
CA LEU H 129 -43.39 15.07 2.40
C LEU H 129 -44.79 15.41 2.88
N PRO H 130 -45.78 14.59 2.55
CA PRO H 130 -47.13 14.79 3.09
C PRO H 130 -47.22 14.23 4.50
N PRO H 131 -48.24 14.65 5.29
CA PRO H 131 -48.20 14.39 6.74
C PRO H 131 -48.27 12.91 7.16
N LEU H 132 -49.20 12.13 6.60
CA LEU H 132 -49.31 10.73 6.99
CA LEU H 132 -49.30 10.74 7.01
C LEU H 132 -48.06 9.94 6.61
N THR H 133 -47.53 10.17 5.41
CA THR H 133 -46.34 9.46 4.97
C THR H 133 -45.15 9.80 5.87
N LYS H 134 -44.99 11.08 6.22
CA LYS H 134 -43.92 11.48 7.11
C LYS H 134 -44.07 10.83 8.48
N ALA H 135 -45.30 10.79 9.01
CA ALA H 135 -45.53 10.13 10.29
C ALA H 135 -45.16 8.65 10.22
N LEU H 136 -45.54 7.98 9.13
CA LEU H 136 -45.24 6.56 8.98
C LEU H 136 -43.73 6.32 8.91
N PHE H 137 -43.01 7.15 8.15
CA PHE H 137 -41.56 7.00 8.05
C PHE H 137 -40.91 7.21 9.42
N ASN H 138 -41.36 8.23 10.16
CA ASN H 138 -40.83 8.49 11.48
C ASN H 138 -41.07 7.31 12.42
N TYR H 139 -42.30 6.77 12.41
CA TYR H 139 -42.59 5.65 13.29
C TYR H 139 -41.72 4.45 12.94
N VAL H 140 -41.48 4.22 11.65
CA VAL H 140 -40.61 3.12 11.26
C VAL H 140 -39.21 3.32 11.83
N LYS H 141 -38.70 4.56 11.79
CA LYS H 141 -37.42 4.80 12.45
C LYS H 141 -37.49 4.62 13.97
N GLU H 142 -38.68 4.70 14.57
CA GLU H 142 -38.79 4.55 16.03
C GLU H 142 -38.38 3.14 16.49
N GLY H 143 -38.76 2.10 15.75
CA GLY H 143 -38.35 0.74 16.06
C GLY H 143 -38.92 0.11 17.32
N LYS H 144 -40.23 0.19 17.51
CA LYS H 144 -40.87 -0.36 18.69
C LYS H 144 -41.03 -1.89 18.59
N TYR H 145 -41.21 -2.52 19.75
CA TYR H 145 -41.57 -3.93 19.84
C TYR H 145 -43.08 -4.05 19.88
N THR H 146 -43.63 -4.94 19.06
CA THR H 146 -45.07 -5.11 18.95
C THR H 146 -45.49 -6.51 19.39
N PHE H 147 -46.50 -6.57 20.24
CA PHE H 147 -47.19 -7.81 20.56
C PHE H 147 -48.60 -7.80 19.97
N CYS H 148 -48.77 -7.13 18.83
CA CYS H 148 -50.06 -6.86 18.22
C CYS H 148 -50.01 -7.20 16.74
N THR H 149 -51.16 -7.21 16.10
CA THR H 149 -51.24 -7.47 14.68
C THR H 149 -50.60 -6.32 13.89
N PRO H 150 -50.05 -6.61 12.70
CA PRO H 150 -49.99 -7.91 12.00
C PRO H 150 -48.99 -8.87 12.64
N GLY H 151 -49.19 -10.18 12.40
CA GLY H 151 -48.46 -11.19 13.12
C GLY H 151 -47.00 -11.30 12.77
N HIS H 152 -46.58 -10.80 11.61
CA HIS H 152 -45.17 -10.88 11.27
C HIS H 152 -44.30 -9.98 12.16
N MET H 153 -44.90 -9.11 12.97
CA MET H 153 -44.18 -8.30 13.96
C MET H 153 -43.06 -7.47 13.31
N GLY H 154 -43.42 -6.73 12.26
CA GLY H 154 -42.44 -5.93 11.58
C GLY H 154 -41.42 -6.71 10.77
N GLY H 155 -41.74 -7.94 10.42
CA GLY H 155 -40.86 -8.75 9.59
C GLY H 155 -40.03 -9.79 10.31
N THR H 156 -40.13 -9.88 11.65
CA THR H 156 -39.36 -10.89 12.40
C THR H 156 -39.72 -12.30 11.95
N ALA H 157 -41.02 -12.58 11.84
CA ALA H 157 -41.48 -13.91 11.48
C ALA H 157 -40.95 -14.32 10.12
N PHE H 158 -40.89 -13.39 9.16
CA PHE H 158 -40.30 -13.68 7.86
C PHE H 158 -38.84 -14.08 8.01
N GLN H 159 -38.10 -13.34 8.84
CA GLN H 159 -36.67 -13.59 9.00
C GLN H 159 -36.41 -14.90 9.72
N LYS H 160 -37.38 -15.46 10.41
CA LYS H 160 -37.21 -16.74 11.07
CA LYS H 160 -37.21 -16.74 11.07
C LYS H 160 -37.45 -17.93 10.14
N SER H 161 -37.81 -17.70 8.88
CA SER H 161 -38.12 -18.78 7.96
C SER H 161 -37.29 -18.66 6.68
N PRO H 162 -36.90 -19.77 6.06
CA PRO H 162 -36.11 -19.70 4.82
C PRO H 162 -36.84 -19.02 3.67
N VAL H 163 -38.03 -19.54 3.34
CA VAL H 163 -38.82 -18.91 2.29
C VAL H 163 -39.28 -17.53 2.73
N GLY H 164 -39.61 -17.39 4.02
CA GLY H 164 -39.93 -16.08 4.55
C GLY H 164 -38.77 -15.11 4.43
N SER H 165 -37.54 -15.60 4.62
CA SER H 165 -36.38 -14.73 4.46
C SER H 165 -36.20 -14.32 3.00
N ILE H 166 -36.48 -15.21 2.06
CA ILE H 166 -36.46 -14.80 0.65
C ILE H 166 -37.46 -13.69 0.40
N PHE H 167 -38.68 -13.85 0.91
CA PHE H 167 -39.72 -12.85 0.73
C PHE H 167 -39.29 -11.51 1.36
N TYR H 168 -38.75 -11.56 2.58
CA TYR H 168 -38.31 -10.37 3.27
C TYR H 168 -37.18 -9.67 2.52
N ASP H 169 -36.23 -10.43 2.00
CA ASP H 169 -35.13 -9.85 1.27
C ASP H 169 -35.59 -9.22 -0.04
N PHE H 170 -36.59 -9.82 -0.69
CA PHE H 170 -37.16 -9.21 -1.89
C PHE H 170 -37.83 -7.88 -1.57
N PHE H 171 -38.76 -7.87 -0.60
CA PHE H 171 -39.56 -6.68 -0.39
C PHE H 171 -38.85 -5.61 0.44
N GLY H 172 -37.78 -5.96 1.13
CA GLY H 172 -37.04 -5.00 1.92
C GLY H 172 -37.59 -4.82 3.33
N ALA H 173 -36.74 -4.27 4.19
CA ALA H 173 -37.09 -4.14 5.60
C ALA H 173 -38.15 -3.08 5.84
N ASN H 174 -38.06 -1.95 5.14
CA ASN H 174 -38.98 -0.84 5.38
C ASN H 174 -40.42 -1.22 5.05
N ALA H 175 -40.62 -1.97 3.95
CA ALA H 175 -41.97 -2.40 3.59
C ALA H 175 -42.58 -3.27 4.68
N MET H 176 -41.78 -4.15 5.27
CA MET H 176 -42.26 -4.96 6.38
C MET H 176 -42.55 -4.10 7.61
N LYS H 177 -41.64 -3.19 7.93
CA LYS H 177 -41.78 -2.39 9.14
C LYS H 177 -42.92 -1.39 9.06
N SER H 178 -43.30 -0.97 7.85
CA SER H 178 -44.38 -0.03 7.66
C SER H 178 -45.75 -0.69 7.61
N ASP H 179 -45.79 -2.03 7.66
CA ASP H 179 -47.04 -2.79 7.70
C ASP H 179 -47.50 -2.86 9.15
N ILE H 180 -48.31 -1.89 9.55
CA ILE H 180 -48.75 -1.76 10.94
C ILE H 180 -50.27 -1.75 11.01
N SER H 181 -50.82 -1.63 12.22
CA SER H 181 -52.25 -1.59 12.42
C SER H 181 -52.65 -0.41 13.31
N ILE H 182 -53.92 -0.32 13.69
CA ILE H 182 -54.36 0.79 14.54
C ILE H 182 -53.90 0.66 15.98
N SER H 183 -53.28 -0.47 16.35
CA SER H 183 -52.66 -0.58 17.67
C SER H 183 -51.60 0.49 17.87
N VAL H 184 -51.03 1.00 16.79
CA VAL H 184 -50.13 2.15 16.84
C VAL H 184 -50.99 3.42 16.84
N GLY H 185 -51.30 3.93 18.03
CA GLY H 185 -52.26 5.00 18.13
C GLY H 185 -51.78 6.34 17.58
N GLU H 186 -50.46 6.53 17.50
CA GLU H 186 -49.93 7.83 17.10
C GLU H 186 -50.07 8.08 15.60
N LEU H 187 -50.33 7.04 14.80
CA LEU H 187 -50.65 7.25 13.39
C LEU H 187 -52.13 7.55 13.17
N GLY H 188 -52.97 7.45 14.19
CA GLY H 188 -54.39 7.64 14.01
C GLY H 188 -55.04 6.43 13.35
N SER H 189 -56.26 6.64 12.87
CA SER H 189 -57.04 5.56 12.28
C SER H 189 -57.67 6.04 10.98
N LEU H 190 -57.56 5.22 9.92
CA LEU H 190 -58.24 5.52 8.67
C LEU H 190 -59.75 5.49 8.85
N LEU H 191 -60.26 4.47 9.55
CA LEU H 191 -61.69 4.32 9.70
C LEU H 191 -62.30 5.48 10.48
N ASP H 192 -61.59 5.97 11.49
CA ASP H 192 -62.08 7.06 12.33
C ASP H 192 -61.69 8.44 11.82
N HIS H 193 -60.88 8.52 10.77
CA HIS H 193 -60.46 9.80 10.19
C HIS H 193 -59.81 10.68 11.26
N SER H 194 -58.88 10.08 11.99
CA SER H 194 -58.27 10.72 13.15
C SER H 194 -56.77 10.90 12.93
N GLY H 195 -56.21 11.85 13.66
CA GLY H 195 -54.79 12.09 13.66
C GLY H 195 -54.23 12.44 12.29
N PRO H 196 -53.08 11.87 11.96
CA PRO H 196 -52.49 12.15 10.64
C PRO H 196 -53.37 11.72 9.47
N HIS H 197 -54.29 10.77 9.67
CA HIS H 197 -55.20 10.39 8.60
C HIS H 197 -56.13 11.54 8.21
N LYS H 198 -56.63 12.28 9.22
CA LYS H 198 -57.47 13.43 8.94
C LYS H 198 -56.70 14.50 8.18
N GLU H 199 -55.47 14.77 8.59
CA GLU H 199 -54.64 15.73 7.88
C GLU H 199 -54.35 15.26 6.46
N ALA H 200 -54.12 13.97 6.27
CA ALA H 200 -53.92 13.44 4.91
C ALA H 200 -55.15 13.66 4.06
N GLU H 201 -56.34 13.42 4.61
CA GLU H 201 -57.57 13.62 3.87
C GLU H 201 -57.76 15.09 3.48
N GLU H 202 -57.49 16.00 4.42
CA GLU H 202 -57.62 17.42 4.10
C GLU H 202 -56.58 17.86 3.07
N TYR H 203 -55.36 17.33 3.18
CA TYR H 203 -54.30 17.60 2.23
C TYR H 203 -54.70 17.16 0.82
N ILE H 204 -55.27 15.96 0.72
CA ILE H 204 -55.72 15.44 -0.57
C ILE H 204 -56.86 16.28 -1.12
N ALA H 205 -57.83 16.63 -0.28
CA ALA H 205 -58.96 17.43 -0.75
C ALA H 205 -58.50 18.79 -1.26
N ARG H 206 -57.54 19.41 -0.56
CA ARG H 206 -56.99 20.67 -1.05
C ARG H 206 -56.29 20.47 -2.39
N THR H 207 -55.49 19.41 -2.51
CA THR H 207 -54.71 19.18 -3.71
C THR H 207 -55.58 18.88 -4.93
N PHE H 208 -56.69 18.16 -4.74
CA PHE H 208 -57.51 17.71 -5.84
C PHE H 208 -58.76 18.56 -6.04
N ASN H 209 -58.82 19.73 -5.42
CA ASN H 209 -59.95 20.66 -5.57
C ASN H 209 -61.27 20.00 -5.17
N ALA H 210 -61.27 19.31 -4.05
CA ALA H 210 -62.46 18.68 -3.51
C ALA H 210 -62.80 19.32 -2.17
N GLU H 211 -64.11 19.45 -1.91
CA GLU H 211 -64.55 19.86 -0.57
C GLU H 211 -64.18 18.80 0.46
N ARG H 212 -64.39 17.53 0.13
CA ARG H 212 -64.07 16.44 1.04
C ARG H 212 -63.47 15.28 0.25
N SER H 213 -62.52 14.57 0.85
CA SER H 213 -61.87 13.45 0.19
C SER H 213 -61.78 12.26 1.14
N TYR H 214 -61.85 11.08 0.54
CA TYR H 214 -61.73 9.81 1.26
C TYR H 214 -60.76 8.91 0.54
N MET H 215 -59.94 8.19 1.32
CA MET H 215 -58.97 7.24 0.80
C MET H 215 -59.55 5.84 0.90
N VAL H 216 -59.53 5.11 -0.23
CA VAL H 216 -60.06 3.77 -0.33
C VAL H 216 -58.92 2.83 -0.66
N THR H 217 -58.83 1.70 0.07
CA THR H 217 -57.75 0.75 -0.12
C THR H 217 -58.20 -0.51 -0.85
N ASN H 218 -59.39 -0.52 -1.44
CA ASN H 218 -59.82 -1.65 -2.26
C ASN H 218 -60.27 -1.22 -3.65
N GLY H 219 -59.70 -0.13 -4.15
CA GLY H 219 -59.89 0.27 -5.52
C GLY H 219 -61.12 1.11 -5.78
N THR H 220 -61.18 1.63 -7.00
CA THR H 220 -62.36 2.39 -7.45
C THR H 220 -63.60 1.51 -7.49
N SER H 221 -63.46 0.19 -7.60
CA SER H 221 -64.64 -0.67 -7.45
C SER H 221 -65.32 -0.43 -6.11
N THR H 222 -64.52 -0.48 -5.04
CA THR H 222 -65.07 -0.22 -3.71
C THR H 222 -65.51 1.23 -3.56
N ALA H 223 -64.75 2.18 -4.13
CA ALA H 223 -65.15 3.58 -4.05
C ALA H 223 -66.51 3.81 -4.70
N ASN H 224 -66.72 3.21 -5.87
CA ASN H 224 -68.01 3.29 -6.56
C ASN H 224 -69.10 2.68 -5.71
N LYS H 225 -68.82 1.54 -5.06
CA LYS H 225 -69.83 0.93 -4.21
C LYS H 225 -70.21 1.83 -3.04
N ILE H 226 -69.22 2.47 -2.41
CA ILE H 226 -69.48 3.37 -1.30
C ILE H 226 -70.38 4.52 -1.75
N VAL H 227 -70.00 5.18 -2.85
CA VAL H 227 -70.79 6.32 -3.33
C VAL H 227 -72.19 5.88 -3.70
N GLY H 228 -72.30 4.77 -4.42
CA GLY H 228 -73.61 4.30 -4.87
C GLY H 228 -74.54 3.93 -3.73
N MET H 229 -74.01 3.24 -2.71
CA MET H 229 -74.87 2.89 -1.59
C MET H 229 -75.24 4.09 -0.74
N TYR H 230 -74.34 5.07 -0.60
CA TYR H 230 -74.76 6.28 0.09
C TYR H 230 -75.85 7.00 -0.68
N SER H 231 -75.78 6.98 -2.01
CA SER H 231 -76.63 7.82 -2.85
C SER H 231 -77.93 7.15 -3.29
N ALA H 232 -77.98 5.82 -3.34
CA ALA H 232 -79.10 5.09 -3.94
C ALA H 232 -79.71 4.14 -2.92
N PRO H 233 -80.72 4.58 -2.17
CA PRO H 233 -81.40 3.67 -1.25
C PRO H 233 -82.20 2.61 -2.01
N ALA H 234 -82.47 1.50 -1.33
CA ALA H 234 -83.26 0.43 -1.92
C ALA H 234 -84.62 0.96 -2.37
N GLY H 235 -85.05 0.54 -3.56
CA GLY H 235 -86.28 0.99 -4.15
C GLY H 235 -86.16 2.23 -5.02
N SER H 236 -85.01 2.89 -5.03
CA SER H 236 -84.83 4.09 -5.84
C SER H 236 -84.42 3.72 -7.27
N THR H 237 -84.44 4.73 -8.13
CA THR H 237 -84.05 4.60 -9.53
C THR H 237 -82.73 5.33 -9.76
N VAL H 238 -81.84 4.73 -10.53
CA VAL H 238 -80.51 5.29 -10.80
C VAL H 238 -80.29 5.36 -12.30
N LEU H 239 -79.71 6.47 -12.75
CA LEU H 239 -79.22 6.61 -14.12
C LEU H 239 -77.80 6.06 -14.18
N ILE H 240 -77.55 5.13 -15.10
CA ILE H 240 -76.26 4.46 -15.20
C ILE H 240 -75.76 4.59 -16.63
N ASP H 241 -74.50 5.02 -16.78
CA ASP H 241 -73.84 4.93 -18.07
C ASP H 241 -73.77 3.46 -18.51
N ARG H 242 -74.31 3.16 -19.70
CA ARG H 242 -74.20 1.79 -20.19
C ARG H 242 -72.75 1.39 -20.40
N ASN H 243 -71.86 2.36 -20.64
CA ASN H 243 -70.42 2.11 -20.62
C ASN H 243 -70.00 2.31 -19.16
N CYS H 244 -70.22 1.28 -18.36
CA CYS H 244 -69.91 1.33 -16.95
C CYS H 244 -69.02 0.16 -16.57
N HIS H 245 -68.15 0.41 -15.60
CA HIS H 245 -67.33 -0.65 -15.04
C HIS H 245 -68.21 -1.66 -14.32
N LYS H 246 -67.70 -2.89 -14.23
CA LYS H 246 -68.48 -3.97 -13.63
C LYS H 246 -68.80 -3.71 -12.15
N SER H 247 -68.09 -2.79 -11.51
CA SER H 247 -68.40 -2.44 -10.12
C SER H 247 -69.78 -1.82 -9.97
N LEU H 248 -70.21 -1.01 -10.95
CA LEU H 248 -71.57 -0.47 -10.90
C LEU H 248 -72.60 -1.59 -11.02
N THR H 249 -72.32 -2.58 -11.86
CA THR H 249 -73.21 -3.75 -11.93
C THR H 249 -73.20 -4.52 -10.62
N HIS H 250 -72.05 -4.64 -9.97
CA HIS H 250 -71.99 -5.27 -8.65
C HIS H 250 -72.85 -4.50 -7.65
N LEU H 251 -72.81 -3.17 -7.70
CA LEU H 251 -73.67 -2.36 -6.86
C LEU H 251 -75.15 -2.60 -7.16
N MET H 252 -75.49 -2.73 -8.44
CA MET H 252 -76.87 -2.99 -8.82
C MET H 252 -77.34 -4.35 -8.30
N MET H 253 -76.46 -5.35 -8.33
CA MET H 253 -76.78 -6.65 -7.74
C MET H 253 -76.86 -6.55 -6.21
N MET H 254 -76.17 -5.57 -5.63
CA MET H 254 -76.12 -5.45 -4.17
C MET H 254 -77.51 -5.13 -3.59
N SER H 255 -78.20 -4.17 -4.18
CA SER H 255 -79.43 -3.65 -3.60
C SER H 255 -80.49 -3.50 -4.67
N ASP H 256 -81.75 -3.45 -4.23
CA ASP H 256 -82.89 -3.36 -5.13
C ASP H 256 -82.96 -1.91 -5.59
N ILE H 257 -82.30 -1.63 -6.70
CA ILE H 257 -82.37 -0.32 -7.35
C ILE H 257 -82.70 -0.55 -8.81
N THR H 258 -83.64 0.24 -9.34
CA THR H 258 -84.03 0.13 -10.73
C THR H 258 -83.11 1.00 -11.57
N PRO H 259 -82.38 0.44 -12.52
CA PRO H 259 -81.52 1.26 -13.38
C PRO H 259 -82.23 1.72 -14.64
N ILE H 260 -81.85 2.91 -15.08
CA ILE H 260 -82.16 3.41 -16.42
C ILE H 260 -80.84 3.82 -17.05
N TYR H 261 -80.62 3.40 -18.29
CA TYR H 261 -79.29 3.42 -18.90
C TYR H 261 -79.14 4.59 -19.86
N PHE H 262 -78.09 5.37 -19.66
CA PHE H 262 -77.59 6.26 -20.71
C PHE H 262 -77.03 5.41 -21.84
N ARG H 263 -77.35 5.78 -23.08
CA ARG H 263 -76.87 5.01 -24.23
C ARG H 263 -75.68 5.71 -24.85
N PRO H 264 -74.49 5.15 -24.79
CA PRO H 264 -73.32 5.78 -25.41
C PRO H 264 -73.23 5.42 -26.89
N THR H 265 -72.33 6.12 -27.57
CA THR H 265 -72.07 5.89 -28.98
C THR H 265 -70.77 5.11 -29.17
N ARG H 266 -70.47 4.80 -30.42
CA ARG H 266 -69.24 4.08 -30.77
C ARG H 266 -69.00 4.20 -32.26
N ASN H 267 -67.74 4.07 -32.65
CA ASN H 267 -67.33 4.16 -34.04
C ASN H 267 -67.07 2.76 -34.60
N ALA H 268 -66.56 2.71 -35.84
CA ALA H 268 -66.34 1.43 -36.50
C ALA H 268 -65.27 0.60 -35.80
N TYR H 269 -64.29 1.24 -35.16
CA TYR H 269 -63.25 0.50 -34.45
C TYR H 269 -63.74 -0.12 -33.17
N GLY H 270 -64.96 0.18 -32.73
CA GLY H 270 -65.40 -0.23 -31.42
C GLY H 270 -64.97 0.70 -30.31
N ILE H 271 -64.33 1.82 -30.65
CA ILE H 271 -63.98 2.81 -29.64
C ILE H 271 -65.26 3.39 -29.06
N LEU H 272 -65.40 3.34 -27.74
CA LEU H 272 -66.60 3.80 -27.08
C LEU H 272 -66.64 5.33 -27.07
N GLY H 273 -67.69 5.90 -27.65
CA GLY H 273 -67.91 7.32 -27.60
C GLY H 273 -68.67 7.73 -26.35
N GLY H 274 -69.20 8.95 -26.39
CA GLY H 274 -69.92 9.49 -25.26
C GLY H 274 -71.42 9.43 -25.41
N ILE H 275 -72.09 9.68 -24.30
CA ILE H 275 -73.55 9.79 -24.32
C ILE H 275 -73.95 11.08 -25.02
N PRO H 276 -74.88 11.05 -25.96
CA PRO H 276 -75.33 12.28 -26.61
C PRO H 276 -75.99 13.24 -25.62
N LYS H 277 -75.96 14.52 -25.98
CA LYS H 277 -76.50 15.57 -25.12
C LYS H 277 -77.99 15.42 -24.87
N SER H 278 -78.72 14.77 -25.78
CA SER H 278 -80.16 14.61 -25.58
C SER H 278 -80.44 13.75 -24.35
N GLU H 279 -79.62 12.73 -24.10
CA GLU H 279 -79.92 11.77 -23.06
C GLU H 279 -79.79 12.36 -21.65
N PHE H 280 -79.23 13.55 -21.51
CA PHE H 280 -79.21 14.25 -20.24
C PHE H 280 -80.40 15.17 -20.05
N GLN H 281 -81.29 15.25 -21.03
CA GLN H 281 -82.42 16.17 -20.96
C GLN H 281 -83.55 15.60 -20.13
N HIS H 282 -84.35 16.50 -19.55
CA HIS H 282 -85.41 16.09 -18.65
C HIS H 282 -86.45 15.23 -19.37
N ASP H 283 -86.78 15.58 -20.61
CA ASP H 283 -87.86 14.89 -21.33
C ASP H 283 -87.51 13.43 -21.59
N THR H 284 -86.29 13.16 -22.08
CA THR H 284 -85.92 11.79 -22.36
C THR H 284 -85.88 10.96 -21.10
N ILE H 285 -85.34 11.52 -20.01
CA ILE H 285 -85.27 10.80 -18.75
C ILE H 285 -86.68 10.51 -18.23
N ALA H 286 -87.57 11.49 -18.30
CA ALA H 286 -88.94 11.29 -17.82
C ALA H 286 -89.66 10.23 -18.64
N GLU H 287 -89.49 10.27 -19.97
CA GLU H 287 -90.11 9.25 -20.80
C GLU H 287 -89.57 7.86 -20.48
N ARG H 288 -88.26 7.76 -20.25
CA ARG H 288 -87.68 6.46 -19.91
C ARG H 288 -88.16 5.98 -18.56
N VAL H 289 -88.32 6.89 -17.59
CA VAL H 289 -88.89 6.52 -16.30
C VAL H 289 -90.29 5.97 -16.48
N ALA H 290 -91.09 6.63 -17.33
CA ALA H 290 -92.44 6.14 -17.59
C ALA H 290 -92.43 4.77 -18.25
N GLN H 291 -91.46 4.51 -19.13
CA GLN H 291 -91.50 3.31 -19.95
C GLN H 291 -91.00 2.07 -19.22
N THR H 292 -90.50 2.19 -17.98
CA THR H 292 -90.01 0.99 -17.31
C THR H 292 -90.71 0.81 -15.97
N PRO H 293 -91.05 -0.43 -15.60
CA PRO H 293 -91.79 -0.66 -14.36
C PRO H 293 -90.98 -0.32 -13.11
N ASN H 294 -91.70 0.08 -12.06
CA ASN H 294 -91.12 0.34 -10.74
C ASN H 294 -90.07 1.43 -10.78
N ALA H 295 -90.25 2.42 -11.65
CA ALA H 295 -89.28 3.48 -11.84
C ALA H 295 -89.87 4.81 -11.39
N THR H 296 -89.08 5.56 -10.63
CA THR H 296 -89.41 6.90 -10.17
C THR H 296 -88.34 7.83 -10.72
N TRP H 297 -88.46 9.13 -10.48
CA TRP H 297 -87.44 10.05 -10.93
C TRP H 297 -86.10 9.67 -10.31
N PRO H 298 -85.06 9.51 -11.11
CA PRO H 298 -83.78 9.03 -10.56
C PRO H 298 -83.23 9.96 -9.50
N VAL H 299 -82.66 9.35 -8.45
CA VAL H 299 -82.04 10.11 -7.36
C VAL H 299 -80.53 10.14 -7.46
N HIS H 300 -79.94 9.39 -8.39
CA HIS H 300 -78.49 9.30 -8.54
C HIS H 300 -78.17 8.98 -9.98
N ALA H 301 -77.11 9.59 -10.51
CA ALA H 301 -76.65 9.31 -11.86
C ALA H 301 -75.15 9.06 -11.84
N VAL H 302 -74.71 8.10 -12.65
CA VAL H 302 -73.31 7.72 -12.74
C VAL H 302 -72.87 7.82 -14.19
N VAL H 303 -71.80 8.57 -14.44
CA VAL H 303 -71.25 8.77 -15.77
C VAL H 303 -69.76 8.46 -15.75
N THR H 304 -69.29 7.70 -16.73
CA THR H 304 -67.87 7.37 -16.85
C THR H 304 -67.16 8.48 -17.61
N ASN H 305 -66.25 9.19 -16.94
CA ASN H 305 -65.53 10.32 -17.52
C ASN H 305 -64.11 10.29 -17.00
N SER H 306 -63.14 10.03 -17.86
CA SER H 306 -63.36 9.84 -19.29
C SER H 306 -63.69 8.40 -19.64
N THR H 307 -63.85 8.13 -20.93
CA THR H 307 -63.93 6.75 -21.39
C THR H 307 -62.55 6.10 -21.35
N TYR H 308 -62.54 4.78 -21.50
CA TYR H 308 -61.29 4.03 -21.55
C TYR H 308 -60.36 4.58 -22.63
N ASP H 309 -60.93 5.02 -23.75
CA ASP H 309 -60.15 5.48 -24.89
C ASP H 309 -59.83 6.97 -24.84
N GLY H 310 -60.14 7.64 -23.73
CA GLY H 310 -59.71 9.01 -23.52
C GLY H 310 -60.67 10.09 -23.97
N LEU H 311 -61.96 9.80 -24.02
CA LEU H 311 -62.96 10.80 -24.40
C LEU H 311 -63.54 11.43 -23.13
N LEU H 312 -63.32 12.73 -22.98
CA LEU H 312 -63.79 13.50 -21.85
C LEU H 312 -65.04 14.29 -22.23
N TYR H 313 -66.01 14.34 -21.31
CA TYR H 313 -67.21 15.14 -21.52
C TYR H 313 -66.97 16.58 -21.11
N ASN H 314 -67.84 17.46 -21.60
CA ASN H 314 -67.95 18.81 -21.09
C ASN H 314 -68.83 18.69 -19.84
N THR H 315 -68.20 18.63 -18.67
CA THR H 315 -68.94 18.34 -17.44
C THR H 315 -69.80 19.50 -16.97
N ASP H 316 -69.51 20.72 -17.41
CA ASP H 316 -70.36 21.85 -17.03
C ASP H 316 -71.76 21.67 -17.59
N TYR H 317 -71.87 21.25 -18.85
CA TYR H 317 -73.17 21.00 -19.43
C TYR H 317 -73.91 19.87 -18.70
N ILE H 318 -73.19 18.81 -18.34
CA ILE H 318 -73.83 17.69 -17.63
C ILE H 318 -74.35 18.16 -16.28
N LYS H 319 -73.54 18.95 -15.55
CA LYS H 319 -73.96 19.45 -14.25
C LYS H 319 -75.19 20.35 -14.37
N GLU H 320 -75.20 21.23 -15.38
CA GLU H 320 -76.33 22.15 -15.52
C GLU H 320 -77.59 21.42 -15.99
N ALA H 321 -77.46 20.57 -17.00
CA ALA H 321 -78.62 19.98 -17.66
C ALA H 321 -79.24 18.84 -16.85
N LEU H 322 -78.42 17.99 -16.24
CA LEU H 322 -78.92 16.78 -15.59
C LEU H 322 -79.68 17.15 -14.32
N ASP H 323 -80.97 16.89 -14.31
CA ASP H 323 -81.85 17.24 -13.19
C ASP H 323 -81.90 16.12 -12.16
N VAL H 324 -80.72 15.68 -11.71
CA VAL H 324 -80.59 14.65 -10.69
C VAL H 324 -79.76 15.26 -9.56
N LYS H 325 -80.22 15.08 -8.32
CA LYS H 325 -79.61 15.76 -7.19
C LYS H 325 -78.24 15.20 -6.82
N SER H 326 -77.89 14.01 -7.32
CA SER H 326 -76.61 13.38 -6.98
C SER H 326 -75.98 12.87 -8.27
N ILE H 327 -74.81 13.38 -8.61
CA ILE H 327 -74.13 13.02 -9.85
C ILE H 327 -72.73 12.53 -9.51
N HIS H 328 -72.39 11.34 -10.01
CA HIS H 328 -71.13 10.68 -9.71
C HIS H 328 -70.39 10.42 -11.01
N PHE H 329 -69.19 11.00 -11.12
CA PHE H 329 -68.31 10.77 -12.25
C PHE H 329 -67.31 9.69 -11.85
N ASP H 330 -67.45 8.52 -12.47
CA ASP H 330 -66.42 7.48 -12.40
C ASP H 330 -65.24 7.97 -13.24
N SER H 331 -64.25 8.55 -12.58
CA SER H 331 -63.10 9.15 -13.22
C SER H 331 -61.83 8.37 -12.90
N ALA H 332 -61.95 7.04 -12.89
CA ALA H 332 -60.81 6.18 -12.59
C ALA H 332 -59.66 6.42 -13.54
N TRP H 333 -59.95 6.77 -14.80
CA TRP H 333 -58.92 6.94 -15.82
C TRP H 333 -58.30 8.33 -15.84
N VAL H 334 -58.87 9.31 -15.14
CA VAL H 334 -58.35 10.67 -15.21
C VAL H 334 -58.17 11.28 -13.81
N PRO H 335 -57.24 10.80 -13.00
CA PRO H 335 -57.00 11.43 -11.70
C PRO H 335 -56.14 12.68 -11.76
N TYR H 336 -55.64 13.06 -12.94
CA TYR H 336 -54.72 14.18 -13.09
C TYR H 336 -55.39 15.46 -13.60
N THR H 337 -56.73 15.48 -13.69
CA THR H 337 -57.40 16.59 -14.38
C THR H 337 -57.16 17.93 -13.70
N ASN H 338 -57.10 17.95 -12.37
CA ASN H 338 -56.93 19.21 -11.64
C ASN H 338 -55.57 19.86 -11.87
N PHE H 339 -54.61 19.15 -12.47
CA PHE H 339 -53.22 19.58 -12.47
C PHE H 339 -52.74 20.04 -13.84
N SER H 340 -53.66 20.36 -14.75
CA SER H 340 -53.32 20.96 -16.02
C SER H 340 -54.50 21.77 -16.50
N PRO H 341 -54.28 23.00 -16.98
CA PRO H 341 -55.41 23.82 -17.46
C PRO H 341 -56.10 23.27 -18.69
N ILE H 342 -55.48 22.35 -19.43
CA ILE H 342 -56.13 21.81 -20.62
C ILE H 342 -57.39 21.01 -20.27
N TYR H 343 -57.52 20.56 -19.03
CA TYR H 343 -58.67 19.75 -18.62
C TYR H 343 -59.77 20.57 -17.95
N LYS H 344 -59.65 21.89 -17.93
CA LYS H 344 -60.63 22.72 -17.25
C LYS H 344 -62.02 22.54 -17.84
N GLY H 345 -63.01 22.36 -16.96
CA GLY H 345 -64.36 22.10 -17.38
C GLY H 345 -64.61 20.71 -17.91
N LEU H 346 -63.61 19.83 -17.90
CA LEU H 346 -63.75 18.47 -18.41
C LEU H 346 -63.72 17.42 -17.31
N CYS H 347 -63.91 17.83 -16.04
CA CYS H 347 -63.87 16.91 -14.92
C CYS H 347 -64.92 17.29 -13.89
N GLY H 348 -65.28 16.31 -13.06
CA GLY H 348 -66.36 16.51 -12.12
C GLY H 348 -66.08 17.57 -11.07
N MET H 349 -64.83 17.66 -10.62
CA MET H 349 -64.47 18.63 -9.60
C MET H 349 -64.22 20.03 -10.16
N SER H 350 -64.29 20.21 -11.48
CA SER H 350 -64.03 21.50 -12.07
C SER H 350 -65.05 22.53 -11.62
N GLY H 351 -64.58 23.75 -11.38
CA GLY H 351 -65.47 24.80 -10.96
C GLY H 351 -65.84 24.71 -9.49
N GLY H 352 -66.87 25.46 -9.13
CA GLY H 352 -67.36 25.51 -7.77
C GLY H 352 -68.41 24.45 -7.50
N ARG H 353 -69.17 24.67 -6.44
CA ARG H 353 -70.19 23.73 -6.02
C ARG H 353 -71.51 24.05 -6.71
N VAL H 354 -72.16 23.01 -7.22
CA VAL H 354 -73.45 23.17 -7.88
C VAL H 354 -74.54 23.25 -6.82
N GLU H 355 -75.36 24.30 -6.90
CA GLU H 355 -76.43 24.47 -5.93
C GLU H 355 -77.49 23.40 -6.11
N GLY H 356 -77.94 22.82 -5.01
CA GLY H 356 -78.97 21.81 -5.04
C GLY H 356 -78.52 20.45 -5.50
N LYS H 357 -77.22 20.21 -5.60
CA LYS H 357 -76.70 18.92 -6.07
C LYS H 357 -75.43 18.60 -5.33
N VAL H 358 -75.10 17.31 -5.30
CA VAL H 358 -73.81 16.84 -4.81
C VAL H 358 -73.08 16.15 -5.97
N ILE H 359 -71.79 16.43 -6.08
CA ILE H 359 -70.95 15.88 -7.14
C ILE H 359 -69.91 14.97 -6.52
N TYR H 360 -69.81 13.76 -7.02
CA TYR H 360 -68.79 12.81 -6.63
C TYR H 360 -67.86 12.56 -7.79
N GLU H 361 -66.60 12.25 -7.46
CA GLU H 361 -65.64 11.85 -8.46
C GLU H 361 -64.83 10.70 -7.86
N THR H 362 -64.82 9.56 -8.52
CA THR H 362 -64.03 8.42 -8.05
C THR H 362 -62.79 8.27 -8.93
N GLN H 363 -61.62 8.27 -8.30
CA GLN H 363 -60.35 8.25 -9.00
C GLN H 363 -59.56 7.00 -8.63
N SER H 364 -58.95 6.38 -9.64
CA SER H 364 -57.99 5.30 -9.42
CA SER H 364 -57.99 5.30 -9.42
C SER H 364 -56.61 5.93 -9.42
N THR H 365 -56.08 6.19 -8.22
CA THR H 365 -54.78 6.82 -8.10
C THR H 365 -53.67 5.93 -8.63
N HIS H 366 -53.88 4.62 -8.63
CA HIS H 366 -52.85 3.70 -9.09
C HIS H 366 -52.82 3.60 -10.62
N1 LLP H 367 -64.35 2.10 -13.07
C2 LLP H 367 -63.59 2.36 -14.12
C2' LLP H 367 -64.13 3.19 -15.23
C3 LLP H 367 -62.29 1.85 -14.20
O3 LLP H 367 -61.55 2.15 -15.31
C4 LLP H 367 -61.80 1.03 -13.16
C4' LLP H 367 -60.42 0.55 -13.18
C5 LLP H 367 -62.62 0.81 -12.05
C6 LLP H 367 -63.87 1.35 -12.05
C5' LLP H 367 -62.18 -0.04 -10.88
OP4 LLP H 367 -60.96 0.48 -10.25
P LLP H 367 -60.00 -0.47 -9.38
OP1 LLP H 367 -58.99 0.46 -8.75
OP2 LLP H 367 -59.37 -1.44 -10.35
OP3 LLP H 367 -60.90 -1.16 -8.37
N LLP H 367 -53.95 3.87 -11.27
CA LLP H 367 -54.03 3.66 -12.74
CB LLP H 367 -55.48 3.63 -13.21
CG LLP H 367 -56.14 2.25 -13.16
CD LLP H 367 -57.57 2.23 -13.67
CE LLP H 367 -58.17 0.83 -13.75
NZ LLP H 367 -59.59 0.93 -14.05
C LLP H 367 -53.22 4.74 -13.49
O LLP H 367 -52.38 4.35 -14.31
N LEU H 368 -53.44 6.03 -13.23
CA LEU H 368 -52.75 7.05 -14.03
C LEU H 368 -51.83 7.96 -13.23
N LEU H 369 -51.93 7.95 -11.91
CA LEU H 369 -50.96 8.62 -11.06
C LEU H 369 -50.00 7.57 -10.50
N ALA H 370 -49.17 7.97 -9.54
CA ALA H 370 -48.16 7.09 -8.95
C ALA H 370 -48.64 6.66 -7.56
N ALA H 371 -49.25 5.48 -7.49
CA ALA H 371 -49.71 4.91 -6.23
C ALA H 371 -49.81 3.41 -6.41
N PHE H 372 -49.79 2.70 -5.27
CA PHE H 372 -49.90 1.25 -5.30
C PHE H 372 -51.28 0.82 -5.79
N SER H 373 -51.33 -0.39 -6.33
CA SER H 373 -52.61 -0.99 -6.72
C SER H 373 -53.56 -1.03 -5.54
N GLN H 374 -54.84 -0.79 -5.81
CA GLN H 374 -55.97 -0.70 -4.89
C GLN H 374 -56.08 0.66 -4.21
N ALA H 375 -55.16 1.61 -4.46
CA ALA H 375 -55.31 2.96 -3.93
C ALA H 375 -56.34 3.73 -4.75
N SER H 376 -57.31 4.32 -4.08
CA SER H 376 -58.40 5.00 -4.75
C SER H 376 -58.82 6.21 -3.92
N MET H 377 -59.45 7.17 -4.60
CA MET H 377 -59.89 8.40 -3.97
C MET H 377 -61.38 8.62 -4.27
N ILE H 378 -62.11 9.08 -3.26
CA ILE H 378 -63.45 9.63 -3.45
C ILE H 378 -63.38 11.13 -3.17
N HIS H 379 -63.82 11.94 -4.13
CA HIS H 379 -63.88 13.38 -3.98
C HIS H 379 -65.33 13.82 -3.98
N VAL H 380 -65.70 14.64 -3.01
CA VAL H 380 -67.07 15.12 -2.83
C VAL H 380 -67.06 16.64 -2.87
N LYS H 381 -67.96 17.20 -3.68
CA LYS H 381 -68.22 18.63 -3.72
C LYS H 381 -69.73 18.81 -3.54
N GLY H 382 -70.13 19.35 -2.40
CA GLY H 382 -71.53 19.54 -2.07
C GLY H 382 -71.85 19.01 -0.69
N ASP H 383 -73.12 19.15 -0.32
CA ASP H 383 -73.56 18.77 1.00
C ASP H 383 -73.86 17.26 1.07
N ILE H 384 -73.26 16.60 2.05
CA ILE H 384 -73.56 15.20 2.34
C ILE H 384 -73.75 15.05 3.84
N ASN H 385 -74.53 14.05 4.23
CA ASN H 385 -74.62 13.64 5.62
C ASN H 385 -73.34 12.91 5.99
N GLU H 386 -72.44 13.60 6.70
CA GLU H 386 -71.11 13.07 6.94
C GLU H 386 -71.14 11.78 7.75
N GLU H 387 -72.02 11.70 8.75
CA GLU H 387 -72.08 10.49 9.57
C GLU H 387 -72.57 9.30 8.76
N THR H 388 -73.64 9.49 7.99
CA THR H 388 -74.18 8.41 7.17
C THR H 388 -73.18 7.98 6.10
N PHE H 389 -72.53 8.95 5.46
CA PHE H 389 -71.49 8.62 4.49
C PHE H 389 -70.35 7.85 5.13
N ASN H 390 -70.00 8.22 6.37
CA ASN H 390 -68.99 7.44 7.08
C ASN H 390 -69.45 6.01 7.32
N GLU H 391 -70.75 5.82 7.56
CA GLU H 391 -71.26 4.46 7.71
C GLU H 391 -71.09 3.67 6.42
N ALA H 392 -71.49 4.25 5.28
CA ALA H 392 -71.28 3.55 4.01
C ALA H 392 -69.80 3.29 3.76
N TYR H 393 -68.94 4.22 4.15
CA TYR H 393 -67.50 4.07 3.95
C TYR H 393 -66.95 2.92 4.78
N MET H 394 -67.35 2.82 6.05
CA MET H 394 -66.84 1.74 6.90
C MET H 394 -67.42 0.39 6.50
N MET H 395 -68.61 0.37 5.89
CA MET H 395 -69.17 -0.90 5.45
C MET H 395 -68.35 -1.56 4.34
N HIS H 396 -67.43 -0.85 3.69
CA HIS H 396 -66.64 -1.43 2.63
C HIS H 396 -65.14 -1.36 2.84
N THR H 397 -64.68 -0.77 3.94
CA THR H 397 -63.27 -0.66 4.23
C THR H 397 -62.88 -1.70 5.25
N SER H 398 -61.76 -2.36 5.01
CA SER H 398 -61.26 -3.35 5.95
C SER H 398 -60.87 -2.68 7.27
N THR H 399 -61.04 -3.43 8.37
CA THR H 399 -60.61 -2.94 9.67
C THR H 399 -59.10 -2.95 9.81
N SER H 400 -58.37 -3.52 8.85
CA SER H 400 -56.91 -3.55 8.87
CA SER H 400 -56.91 -3.54 8.87
C SER H 400 -56.37 -3.04 7.54
N PRO H 401 -56.51 -1.74 7.27
CA PRO H 401 -56.03 -1.19 6.00
C PRO H 401 -54.53 -1.29 5.87
N HIS H 402 -54.09 -1.48 4.63
CA HIS H 402 -52.67 -1.55 4.30
C HIS H 402 -52.11 -0.14 4.31
N TYR H 403 -51.23 0.16 5.28
CA TYR H 403 -50.72 1.52 5.45
C TYR H 403 -49.86 1.96 4.28
N GLY H 404 -49.19 1.02 3.59
CA GLY H 404 -48.44 1.37 2.41
C GLY H 404 -49.32 1.91 1.30
N ILE H 405 -50.47 1.30 1.09
CA ILE H 405 -51.42 1.76 0.08
C ILE H 405 -51.90 3.17 0.40
N VAL H 406 -52.26 3.40 1.67
CA VAL H 406 -52.74 4.71 2.11
C VAL H 406 -51.66 5.77 1.92
N ALA H 407 -50.44 5.43 2.34
CA ALA H 407 -49.31 6.35 2.18
C ALA H 407 -49.04 6.64 0.72
N SER H 408 -49.19 5.64 -0.15
CA SER H 408 -48.99 5.85 -1.58
C SER H 408 -50.04 6.81 -2.15
N THR H 409 -51.28 6.71 -1.67
CA THR H 409 -52.30 7.66 -2.07
C THR H 409 -51.90 9.09 -1.69
N GLU H 410 -51.52 9.28 -0.42
CA GLU H 410 -51.14 10.61 0.03
C GLU H 410 -49.90 11.11 -0.71
N THR H 411 -48.96 10.21 -0.99
CA THR H 411 -47.72 10.58 -1.68
C THR H 411 -47.98 10.94 -3.14
N ALA H 412 -48.94 10.29 -3.80
CA ALA H 412 -49.32 10.72 -5.13
C ALA H 412 -49.87 12.14 -5.10
N ALA H 413 -50.71 12.43 -4.10
CA ALA H 413 -51.17 13.81 -3.94
C ALA H 413 -50.00 14.77 -3.77
N ALA H 414 -49.01 14.38 -2.96
CA ALA H 414 -47.85 15.26 -2.72
C ALA H 414 -47.00 15.43 -3.97
N MET H 415 -46.83 14.36 -4.76
CA MET H 415 -46.09 14.46 -6.00
C MET H 415 -46.77 15.41 -6.95
N MET H 416 -48.09 15.55 -6.83
CA MET H 416 -48.80 16.39 -7.78
C MET H 416 -48.52 17.88 -7.59
N LYS H 417 -47.86 18.27 -6.51
CA LYS H 417 -47.81 19.66 -6.05
C LYS H 417 -46.54 20.36 -6.50
N GLY H 418 -46.63 21.69 -6.64
CA GLY H 418 -45.47 22.51 -6.89
C GLY H 418 -45.01 22.54 -8.34
N ASN H 419 -43.89 23.24 -8.53
CA ASN H 419 -43.30 23.34 -9.87
C ASN H 419 -42.86 21.97 -10.38
N ALA H 420 -42.32 21.13 -9.49
CA ALA H 420 -41.91 19.80 -9.90
C ALA H 420 -43.09 18.97 -10.41
N GLY H 421 -44.22 19.00 -9.69
CA GLY H 421 -45.39 18.27 -10.15
C GLY H 421 -45.98 18.84 -11.42
N LYS H 422 -46.02 20.17 -11.53
CA LYS H 422 -46.52 20.79 -12.75
C LYS H 422 -45.66 20.40 -13.93
N ARG H 423 -44.34 20.36 -13.74
CA ARG H 423 -43.43 19.91 -14.78
C ARG H 423 -43.68 18.45 -15.13
N LEU H 424 -43.97 17.62 -14.14
CA LEU H 424 -44.24 16.21 -14.42
C LEU H 424 -45.46 16.04 -15.33
N ILE H 425 -46.58 16.68 -14.98
CA ILE H 425 -47.78 16.57 -15.82
C ILE H 425 -47.55 17.18 -17.21
N ASN H 426 -46.98 18.39 -17.26
CA ASN H 426 -46.77 19.04 -18.53
C ASN H 426 -45.82 18.24 -19.41
N GLY H 427 -44.78 17.67 -18.82
CA GLY H 427 -43.86 16.84 -19.57
C GLY H 427 -44.52 15.59 -20.12
N SER H 428 -45.40 14.98 -19.33
CA SER H 428 -46.14 13.82 -19.84
C SER H 428 -47.02 14.21 -21.03
N ILE H 429 -47.71 15.34 -20.94
CA ILE H 429 -48.57 15.78 -22.04
C ILE H 429 -47.75 16.09 -23.29
N GLU H 430 -46.63 16.81 -23.12
CA GLU H 430 -45.77 17.15 -24.26
C GLU H 430 -45.15 15.90 -24.88
N ARG H 431 -44.72 14.94 -24.05
CA ARG H 431 -44.16 13.69 -24.55
C ARG H 431 -45.19 12.93 -25.38
N ALA H 432 -46.44 12.86 -24.90
CA ALA H 432 -47.48 12.19 -25.67
C ALA H 432 -47.73 12.90 -26.99
N ILE H 433 -47.78 14.23 -26.99
CA ILE H 433 -48.01 14.97 -28.23
C ILE H 433 -46.86 14.77 -29.22
N ARG H 434 -45.62 14.78 -28.71
CA ARG H 434 -44.46 14.54 -29.58
C ARG H 434 -44.54 13.15 -30.21
N PHE H 435 -44.94 12.15 -29.42
CA PHE H 435 -45.09 10.80 -29.96
C PHE H 435 -46.18 10.76 -31.03
N ARG H 436 -47.30 11.45 -30.81
CA ARG H 436 -48.37 11.49 -31.79
C ARG H 436 -47.90 12.09 -33.11
N LYS H 437 -47.20 13.23 -33.02
CA LYS H 437 -46.70 13.88 -34.23
C LYS H 437 -45.69 12.99 -34.93
N GLU H 438 -44.85 12.29 -34.18
CA GLU H 438 -43.87 11.40 -34.80
C GLU H 438 -44.55 10.22 -35.49
N ILE H 439 -45.62 9.68 -34.90
CA ILE H 439 -46.36 8.62 -35.57
C ILE H 439 -46.91 9.11 -36.90
N LYS H 440 -47.49 10.31 -36.91
CA LYS H 440 -48.00 10.88 -38.16
C LYS H 440 -46.88 11.03 -39.19
N ARG H 441 -45.73 11.55 -38.75
CA ARG H 441 -44.62 11.79 -39.66
C ARG H 441 -44.10 10.47 -40.25
N LEU H 442 -43.96 9.44 -39.42
CA LEU H 442 -43.53 8.15 -39.91
C LEU H 442 -44.54 7.55 -40.87
N ASN H 443 -45.84 7.73 -40.59
CA ASN H 443 -46.86 7.25 -41.50
C ASN H 443 -46.73 7.93 -42.86
N SER H 444 -46.48 9.23 -42.87
CA SER H 444 -46.29 9.93 -44.13
C SER H 444 -45.01 9.48 -44.84
N GLU H 445 -43.96 9.14 -44.07
CA GLU H 445 -42.70 8.73 -44.67
C GLU H 445 -42.74 7.33 -45.27
N SER H 446 -43.52 6.43 -44.68
CA SER H 446 -43.51 5.04 -45.13
C SER H 446 -44.09 4.91 -46.53
N GLU H 447 -43.43 4.09 -47.35
CA GLU H 447 -43.91 3.88 -48.71
C GLU H 447 -45.22 3.10 -48.71
N GLY H 448 -45.29 2.04 -47.92
CA GLY H 448 -46.48 1.23 -47.79
C GLY H 448 -47.24 1.55 -46.52
N TRP H 449 -47.90 0.53 -45.97
CA TRP H 449 -48.70 0.69 -44.78
C TRP H 449 -47.84 1.08 -43.57
N PHE H 450 -48.42 1.89 -42.69
CA PHE H 450 -47.81 2.16 -41.40
C PHE H 450 -48.90 2.39 -40.37
N PHE H 451 -48.52 2.28 -39.10
CA PHE H 451 -49.45 2.55 -38.02
C PHE H 451 -49.94 3.99 -38.09
N ASP H 452 -51.21 4.17 -37.76
CA ASP H 452 -51.82 5.49 -37.70
C ASP H 452 -52.31 5.73 -36.28
N VAL H 453 -52.42 7.01 -35.91
CA VAL H 453 -52.86 7.41 -34.58
C VAL H 453 -54.22 8.08 -34.70
N TRP H 454 -55.16 7.65 -33.87
CA TRP H 454 -56.54 8.13 -33.88
C TRP H 454 -56.58 9.52 -33.24
N GLN H 455 -56.60 10.56 -34.08
CA GLN H 455 -56.49 11.94 -33.61
C GLN H 455 -56.87 12.91 -34.71
N PRO H 456 -57.06 14.19 -34.42
CA PRO H 456 -57.30 15.17 -35.49
C PRO H 456 -56.05 15.39 -36.34
N GLU H 457 -56.27 16.00 -37.50
CA GLU H 457 -55.20 16.13 -38.50
C GLU H 457 -54.08 17.04 -38.01
N GLY H 458 -54.42 18.24 -37.54
CA GLY H 458 -53.42 19.27 -37.36
C GLY H 458 -53.05 19.63 -35.94
N ILE H 459 -52.85 18.62 -35.08
CA ILE H 459 -52.57 18.91 -33.67
C ILE H 459 -51.25 19.65 -33.55
N ASP H 460 -51.29 20.81 -32.90
CA ASP H 460 -50.08 21.59 -32.65
C ASP H 460 -49.83 21.77 -31.16
N GLU H 461 -50.74 22.38 -30.42
CA GLU H 461 -50.49 22.76 -29.04
C GLU H 461 -51.09 21.75 -28.07
N ALA H 462 -50.67 21.85 -26.82
CA ALA H 462 -51.18 20.96 -25.79
C ALA H 462 -52.58 21.41 -25.40
N LYS H 463 -53.56 20.55 -25.64
CA LYS H 463 -54.96 20.80 -25.32
C LYS H 463 -55.75 19.53 -25.59
N CYS H 464 -56.97 19.48 -25.05
CA CYS H 464 -57.89 18.41 -25.36
C CYS H 464 -58.61 18.76 -26.66
N TRP H 465 -58.50 17.90 -27.66
CA TRP H 465 -58.98 18.22 -28.99
C TRP H 465 -60.48 17.94 -29.09
N PRO H 466 -61.29 18.94 -29.41
CA PRO H 466 -62.74 18.71 -29.50
C PRO H 466 -63.07 17.76 -30.65
N LEU H 467 -64.17 17.03 -30.48
CA LEU H 467 -64.69 16.14 -31.50
C LEU H 467 -65.79 16.88 -32.25
N ASP H 468 -65.50 17.30 -33.47
CA ASP H 468 -66.42 18.12 -34.25
C ASP H 468 -67.16 17.28 -35.30
N SER H 469 -68.38 17.71 -35.62
CA SER H 469 -69.15 17.01 -36.63
C SER H 469 -68.51 17.09 -38.02
N LYS H 470 -67.88 18.22 -38.35
CA LYS H 470 -67.26 18.36 -39.66
C LYS H 470 -66.09 17.39 -39.83
N ASP H 471 -65.29 17.20 -38.80
CA ASP H 471 -64.15 16.31 -38.87
C ASP H 471 -64.61 14.85 -38.76
N ASN H 472 -63.98 13.98 -39.53
CA ASN H 472 -64.35 12.57 -39.58
C ASN H 472 -63.27 11.65 -39.02
N TRP H 473 -62.22 12.22 -38.40
CA TRP H 473 -61.18 11.37 -37.83
C TRP H 473 -61.73 10.49 -36.72
N HIS H 474 -62.65 11.02 -35.91
CA HIS H 474 -63.15 10.25 -34.77
C HIS H 474 -64.10 9.14 -35.18
N GLY H 475 -64.74 9.24 -36.34
CA GLY H 475 -65.59 8.17 -36.81
C GLY H 475 -66.94 8.05 -36.14
N PHE H 476 -67.35 9.05 -35.36
CA PHE H 476 -68.64 9.05 -34.70
C PHE H 476 -69.64 9.81 -35.56
N LYS H 477 -70.74 9.17 -35.91
CA LYS H 477 -71.75 9.81 -36.74
C LYS H 477 -72.50 10.88 -35.94
N ASP H 478 -72.77 11.99 -36.61
CA ASP H 478 -73.59 13.11 -36.11
C ASP H 478 -73.34 13.40 -34.63
N ILE H 479 -72.10 13.73 -34.34
CA ILE H 479 -71.71 14.04 -32.97
C ILE H 479 -72.10 15.47 -32.63
N ASP H 480 -72.45 15.69 -31.37
CA ASP H 480 -72.74 17.02 -30.89
C ASP H 480 -71.45 17.83 -30.75
N ASN H 481 -71.60 19.15 -30.83
CA ASN H 481 -70.45 20.05 -30.73
C ASN H 481 -70.19 20.42 -29.28
N ASP H 482 -68.92 20.70 -28.98
CA ASP H 482 -68.49 21.12 -27.65
C ASP H 482 -68.92 20.12 -26.58
N HIS H 483 -68.95 18.85 -26.94
CA HIS H 483 -69.41 17.79 -26.05
C HIS H 483 -68.28 16.86 -25.64
N MET H 484 -67.60 16.24 -26.59
CA MET H 484 -66.51 15.32 -26.30
C MET H 484 -65.17 15.85 -26.77
N TYR H 485 -64.15 15.51 -26.00
CA TYR H 485 -62.78 15.94 -26.24
C TYR H 485 -61.85 14.76 -26.09
N LEU H 486 -60.72 14.80 -26.79
CA LEU H 486 -59.75 13.73 -26.73
C LEU H 486 -58.62 14.09 -25.76
N ASP H 487 -58.32 13.18 -24.85
CA ASP H 487 -57.21 13.36 -23.92
C ASP H 487 -55.91 13.01 -24.62
N PRO H 488 -54.94 13.94 -24.71
CA PRO H 488 -53.68 13.62 -25.40
C PRO H 488 -52.93 12.47 -24.78
N ILE H 489 -53.14 12.21 -23.49
CA ILE H 489 -52.40 11.17 -22.76
C ILE H 489 -52.74 9.77 -23.29
N LYS H 490 -53.99 9.56 -23.71
CA LYS H 490 -54.44 8.23 -24.15
C LYS H 490 -54.19 8.10 -25.65
N VAL H 491 -53.13 7.41 -26.05
CA VAL H 491 -52.71 7.34 -27.44
C VAL H 491 -53.26 6.04 -28.04
N THR H 492 -54.13 6.15 -29.03
CA THR H 492 -54.69 4.99 -29.71
C THR H 492 -54.04 4.86 -31.09
N LEU H 493 -53.28 3.79 -31.29
CA LEU H 493 -52.71 3.46 -32.58
C LEU H 493 -53.66 2.56 -33.34
N LEU H 494 -53.78 2.81 -34.64
CA LEU H 494 -54.65 2.04 -35.51
C LEU H 494 -53.82 1.25 -36.50
N THR H 495 -54.12 -0.04 -36.62
CA THR H 495 -53.54 -0.89 -37.64
C THR H 495 -54.38 -0.85 -38.91
N PRO H 496 -53.78 -1.10 -40.07
CA PRO H 496 -54.57 -1.16 -41.31
C PRO H 496 -55.57 -2.30 -41.27
N GLY H 497 -56.71 -2.08 -41.94
CA GLY H 497 -57.78 -3.05 -41.98
C GLY H 497 -59.15 -2.41 -41.99
N MET H 498 -59.19 -1.10 -41.80
CA MET H 498 -60.42 -0.34 -41.76
C MET H 498 -60.31 0.83 -42.73
N GLN H 499 -61.43 1.17 -43.37
CA GLN H 499 -61.48 2.27 -44.31
C GLN H 499 -62.03 3.52 -43.62
N LYS H 500 -61.85 4.66 -44.29
CA LYS H 500 -62.24 5.96 -43.74
C LYS H 500 -63.75 6.14 -43.65
N ASP H 501 -64.54 5.30 -44.32
CA ASP H 501 -65.99 5.40 -44.29
C ASP H 501 -66.62 4.39 -43.33
N GLY H 502 -65.81 3.74 -42.50
CA GLY H 502 -66.31 2.75 -41.56
C GLY H 502 -66.42 1.34 -42.09
N SER H 503 -66.11 1.12 -43.37
CA SER H 503 -66.17 -0.21 -43.94
C SER H 503 -64.84 -0.93 -43.78
N MET H 504 -64.90 -2.26 -43.85
CA MET H 504 -63.71 -3.07 -43.73
C MET H 504 -62.88 -2.98 -45.02
N ALA H 505 -61.63 -3.41 -44.92
CA ALA H 505 -60.71 -3.42 -46.05
C ALA H 505 -60.31 -4.84 -46.40
N ASP H 506 -59.93 -5.03 -47.67
CA ASP H 506 -59.53 -6.35 -48.14
C ASP H 506 -58.31 -6.87 -47.40
N THR H 507 -57.34 -6.01 -47.15
CA THR H 507 -56.13 -6.36 -46.41
C THR H 507 -56.13 -5.66 -45.06
N GLY H 508 -55.65 -6.38 -44.04
CA GLY H 508 -55.56 -5.81 -42.71
C GLY H 508 -54.77 -6.64 -41.73
N ILE H 509 -54.18 -5.98 -40.73
CA ILE H 509 -53.36 -6.64 -39.73
C ILE H 509 -54.06 -6.50 -38.38
N PRO H 510 -54.59 -7.57 -37.81
CA PRO H 510 -55.26 -7.48 -36.51
C PRO H 510 -54.29 -7.04 -35.43
N ALA H 511 -54.75 -6.13 -34.56
CA ALA H 511 -53.88 -5.54 -33.56
C ALA H 511 -53.45 -6.55 -32.50
N SER H 512 -54.13 -7.69 -32.40
CA SER H 512 -53.70 -8.72 -31.45
C SER H 512 -52.32 -9.26 -31.81
N ILE H 513 -52.05 -9.41 -33.11
CA ILE H 513 -50.73 -9.87 -33.56
C ILE H 513 -49.65 -8.88 -33.16
N VAL H 514 -49.91 -7.58 -33.40
CA VAL H 514 -48.95 -6.55 -33.03
C VAL H 514 -48.74 -6.55 -31.52
N SER H 515 -49.82 -6.71 -30.75
CA SER H 515 -49.71 -6.75 -29.29
C SER H 515 -48.86 -7.92 -28.83
N LYS H 516 -49.06 -9.10 -29.42
CA LYS H 516 -48.24 -10.25 -29.08
C LYS H 516 -46.78 -9.99 -29.42
N TYR H 517 -46.53 -9.38 -30.58
CA TYR H 517 -45.16 -9.06 -30.97
C TYR H 517 -44.51 -8.11 -29.97
N LEU H 518 -45.23 -7.04 -29.59
CA LEU H 518 -44.68 -6.09 -28.64
C LEU H 518 -44.42 -6.75 -27.29
N ASP H 519 -45.31 -7.66 -26.88
CA ASP H 519 -45.08 -8.40 -25.64
C ASP H 519 -43.81 -9.25 -25.73
N GLU H 520 -43.59 -9.88 -26.89
CA GLU H 520 -42.36 -10.66 -27.06
C GLU H 520 -41.11 -9.79 -26.90
N HIS H 521 -41.21 -8.51 -27.28
CA HIS H 521 -40.08 -7.60 -27.19
C HIS H 521 -40.20 -6.65 -26.00
N GLY H 522 -40.79 -7.12 -24.90
CA GLY H 522 -40.74 -6.39 -23.64
C GLY H 522 -41.57 -5.14 -23.55
N ILE H 523 -42.63 -5.03 -24.35
CA ILE H 523 -43.51 -3.87 -24.32
C ILE H 523 -44.94 -4.36 -24.09
N ILE H 524 -45.55 -3.92 -22.99
CA ILE H 524 -46.91 -4.31 -22.62
C ILE H 524 -47.84 -3.17 -22.97
N VAL H 525 -48.83 -3.44 -23.81
CA VAL H 525 -49.85 -2.46 -24.13
C VAL H 525 -50.97 -2.53 -23.10
N GLU H 526 -51.70 -1.43 -22.96
CA GLU H 526 -52.80 -1.39 -22.01
C GLU H 526 -53.99 -2.21 -22.48
N LYS H 527 -54.39 -2.04 -23.75
CA LYS H 527 -55.59 -2.70 -24.24
C LYS H 527 -55.51 -2.81 -25.76
N THR H 528 -55.98 -3.96 -26.28
CA THR H 528 -55.93 -4.25 -27.71
C THR H 528 -57.34 -4.55 -28.21
N GLY H 529 -57.85 -3.71 -29.10
CA GLY H 529 -59.07 -4.00 -29.81
C GLY H 529 -58.78 -4.72 -31.10
N PRO H 530 -59.80 -4.87 -31.96
CA PRO H 530 -59.59 -5.59 -33.23
C PRO H 530 -58.53 -4.95 -34.12
N TYR H 531 -58.53 -3.63 -34.24
CA TYR H 531 -57.55 -2.94 -35.07
C TYR H 531 -57.00 -1.69 -34.39
N ASN H 532 -57.04 -1.64 -33.06
CA ASN H 532 -56.52 -0.52 -32.32
C ASN H 532 -55.79 -1.02 -31.08
N MET H 533 -54.75 -0.29 -30.71
CA MET H 533 -54.00 -0.52 -29.49
C MET H 533 -53.97 0.77 -28.68
N LEU H 534 -54.04 0.64 -27.37
CA LEU H 534 -54.06 1.78 -26.48
C LEU H 534 -52.77 1.83 -25.67
N PHE H 535 -52.10 2.98 -25.69
CA PHE H 535 -50.89 3.22 -24.93
C PHE H 535 -51.13 4.38 -23.98
N LEU H 536 -50.87 4.17 -22.70
CA LEU H 536 -51.01 5.19 -21.67
C LEU H 536 -49.69 5.94 -21.56
N PHE H 537 -49.69 7.21 -21.93
CA PHE H 537 -48.48 8.04 -21.81
C PHE H 537 -48.53 8.80 -20.48
N SER H 538 -48.47 8.02 -19.40
CA SER H 538 -48.59 8.56 -18.06
C SER H 538 -47.28 9.25 -17.64
N ILE H 539 -47.26 9.74 -16.40
CA ILE H 539 -46.06 10.32 -15.83
C ILE H 539 -44.95 9.31 -15.62
N GLY H 540 -45.26 8.01 -15.73
CA GLY H 540 -44.25 6.97 -15.68
C GLY H 540 -43.59 6.65 -17.00
N ILE H 541 -43.98 7.31 -18.09
CA ILE H 541 -43.40 7.08 -19.41
C ILE H 541 -42.35 8.15 -19.64
N ASP H 542 -41.13 7.73 -19.94
CA ASP H 542 -40.04 8.65 -20.23
C ASP H 542 -39.67 8.52 -21.71
N LYS H 543 -38.71 9.34 -22.13
CA LYS H 543 -38.32 9.37 -23.53
C LYS H 543 -37.72 8.03 -23.97
N THR H 544 -36.99 7.36 -23.06
CA THR H 544 -36.40 6.06 -23.37
C THR H 544 -37.48 5.07 -23.81
N LYS H 545 -38.57 4.98 -23.05
CA LYS H 545 -39.63 4.04 -23.38
C LYS H 545 -40.34 4.42 -24.67
N ALA H 546 -40.56 5.70 -24.91
CA ALA H 546 -41.21 6.13 -26.14
C ALA H 546 -40.37 5.77 -27.36
N LEU H 547 -39.05 6.03 -27.30
CA LEU H 547 -38.18 5.65 -28.39
C LEU H 547 -38.13 4.14 -28.57
N SER H 548 -38.15 3.40 -27.45
CA SER H 548 -38.19 1.94 -27.54
C SER H 548 -39.46 1.46 -28.25
N LEU H 549 -40.60 2.11 -27.96
CA LEU H 549 -41.85 1.76 -28.62
C LEU H 549 -41.80 2.05 -30.12
N LEU H 550 -41.22 3.20 -30.50
CA LEU H 550 -41.05 3.49 -31.92
C LEU H 550 -40.19 2.44 -32.60
N ARG H 551 -39.08 2.05 -31.94
CA ARG H 551 -38.21 1.02 -32.50
C ARG H 551 -38.95 -0.31 -32.66
N ALA H 552 -39.75 -0.68 -31.66
CA ALA H 552 -40.48 -1.94 -31.73
C ALA H 552 -41.53 -1.93 -32.84
N LEU H 553 -42.24 -0.82 -33.01
CA LEU H 553 -43.22 -0.75 -34.08
C LEU H 553 -42.56 -0.84 -35.45
N THR H 554 -41.44 -0.12 -35.64
CA THR H 554 -40.72 -0.21 -36.90
C THR H 554 -40.19 -1.62 -37.14
N ASP H 555 -39.71 -2.28 -36.09
CA ASP H 555 -39.23 -3.65 -36.22
C ASP H 555 -40.37 -4.59 -36.61
N PHE H 556 -41.56 -4.40 -36.04
CA PHE H 556 -42.70 -5.21 -36.45
C PHE H 556 -43.01 -5.00 -37.93
N LYS H 557 -42.99 -3.75 -38.38
CA LYS H 557 -43.29 -3.48 -39.78
C LYS H 557 -42.28 -4.17 -40.69
N ARG H 558 -41.00 -4.08 -40.35
CA ARG H 558 -39.97 -4.71 -41.16
C ARG H 558 -40.13 -6.22 -41.19
N SER H 559 -40.39 -6.83 -40.02
CA SER H 559 -40.56 -8.28 -39.98
C SER H 559 -41.79 -8.73 -40.75
N TYR H 560 -42.88 -7.95 -40.68
CA TYR H 560 -44.10 -8.32 -41.37
C TYR H 560 -43.94 -8.18 -42.89
N ASP H 561 -43.30 -7.10 -43.34
CA ASP H 561 -43.02 -6.97 -44.77
C ASP H 561 -42.06 -8.05 -45.27
N LEU H 562 -41.27 -8.63 -44.38
CA LEU H 562 -40.39 -9.74 -44.73
C LEU H 562 -41.08 -11.09 -44.69
N ASN H 563 -42.34 -11.14 -44.25
CA ASN H 563 -43.14 -12.36 -44.23
C ASN H 563 -42.44 -13.48 -43.45
N LEU H 564 -41.96 -13.12 -42.26
CA LEU H 564 -41.25 -14.08 -41.42
C LEU H 564 -42.18 -15.18 -40.95
N ARG H 565 -41.58 -16.27 -40.50
CA ARG H 565 -42.35 -17.38 -39.96
C ARG H 565 -42.85 -17.05 -38.56
N VAL H 566 -44.03 -17.58 -38.22
CA VAL H 566 -44.63 -17.36 -36.91
C VAL H 566 -43.73 -17.95 -35.83
N LYS H 567 -43.12 -19.10 -36.11
CA LYS H 567 -42.23 -19.74 -35.14
C LYS H 567 -41.10 -18.81 -34.71
N ASN H 568 -40.69 -17.91 -35.59
CA ASN H 568 -39.59 -16.98 -35.29
C ASN H 568 -40.10 -15.66 -34.73
N MET H 569 -41.11 -15.06 -35.39
CA MET H 569 -41.60 -13.76 -34.99
C MET H 569 -42.32 -13.83 -33.64
N LEU H 570 -43.10 -14.89 -33.41
CA LEU H 570 -43.91 -15.03 -32.21
C LEU H 570 -43.66 -16.38 -31.56
N PRO H 571 -42.53 -16.54 -30.87
CA PRO H 571 -42.22 -17.85 -30.27
C PRO H 571 -43.26 -18.37 -29.29
N SER H 572 -43.84 -17.50 -28.45
CA SER H 572 -44.83 -17.96 -27.48
C SER H 572 -46.09 -18.45 -28.18
N LEU H 573 -46.52 -17.75 -29.22
CA LEU H 573 -47.67 -18.18 -29.99
C LEU H 573 -47.43 -19.55 -30.62
N TYR H 574 -46.21 -19.78 -31.14
CA TYR H 574 -45.84 -21.09 -31.64
C TYR H 574 -45.89 -22.14 -30.53
N ARG H 575 -45.39 -21.80 -29.34
CA ARG H 575 -45.42 -22.71 -28.22
C ARG H 575 -46.84 -23.05 -27.77
N GLU H 576 -47.82 -22.20 -28.11
CA GLU H 576 -49.21 -22.56 -27.82
C GLU H 576 -49.62 -23.82 -28.57
N ASP H 577 -49.25 -23.93 -29.84
CA ASP H 577 -49.58 -25.10 -30.64
C ASP H 577 -48.60 -25.21 -31.81
N PRO H 578 -47.47 -25.91 -31.62
CA PRO H 578 -46.46 -25.96 -32.69
C PRO H 578 -46.98 -26.52 -33.99
N GLU H 579 -47.87 -27.52 -33.95
CA GLU H 579 -48.37 -28.13 -35.18
C GLU H 579 -49.15 -27.12 -36.01
N PHE H 580 -50.01 -26.33 -35.36
CA PHE H 580 -50.81 -25.35 -36.09
C PHE H 580 -49.94 -24.26 -36.70
N TYR H 581 -48.91 -23.81 -35.97
CA TYR H 581 -48.03 -22.75 -36.45
C TYR H 581 -46.69 -23.28 -36.94
N GLU H 582 -46.66 -24.52 -37.45
CA GLU H 582 -45.39 -25.13 -37.81
C GLU H 582 -44.70 -24.36 -38.93
N ASN H 583 -45.45 -23.92 -39.93
CA ASN H 583 -44.85 -23.28 -41.10
C ASN H 583 -45.57 -22.01 -41.52
N MET H 584 -46.63 -21.60 -40.81
CA MET H 584 -47.39 -20.44 -41.25
C MET H 584 -46.54 -19.18 -41.14
N ARG H 585 -46.64 -18.33 -42.15
CA ARG H 585 -45.97 -17.04 -42.15
C ARG H 585 -46.83 -16.02 -41.37
N ILE H 586 -46.20 -14.89 -41.03
CA ILE H 586 -46.92 -13.86 -40.28
C ILE H 586 -48.00 -13.20 -41.14
N GLN H 587 -47.70 -12.95 -42.42
CA GLN H 587 -48.70 -12.37 -43.30
C GLN H 587 -49.91 -13.29 -43.41
N GLU H 588 -49.67 -14.60 -43.47
CA GLU H 588 -50.76 -15.55 -43.58
C GLU H 588 -51.65 -15.55 -42.34
N LEU H 589 -51.05 -15.51 -41.15
CA LEU H 589 -51.86 -15.44 -39.93
C LEU H 589 -52.66 -14.15 -39.89
N ALA H 590 -52.03 -13.02 -40.23
CA ALA H 590 -52.72 -11.75 -40.22
C ALA H 590 -53.90 -11.77 -41.20
N GLN H 591 -53.68 -12.29 -42.40
CA GLN H 591 -54.74 -12.34 -43.40
C GLN H 591 -55.83 -13.32 -43.02
N GLY H 592 -55.49 -14.43 -42.37
CA GLY H 592 -56.50 -15.36 -41.92
C GLY H 592 -57.43 -14.76 -40.89
N ILE H 593 -56.85 -14.08 -39.89
CA ILE H 593 -57.69 -13.44 -38.88
C ILE H 593 -58.50 -12.30 -39.50
N HIS H 594 -57.87 -11.53 -40.40
CA HIS H 594 -58.59 -10.46 -41.09
C HIS H 594 -59.77 -11.00 -41.89
N ALA H 595 -59.56 -12.12 -42.58
CA ALA H 595 -60.62 -12.72 -43.39
C ALA H 595 -61.74 -13.26 -42.51
N LEU H 596 -61.41 -13.86 -41.37
CA LEU H 596 -62.44 -14.30 -40.45
C LEU H 596 -63.26 -13.11 -39.93
N ILE H 597 -62.58 -12.02 -39.59
CA ILE H 597 -63.27 -10.82 -39.11
C ILE H 597 -64.20 -10.28 -40.21
N GLN H 598 -63.70 -10.22 -41.44
CA GLN H 598 -64.51 -9.71 -42.54
C GLN H 598 -65.71 -10.60 -42.82
N HIS H 599 -65.50 -11.92 -42.88
CA HIS H 599 -66.57 -12.85 -43.21
C HIS H 599 -67.64 -12.84 -42.14
N HIS H 600 -67.25 -12.81 -40.88
CA HIS H 600 -68.24 -12.71 -39.82
C HIS H 600 -68.77 -11.29 -39.65
N ASN H 601 -68.19 -10.32 -40.36
CA ASN H 601 -68.59 -8.92 -40.29
C ASN H 601 -68.53 -8.39 -38.86
N LEU H 602 -67.32 -8.40 -38.30
CA LEU H 602 -67.13 -7.99 -36.91
C LEU H 602 -67.60 -6.57 -36.63
N PRO H 603 -67.19 -5.54 -37.39
CA PRO H 603 -67.59 -4.17 -37.00
C PRO H 603 -69.09 -3.95 -37.04
N ASP H 604 -69.75 -4.34 -38.13
CA ASP H 604 -71.18 -4.09 -38.26
C ASP H 604 -71.97 -4.85 -37.19
N LEU H 605 -71.64 -6.13 -36.99
CA LEU H 605 -72.33 -6.93 -35.99
C LEU H 605 -72.11 -6.36 -34.59
N MET H 606 -70.88 -5.95 -34.28
CA MET H 606 -70.58 -5.34 -32.99
C MET H 606 -71.41 -4.08 -32.78
N TYR H 607 -71.42 -3.20 -33.79
CA TYR H 607 -72.13 -1.94 -33.68
C TYR H 607 -73.64 -2.15 -33.50
N ARG H 608 -74.20 -3.09 -34.26
CA ARG H 608 -75.62 -3.36 -34.15
C ARG H 608 -75.97 -4.01 -32.82
N ALA H 609 -75.11 -4.89 -32.32
CA ALA H 609 -75.35 -5.52 -31.03
C ALA H 609 -75.37 -4.49 -29.92
N PHE H 610 -74.43 -3.55 -29.95
CA PHE H 610 -74.36 -2.54 -28.90
C PHE H 610 -75.24 -1.33 -29.19
N GLU H 611 -75.98 -1.34 -30.29
CA GLU H 611 -76.94 -0.30 -30.60
C GLU H 611 -78.31 -0.49 -29.94
N VAL H 612 -78.75 -1.73 -29.75
CA VAL H 612 -80.09 -2.02 -29.25
C VAL H 612 -79.98 -2.59 -27.84
N LEU H 613 -80.81 -2.10 -26.94
CA LEU H 613 -80.78 -2.54 -25.55
C LEU H 613 -81.62 -3.80 -25.37
N PRO H 614 -81.07 -4.85 -24.75
CA PRO H 614 -81.91 -5.98 -24.35
C PRO H 614 -82.96 -5.52 -23.35
N THR H 615 -84.13 -6.17 -23.39
CA THR H 615 -85.20 -5.82 -22.48
C THR H 615 -84.84 -6.19 -21.05
N MET H 616 -85.28 -5.37 -20.10
CA MET H 616 -85.05 -5.62 -18.68
C MET H 616 -86.34 -6.18 -18.10
N VAL H 617 -86.38 -7.50 -17.92
CA VAL H 617 -87.50 -8.13 -17.24
C VAL H 617 -87.46 -7.80 -15.75
N MET H 618 -86.28 -7.81 -15.16
CA MET H 618 -86.11 -7.55 -13.73
C MET H 618 -84.74 -6.94 -13.51
N ASN H 619 -84.60 -6.22 -12.39
CA ASN H 619 -83.35 -5.54 -12.11
C ASN H 619 -82.28 -6.55 -11.73
N PRO H 620 -81.00 -6.16 -11.79
CA PRO H 620 -79.93 -7.12 -11.47
C PRO H 620 -80.03 -7.72 -10.08
N HIS H 621 -80.58 -6.98 -9.11
CA HIS H 621 -80.73 -7.52 -7.75
C HIS H 621 -81.63 -8.75 -7.75
N ALA H 622 -82.77 -8.68 -8.44
CA ALA H 622 -83.68 -9.82 -8.48
C ALA H 622 -83.05 -11.02 -9.19
N ALA H 623 -82.33 -10.76 -10.28
CA ALA H 623 -81.67 -11.86 -10.99
C ALA H 623 -80.62 -12.53 -10.12
N PHE H 624 -79.79 -11.75 -9.43
CA PHE H 624 -78.80 -12.37 -8.57
C PHE H 624 -79.42 -13.05 -7.35
N GLN H 625 -80.53 -12.53 -6.84
CA GLN H 625 -81.21 -13.22 -5.74
C GLN H 625 -81.73 -14.57 -6.20
N MET H 626 -82.28 -14.64 -7.42
CA MET H 626 -82.72 -15.93 -7.94
C MET H 626 -81.54 -16.85 -8.21
N GLU H 627 -80.42 -16.31 -8.67
CA GLU H 627 -79.23 -17.14 -8.86
C GLU H 627 -78.75 -17.71 -7.53
N LEU H 628 -78.77 -16.91 -6.47
CA LEU H 628 -78.38 -17.40 -5.15
C LEU H 628 -79.29 -18.50 -4.67
N ARG H 629 -80.59 -18.40 -4.94
CA ARG H 629 -81.55 -19.41 -4.52
C ARG H 629 -81.54 -20.65 -5.38
N GLY H 630 -80.64 -20.73 -6.36
CA GLY H 630 -80.54 -21.90 -7.21
C GLY H 630 -81.51 -21.97 -8.35
N GLN H 631 -82.28 -20.93 -8.60
CA GLN H 631 -83.30 -20.96 -9.66
C GLN H 631 -82.72 -20.59 -11.02
N THR H 632 -81.64 -21.25 -11.40
CA THR H 632 -80.93 -20.96 -12.63
C THR H 632 -80.49 -22.26 -13.29
N GLU H 633 -80.15 -22.16 -14.57
CA GLU H 633 -79.73 -23.32 -15.35
C GLU H 633 -78.78 -22.87 -16.45
N GLU H 634 -77.97 -23.81 -16.92
CA GLU H 634 -77.01 -23.55 -17.99
C GLU H 634 -77.65 -23.84 -19.34
N VAL H 635 -77.59 -22.85 -20.24
CA VAL H 635 -78.22 -22.95 -21.55
C VAL H 635 -77.21 -22.49 -22.60
N TYR H 636 -77.17 -23.20 -23.72
CA TYR H 636 -76.30 -22.81 -24.82
C TYR H 636 -76.80 -21.52 -25.45
N LEU H 637 -75.90 -20.86 -26.18
CA LEU H 637 -76.23 -19.57 -26.79
C LEU H 637 -77.43 -19.68 -27.73
N GLU H 638 -77.66 -20.86 -28.32
CA GLU H 638 -78.72 -21.02 -29.30
C GLU H 638 -80.09 -20.71 -28.70
N GLU H 639 -80.34 -21.19 -27.48
CA GLU H 639 -81.60 -20.92 -26.79
C GLU H 639 -81.52 -19.64 -25.96
N MET H 640 -80.65 -18.72 -26.35
CA MET H 640 -80.46 -17.48 -25.59
C MET H 640 -81.72 -16.63 -25.57
N ILE H 641 -82.43 -16.57 -26.71
CA ILE H 641 -83.63 -15.75 -26.82
C ILE H 641 -84.70 -16.27 -25.89
N GLY H 642 -85.43 -15.34 -25.26
CA GLY H 642 -86.49 -15.68 -24.34
C GLY H 642 -86.03 -16.06 -22.95
N LYS H 643 -84.73 -16.01 -22.68
CA LYS H 643 -84.17 -16.43 -21.41
C LYS H 643 -83.62 -15.21 -20.68
N VAL H 644 -84.05 -15.04 -19.44
CA VAL H 644 -83.57 -13.93 -18.61
C VAL H 644 -82.17 -14.27 -18.10
N ASN H 645 -81.21 -13.41 -18.41
CA ASN H 645 -79.83 -13.66 -18.02
C ASN H 645 -79.63 -13.50 -16.53
N ALA H 646 -78.86 -14.41 -15.95
CA ALA H 646 -78.54 -14.36 -14.53
C ALA H 646 -77.27 -13.59 -14.23
N ASN H 647 -76.35 -13.49 -15.18
CA ASN H 647 -75.05 -12.90 -14.95
C ASN H 647 -74.74 -11.87 -16.02
N MET H 648 -73.96 -10.87 -15.66
CA MET H 648 -73.54 -9.87 -16.63
C MET H 648 -72.65 -10.52 -17.68
N ILE H 649 -72.99 -10.30 -18.95
CA ILE H 649 -72.20 -10.78 -20.07
C ILE H 649 -71.30 -9.65 -20.54
N LEU H 650 -69.99 -9.88 -20.49
CA LEU H 650 -68.99 -8.86 -20.78
C LEU H 650 -68.05 -9.38 -21.86
N PRO H 651 -68.42 -9.24 -23.13
CA PRO H 651 -67.51 -9.64 -24.21
C PRO H 651 -66.29 -8.72 -24.24
N TYR H 652 -65.12 -9.29 -24.08
CA TYR H 652 -63.90 -8.49 -23.95
C TYR H 652 -63.39 -7.91 -25.27
N PRO H 653 -63.56 -8.56 -26.41
CA PRO H 653 -63.17 -7.93 -27.68
C PRO H 653 -63.85 -6.57 -27.86
N PRO H 654 -65.13 -6.41 -27.46
CA PRO H 654 -65.64 -5.05 -27.26
C PRO H 654 -65.12 -4.43 -25.97
N GLY H 655 -65.11 -5.21 -24.89
CA GLY H 655 -64.59 -4.77 -23.61
C GLY H 655 -65.60 -4.14 -22.68
N VAL H 656 -66.84 -3.94 -23.12
CA VAL H 656 -67.85 -3.26 -22.30
C VAL H 656 -69.02 -4.22 -22.08
N PRO H 657 -69.73 -4.12 -20.96
CA PRO H 657 -70.82 -5.08 -20.71
C PRO H 657 -71.91 -5.00 -21.78
N LEU H 658 -72.40 -6.16 -22.17
CA LEU H 658 -73.39 -6.25 -23.23
C LEU H 658 -74.77 -6.61 -22.71
N VAL H 659 -74.84 -7.56 -21.77
CA VAL H 659 -76.10 -7.98 -21.16
C VAL H 659 -75.95 -7.85 -19.65
N MET H 660 -76.90 -7.23 -19.03
CA MET H 660 -76.94 -7.12 -17.58
C MET H 660 -77.72 -8.30 -16.99
N PRO H 661 -77.46 -8.64 -15.73
CA PRO H 661 -78.31 -9.63 -15.06
C PRO H 661 -79.76 -9.14 -15.02
N GLY H 662 -80.68 -10.05 -15.29
CA GLY H 662 -82.08 -9.71 -15.40
C GLY H 662 -82.51 -9.21 -16.76
N GLU H 663 -81.62 -9.21 -17.76
CA GLU H 663 -81.96 -8.77 -19.10
C GLU H 663 -82.15 -9.98 -20.02
N MET H 664 -83.00 -9.79 -21.02
CA MET H 664 -83.38 -10.86 -21.93
C MET H 664 -83.24 -10.38 -23.37
N LEU H 665 -82.83 -11.28 -24.25
CA LEU H 665 -82.77 -10.99 -25.67
C LEU H 665 -84.09 -11.33 -26.33
N THR H 666 -84.48 -10.52 -27.32
CA THR H 666 -85.71 -10.75 -28.06
C THR H 666 -85.45 -10.68 -29.56
N GLU H 667 -86.52 -10.66 -30.35
CA GLU H 667 -86.36 -10.56 -31.80
C GLU H 667 -85.69 -9.24 -32.18
N GLU H 668 -86.07 -8.15 -31.51
CA GLU H 668 -85.41 -6.87 -31.75
C GLU H 668 -83.95 -6.92 -31.33
N SER H 669 -83.66 -7.54 -30.18
CA SER H 669 -82.30 -7.67 -29.68
C SER H 669 -81.60 -8.92 -30.20
N ARG H 670 -82.14 -9.55 -31.24
CA ARG H 670 -81.50 -10.72 -31.83
C ARG H 670 -80.04 -10.50 -32.24
N PRO H 671 -79.65 -9.38 -32.86
CA PRO H 671 -78.24 -9.24 -33.28
C PRO H 671 -77.24 -9.45 -32.16
N VAL H 672 -77.58 -9.03 -30.93
CA VAL H 672 -76.68 -9.23 -29.79
C VAL H 672 -76.24 -10.69 -29.74
N LEU H 673 -77.21 -11.60 -29.65
CA LEU H 673 -76.91 -13.03 -29.67
C LEU H 673 -76.08 -13.38 -30.89
N GLU H 674 -76.48 -12.88 -32.06
CA GLU H 674 -75.72 -13.15 -33.27
C GLU H 674 -74.26 -12.78 -33.07
N PHE H 675 -74.01 -11.57 -32.56
CA PHE H 675 -72.64 -11.15 -32.32
C PHE H 675 -71.94 -12.11 -31.38
N LEU H 676 -72.62 -12.52 -30.31
CA LEU H 676 -72.04 -13.49 -29.39
C LEU H 676 -71.68 -14.77 -30.11
N GLN H 677 -72.59 -15.26 -30.96
CA GLN H 677 -72.34 -16.50 -31.68
C GLN H 677 -71.11 -16.38 -32.57
N MET H 678 -70.71 -15.15 -32.91
CA MET H 678 -69.48 -14.97 -33.67
C MET H 678 -68.25 -15.28 -32.83
N LEU H 679 -68.20 -14.76 -31.59
CA LEU H 679 -66.98 -14.88 -30.80
C LEU H 679 -66.56 -16.33 -30.65
N CYS H 680 -67.49 -17.19 -30.24
CA CYS H 680 -67.19 -18.62 -30.13
C CYS H 680 -66.63 -19.15 -31.45
N GLU H 681 -67.31 -18.84 -32.56
CA GLU H 681 -66.81 -19.27 -33.86
C GLU H 681 -65.45 -18.68 -34.16
N ILE H 682 -65.24 -17.41 -33.79
CA ILE H 682 -63.92 -16.81 -33.94
C ILE H 682 -62.93 -17.47 -32.98
N GLY H 683 -63.39 -17.88 -31.80
CA GLY H 683 -62.47 -18.39 -30.79
C GLY H 683 -61.82 -19.70 -31.18
N ALA H 684 -62.59 -20.61 -31.76
CA ALA H 684 -62.08 -21.95 -32.09
C ALA H 684 -61.49 -22.01 -33.49
N HIS H 685 -60.58 -21.08 -33.79
CA HIS H 685 -59.84 -21.11 -35.05
C HIS H 685 -58.36 -20.80 -34.89
N TYR H 686 -57.92 -20.26 -33.77
CA TYR H 686 -56.51 -19.94 -33.52
C TYR H 686 -56.21 -20.12 -32.04
N PRO H 687 -55.37 -21.09 -31.69
CA PRO H 687 -55.21 -21.44 -30.26
C PRO H 687 -54.75 -20.28 -29.39
N GLY H 688 -53.90 -19.39 -29.91
CA GLY H 688 -53.43 -18.28 -29.13
C GLY H 688 -54.32 -17.05 -29.15
N PHE H 689 -55.34 -17.05 -29.99
CA PHE H 689 -56.27 -15.91 -30.13
C PHE H 689 -57.64 -16.41 -29.70
N GLU H 690 -57.91 -16.30 -28.40
CA GLU H 690 -59.13 -16.81 -27.80
C GLU H 690 -60.03 -15.65 -27.41
N THR H 691 -61.23 -15.60 -27.98
CA THR H 691 -62.21 -14.61 -27.57
C THR H 691 -62.72 -14.94 -26.18
N ASP H 692 -62.87 -13.91 -25.35
CA ASP H 692 -63.29 -14.07 -23.96
C ASP H 692 -64.70 -13.50 -23.80
N ILE H 693 -65.64 -14.35 -23.41
CA ILE H 693 -66.99 -13.90 -23.11
C ILE H 693 -67.20 -14.01 -21.60
N HIS H 694 -66.93 -12.92 -20.89
CA HIS H 694 -67.05 -12.92 -19.44
C HIS H 694 -68.51 -13.05 -19.02
N GLY H 695 -68.75 -13.89 -18.02
CA GLY H 695 -70.10 -14.26 -17.64
C GLY H 695 -70.60 -15.51 -18.31
N ALA H 696 -69.99 -15.92 -19.41
CA ALA H 696 -70.24 -17.21 -20.03
C ALA H 696 -69.07 -18.14 -19.72
N TYR H 697 -69.34 -19.44 -19.77
CA TYR H 697 -68.39 -20.45 -19.34
C TYR H 697 -68.01 -21.35 -20.50
N ARG H 698 -66.70 -21.53 -20.69
CA ARG H 698 -66.16 -22.32 -21.79
C ARG H 698 -66.13 -23.79 -21.39
N GLN H 699 -67.28 -24.44 -21.56
CA GLN H 699 -67.37 -25.86 -21.31
C GLN H 699 -66.72 -26.64 -22.46
N ASP H 700 -66.54 -27.94 -22.24
CA ASP H 700 -65.92 -28.79 -23.26
C ASP H 700 -66.77 -28.83 -24.52
N GLY H 701 -66.10 -28.85 -25.68
CA GLY H 701 -66.76 -28.80 -26.95
C GLY H 701 -66.60 -27.50 -27.73
N ALA H 702 -65.75 -26.58 -27.25
CA ALA H 702 -65.51 -25.30 -27.90
C ALA H 702 -66.78 -24.49 -28.08
N ARG H 703 -67.63 -24.50 -27.05
CA ARG H 703 -68.87 -23.72 -27.05
C ARG H 703 -68.94 -22.90 -25.76
N TYR H 704 -70.03 -22.16 -25.61
CA TYR H 704 -70.26 -21.33 -24.43
C TYR H 704 -71.67 -21.55 -23.92
N THR H 705 -71.79 -21.66 -22.60
CA THR H 705 -73.07 -21.74 -21.92
C THR H 705 -73.22 -20.53 -21.00
N VAL H 706 -74.47 -20.12 -20.79
CA VAL H 706 -74.76 -19.01 -19.89
C VAL H 706 -75.81 -19.46 -18.88
N LYS H 707 -75.72 -18.89 -17.68
CA LYS H 707 -76.72 -19.13 -16.66
C LYS H 707 -77.93 -18.24 -16.90
N VAL H 708 -79.12 -18.83 -16.89
CA VAL H 708 -80.35 -18.10 -17.06
C VAL H 708 -81.33 -18.53 -15.98
N ILE H 709 -82.31 -17.67 -15.72
CA ILE H 709 -83.30 -17.96 -14.69
C ILE H 709 -84.10 -19.18 -15.11
N LYS H 710 -84.29 -20.11 -14.17
CA LYS H 710 -85.02 -21.34 -14.42
C LYS H 710 -86.43 -21.05 -14.91
N MET I 1 -16.38 -11.96 -26.97
CA MET I 1 -17.27 -10.98 -27.57
C MET I 1 -17.90 -10.16 -26.44
N ASN I 2 -17.04 -9.36 -25.80
CA ASN I 2 -17.42 -8.60 -24.62
C ASN I 2 -16.81 -7.20 -24.61
N ILE I 3 -16.42 -6.66 -25.75
CA ILE I 3 -15.82 -5.33 -25.84
C ILE I 3 -16.91 -4.32 -26.18
N ILE I 4 -17.05 -3.29 -25.35
CA ILE I 4 -17.99 -2.20 -25.57
C ILE I 4 -17.19 -0.92 -25.78
N ALA I 5 -17.50 -0.20 -26.85
CA ALA I 5 -16.85 1.06 -27.15
C ALA I 5 -17.71 2.22 -26.65
N ILE I 6 -17.09 3.13 -25.91
CA ILE I 6 -17.72 4.38 -25.49
C ILE I 6 -16.98 5.51 -26.19
N LEU I 7 -17.72 6.32 -26.97
CA LEU I 7 -17.07 7.21 -27.92
C LEU I 7 -16.49 8.44 -27.24
N ASN I 8 -17.33 9.29 -26.66
CA ASN I 8 -16.91 10.65 -26.35
C ASN I 8 -16.64 10.85 -24.86
N HIS I 9 -15.99 11.98 -24.55
CA HIS I 9 -15.73 12.44 -23.19
C HIS I 9 -16.07 13.93 -23.17
N MET I 10 -17.27 14.24 -22.68
CA MET I 10 -17.87 15.55 -22.85
C MET I 10 -17.40 16.51 -21.77
N GLY I 11 -18.00 17.70 -21.74
CA GLY I 11 -17.62 18.70 -20.76
C GLY I 11 -18.63 18.94 -19.65
N VAL I 12 -19.65 18.10 -19.51
CA VAL I 12 -20.72 18.33 -18.57
C VAL I 12 -20.82 17.13 -17.62
N TYR I 13 -20.90 17.43 -16.32
CA TYR I 13 -20.93 16.38 -15.31
C TYR I 13 -22.18 15.51 -15.44
N PHE I 14 -23.32 16.11 -15.77
CA PHE I 14 -24.57 15.37 -15.82
C PHE I 14 -24.58 14.30 -16.91
N LYS I 15 -23.62 14.33 -17.83
CA LYS I 15 -23.45 13.24 -18.78
C LYS I 15 -22.31 12.30 -18.38
N GLU I 16 -21.15 12.85 -18.00
CA GLU I 16 -19.99 11.99 -17.74
C GLU I 16 -20.17 11.13 -16.49
N GLU I 17 -20.72 11.68 -15.41
CA GLU I 17 -20.90 10.87 -14.22
C GLU I 17 -21.81 9.67 -14.45
N PRO I 18 -22.96 9.81 -15.12
CA PRO I 18 -23.69 8.58 -15.51
C PRO I 18 -22.87 7.65 -16.39
N ILE I 19 -22.04 8.19 -17.29
CA ILE I 19 -21.22 7.34 -18.15
C ILE I 19 -20.18 6.57 -17.33
N ARG I 20 -19.53 7.24 -16.37
CA ARG I 20 -18.58 6.54 -15.50
C ARG I 20 -19.28 5.46 -14.67
N GLU I 21 -20.46 5.78 -14.13
CA GLU I 21 -21.21 4.78 -13.38
C GLU I 21 -21.58 3.59 -14.25
N LEU I 22 -21.99 3.86 -15.49
CA LEU I 22 -22.33 2.78 -16.41
C LEU I 22 -21.10 1.94 -16.76
N HIS I 23 -19.94 2.59 -16.90
CA HIS I 23 -18.71 1.87 -17.16
C HIS I 23 -18.41 0.91 -16.02
N LYS I 24 -18.56 1.37 -14.78
CA LYS I 24 -18.38 0.48 -13.63
C LYS I 24 -19.40 -0.66 -13.64
N ALA I 25 -20.67 -0.34 -13.94
CA ALA I 25 -21.71 -1.37 -13.95
C ALA I 25 -21.46 -2.40 -15.03
N LEU I 26 -20.95 -1.98 -16.19
CA LEU I 26 -20.65 -2.92 -17.27
C LEU I 26 -19.44 -3.77 -16.94
N GLU I 27 -18.42 -3.17 -16.30
CA GLU I 27 -17.29 -3.97 -15.83
C GLU I 27 -17.74 -5.02 -14.82
N ALA I 28 -18.75 -4.69 -14.01
CA ALA I 28 -19.30 -5.68 -13.09
C ALA I 28 -20.01 -6.81 -13.80
N LEU I 29 -20.39 -6.63 -15.06
CA LEU I 29 -21.04 -7.68 -15.84
C LEU I 29 -20.08 -8.35 -16.82
N ASP I 30 -18.77 -8.22 -16.59
CA ASP I 30 -17.74 -8.85 -17.43
C ASP I 30 -17.76 -8.30 -18.85
N PHE I 31 -17.70 -6.99 -18.97
CA PHE I 31 -17.48 -6.30 -20.24
C PHE I 31 -16.15 -5.58 -20.17
N GLN I 32 -15.44 -5.55 -21.30
CA GLN I 32 -14.21 -4.77 -21.43
C GLN I 32 -14.55 -3.46 -22.16
N ILE I 33 -14.26 -2.34 -21.52
CA ILE I 33 -14.62 -1.02 -22.05
C ILE I 33 -13.42 -0.44 -22.78
N VAL I 34 -13.64 0.01 -24.02
CA VAL I 34 -12.63 0.72 -24.80
C VAL I 34 -13.17 2.10 -25.15
N TYR I 35 -12.24 3.04 -25.37
CA TYR I 35 -12.56 4.46 -25.53
C TYR I 35 -11.92 4.99 -26.80
N PRO I 36 -12.58 4.86 -27.95
CA PRO I 36 -12.08 5.51 -29.16
C PRO I 36 -12.09 7.03 -29.00
N ASN I 37 -11.10 7.68 -29.60
CA ASN I 37 -10.95 9.12 -29.45
C ASN I 37 -11.93 9.90 -30.31
N ASP I 38 -12.32 9.36 -31.46
CA ASP I 38 -13.19 10.08 -32.37
C ASP I 38 -13.92 9.06 -33.25
N ARG I 39 -14.74 9.59 -34.16
CA ARG I 39 -15.57 8.73 -35.00
C ARG I 39 -14.72 7.84 -35.90
N GLU I 40 -13.66 8.38 -36.50
CA GLU I 40 -12.80 7.58 -37.36
C GLU I 40 -12.10 6.49 -36.56
N ASP I 41 -11.65 6.81 -35.34
CA ASP I 41 -11.07 5.81 -34.46
C ASP I 41 -12.06 4.69 -34.18
N LEU I 42 -13.32 5.05 -33.90
CA LEU I 42 -14.33 4.03 -33.64
CA LEU I 42 -14.33 4.03 -33.64
C LEU I 42 -14.56 3.15 -34.86
N LEU I 43 -14.62 3.76 -36.05
CA LEU I 43 -14.86 2.98 -37.26
C LEU I 43 -13.71 2.01 -37.54
N LYS I 44 -12.47 2.46 -37.37
CA LYS I 44 -11.33 1.56 -37.55
C LYS I 44 -11.32 0.46 -36.49
N LEU I 45 -11.69 0.80 -35.25
CA LEU I 45 -11.74 -0.20 -34.19
C LEU I 45 -12.78 -1.28 -34.51
N ILE I 46 -13.95 -0.88 -35.00
CA ILE I 46 -14.95 -1.86 -35.42
C ILE I 46 -14.41 -2.69 -36.57
N ASP I 47 -13.71 -2.05 -37.51
CA ASP I 47 -13.23 -2.72 -38.70
C ASP I 47 -12.18 -3.79 -38.36
N ASN I 48 -11.30 -3.51 -37.40
CA ASN I 48 -10.19 -4.41 -37.10
C ASN I 48 -10.51 -5.44 -36.01
N ASN I 49 -11.66 -5.35 -35.36
CA ASN I 49 -11.91 -6.18 -34.17
C ASN I 49 -13.34 -6.69 -34.23
N ALA I 50 -13.48 -7.96 -34.63
CA ALA I 50 -14.79 -8.58 -34.75
C ALA I 50 -15.41 -8.91 -33.40
N ARG I 51 -14.67 -8.79 -32.31
CA ARG I 51 -15.17 -9.10 -30.99
CA ARG I 51 -15.17 -9.10 -30.99
C ARG I 51 -15.93 -7.94 -30.35
N LEU I 52 -16.02 -6.79 -31.02
CA LEU I 52 -16.81 -5.67 -30.52
C LEU I 52 -18.28 -6.07 -30.49
N CYS I 53 -18.94 -5.84 -29.35
CA CYS I 53 -20.32 -6.26 -29.16
C CYS I 53 -21.28 -5.10 -28.93
N GLY I 54 -20.80 -3.87 -28.85
CA GLY I 54 -21.69 -2.74 -28.68
C GLY I 54 -20.94 -1.42 -28.74
N VAL I 55 -21.67 -0.38 -29.08
CA VAL I 55 -21.14 0.99 -29.18
C VAL I 55 -22.05 1.94 -28.42
N ILE I 56 -21.45 2.73 -27.54
CA ILE I 56 -22.16 3.75 -26.77
C ILE I 56 -21.66 5.12 -27.23
N PHE I 57 -22.60 6.01 -27.54
CA PHE I 57 -22.24 7.35 -27.97
C PHE I 57 -23.32 8.35 -27.59
N ASP I 58 -22.95 9.63 -27.63
CA ASP I 58 -23.84 10.73 -27.27
C ASP I 58 -24.57 11.24 -28.51
N TRP I 59 -25.90 11.21 -28.47
CA TRP I 59 -26.69 11.63 -29.63
C TRP I 59 -26.53 13.12 -29.91
N ASP I 60 -26.33 13.94 -28.87
CA ASP I 60 -26.11 15.37 -29.10
C ASP I 60 -24.84 15.61 -29.90
N THR I 61 -23.77 14.87 -29.60
CA THR I 61 -22.51 15.07 -30.31
C THR I 61 -22.56 14.50 -31.73
N TYR I 62 -23.14 13.31 -31.90
CA TYR I 62 -23.13 12.62 -33.18
C TYR I 62 -24.55 12.32 -33.64
N ASN I 63 -24.81 12.58 -34.92
CA ASN I 63 -26.09 12.26 -35.51
C ASN I 63 -26.21 10.76 -35.76
N LEU I 64 -27.42 10.32 -36.10
CA LEU I 64 -27.65 8.89 -36.30
C LEU I 64 -27.03 8.36 -37.60
N ASP I 65 -26.47 9.23 -38.45
CA ASP I 65 -25.73 8.75 -39.61
C ASP I 65 -24.47 7.98 -39.21
N LEU I 66 -23.93 8.24 -38.01
CA LEU I 66 -22.87 7.41 -37.48
C LEU I 66 -23.33 5.97 -37.31
N CYS I 67 -24.59 5.78 -36.88
CA CYS I 67 -25.16 4.45 -36.80
C CYS I 67 -25.24 3.80 -38.17
N GLU I 68 -25.56 4.58 -39.21
CA GLU I 68 -25.57 4.04 -40.57
C GLU I 68 -24.17 3.59 -40.98
N GLU I 69 -23.14 4.38 -40.63
CA GLU I 69 -21.77 3.98 -40.93
C GLU I 69 -21.41 2.68 -40.21
N ILE I 70 -21.82 2.56 -38.95
CA ILE I 70 -21.57 1.33 -38.20
C ILE I 70 -22.29 0.15 -38.85
N SER I 71 -23.56 0.34 -39.23
CA SER I 71 -24.36 -0.72 -39.80
C SER I 71 -23.82 -1.19 -41.14
N ALA I 72 -23.19 -0.30 -41.90
CA ALA I 72 -22.60 -0.71 -43.17
C ALA I 72 -21.50 -1.75 -42.97
N MET I 73 -20.85 -1.73 -41.80
CA MET I 73 -19.87 -2.77 -41.49
C MET I 73 -20.53 -3.99 -40.86
N ASN I 74 -21.47 -3.78 -39.94
CA ASN I 74 -22.11 -4.88 -39.21
C ASN I 74 -23.52 -4.41 -38.86
N GLU I 75 -24.51 -4.83 -39.65
CA GLU I 75 -25.88 -4.38 -39.46
C GLU I 75 -26.53 -4.96 -38.20
N HIS I 76 -25.93 -5.97 -37.57
CA HIS I 76 -26.47 -6.52 -36.34
C HIS I 76 -25.82 -5.95 -35.08
N LEU I 77 -24.73 -5.20 -35.22
CA LEU I 77 -24.00 -4.68 -34.06
C LEU I 77 -24.88 -3.71 -33.27
N PRO I 78 -25.11 -3.96 -31.98
CA PRO I 78 -25.97 -3.05 -31.21
C PRO I 78 -25.27 -1.73 -30.92
N VAL I 79 -26.01 -0.64 -31.11
CA VAL I 79 -25.52 0.71 -30.84
CA VAL I 79 -25.50 0.69 -30.81
C VAL I 79 -26.45 1.35 -29.82
N TYR I 80 -25.87 1.93 -28.78
CA TYR I 80 -26.63 2.57 -27.70
C TYR I 80 -26.42 4.08 -27.78
N ALA I 81 -27.49 4.80 -28.10
CA ALA I 81 -27.46 6.25 -28.22
C ALA I 81 -28.08 6.87 -26.99
N PHE I 82 -27.37 7.82 -26.39
CA PHE I 82 -27.84 8.52 -25.21
C PHE I 82 -28.48 9.84 -25.65
N ALA I 83 -29.76 9.99 -25.35
CA ALA I 83 -30.54 11.14 -25.78
C ALA I 83 -30.60 12.19 -24.68
N ASN I 84 -30.30 13.43 -25.03
CA ASN I 84 -30.48 14.56 -24.11
C ASN I 84 -31.37 15.63 -24.71
N THR I 85 -31.02 16.19 -25.87
CA THR I 85 -31.84 17.22 -26.48
C THR I 85 -32.76 16.67 -27.57
N HIS I 86 -32.38 15.59 -28.23
CA HIS I 86 -33.25 14.99 -29.24
C HIS I 86 -34.42 14.28 -28.57
N SER I 87 -35.57 14.33 -29.23
CA SER I 87 -36.79 13.69 -28.78
C SER I 87 -37.24 12.67 -29.81
N THR I 88 -38.44 12.11 -29.62
CA THR I 88 -39.02 11.22 -30.61
C THR I 88 -39.33 11.92 -31.92
N LEU I 89 -39.38 13.25 -31.94
CA LEU I 89 -39.60 14.00 -33.17
C LEU I 89 -38.38 14.03 -34.07
N ASP I 90 -37.22 13.56 -33.60
CA ASP I 90 -35.97 13.71 -34.32
C ASP I 90 -35.48 12.42 -34.94
N VAL I 91 -36.32 11.39 -35.03
CA VAL I 91 -35.95 10.11 -35.63
CA VAL I 91 -35.95 10.11 -35.62
C VAL I 91 -36.79 9.90 -36.88
N SER I 92 -36.15 9.51 -37.97
CA SER I 92 -36.85 9.16 -39.18
C SER I 92 -37.09 7.65 -39.21
N LEU I 93 -37.88 7.23 -40.20
CA LEU I 93 -38.14 5.81 -40.39
C LEU I 93 -36.84 5.06 -40.67
N ASN I 94 -36.00 5.62 -41.53
CA ASN I 94 -34.73 4.97 -41.86
C ASN I 94 -33.85 4.83 -40.62
N ASP I 95 -33.82 5.86 -39.78
CA ASP I 95 -33.07 5.76 -38.53
C ASP I 95 -33.61 4.63 -37.66
N LEU I 96 -34.94 4.54 -37.55
CA LEU I 96 -35.56 3.50 -36.73
C LEU I 96 -35.28 2.11 -37.28
N ARG I 97 -34.92 2.00 -38.56
CA ARG I 97 -34.53 0.70 -39.10
CA ARG I 97 -34.55 0.69 -39.10
C ARG I 97 -33.23 0.19 -38.50
N LEU I 98 -32.37 1.09 -38.05
CA LEU I 98 -31.08 0.68 -37.50
C LEU I 98 -31.25 -0.01 -36.15
N ASN I 99 -30.21 -0.75 -35.74
CA ASN I 99 -30.22 -1.47 -34.47
C ASN I 99 -29.72 -0.55 -33.35
N VAL I 100 -30.50 0.50 -33.10
CA VAL I 100 -30.14 1.50 -32.09
CA VAL I 100 -30.16 1.52 -32.10
C VAL I 100 -31.11 1.39 -30.92
N GLU I 101 -30.56 1.43 -29.71
CA GLU I 101 -31.33 1.48 -28.48
C GLU I 101 -31.01 2.78 -27.77
N PHE I 102 -32.04 3.48 -27.32
CA PHE I 102 -31.88 4.81 -26.75
C PHE I 102 -31.92 4.77 -25.23
N PHE I 103 -31.08 5.58 -24.60
CA PHE I 103 -31.01 5.70 -23.16
C PHE I 103 -30.98 7.17 -22.76
N GLU I 104 -31.01 7.42 -21.46
CA GLU I 104 -30.99 8.77 -20.93
C GLU I 104 -29.94 8.89 -19.83
N TYR I 105 -29.49 10.12 -19.59
CA TYR I 105 -28.49 10.40 -18.57
C TYR I 105 -29.18 10.63 -17.23
N ALA I 106 -28.84 9.82 -16.24
CA ALA I 106 -29.39 9.96 -14.90
C ALA I 106 -28.48 9.25 -13.91
N LEU I 107 -28.24 9.90 -12.78
CA LEU I 107 -27.50 9.25 -11.71
C LEU I 107 -28.31 8.10 -11.12
N GLY I 108 -27.64 7.00 -10.82
CA GLY I 108 -28.28 5.85 -10.23
C GLY I 108 -28.99 4.91 -11.18
N ALA I 109 -28.98 5.20 -12.49
CA ALA I 109 -29.63 4.34 -13.47
C ALA I 109 -28.66 3.38 -14.16
N ALA I 110 -27.40 3.35 -13.72
CA ALA I 110 -26.39 2.56 -14.43
C ALA I 110 -26.69 1.07 -14.39
N GLN I 111 -27.24 0.58 -13.27
CA GLN I 111 -27.52 -0.85 -13.13
C GLN I 111 -28.54 -1.31 -14.19
N ASP I 112 -29.64 -0.58 -14.31
CA ASP I 112 -30.69 -0.97 -15.26
C ASP I 112 -30.18 -0.89 -16.70
N ILE I 113 -29.44 0.16 -17.03
CA ILE I 113 -28.91 0.30 -18.39
C ILE I 113 -27.91 -0.82 -18.69
N ALA I 114 -27.06 -1.16 -17.73
CA ALA I 114 -26.13 -2.25 -17.93
C ALA I 114 -26.86 -3.57 -18.15
N GLN I 115 -27.94 -3.79 -17.40
CA GLN I 115 -28.76 -4.98 -17.62
C GLN I 115 -29.35 -5.00 -19.02
N LYS I 116 -29.85 -3.85 -19.49
CA LYS I 116 -30.39 -3.76 -20.84
C LYS I 116 -29.32 -4.05 -21.88
N ILE I 117 -28.10 -3.55 -21.66
CA ILE I 117 -27.01 -3.78 -22.59
C ILE I 117 -26.61 -5.26 -22.59
N ARG I 118 -26.62 -5.89 -21.41
CA ARG I 118 -26.34 -7.33 -21.34
C ARG I 118 -27.37 -8.12 -22.14
N GLN I 119 -28.64 -7.78 -21.99
CA GLN I 119 -29.69 -8.46 -22.76
C GLN I 119 -29.53 -8.22 -24.25
N SER I 120 -29.20 -6.99 -24.65
CA SER I 120 -29.02 -6.69 -26.06
C SER I 120 -27.82 -7.45 -26.64
N THR I 121 -26.74 -7.57 -25.86
CA THR I 121 -25.60 -8.38 -26.27
C THR I 121 -26.00 -9.84 -26.46
N ASP I 122 -26.78 -10.38 -25.52
CA ASP I 122 -27.25 -11.76 -25.65
C ASP I 122 -28.09 -11.92 -26.91
N ALA I 123 -28.96 -10.95 -27.20
CA ALA I 123 -29.78 -11.02 -28.39
C ALA I 123 -28.94 -10.96 -29.65
N TYR I 124 -27.92 -10.11 -29.67
CA TYR I 124 -27.02 -10.03 -30.82
C TYR I 124 -26.32 -11.37 -31.08
N ILE I 125 -25.78 -11.96 -30.02
CA ILE I 125 -25.09 -13.25 -30.15
C ILE I 125 -26.07 -14.32 -30.63
N ASP I 126 -27.27 -14.35 -30.06
CA ASP I 126 -28.28 -15.30 -30.50
C ASP I 126 -28.67 -15.09 -31.96
N GLU I 127 -28.65 -13.84 -32.41
CA GLU I 127 -29.03 -13.54 -33.79
C GLU I 127 -27.96 -14.01 -34.77
N ILE I 128 -26.69 -13.75 -34.48
CA ILE I 128 -25.67 -14.13 -35.47
C ILE I 128 -25.32 -15.61 -35.45
N LEU I 129 -25.53 -16.29 -34.33
CA LEU I 129 -25.17 -17.70 -34.25
C LEU I 129 -26.15 -18.55 -35.06
N PRO I 130 -25.68 -19.59 -35.73
CA PRO I 130 -26.60 -20.50 -36.40
C PRO I 130 -27.24 -21.47 -35.41
N PRO I 131 -28.35 -22.11 -35.78
CA PRO I 131 -29.15 -22.79 -34.74
C PRO I 131 -28.47 -23.99 -34.08
N LEU I 132 -27.85 -24.89 -34.85
CA LEU I 132 -27.22 -26.07 -34.27
CA LEU I 132 -27.24 -26.07 -34.25
C LEU I 132 -26.05 -25.68 -33.37
N THR I 133 -25.22 -24.74 -33.82
CA THR I 133 -24.08 -24.31 -33.01
C THR I 133 -24.54 -23.69 -31.70
N LYS I 134 -25.59 -22.86 -31.77
CA LYS I 134 -26.15 -22.27 -30.56
C LYS I 134 -26.67 -23.34 -29.60
N ALA I 135 -27.37 -24.34 -30.14
CA ALA I 135 -27.86 -25.43 -29.31
C ALA I 135 -26.70 -26.19 -28.65
N LEU I 136 -25.63 -26.44 -29.41
CA LEU I 136 -24.48 -27.15 -28.86
C LEU I 136 -23.81 -26.35 -27.75
N PHE I 137 -23.63 -25.04 -27.95
CA PHE I 137 -23.03 -24.21 -26.91
C PHE I 137 -23.89 -24.18 -25.66
N ASN I 138 -25.22 -24.06 -25.83
CA ASN I 138 -26.12 -24.06 -24.67
C ASN I 138 -26.04 -25.38 -23.92
N TYR I 139 -26.07 -26.50 -24.64
CA TYR I 139 -26.00 -27.79 -23.98
C TYR I 139 -24.70 -27.94 -23.21
N VAL I 140 -23.59 -27.48 -23.78
CA VAL I 140 -22.32 -27.54 -23.06
C VAL I 140 -22.42 -26.73 -21.78
N LYS I 141 -23.12 -25.59 -21.83
CA LYS I 141 -23.34 -24.82 -20.60
C LYS I 141 -24.18 -25.60 -19.59
N GLU I 142 -25.04 -26.52 -20.05
CA GLU I 142 -25.91 -27.26 -19.12
C GLU I 142 -25.11 -28.14 -18.15
N GLY I 143 -24.08 -28.81 -18.64
CA GLY I 143 -23.22 -29.62 -17.78
C GLY I 143 -23.82 -30.88 -17.16
N LYS I 144 -24.48 -31.70 -17.97
CA LYS I 144 -25.11 -32.92 -17.46
C LYS I 144 -24.08 -34.04 -17.25
N TYR I 145 -24.46 -35.02 -16.44
CA TYR I 145 -23.69 -36.24 -16.24
C TYR I 145 -24.09 -37.28 -17.28
N THR I 146 -23.11 -37.88 -17.94
CA THR I 146 -23.37 -38.85 -18.99
C THR I 146 -22.86 -40.22 -18.59
N PHE I 147 -23.71 -41.23 -18.75
CA PHE I 147 -23.31 -42.63 -18.68
C PHE I 147 -23.37 -43.27 -20.06
N CYS I 148 -23.13 -42.47 -21.09
CA CYS I 148 -23.29 -42.85 -22.49
C CYS I 148 -22.03 -42.49 -23.27
N THR I 149 -21.96 -42.97 -24.50
CA THR I 149 -20.84 -42.64 -25.37
C THR I 149 -20.88 -41.16 -25.76
N PRO I 150 -19.72 -40.55 -26.02
CA PRO I 150 -18.35 -41.13 -26.02
C PRO I 150 -17.83 -41.42 -24.62
N GLY I 151 -16.83 -42.31 -24.53
CA GLY I 151 -16.41 -42.83 -23.25
C GLY I 151 -15.68 -41.85 -22.36
N HIS I 152 -15.10 -40.79 -22.92
CA HIS I 152 -14.39 -39.83 -22.08
C HIS I 152 -15.32 -39.03 -21.18
N MET I 153 -16.64 -39.13 -21.39
CA MET I 153 -17.64 -38.53 -20.51
C MET I 153 -17.42 -37.04 -20.36
N GLY I 154 -17.32 -36.34 -21.48
CA GLY I 154 -17.06 -34.91 -21.45
C GLY I 154 -15.68 -34.51 -21.00
N GLY I 155 -14.70 -35.42 -21.09
CA GLY I 155 -13.33 -35.10 -20.75
C GLY I 155 -12.86 -35.57 -19.39
N THR I 156 -13.72 -36.19 -18.57
CA THR I 156 -13.32 -36.68 -17.25
C THR I 156 -12.19 -37.70 -17.36
N ALA I 157 -12.33 -38.66 -18.27
CA ALA I 157 -11.33 -39.70 -18.42
C ALA I 157 -9.97 -39.11 -18.76
N PHE I 158 -9.94 -38.08 -19.60
CA PHE I 158 -8.67 -37.42 -19.90
C PHE I 158 -8.06 -36.82 -18.65
N GLN I 159 -8.88 -36.17 -17.82
CA GLN I 159 -8.39 -35.53 -16.61
C GLN I 159 -7.91 -36.53 -15.58
N LYS I 160 -8.32 -37.79 -15.70
CA LYS I 160 -7.86 -38.82 -14.78
CA LYS I 160 -7.86 -38.81 -14.78
C LYS I 160 -6.52 -39.44 -15.17
N SER I 161 -5.92 -39.00 -16.27
CA SER I 161 -4.67 -39.57 -16.76
C SER I 161 -3.64 -38.47 -17.01
N PRO I 162 -2.34 -38.77 -16.78
CA PRO I 162 -1.31 -37.74 -17.01
C PRO I 162 -1.22 -37.29 -18.47
N VAL I 163 -0.99 -38.24 -19.37
CA VAL I 163 -0.93 -37.90 -20.79
C VAL I 163 -2.30 -37.41 -21.26
N GLY I 164 -3.36 -38.03 -20.73
CA GLY I 164 -4.71 -37.53 -21.00
C GLY I 164 -4.89 -36.10 -20.54
N SER I 165 -4.31 -35.74 -19.39
CA SER I 165 -4.42 -34.37 -18.93
C SER I 165 -3.65 -33.41 -19.82
N ILE I 166 -2.50 -33.84 -20.38
CA ILE I 166 -1.82 -33.00 -21.35
C ILE I 166 -2.72 -32.76 -22.57
N PHE I 167 -3.33 -33.83 -23.06
CA PHE I 167 -4.22 -33.72 -24.22
C PHE I 167 -5.40 -32.80 -23.93
N TYR I 168 -6.03 -32.98 -22.77
CA TYR I 168 -7.16 -32.15 -22.36
C TYR I 168 -6.77 -30.69 -22.24
N ASP I 169 -5.62 -30.42 -21.64
CA ASP I 169 -5.16 -29.04 -21.50
C ASP I 169 -4.87 -28.41 -22.85
N PHE I 170 -4.33 -29.18 -23.80
CA PHE I 170 -4.11 -28.66 -25.14
C PHE I 170 -5.42 -28.31 -25.83
N PHE I 171 -6.37 -29.25 -25.87
CA PHE I 171 -7.55 -29.03 -26.70
C PHE I 171 -8.61 -28.18 -25.99
N GLY I 172 -8.54 -28.02 -24.68
CA GLY I 172 -9.48 -27.20 -23.95
C GLY I 172 -10.71 -27.97 -23.50
N ALA I 173 -11.36 -27.42 -22.47
CA ALA I 173 -12.52 -28.08 -21.87
C ALA I 173 -13.71 -28.09 -22.83
N ASN I 174 -13.95 -26.98 -23.53
CA ASN I 174 -15.14 -26.87 -24.37
C ASN I 174 -15.13 -27.89 -25.50
N ALA I 175 -13.96 -28.11 -26.11
CA ALA I 175 -13.86 -29.09 -27.19
C ALA I 175 -14.22 -30.49 -26.69
N MET I 176 -13.77 -30.83 -25.48
CA MET I 176 -14.11 -32.12 -24.91
C MET I 176 -15.61 -32.21 -24.58
N LYS I 177 -16.17 -31.12 -24.03
CA LYS I 177 -17.55 -31.14 -23.57
C LYS I 177 -18.54 -31.17 -24.73
N SER I 178 -18.14 -30.63 -25.89
CA SER I 178 -18.99 -30.60 -27.07
C SER I 178 -18.93 -31.90 -27.87
N ASP I 179 -18.08 -32.84 -27.46
CA ASP I 179 -17.97 -34.15 -28.12
C ASP I 179 -19.04 -35.06 -27.51
N ILE I 180 -20.21 -35.08 -28.15
CA ILE I 180 -21.38 -35.77 -27.64
C ILE I 180 -21.91 -36.71 -28.71
N SER I 181 -22.99 -37.43 -28.37
CA SER I 181 -23.61 -38.37 -29.31
C SER I 181 -25.12 -38.16 -29.37
N ILE I 182 -25.82 -39.04 -30.08
CA ILE I 182 -27.27 -38.92 -30.20
C ILE I 182 -28.01 -39.30 -28.92
N SER I 183 -27.30 -39.82 -27.92
CA SER I 183 -27.92 -40.02 -26.61
C SER I 183 -28.45 -38.71 -26.05
N VAL I 184 -27.86 -37.59 -26.45
CA VAL I 184 -28.38 -36.27 -26.11
C VAL I 184 -29.47 -35.89 -27.10
N GLY I 185 -30.72 -36.21 -26.76
CA GLY I 185 -31.82 -36.02 -27.69
C GLY I 185 -32.15 -34.57 -27.98
N GLU I 186 -31.70 -33.65 -27.14
CA GLU I 186 -32.05 -32.24 -27.31
C GLU I 186 -31.49 -31.66 -28.60
N LEU I 187 -30.33 -32.15 -29.06
CA LEU I 187 -29.74 -31.64 -30.29
C LEU I 187 -30.19 -32.41 -31.53
N GLY I 188 -31.05 -33.41 -31.39
CA GLY I 188 -31.49 -34.14 -32.56
C GLY I 188 -30.40 -35.07 -33.09
N SER I 189 -30.57 -35.47 -34.34
CA SER I 189 -29.69 -36.45 -34.96
C SER I 189 -29.33 -36.00 -36.37
N LEU I 190 -28.05 -36.11 -36.71
CA LEU I 190 -27.61 -35.84 -38.07
C LEU I 190 -28.19 -36.87 -39.03
N LEU I 191 -28.15 -38.15 -38.66
CA LEU I 191 -28.60 -39.21 -39.55
C LEU I 191 -30.09 -39.09 -39.86
N ASP I 192 -30.89 -38.73 -38.85
CA ASP I 192 -32.34 -38.62 -39.00
C ASP I 192 -32.79 -37.23 -39.45
N HIS I 193 -31.88 -36.26 -39.56
CA HIS I 193 -32.23 -34.90 -40.00
C HIS I 193 -33.33 -34.32 -39.13
N SER I 194 -33.14 -34.42 -37.82
CA SER I 194 -34.15 -34.06 -36.83
C SER I 194 -33.64 -32.92 -35.96
N GLY I 195 -34.59 -32.20 -35.36
CA GLY I 195 -34.30 -31.18 -34.40
C GLY I 195 -33.45 -30.06 -34.97
N PRO I 196 -32.47 -29.59 -34.19
CA PRO I 196 -31.60 -28.53 -34.68
C PRO I 196 -30.81 -28.90 -35.92
N HIS I 197 -30.59 -30.20 -36.17
CA HIS I 197 -29.90 -30.60 -37.39
C HIS I 197 -30.70 -30.23 -38.64
N LYS I 198 -32.02 -30.44 -38.59
CA LYS I 198 -32.86 -30.11 -39.74
C LYS I 198 -32.84 -28.61 -40.00
N GLU I 199 -32.94 -27.80 -38.95
CA GLU I 199 -32.85 -26.35 -39.13
C GLU I 199 -31.48 -25.92 -39.63
N ALA I 200 -30.42 -26.58 -39.16
CA ALA I 200 -29.10 -26.28 -39.69
C ALA I 200 -29.02 -26.58 -41.18
N GLU I 201 -29.61 -27.71 -41.61
CA GLU I 201 -29.60 -28.07 -43.02
C GLU I 201 -30.35 -27.04 -43.85
N GLU I 202 -31.53 -26.60 -43.36
CA GLU I 202 -32.30 -25.59 -44.10
C GLU I 202 -31.57 -24.25 -44.11
N TYR I 203 -30.92 -23.91 -43.00
CA TYR I 203 -30.11 -22.69 -42.92
C TYR I 203 -29.01 -22.71 -43.97
N ILE I 204 -28.31 -23.84 -44.08
CA ILE I 204 -27.23 -23.96 -45.06
C ILE I 204 -27.77 -23.88 -46.47
N ALA I 205 -28.89 -24.58 -46.75
CA ALA I 205 -29.47 -24.53 -48.09
C ALA I 205 -29.87 -23.11 -48.47
N ARG I 206 -30.46 -22.37 -47.54
CA ARG I 206 -30.80 -20.97 -47.82
C ARG I 206 -29.55 -20.14 -48.09
N THR I 207 -28.51 -20.35 -47.28
CA THR I 207 -27.29 -19.54 -47.42
C THR I 207 -26.55 -19.83 -48.72
N PHE I 208 -26.56 -21.08 -49.19
CA PHE I 208 -25.77 -21.49 -50.33
C PHE I 208 -26.59 -21.62 -51.62
N ASN I 209 -27.81 -21.09 -51.63
CA ASN I 209 -28.67 -21.10 -52.82
C ASN I 209 -28.93 -22.52 -53.32
N ALA I 210 -29.17 -23.44 -52.40
CA ALA I 210 -29.50 -24.81 -52.72
C ALA I 210 -30.95 -25.10 -52.35
N GLU I 211 -31.60 -25.94 -53.16
CA GLU I 211 -32.92 -26.43 -52.77
C GLU I 211 -32.83 -27.28 -51.51
N ARG I 212 -31.81 -28.13 -51.40
CA ARG I 212 -31.56 -28.81 -50.14
C ARG I 212 -30.08 -29.07 -49.97
N SER I 213 -29.66 -29.24 -48.72
CA SER I 213 -28.25 -29.39 -48.39
C SER I 213 -28.08 -30.50 -47.39
N TYR I 214 -26.92 -31.15 -47.44
CA TYR I 214 -26.56 -32.22 -46.53
C TYR I 214 -25.17 -31.98 -46.00
N MET I 215 -24.99 -32.34 -44.73
CA MET I 215 -23.74 -32.16 -44.00
C MET I 215 -23.00 -33.49 -43.97
N VAL I 216 -21.76 -33.50 -44.45
CA VAL I 216 -20.94 -34.71 -44.51
C VAL I 216 -19.73 -34.49 -43.61
N THR I 217 -19.45 -35.45 -42.73
CA THR I 217 -18.34 -35.34 -41.79
C THR I 217 -17.15 -36.20 -42.19
N ASN I 218 -17.13 -36.75 -43.39
CA ASN I 218 -15.95 -37.46 -43.88
C ASN I 218 -15.45 -36.89 -45.21
N GLY I 219 -15.68 -35.60 -45.45
CA GLY I 219 -15.07 -34.90 -46.55
C GLY I 219 -15.81 -35.04 -47.87
N THR I 220 -15.35 -34.24 -48.84
CA THR I 220 -15.92 -34.29 -50.17
C THR I 220 -15.67 -35.63 -50.84
N SER I 221 -14.67 -36.39 -50.41
CA SER I 221 -14.55 -37.76 -50.90
C SER I 221 -15.83 -38.55 -50.63
N THR I 222 -16.29 -38.51 -49.37
CA THR I 222 -17.53 -39.18 -49.01
C THR I 222 -18.73 -38.54 -49.68
N ALA I 223 -18.75 -37.20 -49.78
CA ALA I 223 -19.87 -36.53 -50.44
C ALA I 223 -20.00 -36.96 -51.89
N ASN I 224 -18.87 -37.04 -52.60
CA ASN I 224 -18.85 -37.53 -53.98
C ASN I 224 -19.36 -38.96 -54.04
N LYS I 225 -18.94 -39.81 -53.10
CA LYS I 225 -19.41 -41.19 -53.12
C LYS I 225 -20.93 -41.26 -52.92
N ILE I 226 -21.46 -40.44 -52.01
CA ILE I 226 -22.90 -40.44 -51.76
C ILE I 226 -23.65 -40.03 -53.03
N VAL I 227 -23.25 -38.91 -53.64
CA VAL I 227 -23.94 -38.44 -54.84
C VAL I 227 -23.84 -39.46 -55.96
N GLY I 228 -22.64 -40.00 -56.18
CA GLY I 228 -22.44 -40.93 -57.27
C GLY I 228 -23.23 -42.22 -57.10
N MET I 229 -23.27 -42.76 -55.88
CA MET I 229 -24.03 -43.98 -55.66
C MET I 229 -25.53 -43.75 -55.75
N TYR I 230 -26.01 -42.58 -55.31
CA TYR I 230 -27.42 -42.30 -55.53
C TYR I 230 -27.74 -42.20 -57.02
N SER I 231 -26.81 -41.63 -57.79
CA SER I 231 -27.10 -41.27 -59.18
C SER I 231 -26.74 -42.34 -60.21
N ALA I 232 -25.86 -43.29 -59.86
CA ALA I 232 -25.32 -44.24 -60.83
C ALA I 232 -25.54 -45.66 -60.37
N PRO I 233 -26.67 -46.27 -60.74
CA PRO I 233 -26.90 -47.68 -60.40
C PRO I 233 -25.91 -48.58 -61.14
N ALA I 234 -25.70 -49.76 -60.57
CA ALA I 234 -24.80 -50.73 -61.18
C ALA I 234 -25.28 -51.08 -62.59
N GLY I 235 -24.34 -51.17 -63.52
CA GLY I 235 -24.65 -51.42 -64.91
C GLY I 235 -24.90 -50.18 -65.74
N SER I 236 -24.92 -49.00 -65.13
CA SER I 236 -25.12 -47.76 -65.87
C SER I 236 -23.79 -47.18 -66.35
N THR I 237 -23.89 -46.16 -67.20
CA THR I 237 -22.74 -45.44 -67.74
C THR I 237 -22.69 -44.03 -67.17
N VAL I 238 -21.49 -43.58 -66.81
CA VAL I 238 -21.29 -42.27 -66.21
C VAL I 238 -20.24 -41.52 -67.02
N LEU I 239 -20.47 -40.23 -67.21
CA LEU I 239 -19.47 -39.32 -67.76
C LEU I 239 -18.62 -38.77 -66.62
N ILE I 240 -17.31 -38.91 -66.72
CA ILE I 240 -16.39 -38.50 -65.67
C ILE I 240 -15.36 -37.55 -66.26
N ASP I 241 -15.15 -36.41 -65.59
CA ASP I 241 -14.00 -35.56 -65.88
C ASP I 241 -12.72 -36.36 -65.69
N ARG I 242 -11.88 -36.41 -66.72
CA ARG I 242 -10.60 -37.09 -66.56
C ARG I 242 -9.74 -36.41 -65.50
N ASN I 243 -9.94 -35.11 -65.31
CA ASN I 243 -9.35 -34.40 -64.18
C ASN I 243 -10.34 -34.56 -63.02
N CYS I 244 -10.28 -35.72 -62.39
CA CYS I 244 -11.18 -36.06 -61.29
C CYS I 244 -10.36 -36.43 -60.06
N HIS I 245 -10.90 -36.08 -58.90
CA HIS I 245 -10.30 -36.49 -57.65
C HIS I 245 -10.39 -38.00 -57.51
N LYS I 246 -9.47 -38.57 -56.72
CA LYS I 246 -9.41 -40.02 -56.58
C LYS I 246 -10.68 -40.60 -55.95
N SER I 247 -11.50 -39.78 -55.32
CA SER I 247 -12.75 -40.27 -54.76
C SER I 247 -13.69 -40.79 -55.84
N LEU I 248 -13.72 -40.13 -57.00
CA LEU I 248 -14.54 -40.62 -58.10
C LEU I 248 -14.04 -41.99 -58.58
N THR I 249 -12.72 -42.18 -58.61
CA THR I 249 -12.17 -43.49 -58.93
C THR I 249 -12.54 -44.52 -57.88
N HIS I 250 -12.52 -44.14 -56.60
CA HIS I 250 -12.99 -45.05 -55.55
C HIS I 250 -14.44 -45.45 -55.79
N LEU I 251 -15.27 -44.48 -56.21
CA LEU I 251 -16.66 -44.78 -56.53
C LEU I 251 -16.77 -45.74 -57.70
N MET I 252 -15.94 -45.56 -58.73
CA MET I 252 -15.96 -46.47 -59.87
C MET I 252 -15.51 -47.88 -59.48
N MET I 253 -14.60 -47.99 -58.52
CA MET I 253 -14.22 -49.31 -58.01
C MET I 253 -15.30 -49.88 -57.10
N MET I 254 -16.13 -49.02 -56.51
CA MET I 254 -17.20 -49.47 -55.62
C MET I 254 -18.21 -50.35 -56.35
N SER I 255 -18.72 -49.88 -57.48
CA SER I 255 -19.81 -50.53 -58.17
C SER I 255 -19.52 -50.63 -59.66
N ASP I 256 -20.19 -51.58 -60.30
CA ASP I 256 -19.98 -51.86 -61.72
C ASP I 256 -20.69 -50.77 -62.51
N ILE I 257 -19.93 -49.75 -62.89
CA ILE I 257 -20.42 -48.68 -63.75
C ILE I 257 -19.37 -48.46 -64.84
N THR I 258 -19.83 -48.27 -66.06
CA THR I 258 -18.94 -48.04 -67.19
C THR I 258 -18.68 -46.55 -67.33
N PRO I 259 -17.44 -46.09 -67.19
CA PRO I 259 -17.17 -44.67 -67.36
C PRO I 259 -16.80 -44.30 -68.78
N ILE I 260 -17.20 -43.09 -69.16
CA ILE I 260 -16.70 -42.43 -70.35
C ILE I 260 -16.13 -41.08 -69.92
N TYR I 261 -14.93 -40.77 -70.40
CA TYR I 261 -14.13 -39.70 -69.83
C TYR I 261 -14.24 -38.42 -70.67
N PHE I 262 -14.58 -37.32 -70.01
CA PHE I 262 -14.36 -36.01 -70.59
C PHE I 262 -12.87 -35.75 -70.70
N ARG I 263 -12.44 -35.16 -71.82
CA ARG I 263 -11.02 -34.93 -72.06
C ARG I 263 -10.68 -33.48 -71.75
N PRO I 264 -9.93 -33.20 -70.70
CA PRO I 264 -9.53 -31.83 -70.41
C PRO I 264 -8.25 -31.44 -71.14
N THR I 265 -7.96 -30.15 -71.11
CA THR I 265 -6.77 -29.61 -71.75
C THR I 265 -5.71 -29.30 -70.71
N ARG I 266 -4.53 -28.88 -71.19
CA ARG I 266 -3.42 -28.54 -70.33
C ARG I 266 -2.50 -27.60 -71.11
N ASN I 267 -1.68 -26.85 -70.37
CA ASN I 267 -0.70 -25.96 -70.97
C ASN I 267 0.71 -26.49 -70.71
N ALA I 268 1.70 -25.69 -71.12
CA ALA I 268 3.09 -26.12 -71.02
C ALA I 268 3.52 -26.33 -69.58
N TYR I 269 2.95 -25.54 -68.65
CA TYR I 269 3.31 -25.69 -67.23
C TYR I 269 2.70 -26.93 -66.59
N GLY I 270 1.83 -27.65 -67.29
CA GLY I 270 1.07 -28.71 -66.66
C GLY I 270 -0.17 -28.23 -65.95
N ILE I 271 -0.49 -26.94 -66.01
CA ILE I 271 -1.71 -26.43 -65.43
C ILE I 271 -2.90 -27.03 -66.18
N LEU I 272 -3.82 -27.64 -65.42
CA LEU I 272 -4.96 -28.31 -66.02
C LEU I 272 -6.00 -27.30 -66.49
N GLY I 273 -6.33 -27.35 -67.77
CA GLY I 273 -7.38 -26.54 -68.34
C GLY I 273 -8.73 -27.22 -68.26
N GLY I 274 -9.70 -26.61 -68.92
CA GLY I 274 -11.05 -27.13 -68.92
C GLY I 274 -11.31 -28.10 -70.05
N ILE I 275 -12.44 -28.79 -69.92
CA ILE I 275 -12.92 -29.65 -71.01
C ILE I 275 -13.45 -28.77 -72.13
N PRO I 276 -13.09 -29.01 -73.38
CA PRO I 276 -13.62 -28.21 -74.48
C PRO I 276 -15.12 -28.38 -74.63
N LYS I 277 -15.76 -27.36 -75.23
CA LYS I 277 -17.20 -27.35 -75.41
C LYS I 277 -17.70 -28.50 -76.27
N SER I 278 -16.85 -29.07 -77.13
CA SER I 278 -17.27 -30.18 -77.96
C SER I 278 -17.62 -31.41 -77.13
N GLU I 279 -16.88 -31.64 -76.05
CA GLU I 279 -17.07 -32.86 -75.27
C GLU I 279 -18.44 -32.94 -74.61
N PHE I 280 -19.11 -31.81 -74.45
CA PHE I 280 -20.45 -31.79 -73.87
C PHE I 280 -21.54 -31.95 -74.92
N GLN I 281 -21.19 -32.09 -76.19
CA GLN I 281 -22.17 -32.18 -77.26
C GLN I 281 -22.74 -33.59 -77.37
N HIS I 282 -23.98 -33.67 -77.84
CA HIS I 282 -24.67 -34.95 -77.91
C HIS I 282 -23.96 -35.92 -78.85
N ASP I 283 -23.49 -35.43 -80.00
CA ASP I 283 -22.87 -36.31 -80.99
C ASP I 283 -21.59 -36.94 -80.46
N THR I 284 -20.74 -36.15 -79.79
CA THR I 284 -19.50 -36.70 -79.25
C THR I 284 -19.80 -37.78 -78.22
N ILE I 285 -20.72 -37.51 -77.31
CA ILE I 285 -21.05 -38.48 -76.27
C ILE I 285 -21.63 -39.74 -76.88
N ALA I 286 -22.51 -39.59 -77.88
CA ALA I 286 -23.10 -40.75 -78.53
C ALA I 286 -22.04 -41.59 -79.24
N GLU I 287 -21.09 -40.94 -79.90
CA GLU I 287 -20.00 -41.67 -80.54
C GLU I 287 -19.18 -42.43 -79.52
N ARG I 288 -18.86 -41.80 -78.38
CA ARG I 288 -18.10 -42.50 -77.35
C ARG I 288 -18.88 -43.67 -76.75
N VAL I 289 -20.20 -43.49 -76.58
CA VAL I 289 -21.01 -44.59 -76.07
C VAL I 289 -20.98 -45.76 -77.06
N ALA I 290 -21.09 -45.45 -78.35
CA ALA I 290 -21.05 -46.50 -79.37
C ALA I 290 -19.70 -47.22 -79.37
N GLN I 291 -18.61 -46.47 -79.20
CA GLN I 291 -17.28 -47.05 -79.29
C GLN I 291 -16.85 -47.73 -77.99
N THR I 292 -17.66 -47.68 -76.95
CA THR I 292 -17.30 -48.25 -75.66
C THR I 292 -18.14 -49.48 -75.37
N PRO I 293 -17.52 -50.63 -75.09
CA PRO I 293 -18.28 -51.84 -74.79
C PRO I 293 -19.13 -51.68 -73.54
N ASN I 294 -20.32 -52.28 -73.57
CA ASN I 294 -21.26 -52.29 -72.46
C ASN I 294 -21.68 -50.90 -72.01
N ALA I 295 -21.62 -49.92 -72.91
CA ALA I 295 -21.92 -48.53 -72.58
C ALA I 295 -23.26 -48.14 -73.17
N THR I 296 -24.09 -47.51 -72.35
CA THR I 296 -25.38 -46.97 -72.75
C THR I 296 -25.32 -45.45 -72.63
N TRP I 297 -26.45 -44.80 -72.84
CA TRP I 297 -26.49 -43.35 -72.68
C TRP I 297 -26.22 -43.02 -71.21
N PRO I 298 -25.26 -42.14 -70.92
CA PRO I 298 -24.92 -41.87 -69.53
C PRO I 298 -26.09 -41.32 -68.74
N VAL I 299 -26.21 -41.77 -67.49
CA VAL I 299 -27.27 -41.30 -66.60
C VAL I 299 -26.76 -40.30 -65.57
N HIS I 300 -25.44 -40.07 -65.53
CA HIS I 300 -24.84 -39.18 -64.55
C HIS I 300 -23.54 -38.63 -65.13
N ALA I 301 -23.25 -37.37 -64.85
CA ALA I 301 -21.98 -36.77 -65.27
C ALA I 301 -21.37 -36.00 -64.11
N VAL I 302 -20.04 -36.06 -64.01
CA VAL I 302 -19.29 -35.40 -62.95
C VAL I 302 -18.25 -34.50 -63.60
N VAL I 303 -18.25 -33.23 -63.21
CA VAL I 303 -17.33 -32.23 -63.73
C VAL I 303 -16.67 -31.52 -62.55
N THR I 304 -15.35 -31.37 -62.61
CA THR I 304 -14.61 -30.67 -61.56
C THR I 304 -14.62 -29.17 -61.86
N ASN I 305 -15.26 -28.39 -60.99
CA ASN I 305 -15.39 -26.95 -61.16
C ASN I 305 -15.27 -26.29 -59.79
N SER I 306 -14.21 -25.53 -59.56
CA SER I 306 -13.20 -25.24 -60.57
C SER I 306 -12.09 -26.28 -60.57
N THR I 307 -11.10 -26.08 -61.44
CA THR I 307 -9.89 -26.88 -61.40
C THR I 307 -9.06 -26.48 -60.18
N TYR I 308 -8.07 -27.32 -59.86
CA TYR I 308 -7.14 -27.02 -58.77
C TYR I 308 -6.49 -25.66 -58.96
N ASP I 309 -6.22 -25.28 -60.20
CA ASP I 309 -5.54 -24.04 -60.51
C ASP I 309 -6.48 -22.85 -60.67
N GLY I 310 -7.76 -23.03 -60.39
CA GLY I 310 -8.69 -21.92 -60.36
C GLY I 310 -9.39 -21.60 -61.66
N LEU I 311 -9.55 -22.58 -62.55
CA LEU I 311 -10.28 -22.37 -63.79
C LEU I 311 -11.74 -22.79 -63.60
N LEU I 312 -12.64 -21.82 -63.74
CA LEU I 312 -14.07 -22.03 -63.58
C LEU I 312 -14.74 -22.11 -64.95
N TYR I 313 -15.70 -23.03 -65.08
CA TYR I 313 -16.46 -23.15 -66.31
C TYR I 313 -17.63 -22.17 -66.33
N ASN I 314 -18.13 -21.92 -67.54
CA ASN I 314 -19.43 -21.30 -67.72
C ASN I 314 -20.45 -22.42 -67.53
N THR I 315 -21.02 -22.51 -66.33
CA THR I 315 -21.87 -23.65 -66.00
C THR I 315 -23.24 -23.59 -66.68
N ASP I 316 -23.69 -22.41 -67.10
CA ASP I 316 -24.96 -22.32 -67.80
C ASP I 316 -24.91 -23.10 -69.10
N TYR I 317 -23.82 -22.98 -69.85
CA TYR I 317 -23.67 -23.73 -71.09
C TYR I 317 -23.64 -25.23 -70.81
N ILE I 318 -22.94 -25.64 -69.75
CA ILE I 318 -22.88 -27.05 -69.42
C ILE I 318 -24.27 -27.59 -69.09
N LYS I 319 -25.03 -26.82 -68.30
CA LYS I 319 -26.38 -27.24 -67.94
C LYS I 319 -27.28 -27.34 -69.18
N GLU I 320 -27.17 -26.38 -70.09
CA GLU I 320 -28.03 -26.39 -71.27
C GLU I 320 -27.64 -27.48 -72.25
N ALA I 321 -26.34 -27.68 -72.46
CA ALA I 321 -25.85 -28.52 -73.55
C ALA I 321 -25.78 -30.00 -73.17
N LEU I 322 -25.35 -30.30 -71.94
CA LEU I 322 -25.15 -31.68 -71.52
C LEU I 322 -26.50 -32.38 -71.37
N ASP I 323 -26.76 -33.36 -72.23
CA ASP I 323 -28.05 -34.05 -72.28
C ASP I 323 -28.07 -35.27 -71.37
N VAL I 324 -27.73 -35.06 -70.11
CA VAL I 324 -27.76 -36.10 -69.09
C VAL I 324 -28.60 -35.57 -67.92
N LYS I 325 -29.48 -36.41 -67.39
CA LYS I 325 -30.46 -35.96 -66.41
C LYS I 325 -29.86 -35.65 -65.04
N SER I 326 -28.62 -36.06 -64.77
CA SER I 326 -28.00 -35.84 -63.47
C SER I 326 -26.61 -35.27 -63.67
N ILE I 327 -26.39 -34.04 -63.19
CA ILE I 327 -25.12 -33.35 -63.35
C ILE I 327 -24.57 -33.06 -61.96
N HIS I 328 -23.29 -33.37 -61.74
CA HIS I 328 -22.66 -33.19 -60.44
C HIS I 328 -21.37 -32.42 -60.63
N PHE I 329 -21.31 -31.23 -60.03
CA PHE I 329 -20.11 -30.41 -60.03
C PHE I 329 -19.35 -30.68 -58.73
N ASP I 330 -18.20 -31.32 -58.85
CA ASP I 330 -17.25 -31.40 -57.76
C ASP I 330 -16.65 -30.01 -57.56
N SER I 331 -17.21 -29.26 -56.63
CA SER I 331 -16.84 -27.88 -56.38
C SER I 331 -16.10 -27.75 -55.05
N ALA I 332 -15.26 -28.75 -54.75
CA ALA I 332 -14.53 -28.77 -53.49
C ALA I 332 -13.68 -27.52 -53.31
N TRP I 333 -13.17 -26.96 -54.41
CA TRP I 333 -12.27 -25.82 -54.36
C TRP I 333 -12.98 -24.47 -54.35
N VAL I 334 -14.28 -24.43 -54.59
CA VAL I 334 -14.98 -23.14 -54.66
C VAL I 334 -16.27 -23.15 -53.84
N PRO I 335 -16.20 -23.22 -52.51
CA PRO I 335 -17.44 -23.15 -51.71
C PRO I 335 -17.97 -21.73 -51.53
N TYR I 336 -17.26 -20.71 -52.03
CA TYR I 336 -17.62 -19.32 -51.79
C TYR I 336 -18.36 -18.67 -52.96
N THR I 337 -18.71 -19.45 -53.99
CA THR I 337 -19.20 -18.84 -55.24
C THR I 337 -20.49 -18.07 -55.05
N ASN I 338 -21.36 -18.49 -54.14
CA ASN I 338 -22.65 -17.82 -53.95
C ASN I 338 -22.51 -16.45 -53.31
N PHE I 339 -21.32 -16.09 -52.81
CA PHE I 339 -21.17 -14.93 -51.94
C PHE I 339 -20.41 -13.78 -52.59
N SER I 340 -20.28 -13.81 -53.93
CA SER I 340 -19.70 -12.71 -54.66
C SER I 340 -20.29 -12.70 -56.06
N PRO I 341 -20.73 -11.53 -56.55
CA PRO I 341 -21.31 -11.49 -57.91
C PRO I 341 -20.33 -11.82 -59.02
N ILE I 342 -19.02 -11.77 -58.77
CA ILE I 342 -18.05 -12.09 -59.81
C ILE I 342 -18.15 -13.54 -60.25
N TYR I 343 -18.73 -14.41 -59.43
CA TYR I 343 -18.84 -15.83 -59.74
C TYR I 343 -20.18 -16.21 -60.35
N LYS I 344 -21.03 -15.24 -60.67
CA LYS I 344 -22.36 -15.55 -61.19
C LYS I 344 -22.26 -16.31 -62.50
N GLY I 345 -23.05 -17.38 -62.61
CA GLY I 345 -23.02 -18.24 -63.76
C GLY I 345 -21.81 -19.13 -63.86
N LEU I 346 -20.92 -19.11 -62.87
CA LEU I 346 -19.71 -19.92 -62.90
C LEU I 346 -19.74 -21.05 -61.88
N CYS I 347 -20.92 -21.40 -61.36
CA CYS I 347 -21.04 -22.43 -60.35
C CYS I 347 -22.32 -23.23 -60.56
N GLY I 348 -22.35 -24.43 -59.99
CA GLY I 348 -23.46 -25.34 -60.24
C GLY I 348 -24.78 -24.85 -59.69
N MET I 349 -24.75 -24.19 -58.54
CA MET I 349 -25.98 -23.69 -57.93
C MET I 349 -26.46 -22.38 -58.52
N SER I 350 -25.70 -21.79 -59.44
CA SER I 350 -26.08 -20.50 -60.01
C SER I 350 -27.38 -20.63 -60.79
N GLY I 351 -28.21 -19.59 -60.71
CA GLY I 351 -29.47 -19.60 -61.42
C GLY I 351 -30.50 -20.47 -60.72
N GLY I 352 -31.54 -20.81 -61.50
CA GLY I 352 -32.64 -21.60 -60.99
C GLY I 352 -32.52 -23.07 -61.36
N ARG I 353 -33.56 -23.80 -61.00
CA ARG I 353 -33.60 -25.24 -61.26
C ARG I 353 -33.73 -25.51 -62.76
N VAL I 354 -32.97 -26.49 -63.23
CA VAL I 354 -32.99 -26.89 -64.64
C VAL I 354 -34.09 -27.92 -64.84
N GLU I 355 -34.93 -27.70 -65.84
CA GLU I 355 -36.04 -28.60 -66.11
C GLU I 355 -35.54 -29.95 -66.59
N GLY I 356 -36.08 -31.02 -66.00
CA GLY I 356 -35.71 -32.36 -66.42
C GLY I 356 -34.33 -32.81 -65.99
N LYS I 357 -33.72 -32.12 -65.03
CA LYS I 357 -32.38 -32.46 -64.57
C LYS I 357 -32.26 -32.19 -63.09
N VAL I 358 -31.30 -32.86 -62.46
CA VAL I 358 -30.91 -32.56 -61.09
C VAL I 358 -29.45 -32.12 -61.09
N ILE I 359 -29.14 -31.11 -60.29
CA ILE I 359 -27.81 -30.54 -60.20
C ILE I 359 -27.29 -30.74 -58.78
N TYR I 360 -26.08 -31.28 -58.68
CA TYR I 360 -25.40 -31.44 -57.41
C TYR I 360 -24.16 -30.57 -57.39
N GLU I 361 -23.85 -30.02 -56.23
CA GLU I 361 -22.56 -29.41 -55.96
C GLU I 361 -21.98 -30.06 -54.72
N THR I 362 -20.76 -30.56 -54.81
CA THR I 362 -20.05 -31.03 -53.64
C THR I 362 -18.98 -29.99 -53.28
N GLN I 363 -19.02 -29.50 -52.04
CA GLN I 363 -18.12 -28.45 -51.61
C GLN I 363 -17.33 -28.91 -50.38
N SER I 364 -16.04 -28.61 -50.38
CA SER I 364 -15.19 -28.83 -49.22
CA SER I 364 -15.19 -28.83 -49.22
C SER I 364 -15.19 -27.55 -48.40
N THR I 365 -16.01 -27.52 -47.35
CA THR I 365 -16.11 -26.34 -46.51
C THR I 365 -14.81 -26.05 -45.78
N HIS I 366 -13.99 -27.07 -45.53
CA HIS I 366 -12.75 -26.87 -44.81
C HIS I 366 -11.66 -26.30 -45.70
N1 LLP I 367 -12.58 -33.57 -55.04
C2 LLP I 367 -11.81 -32.50 -55.24
C2' LLP I 367 -11.81 -31.85 -56.59
C3 LLP I 367 -11.01 -32.00 -54.21
O3 LLP I 367 -10.24 -30.89 -54.46
C4 LLP I 367 -11.00 -32.65 -52.97
C4' LLP I 367 -10.23 -32.11 -51.85
C5 LLP I 367 -11.84 -33.76 -52.78
C6 LLP I 367 -12.59 -34.18 -53.85
C5' LLP I 367 -11.90 -34.51 -51.48
OP4 LLP I 367 -12.32 -33.65 -50.37
P LLP I 367 -11.96 -34.01 -48.84
OP1 LLP I 367 -12.68 -32.97 -48.01
OP2 LLP I 367 -10.45 -33.90 -48.74
OP3 LLP I 367 -12.46 -35.42 -48.61
N LLP I 367 -11.71 -26.57 -47.00
CA LLP I 367 -10.61 -26.17 -47.91
CB LLP I 367 -10.70 -26.91 -49.25
CG LLP I 367 -10.04 -28.29 -49.27
CD LLP I 367 -10.14 -29.00 -50.60
CE LLP I 367 -9.35 -30.29 -50.67
NZ LLP I 367 -9.65 -30.99 -51.92
C LLP I 367 -10.60 -24.65 -48.12
O LLP I 367 -9.54 -24.06 -47.89
N LEU I 368 -11.69 -24.02 -48.54
CA LEU I 368 -11.62 -22.60 -48.84
C LEU I 368 -12.50 -21.71 -47.96
N LEU I 369 -13.42 -22.30 -47.19
CA LEU I 369 -14.14 -21.57 -46.17
C LEU I 369 -13.50 -21.88 -44.82
N ALA I 370 -14.17 -21.49 -43.73
CA ALA I 370 -13.66 -21.68 -42.38
C ALA I 370 -14.46 -22.80 -41.71
N ALA I 371 -13.92 -24.01 -41.76
CA ALA I 371 -14.52 -25.16 -41.08
C ALA I 371 -13.42 -26.17 -40.82
N PHE I 372 -13.69 -27.08 -39.89
CA PHE I 372 -12.72 -28.11 -39.55
C PHE I 372 -12.52 -29.08 -40.71
N SER I 373 -11.36 -29.73 -40.72
CA SER I 373 -11.11 -30.79 -41.70
C SER I 373 -12.20 -31.85 -41.62
N GLN I 374 -12.55 -32.38 -42.79
CA GLN I 374 -13.58 -33.39 -43.06
C GLN I 374 -14.98 -32.79 -43.14
N ALA I 375 -15.17 -31.49 -42.90
CA ALA I 375 -16.47 -30.87 -43.09
C ALA I 375 -16.75 -30.69 -44.57
N SER I 376 -17.94 -31.12 -45.01
CA SER I 376 -18.26 -31.10 -46.42
C SER I 376 -19.75 -30.87 -46.61
N MET I 377 -20.10 -30.36 -47.78
CA MET I 377 -21.46 -29.92 -48.08
C MET I 377 -21.91 -30.57 -49.38
N ILE I 378 -23.11 -31.14 -49.38
CA ILE I 378 -23.79 -31.55 -50.61
C ILE I 378 -24.95 -30.60 -50.85
N HIS I 379 -25.00 -29.98 -52.03
CA HIS I 379 -26.08 -29.09 -52.40
C HIS I 379 -26.84 -29.70 -53.58
N VAL I 380 -28.16 -29.74 -53.47
CA VAL I 380 -29.02 -30.35 -54.47
C VAL I 380 -30.02 -29.29 -54.95
N LYS I 381 -30.13 -29.16 -56.28
CA LYS I 381 -31.16 -28.34 -56.93
C LYS I 381 -31.86 -29.22 -57.95
N GLY I 382 -33.11 -29.53 -57.70
CA GLY I 382 -33.90 -30.39 -58.58
C GLY I 382 -34.56 -31.50 -57.81
N ASP I 383 -35.31 -32.32 -58.54
CA ASP I 383 -36.08 -33.40 -57.93
C ASP I 383 -35.20 -34.61 -57.66
N ILE I 384 -35.20 -35.06 -56.41
CA ILE I 384 -34.57 -36.31 -56.02
C ILE I 384 -35.56 -37.10 -55.19
N ASN I 385 -35.39 -38.42 -55.16
CA ASN I 385 -36.12 -39.27 -54.23
C ASN I 385 -35.47 -39.12 -52.86
N GLU I 386 -36.05 -38.28 -52.01
CA GLU I 386 -35.40 -37.91 -50.76
C GLU I 386 -35.17 -39.12 -49.86
N GLU I 387 -36.08 -40.08 -49.88
CA GLU I 387 -35.93 -41.26 -49.03
C GLU I 387 -34.76 -42.12 -49.50
N THR I 388 -34.66 -42.34 -50.82
CA THR I 388 -33.56 -43.12 -51.38
C THR I 388 -32.23 -42.39 -51.18
N PHE I 389 -32.23 -41.08 -51.40
CA PHE I 389 -31.02 -40.30 -51.14
C PHE I 389 -30.61 -40.40 -49.68
N ASN I 390 -31.59 -40.46 -48.78
CA ASN I 390 -31.26 -40.56 -47.36
C ASN I 390 -30.55 -41.87 -47.05
N GLU I 391 -30.96 -42.97 -47.70
CA GLU I 391 -30.28 -44.23 -47.46
C GLU I 391 -28.88 -44.22 -48.07
N ALA I 392 -28.72 -43.60 -49.25
CA ALA I 392 -27.36 -43.45 -49.78
C ALA I 392 -26.49 -42.64 -48.83
N TYR I 393 -27.06 -41.58 -48.25
CA TYR I 393 -26.35 -40.75 -47.30
C TYR I 393 -25.97 -41.52 -46.03
N MET I 394 -26.91 -42.32 -45.51
CA MET I 394 -26.65 -43.10 -44.30
C MET I 394 -25.59 -44.16 -44.52
N MET I 395 -25.49 -44.70 -45.74
CA MET I 395 -24.51 -45.74 -46.00
C MET I 395 -23.07 -45.25 -45.89
N HIS I 396 -22.81 -43.95 -45.91
CA HIS I 396 -21.46 -43.44 -45.78
C HIS I 396 -21.23 -42.54 -44.58
N THR I 397 -22.24 -42.29 -43.77
CA THR I 397 -22.08 -41.44 -42.60
C THR I 397 -21.94 -42.32 -41.38
N SER I 398 -20.97 -41.98 -40.53
CA SER I 398 -20.80 -42.69 -39.28
C SER I 398 -22.01 -42.50 -38.38
N THR I 399 -22.32 -43.54 -37.62
CA THR I 399 -23.40 -43.44 -36.63
C THR I 399 -23.02 -42.57 -35.45
N SER I 400 -21.76 -42.14 -35.36
CA SER I 400 -21.29 -41.27 -34.28
CA SER I 400 -21.29 -41.27 -34.28
C SER I 400 -20.58 -40.07 -34.87
N PRO I 401 -21.31 -39.17 -35.51
CA PRO I 401 -20.67 -38.00 -36.14
C PRO I 401 -20.05 -37.08 -35.11
N HIS I 402 -18.95 -36.46 -35.52
CA HIS I 402 -18.23 -35.50 -34.69
C HIS I 402 -19.01 -34.18 -34.69
N TYR I 403 -19.55 -33.80 -33.52
CA TYR I 403 -20.42 -32.64 -33.47
C TYR I 403 -19.66 -31.34 -33.73
N GLY I 404 -18.38 -31.29 -33.39
CA GLY I 404 -17.59 -30.12 -33.70
C GLY I 404 -17.49 -29.86 -35.19
N ILE I 405 -17.29 -30.92 -35.97
CA ILE I 405 -17.21 -30.80 -37.42
C ILE I 405 -18.52 -30.28 -37.99
N VAL I 406 -19.64 -30.84 -37.52
CA VAL I 406 -20.97 -30.43 -37.97
C VAL I 406 -21.22 -28.96 -37.64
N ALA I 407 -20.89 -28.58 -36.40
CA ALA I 407 -21.06 -27.20 -35.97
C ALA I 407 -20.17 -26.26 -36.78
N SER I 408 -18.96 -26.70 -37.13
CA SER I 408 -18.07 -25.88 -37.94
C SER I 408 -18.65 -25.66 -39.34
N THR I 409 -19.28 -26.68 -39.91
CA THR I 409 -19.96 -26.50 -41.19
C THR I 409 -21.06 -25.43 -41.08
N GLU I 410 -21.91 -25.56 -40.07
CA GLU I 410 -22.98 -24.59 -39.89
C GLU I 410 -22.42 -23.20 -39.64
N THR I 411 -21.33 -23.10 -38.87
CA THR I 411 -20.74 -21.82 -38.54
C THR I 411 -20.07 -21.18 -39.75
N ALA I 412 -19.48 -21.97 -40.65
CA ALA I 412 -18.99 -21.40 -41.90
C ALA I 412 -20.13 -20.77 -42.69
N ALA I 413 -21.26 -21.48 -42.76
CA ALA I 413 -22.44 -20.90 -43.39
C ALA I 413 -22.82 -19.57 -42.74
N ALA I 414 -22.83 -19.54 -41.40
CA ALA I 414 -23.21 -18.32 -40.68
C ALA I 414 -22.21 -17.18 -40.91
N MET I 415 -20.91 -17.50 -40.96
CA MET I 415 -19.92 -16.48 -41.23
C MET I 415 -20.11 -15.89 -42.62
N MET I 416 -20.67 -16.67 -43.54
CA MET I 416 -20.83 -16.17 -44.89
C MET I 416 -21.91 -15.08 -45.00
N LYS I 417 -22.72 -14.88 -43.97
CA LYS I 417 -23.93 -14.07 -44.06
C LYS I 417 -23.68 -12.61 -43.65
N GLY I 418 -24.52 -11.72 -44.18
CA GLY I 418 -24.55 -10.34 -43.75
C GLY I 418 -23.46 -9.46 -44.35
N ASN I 419 -23.44 -8.21 -43.87
CA ASN I 419 -22.43 -7.27 -44.32
C ASN I 419 -21.03 -7.72 -43.90
N ALA I 420 -20.90 -8.30 -42.70
CA ALA I 420 -19.60 -8.78 -42.25
C ALA I 420 -19.06 -9.87 -43.18
N GLY I 421 -19.92 -10.82 -43.55
CA GLY I 421 -19.49 -11.88 -44.46
C GLY I 421 -19.19 -11.37 -45.85
N LYS I 422 -20.03 -10.45 -46.35
CA LYS I 422 -19.76 -9.86 -47.66
C LYS I 422 -18.44 -9.13 -47.67
N ARG I 423 -18.14 -8.39 -46.60
CA ARG I 423 -16.86 -7.72 -46.46
C ARG I 423 -15.71 -8.71 -46.42
N LEU I 424 -15.90 -9.84 -45.74
CA LEU I 424 -14.84 -10.84 -45.67
C LEU I 424 -14.50 -11.39 -47.05
N ILE I 425 -15.52 -11.79 -47.82
CA ILE I 425 -15.28 -12.32 -49.16
C ILE I 425 -14.68 -11.26 -50.08
N ASN I 426 -15.25 -10.05 -50.08
CA ASN I 426 -14.76 -8.99 -50.94
C ASN I 426 -13.34 -8.61 -50.58
N GLY I 427 -13.02 -8.57 -49.28
CA GLY I 427 -11.68 -8.25 -48.86
C GLY I 427 -10.67 -9.30 -49.29
N SER I 428 -11.07 -10.58 -49.24
CA SER I 428 -10.18 -11.62 -49.73
C SER I 428 -9.91 -11.44 -51.22
N ILE I 429 -10.95 -11.16 -52.00
CA ILE I 429 -10.76 -10.96 -53.45
C ILE I 429 -9.87 -9.75 -53.73
N GLU I 430 -10.12 -8.63 -53.05
CA GLU I 430 -9.31 -7.44 -53.25
C GLU I 430 -7.87 -7.64 -52.82
N ARG I 431 -7.66 -8.34 -51.71
CA ARG I 431 -6.31 -8.65 -51.25
C ARG I 431 -5.55 -9.48 -52.27
N ALA I 432 -6.21 -10.50 -52.84
CA ALA I 432 -5.58 -11.31 -53.88
C ALA I 432 -5.22 -10.46 -55.10
N ILE I 433 -6.14 -9.59 -55.53
CA ILE I 433 -5.86 -8.76 -56.71
C ILE I 433 -4.70 -7.80 -56.44
N ARG I 434 -4.67 -7.22 -55.24
CA ARG I 434 -3.57 -6.33 -54.88
C ARG I 434 -2.24 -7.06 -54.91
N PHE I 435 -2.21 -8.29 -54.39
CA PHE I 435 -0.99 -9.09 -54.44
C PHE I 435 -0.58 -9.39 -55.88
N ARG I 436 -1.54 -9.70 -56.75
CA ARG I 436 -1.23 -9.96 -58.16
C ARG I 436 -0.60 -8.72 -58.82
N LYS I 437 -1.21 -7.56 -58.60
CA LYS I 437 -0.68 -6.33 -59.17
C LYS I 437 0.72 -6.04 -58.63
N GLU I 438 0.94 -6.30 -57.35
CA GLU I 438 2.25 -6.06 -56.76
C GLU I 438 3.30 -7.01 -57.34
N ILE I 439 2.93 -8.27 -57.58
CA ILE I 439 3.88 -9.19 -58.21
C ILE I 439 4.26 -8.68 -59.60
N LYS I 440 3.27 -8.21 -60.37
CA LYS I 440 3.57 -7.65 -61.68
C LYS I 440 4.51 -6.46 -61.58
N ARG I 441 4.23 -5.56 -60.63
CA ARG I 441 5.05 -4.36 -60.48
C ARG I 441 6.48 -4.71 -60.09
N LEU I 442 6.65 -5.66 -59.17
CA LEU I 442 7.98 -6.09 -58.77
C LEU I 442 8.72 -6.74 -59.93
N ASN I 443 8.00 -7.53 -60.73
CA ASN I 443 8.62 -8.14 -61.91
C ASN I 443 9.11 -7.08 -62.88
N SER I 444 8.32 -6.02 -63.08
CA SER I 444 8.77 -4.92 -63.92
C SER I 444 9.97 -4.20 -63.31
N GLU I 445 10.01 -4.07 -61.99
CA GLU I 445 11.10 -3.34 -61.34
C GLU I 445 12.40 -4.14 -61.32
N SER I 446 12.31 -5.47 -61.34
CA SER I 446 13.50 -6.31 -61.22
C SER I 446 14.41 -6.12 -62.43
N GLU I 447 15.71 -5.95 -62.16
CA GLU I 447 16.68 -5.84 -63.23
C GLU I 447 16.87 -7.18 -63.94
N GLY I 448 17.02 -8.24 -63.17
CA GLY I 448 17.11 -9.58 -63.70
C GLY I 448 15.79 -10.31 -63.59
N TRP I 449 15.88 -11.63 -63.41
CA TRP I 449 14.69 -12.47 -63.32
C TRP I 449 13.88 -12.13 -62.06
N PHE I 450 12.57 -12.32 -62.16
CA PHE I 450 11.71 -12.24 -60.99
C PHE I 450 10.52 -13.16 -61.20
N PHE I 451 9.85 -13.49 -60.09
CA PHE I 451 8.65 -14.29 -60.15
C PHE I 451 7.58 -13.59 -60.98
N ASP I 452 6.80 -14.38 -61.70
CA ASP I 452 5.69 -13.88 -62.50
C ASP I 452 4.42 -14.58 -62.05
N VAL I 453 3.28 -13.92 -62.27
CA VAL I 453 1.98 -14.44 -61.91
C VAL I 453 1.22 -14.80 -63.18
N TRP I 454 0.62 -15.99 -63.19
CA TRP I 454 -0.11 -16.52 -64.34
C TRP I 454 -1.48 -15.86 -64.38
N GLN I 455 -1.63 -14.84 -65.22
CA GLN I 455 -2.83 -14.01 -65.26
C GLN I 455 -2.85 -13.16 -66.52
N PRO I 456 -3.97 -12.53 -66.86
CA PRO I 456 -3.96 -11.59 -68.00
C PRO I 456 -3.17 -10.34 -67.69
N GLU I 457 -2.89 -9.58 -68.75
CA GLU I 457 -2.00 -8.42 -68.64
C GLU I 457 -2.59 -7.32 -67.76
N GLY I 458 -3.73 -6.78 -68.16
CA GLY I 458 -4.21 -5.54 -67.58
C GLY I 458 -5.31 -5.65 -66.54
N ILE I 459 -5.18 -6.58 -65.59
CA ILE I 459 -6.22 -6.77 -64.59
C ILE I 459 -6.39 -5.49 -63.78
N ASP I 460 -7.63 -4.98 -63.73
CA ASP I 460 -7.94 -3.80 -62.95
C ASP I 460 -8.98 -4.09 -61.88
N GLU I 461 -10.18 -4.51 -62.27
CA GLU I 461 -11.29 -4.64 -61.34
C GLU I 461 -11.47 -6.08 -60.90
N ALA I 462 -12.19 -6.24 -59.80
CA ALA I 462 -12.45 -7.57 -59.26
C ALA I 462 -13.45 -8.31 -60.13
N LYS I 463 -12.99 -9.38 -60.78
CA LYS I 463 -13.84 -10.23 -61.60
C LYS I 463 -13.04 -11.47 -61.96
N CYS I 464 -13.75 -12.47 -62.48
CA CYS I 464 -13.11 -13.66 -63.01
C CYS I 464 -12.70 -13.38 -64.45
N TRP I 465 -11.42 -13.52 -64.75
CA TRP I 465 -10.89 -13.09 -66.04
C TRP I 465 -11.12 -14.16 -67.09
N PRO I 466 -11.81 -13.86 -68.19
CA PRO I 466 -12.04 -14.86 -69.23
C PRO I 466 -10.73 -15.28 -69.88
N LEU I 467 -10.70 -16.52 -70.34
CA LEU I 467 -9.58 -17.05 -71.10
C LEU I 467 -9.92 -16.94 -72.57
N ASP I 468 -9.25 -16.03 -73.27
CA ASP I 468 -9.56 -15.73 -74.66
C ASP I 468 -8.54 -16.36 -75.60
N SER I 469 -9.00 -16.70 -76.81
CA SER I 469 -8.12 -17.29 -77.80
C SER I 469 -7.01 -16.33 -78.23
N LYS I 470 -7.33 -15.04 -78.33
CA LYS I 470 -6.32 -14.06 -78.75
C LYS I 470 -5.20 -13.93 -77.73
N ASP I 471 -5.54 -13.94 -76.44
CA ASP I 471 -4.55 -13.78 -75.39
C ASP I 471 -3.82 -15.10 -75.15
N ASN I 472 -2.50 -15.01 -75.01
CA ASN I 472 -1.66 -16.19 -74.84
C ASN I 472 -1.11 -16.33 -73.44
N TRP I 473 -1.57 -15.53 -72.49
CA TRP I 473 -1.06 -15.66 -71.13
C TRP I 473 -1.41 -17.03 -70.54
N HIS I 474 -2.57 -17.57 -70.88
CA HIS I 474 -2.99 -18.84 -70.28
C HIS I 474 -2.26 -20.04 -70.86
N GLY I 475 -1.74 -19.92 -72.09
CA GLY I 475 -0.95 -20.99 -72.66
C GLY I 475 -1.74 -22.17 -73.20
N PHE I 476 -3.05 -22.05 -73.31
CA PHE I 476 -3.90 -23.12 -73.84
C PHE I 476 -4.14 -22.87 -75.33
N LYS I 477 -3.81 -23.86 -76.14
CA LYS I 477 -4.00 -23.72 -77.58
C LYS I 477 -5.47 -23.81 -77.94
N ASP I 478 -5.88 -22.97 -78.91
CA ASP I 478 -7.23 -22.94 -79.50
C ASP I 478 -8.32 -23.15 -78.46
N ILE I 479 -8.37 -22.24 -77.51
CA ILE I 479 -9.38 -22.31 -76.45
C ILE I 479 -10.69 -21.71 -76.95
N ASP I 480 -11.80 -22.27 -76.47
CA ASP I 480 -13.11 -21.71 -76.79
C ASP I 480 -13.33 -20.42 -76.01
N ASN I 481 -14.19 -19.57 -76.55
CA ASN I 481 -14.49 -18.29 -75.91
C ASN I 481 -15.64 -18.42 -74.94
N ASP I 482 -15.63 -17.56 -73.92
CA ASP I 482 -16.69 -17.51 -72.91
C ASP I 482 -16.89 -18.86 -72.23
N HIS I 483 -15.81 -19.62 -72.11
CA HIS I 483 -15.85 -20.97 -71.56
C HIS I 483 -15.16 -21.06 -70.21
N MET I 484 -13.89 -20.68 -70.14
CA MET I 484 -13.12 -20.78 -68.90
C MET I 484 -12.74 -19.40 -68.38
N TYR I 485 -12.70 -19.30 -67.05
CA TYR I 485 -12.42 -18.07 -66.35
C TYR I 485 -11.43 -18.35 -65.23
N LEU I 486 -10.66 -17.34 -64.86
CA LEU I 486 -9.67 -17.47 -63.80
C LEU I 486 -10.19 -16.89 -62.50
N ASP I 487 -10.13 -17.68 -61.44
CA ASP I 487 -10.52 -17.23 -60.11
C ASP I 487 -9.42 -16.37 -59.52
N PRO I 488 -9.69 -15.11 -59.16
CA PRO I 488 -8.62 -14.27 -58.59
C PRO I 488 -8.03 -14.83 -57.31
N ILE I 489 -8.80 -15.63 -56.58
CA ILE I 489 -8.36 -16.16 -55.28
C ILE I 489 -7.18 -17.12 -55.44
N LYS I 490 -7.14 -17.90 -56.51
CA LYS I 490 -6.09 -18.90 -56.72
C LYS I 490 -4.92 -18.25 -57.45
N VAL I 491 -3.86 -17.91 -56.72
CA VAL I 491 -2.74 -17.17 -57.28
C VAL I 491 -1.64 -18.15 -57.65
N THR I 492 -1.33 -18.24 -58.94
CA THR I 492 -0.26 -19.10 -59.42
C THR I 492 0.96 -18.25 -59.78
N LEU I 493 2.05 -18.47 -59.06
CA LEU I 493 3.32 -17.83 -59.36
C LEU I 493 4.15 -18.73 -60.26
N LEU I 494 4.83 -18.12 -61.21
CA LEU I 494 5.67 -18.83 -62.17
C LEU I 494 7.13 -18.47 -61.94
N THR I 495 7.98 -19.48 -61.86
CA THR I 495 9.42 -19.31 -61.85
C THR I 495 9.97 -19.33 -63.27
N PRO I 496 11.11 -18.69 -63.51
CA PRO I 496 11.72 -18.76 -64.84
C PRO I 496 12.14 -20.17 -65.19
N GLY I 497 12.09 -20.47 -66.50
CA GLY I 497 12.43 -21.80 -66.98
C GLY I 497 11.61 -22.21 -68.19
N MET I 498 10.59 -21.41 -68.50
CA MET I 498 9.72 -21.67 -69.64
C MET I 498 9.61 -20.41 -70.48
N GLN I 499 9.52 -20.58 -71.78
CA GLN I 499 9.35 -19.46 -72.70
C GLN I 499 7.87 -19.22 -72.98
N LYS I 500 7.60 -18.08 -73.62
CA LYS I 500 6.23 -17.67 -73.89
C LYS I 500 5.59 -18.46 -75.03
N ASP I 501 6.36 -19.25 -75.77
CA ASP I 501 5.82 -20.05 -76.85
C ASP I 501 5.62 -21.51 -76.45
N GLY I 502 5.71 -21.82 -75.16
CA GLY I 502 5.54 -23.18 -74.69
C GLY I 502 6.79 -24.02 -74.63
N SER I 503 7.93 -23.49 -75.08
CA SER I 503 9.19 -24.22 -75.06
C SER I 503 9.98 -23.88 -73.81
N MET I 504 10.93 -24.75 -73.48
CA MET I 504 11.77 -24.55 -72.31
C MET I 504 12.87 -23.52 -72.60
N ALA I 505 13.58 -23.14 -71.55
CA ALA I 505 14.62 -22.14 -71.62
C ALA I 505 15.93 -22.70 -71.09
N ASP I 506 17.04 -22.05 -71.46
CA ASP I 506 18.35 -22.54 -71.08
C ASP I 506 18.53 -22.56 -69.57
N THR I 507 18.09 -21.51 -68.89
CA THR I 507 18.20 -21.40 -67.44
C THR I 507 16.81 -21.39 -66.82
N GLY I 508 16.71 -21.94 -65.63
CA GLY I 508 15.44 -21.97 -64.93
C GLY I 508 15.61 -22.41 -63.49
N ILE I 509 14.67 -21.99 -62.66
CA ILE I 509 14.68 -22.32 -61.23
C ILE I 509 13.46 -23.17 -60.92
N PRO I 510 13.63 -24.47 -60.65
CA PRO I 510 12.47 -25.32 -60.36
C PRO I 510 11.75 -24.85 -59.10
N ALA I 511 10.41 -24.85 -59.18
CA ALA I 511 9.58 -24.31 -58.10
C ALA I 511 9.68 -25.13 -56.83
N SER I 512 10.15 -26.38 -56.91
CA SER I 512 10.34 -27.18 -55.70
C SER I 512 11.38 -26.53 -54.79
N ILE I 513 12.44 -25.96 -55.38
CA ILE I 513 13.46 -25.30 -54.57
C ILE I 513 12.88 -24.10 -53.85
N VAL I 514 12.10 -23.28 -54.56
CA VAL I 514 11.47 -22.12 -53.94
C VAL I 514 10.52 -22.57 -52.84
N SER I 515 9.78 -23.66 -53.07
CA SER I 515 8.87 -24.17 -52.06
C SER I 515 9.61 -24.60 -50.81
N LYS I 516 10.73 -25.30 -50.98
CA LYS I 516 11.53 -25.70 -49.83
C LYS I 516 12.06 -24.49 -49.08
N TYR I 517 12.51 -23.47 -49.82
CA TYR I 517 12.98 -22.25 -49.18
C TYR I 517 11.87 -21.59 -48.37
N LEU I 518 10.67 -21.46 -48.95
CA LEU I 518 9.56 -20.83 -48.25
C LEU I 518 9.19 -21.63 -47.02
N ASP I 519 9.19 -22.96 -47.13
CA ASP I 519 8.91 -23.80 -45.96
C ASP I 519 9.94 -23.58 -44.87
N GLU I 520 11.21 -23.43 -45.23
CA GLU I 520 12.25 -23.17 -44.24
C GLU I 520 11.97 -21.85 -43.51
N HIS I 521 11.43 -20.85 -44.20
CA HIS I 521 11.09 -19.57 -43.61
C HIS I 521 9.60 -19.45 -43.26
N GLY I 522 8.98 -20.56 -42.88
CA GLY I 522 7.67 -20.50 -42.25
C GLY I 522 6.50 -20.21 -43.16
N ILE I 523 6.59 -20.52 -44.45
CA ILE I 523 5.51 -20.29 -45.39
C ILE I 523 5.23 -21.59 -46.13
N ILE I 524 4.02 -22.11 -45.98
CA ILE I 524 3.60 -23.37 -46.60
C ILE I 524 2.79 -23.04 -47.84
N VAL I 525 3.25 -23.51 -49.00
CA VAL I 525 2.48 -23.35 -50.23
C VAL I 525 1.49 -24.50 -50.37
N GLU I 526 0.42 -24.25 -51.12
CA GLU I 526 -0.60 -25.28 -51.32
C GLU I 526 -0.10 -26.37 -52.26
N LYS I 527 0.52 -26.00 -53.38
CA LYS I 527 0.88 -27.00 -54.39
C LYS I 527 2.02 -26.46 -55.23
N THR I 528 2.97 -27.33 -55.58
CA THR I 528 4.17 -26.96 -56.33
C THR I 528 4.29 -27.84 -57.56
N GLY I 529 4.14 -27.24 -58.74
CA GLY I 529 4.44 -27.91 -59.99
C GLY I 529 5.89 -27.74 -60.36
N PRO I 530 6.26 -28.15 -61.57
CA PRO I 530 7.67 -28.00 -62.00
C PRO I 530 8.17 -26.57 -61.99
N TYR I 531 7.37 -25.62 -62.46
CA TYR I 531 7.77 -24.22 -62.49
C TYR I 531 6.64 -23.30 -62.06
N ASN I 532 5.70 -23.82 -61.27
CA ASN I 532 4.59 -23.03 -60.78
C ASN I 532 4.30 -23.39 -59.33
N MET I 533 3.91 -22.38 -58.56
CA MET I 533 3.49 -22.54 -57.19
C MET I 533 2.09 -21.95 -57.05
N LEU I 534 1.28 -22.56 -56.18
CA LEU I 534 -0.10 -22.14 -55.97
C LEU I 534 -0.27 -21.62 -54.56
N PHE I 535 -0.84 -20.43 -54.44
CA PHE I 535 -1.14 -19.81 -53.16
C PHE I 535 -2.64 -19.53 -53.09
N LEU I 536 -3.28 -20.04 -52.06
CA LEU I 536 -4.70 -19.81 -51.83
C LEU I 536 -4.86 -18.54 -51.02
N PHE I 537 -5.42 -17.49 -51.64
CA PHE I 537 -5.67 -16.24 -50.93
C PHE I 537 -7.09 -16.27 -50.37
N SER I 538 -7.29 -17.15 -49.40
CA SER I 538 -8.59 -17.39 -48.82
C SER I 538 -8.94 -16.28 -47.82
N ILE I 539 -10.11 -16.43 -47.18
CA ILE I 539 -10.51 -15.50 -46.13
C ILE I 539 -9.63 -15.59 -44.89
N GLY I 540 -8.79 -16.61 -44.80
CA GLY I 540 -7.82 -16.72 -43.74
C GLY I 540 -6.52 -16.00 -43.99
N ILE I 541 -6.34 -15.39 -45.16
CA ILE I 541 -5.12 -14.67 -45.49
C ILE I 541 -5.35 -13.19 -45.21
N ASP I 542 -4.47 -12.61 -44.40
CA ASP I 542 -4.54 -11.18 -44.08
C ASP I 542 -3.34 -10.47 -44.69
N LYS I 543 -3.29 -9.15 -44.51
CA LYS I 543 -2.24 -8.35 -45.09
C LYS I 543 -0.86 -8.72 -44.54
N THR I 544 -0.80 -9.06 -43.25
CA THR I 544 0.46 -9.47 -42.63
C THR I 544 1.07 -10.65 -43.39
N LYS I 545 0.27 -11.67 -43.68
CA LYS I 545 0.77 -12.85 -44.36
C LYS I 545 1.18 -12.53 -45.79
N ALA I 546 0.42 -11.68 -46.49
CA ALA I 546 0.76 -11.33 -47.86
C ALA I 546 2.10 -10.58 -47.92
N LEU I 547 2.29 -9.62 -47.01
CA LEU I 547 3.56 -8.91 -46.96
C LEU I 547 4.69 -9.85 -46.58
N SER I 548 4.44 -10.79 -45.66
CA SER I 548 5.45 -11.77 -45.31
C SER I 548 5.85 -12.61 -46.51
N LEU I 549 4.87 -13.00 -47.34
CA LEU I 549 5.17 -13.76 -48.55
C LEU I 549 6.01 -12.94 -49.53
N LEU I 550 5.67 -11.66 -49.71
CA LEU I 550 6.48 -10.82 -50.58
C LEU I 550 7.92 -10.73 -50.08
N ARG I 551 8.09 -10.54 -48.77
CA ARG I 551 9.42 -10.48 -48.18
C ARG I 551 10.18 -11.77 -48.40
N ALA I 552 9.52 -12.92 -48.20
CA ALA I 552 10.18 -14.20 -48.39
C ALA I 552 10.59 -14.41 -49.85
N LEU I 553 9.75 -14.00 -50.79
CA LEU I 553 10.08 -14.17 -52.20
C LEU I 553 11.29 -13.31 -52.58
N THR I 554 11.30 -12.05 -52.17
CA THR I 554 12.46 -11.21 -52.49
C THR I 554 13.71 -11.70 -51.76
N ASP I 555 13.55 -12.26 -50.55
CA ASP I 555 14.69 -12.85 -49.86
C ASP I 555 15.24 -14.04 -50.62
N PHE I 556 14.35 -14.88 -51.18
CA PHE I 556 14.84 -15.98 -52.00
C PHE I 556 15.60 -15.46 -53.20
N LYS I 557 15.07 -14.42 -53.86
CA LYS I 557 15.76 -13.90 -55.04
C LYS I 557 17.14 -13.38 -54.67
N ARG I 558 17.25 -12.64 -53.57
CA ARG I 558 18.54 -12.12 -53.15
C ARG I 558 19.51 -13.24 -52.81
N SER I 559 19.04 -14.26 -52.10
CA SER I 559 19.91 -15.37 -51.74
C SER I 559 20.35 -16.14 -52.98
N TYR I 560 19.45 -16.34 -53.94
CA TYR I 560 19.80 -17.06 -55.16
C TYR I 560 20.79 -16.27 -56.01
N ASP I 561 20.59 -14.96 -56.14
CA ASP I 561 21.55 -14.15 -56.88
C ASP I 561 22.91 -14.07 -56.17
N LEU I 562 22.96 -14.38 -54.88
CA LEU I 562 24.20 -14.41 -54.13
C LEU I 562 24.89 -15.77 -54.18
N ASN I 563 24.29 -16.76 -54.83
CA ASN I 563 24.89 -18.08 -55.00
C ASN I 563 25.25 -18.71 -53.66
N LEU I 564 24.34 -18.61 -52.69
CA LEU I 564 24.58 -19.16 -51.37
C LEU I 564 24.69 -20.69 -51.42
N ARG I 565 25.34 -21.24 -50.39
CA ARG I 565 25.46 -22.68 -50.30
C ARG I 565 24.12 -23.31 -49.89
N VAL I 566 23.91 -24.54 -50.34
CA VAL I 566 22.70 -25.27 -49.99
C VAL I 566 22.63 -25.51 -48.49
N LYS I 567 23.79 -25.73 -47.86
CA LYS I 567 23.83 -25.92 -46.42
C LYS I 567 23.29 -24.71 -45.67
N ASN I 568 23.34 -23.53 -46.27
CA ASN I 568 22.85 -22.32 -45.62
C ASN I 568 21.40 -22.01 -45.96
N MET I 569 21.08 -21.93 -47.26
CA MET I 569 19.72 -21.62 -47.68
C MET I 569 18.73 -22.69 -47.24
N LEU I 570 19.08 -23.97 -47.39
CA LEU I 570 18.16 -25.08 -47.20
C LEU I 570 18.75 -26.08 -46.22
N PRO I 571 18.74 -25.76 -44.91
CA PRO I 571 19.30 -26.71 -43.93
C PRO I 571 18.64 -28.07 -43.92
N SER I 572 17.32 -28.14 -44.11
CA SER I 572 16.64 -29.43 -44.10
C SER I 572 17.06 -30.29 -45.29
N LEU I 573 17.18 -29.68 -46.46
CA LEU I 573 17.64 -30.41 -47.63
C LEU I 573 19.05 -30.95 -47.42
N TYR I 574 19.92 -30.16 -46.80
CA TYR I 574 21.26 -30.64 -46.46
C TYR I 574 21.19 -31.79 -45.48
N ARG I 575 20.32 -31.69 -44.47
CA ARG I 575 20.16 -32.77 -43.51
C ARG I 575 19.64 -34.04 -44.15
N GLU I 576 18.98 -33.94 -45.31
CA GLU I 576 18.56 -35.13 -46.03
C GLU I 576 19.77 -35.96 -46.47
N ASP I 577 20.81 -35.29 -46.97
CA ASP I 577 22.03 -35.97 -47.42
C ASP I 577 23.21 -35.01 -47.37
N PRO I 578 23.88 -34.89 -46.23
CA PRO I 578 24.98 -33.92 -46.13
C PRO I 578 26.10 -34.15 -47.14
N GLU I 579 26.41 -35.41 -47.45
CA GLU I 579 27.50 -35.69 -48.38
C GLU I 579 27.18 -35.17 -49.77
N PHE I 580 25.94 -35.34 -50.22
CA PHE I 580 25.57 -34.90 -51.57
C PHE I 580 25.56 -33.39 -51.69
N TYR I 581 25.04 -32.68 -50.67
CA TYR I 581 24.95 -31.23 -50.68
C TYR I 581 26.07 -30.56 -49.89
N GLU I 582 27.26 -31.16 -49.91
CA GLU I 582 28.33 -30.69 -49.02
C GLU I 582 28.79 -29.28 -49.38
N ASN I 583 28.92 -28.98 -50.67
CA ASN I 583 29.51 -27.71 -51.08
C ASN I 583 28.78 -26.99 -52.20
N MET I 584 28.00 -27.66 -53.04
CA MET I 584 27.43 -27.00 -54.20
C MET I 584 26.46 -25.91 -53.78
N ARG I 585 26.43 -24.84 -54.56
CA ARG I 585 25.61 -23.68 -54.26
C ARG I 585 24.17 -23.89 -54.71
N ILE I 586 23.32 -22.91 -54.43
CA ILE I 586 21.91 -23.02 -54.78
C ILE I 586 21.71 -22.95 -56.30
N GLN I 587 22.46 -22.06 -56.96
CA GLN I 587 22.35 -21.96 -58.41
C GLN I 587 22.71 -23.26 -59.08
N GLU I 588 23.69 -23.99 -58.53
CA GLU I 588 24.09 -25.27 -59.10
C GLU I 588 22.96 -26.30 -59.00
N LEU I 589 22.30 -26.38 -57.83
CA LEU I 589 21.19 -27.31 -57.70
C LEU I 589 20.05 -26.93 -58.63
N ALA I 590 19.74 -25.63 -58.73
CA ALA I 590 18.67 -25.18 -59.61
C ALA I 590 18.98 -25.56 -61.06
N GLN I 591 20.20 -25.28 -61.50
CA GLN I 591 20.59 -25.60 -62.87
C GLN I 591 20.64 -27.09 -63.13
N GLY I 592 21.06 -27.88 -62.14
CA GLY I 592 21.06 -29.32 -62.32
C GLY I 592 19.68 -29.89 -62.51
N ILE I 593 18.74 -29.46 -61.68
CA ILE I 593 17.37 -29.95 -61.83
C ILE I 593 16.76 -29.44 -63.14
N HIS I 594 17.04 -28.17 -63.48
CA HIS I 594 16.54 -27.62 -64.74
C HIS I 594 17.08 -28.40 -65.94
N ALA I 595 18.37 -28.74 -65.92
CA ALA I 595 18.97 -29.48 -67.02
C ALA I 595 18.41 -30.90 -67.09
N LEU I 596 18.17 -31.52 -65.93
CA LEU I 596 17.55 -32.84 -65.92
C LEU I 596 16.16 -32.78 -66.56
N ILE I 597 15.37 -31.77 -66.18
CA ILE I 597 14.03 -31.62 -66.73
C ILE I 597 14.10 -31.38 -68.24
N GLN I 598 15.02 -30.51 -68.68
CA GLN I 598 15.13 -30.19 -70.09
C GLN I 598 15.56 -31.41 -70.91
N HIS I 599 16.61 -32.10 -70.46
CA HIS I 599 17.12 -33.25 -71.19
C HIS I 599 16.10 -34.38 -71.24
N HIS I 600 15.39 -34.60 -70.14
CA HIS I 600 14.31 -35.58 -70.16
C HIS I 600 13.07 -35.05 -70.87
N ASN I 601 13.04 -33.76 -71.21
CA ASN I 601 11.91 -33.12 -71.88
C ASN I 601 10.61 -33.31 -71.11
N LEU I 602 10.62 -32.81 -69.86
CA LEU I 602 9.46 -32.99 -68.98
C LEU I 602 8.19 -32.38 -69.55
N PRO I 603 8.16 -31.13 -70.02
CA PRO I 603 6.87 -30.57 -70.48
C PRO I 603 6.27 -31.32 -71.65
N ASP I 604 7.06 -31.57 -72.69
CA ASP I 604 6.53 -32.25 -73.87
C ASP I 604 6.08 -33.67 -73.54
N LEU I 605 6.89 -34.41 -72.77
CA LEU I 605 6.52 -35.76 -72.40
C LEU I 605 5.26 -35.78 -71.57
N MET I 606 5.14 -34.88 -70.60
CA MET I 606 3.94 -34.80 -69.78
C MET I 606 2.70 -34.49 -70.63
N TYR I 607 2.83 -33.51 -71.53
CA TYR I 607 1.71 -33.11 -72.36
C TYR I 607 1.28 -34.25 -73.27
N ARG I 608 2.23 -34.97 -73.86
CA ARG I 608 1.89 -36.07 -74.75
C ARG I 608 1.31 -37.25 -73.98
N ALA I 609 1.81 -37.48 -72.76
CA ALA I 609 1.27 -38.57 -71.96
C ALA I 609 -0.18 -38.31 -71.59
N PHE I 610 -0.50 -37.09 -71.18
CA PHE I 610 -1.86 -36.80 -70.78
C PHE I 610 -2.76 -36.43 -71.96
N GLU I 611 -2.21 -36.28 -73.16
CA GLU I 611 -3.04 -36.06 -74.34
C GLU I 611 -3.71 -37.34 -74.81
N VAL I 612 -3.03 -38.48 -74.69
CA VAL I 612 -3.52 -39.76 -75.18
C VAL I 612 -4.20 -40.51 -74.03
N LEU I 613 -5.19 -41.32 -74.37
CA LEU I 613 -5.97 -42.05 -73.38
C LEU I 613 -5.66 -43.53 -73.45
N PRO I 614 -5.21 -44.15 -72.36
CA PRO I 614 -5.02 -45.60 -72.36
C PRO I 614 -6.33 -46.33 -72.62
N THR I 615 -6.22 -47.48 -73.28
CA THR I 615 -7.40 -48.27 -73.57
C THR I 615 -8.00 -48.86 -72.31
N MET I 616 -9.32 -48.97 -72.28
CA MET I 616 -10.05 -49.54 -71.16
C MET I 616 -10.46 -50.97 -71.52
N VAL I 617 -9.70 -51.94 -71.02
CA VAL I 617 -10.08 -53.34 -71.20
C VAL I 617 -11.29 -53.67 -70.35
N MET I 618 -11.29 -53.23 -69.09
CA MET I 618 -12.41 -53.45 -68.18
C MET I 618 -12.56 -52.22 -67.30
N ASN I 619 -13.74 -52.07 -66.72
CA ASN I 619 -14.01 -50.94 -65.86
C ASN I 619 -13.27 -51.09 -64.53
N PRO I 620 -13.09 -50.01 -63.78
CA PRO I 620 -12.32 -50.10 -62.53
C PRO I 620 -12.88 -51.11 -61.54
N HIS I 621 -14.20 -51.33 -61.54
CA HIS I 621 -14.78 -52.30 -60.61
C HIS I 621 -14.27 -53.71 -60.89
N ALA I 622 -14.21 -54.10 -62.17
CA ALA I 622 -13.70 -55.42 -62.53
C ALA I 622 -12.22 -55.57 -62.15
N ALA I 623 -11.43 -54.53 -62.38
CA ALA I 623 -10.01 -54.59 -62.03
C ALA I 623 -9.82 -54.73 -60.51
N PHE I 624 -10.58 -53.97 -59.73
CA PHE I 624 -10.47 -54.08 -58.28
C PHE I 624 -10.97 -55.43 -57.78
N GLN I 625 -12.01 -55.98 -58.40
CA GLN I 625 -12.45 -57.32 -58.02
C GLN I 625 -11.36 -58.35 -58.30
N MET I 626 -10.70 -58.23 -59.46
CA MET I 626 -9.60 -59.13 -59.78
C MET I 626 -8.46 -58.99 -58.78
N GLU I 627 -8.15 -57.75 -58.38
CA GLU I 627 -7.11 -57.53 -57.37
C GLU I 627 -7.50 -58.14 -56.03
N LEU I 628 -8.77 -58.01 -55.65
CA LEU I 628 -9.24 -58.57 -54.39
C LEU I 628 -9.16 -60.09 -54.40
N ARG I 629 -9.48 -60.71 -55.54
CA ARG I 629 -9.38 -62.17 -55.65
C ARG I 629 -7.94 -62.65 -55.77
N GLY I 630 -6.96 -61.75 -55.74
CA GLY I 630 -5.57 -62.13 -55.83
C GLY I 630 -5.04 -62.36 -57.23
N GLN I 631 -5.84 -62.10 -58.26
CA GLN I 631 -5.40 -62.39 -59.62
C GLN I 631 -4.53 -61.27 -60.18
N THR I 632 -3.49 -60.88 -59.45
CA THR I 632 -2.64 -59.78 -59.83
C THR I 632 -1.18 -60.14 -59.55
N GLU I 633 -0.27 -59.37 -60.17
CA GLU I 633 1.14 -59.58 -60.01
C GLU I 633 1.86 -58.25 -60.13
N GLU I 634 3.08 -58.19 -59.60
CA GLU I 634 3.89 -56.98 -59.63
C GLU I 634 4.94 -57.09 -60.72
N VAL I 635 4.94 -56.13 -61.64
CA VAL I 635 5.91 -56.08 -62.72
C VAL I 635 6.52 -54.68 -62.75
N TYR I 636 7.71 -54.59 -63.33
CA TYR I 636 8.38 -53.32 -63.44
C TYR I 636 7.76 -52.49 -64.57
N LEU I 637 8.11 -51.21 -64.60
CA LEU I 637 7.57 -50.30 -65.61
C LEU I 637 7.93 -50.74 -67.02
N GLU I 638 8.98 -51.54 -67.20
CA GLU I 638 9.37 -51.97 -68.53
C GLU I 638 8.29 -52.84 -69.17
N GLU I 639 7.61 -53.66 -68.38
CA GLU I 639 6.58 -54.58 -68.87
C GLU I 639 5.19 -54.01 -68.71
N MET I 640 5.05 -52.69 -68.88
CA MET I 640 3.74 -52.05 -68.69
C MET I 640 2.82 -52.33 -69.87
N ILE I 641 3.37 -52.36 -71.09
CA ILE I 641 2.57 -52.51 -72.29
C ILE I 641 1.95 -53.90 -72.32
N GLY I 642 0.66 -53.96 -72.67
CA GLY I 642 -0.04 -55.21 -72.79
C GLY I 642 -0.59 -55.77 -71.50
N LYS I 643 -0.36 -55.12 -70.37
CA LYS I 643 -0.84 -55.59 -69.07
C LYS I 643 -1.86 -54.60 -68.53
N VAL I 644 -3.00 -55.13 -68.10
CA VAL I 644 -4.08 -54.31 -67.58
C VAL I 644 -3.73 -53.85 -66.17
N ASN I 645 -3.73 -52.54 -65.96
CA ASN I 645 -3.38 -51.99 -64.65
C ASN I 645 -4.48 -52.29 -63.64
N ALA I 646 -4.07 -52.67 -62.43
CA ALA I 646 -5.02 -52.96 -61.37
C ALA I 646 -5.27 -51.76 -60.46
N ASN I 647 -4.40 -50.76 -60.49
CA ASN I 647 -4.45 -49.66 -59.54
C ASN I 647 -4.39 -48.33 -60.29
N MET I 648 -5.06 -47.33 -59.73
CA MET I 648 -4.98 -46.00 -60.31
C MET I 648 -3.57 -45.45 -60.16
N ILE I 649 -2.91 -45.21 -61.29
CA ILE I 649 -1.59 -44.60 -61.31
C ILE I 649 -1.79 -43.08 -61.37
N LEU I 650 -1.29 -42.39 -60.33
CA LEU I 650 -1.51 -40.98 -60.13
C LEU I 650 -0.16 -40.30 -59.89
N PRO I 651 0.53 -39.90 -60.96
CA PRO I 651 1.81 -39.20 -60.79
C PRO I 651 1.59 -37.81 -60.21
N TYR I 652 2.21 -37.55 -59.07
CA TYR I 652 1.96 -36.32 -58.34
C TYR I 652 2.63 -35.07 -58.93
N PRO I 653 3.81 -35.18 -59.54
CA PRO I 653 4.37 -34.00 -60.23
C PRO I 653 3.40 -33.41 -61.25
N PRO I 654 2.65 -34.24 -62.00
CA PRO I 654 1.47 -33.67 -62.68
C PRO I 654 0.31 -33.45 -61.72
N GLY I 655 0.07 -34.44 -60.86
CA GLY I 655 -0.95 -34.35 -59.83
C GLY I 655 -2.32 -34.87 -60.22
N VAL I 656 -2.54 -35.26 -61.47
CA VAL I 656 -3.84 -35.73 -61.91
C VAL I 656 -3.74 -37.20 -62.32
N PRO I 657 -4.78 -38.00 -62.13
CA PRO I 657 -4.66 -39.45 -62.39
C PRO I 657 -4.32 -39.72 -63.84
N LEU I 658 -3.33 -40.59 -64.04
CA LEU I 658 -2.84 -40.89 -65.38
C LEU I 658 -3.37 -42.22 -65.90
N VAL I 659 -3.44 -43.24 -65.05
CA VAL I 659 -3.93 -44.55 -65.44
C VAL I 659 -5.06 -44.94 -64.50
N MET I 660 -6.10 -45.44 -65.03
CA MET I 660 -7.20 -45.92 -64.20
C MET I 660 -7.11 -47.43 -64.05
N PRO I 661 -7.64 -47.99 -62.96
CA PRO I 661 -7.73 -49.45 -62.86
C PRO I 661 -8.55 -50.02 -64.01
N GLY I 662 -8.06 -51.10 -64.59
CA GLY I 662 -8.67 -51.67 -65.77
C GLY I 662 -8.16 -51.11 -67.08
N GLU I 663 -7.24 -50.16 -67.06
CA GLU I 663 -6.67 -49.58 -68.26
C GLU I 663 -5.29 -50.14 -68.52
N MET I 664 -4.93 -50.22 -69.81
CA MET I 664 -3.64 -50.74 -70.20
C MET I 664 -3.03 -49.82 -71.26
N LEU I 665 -1.71 -49.85 -71.35
CA LEU I 665 -0.98 -49.05 -72.32
C LEU I 665 -0.72 -49.84 -73.59
N THR I 666 -0.72 -49.13 -74.71
CA THR I 666 -0.46 -49.75 -76.01
C THR I 666 0.55 -48.93 -76.79
N GLU I 667 0.73 -49.25 -78.07
CA GLU I 667 1.67 -48.51 -78.90
C GLU I 667 1.26 -47.04 -79.03
N GLU I 668 -0.04 -46.78 -79.20
CA GLU I 668 -0.50 -45.40 -79.25
C GLU I 668 -0.32 -44.70 -77.91
N SER I 669 -0.59 -45.39 -76.81
CA SER I 669 -0.43 -44.84 -75.48
C SER I 669 0.97 -45.06 -74.92
N ARG I 670 1.93 -45.43 -75.77
CA ARG I 670 3.31 -45.58 -75.34
C ARG I 670 3.88 -44.35 -74.63
N PRO I 671 3.62 -43.11 -75.07
CA PRO I 671 4.21 -41.96 -74.35
C PRO I 671 3.96 -41.96 -72.85
N VAL I 672 2.76 -42.35 -72.43
CA VAL I 672 2.44 -42.40 -71.00
C VAL I 672 3.54 -43.15 -70.25
N LEU I 673 3.76 -44.41 -70.65
CA LEU I 673 4.81 -45.21 -70.03
C LEU I 673 6.13 -44.47 -70.02
N GLU I 674 6.52 -43.91 -71.17
CA GLU I 674 7.78 -43.19 -71.26
C GLU I 674 7.87 -42.15 -70.16
N PHE I 675 6.82 -41.32 -70.04
CA PHE I 675 6.81 -40.28 -69.03
C PHE I 675 7.05 -40.88 -67.65
N LEU I 676 6.34 -41.98 -67.34
CA LEU I 676 6.51 -42.63 -66.05
C LEU I 676 7.96 -43.01 -65.83
N GLN I 677 8.58 -43.64 -66.84
CA GLN I 677 9.98 -44.03 -66.71
C GLN I 677 10.83 -42.80 -66.38
N MET I 678 10.59 -41.71 -67.10
CA MET I 678 11.29 -40.46 -66.83
C MET I 678 11.21 -40.10 -65.35
N LEU I 679 9.99 -40.15 -64.79
CA LEU I 679 9.80 -39.78 -63.39
C LEU I 679 10.76 -40.56 -62.50
N CYS I 680 10.87 -41.87 -62.73
CA CYS I 680 11.74 -42.69 -61.91
C CYS I 680 13.17 -42.14 -61.92
N GLU I 681 13.68 -41.82 -63.10
CA GLU I 681 15.04 -41.29 -63.20
C GLU I 681 15.17 -39.98 -62.44
N ILE I 682 14.17 -39.11 -62.56
CA ILE I 682 14.22 -37.84 -61.85
C ILE I 682 14.25 -38.06 -60.35
N GLY I 683 13.66 -39.16 -59.89
CA GLY I 683 13.68 -39.43 -58.46
C GLY I 683 14.96 -40.03 -57.94
N ALA I 684 15.90 -40.39 -58.82
CA ALA I 684 17.11 -41.10 -58.41
C ALA I 684 18.36 -40.23 -58.53
N HIS I 685 18.20 -38.91 -58.63
CA HIS I 685 19.32 -38.01 -58.84
C HIS I 685 19.45 -36.90 -57.81
N TYR I 686 18.46 -36.69 -56.97
CA TYR I 686 18.50 -35.60 -55.98
C TYR I 686 17.72 -36.02 -54.75
N PRO I 687 18.40 -36.32 -53.65
CA PRO I 687 17.69 -36.62 -52.41
C PRO I 687 16.89 -35.41 -51.95
N GLY I 688 15.71 -35.69 -51.38
CA GLY I 688 14.77 -34.67 -51.01
C GLY I 688 13.82 -34.28 -52.13
N PHE I 689 14.27 -34.37 -53.39
CA PHE I 689 13.44 -34.16 -54.56
C PHE I 689 13.05 -35.52 -55.12
N GLU I 690 12.03 -36.12 -54.50
CA GLU I 690 11.60 -37.47 -54.86
C GLU I 690 10.30 -37.39 -55.64
N THR I 691 10.31 -37.97 -56.85
CA THR I 691 9.08 -38.06 -57.64
C THR I 691 8.11 -39.03 -56.97
N ASP I 692 6.85 -38.66 -56.96
CA ASP I 692 5.79 -39.47 -56.34
C ASP I 692 4.91 -40.04 -57.44
N ILE I 693 4.88 -41.36 -57.55
CA ILE I 693 4.00 -42.05 -58.50
C ILE I 693 3.04 -42.87 -57.65
N HIS I 694 1.90 -42.29 -57.32
CA HIS I 694 0.89 -42.96 -56.51
C HIS I 694 0.31 -44.15 -57.26
N GLY I 695 0.12 -45.26 -56.55
CA GLY I 695 -0.27 -46.50 -57.15
C GLY I 695 0.88 -47.38 -57.55
N ALA I 696 2.08 -46.81 -57.68
CA ALA I 696 3.30 -47.57 -57.88
C ALA I 696 4.05 -47.63 -56.56
N TYR I 697 4.82 -48.69 -56.38
CA TYR I 697 5.48 -48.97 -55.12
C TYR I 697 7.00 -48.87 -55.29
N ARG I 698 7.62 -48.06 -54.43
CA ARG I 698 9.06 -47.81 -54.51
C ARG I 698 9.80 -49.04 -54.00
N GLN I 699 10.41 -49.78 -54.93
CA GLN I 699 11.18 -50.97 -54.60
C GLN I 699 12.65 -50.61 -54.41
N ASP I 700 13.38 -51.52 -53.78
CA ASP I 700 14.81 -51.32 -53.59
C ASP I 700 15.54 -51.30 -54.93
N GLY I 701 16.47 -50.36 -55.07
CA GLY I 701 17.17 -50.17 -56.31
C GLY I 701 16.74 -48.98 -57.13
N ALA I 702 15.96 -48.06 -56.54
CA ALA I 702 15.49 -46.84 -57.22
C ALA I 702 14.67 -47.18 -58.45
N ARG I 703 13.65 -48.02 -58.26
CA ARG I 703 12.76 -48.43 -59.34
C ARG I 703 11.33 -48.47 -58.79
N TYR I 704 10.38 -48.65 -59.70
CA TYR I 704 8.97 -48.72 -59.35
C TYR I 704 8.33 -49.94 -59.99
N THR I 705 7.40 -50.56 -59.27
CA THR I 705 6.62 -51.67 -59.78
C THR I 705 5.13 -51.34 -59.63
N VAL I 706 4.31 -51.92 -60.51
CA VAL I 706 2.88 -51.69 -60.50
C VAL I 706 2.16 -53.02 -60.57
N LYS I 707 1.11 -53.16 -59.76
CA LYS I 707 0.27 -54.35 -59.84
C LYS I 707 -0.54 -54.35 -61.13
N VAL I 708 -0.55 -55.49 -61.82
CA VAL I 708 -1.33 -55.66 -63.02
C VAL I 708 -2.10 -56.97 -62.92
N ILE I 709 -3.15 -57.08 -63.74
CA ILE I 709 -3.95 -58.30 -63.74
C ILE I 709 -3.10 -59.46 -64.21
N LYS I 710 -3.16 -60.56 -63.46
CA LYS I 710 -2.41 -61.77 -63.77
C LYS I 710 -2.72 -62.28 -65.18
N MET J 1 21.11 -7.59 -25.22
CA MET J 1 20.58 -7.68 -26.57
C MET J 1 19.06 -7.86 -26.51
N ASN J 2 18.41 -7.00 -25.71
CA ASN J 2 16.99 -7.17 -25.42
C ASN J 2 16.23 -5.85 -25.37
N ILE J 3 16.75 -4.79 -25.99
CA ILE J 3 16.10 -3.48 -25.99
C ILE J 3 15.32 -3.33 -27.29
N ILE J 4 14.03 -3.05 -27.17
CA ILE J 4 13.15 -2.81 -28.30
C ILE J 4 12.69 -1.36 -28.25
N ALA J 5 12.82 -0.66 -29.38
CA ALA J 5 12.41 0.73 -29.47
C ALA J 5 11.03 0.81 -30.13
N ILE J 6 10.12 1.55 -29.48
CA ILE J 6 8.80 1.85 -30.04
C ILE J 6 8.75 3.35 -30.29
N LEU J 7 8.52 3.74 -31.55
CA LEU J 7 8.76 5.11 -31.93
C LEU J 7 7.66 6.05 -31.42
N ASN J 8 6.42 5.86 -31.86
CA ASN J 8 5.42 6.91 -31.73
C ASN J 8 4.26 6.51 -30.84
N HIS J 9 3.62 7.53 -30.27
CA HIS J 9 2.32 7.39 -29.59
C HIS J 9 1.33 8.31 -30.30
N MET J 10 0.20 7.75 -30.69
CA MET J 10 -0.67 8.37 -31.68
C MET J 10 -1.97 8.83 -31.05
N GLY J 11 -2.84 9.39 -31.88
CA GLY J 11 -4.09 9.90 -31.34
C GLY J 11 -5.28 8.97 -31.45
N VAL J 12 -5.07 7.70 -31.80
CA VAL J 12 -6.17 6.77 -32.06
C VAL J 12 -6.03 5.55 -31.16
N TYR J 13 -7.14 5.16 -30.54
CA TYR J 13 -7.13 4.04 -29.61
C TYR J 13 -6.81 2.73 -30.31
N PHE J 14 -7.32 2.55 -31.53
CA PHE J 14 -7.17 1.28 -32.23
C PHE J 14 -5.72 0.97 -32.59
N LYS J 15 -4.82 1.94 -32.48
CA LYS J 15 -3.39 1.68 -32.58
C LYS J 15 -2.71 1.64 -31.23
N GLU J 16 -3.03 2.57 -30.33
CA GLU J 16 -2.32 2.65 -29.06
C GLU J 16 -2.61 1.46 -28.16
N GLU J 17 -3.86 1.03 -28.06
CA GLU J 17 -4.17 -0.11 -27.20
C GLU J 17 -3.46 -1.39 -27.64
N PRO J 18 -3.45 -1.76 -28.92
CA PRO J 18 -2.59 -2.89 -29.33
C PRO J 18 -1.11 -2.66 -29.02
N ILE J 19 -0.62 -1.42 -29.13
CA ILE J 19 0.78 -1.15 -28.83
C ILE J 19 1.07 -1.35 -27.35
N ARG J 20 0.18 -0.88 -26.46
CA ARG J 20 0.36 -1.12 -25.03
C ARG J 20 0.30 -2.61 -24.70
N GLU J 21 -0.64 -3.33 -25.32
CA GLU J 21 -0.73 -4.77 -25.09
C GLU J 21 0.55 -5.47 -25.55
N LEU J 22 1.08 -5.07 -26.70
CA LEU J 22 2.32 -5.65 -27.19
C LEU J 22 3.48 -5.31 -26.27
N HIS J 23 3.49 -4.10 -25.71
CA HIS J 23 4.53 -3.71 -24.77
C HIS J 23 4.52 -4.62 -23.56
N LYS J 24 3.32 -4.89 -23.02
CA LYS J 24 3.22 -5.81 -21.89
C LYS J 24 3.65 -7.23 -22.28
N ALA J 25 3.24 -7.68 -23.47
CA ALA J 25 3.61 -9.03 -23.92
C ALA J 25 5.11 -9.17 -24.09
N LEU J 26 5.76 -8.12 -24.62
CA LEU J 26 7.21 -8.15 -24.80
C LEU J 26 7.93 -8.09 -23.47
N GLU J 27 7.42 -7.31 -22.51
CA GLU J 27 7.98 -7.34 -21.17
C GLU J 27 7.86 -8.72 -20.56
N ALA J 28 6.78 -9.45 -20.86
CA ALA J 28 6.66 -10.82 -20.38
C ALA J 28 7.71 -11.75 -20.98
N LEU J 29 8.31 -11.38 -22.12
CA LEU J 29 9.34 -12.18 -22.76
C LEU J 29 10.74 -11.65 -22.49
N ASP J 30 10.90 -10.84 -21.44
CA ASP J 30 12.20 -10.29 -21.03
C ASP J 30 12.79 -9.37 -22.10
N PHE J 31 11.99 -8.40 -22.53
CA PHE J 31 12.45 -7.32 -23.36
C PHE J 31 12.35 -6.02 -22.58
N GLN J 32 13.31 -5.13 -22.81
CA GLN J 32 13.29 -3.78 -22.25
C GLN J 32 12.80 -2.82 -23.33
N ILE J 33 11.71 -2.13 -23.05
CA ILE J 33 11.07 -1.24 -24.03
C ILE J 33 11.56 0.18 -23.80
N VAL J 34 11.98 0.84 -24.89
CA VAL J 34 12.35 2.24 -24.86
C VAL J 34 11.50 3.00 -25.87
N TYR J 35 11.30 4.29 -25.62
CA TYR J 35 10.38 5.12 -26.37
C TYR J 35 11.10 6.37 -26.87
N PRO J 36 11.71 6.32 -28.04
CA PRO J 36 12.24 7.55 -28.63
C PRO J 36 11.11 8.51 -28.98
N ASN J 37 11.43 9.80 -28.93
CA ASN J 37 10.41 10.82 -29.13
C ASN J 37 10.16 11.10 -30.61
N ASP J 38 11.16 10.91 -31.46
CA ASP J 38 11.02 11.21 -32.88
C ASP J 38 12.06 10.40 -33.63
N ARG J 39 12.11 10.61 -34.96
CA ARG J 39 13.01 9.85 -35.81
C ARG J 39 14.47 10.09 -35.45
N GLU J 40 14.84 11.35 -35.23
CA GLU J 40 16.23 11.67 -34.89
C GLU J 40 16.63 11.04 -33.56
N ASP J 41 15.73 11.08 -32.59
CA ASP J 41 15.97 10.42 -31.30
C ASP J 41 16.22 8.93 -31.51
N LEU J 42 15.41 8.28 -32.35
CA LEU J 42 15.61 6.86 -32.62
CA LEU J 42 15.61 6.86 -32.62
C LEU J 42 16.96 6.60 -33.27
N LEU J 43 17.34 7.43 -34.24
CA LEU J 43 18.61 7.21 -34.94
C LEU J 43 19.79 7.38 -33.99
N LYS J 44 19.75 8.39 -33.13
CA LYS J 44 20.82 8.57 -32.16
C LYS J 44 20.85 7.41 -31.16
N LEU J 45 19.68 6.92 -30.75
CA LEU J 45 19.62 5.77 -29.85
C LEU J 45 20.24 4.53 -30.48
N ILE J 46 19.96 4.28 -31.76
CA ILE J 46 20.60 3.17 -32.45
C ILE J 46 22.11 3.39 -32.52
N ASP J 47 22.52 4.62 -32.79
CA ASP J 47 23.94 4.92 -32.92
C ASP J 47 24.71 4.69 -31.62
N ASN J 48 24.13 5.07 -30.48
CA ASN J 48 24.85 5.03 -29.22
C ASN J 48 24.68 3.72 -28.46
N ASN J 49 23.84 2.81 -28.93
CA ASN J 49 23.50 1.62 -28.14
C ASN J 49 23.45 0.41 -29.06
N ALA J 50 24.54 -0.37 -29.05
CA ALA J 50 24.62 -1.55 -29.88
C ALA J 50 23.74 -2.69 -29.36
N ARG J 51 23.17 -2.56 -28.16
CA ARG J 51 22.35 -3.62 -27.59
CA ARG J 51 22.35 -3.62 -27.59
C ARG J 51 20.90 -3.58 -28.09
N LEU J 52 20.53 -2.60 -28.90
CA LEU J 52 19.20 -2.57 -29.49
C LEU J 52 18.99 -3.77 -30.40
N CYS J 53 17.85 -4.44 -30.26
CA CYS J 53 17.57 -5.64 -31.03
C CYS J 53 16.33 -5.53 -31.91
N GLY J 54 15.64 -4.41 -31.93
CA GLY J 54 14.48 -4.26 -32.79
C GLY J 54 13.88 -2.87 -32.67
N VAL J 55 13.15 -2.50 -33.72
CA VAL J 55 12.48 -1.20 -33.80
C VAL J 55 11.04 -1.41 -34.25
N ILE J 56 10.10 -0.83 -33.50
CA ILE J 56 8.68 -0.86 -33.84
C ILE J 56 8.25 0.56 -34.20
N PHE J 57 7.55 0.70 -35.32
CA PHE J 57 7.06 2.01 -35.73
C PHE J 57 5.79 1.85 -36.56
N ASP J 58 5.07 2.96 -36.69
CA ASP J 58 3.83 3.03 -37.43
C ASP J 58 4.12 3.41 -38.88
N TRP J 59 3.69 2.54 -39.81
CA TRP J 59 3.95 2.78 -41.23
C TRP J 59 3.20 4.00 -41.74
N ASP J 60 2.01 4.29 -41.21
CA ASP J 60 1.29 5.49 -41.63
C ASP J 60 2.09 6.76 -41.31
N THR J 61 2.70 6.81 -40.13
CA THR J 61 3.44 8.00 -39.72
C THR J 61 4.76 8.13 -40.48
N TYR J 62 5.49 7.03 -40.65
CA TYR J 62 6.83 7.06 -41.24
C TYR J 62 6.88 6.14 -42.44
N ASN J 63 7.43 6.64 -43.54
CA ASN J 63 7.63 5.83 -44.73
C ASN J 63 8.79 4.86 -44.51
N LEU J 64 8.99 3.97 -45.47
CA LEU J 64 10.01 2.94 -45.32
C LEU J 64 11.43 3.47 -45.53
N ASP J 65 11.61 4.74 -45.88
CA ASP J 65 12.97 5.30 -45.94
C ASP J 65 13.60 5.37 -44.55
N LEU J 66 12.79 5.45 -43.50
CA LEU J 66 13.32 5.34 -42.15
C LEU J 66 14.01 3.99 -41.94
N CYS J 67 13.44 2.94 -42.54
CA CYS J 67 14.10 1.63 -42.49
C CYS J 67 15.44 1.67 -43.21
N GLU J 68 15.52 2.40 -44.33
CA GLU J 68 16.81 2.56 -45.01
C GLU J 68 17.82 3.27 -44.12
N GLU J 69 17.38 4.30 -43.40
CA GLU J 69 18.28 4.99 -42.48
C GLU J 69 18.76 4.05 -41.38
N ILE J 70 17.85 3.23 -40.85
CA ILE J 70 18.23 2.25 -39.84
C ILE J 70 19.23 1.24 -40.42
N SER J 71 18.98 0.75 -41.62
CA SER J 71 19.83 -0.25 -42.25
C SER J 71 21.22 0.28 -42.54
N ALA J 72 21.34 1.57 -42.87
CA ALA J 72 22.65 2.14 -43.12
C ALA J 72 23.55 2.07 -41.88
N MET J 73 22.95 2.03 -40.70
CA MET J 73 23.71 1.86 -39.47
C MET J 73 23.90 0.38 -39.14
N ASN J 74 22.86 -0.43 -39.32
CA ASN J 74 22.91 -1.86 -38.99
C ASN J 74 21.91 -2.56 -39.91
N GLU J 75 22.41 -3.16 -40.99
CA GLU J 75 21.54 -3.76 -42.00
C GLU J 75 20.86 -5.03 -41.52
N HIS J 76 21.28 -5.60 -40.39
CA HIS J 76 20.65 -6.79 -39.85
C HIS J 76 19.63 -6.49 -38.75
N LEU J 77 19.60 -5.27 -38.25
CA LEU J 77 18.70 -4.92 -37.15
C LEU J 77 17.25 -5.10 -37.59
N PRO J 78 16.46 -5.91 -36.88
CA PRO J 78 15.07 -6.14 -37.30
C PRO J 78 14.21 -4.92 -37.03
N VAL J 79 13.38 -4.57 -38.01
CA VAL J 79 12.45 -3.45 -37.93
CA VAL J 79 12.45 -3.47 -37.88
C VAL J 79 11.05 -3.99 -38.15
N TYR J 80 10.13 -3.64 -37.26
CA TYR J 80 8.74 -4.10 -37.32
C TYR J 80 7.85 -2.92 -37.66
N ALA J 81 7.25 -2.96 -38.84
CA ALA J 81 6.37 -1.91 -39.32
C ALA J 81 4.91 -2.32 -39.16
N PHE J 82 4.12 -1.46 -38.55
CA PHE J 82 2.71 -1.73 -38.35
C PHE J 82 1.91 -1.05 -39.47
N ALA J 83 1.20 -1.87 -40.25
CA ALA J 83 0.49 -1.42 -41.43
C ALA J 83 -0.98 -1.17 -41.11
N ASN J 84 -1.48 0.00 -41.49
CA ASN J 84 -2.91 0.30 -41.39
C ASN J 84 -3.51 0.70 -42.72
N THR J 85 -3.00 1.74 -43.37
CA THR J 85 -3.51 2.16 -44.67
C THR J 85 -2.69 1.64 -45.84
N HIS J 86 -1.40 1.41 -45.65
CA HIS J 86 -0.58 0.86 -46.71
C HIS J 86 -0.91 -0.61 -46.95
N SER J 87 -0.86 -1.03 -48.20
CA SER J 87 -1.12 -2.40 -48.60
C SER J 87 0.13 -2.98 -49.26
N THR J 88 -0.02 -4.19 -49.83
CA THR J 88 1.07 -4.78 -50.60
C THR J 88 1.39 -3.98 -51.86
N LEU J 89 0.48 -3.11 -52.29
CA LEU J 89 0.73 -2.26 -53.45
C LEU J 89 1.69 -1.11 -53.15
N ASP J 90 2.05 -0.89 -51.89
CA ASP J 90 2.84 0.27 -51.50
C ASP J 90 4.27 -0.06 -51.14
N VAL J 91 4.75 -1.26 -51.48
CA VAL J 91 6.13 -1.67 -51.21
CA VAL J 91 6.13 -1.67 -51.21
C VAL J 91 6.84 -1.84 -52.53
N SER J 92 8.04 -1.27 -52.63
CA SER J 92 8.88 -1.47 -53.80
C SER J 92 9.83 -2.63 -53.54
N LEU J 93 10.52 -3.04 -54.60
CA LEU J 93 11.51 -4.11 -54.48
C LEU J 93 12.62 -3.72 -53.51
N ASN J 94 13.11 -2.48 -53.64
CA ASN J 94 14.15 -2.01 -52.74
C ASN J 94 13.69 -2.01 -51.29
N ASP J 95 12.42 -1.62 -51.05
CA ASP J 95 11.89 -1.70 -49.70
C ASP J 95 11.88 -3.13 -49.18
N LEU J 96 11.49 -4.08 -50.04
CA LEU J 96 11.45 -5.48 -49.62
C LEU J 96 12.84 -6.04 -49.37
N ARG J 97 13.88 -5.38 -49.88
CA ARG J 97 15.25 -5.80 -49.56
CA ARG J 97 15.24 -5.81 -49.56
C ARG J 97 15.56 -5.62 -48.07
N LEU J 98 14.96 -4.63 -47.43
CA LEU J 98 15.25 -4.34 -46.03
C LEU J 98 14.73 -5.43 -45.12
N ASN J 99 15.28 -5.48 -43.90
CA ASN J 99 14.88 -6.47 -42.90
C ASN J 99 13.67 -5.95 -42.11
N VAL J 100 12.56 -5.82 -42.82
CA VAL J 100 11.32 -5.30 -42.25
CA VAL J 100 11.31 -5.29 -42.27
C VAL J 100 10.30 -6.43 -42.18
N GLU J 101 9.64 -6.54 -41.03
CA GLU J 101 8.55 -7.47 -40.82
C GLU J 101 7.29 -6.65 -40.54
N PHE J 102 6.20 -6.97 -41.22
CA PHE J 102 4.98 -6.19 -41.14
C PHE J 102 3.97 -6.85 -40.21
N PHE J 103 3.26 -6.02 -39.44
CA PHE J 103 2.23 -6.46 -38.52
C PHE J 103 0.99 -5.60 -38.72
N GLU J 104 -0.07 -5.93 -37.98
CA GLU J 104 -1.33 -5.20 -38.05
C GLU J 104 -1.83 -4.91 -36.65
N TYR J 105 -2.63 -3.85 -36.53
CA TYR J 105 -3.19 -3.45 -35.25
C TYR J 105 -4.47 -4.25 -34.98
N ALA J 106 -4.51 -4.94 -33.83
CA ALA J 106 -5.69 -5.70 -33.45
C ALA J 106 -5.62 -6.00 -31.96
N LEU J 107 -6.75 -5.88 -31.29
CA LEU J 107 -6.83 -6.26 -29.89
C LEU J 107 -6.69 -7.78 -29.75
N GLY J 108 -5.95 -8.20 -28.73
CA GLY J 108 -5.77 -9.61 -28.45
C GLY J 108 -4.74 -10.33 -29.28
N ALA J 109 -4.01 -9.63 -30.15
CA ALA J 109 -3.00 -10.25 -31.00
C ALA J 109 -1.59 -10.01 -30.46
N ALA J 110 -1.45 -9.42 -29.28
CA ALA J 110 -0.13 -9.05 -28.77
C ALA J 110 0.74 -10.27 -28.51
N GLN J 111 0.14 -11.39 -28.09
CA GLN J 111 0.94 -12.58 -27.77
C GLN J 111 1.61 -13.16 -29.01
N ASP J 112 0.86 -13.32 -30.10
CA ASP J 112 1.44 -13.86 -31.32
C ASP J 112 2.50 -12.93 -31.90
N ILE J 113 2.24 -11.62 -31.88
CA ILE J 113 3.22 -10.67 -32.39
C ILE J 113 4.49 -10.70 -31.54
N ALA J 114 4.33 -10.77 -30.22
CA ALA J 114 5.49 -10.84 -29.35
C ALA J 114 6.31 -12.10 -29.62
N GLN J 115 5.62 -13.22 -29.86
CA GLN J 115 6.31 -14.46 -30.23
C GLN J 115 7.07 -14.30 -31.54
N LYS J 116 6.46 -13.66 -32.53
CA LYS J 116 7.13 -13.40 -33.79
C LYS J 116 8.37 -12.52 -33.58
N ILE J 117 8.26 -11.53 -32.71
CA ILE J 117 9.39 -10.64 -32.44
C ILE J 117 10.50 -11.38 -31.71
N ARG J 118 10.14 -12.28 -30.79
CA ARG J 118 11.14 -13.12 -30.12
C ARG J 118 11.88 -13.98 -31.14
N GLN J 119 11.15 -14.59 -32.07
CA GLN J 119 11.79 -15.41 -33.10
C GLN J 119 12.70 -14.58 -33.99
N SER J 120 12.25 -13.38 -34.38
CA SER J 120 13.06 -12.52 -35.22
C SER J 120 14.33 -12.06 -34.49
N THR J 121 14.22 -11.80 -33.18
CA THR J 121 15.38 -11.45 -32.38
C THR J 121 16.38 -12.60 -32.33
N ASP J 122 15.88 -13.83 -32.13
CA ASP J 122 16.74 -15.00 -32.14
C ASP J 122 17.44 -15.15 -33.48
N ALA J 123 16.71 -14.93 -34.57
CA ALA J 123 17.30 -15.02 -35.90
C ALA J 123 18.39 -13.97 -36.10
N TYR J 124 18.14 -12.74 -35.63
CA TYR J 124 19.13 -11.68 -35.73
C TYR J 124 20.42 -12.06 -34.99
N ILE J 125 20.28 -12.54 -33.74
CA ILE J 125 21.44 -12.94 -32.96
C ILE J 125 22.19 -14.08 -33.65
N ASP J 126 21.45 -15.07 -34.14
CA ASP J 126 22.07 -16.19 -34.86
C ASP J 126 22.80 -15.71 -36.10
N GLU J 127 22.28 -14.68 -36.77
CA GLU J 127 22.89 -14.19 -37.99
C GLU J 127 24.19 -13.45 -37.70
N ILE J 128 24.21 -12.60 -36.68
CA ILE J 128 25.44 -11.82 -36.47
C ILE J 128 26.52 -12.65 -35.77
N LEU J 129 26.14 -13.65 -34.99
CA LEU J 129 27.14 -14.43 -34.26
C LEU J 129 27.94 -15.31 -35.21
N PRO J 130 29.24 -15.45 -34.99
CA PRO J 130 30.04 -16.39 -35.80
C PRO J 130 29.80 -17.82 -35.33
N PRO J 131 30.12 -18.82 -36.17
CA PRO J 131 29.66 -20.20 -35.89
C PRO J 131 30.22 -20.84 -34.62
N LEU J 132 31.54 -20.77 -34.41
CA LEU J 132 32.13 -21.40 -33.23
CA LEU J 132 32.11 -21.41 -33.22
C LEU J 132 31.63 -20.76 -31.94
N THR J 133 31.56 -19.42 -31.91
CA THR J 133 31.08 -18.73 -30.73
C THR J 133 29.64 -19.10 -30.41
N LYS J 134 28.79 -19.17 -31.45
CA LYS J 134 27.40 -19.57 -31.26
C LYS J 134 27.32 -20.99 -30.72
N ALA J 135 28.13 -21.90 -31.28
CA ALA J 135 28.16 -23.27 -30.77
C ALA J 135 28.56 -23.32 -29.30
N LEU J 136 29.57 -22.54 -28.92
CA LEU J 136 30.05 -22.52 -27.54
C LEU J 136 28.96 -22.00 -26.60
N PHE J 137 28.29 -20.92 -26.99
CA PHE J 137 27.22 -20.37 -26.17
C PHE J 137 26.08 -21.37 -26.01
N ASN J 138 25.71 -22.05 -27.10
CA ASN J 138 24.66 -23.06 -27.03
C ASN J 138 25.05 -24.19 -26.08
N TYR J 139 26.28 -24.69 -26.22
CA TYR J 139 26.70 -25.80 -25.37
C TYR J 139 26.68 -25.39 -23.91
N VAL J 140 27.11 -24.16 -23.62
CA VAL J 140 27.04 -23.67 -22.24
C VAL J 140 25.60 -23.69 -21.75
N LYS J 141 24.65 -23.31 -22.60
CA LYS J 141 23.25 -23.43 -22.20
C LYS J 141 22.81 -24.88 -21.99
N GLU J 142 23.50 -25.84 -22.60
CA GLU J 142 23.10 -27.25 -22.45
C GLU J 142 23.27 -27.73 -21.01
N GLY J 143 24.36 -27.35 -20.34
CA GLY J 143 24.57 -27.69 -18.94
C GLY J 143 24.82 -29.15 -18.61
N LYS J 144 25.74 -29.81 -19.32
CA LYS J 144 26.02 -31.22 -19.10
C LYS J 144 26.95 -31.43 -17.90
N TYR J 145 26.95 -32.67 -17.39
CA TYR J 145 27.86 -33.09 -16.33
C TYR J 145 29.14 -33.64 -16.95
N THR J 146 30.28 -33.19 -16.46
CA THR J 146 31.57 -33.58 -17.03
C THR J 146 32.37 -34.37 -16.00
N PHE J 147 32.88 -35.53 -16.41
CA PHE J 147 33.89 -36.26 -15.67
C PHE J 147 35.24 -36.21 -16.39
N CYS J 148 35.50 -35.09 -17.07
CA CYS J 148 36.65 -34.93 -17.94
C CYS J 148 37.31 -33.58 -17.65
N THR J 149 38.49 -33.39 -18.24
CA THR J 149 39.19 -32.13 -18.08
C THR J 149 38.44 -31.01 -18.80
N PRO J 150 38.56 -29.76 -18.32
CA PRO J 150 39.35 -29.30 -17.17
C PRO J 150 38.77 -29.73 -15.82
N GLY J 151 39.61 -29.76 -14.78
CA GLY J 151 39.23 -30.36 -13.52
C GLY J 151 38.22 -29.56 -12.72
N HIS J 152 38.09 -28.26 -12.99
CA HIS J 152 37.12 -27.48 -12.24
C HIS J 152 35.68 -27.85 -12.58
N MET J 153 35.47 -28.65 -13.64
CA MET J 153 34.16 -29.20 -13.98
C MET J 153 33.10 -28.10 -14.15
N GLY J 154 33.43 -27.13 -15.00
CA GLY J 154 32.51 -26.02 -15.22
C GLY J 154 32.36 -25.07 -14.06
N GLY J 155 33.33 -25.03 -13.14
CA GLY J 155 33.31 -24.11 -12.02
C GLY J 155 32.86 -24.68 -10.69
N THR J 156 32.49 -25.97 -10.63
CA THR J 156 32.06 -26.58 -9.37
C THR J 156 33.17 -26.51 -8.32
N ALA J 157 34.38 -26.88 -8.70
CA ALA J 157 35.50 -26.91 -7.76
C ALA J 157 35.75 -25.53 -7.18
N PHE J 158 35.64 -24.48 -8.00
CA PHE J 158 35.78 -23.13 -7.49
C PHE J 158 34.73 -22.82 -6.44
N GLN J 159 33.49 -23.21 -6.71
CA GLN J 159 32.40 -22.93 -5.79
C GLN J 159 32.51 -23.72 -4.49
N LYS J 160 33.32 -24.78 -4.48
CA LYS J 160 33.52 -25.55 -3.27
CA LYS J 160 33.52 -25.55 -3.27
C LYS J 160 34.61 -24.98 -2.35
N SER J 161 35.25 -23.88 -2.74
CA SER J 161 36.36 -23.31 -1.98
C SER J 161 36.10 -21.83 -1.72
N PRO J 162 36.57 -21.31 -0.57
CA PRO J 162 36.37 -19.87 -0.29
C PRO J 162 37.08 -18.95 -1.27
N VAL J 163 38.40 -19.12 -1.40
CA VAL J 163 39.15 -18.31 -2.35
C VAL J 163 38.70 -18.65 -3.78
N GLY J 164 38.42 -19.93 -4.02
CA GLY J 164 37.86 -20.32 -5.30
C GLY J 164 36.52 -19.66 -5.58
N SER J 165 35.69 -19.51 -4.55
CA SER J 165 34.41 -18.83 -4.75
C SER J 165 34.62 -17.36 -5.06
N ILE J 166 35.61 -16.71 -4.44
CA ILE J 166 35.91 -15.33 -4.82
C ILE J 166 36.31 -15.25 -6.29
N PHE J 167 37.18 -16.16 -6.72
CA PHE J 167 37.62 -16.19 -8.11
C PHE J 167 36.44 -16.40 -9.06
N TYR J 168 35.56 -17.35 -8.72
CA TYR J 168 34.40 -17.66 -9.54
C TYR J 168 33.45 -16.47 -9.62
N ASP J 169 33.23 -15.80 -8.49
CA ASP J 169 32.35 -14.64 -8.49
C ASP J 169 32.93 -13.49 -9.31
N PHE J 170 34.26 -13.32 -9.28
CA PHE J 170 34.88 -12.31 -10.13
C PHE J 170 34.69 -12.63 -11.61
N PHE J 171 35.05 -13.84 -12.03
CA PHE J 171 35.08 -14.11 -13.46
C PHE J 171 33.71 -14.45 -14.03
N GLY J 172 32.75 -14.81 -13.19
CA GLY J 172 31.41 -15.12 -13.67
C GLY J 172 31.24 -16.58 -14.03
N ALA J 173 29.98 -17.01 -14.04
CA ALA J 173 29.67 -18.42 -14.30
C ALA J 173 29.96 -18.81 -15.74
N ASN J 174 29.63 -17.93 -16.69
CA ASN J 174 29.75 -18.28 -18.11
C ASN J 174 31.21 -18.52 -18.50
N ALA J 175 32.13 -17.72 -17.97
CA ALA J 175 33.54 -17.91 -18.29
C ALA J 175 34.04 -19.27 -17.81
N MET J 176 33.58 -19.70 -16.64
CA MET J 176 33.96 -21.03 -16.15
C MET J 176 33.30 -22.12 -16.96
N LYS J 177 32.02 -21.95 -17.32
CA LYS J 177 31.29 -22.98 -18.04
C LYS J 177 31.79 -23.14 -19.48
N SER J 178 32.36 -22.09 -20.04
CA SER J 178 32.88 -22.13 -21.41
C SER J 178 34.30 -22.63 -21.47
N ASP J 179 34.92 -22.94 -20.33
CA ASP J 179 36.26 -23.50 -20.26
C ASP J 179 36.12 -25.02 -20.39
N ILE J 180 36.21 -25.51 -21.62
CA ILE J 180 35.96 -26.92 -21.94
C ILE J 180 37.15 -27.46 -22.71
N SER J 181 37.07 -28.75 -23.05
CA SER J 181 38.13 -29.41 -23.81
C SER J 181 37.55 -30.17 -24.99
N ILE J 182 38.39 -30.94 -25.69
CA ILE J 182 37.93 -31.70 -26.85
C ILE J 182 37.08 -32.92 -26.47
N SER J 183 36.99 -33.23 -25.17
CA SER J 183 36.05 -34.26 -24.74
C SER J 183 34.61 -33.92 -25.14
N VAL J 184 34.32 -32.62 -25.31
CA VAL J 184 33.05 -32.17 -25.86
C VAL J 184 33.14 -32.26 -27.39
N GLY J 185 32.66 -33.37 -27.94
CA GLY J 185 32.90 -33.65 -29.34
C GLY J 185 32.14 -32.76 -30.31
N GLU J 186 31.01 -32.20 -29.87
CA GLU J 186 30.17 -31.43 -30.78
C GLU J 186 30.74 -30.05 -31.10
N LEU J 187 31.74 -29.58 -30.33
CA LEU J 187 32.44 -28.35 -30.71
C LEU J 187 33.59 -28.61 -31.68
N GLY J 188 33.89 -29.87 -31.99
CA GLY J 188 35.03 -30.13 -32.85
C GLY J 188 36.35 -29.93 -32.10
N SER J 189 37.42 -29.86 -32.88
CA SER J 189 38.76 -29.73 -32.35
C SER J 189 39.53 -28.66 -33.10
N LEU J 190 40.22 -27.80 -32.35
CA LEU J 190 41.10 -26.82 -32.97
C LEU J 190 42.28 -27.49 -33.67
N LEU J 191 42.89 -28.48 -33.01
CA LEU J 191 44.05 -29.15 -33.58
C LEU J 191 43.70 -29.90 -34.85
N ASP J 192 42.50 -30.48 -34.91
CA ASP J 192 42.07 -31.25 -36.07
C ASP J 192 41.35 -30.42 -37.11
N HIS J 193 41.07 -29.15 -36.84
CA HIS J 193 40.36 -28.28 -37.78
C HIS J 193 39.03 -28.90 -38.20
N SER J 194 38.28 -29.37 -37.21
CA SER J 194 37.07 -30.13 -37.42
C SER J 194 35.87 -29.38 -36.86
N GLY J 195 34.69 -29.73 -37.37
CA GLY J 195 33.45 -29.20 -36.87
C GLY J 195 33.35 -27.71 -36.97
N PRO J 196 32.80 -27.07 -35.92
CA PRO J 196 32.70 -25.61 -35.93
C PRO J 196 34.03 -24.90 -36.01
N HIS J 197 35.14 -25.55 -35.63
CA HIS J 197 36.45 -24.93 -35.78
C HIS J 197 36.81 -24.71 -37.24
N LYS J 198 36.50 -25.68 -38.10
CA LYS J 198 36.78 -25.53 -39.53
C LYS J 198 35.97 -24.38 -40.12
N GLU J 199 34.69 -24.29 -39.78
CA GLU J 199 33.88 -23.19 -40.27
C GLU J 199 34.34 -21.85 -39.70
N ALA J 200 34.81 -21.84 -38.45
CA ALA J 200 35.40 -20.60 -37.91
C ALA J 200 36.62 -20.17 -38.70
N GLU J 201 37.49 -21.13 -39.06
CA GLU J 201 38.67 -20.81 -39.84
C GLU J 201 38.30 -20.26 -41.21
N GLU J 202 37.32 -20.90 -41.88
CA GLU J 202 36.89 -20.43 -43.19
C GLU J 202 36.23 -19.06 -43.09
N TYR J 203 35.46 -18.84 -42.04
CA TYR J 203 34.83 -17.55 -41.78
C TYR J 203 35.88 -16.46 -41.63
N ILE J 204 36.92 -16.75 -40.85
CA ILE J 204 37.99 -15.77 -40.65
C ILE J 204 38.74 -15.50 -41.95
N ALA J 205 39.03 -16.56 -42.71
CA ALA J 205 39.74 -16.38 -43.98
C ALA J 205 38.92 -15.52 -44.94
N ARG J 206 37.60 -15.73 -44.98
CA ARG J 206 36.75 -14.88 -45.82
C ARG J 206 36.78 -13.44 -45.34
N THR J 207 36.68 -13.24 -44.02
CA THR J 207 36.62 -11.89 -43.47
C THR J 207 37.93 -11.13 -43.67
N PHE J 208 39.07 -11.80 -43.59
CA PHE J 208 40.37 -11.15 -43.62
C PHE J 208 41.05 -11.23 -44.98
N ASN J 209 40.33 -11.63 -46.03
CA ASN J 209 40.88 -11.70 -47.38
C ASN J 209 42.09 -12.63 -47.46
N ALA J 210 41.97 -13.79 -46.84
CA ALA J 210 43.02 -14.80 -46.88
C ALA J 210 42.49 -16.06 -47.54
N GLU J 211 43.37 -16.73 -48.28
CA GLU J 211 43.02 -18.05 -48.79
C GLU J 211 42.83 -19.04 -47.66
N ARG J 212 43.72 -19.02 -46.66
CA ARG J 212 43.64 -19.95 -45.56
C ARG J 212 43.98 -19.23 -44.27
N SER J 213 43.28 -19.53 -43.19
CA SER J 213 43.51 -18.87 -41.91
C SER J 213 43.65 -19.91 -40.80
N TYR J 214 44.49 -19.58 -39.82
CA TYR J 214 44.74 -20.43 -38.67
C TYR J 214 44.63 -19.60 -37.40
N MET J 215 44.06 -20.20 -36.36
CA MET J 215 43.86 -19.58 -35.08
C MET J 215 44.95 -20.05 -34.12
N VAL J 216 45.62 -19.10 -33.47
CA VAL J 216 46.73 -19.37 -32.56
C VAL J 216 46.37 -18.84 -31.19
N THR J 217 46.55 -19.65 -30.15
CA THR J 217 46.18 -19.27 -28.79
C THR J 217 47.39 -18.95 -27.92
N ASN J 218 48.58 -18.83 -28.50
CA ASN J 218 49.75 -18.39 -27.74
C ASN J 218 50.43 -17.19 -28.40
N GLY J 219 49.66 -16.36 -29.09
CA GLY J 219 50.15 -15.08 -29.55
C GLY J 219 50.88 -15.12 -30.88
N THR J 220 51.14 -13.92 -31.39
CA THR J 220 51.90 -13.79 -32.64
C THR J 220 53.32 -14.29 -32.48
N SER J 221 53.86 -14.36 -31.26
CA SER J 221 55.14 -15.03 -31.07
C SER J 221 55.08 -16.47 -31.57
N THR J 222 54.07 -17.21 -31.13
CA THR J 222 53.88 -18.58 -31.59
C THR J 222 53.52 -18.63 -33.07
N ALA J 223 52.70 -17.68 -33.54
CA ALA J 223 52.34 -17.67 -34.96
C ALA J 223 53.59 -17.48 -35.83
N ASN J 224 54.47 -16.57 -35.44
CA ASN J 224 55.72 -16.37 -36.14
C ASN J 224 56.56 -17.63 -36.13
N LYS J 225 56.62 -18.31 -34.99
CA LYS J 225 57.41 -19.54 -34.92
C LYS J 225 56.84 -20.61 -35.86
N ILE J 226 55.51 -20.74 -35.91
CA ILE J 226 54.89 -21.71 -36.80
C ILE J 226 55.25 -21.41 -38.26
N VAL J 227 55.06 -20.15 -38.68
CA VAL J 227 55.32 -19.79 -40.06
C VAL J 227 56.79 -20.01 -40.39
N GLY J 228 57.68 -19.54 -39.51
CA GLY J 228 59.10 -19.65 -39.77
C GLY J 228 59.60 -21.08 -39.85
N MET J 229 59.13 -21.93 -38.95
CA MET J 229 59.55 -23.33 -39.01
C MET J 229 58.99 -24.04 -40.24
N TYR J 230 57.76 -23.74 -40.64
CA TYR J 230 57.29 -24.32 -41.89
C TYR J 230 58.12 -23.85 -43.07
N SER J 231 58.56 -22.59 -43.04
CA SER J 231 59.17 -21.97 -44.21
C SER J 231 60.69 -22.11 -44.27
N ALA J 232 61.36 -22.28 -43.13
CA ALA J 232 62.82 -22.23 -43.07
C ALA J 232 63.38 -23.54 -42.52
N PRO J 233 63.69 -24.50 -43.37
CA PRO J 233 64.32 -25.74 -42.90
C PRO J 233 65.73 -25.48 -42.38
N ALA J 234 66.19 -26.38 -41.51
CA ALA J 234 67.53 -26.26 -40.97
C ALA J 234 68.55 -26.25 -42.09
N GLY J 235 69.54 -25.36 -41.97
CA GLY J 235 70.54 -25.18 -42.99
C GLY J 235 70.23 -24.14 -44.05
N SER J 236 69.00 -23.62 -44.07
CA SER J 236 68.62 -22.61 -45.05
C SER J 236 69.00 -21.21 -44.57
N THR J 237 68.89 -20.25 -45.48
CA THR J 237 69.17 -18.84 -45.22
C THR J 237 67.86 -18.05 -45.20
N VAL J 238 67.74 -17.12 -44.27
CA VAL J 238 66.53 -16.34 -44.09
C VAL J 238 66.85 -14.86 -44.11
N LEU J 239 65.96 -14.07 -44.72
CA LEU J 239 66.02 -12.62 -44.66
C LEU J 239 65.14 -12.14 -43.51
N ILE J 240 65.71 -11.35 -42.61
CA ILE J 240 65.02 -10.91 -41.41
C ILE J 240 65.09 -9.40 -41.32
N ASP J 241 63.94 -8.75 -41.08
CA ASP J 241 63.94 -7.35 -40.69
C ASP J 241 64.76 -7.18 -39.41
N ARG J 242 65.77 -6.31 -39.46
CA ARG J 242 66.59 -6.11 -38.26
C ARG J 242 65.75 -5.57 -37.11
N ASN J 243 64.77 -4.73 -37.40
CA ASN J 243 63.77 -4.36 -36.40
C ASN J 243 62.71 -5.47 -36.47
N CYS J 244 62.88 -6.46 -35.60
CA CYS J 244 62.02 -7.62 -35.54
C CYS J 244 61.69 -7.91 -34.10
N HIS J 245 60.52 -8.51 -33.90
CA HIS J 245 60.14 -8.94 -32.57
C HIS J 245 61.06 -10.06 -32.11
N LYS J 246 61.20 -10.18 -30.79
CA LYS J 246 62.11 -11.19 -30.24
C LYS J 246 61.67 -12.61 -30.58
N SER J 247 60.42 -12.80 -31.01
CA SER J 247 59.98 -14.13 -31.41
C SER J 247 60.76 -14.65 -32.62
N LEU J 248 61.08 -13.77 -33.56
CA LEU J 248 61.92 -14.18 -34.69
C LEU J 248 63.31 -14.60 -34.23
N THR J 249 63.86 -13.91 -33.22
CA THR J 249 65.12 -14.32 -32.63
C THR J 249 64.99 -15.68 -31.95
N HIS J 250 63.88 -15.91 -31.25
CA HIS J 250 63.63 -17.24 -30.67
C HIS J 250 63.60 -18.30 -31.76
N LEU J 251 62.99 -17.98 -32.90
CA LEU J 251 62.97 -18.91 -34.02
C LEU J 251 64.37 -19.17 -34.55
N MET J 252 65.21 -18.14 -34.66
CA MET J 252 66.57 -18.33 -35.12
C MET J 252 67.39 -19.17 -34.15
N MET J 253 67.10 -19.05 -32.85
CA MET J 253 67.75 -19.90 -31.86
C MET J 253 67.19 -21.32 -31.89
N MET J 254 65.96 -21.48 -32.40
CA MET J 254 65.33 -22.79 -32.48
C MET J 254 66.10 -23.74 -33.38
N SER J 255 66.45 -23.30 -34.58
CA SER J 255 67.02 -24.17 -35.59
C SER J 255 68.18 -23.48 -36.30
N ASP J 256 69.02 -24.30 -36.93
CA ASP J 256 70.22 -23.82 -37.60
C ASP J 256 69.79 -23.19 -38.92
N ILE J 257 69.53 -21.89 -38.88
CA ILE J 257 69.24 -21.10 -40.08
C ILE J 257 70.15 -19.89 -40.06
N THR J 258 70.73 -19.57 -41.22
CA THR J 258 71.61 -18.43 -41.33
C THR J 258 70.82 -17.18 -41.65
N PRO J 259 70.81 -16.16 -40.81
CA PRO J 259 70.07 -14.94 -41.12
C PRO J 259 70.90 -13.92 -41.87
N ILE J 260 70.23 -13.22 -42.80
CA ILE J 260 70.74 -12.01 -43.41
C ILE J 260 69.72 -10.91 -43.13
N TYR J 261 70.20 -9.75 -42.66
CA TYR J 261 69.34 -8.75 -42.06
C TYR J 261 69.03 -7.63 -43.04
N PHE J 262 67.74 -7.35 -43.24
CA PHE J 262 67.32 -6.06 -43.78
C PHE J 262 67.68 -4.96 -42.79
N ARG J 263 68.25 -3.87 -43.29
CA ARG J 263 68.67 -2.78 -42.42
C ARG J 263 67.63 -1.66 -42.49
N PRO J 264 66.92 -1.38 -41.40
CA PRO J 264 65.92 -0.31 -41.43
C PRO J 264 66.55 1.04 -41.08
N THR J 265 65.75 2.09 -41.25
CA THR J 265 66.17 3.45 -40.97
C THR J 265 65.60 3.91 -39.63
N ARG J 266 66.02 5.11 -39.22
CA ARG J 266 65.54 5.70 -37.98
C ARG J 266 65.73 7.21 -38.08
N ASN J 267 65.00 7.94 -37.24
CA ASN J 267 65.10 9.39 -37.18
C ASN J 267 65.70 9.81 -35.84
N ALA J 268 65.76 11.13 -35.63
CA ALA J 268 66.40 11.67 -34.44
C ALA J 268 65.67 11.26 -33.16
N TYR J 269 64.36 11.05 -33.23
CA TYR J 269 63.60 10.62 -32.06
C TYR J 269 63.80 9.15 -31.72
N GLY J 270 64.49 8.40 -32.55
CA GLY J 270 64.53 6.96 -32.40
C GLY J 270 63.35 6.23 -32.99
N ILE J 271 62.43 6.95 -33.66
CA ILE J 271 61.32 6.30 -34.33
C ILE J 271 61.86 5.44 -35.47
N LEU J 272 61.49 4.16 -35.47
CA LEU J 272 62.00 3.22 -36.46
C LEU J 272 61.32 3.45 -37.80
N GLY J 273 62.13 3.70 -38.83
CA GLY J 273 61.64 3.82 -40.18
C GLY J 273 61.62 2.48 -40.89
N GLY J 274 61.39 2.54 -42.19
CA GLY J 274 61.32 1.33 -42.99
C GLY J 274 62.63 0.97 -43.64
N ILE J 275 62.66 -0.25 -44.16
CA ILE J 275 63.82 -0.70 -44.95
C ILE J 275 63.81 0.01 -46.29
N PRO J 276 64.94 0.56 -46.74
CA PRO J 276 64.98 1.20 -48.05
C PRO J 276 64.71 0.22 -49.18
N LYS J 277 64.22 0.77 -50.30
CA LYS J 277 63.85 -0.06 -51.44
C LYS J 277 65.04 -0.82 -52.03
N SER J 278 66.25 -0.30 -51.87
CA SER J 278 67.42 -0.98 -52.41
C SER J 278 67.65 -2.34 -51.75
N GLU J 279 67.27 -2.47 -50.48
CA GLU J 279 67.60 -3.67 -49.74
C GLU J 279 66.72 -4.86 -50.13
N PHE J 280 65.66 -4.62 -50.90
CA PHE J 280 64.85 -5.70 -51.46
C PHE J 280 65.33 -6.13 -52.84
N GLN J 281 66.37 -5.50 -53.37
CA GLN J 281 66.82 -5.78 -54.73
C GLN J 281 67.68 -7.03 -54.78
N HIS J 282 67.67 -7.67 -55.95
CA HIS J 282 68.37 -8.94 -56.11
C HIS J 282 69.87 -8.77 -55.88
N ASP J 283 70.45 -7.69 -56.41
CA ASP J 283 71.90 -7.50 -56.32
C ASP J 283 72.35 -7.36 -54.87
N THR J 284 71.63 -6.57 -54.08
CA THR J 284 71.99 -6.38 -52.68
C THR J 284 71.94 -7.71 -51.93
N ILE J 285 70.86 -8.47 -52.12
CA ILE J 285 70.71 -9.74 -51.41
C ILE J 285 71.80 -10.71 -51.84
N ALA J 286 72.11 -10.77 -53.14
CA ALA J 286 73.15 -11.66 -53.63
C ALA J 286 74.51 -11.29 -53.05
N GLU J 287 74.80 -10.00 -52.96
CA GLU J 287 76.05 -9.56 -52.34
C GLU J 287 76.11 -9.97 -50.87
N ARG J 288 75.00 -9.81 -50.15
CA ARG J 288 74.98 -10.23 -48.74
C ARG J 288 75.18 -11.73 -48.61
N VAL J 289 74.56 -12.51 -49.49
CA VAL J 289 74.74 -13.96 -49.45
C VAL J 289 76.18 -14.32 -49.70
N ALA J 290 76.82 -13.68 -50.68
CA ALA J 290 78.22 -13.94 -50.96
C ALA J 290 79.12 -13.58 -49.77
N GLN J 291 78.81 -12.47 -49.10
CA GLN J 291 79.68 -12.00 -48.02
C GLN J 291 79.39 -12.66 -46.68
N THR J 292 78.45 -13.60 -46.63
CA THR J 292 78.08 -14.25 -45.39
C THR J 292 78.43 -15.73 -45.43
N PRO J 293 79.20 -16.24 -44.47
CA PRO J 293 79.55 -17.66 -44.48
C PRO J 293 78.33 -18.56 -44.35
N ASN J 294 78.37 -19.69 -45.05
CA ASN J 294 77.35 -20.73 -45.04
C ASN J 294 76.00 -20.22 -45.54
N ALA J 295 75.96 -19.08 -46.19
CA ALA J 295 74.70 -18.48 -46.63
C ALA J 295 74.44 -18.84 -48.09
N THR J 296 73.21 -19.27 -48.36
CA THR J 296 72.73 -19.56 -49.70
C THR J 296 71.66 -18.54 -50.05
N TRP J 297 71.03 -18.73 -51.20
CA TRP J 297 69.95 -17.84 -51.58
C TRP J 297 68.80 -17.99 -50.59
N PRO J 298 68.30 -16.91 -50.00
CA PRO J 298 67.28 -17.05 -48.96
C PRO J 298 66.01 -17.72 -49.48
N VAL J 299 65.43 -18.56 -48.63
CA VAL J 299 64.18 -19.24 -48.97
C VAL J 299 62.97 -18.62 -48.28
N HIS J 300 63.19 -17.67 -47.37
CA HIS J 300 62.11 -17.08 -46.58
C HIS J 300 62.54 -15.69 -46.16
N ALA J 301 61.61 -14.73 -46.21
CA ALA J 301 61.86 -13.37 -45.77
C ALA J 301 60.77 -12.94 -44.80
N VAL J 302 61.16 -12.19 -43.77
CA VAL J 302 60.24 -11.69 -42.75
C VAL J 302 60.39 -10.19 -42.67
N VAL J 303 59.27 -9.47 -42.80
CA VAL J 303 59.23 -8.01 -42.75
C VAL J 303 58.17 -7.58 -41.75
N THR J 304 58.52 -6.63 -40.89
CA THR J 304 57.58 -6.10 -39.89
C THR J 304 56.77 -4.97 -40.53
N ASN J 305 55.47 -5.19 -40.72
CA ASN J 305 54.58 -4.22 -41.36
C ASN J 305 53.26 -4.24 -40.62
N SER J 306 52.92 -3.14 -39.95
CA SER J 306 53.72 -1.93 -39.93
C SER J 306 54.76 -1.95 -38.83
N THR J 307 55.50 -0.85 -38.69
CA THR J 307 56.37 -0.67 -37.54
C THR J 307 55.54 -0.34 -36.31
N TYR J 308 56.19 -0.42 -35.14
CA TYR J 308 55.53 -0.07 -33.89
C TYR J 308 54.94 1.33 -33.94
N ASP J 309 55.61 2.24 -34.64
CA ASP J 309 55.21 3.64 -34.71
C ASP J 309 54.23 3.92 -35.85
N GLY J 310 53.80 2.90 -36.58
CA GLY J 310 52.75 3.06 -37.57
C GLY J 310 53.22 3.33 -38.98
N LEU J 311 54.44 2.92 -39.34
CA LEU J 311 54.93 3.08 -40.70
C LEU J 311 54.61 1.82 -41.51
N LEU J 312 53.77 1.98 -42.52
CA LEU J 312 53.35 0.89 -43.40
C LEU J 312 54.13 0.95 -44.71
N TYR J 313 54.55 -0.21 -45.20
CA TYR J 313 55.23 -0.30 -46.48
C TYR J 313 54.22 -0.34 -47.62
N ASN J 314 54.72 -0.04 -48.82
CA ASN J 314 54.00 -0.35 -50.05
C ASN J 314 54.28 -1.83 -50.33
N THR J 315 53.34 -2.69 -49.97
CA THR J 315 53.58 -4.14 -50.03
C THR J 315 53.58 -4.67 -51.45
N ASP J 316 52.96 -3.98 -52.40
CA ASP J 316 53.00 -4.44 -53.78
C ASP J 316 54.42 -4.44 -54.32
N TYR J 317 55.17 -3.38 -54.03
CA TYR J 317 56.57 -3.32 -54.48
C TYR J 317 57.39 -4.42 -53.82
N ILE J 318 57.17 -4.69 -52.53
CA ILE J 318 57.91 -5.75 -51.85
C ILE J 318 57.59 -7.10 -52.48
N LYS J 319 56.31 -7.35 -52.77
CA LYS J 319 55.93 -8.62 -53.37
C LYS J 319 56.55 -8.77 -54.77
N GLU J 320 56.55 -7.71 -55.56
CA GLU J 320 57.08 -7.81 -56.91
C GLU J 320 58.60 -7.93 -56.91
N ALA J 321 59.28 -7.12 -56.11
CA ALA J 321 60.73 -6.98 -56.17
C ALA J 321 61.48 -8.09 -55.44
N LEU J 322 60.96 -8.54 -54.30
CA LEU J 322 61.69 -9.51 -53.48
C LEU J 322 61.65 -10.88 -54.15
N ASP J 323 62.83 -11.37 -54.54
CA ASP J 323 62.94 -12.65 -55.24
C ASP J 323 63.09 -13.81 -54.27
N VAL J 324 62.17 -13.89 -53.32
CA VAL J 324 62.12 -14.96 -52.33
C VAL J 324 60.75 -15.59 -52.41
N LYS J 325 60.70 -16.92 -52.48
CA LYS J 325 59.44 -17.61 -52.73
C LYS J 325 58.50 -17.60 -51.54
N SER J 326 58.97 -17.25 -50.35
CA SER J 326 58.14 -17.22 -49.15
C SER J 326 58.35 -15.89 -48.45
N ILE J 327 57.28 -15.10 -48.34
CA ILE J 327 57.35 -13.78 -47.73
C ILE J 327 56.35 -13.72 -46.59
N HIS J 328 56.81 -13.29 -45.42
CA HIS J 328 55.99 -13.26 -44.21
C HIS J 328 56.00 -11.86 -43.65
N PHE J 329 54.83 -11.23 -43.60
CA PHE J 329 54.65 -9.94 -42.98
C PHE J 329 54.18 -10.16 -41.54
N ASP J 330 55.05 -9.81 -40.59
CA ASP J 330 54.66 -9.70 -39.20
C ASP J 330 53.78 -8.46 -39.06
N SER J 331 52.48 -8.67 -39.09
CA SER J 331 51.50 -7.60 -39.07
C SER J 331 50.75 -7.57 -37.74
N ALA J 332 51.47 -7.83 -36.65
CA ALA J 332 50.86 -7.87 -35.34
C ALA J 332 50.16 -6.55 -35.00
N TRP J 333 50.70 -5.44 -35.49
CA TRP J 333 50.19 -4.12 -35.17
C TRP J 333 49.05 -3.67 -36.09
N VAL J 334 48.80 -4.35 -37.20
CA VAL J 334 47.78 -3.90 -38.15
C VAL J 334 46.85 -5.03 -38.54
N PRO J 335 46.00 -5.53 -37.64
CA PRO J 335 45.03 -6.56 -38.04
C PRO J 335 43.79 -6.00 -38.72
N TYR J 336 43.65 -4.68 -38.82
CA TYR J 336 42.44 -4.06 -39.36
C TYR J 336 42.58 -3.62 -40.81
N THR J 337 43.69 -3.94 -41.48
CA THR J 337 43.99 -3.34 -42.78
C THR J 337 42.95 -3.70 -43.84
N ASN J 338 42.33 -4.88 -43.73
CA ASN J 338 41.36 -5.30 -44.74
C ASN J 338 40.05 -4.53 -44.66
N PHE J 339 39.83 -3.74 -43.61
CA PHE J 339 38.51 -3.20 -43.31
C PHE J 339 38.41 -1.70 -43.52
N SER J 340 39.37 -1.11 -44.25
CA SER J 340 39.30 0.29 -44.64
C SER J 340 40.05 0.46 -45.95
N PRO J 341 39.47 1.17 -46.92
CA PRO J 341 40.17 1.37 -48.19
C PRO J 341 41.46 2.18 -48.08
N ILE J 342 41.65 2.94 -47.00
CA ILE J 342 42.88 3.73 -46.86
C ILE J 342 44.12 2.86 -46.77
N TYR J 343 43.96 1.58 -46.41
CA TYR J 343 45.09 0.68 -46.24
C TYR J 343 45.35 -0.19 -47.47
N LYS J 344 44.64 0.06 -48.58
CA LYS J 344 44.79 -0.78 -49.77
C LYS J 344 46.22 -0.73 -50.29
N GLY J 345 46.78 -1.90 -50.58
CA GLY J 345 48.14 -2.01 -51.04
C GLY J 345 49.19 -1.83 -49.96
N LEU J 346 48.78 -1.65 -48.71
CA LEU J 346 49.72 -1.43 -47.61
C LEU J 346 49.78 -2.62 -46.66
N CYS J 347 49.28 -3.78 -47.07
CA CYS J 347 49.25 -4.96 -46.21
C CYS J 347 49.51 -6.21 -47.04
N GLY J 348 49.91 -7.27 -46.33
CA GLY J 348 50.34 -8.49 -47.01
C GLY J 348 49.24 -9.19 -47.77
N MET J 349 48.01 -9.15 -47.24
CA MET J 349 46.90 -9.82 -47.91
C MET J 349 46.27 -8.99 -49.02
N SER J 350 46.76 -7.78 -49.26
CA SER J 350 46.19 -6.92 -50.28
C SER J 350 46.34 -7.55 -51.65
N GLY J 351 45.28 -7.46 -52.45
CA GLY J 351 45.32 -7.99 -53.79
C GLY J 351 45.17 -9.50 -53.84
N GLY J 352 45.44 -10.04 -55.01
CA GLY J 352 45.37 -11.47 -55.24
C GLY J 352 46.67 -12.15 -54.90
N ARG J 353 46.73 -13.44 -55.22
CA ARG J 353 47.91 -14.23 -54.92
C ARG J 353 49.03 -13.91 -55.90
N VAL J 354 50.26 -14.08 -55.43
CA VAL J 354 51.46 -13.81 -56.21
C VAL J 354 51.94 -15.13 -56.81
N GLU J 355 52.13 -15.15 -58.13
CA GLU J 355 52.58 -16.36 -58.79
C GLU J 355 53.98 -16.74 -58.32
N GLY J 356 54.16 -18.03 -58.01
CA GLY J 356 55.46 -18.50 -57.60
C GLY J 356 55.88 -18.11 -56.20
N LYS J 357 54.96 -17.62 -55.39
CA LYS J 357 55.30 -17.19 -54.03
C LYS J 357 54.14 -17.50 -53.10
N VAL J 358 54.46 -17.62 -51.81
CA VAL J 358 53.46 -17.71 -50.76
C VAL J 358 53.64 -16.52 -49.84
N ILE J 359 52.51 -15.92 -49.43
CA ILE J 359 52.50 -14.75 -48.58
C ILE J 359 51.83 -15.12 -47.26
N TYR J 360 52.48 -14.78 -46.16
CA TYR J 360 51.93 -14.95 -44.82
C TYR J 360 51.73 -13.59 -44.18
N GLU J 361 50.67 -13.47 -43.41
CA GLU J 361 50.47 -12.35 -42.49
C GLU J 361 50.23 -12.91 -41.10
N THR J 362 51.02 -12.48 -40.14
CA THR J 362 50.74 -12.80 -38.74
C THR J 362 50.13 -11.60 -38.06
N GLN J 363 48.95 -11.77 -37.48
CA GLN J 363 48.22 -10.68 -36.86
C GLN J 363 47.97 -10.98 -35.39
N SER J 364 48.16 -9.97 -34.56
CA SER J 364 47.78 -10.03 -33.14
CA SER J 364 47.78 -10.03 -33.15
C SER J 364 46.37 -9.46 -33.03
N THR J 365 45.39 -10.35 -32.95
CA THR J 365 44.00 -9.92 -32.86
C THR J 365 43.73 -9.19 -31.55
N HIS J 366 44.50 -9.47 -30.51
CA HIS J 366 44.26 -8.84 -29.22
C HIS J 366 44.85 -7.43 -29.14
N1 LLP J 367 55.74 -9.32 -33.49
C2 LLP J 367 55.41 -8.04 -33.39
C2' LLP J 367 55.89 -7.07 -34.42
C3 LLP J 367 54.62 -7.61 -32.32
O3 LLP J 367 54.30 -6.28 -32.26
C4 LLP J 367 54.21 -8.53 -31.34
C4' LLP J 367 53.32 -8.12 -30.25
C5 LLP J 367 54.55 -9.88 -31.50
C6 LLP J 367 55.33 -10.22 -32.58
C5' LLP J 367 54.14 -10.94 -30.52
OP4 LLP J 367 52.69 -11.02 -30.35
P LLP J 367 52.03 -11.61 -29.01
OP1 LLP J 367 50.55 -11.71 -29.31
OP2 LLP J 367 52.35 -10.62 -27.93
OP3 LLP J 367 52.69 -12.96 -28.77
N LLP J 367 45.88 -7.15 -29.93
CA LLP J 367 46.57 -5.84 -29.83
CB LLP J 367 47.95 -5.89 -30.51
CG LLP J 367 49.08 -6.42 -29.65
CD LLP J 367 50.43 -6.42 -30.34
CE LLP J 367 51.59 -6.78 -29.42
NZ LLP J 367 52.80 -6.97 -30.21
C LLP J 367 45.71 -4.71 -30.40
O LLP J 367 45.48 -3.74 -29.66
N LEU J 368 45.24 -4.80 -31.64
CA LEU J 368 44.50 -3.66 -32.20
C LEU J 368 43.04 -3.94 -32.52
N LEU J 369 42.65 -5.20 -32.52
CA LEU J 369 41.23 -5.56 -32.62
C LEU J 369 40.73 -5.92 -31.22
N ALA J 370 39.52 -6.46 -31.15
CA ALA J 370 38.88 -6.81 -29.88
C ALA J 370 38.94 -8.33 -29.71
N ALA J 371 39.93 -8.79 -28.96
CA ALA J 371 40.07 -10.20 -28.64
C ALA J 371 40.91 -10.32 -27.38
N PHE J 372 40.78 -11.47 -26.71
CA PHE J 372 41.55 -11.73 -25.50
C PHE J 372 43.03 -11.82 -25.82
N SER J 373 43.86 -11.54 -24.80
CA SER J 373 45.30 -11.72 -24.92
C SER J 373 45.63 -13.14 -25.34
N GLN J 374 46.68 -13.28 -26.16
CA GLN J 374 47.21 -14.49 -26.77
C GLN J 374 46.41 -14.92 -28.01
N ALA J 375 45.33 -14.24 -28.38
CA ALA J 375 44.64 -14.54 -29.62
C ALA J 375 45.44 -14.02 -30.80
N SER J 376 45.65 -14.88 -31.79
CA SER J 376 46.48 -14.52 -32.93
C SER J 376 45.96 -15.24 -34.17
N MET J 377 46.28 -14.67 -35.33
CA MET J 377 45.82 -15.19 -36.61
C MET J 377 47.02 -15.36 -37.54
N ILE J 378 47.02 -16.47 -38.28
CA ILE J 378 47.92 -16.66 -39.41
C ILE J 378 47.09 -16.65 -40.68
N HIS J 379 47.43 -15.78 -41.62
CA HIS J 379 46.76 -15.71 -42.91
C HIS J 379 47.73 -16.13 -43.99
N VAL J 380 47.30 -17.03 -44.87
CA VAL J 380 48.11 -17.58 -45.93
C VAL J 380 47.43 -17.29 -47.26
N LYS J 381 48.20 -16.76 -48.21
CA LYS J 381 47.78 -16.56 -49.59
C LYS J 381 48.82 -17.20 -50.48
N GLY J 382 48.46 -18.31 -51.12
CA GLY J 382 49.37 -19.05 -51.97
C GLY J 382 49.37 -20.53 -51.64
N ASP J 383 50.17 -21.27 -52.38
CA ASP J 383 50.22 -22.73 -52.23
C ASP J 383 51.12 -23.11 -51.07
N ILE J 384 50.59 -23.93 -50.17
CA ILE J 384 51.36 -24.54 -49.10
C ILE J 384 51.00 -26.02 -49.04
N ASN J 385 51.89 -26.81 -48.45
CA ASN J 385 51.60 -28.20 -48.14
C ASN J 385 50.80 -28.23 -46.85
N GLU J 386 49.48 -28.45 -46.97
CA GLU J 386 48.60 -28.30 -45.81
C GLU J 386 48.95 -29.29 -44.71
N GLU J 387 49.30 -30.52 -45.06
CA GLU J 387 49.62 -31.52 -44.05
C GLU J 387 50.86 -31.14 -43.26
N THR J 388 51.93 -30.75 -43.96
CA THR J 388 53.16 -30.35 -43.29
C THR J 388 52.96 -29.09 -42.46
N PHE J 389 52.20 -28.13 -42.99
CA PHE J 389 51.90 -26.93 -42.24
C PHE J 389 51.12 -27.26 -40.97
N ASN J 390 50.20 -28.22 -41.05
CA ASN J 390 49.46 -28.62 -39.86
C ASN J 390 50.40 -29.22 -38.81
N GLU J 391 51.43 -29.94 -39.27
CA GLU J 391 52.44 -30.47 -38.36
C GLU J 391 53.17 -29.35 -37.64
N ALA J 392 53.63 -28.35 -38.38
CA ALA J 392 54.25 -27.19 -37.74
C ALA J 392 53.28 -26.49 -36.80
N TYR J 393 52.00 -26.43 -37.19
CA TYR J 393 51.00 -25.72 -36.41
C TYR J 393 50.79 -26.36 -35.04
N MET J 394 50.54 -27.66 -35.02
CA MET J 394 50.32 -28.25 -33.70
C MET J 394 51.61 -28.66 -33.01
N MET J 395 52.76 -28.46 -33.63
CA MET J 395 54.01 -28.51 -32.88
C MET J 395 54.09 -27.40 -31.83
N HIS J 396 53.40 -26.27 -32.03
CA HIS J 396 53.40 -25.18 -31.06
C HIS J 396 52.05 -24.89 -30.44
N THR J 397 51.01 -25.63 -30.77
CA THR J 397 49.70 -25.42 -30.18
C THR J 397 49.48 -26.41 -29.06
N SER J 398 48.99 -25.91 -27.93
CA SER J 398 48.68 -26.76 -26.81
C SER J 398 47.58 -27.75 -27.16
N THR J 399 47.63 -28.93 -26.56
CA THR J 399 46.56 -29.91 -26.72
C THR J 399 45.30 -29.52 -25.98
N SER J 400 45.34 -28.47 -25.16
CA SER J 400 44.17 -28.01 -24.40
CA SER J 400 44.17 -28.01 -24.40
C SER J 400 44.00 -26.52 -24.64
N PRO J 401 43.58 -26.12 -25.84
CA PRO J 401 43.40 -24.70 -26.14
C PRO J 401 42.29 -24.09 -25.31
N HIS J 402 42.49 -22.83 -24.96
CA HIS J 402 41.52 -22.05 -24.20
C HIS J 402 40.40 -21.62 -25.15
N TYR J 403 39.19 -22.15 -24.93
CA TYR J 403 38.09 -21.91 -25.87
C TYR J 403 37.64 -20.45 -25.86
N GLY J 404 37.80 -19.76 -24.74
CA GLY J 404 37.46 -18.35 -24.71
C GLY J 404 38.33 -17.52 -25.64
N ILE J 405 39.62 -17.82 -25.68
CA ILE J 405 40.54 -17.14 -26.58
C ILE J 405 40.14 -17.39 -28.04
N VAL J 406 39.84 -18.66 -28.36
CA VAL J 406 39.46 -19.04 -29.71
C VAL J 406 38.18 -18.32 -30.13
N ALA J 407 37.18 -18.33 -29.25
CA ALA J 407 35.92 -17.66 -29.52
C ALA J 407 36.11 -16.17 -29.67
N SER J 408 37.02 -15.57 -28.89
CA SER J 408 37.30 -14.14 -29.01
C SER J 408 37.91 -13.82 -30.37
N THR J 409 38.78 -14.69 -30.88
CA THR J 409 39.31 -14.50 -32.23
C THR J 409 38.20 -14.50 -33.27
N GLU J 410 37.33 -15.52 -33.21
CA GLU J 410 36.22 -15.59 -34.16
C GLU J 410 35.29 -14.38 -34.03
N THR J 411 35.04 -13.95 -32.79
CA THR J 411 34.15 -12.82 -32.52
C THR J 411 34.75 -11.50 -33.01
N ALA J 412 36.08 -11.34 -32.93
CA ALA J 412 36.70 -10.15 -33.52
C ALA J 412 36.47 -10.14 -35.03
N ALA J 413 36.64 -11.29 -35.67
CA ALA J 413 36.31 -11.39 -37.09
C ALA J 413 34.87 -10.98 -37.35
N ALA J 414 33.94 -11.45 -36.51
CA ALA J 414 32.52 -11.14 -36.70
C ALA J 414 32.22 -9.66 -36.49
N MET J 415 32.85 -9.04 -35.47
CA MET J 415 32.65 -7.62 -35.25
C MET J 415 33.14 -6.81 -36.44
N MET J 416 34.12 -7.32 -37.17
CA MET J 416 34.64 -6.58 -38.30
C MET J 416 33.65 -6.48 -39.46
N LYS J 417 32.58 -7.26 -39.48
CA LYS J 417 31.72 -7.39 -40.65
C LYS J 417 30.54 -6.41 -40.63
N GLY J 418 30.06 -6.08 -41.82
CA GLY J 418 28.83 -5.31 -41.95
C GLY J 418 29.01 -3.81 -41.81
N ASN J 419 27.86 -3.13 -41.88
CA ASN J 419 27.84 -1.68 -41.69
C ASN J 419 28.30 -1.30 -40.30
N ALA J 420 27.93 -2.09 -39.29
CA ALA J 420 28.35 -1.80 -37.92
C ALA J 420 29.88 -1.85 -37.80
N GLY J 421 30.51 -2.87 -38.36
CA GLY J 421 31.96 -2.95 -38.31
C GLY J 421 32.64 -1.87 -39.14
N LYS J 422 32.08 -1.57 -40.30
CA LYS J 422 32.64 -0.50 -41.12
C LYS J 422 32.59 0.82 -40.37
N ARG J 423 31.47 1.09 -39.69
CA ARG J 423 31.36 2.29 -38.86
C ARG J 423 32.36 2.26 -37.73
N LEU J 424 32.61 1.09 -37.13
CA LEU J 424 33.59 0.99 -36.07
C LEU J 424 34.97 1.45 -36.53
N ILE J 425 35.45 0.87 -37.64
CA ILE J 425 36.79 1.22 -38.13
C ILE J 425 36.84 2.67 -38.59
N ASN J 426 35.85 3.10 -39.37
CA ASN J 426 35.84 4.48 -39.88
C ASN J 426 35.79 5.47 -38.73
N GLY J 427 35.01 5.17 -37.69
CA GLY J 427 34.94 6.05 -36.54
C GLY J 427 36.25 6.13 -35.79
N SER J 428 36.97 4.99 -35.68
CA SER J 428 38.29 5.04 -35.07
C SER J 428 39.24 5.94 -35.85
N ILE J 429 39.25 5.81 -37.18
CA ILE J 429 40.15 6.62 -37.99
C ILE J 429 39.78 8.10 -37.88
N GLU J 430 38.49 8.41 -37.95
CA GLU J 430 38.05 9.81 -37.86
C GLU J 430 38.35 10.40 -36.49
N ARG J 431 38.14 9.61 -35.43
CA ARG J 431 38.46 10.06 -34.08
C ARG J 431 39.94 10.37 -33.94
N ALA J 432 40.80 9.48 -34.46
CA ALA J 432 42.24 9.73 -34.41
C ALA J 432 42.61 11.00 -35.17
N ILE J 433 42.02 11.22 -36.34
CA ILE J 433 42.34 12.40 -37.13
C ILE J 433 41.86 13.67 -36.42
N ARG J 434 40.68 13.61 -35.82
CA ARG J 434 40.18 14.77 -35.07
C ARG J 434 41.10 15.09 -33.91
N PHE J 435 41.60 14.07 -33.21
CA PHE J 435 42.55 14.30 -32.13
C PHE J 435 43.85 14.91 -32.64
N ARG J 436 44.35 14.44 -33.79
CA ARG J 436 45.56 15.00 -34.37
C ARG J 436 45.39 16.48 -34.69
N LYS J 437 44.27 16.81 -35.35
CA LYS J 437 44.02 18.20 -35.70
C LYS J 437 43.88 19.06 -34.45
N GLU J 438 43.25 18.53 -33.41
CA GLU J 438 43.11 19.29 -32.16
C GLU J 438 44.45 19.51 -31.50
N ILE J 439 45.34 18.52 -31.52
CA ILE J 439 46.68 18.71 -30.96
C ILE J 439 47.39 19.83 -31.72
N LYS J 440 47.29 19.84 -33.05
CA LYS J 440 47.89 20.92 -33.82
C LYS J 440 47.31 22.27 -33.44
N ARG J 441 45.99 22.35 -33.31
CA ARG J 441 45.33 23.62 -32.99
C ARG J 441 45.76 24.12 -31.61
N LEU J 442 45.81 23.23 -30.63
CA LEU J 442 46.24 23.62 -29.29
C LEU J 442 47.69 24.08 -29.29
N ASN J 443 48.54 23.39 -30.06
CA ASN J 443 49.93 23.80 -30.18
C ASN J 443 50.03 25.22 -30.75
N SER J 444 49.22 25.52 -31.75
CA SER J 444 49.19 26.87 -32.30
C SER J 444 48.67 27.89 -31.28
N GLU J 445 47.70 27.49 -30.45
CA GLU J 445 47.10 28.42 -29.50
C GLU J 445 48.01 28.71 -28.30
N SER J 446 48.84 27.75 -27.90
CA SER J 446 49.64 27.91 -26.69
C SER J 446 50.68 29.01 -26.87
N GLU J 447 50.83 29.84 -25.84
CA GLU J 447 51.82 30.91 -25.89
C GLU J 447 53.23 30.35 -25.83
N GLY J 448 53.49 29.43 -24.92
CA GLY J 448 54.76 28.76 -24.79
C GLY J 448 54.76 27.41 -25.48
N TRP J 449 55.56 26.50 -24.92
CA TRP J 449 55.67 25.16 -25.47
C TRP J 449 54.35 24.40 -25.36
N PHE J 450 54.12 23.50 -26.31
CA PHE J 450 53.02 22.57 -26.21
C PHE J 450 53.40 21.27 -26.92
N PHE J 451 52.68 20.21 -26.59
CA PHE J 451 52.88 18.94 -27.27
C PHE J 451 52.64 19.08 -28.76
N ASP J 452 53.46 18.40 -29.54
CA ASP J 452 53.30 18.33 -30.98
C ASP J 452 53.01 16.89 -31.38
N VAL J 453 52.43 16.71 -32.56
CA VAL J 453 52.10 15.39 -33.08
C VAL J 453 52.93 15.14 -34.33
N TRP J 454 53.57 13.98 -34.39
CA TRP J 454 54.47 13.60 -35.48
C TRP J 454 53.64 13.23 -36.69
N GLN J 455 53.48 14.17 -37.63
CA GLN J 455 52.58 13.99 -38.77
C GLN J 455 52.86 15.04 -39.83
N PRO J 456 52.32 14.91 -41.03
CA PRO J 456 52.44 15.99 -42.03
C PRO J 456 51.64 17.22 -41.61
N GLU J 457 51.92 18.32 -42.30
CA GLU J 457 51.36 19.61 -41.90
C GLU J 457 49.86 19.68 -42.14
N GLY J 458 49.42 19.47 -43.37
CA GLY J 458 48.06 19.80 -43.75
C GLY J 458 47.08 18.64 -43.84
N ILE J 459 47.08 17.73 -42.86
CA ILE J 459 46.21 16.57 -42.94
C ILE J 459 44.76 17.02 -42.96
N ASP J 460 44.02 16.56 -43.97
CA ASP J 460 42.58 16.86 -44.05
C ASP J 460 41.74 15.59 -44.08
N GLU J 461 41.93 14.72 -45.05
CA GLU J 461 41.07 13.58 -45.25
C GLU J 461 41.67 12.32 -44.63
N ALA J 462 40.82 11.33 -44.41
CA ALA J 462 41.25 10.07 -43.85
C ALA J 462 42.03 9.29 -44.91
N LYS J 463 43.31 9.07 -44.66
CA LYS J 463 44.18 8.30 -45.54
C LYS J 463 45.48 8.05 -44.80
N CYS J 464 46.29 7.16 -45.36
CA CYS J 464 47.64 6.95 -44.87
C CYS J 464 48.56 7.95 -45.58
N TRP J 465 49.22 8.79 -44.80
CA TRP J 465 49.98 9.90 -45.36
C TRP J 465 51.33 9.44 -45.85
N PRO J 466 51.67 9.63 -47.12
CA PRO J 466 52.98 9.20 -47.62
C PRO J 466 54.10 9.99 -46.97
N LEU J 467 55.26 9.36 -46.85
CA LEU J 467 56.47 10.00 -46.36
C LEU J 467 57.29 10.44 -47.57
N ASP J 468 57.32 11.74 -47.82
CA ASP J 468 57.97 12.31 -48.99
C ASP J 468 59.35 12.85 -48.64
N SER J 469 60.26 12.79 -49.61
CA SER J 469 61.61 13.31 -49.40
C SER J 469 61.61 14.82 -49.22
N LYS J 470 60.67 15.53 -49.85
CA LYS J 470 60.63 16.98 -49.73
C LYS J 470 60.16 17.41 -48.34
N ASP J 471 59.23 16.67 -47.75
CA ASP J 471 58.74 16.98 -46.43
C ASP J 471 59.73 16.50 -45.37
N ASN J 472 59.91 17.33 -44.34
CA ASN J 472 60.87 17.03 -43.28
C ASN J 472 60.21 16.69 -41.95
N TRP J 473 58.89 16.56 -41.91
CA TRP J 473 58.23 16.25 -40.64
C TRP J 473 58.66 14.89 -40.12
N HIS J 474 58.87 13.92 -41.01
CA HIS J 474 59.18 12.56 -40.56
C HIS J 474 60.60 12.44 -40.02
N GLY J 475 61.52 13.27 -40.49
CA GLY J 475 62.87 13.26 -39.97
C GLY J 475 63.76 12.17 -40.52
N PHE J 476 63.34 11.47 -41.57
CA PHE J 476 64.16 10.45 -42.20
C PHE J 476 64.89 11.06 -43.38
N LYS J 477 66.22 10.99 -43.37
CA LYS J 477 67.02 11.58 -44.43
C LYS J 477 67.02 10.68 -45.66
N ASP J 478 66.78 11.29 -46.82
CA ASP J 478 66.86 10.61 -48.11
C ASP J 478 65.95 9.38 -48.15
N ILE J 479 64.67 9.64 -48.03
CA ILE J 479 63.67 8.56 -48.03
C ILE J 479 63.16 8.35 -49.44
N ASP J 480 62.89 7.10 -49.79
CA ASP J 480 62.31 6.78 -51.08
C ASP J 480 60.87 7.24 -51.15
N ASN J 481 60.40 7.51 -52.36
CA ASN J 481 59.05 7.97 -52.58
C ASN J 481 58.09 6.80 -52.73
N ASP J 482 56.85 7.02 -52.30
CA ASP J 482 55.79 6.01 -52.42
C ASP J 482 56.17 4.71 -51.72
N HIS J 483 57.00 4.80 -50.68
CA HIS J 483 57.48 3.63 -49.97
C HIS J 483 56.81 3.47 -48.61
N MET J 484 56.92 4.48 -47.74
CA MET J 484 56.36 4.39 -46.40
C MET J 484 55.21 5.37 -46.22
N TYR J 485 54.25 4.94 -45.41
CA TYR J 485 53.04 5.69 -45.13
C TYR J 485 52.78 5.68 -43.64
N LEU J 486 52.08 6.70 -43.14
CA LEU J 486 51.78 6.82 -41.73
C LEU J 486 50.35 6.38 -41.45
N ASP J 487 50.19 5.46 -40.52
CA ASP J 487 48.87 5.01 -40.09
C ASP J 487 48.24 6.05 -39.18
N PRO J 488 47.07 6.61 -39.53
CA PRO J 488 46.46 7.63 -38.65
C PRO J 488 46.13 7.12 -37.26
N ILE J 489 45.94 5.81 -37.10
CA ILE J 489 45.55 5.24 -35.82
C ILE J 489 46.67 5.39 -34.78
N LYS J 490 47.93 5.32 -35.21
CA LYS J 490 49.06 5.35 -34.28
C LYS J 490 49.50 6.81 -34.08
N VAL J 491 49.10 7.42 -32.97
CA VAL J 491 49.34 8.83 -32.74
C VAL J 491 50.59 8.98 -31.88
N THR J 492 51.61 9.63 -32.43
CA THR J 492 52.85 9.89 -31.69
C THR J 492 52.89 11.36 -31.31
N LEU J 493 52.86 11.62 -30.01
CA LEU J 493 53.04 12.96 -29.47
C LEU J 493 54.50 13.21 -29.17
N LEU J 494 54.96 14.42 -29.47
CA LEU J 494 56.35 14.81 -29.26
C LEU J 494 56.43 15.88 -28.18
N THR J 495 57.29 15.66 -27.23
CA THR J 495 57.61 16.66 -26.23
C THR J 495 58.75 17.55 -26.73
N PRO J 496 58.83 18.79 -26.24
CA PRO J 496 59.96 19.65 -26.62
C PRO J 496 61.29 19.11 -26.10
N GLY J 497 62.35 19.39 -26.86
CA GLY J 497 63.67 18.92 -26.51
C GLY J 497 64.50 18.57 -27.73
N MET J 498 63.87 18.60 -28.89
CA MET J 498 64.50 18.22 -30.15
C MET J 498 64.21 19.30 -31.17
N GLN J 499 65.25 19.74 -31.87
CA GLN J 499 65.06 20.75 -32.91
C GLN J 499 64.59 20.10 -34.20
N LYS J 500 64.18 20.94 -35.15
CA LYS J 500 63.61 20.48 -36.40
C LYS J 500 64.66 20.04 -37.41
N ASP J 501 65.94 20.29 -37.14
CA ASP J 501 67.02 19.84 -38.02
C ASP J 501 67.69 18.57 -37.51
N GLY J 502 67.11 17.92 -36.51
CA GLY J 502 67.67 16.71 -35.95
C GLY J 502 68.63 16.91 -34.80
N SER J 503 68.94 18.14 -34.44
CA SER J 503 69.85 18.44 -33.34
C SER J 503 69.06 18.69 -32.06
N MET J 504 69.75 18.56 -30.94
CA MET J 504 69.11 18.75 -29.65
C MET J 504 68.90 20.23 -29.35
N ALA J 505 68.10 20.48 -28.31
CA ALA J 505 67.76 21.82 -27.86
C ALA J 505 68.16 21.98 -26.39
N ASP J 506 68.38 23.24 -26.00
CA ASP J 506 68.85 23.53 -24.66
C ASP J 506 67.85 23.10 -23.59
N THR J 507 66.56 23.34 -23.84
CA THR J 507 65.51 22.98 -22.90
C THR J 507 64.67 21.85 -23.49
N GLY J 508 64.21 20.94 -22.63
CA GLY J 508 63.37 19.86 -23.08
C GLY J 508 62.76 19.10 -21.92
N ILE J 509 61.62 18.48 -22.19
CA ILE J 509 60.89 17.70 -21.20
C ILE J 509 60.91 16.24 -21.62
N PRO J 510 61.58 15.36 -20.88
CA PRO J 510 61.61 13.94 -21.26
C PRO J 510 60.22 13.32 -21.15
N ALA J 511 59.87 12.52 -22.16
CA ALA J 511 58.52 11.97 -22.24
C ALA J 511 58.22 10.96 -21.13
N SER J 512 59.26 10.44 -20.46
CA SER J 512 59.03 9.55 -19.33
C SER J 512 58.30 10.27 -18.21
N ILE J 513 58.64 11.54 -17.98
CA ILE J 513 57.97 12.31 -16.94
C ILE J 513 56.50 12.49 -17.27
N VAL J 514 56.20 12.83 -18.52
CA VAL J 514 54.81 13.00 -18.94
C VAL J 514 54.06 11.69 -18.80
N SER J 515 54.71 10.57 -19.17
CA SER J 515 54.07 9.27 -19.05
C SER J 515 53.77 8.93 -17.59
N LYS J 516 54.70 9.23 -16.69
CA LYS J 516 54.45 9.01 -15.27
C LYS J 516 53.28 9.86 -14.79
N TYR J 517 53.23 11.12 -15.22
CA TYR J 517 52.12 11.99 -14.84
C TYR J 517 50.79 11.43 -15.34
N LEU J 518 50.75 11.00 -16.60
CA LEU J 518 49.51 10.46 -17.15
C LEU J 518 49.09 9.21 -16.40
N ASP J 519 50.06 8.37 -16.04
CA ASP J 519 49.75 7.18 -15.23
C ASP J 519 49.18 7.57 -13.87
N GLU J 520 49.72 8.62 -13.26
CA GLU J 520 49.17 9.10 -11.99
C GLU J 520 47.70 9.48 -12.14
N HIS J 521 47.31 10.01 -13.29
CA HIS J 521 45.94 10.43 -13.54
C HIS J 521 45.17 9.44 -14.40
N GLY J 522 45.47 8.15 -14.27
CA GLY J 522 44.62 7.11 -14.83
C GLY J 522 44.66 6.95 -16.33
N ILE J 523 45.76 7.34 -16.97
CA ILE J 523 45.93 7.20 -18.42
C ILE J 523 47.22 6.43 -18.67
N ILE J 524 47.10 5.26 -19.30
CA ILE J 524 48.24 4.42 -19.65
C ILE J 524 48.58 4.64 -21.11
N VAL J 525 49.81 5.02 -21.38
CA VAL J 525 50.29 5.14 -22.75
C VAL J 525 50.82 3.79 -23.19
N GLU J 526 50.95 3.61 -24.51
CA GLU J 526 51.45 2.36 -25.05
C GLU J 526 52.97 2.29 -24.97
N LYS J 527 53.67 3.30 -25.47
CA LYS J 527 55.12 3.29 -25.52
C LYS J 527 55.64 4.70 -25.27
N THR J 528 56.75 4.79 -24.53
CA THR J 528 57.37 6.08 -24.22
C THR J 528 58.84 6.05 -24.65
N GLY J 529 59.18 6.84 -25.66
CA GLY J 529 60.56 7.04 -26.03
C GLY J 529 61.16 8.20 -25.27
N PRO J 530 62.37 8.62 -25.65
CA PRO J 530 63.00 9.76 -24.96
C PRO J 530 62.20 11.04 -25.02
N TYR J 531 61.61 11.35 -26.18
CA TYR J 531 60.82 12.56 -26.32
C TYR J 531 59.54 12.32 -27.11
N ASN J 532 59.08 11.08 -27.20
CA ASN J 532 57.86 10.75 -27.92
C ASN J 532 57.04 9.78 -27.08
N MET J 533 55.72 9.89 -27.23
CA MET J 533 54.76 8.99 -26.60
C MET J 533 53.83 8.47 -27.66
N LEU J 534 53.45 7.20 -27.54
CA LEU J 534 52.59 6.54 -28.52
C LEU J 534 51.24 6.25 -27.91
N PHE J 535 50.18 6.69 -28.60
CA PHE J 535 48.81 6.44 -28.20
C PHE J 535 48.12 5.67 -29.32
N LEU J 536 47.53 4.52 -28.98
CA LEU J 536 46.79 3.70 -29.93
C LEU J 536 45.34 4.15 -29.93
N PHE J 537 44.88 4.72 -31.03
CA PHE J 537 43.49 5.14 -31.16
C PHE J 537 42.68 4.02 -31.81
N SER J 538 42.57 2.91 -31.07
CA SER J 538 41.92 1.71 -31.56
C SER J 538 40.40 1.86 -31.51
N ILE J 539 39.70 0.77 -31.86
CA ILE J 539 38.24 0.75 -31.79
C ILE J 539 37.74 0.77 -30.36
N GLY J 540 38.61 0.58 -29.38
CA GLY J 540 38.25 0.71 -27.99
C GLY J 540 38.38 2.11 -27.42
N ILE J 541 38.82 3.08 -28.22
CA ILE J 541 38.94 4.46 -27.80
C ILE J 541 37.69 5.21 -28.23
N ASP J 542 37.03 5.84 -27.27
CA ASP J 542 35.85 6.65 -27.54
C ASP J 542 36.15 8.12 -27.28
N LYS J 543 35.16 8.97 -27.54
CA LYS J 543 35.35 10.40 -27.40
C LYS J 543 35.65 10.78 -25.95
N THR J 544 35.01 10.09 -25.00
CA THR J 544 35.27 10.34 -23.58
C THR J 544 36.75 10.22 -23.26
N LYS J 545 37.38 9.13 -23.72
CA LYS J 545 38.79 8.91 -23.44
C LYS J 545 39.68 9.93 -24.13
N ALA J 546 39.35 10.31 -25.37
CA ALA J 546 40.15 11.31 -26.08
C ALA J 546 40.10 12.66 -25.39
N LEU J 547 38.90 13.08 -24.95
CA LEU J 547 38.78 14.34 -24.22
C LEU J 547 39.50 14.26 -22.88
N SER J 548 39.42 13.12 -22.21
CA SER J 548 40.15 12.93 -20.96
C SER J 548 41.65 13.08 -21.18
N LEU J 549 42.17 12.53 -22.28
CA LEU J 549 43.58 12.67 -22.59
C LEU J 549 43.97 14.12 -22.87
N LEU J 550 43.13 14.85 -23.61
CA LEU J 550 43.39 16.27 -23.82
C LEU J 550 43.44 17.02 -22.50
N ARG J 551 42.48 16.75 -21.61
CA ARG J 551 42.47 17.40 -20.31
C ARG J 551 43.71 17.07 -19.50
N ALA J 552 44.14 15.80 -19.52
CA ALA J 552 45.34 15.41 -18.78
C ALA J 552 46.59 16.09 -19.33
N LEU J 553 46.72 16.18 -20.65
CA LEU J 553 47.88 16.85 -21.22
C LEU J 553 47.91 18.33 -20.85
N THR J 554 46.76 18.99 -20.94
CA THR J 554 46.68 20.40 -20.55
C THR J 554 47.01 20.58 -19.07
N ASP J 555 46.51 19.67 -18.24
CA ASP J 555 46.82 19.73 -16.81
C ASP J 555 48.32 19.55 -16.55
N PHE J 556 48.96 18.65 -17.29
CA PHE J 556 50.41 18.51 -17.14
C PHE J 556 51.12 19.80 -17.51
N LYS J 557 50.71 20.42 -18.62
CA LYS J 557 51.36 21.66 -19.04
C LYS J 557 51.21 22.73 -17.97
N ARG J 558 50.00 22.88 -17.42
CA ARG J 558 49.76 23.88 -16.39
C ARG J 558 50.59 23.60 -15.15
N SER J 559 50.64 22.34 -14.72
CA SER J 559 51.42 21.99 -13.54
C SER J 559 52.91 22.23 -13.75
N TYR J 560 53.41 21.89 -14.95
CA TYR J 560 54.82 22.09 -15.25
C TYR J 560 55.18 23.58 -15.29
N ASP J 561 54.33 24.39 -15.92
CA ASP J 561 54.58 25.83 -15.94
C ASP J 561 54.47 26.45 -14.56
N LEU J 562 53.81 25.76 -13.62
CA LEU J 562 53.71 26.22 -12.24
C LEU J 562 54.87 25.75 -11.38
N ASN J 563 55.79 24.96 -11.92
CA ASN J 563 56.98 24.49 -11.20
C ASN J 563 56.61 23.77 -9.91
N LEU J 564 55.61 22.89 -9.99
CA LEU J 564 55.17 22.15 -8.81
C LEU J 564 56.26 21.21 -8.32
N ARG J 565 56.10 20.78 -7.08
CA ARG J 565 57.04 19.83 -6.48
C ARG J 565 56.75 18.42 -6.97
N VAL J 566 57.80 17.61 -7.04
CA VAL J 566 57.66 16.22 -7.45
C VAL J 566 56.79 15.45 -6.46
N LYS J 567 56.91 15.78 -5.17
CA LYS J 567 56.08 15.13 -4.15
C LYS J 567 54.60 15.32 -4.44
N ASN J 568 54.23 16.41 -5.09
CA ASN J 568 52.82 16.68 -5.40
C ASN J 568 52.42 16.15 -6.77
N MET J 569 53.19 16.50 -7.81
CA MET J 569 52.85 16.09 -9.16
C MET J 569 52.97 14.59 -9.35
N LEU J 570 54.02 13.98 -8.80
CA LEU J 570 54.33 12.57 -9.03
C LEU J 570 54.51 11.85 -7.70
N PRO J 571 53.41 11.54 -7.00
CA PRO J 571 53.53 10.87 -5.70
C PRO J 571 54.24 9.52 -5.75
N SER J 572 54.00 8.70 -6.79
CA SER J 572 54.67 7.40 -6.87
C SER J 572 56.17 7.56 -7.04
N LEU J 573 56.58 8.51 -7.88
CA LEU J 573 58.01 8.75 -8.07
C LEU J 573 58.67 9.19 -6.76
N TYR J 574 57.99 10.03 -5.99
CA TYR J 574 58.50 10.41 -4.67
C TYR J 574 58.59 9.19 -3.75
N ARG J 575 57.57 8.33 -3.79
CA ARG J 575 57.58 7.13 -2.97
C ARG J 575 58.70 6.17 -3.37
N GLU J 576 59.22 6.30 -4.59
CA GLU J 576 60.37 5.50 -4.99
C GLU J 576 61.58 5.84 -4.12
N ASP J 577 61.81 7.13 -3.86
CA ASP J 577 62.94 7.56 -3.04
C ASP J 577 62.67 8.95 -2.49
N PRO J 578 61.99 9.04 -1.33
CA PRO J 578 61.68 10.37 -0.78
C PRO J 578 62.91 11.21 -0.49
N GLU J 579 64.02 10.59 -0.10
CA GLU J 579 65.22 11.35 0.23
C GLU J 579 65.85 12.00 -0.99
N PHE J 580 65.47 11.59 -2.19
CA PHE J 580 66.01 12.14 -3.43
C PHE J 580 65.11 13.19 -4.04
N TYR J 581 63.79 12.99 -4.01
CA TYR J 581 62.83 13.93 -4.56
C TYR J 581 62.16 14.77 -3.47
N GLU J 582 62.85 15.02 -2.37
CA GLU J 582 62.23 15.69 -1.23
C GLU J 582 61.80 17.11 -1.58
N ASN J 583 62.64 17.86 -2.29
CA ASN J 583 62.37 19.28 -2.47
C ASN J 583 62.38 19.68 -3.95
N MET J 584 62.95 18.86 -4.81
CA MET J 584 63.15 19.25 -6.20
C MET J 584 61.80 19.45 -6.89
N ARG J 585 61.75 20.45 -7.77
CA ARG J 585 60.57 20.77 -8.54
C ARG J 585 60.52 19.91 -9.81
N ILE J 586 59.37 19.98 -10.50
CA ILE J 586 59.21 19.20 -11.72
C ILE J 586 60.08 19.73 -12.84
N GLN J 587 60.16 21.06 -12.99
CA GLN J 587 61.00 21.63 -14.03
C GLN J 587 62.45 21.24 -13.83
N GLU J 588 62.90 21.20 -12.58
CA GLU J 588 64.29 20.86 -12.31
C GLU J 588 64.58 19.40 -12.66
N LEU J 589 63.66 18.48 -12.33
CA LEU J 589 63.87 17.08 -12.70
C LEU J 589 63.88 16.92 -14.21
N ALA J 590 62.96 17.62 -14.90
CA ALA J 590 62.94 17.55 -16.36
C ALA J 590 64.24 18.07 -16.95
N GLN J 591 64.74 19.19 -16.44
CA GLN J 591 65.98 19.76 -16.93
C GLN J 591 67.17 18.87 -16.62
N GLY J 592 67.18 18.22 -15.45
CA GLY J 592 68.27 17.32 -15.13
C GLY J 592 68.35 16.14 -16.07
N ILE J 593 67.19 15.51 -16.34
CA ILE J 593 67.20 14.39 -17.28
C ILE J 593 67.56 14.86 -18.68
N HIS J 594 67.02 16.01 -19.10
CA HIS J 594 67.35 16.53 -20.42
C HIS J 594 68.84 16.83 -20.54
N ALA J 595 69.44 17.40 -19.51
CA ALA J 595 70.86 17.72 -19.53
C ALA J 595 71.70 16.45 -19.57
N LEU J 596 71.31 15.43 -18.80
CA LEU J 596 72.02 14.16 -18.86
C LEU J 596 71.95 13.56 -20.25
N ILE J 597 70.77 13.56 -20.86
CA ILE J 597 70.59 13.01 -22.19
C ILE J 597 71.42 13.78 -23.21
N GLN J 598 71.41 15.12 -23.11
CA GLN J 598 72.17 15.93 -24.05
C GLN J 598 73.67 15.73 -23.89
N HIS J 599 74.16 15.76 -22.65
CA HIS J 599 75.60 15.63 -22.40
C HIS J 599 76.10 14.25 -22.82
N HIS J 600 75.34 13.20 -22.52
CA HIS J 600 75.71 11.88 -23.01
C HIS J 600 75.47 11.74 -24.52
N ASN J 601 74.82 12.71 -25.15
CA ASN J 601 74.51 12.69 -26.58
C ASN J 601 73.72 11.44 -26.96
N LEU J 602 72.56 11.28 -26.30
CA LEU J 602 71.73 10.10 -26.53
C LEU J 602 71.26 9.96 -27.97
N PRO J 603 70.70 10.97 -28.63
CA PRO J 603 70.21 10.75 -30.01
C PRO J 603 71.31 10.34 -30.98
N ASP J 604 72.43 11.05 -30.97
CA ASP J 604 73.52 10.72 -31.89
C ASP J 604 74.09 9.34 -31.60
N LEU J 605 74.30 9.03 -30.33
CA LEU J 605 74.85 7.72 -29.95
C LEU J 605 73.90 6.61 -30.35
N MET J 606 72.60 6.79 -30.11
CA MET J 606 71.62 5.78 -30.51
C MET J 606 71.61 5.57 -32.02
N TYR J 607 71.61 6.68 -32.77
CA TYR J 607 71.58 6.58 -34.23
C TYR J 607 72.82 5.87 -34.75
N ARG J 608 74.00 6.20 -34.20
CA ARG J 608 75.22 5.55 -34.66
C ARG J 608 75.28 4.09 -34.25
N ALA J 609 74.76 3.77 -33.07
CA ALA J 609 74.77 2.38 -32.60
C ALA J 609 73.89 1.52 -33.49
N PHE J 610 72.73 2.01 -33.88
CA PHE J 610 71.84 1.21 -34.70
C PHE J 610 72.09 1.37 -36.19
N GLU J 611 72.96 2.29 -36.59
CA GLU J 611 73.32 2.41 -38.00
C GLU J 611 74.30 1.33 -38.45
N VAL J 612 75.20 0.90 -37.58
CA VAL J 612 76.21 -0.10 -37.91
C VAL J 612 75.78 -1.45 -37.34
N LEU J 613 76.26 -2.53 -37.96
CA LEU J 613 75.83 -3.84 -37.52
C LEU J 613 76.99 -4.63 -36.92
N PRO J 614 76.77 -5.28 -35.78
CA PRO J 614 77.82 -6.12 -35.20
C PRO J 614 78.17 -7.29 -36.11
N THR J 615 79.40 -7.76 -35.98
CA THR J 615 79.83 -8.92 -36.76
C THR J 615 79.10 -10.17 -36.30
N MET J 616 78.75 -11.02 -37.25
CA MET J 616 78.08 -12.29 -36.99
C MET J 616 79.11 -13.41 -37.09
N VAL J 617 79.68 -13.81 -35.95
CA VAL J 617 80.62 -14.92 -35.92
C VAL J 617 79.89 -16.24 -36.16
N MET J 618 78.75 -16.42 -35.50
CA MET J 618 77.95 -17.63 -35.64
C MET J 618 76.48 -17.24 -35.56
N ASN J 619 75.63 -18.11 -36.09
CA ASN J 619 74.20 -17.85 -36.07
C ASN J 619 73.65 -18.01 -34.66
N PRO J 620 72.46 -17.45 -34.38
CA PRO J 620 71.93 -17.54 -33.02
C PRO J 620 71.75 -18.96 -32.51
N HIS J 621 71.49 -19.92 -33.41
CA HIS J 621 71.32 -21.31 -32.97
C HIS J 621 72.61 -21.83 -32.34
N ALA J 622 73.76 -21.57 -32.97
CA ALA J 622 75.03 -22.03 -32.43
C ALA J 622 75.34 -21.37 -31.09
N ALA J 623 75.06 -20.07 -30.97
CA ALA J 623 75.31 -19.37 -29.70
C ALA J 623 74.42 -19.93 -28.59
N PHE J 624 73.15 -20.16 -28.87
CA PHE J 624 72.27 -20.70 -27.85
C PHE J 624 72.63 -22.14 -27.48
N GLN J 625 73.08 -22.94 -28.45
CA GLN J 625 73.56 -24.28 -28.13
C GLN J 625 74.77 -24.21 -27.22
N MET J 626 75.70 -23.29 -27.50
CA MET J 626 76.87 -23.13 -26.64
C MET J 626 76.47 -22.67 -25.24
N GLU J 627 75.50 -21.77 -25.14
CA GLU J 627 75.02 -21.33 -23.83
C GLU J 627 74.36 -22.49 -23.09
N LEU J 628 73.62 -23.34 -23.79
CA LEU J 628 73.02 -24.51 -23.16
C LEU J 628 74.08 -25.46 -22.66
N ARG J 629 75.16 -25.63 -23.41
CA ARG J 629 76.25 -26.52 -23.00
C ARG J 629 77.12 -25.92 -21.91
N GLY J 630 76.79 -24.72 -21.42
CA GLY J 630 77.54 -24.10 -20.35
C GLY J 630 78.81 -23.38 -20.77
N GLN J 631 79.06 -23.25 -22.06
CA GLN J 631 80.31 -22.65 -22.53
C GLN J 631 80.24 -21.12 -22.58
N THR J 632 79.79 -20.52 -21.49
CA THR J 632 79.59 -19.07 -21.42
C THR J 632 80.05 -18.55 -20.07
N GLU J 633 80.31 -17.24 -20.02
CA GLU J 633 80.68 -16.58 -18.78
C GLU J 633 80.11 -15.16 -18.79
N GLU J 634 80.09 -14.55 -17.61
CA GLU J 634 79.52 -13.22 -17.42
C GLU J 634 80.67 -12.22 -17.31
N VAL J 635 80.67 -11.22 -18.21
CA VAL J 635 81.67 -10.17 -18.21
C VAL J 635 80.95 -8.82 -18.25
N TYR J 636 81.68 -7.78 -17.86
CA TYR J 636 81.09 -6.45 -17.85
C TYR J 636 81.07 -5.88 -19.27
N LEU J 637 80.38 -4.74 -19.41
CA LEU J 637 80.22 -4.11 -20.71
C LEU J 637 81.58 -3.79 -21.35
N GLU J 638 82.56 -3.41 -20.54
CA GLU J 638 83.85 -2.97 -21.06
C GLU J 638 84.53 -4.08 -21.85
N GLU J 639 84.35 -5.34 -21.44
CA GLU J 639 84.95 -6.46 -22.14
C GLU J 639 84.11 -6.94 -23.32
N MET J 640 83.19 -6.11 -23.81
CA MET J 640 82.30 -6.54 -24.89
C MET J 640 83.07 -6.80 -26.18
N ILE J 641 84.06 -5.96 -26.49
CA ILE J 641 84.78 -6.08 -27.75
C ILE J 641 85.54 -7.40 -27.79
N GLY J 642 85.42 -8.11 -28.89
CA GLY J 642 86.06 -9.40 -29.06
C GLY J 642 85.34 -10.56 -28.44
N LYS J 643 84.18 -10.33 -27.82
CA LYS J 643 83.42 -11.37 -27.16
C LYS J 643 82.13 -11.61 -27.94
N VAL J 644 81.89 -12.87 -28.28
CA VAL J 644 80.67 -13.25 -29.00
C VAL J 644 79.52 -13.29 -28.01
N ASN J 645 78.48 -12.50 -28.28
CA ASN J 645 77.33 -12.43 -27.40
C ASN J 645 76.52 -13.72 -27.48
N ALA J 646 76.13 -14.23 -26.31
CA ALA J 646 75.30 -15.43 -26.25
C ALA J 646 73.81 -15.12 -26.20
N ASN J 647 73.44 -13.87 -25.95
CA ASN J 647 72.07 -13.51 -25.68
C ASN J 647 71.68 -12.28 -26.48
N MET J 648 70.42 -12.22 -26.90
CA MET J 648 69.94 -11.04 -27.61
C MET J 648 69.91 -9.85 -26.67
N ILE J 649 70.69 -8.81 -26.99
CA ILE J 649 70.70 -7.57 -26.22
C ILE J 649 69.70 -6.62 -26.85
N LEU J 650 68.69 -6.24 -26.07
CA LEU J 650 67.59 -5.39 -26.51
C LEU J 650 67.45 -4.21 -25.58
N PRO J 651 68.12 -3.09 -25.86
CA PRO J 651 67.92 -1.88 -25.06
C PRO J 651 66.50 -1.36 -25.25
N TYR J 652 65.76 -1.27 -24.16
CA TYR J 652 64.34 -0.92 -24.25
C TYR J 652 64.07 0.56 -24.49
N PRO J 653 64.89 1.49 -24.00
CA PRO J 653 64.70 2.90 -24.36
C PRO J 653 64.71 3.11 -25.87
N PRO J 654 65.56 2.40 -26.64
CA PRO J 654 65.31 2.33 -28.08
C PRO J 654 64.19 1.36 -28.42
N GLY J 655 64.17 0.22 -27.72
CA GLY J 655 63.10 -0.75 -27.86
C GLY J 655 63.30 -1.82 -28.92
N VAL J 656 64.37 -1.77 -29.70
CA VAL J 656 64.57 -2.74 -30.77
C VAL J 656 65.87 -3.51 -30.52
N PRO J 657 65.95 -4.77 -30.94
CA PRO J 657 67.15 -5.57 -30.63
C PRO J 657 68.41 -4.97 -31.21
N LEU J 658 69.43 -4.82 -30.35
CA LEU J 658 70.69 -4.23 -30.76
C LEU J 658 71.74 -5.28 -31.08
N VAL J 659 71.79 -6.35 -30.30
CA VAL J 659 72.78 -7.42 -30.52
C VAL J 659 72.04 -8.74 -30.61
N MET J 660 72.40 -9.53 -31.58
CA MET J 660 71.83 -10.86 -31.69
C MET J 660 72.75 -11.89 -31.05
N PRO J 661 72.21 -13.02 -30.58
CA PRO J 661 73.08 -14.09 -30.11
C PRO J 661 74.01 -14.55 -31.23
N GLY J 662 75.28 -14.73 -30.87
CA GLY J 662 76.30 -15.03 -31.86
C GLY J 662 76.92 -13.84 -32.55
N GLU J 663 76.60 -12.62 -32.12
CA GLU J 663 77.16 -11.42 -32.72
C GLU J 663 78.23 -10.83 -31.80
N MET J 664 79.24 -10.23 -32.41
CA MET J 664 80.40 -9.69 -31.70
C MET J 664 80.61 -8.24 -32.08
N LEU J 665 80.91 -7.41 -31.09
CA LEU J 665 81.25 -6.02 -31.33
C LEU J 665 82.72 -5.88 -31.67
N THR J 666 83.03 -4.99 -32.61
CA THR J 666 84.40 -4.76 -33.02
C THR J 666 84.71 -3.27 -33.01
N GLU J 667 85.87 -2.89 -33.57
CA GLU J 667 86.24 -1.48 -33.63
C GLU J 667 85.26 -0.69 -34.48
N GLU J 668 84.81 -1.27 -35.59
CA GLU J 668 83.80 -0.62 -36.42
C GLU J 668 82.49 -0.47 -35.65
N SER J 669 82.08 -1.52 -34.94
CA SER J 669 80.85 -1.50 -34.16
C SER J 669 81.06 -1.00 -32.73
N ARG J 670 82.18 -0.33 -32.48
CA ARG J 670 82.44 0.25 -31.15
C ARG J 670 81.33 1.16 -30.65
N PRO J 671 80.74 2.06 -31.45
CA PRO J 671 79.69 2.93 -30.91
C PRO J 671 78.55 2.19 -30.23
N VAL J 672 78.16 1.03 -30.75
CA VAL J 672 77.13 0.21 -30.11
C VAL J 672 77.44 0.06 -28.63
N LEU J 673 78.60 -0.55 -28.34
CA LEU J 673 79.01 -0.71 -26.95
C LEU J 673 78.97 0.62 -26.21
N GLU J 674 79.51 1.67 -26.84
CA GLU J 674 79.51 2.98 -26.19
C GLU J 674 78.11 3.36 -25.74
N PHE J 675 77.15 3.26 -26.67
CA PHE J 675 75.77 3.59 -26.33
C PHE J 675 75.29 2.79 -25.14
N LEU J 676 75.56 1.49 -25.15
CA LEU J 676 75.16 0.64 -24.04
C LEU J 676 75.73 1.16 -22.73
N GLN J 677 77.02 1.50 -22.73
CA GLN J 677 77.64 2.01 -21.51
C GLN J 677 76.91 3.25 -21.02
N MET J 678 76.57 4.15 -21.94
CA MET J 678 75.85 5.36 -21.56
C MET J 678 74.56 5.01 -20.83
N LEU J 679 73.85 4.00 -21.30
CA LEU J 679 72.59 3.60 -20.67
C LEU J 679 72.81 3.32 -19.19
N CYS J 680 73.89 2.61 -18.87
CA CYS J 680 74.19 2.32 -17.47
C CYS J 680 74.24 3.60 -16.65
N GLU J 681 74.93 4.62 -17.15
CA GLU J 681 75.02 5.89 -16.43
C GLU J 681 73.64 6.49 -16.23
N ILE J 682 72.80 6.47 -17.27
CA ILE J 682 71.45 7.01 -17.15
C ILE J 682 70.65 6.25 -16.12
N GLY J 683 70.99 4.98 -15.88
CA GLY J 683 70.27 4.23 -14.87
C GLY J 683 70.74 4.47 -13.45
N ALA J 684 71.81 5.22 -13.26
CA ALA J 684 72.39 5.42 -11.93
C ALA J 684 72.21 6.85 -11.43
N HIS J 685 71.25 7.59 -11.97
CA HIS J 685 71.05 8.98 -11.59
C HIS J 685 69.64 9.30 -11.12
N TYR J 686 68.64 8.49 -11.44
CA TYR J 686 67.27 8.74 -11.00
C TYR J 686 66.58 7.43 -10.67
N PRO J 687 66.23 7.21 -9.39
CA PRO J 687 65.75 5.88 -8.99
C PRO J 687 64.52 5.40 -9.73
N GLY J 688 63.59 6.29 -10.07
CA GLY J 688 62.40 5.89 -10.77
C GLY J 688 62.59 5.78 -12.27
N PHE J 689 63.59 6.47 -12.79
CA PHE J 689 63.89 6.48 -14.22
C PHE J 689 65.05 5.52 -14.48
N GLU J 690 64.72 4.24 -14.54
CA GLU J 690 65.73 3.20 -14.75
C GLU J 690 65.83 2.84 -16.22
N THR J 691 67.05 2.49 -16.64
CA THR J 691 67.31 2.02 -18.00
C THR J 691 67.28 0.50 -18.01
N ASP J 692 66.52 -0.06 -18.94
CA ASP J 692 66.35 -1.50 -19.06
C ASP J 692 67.14 -2.00 -20.27
N ILE J 693 68.14 -2.84 -20.02
CA ILE J 693 68.88 -3.49 -21.08
C ILE J 693 68.54 -4.97 -21.08
N HIS J 694 67.55 -5.35 -21.87
CA HIS J 694 67.10 -6.73 -21.92
C HIS J 694 68.21 -7.64 -22.44
N GLY J 695 68.40 -8.77 -21.78
CA GLY J 695 69.50 -9.66 -22.05
C GLY J 695 70.74 -9.38 -21.24
N ALA J 696 70.86 -8.20 -20.66
CA ALA J 696 71.90 -7.88 -19.71
C ALA J 696 71.32 -7.95 -18.30
N TYR J 697 72.15 -8.34 -17.34
CA TYR J 697 71.70 -8.61 -15.99
C TYR J 697 72.23 -7.53 -15.04
N ARG J 698 71.32 -6.96 -14.26
CA ARG J 698 71.66 -5.87 -13.35
C ARG J 698 72.30 -6.44 -12.09
N GLN J 699 73.59 -6.20 -11.92
CA GLN J 699 74.31 -6.66 -10.76
C GLN J 699 74.32 -5.58 -9.67
N ASP J 700 74.88 -5.94 -8.52
CA ASP J 700 75.02 -4.98 -7.43
C ASP J 700 76.00 -3.89 -7.83
N GLY J 701 75.64 -2.64 -7.56
CA GLY J 701 76.43 -1.51 -7.99
C GLY J 701 75.87 -0.74 -9.17
N ALA J 702 74.63 -1.01 -9.57
CA ALA J 702 73.97 -0.32 -10.68
C ALA J 702 74.77 -0.48 -11.99
N ARG J 703 75.25 -1.69 -12.24
CA ARG J 703 75.98 -2.04 -13.45
C ARG J 703 75.28 -3.20 -14.16
N TYR J 704 75.81 -3.57 -15.32
CA TYR J 704 75.26 -4.64 -16.13
C TYR J 704 76.36 -5.58 -16.57
N THR J 705 76.03 -6.88 -16.62
CA THR J 705 76.90 -7.90 -17.17
C THR J 705 76.15 -8.63 -18.28
N VAL J 706 76.90 -9.17 -19.23
CA VAL J 706 76.33 -9.91 -20.34
C VAL J 706 77.04 -11.25 -20.49
N LYS J 707 76.27 -12.28 -20.81
CA LYS J 707 76.85 -13.59 -21.08
C LYS J 707 77.51 -13.59 -22.47
N VAL J 708 78.72 -14.14 -22.54
CA VAL J 708 79.44 -14.26 -23.80
C VAL J 708 79.98 -15.68 -23.92
N ILE J 709 80.29 -16.07 -25.16
CA ILE J 709 80.82 -17.40 -25.42
C ILE J 709 82.21 -17.51 -24.82
N LYS J 710 82.45 -18.63 -24.14
CA LYS J 710 83.76 -18.90 -23.55
C LYS J 710 84.83 -19.07 -24.62
#